data_7KUX
#
_entry.id   7KUX
#
_cell.length_a   1.00
_cell.length_b   1.00
_cell.length_c   1.00
_cell.angle_alpha   90.00
_cell.angle_beta   90.00
_cell.angle_gamma   90.00
#
_symmetry.space_group_name_H-M   'P 1'
#
loop_
_entity.id
_entity.type
_entity.pdbx_description
1 polymer 'Photosystem I P700 chlorophyll a apoprotein A1'
2 polymer 'Photosystem I P700 chlorophyll a apoprotein A2'
3 polymer 'Chlorophyll a-b binding protein, chloroplastic'
4 polymer 'Chlorophyll a-b binding protein, chloroplastic'
5 polymer 'Chlorophyll a-b binding protein, chloroplastic'
6 polymer 'Chlorophyll a-b binding protein, chloroplastic'
7 polymer 'Photosystem I iron-sulfur center'
8 polymer PsaD
9 polymer PsaE
10 polymer PSI-F
11 polymer PSI-G
12 polymer PsaH
13 polymer 'Photosystem I reaction center subunit VIII'
14 polymer 'Photosystem I reaction center subunit IX'
15 polymer PsaK
16 polymer 'PSI subunit V'
17 polymer 'Photosystem I reaction center subunit XII'
18 non-polymer 'CHLOROPHYLL A ISOMER'
19 non-polymer 'CHLOROPHYLL A'
20 non-polymer PHYLLOQUINONE
21 non-polymer 'IRON/SULFUR CLUSTER'
22 non-polymer BETA-CAROTENE
23 non-polymer 1,2-DIPALMITOYL-PHOSPHATIDYL-GLYCEROLE
24 non-polymer 1,2-DISTEAROYL-MONOGALACTOSYL-DIGLYCERIDE
25 non-polymer DODECYL-BETA-D-MALTOSIDE
26 non-polymer 'DIGALACTOSYL DIACYL GLYCEROL (DGDG)'
27 non-polymer 'CHLOROPHYLL B'
28 non-polymer "(3R,3'R,6S)-4,5-DIDEHYDRO-5,6-DIHYDRO-BETA,BETA-CAROTENE-3,3'-DIOL"
29 water water
#
loop_
_entity_poly.entity_id
_entity_poly.type
_entity_poly.pdbx_seq_one_letter_code
_entity_poly.pdbx_strand_id
1 'polypeptide(L)'
;EVKIMVEKDPVKTSFEKWAKPGHFSRTLAKGPNTTTWIWNLHADAHDFDSHTNDLEEISRKVFSAHFGQLAVIFIWLSGM
YFHGARFSNYEAWLSDPTHIKPSAQVVWPIVGQKILNGDVGGGFQGIQITSGFFQLWRASGITSELQLYTTAIGGLIFAA
LMLFAGWFHYHKAAPKLAWFQNVESMLNHHLAGLLGLGSLAWAGHQVHVSLPINRLLDAGVDPKEIPLPHEFILNRDLLA
QLYPSFSKGLTPFFTLNWSEYSDFLTFRGGLNPVTGGLWLTDTAHHHLAIAVLFLVAGHMYRTNFGIGHSMKEILEAHKG
PFTGEGHKGLYEILTTSWHAQLAINLAMLGSLTIIVAHHMYAMPPYPYLATDYATQLSLFTHHMWIGGFLVVGAAAHAAI
FMVRDYDPTTQYNNLLDRVLRHRDAIISHLNWVCIFLGFHSFGLYIHNDTMSALGRPQDMFSDTAIQLQPVFAQWIQNTH
ALAPSLTAPNATASTSLTWGGGDLVAVGGKVALLPIPLGTADFLVHHIHAFTIHVTVLILLKGVLFARSSRLIPDKANLG
FRFPCDGPGRGGTCQVSAWDHVFLGLFWMYNAISVVIFHFSWKMQSDVWGSISDQGVVTHITGGNFAQSSITINGWLRDF
LWAQASQVIQSYGSSLSAYGLLFLGAHFVWAFSLMFLFSGRGYWQELIESIVWAHNKLKVAPAIQPRALSIVQGRAVGVA
HYLLGGIATTWAFFLARIISVG
;
A
2 'polypeptide(L)'
;SRFPKFSRGLSQDPTTRRIWFGIATAHDFESHDDMTEERLYQKIFASHFGQLAIIFLWTSGNLFHVAWQGNFEAWGQDPL
HVRPIAHAIWDPHFGQPAVEAFTRGGASGPVNIAYSGVYQWWYTIGLRTNQDLYGGSIFLLFVSALFLIAGWLHLQPKWK
PSVSWFKNAESRLNHHLSGLFGVSSLAWTGHLVHVAIPESRGEHVRWNNLLTALPHPQGLGPFFAGQWNVYAQNPDSNSH
LFGTSEGAGTAILTFLGGFHPQTQSLWLTDMAHHHLAIAVIFIIAGHMYRTNFGIGHSMKEILEAHTPPGGRLGRGHKGL
YDTINNSLHFQLGLALASLGVITSLVAQHMYSLPPYAFLAQDFTTQAALYTHHQYIAGFIMTGAFAHGAIFFIRDYNPEQ
NKDNVLARMLEHKEAIISHLSWASLFLGFHTLGLYVHNDVMLAFGTPEKQILIEPVFAQWIQSAHGKALYGFDVLLSSAD
SPAFNAGQTLWLPGWLDAINNNSNSLFLTIGPGDFLVHHAIALGLHTTTLILVKGALDARGSKLMPDKKEFGYSFPCDGP
GRGGTCDISAWDAFYLAVFWMLNTIGWVTFYWHWKHITLWQGNVAQFNESSTYLMGWLRDYLWLNSSQLINGYNPFGMNS
LSVWAWMFLFGHLVWATGFMFLISWRGYWQELIETLAWAHERTPLANLVRWKDKPVALSIVQARLVGLAHFSVGYIFTYA
AFLIASTSGKFG
;
B
3 'polypeptide(L)'
;EWLPGNPRPSYLDGSAPGDFGFDPLGLGEVPENLERFKESELIHARWAMLAVPGVLIPEALGYGNWVSAQKWAATPGGQA
TYLGNPVPWGNLPVILAIEFLAIAFAESQRNGEPDPEKRKYPGGAFDPLGFSKGANLEELKLKEIKNGRLALVAFLGFAV
QAIAYPGTGPLENLKTHLADPWHNTIAHVIIP
;
1
4 'polypeptide(L)'
;RPLWFPGSQPPEWLDGSLPGDFGFDPLGLGSDPELLKWFVQAELVHCRWAMLGAAGIFIPEALTKAGILNTPSWTVAGDQ
QYFTDATTLFVIEIILFAWAEGRRWADIINPGCVNVDPVFPNNKLTGTDVGYPGGLWFDPLGWGQTGDAAKLKDLRTREI
KNGRLAMLAVLGAVVQANYTHTGPIDNLLAHLADPGHNTIFAL
;
2
5 'polypeptide(L)'
;RSLIFASKQSLSYLDGTLPGDYGFDPLGLMDPEGAGGFIDPQWLPYAEIINGRFAMLGAAGAIAPEVLGRIGLIPQETAI
PWFQSGVIPPVGNYSYWADPYTLFVLEMALMGFAEHRRAQDYYKPGSMGKQYFLGLEKFLGGSGNPAYPGGPIFNFLGFG
KNEKELQELKVKEVKNGRLAMMAVLGYFTQAIFTGVGPFQNLLDHLADPVHNNVLTNL
;
3
6 'polypeptide(L)'
;RPLWLPGSEAPKWLDGSLPGDYGFDPLDLAAEPGRLNWMVQAELVHCRWAMLGAAGIFIPELLTKIGILNTPSWYKAGDA
TYFADQGTLFIVELLLMAWAESRRWADIARPGSVNTDPIFPNNKLTGTDVGYPGGLWFDPLGWGSGSEDKLKEIRTKEVK
NGRLAMLAVLGAFVQANVTHVGPIDNLFAHLADPYHTTILQSL
;
4
7 'polypeptide(L)' AHSVKIYDTCIGCTQCVRACPTDVLEMVPWDGCKASQIASAPRTEDCVGCKRCESACPTDFLSVRVYLGAETTRSMGLAY C
8 'polypeptide(L)'
;FTPPTLNADTPAPIFGGSTGGLLRKAQVEEFYVITWESPKEQIFEMPTGGAAIMRSGPNLLKLARKEQCLALGARLRTKF
KIQYQFYRVFPNGEVQYLHPKDGVYPEKVNAGRTAVGVNNRSIGQNANPAELKFAHKQAYDL
;
D
9 'polypeptide(L)' IGPKRGSIVKVLRRESYWFNDTGKVVAVDQAPGVRYPVVVRFDKVNYAGVSTNNYSPDELEQS E
10 'polypeptide(L)'
;VAGLTPCKESKGFAKRQKQEIKKLEGRLKLYAPDSAPALAINATIEKTKRRFEFYGNQGLLCGTDGLPHLIVDGDQAHLG
EFVYPGLVFLYIAGWIGWVGRAYLIDVRTSKKPTEKEIIIDVPLALRIMSKGLTWPVAAIGELRSGKLVEKSSNITVSPR
;
F
11 'polypeptide(L)'
;ANTALTITLSTGALLFLGRFVFLPFQRDNVSRQGLPVQNGVTHFDAGDSRAQEVTSFLKTNDPAGFTIVDVLAWGALGHA
VGFFILATINN
;
G
12 'polypeptide(L)'
;YFDLGEIDNTTGNWDLYGNDDPNRYNGFQNKFFETFAGAFTKRGLLLKFLVLGGATTIGYLGSTSSGDLLAIKNGPKQAP
IMGPRGR
;
H
13 'polypeptide(L)' MTASYLPSIFVPLIGLVFPAITMASLFIYIEQDE I
14 'polypeptide(L)' MQDVKTYLSTAPVLATLWFGFLAGLLIEINRFFPDALVLPL J
15 'polypeptide(L)'
;YIGSSTNLIMVASTTLMLFAGRFGLAPSANRKSTAGLKLVDRDSGLQTGDPAGFTATDTLACGAMGHVIGVGIVLGLKAT
A
;
K
16 'polypeptide(L)'
;QVIEPLNGDPFIGGLETPVTSSPLIAWYLSNLPAYRTAVAPLLRGVEIGLAHGYLLVGPFVLAGPLRNSAVRGEAGSLAA
AGLVAILTMCLTIYGIASFKEGEASKAPSLTLTGRQKAADKLQTAEGWAGFTGGFFFGGLSGVAWAYILLYVLNLPYPVK
;
L
17 'polypeptide(L)' SISDSQIIVALVSAFITGILALRLGKSLYQ M
#
loop_
_chem_comp.id
_chem_comp.type
_chem_comp.name
_chem_comp.formula
BCR non-polymer BETA-CAROTENE 'C40 H56'
CHL non-polymer 'CHLOROPHYLL B' 'C55 H70 Mg N4 O6 2'
CL0 non-polymer 'CHLOROPHYLL A ISOMER' 'C55 H72 Mg N4 O5 2'
CLA non-polymer 'CHLOROPHYLL A' 'C55 H72 Mg N4 O5'
DGD saccharide 'DIGALACTOSYL DIACYL GLYCEROL (DGDG)' 'C51 H96 O15'
LHG non-polymer 1,2-DIPALMITOYL-PHOSPHATIDYL-GLYCEROLE 'C38 H75 O10 P'
LMG non-polymer 1,2-DISTEAROYL-MONOGALACTOSYL-DIGLYCERIDE 'C45 H86 O10'
LMT D-saccharide DODECYL-BETA-D-MALTOSIDE 'C24 H46 O11'
LUT non-polymer (3R,3'R,6S)-4,5-DIDEHYDRO-5,6-DIHYDRO-BETA,BETA-CAROTENE-3,3'-DIOL 'C40 H56 O2'
PQN non-polymer PHYLLOQUINONE 'C31 H46 O2'
SF4 non-polymer 'IRON/SULFUR CLUSTER' 'Fe4 S4'
#
# COMPACT_ATOMS: atom_id res chain seq x y z
N GLU A 1 38.09 -36.70 -13.92
CA GLU A 1 38.25 -35.25 -14.03
C GLU A 1 37.55 -34.54 -12.87
N VAL A 2 36.68 -35.26 -12.18
CA VAL A 2 35.99 -34.72 -11.01
C VAL A 2 36.90 -34.85 -9.80
N LYS A 3 37.23 -33.71 -9.20
CA LYS A 3 38.13 -33.59 -8.06
C LYS A 3 37.90 -32.23 -7.44
N ILE A 4 38.53 -31.99 -6.29
CA ILE A 4 38.29 -30.76 -5.54
C ILE A 4 39.17 -29.64 -6.08
N MET A 5 38.55 -28.62 -6.66
CA MET A 5 39.20 -27.36 -7.02
C MET A 5 38.70 -26.27 -6.06
N VAL A 6 39.55 -25.89 -5.11
CA VAL A 6 39.34 -24.69 -4.31
C VAL A 6 40.59 -23.83 -4.40
N GLU A 7 40.47 -22.58 -3.95
CA GLU A 7 41.62 -21.72 -3.77
C GLU A 7 41.47 -20.94 -2.48
N LYS A 8 42.61 -20.53 -1.94
CA LYS A 8 42.73 -20.09 -0.56
C LYS A 8 42.68 -18.57 -0.45
N ASP A 9 41.83 -18.08 0.45
CA ASP A 9 41.61 -16.67 0.82
C ASP A 9 41.31 -15.77 -0.37
N PRO A 10 40.11 -15.85 -0.96
CA PRO A 10 39.79 -14.96 -2.09
C PRO A 10 39.58 -13.52 -1.67
N VAL A 11 38.79 -13.32 -0.62
CA VAL A 11 38.53 -12.01 -0.06
C VAL A 11 38.84 -12.04 1.43
N LYS A 12 39.45 -10.96 1.93
CA LYS A 12 39.83 -10.87 3.32
C LYS A 12 38.61 -10.56 4.17
N THR A 13 38.49 -11.24 5.31
CA THR A 13 37.36 -11.04 6.20
C THR A 13 37.48 -9.70 6.90
N SER A 14 36.86 -8.67 6.33
CA SER A 14 37.03 -7.31 6.80
C SER A 14 35.68 -6.63 6.92
N PHE A 15 35.60 -5.69 7.85
CA PHE A 15 34.40 -4.90 8.05
C PHE A 15 34.40 -3.60 7.25
N GLU A 16 35.46 -3.33 6.48
CA GLU A 16 35.49 -2.12 5.66
C GLU A 16 34.56 -2.21 4.47
N LYS A 17 34.17 -3.41 4.06
CA LYS A 17 33.19 -3.59 3.02
C LYS A 17 31.77 -3.63 3.59
N TRP A 18 31.64 -3.84 4.90
CA TRP A 18 30.35 -3.70 5.56
C TRP A 18 29.93 -2.24 5.64
N ALA A 19 30.91 -1.33 5.79
CA ALA A 19 30.61 0.07 5.99
C ALA A 19 30.12 0.73 4.69
N LYS A 20 30.70 0.35 3.56
CA LYS A 20 30.20 0.80 2.27
C LYS A 20 29.04 -0.09 1.85
N PRO A 21 27.82 0.43 1.73
CA PRO A 21 26.67 -0.45 1.50
C PRO A 21 26.58 -0.99 0.08
N GLY A 22 26.82 -0.16 -0.93
CA GLY A 22 26.65 -0.59 -2.30
C GLY A 22 27.92 -1.06 -2.98
N HIS A 23 28.72 -1.84 -2.24
CA HIS A 23 30.03 -2.27 -2.73
C HIS A 23 29.92 -3.26 -3.88
N PHE A 24 28.83 -4.02 -3.95
CA PHE A 24 28.70 -5.07 -4.94
C PHE A 24 28.42 -4.54 -6.34
N SER A 25 27.77 -3.39 -6.45
CA SER A 25 27.43 -2.80 -7.73
C SER A 25 28.27 -1.56 -7.99
N ARG A 26 28.63 -1.35 -9.25
CA ARG A 26 29.43 -0.18 -9.61
C ARG A 26 28.62 1.11 -9.52
N THR A 27 27.32 1.03 -9.79
CA THR A 27 26.47 2.22 -9.71
C THR A 27 26.22 2.63 -8.26
N LEU A 28 26.10 1.65 -7.36
CA LEU A 28 25.83 1.95 -5.96
C LEU A 28 27.09 2.18 -5.13
N ALA A 29 28.27 1.96 -5.72
CA ALA A 29 29.52 2.19 -4.99
C ALA A 29 29.90 3.66 -4.92
N LYS A 30 29.24 4.53 -5.69
CA LYS A 30 29.48 5.97 -5.63
C LYS A 30 28.78 6.63 -4.46
N GLY A 31 27.96 5.89 -3.72
CA GLY A 31 27.20 6.45 -2.63
C GLY A 31 25.80 6.84 -3.09
N PRO A 32 24.95 7.24 -2.14
CA PRO A 32 23.60 7.66 -2.51
C PRO A 32 23.56 9.06 -3.09
N ASN A 33 22.62 9.26 -4.00
CA ASN A 33 22.25 10.59 -4.44
C ASN A 33 20.76 10.85 -4.44
N THR A 34 19.93 9.80 -4.50
CA THR A 34 18.49 9.88 -4.38
C THR A 34 18.03 8.80 -3.41
N THR A 35 16.74 8.81 -3.07
CA THR A 35 16.20 7.79 -2.19
C THR A 35 15.93 6.48 -2.92
N THR A 36 16.03 6.46 -4.25
CA THR A 36 15.94 5.22 -5.00
C THR A 36 17.18 4.36 -4.88
N TRP A 37 18.30 4.96 -4.42
CA TRP A 37 19.53 4.21 -4.17
C TRP A 37 19.34 3.16 -3.08
N ILE A 38 18.52 3.47 -2.07
CA ILE A 38 18.23 2.54 -0.98
C ILE A 38 17.45 1.33 -1.51
N TRP A 39 16.52 1.56 -2.42
CA TRP A 39 15.74 0.47 -2.97
C TRP A 39 16.54 -0.36 -3.96
N ASN A 40 17.41 0.28 -4.76
CA ASN A 40 18.31 -0.51 -5.60
C ASN A 40 19.42 -1.17 -4.79
N LEU A 41 19.70 -0.68 -3.59
CA LEU A 41 20.61 -1.36 -2.68
C LEU A 41 20.04 -2.69 -2.23
N HIS A 42 18.74 -2.72 -1.94
CA HIS A 42 18.16 -4.01 -1.56
C HIS A 42 17.79 -4.86 -2.77
N ALA A 43 17.41 -4.24 -3.88
CA ALA A 43 17.05 -4.96 -5.09
C ALA A 43 18.24 -5.69 -5.71
N ASP A 44 19.42 -5.08 -5.65
CA ASP A 44 20.63 -5.67 -6.20
C ASP A 44 21.50 -6.32 -5.14
N ALA A 45 20.97 -6.53 -3.93
CA ALA A 45 21.76 -7.11 -2.85
C ALA A 45 22.06 -8.58 -3.11
N HIS A 46 21.04 -9.35 -3.49
CA HIS A 46 21.21 -10.77 -3.77
C HIS A 46 21.46 -11.06 -5.23
N ASP A 47 21.25 -10.11 -6.13
CA ASP A 47 21.45 -10.33 -7.55
C ASP A 47 22.94 -10.40 -7.85
N PHE A 48 23.53 -11.58 -7.71
CA PHE A 48 24.98 -11.73 -7.82
C PHE A 48 25.47 -11.66 -9.26
N ASP A 49 24.59 -11.91 -10.24
CA ASP A 49 24.99 -11.82 -11.64
C ASP A 49 25.18 -10.37 -12.07
N SER A 50 24.44 -9.45 -11.47
CA SER A 50 24.60 -8.04 -11.78
C SER A 50 25.82 -7.41 -11.10
N HIS A 51 26.42 -8.11 -10.14
CA HIS A 51 27.60 -7.59 -9.46
C HIS A 51 28.85 -7.81 -10.32
N THR A 52 29.15 -9.06 -10.63
CA THR A 52 30.33 -9.43 -11.39
C THR A 52 29.93 -10.25 -12.61
N ASN A 53 30.81 -10.25 -13.61
CA ASN A 53 30.64 -11.09 -14.78
C ASN A 53 31.33 -12.44 -14.65
N ASP A 54 32.06 -12.66 -13.56
CA ASP A 54 32.78 -13.91 -13.33
C ASP A 54 31.87 -14.89 -12.62
N LEU A 55 31.58 -16.03 -13.27
CA LEU A 55 30.68 -17.04 -12.71
C LEU A 55 31.28 -17.77 -11.52
N GLU A 56 32.61 -17.73 -11.36
CA GLU A 56 33.26 -18.39 -10.23
C GLU A 56 32.93 -17.69 -8.92
N GLU A 57 33.09 -16.35 -8.88
CA GLU A 57 32.75 -15.59 -7.69
C GLU A 57 31.26 -15.56 -7.43
N ILE A 58 30.45 -15.61 -8.50
CA ILE A 58 29.00 -15.74 -8.38
C ILE A 58 28.63 -17.05 -7.71
N SER A 59 29.27 -18.14 -8.13
CA SER A 59 29.00 -19.46 -7.56
C SER A 59 29.46 -19.57 -6.11
N ARG A 60 30.58 -18.92 -5.78
CA ARG A 60 31.03 -18.85 -4.38
C ARG A 60 30.05 -18.05 -3.52
N LYS A 61 29.53 -16.94 -4.07
CA LYS A 61 28.52 -16.15 -3.39
C LYS A 61 27.25 -16.94 -3.15
N VAL A 62 26.84 -17.74 -4.13
CA VAL A 62 25.64 -18.55 -4.03
C VAL A 62 25.84 -19.68 -3.01
N PHE A 63 27.02 -20.29 -2.99
CA PHE A 63 27.33 -21.36 -2.03
C PHE A 63 27.33 -20.85 -0.59
N SER A 64 27.96 -19.70 -0.35
CA SER A 64 27.95 -19.15 1.01
C SER A 64 26.58 -18.58 1.38
N ALA A 65 25.80 -18.14 0.39
CA ALA A 65 24.42 -17.74 0.65
C ALA A 65 23.54 -18.94 1.00
N HIS A 66 23.81 -20.09 0.38
CA HIS A 66 23.15 -21.33 0.76
C HIS A 66 23.47 -21.70 2.20
N PHE A 67 24.73 -21.53 2.59
CA PHE A 67 25.12 -21.81 3.97
C PHE A 67 24.48 -20.84 4.96
N GLY A 68 24.36 -19.57 4.58
CA GLY A 68 23.65 -18.62 5.42
C GLY A 68 22.16 -18.92 5.53
N GLN A 69 21.55 -19.39 4.45
CA GLN A 69 20.17 -19.85 4.48
C GLN A 69 20.00 -21.07 5.38
N LEU A 70 20.94 -22.02 5.30
CA LEU A 70 20.92 -23.19 6.18
C LEU A 70 21.10 -22.81 7.63
N ALA A 71 21.94 -21.79 7.90
CA ALA A 71 22.08 -21.26 9.25
C ALA A 71 20.79 -20.63 9.76
N VAL A 72 20.08 -19.91 8.89
CA VAL A 72 18.81 -19.29 9.26
C VAL A 72 17.74 -20.35 9.54
N ILE A 73 17.67 -21.40 8.73
CA ILE A 73 16.72 -22.49 8.95
C ILE A 73 17.08 -23.30 10.22
N PHE A 74 18.37 -23.49 10.50
CA PHE A 74 18.74 -24.16 11.74
C PHE A 74 18.49 -23.29 12.98
N ILE A 75 18.63 -21.97 12.87
CA ILE A 75 18.23 -21.06 13.95
C ILE A 75 16.72 -21.13 14.16
N TRP A 76 15.95 -21.22 13.07
CA TRP A 76 14.49 -21.35 13.15
C TRP A 76 14.08 -22.67 13.79
N LEU A 77 14.73 -23.77 13.42
CA LEU A 77 14.44 -25.07 14.03
C LEU A 77 14.88 -25.13 15.49
N SER A 78 15.98 -24.46 15.82
CA SER A 78 16.41 -24.30 17.20
C SER A 78 15.38 -23.55 18.02
N GLY A 79 14.81 -22.49 17.45
CA GLY A 79 13.74 -21.78 18.11
C GLY A 79 12.49 -22.62 18.28
N MET A 80 12.16 -23.46 17.30
CA MET A 80 10.91 -24.19 17.43
C MET A 80 11.05 -25.40 18.35
N TYR A 81 12.27 -25.89 18.52
CA TYR A 81 12.50 -26.92 19.53
C TYR A 81 12.69 -26.31 20.91
N PHE A 82 13.26 -25.10 21.01
CA PHE A 82 13.35 -24.44 22.30
C PHE A 82 11.97 -24.00 22.78
N HIS A 83 11.09 -23.61 21.85
CA HIS A 83 9.71 -23.30 22.20
C HIS A 83 8.94 -24.53 22.61
N GLY A 84 9.22 -25.67 21.99
CA GLY A 84 8.67 -26.92 22.50
C GLY A 84 9.22 -27.31 23.86
N ALA A 85 10.50 -27.02 24.11
CA ALA A 85 11.14 -27.41 25.37
C ALA A 85 10.67 -26.55 26.54
N ARG A 86 10.54 -25.25 26.36
CA ARG A 86 10.31 -24.33 27.46
C ARG A 86 8.93 -23.69 27.46
N PHE A 87 8.38 -23.34 26.30
CA PHE A 87 7.17 -22.54 26.23
C PHE A 87 5.99 -23.33 25.66
N SER A 88 5.95 -24.63 25.90
CA SER A 88 4.91 -25.48 25.34
C SER A 88 4.32 -26.38 26.42
N ASN A 89 3.27 -27.08 26.03
CA ASN A 89 2.64 -28.12 26.84
C ASN A 89 2.78 -29.47 26.16
N TYR A 90 3.98 -29.75 25.62
CA TYR A 90 4.18 -30.95 24.81
C TYR A 90 4.08 -32.23 25.63
N GLU A 91 4.53 -32.21 26.88
CA GLU A 91 4.33 -33.37 27.74
C GLU A 91 2.86 -33.51 28.13
N ALA A 92 2.18 -32.39 28.36
CA ALA A 92 0.75 -32.41 28.67
C ALA A 92 -0.08 -32.83 27.47
N TRP A 93 0.28 -32.35 26.27
CA TRP A 93 -0.37 -32.81 25.04
C TRP A 93 -0.05 -34.26 24.76
N LEU A 94 1.16 -34.71 25.11
CA LEU A 94 1.58 -36.07 24.86
C LEU A 94 0.92 -37.06 25.82
N SER A 95 0.49 -36.59 26.98
CA SER A 95 -0.28 -37.44 27.89
C SER A 95 -1.65 -37.79 27.29
N ASP A 96 -2.38 -36.80 26.79
CA ASP A 96 -3.62 -37.02 26.06
C ASP A 96 -3.85 -35.91 25.03
N PRO A 97 -3.74 -36.21 23.74
CA PRO A 97 -3.81 -35.17 22.70
C PRO A 97 -5.19 -34.95 22.09
N THR A 98 -6.21 -35.68 22.51
CA THR A 98 -7.54 -35.52 21.94
C THR A 98 -8.35 -34.41 22.61
N HIS A 99 -7.83 -33.81 23.68
CA HIS A 99 -8.56 -32.80 24.42
C HIS A 99 -7.73 -31.54 24.64
N ILE A 100 -6.41 -31.68 24.63
CA ILE A 100 -5.49 -30.56 24.81
C ILE A 100 -4.97 -30.12 23.44
N LYS A 101 -5.14 -28.84 23.13
CA LYS A 101 -4.68 -28.28 21.87
C LYS A 101 -3.17 -28.07 21.89
N PRO A 102 -2.51 -28.25 20.75
CA PRO A 102 -1.06 -28.01 20.67
C PRO A 102 -0.75 -26.52 20.76
N SER A 103 0.08 -26.16 21.74
CA SER A 103 0.45 -24.77 21.96
C SER A 103 1.92 -24.70 22.34
N ALA A 104 2.66 -23.79 21.70
CA ALA A 104 4.09 -23.68 21.96
C ALA A 104 4.59 -22.24 22.01
N GLN A 105 3.70 -21.26 22.17
CA GLN A 105 4.10 -19.87 22.20
C GLN A 105 3.39 -19.16 23.34
N VAL A 106 4.16 -18.65 24.30
CA VAL A 106 3.65 -17.88 25.43
C VAL A 106 3.95 -16.42 25.17
N VAL A 107 2.95 -15.56 25.32
CA VAL A 107 3.15 -14.12 25.15
C VAL A 107 3.39 -13.51 26.52
N TRP A 108 3.92 -12.29 26.51
CA TRP A 108 4.22 -11.59 27.75
C TRP A 108 3.02 -10.76 28.19
N PRO A 109 2.68 -10.77 29.49
CA PRO A 109 1.51 -10.02 29.95
C PRO A 109 1.78 -8.52 30.09
N ILE A 110 1.64 -7.75 29.01
CA ILE A 110 2.08 -6.36 29.00
C ILE A 110 0.94 -5.37 28.74
N VAL A 111 0.19 -5.54 27.64
CA VAL A 111 -0.70 -4.48 27.19
C VAL A 111 -2.11 -4.97 26.96
N GLY A 112 -2.51 -6.02 27.68
CA GLY A 112 -3.76 -6.67 27.41
C GLY A 112 -3.66 -7.87 26.50
N GLN A 113 -2.46 -8.15 25.97
CA GLN A 113 -2.25 -9.28 25.08
C GLN A 113 -2.18 -10.61 25.82
N LYS A 114 -2.21 -10.59 27.15
CA LYS A 114 -2.22 -11.81 27.96
C LYS A 114 -3.52 -12.59 27.85
N ILE A 115 -4.58 -12.01 27.24
CA ILE A 115 -5.77 -12.77 26.90
C ILE A 115 -5.48 -13.72 25.74
N LEU A 116 -4.43 -13.45 24.95
CA LEU A 116 -4.02 -14.35 23.88
C LEU A 116 -3.41 -15.65 24.40
N ASN A 117 -2.96 -15.67 25.65
CA ASN A 117 -2.58 -16.90 26.33
C ASN A 117 -3.85 -17.62 26.75
N GLY A 118 -4.41 -18.39 25.82
CA GLY A 118 -5.70 -19.01 26.04
C GLY A 118 -5.63 -20.36 26.71
N ASP A 119 -6.81 -20.88 27.07
CA ASP A 119 -6.94 -22.17 27.72
C ASP A 119 -6.82 -23.25 26.67
N VAL A 120 -5.59 -23.67 26.40
CA VAL A 120 -5.33 -24.75 25.45
C VAL A 120 -5.39 -26.13 26.09
N GLY A 121 -5.40 -26.21 27.41
CA GLY A 121 -5.52 -27.46 28.11
C GLY A 121 -4.22 -27.88 28.78
N GLY A 122 -4.35 -28.82 29.72
CA GLY A 122 -3.20 -29.34 30.42
C GLY A 122 -2.61 -28.40 31.45
N GLY A 123 -3.39 -27.43 31.93
CA GLY A 123 -2.90 -26.43 32.86
C GLY A 123 -1.87 -25.51 32.23
N PHE A 124 -2.13 -25.04 31.01
CA PHE A 124 -1.17 -24.27 30.25
C PHE A 124 -1.89 -23.13 29.53
N GLN A 125 -1.21 -22.00 29.41
CA GLN A 125 -1.73 -20.84 28.70
C GLN A 125 -0.74 -20.42 27.63
N GLY A 126 -1.24 -20.24 26.41
CA GLY A 126 -0.38 -19.82 25.32
C GLY A 126 -1.12 -19.82 24.00
N ILE A 127 -0.40 -19.38 22.97
CA ILE A 127 -0.93 -19.39 21.61
C ILE A 127 -0.98 -20.82 21.10
N GLN A 128 -2.17 -21.24 20.66
CA GLN A 128 -2.33 -22.57 20.09
C GLN A 128 -1.65 -22.63 18.73
N ILE A 129 -0.61 -23.45 18.61
CA ILE A 129 0.15 -23.53 17.38
C ILE A 129 -0.54 -24.45 16.40
N THR A 130 -0.36 -24.15 15.11
CA THR A 130 -0.94 -24.92 14.02
C THR A 130 0.14 -25.45 13.08
N SER A 131 1.40 -25.40 13.50
CA SER A 131 2.51 -25.80 12.64
C SER A 131 2.75 -27.29 12.60
N GLY A 132 2.12 -28.05 13.50
CA GLY A 132 2.25 -29.48 13.46
C GLY A 132 3.49 -30.04 14.09
N PHE A 133 4.22 -29.23 14.86
CA PHE A 133 5.46 -29.68 15.49
C PHE A 133 5.20 -30.75 16.55
N PHE A 134 4.06 -30.69 17.23
CA PHE A 134 3.76 -31.62 18.31
C PHE A 134 3.55 -33.03 17.77
N GLN A 135 2.79 -33.15 16.67
CA GLN A 135 2.58 -34.43 16.03
C GLN A 135 3.85 -34.93 15.36
N LEU A 136 4.70 -34.00 14.89
CA LEU A 136 5.99 -34.38 14.31
C LEU A 136 6.92 -34.94 15.37
N TRP A 137 6.92 -34.37 16.58
CA TRP A 137 7.76 -34.89 17.65
C TRP A 137 7.19 -36.18 18.23
N ARG A 138 5.86 -36.34 18.17
CA ARG A 138 5.26 -37.61 18.56
C ARG A 138 5.64 -38.71 17.56
N ALA A 139 5.70 -38.37 16.28
CA ALA A 139 6.17 -39.31 15.28
C ALA A 139 7.67 -39.53 15.34
N SER A 140 8.43 -38.59 15.90
CA SER A 140 9.85 -38.77 16.08
C SER A 140 10.18 -39.56 17.35
N GLY A 141 9.19 -39.82 18.19
CA GLY A 141 9.44 -40.52 19.44
C GLY A 141 9.92 -39.64 20.57
N ILE A 142 9.73 -38.33 20.47
CA ILE A 142 10.19 -37.42 21.53
C ILE A 142 9.22 -37.50 22.70
N THR A 143 9.75 -37.86 23.87
CA THR A 143 8.94 -38.05 25.07
C THR A 143 9.05 -36.93 26.08
N SER A 144 10.22 -36.30 26.20
CA SER A 144 10.45 -35.27 27.19
C SER A 144 10.90 -33.98 26.52
N GLU A 145 10.83 -32.89 27.28
CA GLU A 145 11.29 -31.59 26.79
C GLU A 145 12.80 -31.43 26.88
N LEU A 146 13.49 -32.31 27.61
CA LEU A 146 14.95 -32.31 27.60
C LEU A 146 15.48 -32.72 26.23
N GLN A 147 14.79 -33.64 25.56
CA GLN A 147 15.15 -34.01 24.19
C GLN A 147 14.92 -32.86 23.22
N LEU A 148 13.86 -32.07 23.45
CA LEU A 148 13.60 -30.88 22.65
C LEU A 148 14.67 -29.82 22.87
N TYR A 149 15.11 -29.64 24.12
CA TYR A 149 16.18 -28.69 24.41
C TYR A 149 17.51 -29.15 23.84
N THR A 150 17.77 -30.46 23.86
CA THR A 150 18.98 -31.00 23.26
C THR A 150 18.98 -30.83 21.74
N THR A 151 17.82 -31.03 21.11
CA THR A 151 17.72 -30.81 19.68
C THR A 151 17.83 -29.32 19.33
N ALA A 152 17.34 -28.44 20.22
CA ALA A 152 17.48 -27.00 20.01
C ALA A 152 18.94 -26.56 20.10
N ILE A 153 19.68 -27.04 21.10
CA ILE A 153 21.08 -26.64 21.22
C ILE A 153 21.94 -27.33 20.16
N GLY A 154 21.54 -28.53 19.72
CA GLY A 154 22.22 -29.17 18.60
C GLY A 154 21.99 -28.43 17.30
N GLY A 155 20.78 -27.93 17.08
CA GLY A 155 20.50 -27.10 15.93
C GLY A 155 21.23 -25.77 15.98
N LEU A 156 21.41 -25.20 17.17
CA LEU A 156 22.23 -24.01 17.32
C LEU A 156 23.70 -24.29 16.99
N ILE A 157 24.18 -25.48 17.37
CA ILE A 157 25.53 -25.91 17.01
C ILE A 157 25.66 -26.04 15.50
N PHE A 158 24.66 -26.67 14.85
CA PHE A 158 24.67 -26.76 13.39
C PHE A 158 24.48 -25.41 12.70
N ALA A 159 23.77 -24.47 13.32
CA ALA A 159 23.65 -23.13 12.76
C ALA A 159 24.97 -22.39 12.81
N ALA A 160 25.72 -22.56 13.91
CA ALA A 160 27.08 -22.04 13.98
C ALA A 160 28.00 -22.71 12.98
N LEU A 161 27.76 -24.01 12.71
CA LEU A 161 28.55 -24.71 11.69
C LEU A 161 28.24 -24.20 10.29
N MET A 162 26.97 -23.89 10.00
CA MET A 162 26.63 -23.33 8.69
C MET A 162 27.17 -21.91 8.53
N LEU A 163 27.16 -21.11 9.60
CA LEU A 163 27.78 -19.79 9.54
C LEU A 163 29.29 -19.88 9.34
N PHE A 164 29.93 -20.83 10.03
CA PHE A 164 31.37 -21.05 9.86
C PHE A 164 31.69 -21.55 8.46
N ALA A 165 30.84 -22.40 7.89
CA ALA A 165 31.08 -22.88 6.53
C ALA A 165 30.80 -21.82 5.49
N GLY A 166 29.83 -20.93 5.74
CA GLY A 166 29.61 -19.81 4.84
C GLY A 166 30.76 -18.81 4.86
N TRP A 167 31.36 -18.61 6.03
CA TRP A 167 32.58 -17.80 6.07
C TRP A 167 33.76 -18.53 5.44
N PHE A 168 33.82 -19.85 5.62
CA PHE A 168 34.96 -20.65 5.16
C PHE A 168 34.98 -20.77 3.64
N HIS A 169 33.82 -20.94 3.02
CA HIS A 169 33.72 -21.13 1.59
C HIS A 169 33.54 -19.83 0.84
N TYR A 170 33.86 -18.71 1.47
CA TYR A 170 34.01 -17.44 0.78
C TYR A 170 35.28 -16.71 1.15
N HIS A 171 35.87 -16.95 2.32
CA HIS A 171 37.01 -16.19 2.78
C HIS A 171 38.24 -17.01 3.11
N LYS A 172 38.11 -18.33 3.26
CA LYS A 172 39.26 -19.16 3.60
C LYS A 172 39.61 -20.17 2.54
N ALA A 173 38.63 -20.95 2.07
CA ALA A 173 38.86 -21.93 1.01
C ALA A 173 37.61 -21.92 0.13
N ALA A 174 37.63 -21.10 -0.92
CA ALA A 174 36.40 -21.11 -1.70
C ALA A 174 36.60 -21.93 -2.97
N PRO A 175 35.59 -22.68 -3.39
CA PRO A 175 35.75 -23.53 -4.57
C PRO A 175 35.81 -22.72 -5.87
N LYS A 176 36.40 -23.33 -6.89
CA LYS A 176 36.50 -22.71 -8.19
C LYS A 176 35.31 -23.13 -9.05
N LEU A 177 35.26 -22.62 -10.29
CA LEU A 177 34.09 -22.76 -11.13
C LEU A 177 33.87 -24.20 -11.60
N ALA A 178 34.96 -24.94 -11.83
CA ALA A 178 34.84 -26.30 -12.29
C ALA A 178 34.45 -27.26 -11.17
N TRP A 179 34.58 -26.84 -9.92
CA TRP A 179 34.05 -27.60 -8.80
C TRP A 179 32.52 -27.58 -8.80
N PHE A 180 31.93 -26.41 -9.04
CA PHE A 180 30.48 -26.30 -9.13
C PHE A 180 29.93 -26.88 -10.42
N GLN A 181 30.76 -26.97 -11.46
CA GLN A 181 30.34 -27.51 -12.74
C GLN A 181 30.41 -29.03 -12.80
N ASN A 182 30.82 -29.68 -11.71
CA ASN A 182 30.76 -31.14 -11.59
C ASN A 182 29.36 -31.53 -11.11
N VAL A 183 28.42 -31.43 -12.03
CA VAL A 183 27.01 -31.68 -11.71
C VAL A 183 26.71 -33.17 -11.60
N GLU A 184 27.52 -34.02 -12.24
CA GLU A 184 27.34 -35.47 -12.12
C GLU A 184 27.69 -35.94 -10.72
N SER A 185 28.78 -35.44 -10.15
CA SER A 185 29.16 -35.75 -8.78
C SER A 185 28.17 -35.17 -7.78
N MET A 186 27.65 -33.98 -8.09
CA MET A 186 26.72 -33.33 -7.19
C MET A 186 25.40 -34.09 -7.14
N LEU A 187 24.96 -34.59 -8.30
CA LEU A 187 23.76 -35.43 -8.34
C LEU A 187 24.02 -36.80 -7.71
N ASN A 188 25.22 -37.35 -7.88
CA ASN A 188 25.57 -38.62 -7.24
C ASN A 188 25.62 -38.51 -5.73
N HIS A 189 26.03 -37.36 -5.20
CA HIS A 189 26.12 -37.21 -3.76
C HIS A 189 24.88 -36.58 -3.15
N HIS A 190 23.97 -36.06 -3.96
CA HIS A 190 22.68 -35.63 -3.47
C HIS A 190 21.66 -36.76 -3.49
N LEU A 191 21.72 -37.61 -4.52
CA LEU A 191 20.83 -38.77 -4.57
C LEU A 191 21.23 -39.83 -3.57
N ALA A 192 22.52 -40.14 -3.49
CA ALA A 192 22.96 -41.20 -2.58
C ALA A 192 23.32 -40.67 -1.19
N GLY A 193 24.15 -39.63 -1.13
CA GLY A 193 24.61 -39.14 0.14
C GLY A 193 23.61 -38.33 0.93
N LEU A 194 22.77 -37.55 0.25
CA LEU A 194 21.82 -36.68 0.93
C LEU A 194 20.44 -37.31 1.05
N LEU A 195 19.83 -37.68 -0.08
CA LEU A 195 18.49 -38.25 -0.03
C LEU A 195 18.47 -39.74 0.23
N GLY A 196 19.56 -40.44 -0.06
CA GLY A 196 19.64 -41.86 0.19
C GLY A 196 20.05 -42.18 1.61
N LEU A 197 21.18 -41.61 2.04
CA LEU A 197 21.63 -41.82 3.41
C LEU A 197 20.76 -41.07 4.41
N GLY A 198 20.13 -39.97 4.01
CA GLY A 198 19.18 -39.31 4.88
C GLY A 198 17.93 -40.14 5.13
N SER A 199 17.41 -40.76 4.07
CA SER A 199 16.28 -41.68 4.21
C SER A 199 16.68 -42.94 4.97
N LEU A 200 17.92 -43.39 4.80
CA LEU A 200 18.39 -44.56 5.53
C LEU A 200 18.57 -44.27 7.01
N ALA A 201 19.09 -43.09 7.35
CA ALA A 201 19.27 -42.71 8.74
C ALA A 201 17.94 -42.46 9.42
N TRP A 202 16.98 -41.83 8.71
CA TRP A 202 15.67 -41.67 9.29
C TRP A 202 14.92 -42.98 9.37
N ALA A 203 15.22 -43.92 8.46
CA ALA A 203 14.69 -45.28 8.58
C ALA A 203 15.24 -45.98 9.80
N GLY A 204 16.52 -45.78 10.11
CA GLY A 204 17.09 -46.36 11.33
C GLY A 204 16.50 -45.75 12.59
N HIS A 205 16.23 -44.45 12.57
CA HIS A 205 15.51 -43.81 13.67
C HIS A 205 14.09 -44.36 13.80
N GLN A 206 13.43 -44.61 12.67
CA GLN A 206 12.06 -45.09 12.70
C GLN A 206 11.97 -46.60 12.90
N VAL A 207 13.09 -47.28 12.90
CA VAL A 207 13.16 -48.66 13.38
C VAL A 207 13.43 -48.69 14.89
N HIS A 208 14.35 -47.87 15.38
CA HIS A 208 14.76 -48.00 16.77
C HIS A 208 14.04 -47.07 17.73
N VAL A 209 13.63 -45.88 17.31
CA VAL A 209 13.14 -44.85 18.23
C VAL A 209 11.66 -44.56 18.02
N SER A 210 11.27 -44.22 16.79
CA SER A 210 9.87 -43.84 16.51
C SER A 210 8.93 -45.02 16.69
N LEU A 211 9.32 -46.18 16.19
CA LEU A 211 8.44 -47.35 16.21
C LEU A 211 8.13 -47.89 17.61
N PRO A 212 9.09 -48.17 18.51
CA PRO A 212 8.67 -48.74 19.81
C PRO A 212 8.02 -47.72 20.73
N ILE A 213 8.49 -46.47 20.71
CA ILE A 213 7.88 -45.41 21.51
C ILE A 213 6.46 -45.12 21.02
N ASN A 214 6.26 -45.07 19.71
CA ASN A 214 4.91 -44.85 19.18
C ASN A 214 4.03 -46.08 19.32
N ARG A 215 4.62 -47.28 19.44
CA ARG A 215 3.81 -48.46 19.77
C ARG A 215 3.37 -48.42 21.22
N LEU A 216 4.25 -47.94 22.12
CA LEU A 216 3.88 -47.81 23.52
C LEU A 216 2.89 -46.67 23.73
N LEU A 217 2.94 -45.63 22.89
CA LEU A 217 1.96 -44.55 22.93
C LEU A 217 0.59 -45.00 22.43
N ASP A 218 0.51 -46.05 21.60
CA ASP A 218 -0.79 -46.60 21.22
C ASP A 218 -1.37 -47.50 22.31
N ALA A 219 -0.56 -47.95 23.25
CA ALA A 219 -1.00 -48.84 24.31
C ALA A 219 -1.51 -48.10 25.53
N GLY A 220 -1.55 -46.76 25.49
CA GLY A 220 -1.98 -46.00 26.64
C GLY A 220 -0.94 -45.85 27.73
N VAL A 221 0.31 -46.18 27.45
CA VAL A 221 1.37 -46.05 28.45
C VAL A 221 1.72 -44.58 28.63
N ASP A 222 1.87 -44.16 29.89
CA ASP A 222 2.25 -42.79 30.21
C ASP A 222 3.66 -42.50 29.73
N PRO A 223 3.89 -41.34 29.10
CA PRO A 223 5.23 -41.06 28.53
C PRO A 223 6.31 -40.84 29.57
N LYS A 224 5.96 -40.59 30.83
CA LYS A 224 6.97 -40.49 31.89
C LYS A 224 7.47 -41.86 32.32
N GLU A 225 6.72 -42.93 32.04
CA GLU A 225 7.15 -44.29 32.36
C GLU A 225 7.51 -45.10 31.12
N ILE A 226 7.38 -44.53 29.93
CA ILE A 226 7.91 -45.16 28.71
C ILE A 226 9.43 -45.17 28.78
N PRO A 227 10.10 -46.28 28.46
CA PRO A 227 11.56 -46.29 28.43
C PRO A 227 12.14 -45.37 27.37
N LEU A 228 13.34 -44.87 27.66
CA LEU A 228 13.99 -43.87 26.83
C LEU A 228 14.46 -44.51 25.53
N PRO A 229 14.65 -43.71 24.45
CA PRO A 229 14.97 -44.29 23.13
C PRO A 229 16.24 -45.14 23.04
N HIS A 230 17.25 -44.87 23.87
CA HIS A 230 18.45 -45.71 23.83
C HIS A 230 18.28 -47.03 24.56
N GLU A 231 17.22 -47.18 25.35
CA GLU A 231 16.99 -48.44 26.06
C GLU A 231 16.52 -49.53 25.11
N PHE A 232 15.91 -49.16 23.99
CA PHE A 232 15.56 -50.15 22.97
C PHE A 232 16.80 -50.64 22.23
N ILE A 233 17.76 -49.74 22.01
CA ILE A 233 19.02 -50.13 21.38
C ILE A 233 19.86 -50.97 22.33
N LEU A 234 19.92 -50.57 23.61
CA LEU A 234 20.73 -51.29 24.59
C LEU A 234 20.08 -52.61 24.98
N ASN A 235 18.90 -52.55 25.58
CA ASN A 235 18.17 -53.75 25.98
C ASN A 235 17.36 -54.13 24.75
N ARG A 236 17.90 -55.06 23.96
CA ARG A 236 17.19 -55.51 22.77
C ARG A 236 16.08 -56.50 23.07
N ASP A 237 16.00 -57.03 24.29
CA ASP A 237 14.84 -57.81 24.68
C ASP A 237 13.62 -56.92 24.87
N LEU A 238 13.83 -55.69 25.35
CA LEU A 238 12.77 -54.69 25.44
C LEU A 238 12.25 -54.32 24.05
N LEU A 239 13.14 -54.28 23.07
CA LEU A 239 12.76 -54.08 21.68
C LEU A 239 12.13 -55.32 21.08
N ALA A 240 12.52 -56.51 21.55
CA ALA A 240 11.98 -57.76 21.03
C ALA A 240 10.59 -58.10 21.57
N GLN A 241 10.23 -57.56 22.74
CA GLN A 241 8.88 -57.80 23.28
C GLN A 241 7.81 -57.08 22.48
N LEU A 242 8.18 -55.99 21.80
CA LEU A 242 7.23 -55.30 20.94
C LEU A 242 7.25 -55.85 19.51
N TYR A 243 8.39 -56.37 19.06
CA TYR A 243 8.51 -56.99 17.76
C TYR A 243 9.40 -58.22 17.82
N PRO A 244 8.84 -59.44 17.67
CA PRO A 244 9.66 -60.66 17.84
C PRO A 244 10.72 -60.86 16.76
N SER A 245 10.58 -60.18 15.62
CA SER A 245 11.56 -60.26 14.54
C SER A 245 12.91 -59.65 14.90
N PHE A 246 12.97 -58.86 15.97
CA PHE A 246 14.21 -58.34 16.49
C PHE A 246 15.00 -59.38 17.26
N SER A 247 14.39 -60.51 17.61
CA SER A 247 15.10 -61.55 18.36
C SER A 247 16.11 -62.29 17.48
N LYS A 248 15.99 -62.19 16.16
CA LYS A 248 16.93 -62.85 15.28
C LYS A 248 18.23 -62.07 15.15
N GLY A 249 18.17 -60.75 15.19
CA GLY A 249 19.36 -59.92 15.32
C GLY A 249 20.22 -59.82 14.08
N LEU A 250 19.67 -59.17 13.04
CA LEU A 250 20.33 -58.74 11.79
C LEU A 250 20.77 -59.88 10.87
N THR A 251 20.67 -61.13 11.30
CA THR A 251 20.85 -62.26 10.39
C THR A 251 19.80 -62.46 9.29
N PRO A 252 18.52 -62.04 9.37
CA PRO A 252 17.70 -62.15 8.15
C PRO A 252 17.98 -61.08 7.11
N PHE A 253 18.71 -60.02 7.46
CA PHE A 253 19.03 -58.98 6.48
C PHE A 253 20.08 -59.45 5.49
N PHE A 254 21.13 -60.10 5.98
CA PHE A 254 22.22 -60.55 5.12
C PHE A 254 22.00 -61.94 4.54
N THR A 255 20.97 -62.66 4.99
CA THR A 255 20.62 -63.94 4.41
C THR A 255 19.36 -63.87 3.55
N LEU A 256 18.90 -62.65 3.25
CA LEU A 256 17.75 -62.36 2.36
C LEU A 256 16.45 -62.97 2.85
N ASN A 257 16.31 -63.15 4.16
CA ASN A 257 15.04 -63.55 4.75
C ASN A 257 14.27 -62.32 5.22
N TRP A 258 13.99 -61.43 4.27
CA TRP A 258 13.38 -60.14 4.61
C TRP A 258 11.92 -60.28 5.02
N SER A 259 11.25 -61.35 4.61
CA SER A 259 9.88 -61.62 5.04
C SER A 259 9.79 -61.94 6.52
N GLU A 260 10.89 -62.43 7.12
CA GLU A 260 10.97 -62.57 8.57
C GLU A 260 11.02 -61.22 9.28
N TYR A 261 11.37 -60.14 8.57
CA TYR A 261 11.17 -58.77 9.04
C TYR A 261 9.75 -58.26 8.79
N SER A 262 8.78 -59.14 8.55
CA SER A 262 7.40 -58.73 8.31
C SER A 262 6.68 -58.25 9.57
N ASP A 263 7.26 -58.42 10.75
CA ASP A 263 6.64 -57.91 11.96
C ASP A 263 6.71 -56.39 12.03
N PHE A 264 7.84 -55.80 11.66
CA PHE A 264 8.03 -54.36 11.76
C PHE A 264 8.23 -53.66 10.41
N LEU A 265 8.29 -54.39 9.30
CA LEU A 265 8.38 -53.75 7.98
C LEU A 265 7.19 -54.25 7.17
N THR A 266 6.11 -53.47 7.16
CA THR A 266 4.84 -53.89 6.58
C THR A 266 4.40 -52.97 5.45
N PHE A 267 3.49 -53.46 4.62
CA PHE A 267 2.90 -52.67 3.56
C PHE A 267 1.39 -52.52 3.85
N ARG A 268 1.04 -52.31 5.13
CA ARG A 268 -0.35 -52.16 5.59
C ARG A 268 -1.19 -51.16 4.80
N GLY A 269 -0.91 -49.88 4.98
CA GLY A 269 -1.71 -48.87 4.33
C GLY A 269 -2.87 -48.44 5.18
N GLY A 270 -3.22 -47.16 5.07
CA GLY A 270 -4.31 -46.64 5.83
C GLY A 270 -3.79 -45.94 7.06
N LEU A 271 -4.67 -45.76 8.03
CA LEU A 271 -4.32 -44.98 9.20
C LEU A 271 -4.39 -45.87 10.44
N ASN A 272 -3.64 -45.48 11.46
CA ASN A 272 -3.72 -46.10 12.76
C ASN A 272 -5.05 -45.71 13.40
N PRO A 273 -5.90 -46.68 13.78
CA PRO A 273 -7.18 -46.31 14.41
C PRO A 273 -7.02 -45.72 15.79
N VAL A 274 -5.88 -45.94 16.45
CA VAL A 274 -5.65 -45.33 17.74
C VAL A 274 -5.39 -43.83 17.58
N THR A 275 -4.57 -43.45 16.61
CA THR A 275 -4.10 -42.07 16.50
C THR A 275 -4.66 -41.31 15.30
N GLY A 276 -4.99 -41.98 14.20
CA GLY A 276 -5.38 -41.29 12.98
C GLY A 276 -4.25 -40.91 12.07
N GLY A 277 -3.05 -41.45 12.27
CA GLY A 277 -1.90 -41.12 11.45
C GLY A 277 -1.33 -42.40 10.86
N LEU A 278 -0.57 -42.34 9.75
CA LEU A 278 0.02 -43.51 9.11
C LEU A 278 0.83 -44.41 10.03
N TRP A 279 1.03 -45.65 9.63
CA TRP A 279 1.75 -46.59 10.48
C TRP A 279 3.23 -46.31 10.34
N LEU A 280 3.98 -46.50 11.42
CA LEU A 280 5.41 -46.26 11.30
C LEU A 280 6.17 -47.52 10.87
N THR A 281 5.47 -48.64 10.73
CA THR A 281 6.11 -49.80 10.15
C THR A 281 6.11 -49.64 8.65
N ASP A 282 5.19 -48.81 8.17
CA ASP A 282 5.03 -48.55 6.75
C ASP A 282 5.90 -47.37 6.40
N THR A 283 6.02 -46.43 7.33
CA THR A 283 6.86 -45.27 7.13
C THR A 283 8.34 -45.63 7.30
N ALA A 284 8.62 -46.76 7.94
CA ALA A 284 9.99 -47.22 8.08
C ALA A 284 10.35 -48.14 6.93
N HIS A 285 9.35 -48.82 6.37
CA HIS A 285 9.59 -49.61 5.19
C HIS A 285 9.67 -48.69 3.99
N HIS A 286 8.90 -47.59 4.03
CA HIS A 286 8.93 -46.56 3.02
C HIS A 286 10.30 -45.91 2.95
N HIS A 287 10.89 -45.63 4.11
CA HIS A 287 12.13 -44.89 4.10
C HIS A 287 13.29 -45.81 3.76
N LEU A 288 13.21 -47.06 4.22
CA LEU A 288 14.19 -48.07 3.83
C LEU A 288 14.12 -48.37 2.33
N ALA A 289 12.95 -48.24 1.72
CA ALA A 289 12.83 -48.55 0.30
C ALA A 289 13.30 -47.38 -0.55
N ILE A 290 12.83 -46.17 -0.24
CA ILE A 290 13.35 -44.97 -0.92
C ILE A 290 14.83 -44.70 -0.60
N ALA A 291 15.44 -45.43 0.34
CA ALA A 291 16.86 -45.27 0.63
C ALA A 291 17.63 -46.29 -0.19
N VAL A 292 17.12 -47.52 -0.30
CA VAL A 292 17.71 -48.59 -1.11
C VAL A 292 17.39 -48.32 -2.61
N LEU A 293 16.75 -47.19 -2.90
CA LEU A 293 16.36 -46.77 -4.24
C LEU A 293 17.01 -45.44 -4.60
N PHE A 294 17.23 -44.55 -3.63
CA PHE A 294 17.96 -43.33 -3.90
C PHE A 294 19.45 -43.60 -3.88
N LEU A 295 19.90 -44.57 -3.08
CA LEU A 295 21.30 -44.96 -3.11
C LEU A 295 21.63 -45.74 -4.38
N VAL A 296 20.67 -46.49 -4.93
CA VAL A 296 20.87 -47.09 -6.24
C VAL A 296 20.92 -46.00 -7.32
N ALA A 297 20.00 -45.02 -7.25
CA ALA A 297 19.97 -43.96 -8.26
C ALA A 297 21.15 -42.98 -8.15
N GLY A 298 21.82 -42.94 -7.00
CA GLY A 298 23.02 -42.14 -6.83
C GLY A 298 24.29 -42.71 -7.40
N HIS A 299 24.23 -43.91 -7.98
CA HIS A 299 25.38 -44.54 -8.63
C HIS A 299 25.19 -44.57 -10.14
N MET A 300 24.60 -43.52 -10.69
CA MET A 300 24.23 -43.48 -12.08
C MET A 300 25.21 -42.70 -12.95
N TYR A 301 25.71 -41.57 -12.46
CA TYR A 301 26.47 -40.66 -13.29
C TYR A 301 27.96 -40.85 -13.14
N ARG A 302 28.72 -40.30 -14.10
CA ARG A 302 30.15 -40.54 -14.26
C ARG A 302 30.93 -39.41 -13.61
N THR A 303 31.65 -39.72 -12.53
CA THR A 303 32.44 -38.68 -11.92
C THR A 303 33.90 -38.74 -12.35
N ASN A 304 34.64 -39.70 -11.81
CA ASN A 304 36.02 -39.92 -12.21
C ASN A 304 36.44 -41.39 -12.12
N PHE A 305 35.51 -42.32 -11.93
CA PHE A 305 35.83 -43.72 -11.73
C PHE A 305 35.49 -44.58 -12.93
N GLY A 306 35.28 -43.97 -14.10
CA GLY A 306 35.03 -44.74 -15.28
C GLY A 306 33.57 -45.08 -15.51
N ILE A 307 32.96 -45.81 -14.57
CA ILE A 307 31.56 -46.17 -14.71
C ILE A 307 30.68 -44.94 -14.50
N GLY A 308 29.56 -44.91 -15.21
CA GLY A 308 28.60 -43.85 -15.00
C GLY A 308 28.09 -43.32 -16.33
N HIS A 309 27.45 -42.16 -16.25
CA HIS A 309 26.92 -41.45 -17.41
C HIS A 309 27.49 -40.05 -17.44
N SER A 310 28.03 -39.65 -18.59
CA SER A 310 28.09 -38.23 -18.88
C SER A 310 26.71 -37.80 -19.32
N MET A 311 26.15 -36.79 -18.66
CA MET A 311 24.77 -36.44 -18.97
C MET A 311 24.68 -35.61 -20.24
N LYS A 312 25.80 -35.04 -20.69
CA LYS A 312 25.86 -34.49 -22.04
C LYS A 312 25.70 -35.59 -23.07
N GLU A 313 26.20 -36.79 -22.78
CA GLU A 313 26.02 -37.92 -23.69
C GLU A 313 24.58 -38.45 -23.63
N ILE A 314 23.92 -38.30 -22.48
CA ILE A 314 22.50 -38.63 -22.38
C ILE A 314 21.67 -37.66 -23.21
N LEU A 315 21.96 -36.36 -23.06
CA LEU A 315 21.19 -35.32 -23.75
C LEU A 315 21.42 -35.37 -25.25
N GLU A 316 22.69 -35.41 -25.69
CA GLU A 316 23.00 -35.31 -27.11
C GLU A 316 22.62 -36.54 -27.92
N ALA A 317 22.31 -37.65 -27.25
CA ALA A 317 21.74 -38.80 -27.94
C ALA A 317 20.22 -38.75 -27.99
N HIS A 318 19.60 -37.79 -27.30
CA HIS A 318 18.14 -37.62 -27.31
C HIS A 318 17.79 -36.55 -28.33
N LYS A 319 17.55 -36.98 -29.57
CA LYS A 319 17.26 -36.09 -30.67
C LYS A 319 16.24 -36.78 -31.57
N GLY A 320 15.27 -36.02 -32.07
CA GLY A 320 14.14 -36.60 -32.75
C GLY A 320 13.83 -35.93 -34.07
N PRO A 321 13.04 -36.60 -34.91
CA PRO A 321 12.72 -36.04 -36.22
C PRO A 321 11.78 -34.84 -36.17
N PHE A 322 11.01 -34.69 -35.10
CA PHE A 322 10.19 -33.50 -34.92
C PHE A 322 10.99 -32.35 -34.31
N THR A 323 12.24 -32.58 -33.95
CA THR A 323 13.07 -31.53 -33.37
C THR A 323 14.42 -31.39 -34.09
N GLY A 324 15.00 -32.48 -34.55
CA GLY A 324 16.26 -32.37 -35.26
C GLY A 324 17.44 -32.47 -34.33
N GLU A 325 18.01 -31.32 -33.96
CA GLU A 325 19.22 -31.25 -33.15
C GLU A 325 18.90 -30.94 -31.70
N GLY A 326 17.82 -31.52 -31.17
CA GLY A 326 17.35 -31.20 -29.85
C GLY A 326 18.24 -31.75 -28.75
N HIS A 327 18.03 -31.19 -27.55
CA HIS A 327 18.70 -31.47 -26.28
C HIS A 327 20.19 -31.12 -26.28
N LYS A 328 20.72 -30.51 -27.33
CA LYS A 328 22.14 -30.24 -27.45
C LYS A 328 22.42 -28.83 -26.99
N GLY A 329 23.39 -28.68 -26.11
CA GLY A 329 23.68 -27.40 -25.49
C GLY A 329 22.95 -27.17 -24.19
N LEU A 330 21.99 -28.03 -23.84
CA LEU A 330 21.27 -27.89 -22.58
C LEU A 330 22.15 -28.20 -21.37
N TYR A 331 23.17 -29.05 -21.57
CA TYR A 331 24.20 -29.20 -20.55
C TYR A 331 24.99 -27.91 -20.37
N GLU A 332 25.28 -27.23 -21.48
CA GLU A 332 25.94 -25.94 -21.40
C GLU A 332 25.03 -24.84 -20.86
N ILE A 333 23.72 -24.98 -21.04
CA ILE A 333 22.75 -24.14 -20.34
C ILE A 333 22.82 -24.37 -18.84
N LEU A 334 22.74 -25.62 -18.41
CA LEU A 334 22.52 -25.93 -17.01
C LEU A 334 23.81 -26.04 -16.19
N THR A 335 24.97 -25.83 -16.80
CA THR A 335 26.23 -25.75 -16.07
C THR A 335 26.90 -24.38 -16.16
N THR A 336 26.43 -23.49 -17.02
CA THR A 336 26.97 -22.13 -17.09
C THR A 336 25.96 -21.08 -16.67
N SER A 337 24.73 -21.45 -16.34
CA SER A 337 23.70 -20.52 -15.89
C SER A 337 23.13 -21.01 -14.58
N TRP A 338 23.21 -20.17 -13.54
CA TRP A 338 22.61 -20.49 -12.26
C TRP A 338 21.09 -20.33 -12.31
N HIS A 339 20.59 -19.45 -13.17
CA HIS A 339 19.15 -19.17 -13.22
C HIS A 339 18.37 -20.28 -13.87
N ALA A 340 18.97 -21.00 -14.83
CA ALA A 340 18.28 -22.12 -15.47
C ALA A 340 18.11 -23.29 -14.50
N GLN A 341 19.18 -23.61 -13.78
CA GLN A 341 19.10 -24.62 -12.73
C GLN A 341 18.18 -24.18 -11.61
N LEU A 342 18.16 -22.87 -11.31
CA LEU A 342 17.24 -22.34 -10.31
C LEU A 342 15.79 -22.45 -10.75
N ALA A 343 15.53 -22.27 -12.05
CA ALA A 343 14.19 -22.43 -12.60
C ALA A 343 13.71 -23.87 -12.48
N ILE A 344 14.57 -24.82 -12.85
CA ILE A 344 14.20 -26.24 -12.77
C ILE A 344 14.02 -26.68 -11.32
N ASN A 345 14.96 -26.30 -10.45
CA ASN A 345 14.89 -26.67 -9.04
C ASN A 345 13.72 -26.02 -8.33
N LEU A 346 13.38 -24.78 -8.70
CA LEU A 346 12.24 -24.12 -8.08
C LEU A 346 10.92 -24.69 -8.56
N ALA A 347 10.85 -25.11 -9.83
CA ALA A 347 9.65 -25.76 -10.34
C ALA A 347 9.42 -27.10 -9.66
N MET A 348 10.50 -27.87 -9.49
CA MET A 348 10.39 -29.16 -8.81
C MET A 348 10.12 -29.00 -7.32
N LEU A 349 10.68 -27.98 -6.67
CA LEU A 349 10.43 -27.79 -5.25
C LEU A 349 9.02 -27.27 -5.00
N GLY A 350 8.51 -26.39 -5.86
CA GLY A 350 7.15 -25.90 -5.69
C GLY A 350 6.10 -26.94 -5.99
N SER A 351 6.28 -27.68 -7.10
CA SER A 351 5.39 -28.78 -7.43
C SER A 351 5.48 -29.88 -6.38
N LEU A 352 6.68 -30.12 -5.85
CA LEU A 352 6.88 -31.10 -4.80
C LEU A 352 6.20 -30.69 -3.50
N THR A 353 6.19 -29.39 -3.19
CA THR A 353 5.52 -28.90 -1.99
C THR A 353 4.00 -29.04 -2.13
N ILE A 354 3.49 -28.90 -3.35
CA ILE A 354 2.09 -29.16 -3.64
C ILE A 354 1.76 -30.65 -3.49
N ILE A 355 2.68 -31.53 -3.95
CA ILE A 355 2.61 -32.97 -3.69
C ILE A 355 2.58 -33.26 -2.18
N VAL A 356 3.39 -32.54 -1.41
CA VAL A 356 3.46 -32.69 0.05
C VAL A 356 2.11 -32.34 0.70
N ALA A 357 1.48 -31.25 0.23
CA ALA A 357 0.20 -30.79 0.76
C ALA A 357 -0.90 -31.83 0.52
N HIS A 358 -0.92 -32.40 -0.70
CA HIS A 358 -1.95 -33.38 -1.00
C HIS A 358 -1.67 -34.71 -0.30
N HIS A 359 -0.39 -35.08 -0.22
CA HIS A 359 -0.02 -36.34 0.41
C HIS A 359 0.12 -36.19 1.91
N MET A 360 -0.44 -35.14 2.49
CA MET A 360 -0.50 -35.04 3.93
C MET A 360 -1.93 -34.87 4.39
N TYR A 361 -2.79 -34.11 3.67
CA TYR A 361 -4.20 -34.24 4.09
C TYR A 361 -4.69 -35.65 3.83
N ALA A 362 -4.22 -36.26 2.73
CA ALA A 362 -4.85 -37.50 2.31
C ALA A 362 -4.27 -38.71 3.01
N MET A 363 -2.95 -38.73 3.21
CA MET A 363 -2.26 -39.81 3.93
C MET A 363 -1.53 -39.19 5.12
N PRO A 364 -2.25 -38.82 6.20
CA PRO A 364 -1.62 -38.06 7.31
C PRO A 364 -0.51 -38.84 7.99
N PRO A 365 0.73 -38.34 7.87
CA PRO A 365 1.89 -39.12 8.33
C PRO A 365 2.15 -39.08 9.82
N TYR A 366 1.43 -38.26 10.58
CA TYR A 366 1.83 -38.09 11.95
C TYR A 366 0.68 -38.44 12.87
N PRO A 367 0.95 -38.99 14.06
CA PRO A 367 -0.15 -39.39 14.95
C PRO A 367 -0.93 -38.18 15.45
N TYR A 368 -2.27 -38.31 15.40
CA TYR A 368 -3.23 -37.24 15.71
C TYR A 368 -2.97 -35.98 14.87
N LEU A 369 -2.64 -36.18 13.61
CA LEU A 369 -2.55 -35.08 12.66
C LEU A 369 -3.89 -34.74 12.05
N ALA A 370 -4.62 -35.79 11.63
CA ALA A 370 -5.87 -35.61 10.90
C ALA A 370 -6.97 -35.07 11.81
N THR A 371 -7.04 -35.54 13.05
CA THR A 371 -8.11 -35.13 13.94
C THR A 371 -7.88 -33.75 14.53
N ASP A 372 -6.65 -33.24 14.50
CA ASP A 372 -6.39 -31.83 14.80
C ASP A 372 -6.52 -31.10 13.47
N TYR A 373 -7.72 -30.57 13.24
CA TYR A 373 -8.07 -30.00 11.93
C TYR A 373 -7.30 -28.71 11.64
N ALA A 374 -6.90 -28.00 12.70
CA ALA A 374 -6.13 -26.76 12.55
C ALA A 374 -4.78 -27.03 11.91
N THR A 375 -4.12 -28.10 12.35
CA THR A 375 -2.85 -28.52 11.79
C THR A 375 -3.00 -28.91 10.32
N GLN A 376 -4.06 -29.66 9.97
CA GLN A 376 -4.24 -30.12 8.60
C GLN A 376 -4.52 -28.96 7.64
N LEU A 377 -5.40 -28.04 8.05
CA LEU A 377 -5.70 -26.87 7.21
C LEU A 377 -4.48 -25.96 7.08
N SER A 378 -3.74 -25.75 8.17
CA SER A 378 -2.60 -24.85 8.12
C SER A 378 -1.44 -25.45 7.35
N LEU A 379 -1.24 -26.77 7.45
CA LEU A 379 -0.15 -27.42 6.73
C LEU A 379 -0.42 -27.48 5.23
N PHE A 380 -1.66 -27.82 4.84
CA PHE A 380 -2.04 -27.80 3.43
C PHE A 380 -1.94 -26.39 2.87
N THR A 381 -2.46 -25.40 3.60
CA THR A 381 -2.49 -24.03 3.12
C THR A 381 -1.09 -23.44 3.00
N HIS A 382 -0.23 -23.72 3.99
CA HIS A 382 1.14 -23.24 3.98
C HIS A 382 1.92 -23.85 2.83
N HIS A 383 1.78 -25.16 2.60
CA HIS A 383 2.53 -25.79 1.53
C HIS A 383 1.99 -25.44 0.15
N MET A 384 0.69 -25.18 0.02
CA MET A 384 0.18 -24.62 -1.24
C MET A 384 0.72 -23.23 -1.53
N TRP A 385 0.83 -22.38 -0.50
CA TRP A 385 1.34 -21.03 -0.76
C TRP A 385 2.83 -21.06 -1.08
N ILE A 386 3.60 -21.89 -0.37
CA ILE A 386 5.03 -22.04 -0.66
C ILE A 386 5.23 -22.63 -2.05
N GLY A 387 4.43 -23.64 -2.42
CA GLY A 387 4.56 -24.24 -3.73
C GLY A 387 4.19 -23.31 -4.88
N GLY A 388 3.14 -22.51 -4.70
CA GLY A 388 2.79 -21.52 -5.71
C GLY A 388 3.82 -20.42 -5.85
N PHE A 389 4.38 -19.96 -4.73
CA PHE A 389 5.45 -18.97 -4.78
C PHE A 389 6.70 -19.51 -5.46
N LEU A 390 7.03 -20.78 -5.21
CA LEU A 390 8.23 -21.34 -5.82
C LEU A 390 8.03 -21.64 -7.30
N VAL A 391 6.81 -21.97 -7.75
CA VAL A 391 6.67 -22.16 -9.20
C VAL A 391 6.61 -20.82 -9.95
N VAL A 392 6.09 -19.75 -9.31
CA VAL A 392 6.19 -18.43 -9.91
C VAL A 392 7.64 -17.95 -9.96
N GLY A 393 8.42 -18.26 -8.91
CA GLY A 393 9.84 -17.97 -8.94
C GLY A 393 10.62 -18.82 -9.92
N ALA A 394 10.13 -20.03 -10.20
CA ALA A 394 10.71 -20.86 -11.25
C ALA A 394 10.58 -20.20 -12.61
N ALA A 395 9.39 -19.69 -12.90
CA ALA A 395 9.20 -18.94 -14.14
C ALA A 395 9.98 -17.63 -14.14
N ALA A 396 10.16 -17.03 -12.97
CA ALA A 396 10.97 -15.81 -12.84
C ALA A 396 12.41 -16.06 -13.25
N HIS A 397 13.04 -17.07 -12.67
CA HIS A 397 14.43 -17.33 -12.97
C HIS A 397 14.63 -17.99 -14.33
N ALA A 398 13.59 -18.63 -14.87
CA ALA A 398 13.59 -18.99 -16.29
C ALA A 398 13.70 -17.74 -17.16
N ALA A 399 12.90 -16.72 -16.84
CA ALA A 399 12.94 -15.46 -17.59
C ALA A 399 14.25 -14.70 -17.40
N ILE A 400 14.83 -14.76 -16.20
CA ILE A 400 16.14 -14.13 -15.97
C ILE A 400 17.23 -14.86 -16.73
N PHE A 401 17.12 -16.19 -16.86
CA PHE A 401 18.05 -16.94 -17.72
C PHE A 401 17.92 -16.50 -19.16
N MET A 402 16.70 -16.24 -19.64
CA MET A 402 16.54 -15.76 -21.01
C MET A 402 17.14 -14.37 -21.20
N VAL A 403 16.85 -13.43 -20.28
CA VAL A 403 17.33 -12.07 -20.50
C VAL A 403 18.79 -11.86 -20.17
N ARG A 404 19.45 -12.77 -19.44
CA ARG A 404 20.81 -12.51 -19.01
C ARG A 404 21.79 -13.65 -19.19
N ASP A 405 21.35 -14.88 -19.50
CA ASP A 405 22.27 -15.99 -19.64
C ASP A 405 22.02 -16.84 -20.88
N TYR A 406 20.97 -16.56 -21.65
CA TYR A 406 20.68 -17.33 -22.86
C TYR A 406 21.60 -16.85 -23.98
N ASP A 407 22.53 -17.71 -24.40
CA ASP A 407 23.42 -17.40 -25.51
C ASP A 407 22.86 -18.03 -26.77
N PRO A 408 22.45 -17.24 -27.77
CA PRO A 408 21.84 -17.83 -28.97
C PRO A 408 22.81 -18.53 -29.89
N THR A 409 24.12 -18.28 -29.75
CA THR A 409 25.11 -18.93 -30.60
C THR A 409 25.27 -20.40 -30.23
N THR A 410 25.23 -20.72 -28.94
CA THR A 410 25.36 -22.10 -28.49
C THR A 410 24.06 -22.88 -28.59
N GLN A 411 22.92 -22.21 -28.80
CA GLN A 411 21.62 -22.86 -28.89
C GLN A 411 21.05 -22.57 -30.28
N TYR A 412 21.39 -23.40 -31.25
CA TYR A 412 20.78 -23.37 -32.57
C TYR A 412 20.13 -24.73 -32.80
N ASN A 413 18.85 -24.72 -33.18
CA ASN A 413 18.06 -25.87 -33.61
C ASN A 413 17.94 -26.95 -32.54
N ASN A 414 18.08 -26.57 -31.27
CA ASN A 414 17.80 -27.47 -30.17
C ASN A 414 16.34 -27.30 -29.74
N LEU A 415 15.99 -27.82 -28.56
CA LEU A 415 14.62 -27.71 -28.09
C LEU A 415 14.26 -26.27 -27.73
N LEU A 416 15.17 -25.57 -27.06
CA LEU A 416 14.89 -24.22 -26.57
C LEU A 416 14.78 -23.22 -27.71
N ASP A 417 15.62 -23.37 -28.75
CA ASP A 417 15.56 -22.51 -29.92
C ASP A 417 14.26 -22.69 -30.69
N ARG A 418 13.79 -23.93 -30.79
CA ARG A 418 12.54 -24.20 -31.49
C ARG A 418 11.32 -23.81 -30.67
N VAL A 419 11.43 -23.87 -29.33
CA VAL A 419 10.36 -23.40 -28.47
C VAL A 419 10.24 -21.87 -28.56
N LEU A 420 11.37 -21.18 -28.65
CA LEU A 420 11.34 -19.75 -28.97
C LEU A 420 10.87 -19.49 -30.40
N ARG A 421 11.09 -20.42 -31.31
CA ARG A 421 10.71 -20.20 -32.70
C ARG A 421 9.20 -20.34 -32.95
N HIS A 422 8.47 -20.97 -32.03
CA HIS A 422 7.02 -21.07 -32.22
C HIS A 422 6.26 -20.62 -30.98
N ARG A 423 6.83 -19.64 -30.25
CA ARG A 423 6.24 -19.17 -29.00
C ARG A 423 4.89 -18.49 -29.19
N ASP A 424 4.62 -17.96 -30.40
CA ASP A 424 3.29 -17.45 -30.71
C ASP A 424 2.25 -18.57 -30.71
N ALA A 425 2.62 -19.74 -31.22
CA ALA A 425 1.71 -20.89 -31.22
C ALA A 425 1.45 -21.40 -29.80
N ILE A 426 2.51 -21.46 -28.98
CA ILE A 426 2.37 -21.91 -27.60
C ILE A 426 1.48 -20.96 -26.80
N ILE A 427 1.75 -19.66 -26.90
CA ILE A 427 1.01 -18.69 -26.11
C ILE A 427 -0.42 -18.51 -26.64
N SER A 428 -0.62 -18.66 -27.96
CA SER A 428 -1.97 -18.53 -28.51
C SER A 428 -2.84 -19.74 -28.19
N HIS A 429 -2.28 -20.96 -28.25
CA HIS A 429 -3.08 -22.13 -27.93
C HIS A 429 -3.29 -22.26 -26.42
N LEU A 430 -2.32 -21.81 -25.62
CA LEU A 430 -2.52 -21.67 -24.19
C LEU A 430 -3.60 -20.63 -23.89
N ASN A 431 -3.62 -19.53 -24.65
CA ASN A 431 -4.65 -18.51 -24.52
C ASN A 431 -6.03 -19.06 -24.84
N TRP A 432 -6.12 -19.89 -25.88
CA TRP A 432 -7.40 -20.52 -26.24
C TRP A 432 -7.87 -21.47 -25.16
N VAL A 433 -6.97 -22.31 -24.62
CA VAL A 433 -7.41 -23.29 -23.63
C VAL A 433 -7.70 -22.58 -22.30
N CYS A 434 -7.08 -21.43 -22.04
CA CYS A 434 -7.39 -20.65 -20.86
C CYS A 434 -8.77 -20.00 -20.96
N ILE A 435 -9.10 -19.45 -22.13
CA ILE A 435 -10.42 -18.83 -22.32
C ILE A 435 -11.51 -19.90 -22.32
N PHE A 436 -11.23 -21.06 -22.94
CA PHE A 436 -12.16 -22.18 -22.95
C PHE A 436 -12.40 -22.71 -21.55
N LEU A 437 -11.35 -22.83 -20.74
CA LEU A 437 -11.49 -23.26 -19.36
C LEU A 437 -12.21 -22.20 -18.52
N GLY A 438 -11.97 -20.92 -18.84
CA GLY A 438 -12.62 -19.85 -18.09
C GLY A 438 -14.12 -19.80 -18.29
N PHE A 439 -14.56 -19.92 -19.54
CA PHE A 439 -15.99 -20.07 -19.78
C PHE A 439 -16.52 -21.39 -19.22
N HIS A 440 -15.91 -22.52 -19.55
CA HIS A 440 -16.46 -23.81 -19.20
C HIS A 440 -16.29 -24.19 -17.73
N SER A 441 -15.68 -23.34 -16.91
CA SER A 441 -15.76 -23.50 -15.47
C SER A 441 -16.45 -22.32 -14.80
N PHE A 442 -15.96 -21.09 -15.00
CA PHE A 442 -16.54 -19.96 -14.29
C PHE A 442 -17.87 -19.54 -14.88
N GLY A 443 -18.07 -19.62 -16.19
CA GLY A 443 -19.38 -19.36 -16.73
C GLY A 443 -20.39 -20.42 -16.36
N LEU A 444 -19.94 -21.64 -16.07
CA LEU A 444 -20.81 -22.65 -15.48
C LEU A 444 -21.22 -22.24 -14.06
N TYR A 445 -20.28 -21.66 -13.30
CA TYR A 445 -20.62 -21.08 -12.00
C TYR A 445 -21.59 -19.91 -12.13
N ILE A 446 -21.40 -19.05 -13.14
CA ILE A 446 -22.28 -17.92 -13.39
C ILE A 446 -23.66 -18.40 -13.83
N HIS A 447 -23.71 -19.49 -14.60
CA HIS A 447 -24.98 -20.10 -15.00
C HIS A 447 -25.72 -20.66 -13.80
N ASN A 448 -25.01 -21.32 -12.89
CA ASN A 448 -25.64 -21.82 -11.67
C ASN A 448 -26.14 -20.70 -10.78
N ASP A 449 -25.37 -19.60 -10.67
CA ASP A 449 -25.81 -18.42 -9.93
C ASP A 449 -27.02 -17.77 -10.56
N THR A 450 -27.08 -17.75 -11.89
CA THR A 450 -28.18 -17.11 -12.60
C THR A 450 -29.47 -17.92 -12.46
N MET A 451 -29.42 -19.23 -12.75
CA MET A 451 -30.64 -20.04 -12.59
C MET A 451 -31.02 -20.29 -11.14
N SER A 452 -30.09 -20.20 -10.19
CA SER A 452 -30.49 -20.22 -8.79
C SER A 452 -31.10 -18.88 -8.40
N ALA A 453 -30.67 -17.79 -9.04
CA ALA A 453 -31.27 -16.49 -8.78
C ALA A 453 -32.63 -16.35 -9.45
N LEU A 454 -32.81 -16.97 -10.62
CA LEU A 454 -34.05 -16.88 -11.38
C LEU A 454 -35.08 -17.92 -10.97
N GLY A 455 -34.84 -18.63 -9.87
CA GLY A 455 -35.78 -19.65 -9.41
C GLY A 455 -35.89 -20.86 -10.30
N ARG A 456 -34.78 -21.31 -10.88
CA ARG A 456 -34.73 -22.51 -11.72
C ARG A 456 -33.65 -23.42 -11.17
N PRO A 457 -33.92 -24.18 -10.10
CA PRO A 457 -32.89 -25.10 -9.59
C PRO A 457 -32.67 -26.32 -10.48
N GLN A 458 -33.60 -26.64 -11.37
CA GLN A 458 -33.44 -27.75 -12.29
C GLN A 458 -32.61 -27.38 -13.52
N ASP A 459 -32.34 -26.10 -13.74
CA ASP A 459 -31.61 -25.63 -14.91
C ASP A 459 -30.14 -25.36 -14.59
N MET A 460 -29.64 -25.93 -13.50
CA MET A 460 -28.32 -25.63 -12.96
C MET A 460 -27.36 -26.77 -13.31
N PHE A 461 -26.16 -26.71 -12.74
CA PHE A 461 -25.23 -27.84 -12.73
C PHE A 461 -25.03 -28.26 -11.29
N SER A 462 -25.92 -29.13 -10.82
CA SER A 462 -25.96 -29.63 -9.46
C SER A 462 -25.78 -31.15 -9.51
N ASP A 463 -25.91 -31.78 -8.35
CA ASP A 463 -26.09 -33.23 -8.31
C ASP A 463 -27.54 -33.63 -8.54
N THR A 464 -28.47 -32.68 -8.43
CA THR A 464 -29.89 -32.89 -8.70
C THR A 464 -30.34 -32.32 -10.03
N ALA A 465 -29.65 -31.28 -10.51
CA ALA A 465 -29.84 -30.69 -11.83
C ALA A 465 -29.01 -31.47 -12.86
N ILE A 466 -28.66 -30.83 -13.98
CA ILE A 466 -27.78 -31.42 -15.00
C ILE A 466 -26.46 -31.81 -14.36
N GLN A 467 -26.20 -33.11 -14.30
CA GLN A 467 -25.05 -33.62 -13.59
C GLN A 467 -23.81 -33.59 -14.46
N LEU A 468 -22.68 -33.34 -13.84
CA LEU A 468 -21.37 -33.27 -14.47
C LEU A 468 -20.37 -34.11 -13.69
N GLN A 469 -20.73 -35.38 -13.45
CA GLN A 469 -19.97 -36.23 -12.54
C GLN A 469 -18.58 -36.53 -13.09
N PRO A 470 -17.53 -36.36 -12.28
CA PRO A 470 -16.16 -36.60 -12.77
C PRO A 470 -15.90 -38.09 -12.88
N VAL A 471 -16.27 -38.68 -14.02
CA VAL A 471 -16.24 -40.13 -14.18
C VAL A 471 -14.81 -40.67 -14.20
N PHE A 472 -13.84 -39.85 -14.64
CA PHE A 472 -12.46 -40.29 -14.59
C PHE A 472 -11.94 -40.30 -13.16
N ALA A 473 -12.25 -39.25 -12.38
CA ALA A 473 -11.83 -39.23 -10.98
C ALA A 473 -12.59 -40.25 -10.16
N GLN A 474 -13.91 -40.37 -10.40
CA GLN A 474 -14.73 -41.38 -9.71
C GLN A 474 -14.35 -42.80 -10.12
N TRP A 475 -13.64 -42.97 -11.23
CA TRP A 475 -13.17 -44.30 -11.60
C TRP A 475 -11.78 -44.52 -11.01
N ILE A 476 -10.95 -43.48 -10.94
CA ILE A 476 -9.58 -43.64 -10.42
C ILE A 476 -9.61 -43.76 -8.91
N GLN A 477 -10.74 -43.43 -8.29
CA GLN A 477 -10.85 -43.48 -6.85
C GLN A 477 -11.39 -44.84 -6.46
N ASN A 478 -12.12 -45.44 -7.40
CA ASN A 478 -12.60 -46.81 -7.23
C ASN A 478 -11.47 -47.76 -7.58
N THR A 479 -10.59 -47.33 -8.50
CA THR A 479 -9.45 -48.15 -8.89
C THR A 479 -8.43 -48.16 -7.76
N HIS A 480 -8.42 -47.10 -6.94
CA HIS A 480 -7.49 -47.01 -5.84
C HIS A 480 -8.09 -47.55 -4.56
N ALA A 481 -9.39 -47.84 -4.56
CA ALA A 481 -10.03 -48.45 -3.42
C ALA A 481 -10.12 -49.96 -3.61
N LEU A 482 -10.42 -50.40 -4.82
CA LEU A 482 -10.52 -51.82 -5.16
C LEU A 482 -9.20 -52.36 -5.71
N ALA A 483 -8.07 -51.77 -5.28
CA ALA A 483 -6.72 -52.18 -5.66
C ALA A 483 -6.29 -53.40 -4.84
N PRO A 484 -6.14 -53.36 -3.40
CA PRO A 484 -5.64 -54.53 -2.64
C PRO A 484 -6.11 -55.95 -2.96
N SER A 485 -7.28 -56.08 -3.58
CA SER A 485 -7.84 -57.40 -3.87
C SER A 485 -7.19 -58.06 -5.08
N LEU A 486 -6.69 -57.28 -6.04
CA LEU A 486 -6.16 -57.91 -7.25
C LEU A 486 -4.92 -57.20 -7.80
N THR A 487 -4.87 -55.87 -7.87
CA THR A 487 -3.72 -55.25 -8.54
C THR A 487 -2.56 -54.96 -7.60
N ALA A 488 -2.83 -54.83 -6.30
CA ALA A 488 -1.78 -54.68 -5.28
C ALA A 488 -1.99 -55.66 -4.14
N PRO A 489 -1.74 -57.02 -4.37
CA PRO A 489 -2.05 -58.06 -3.37
C PRO A 489 -1.52 -57.83 -1.97
N ASN A 490 -0.22 -58.03 -1.71
CA ASN A 490 0.50 -57.83 -0.44
C ASN A 490 0.18 -56.63 0.50
N ALA A 491 -0.90 -55.89 0.25
CA ALA A 491 -1.35 -54.78 1.07
C ALA A 491 -2.47 -55.24 2.01
N THR A 492 -2.32 -54.91 3.30
CA THR A 492 -3.34 -55.27 4.29
C THR A 492 -4.60 -54.45 4.06
N ALA A 493 -4.44 -53.15 3.87
CA ALA A 493 -5.57 -52.25 3.65
C ALA A 493 -5.27 -51.45 2.38
N SER A 494 -5.87 -50.28 2.21
CA SER A 494 -5.61 -49.46 1.06
C SER A 494 -4.72 -48.27 1.42
N THR A 495 -4.20 -47.63 0.37
CA THR A 495 -3.24 -46.53 0.51
C THR A 495 -3.77 -45.39 1.36
N SER A 496 -4.95 -44.89 1.02
CA SER A 496 -5.59 -43.83 1.78
C SER A 496 -7.03 -44.22 2.08
N LEU A 497 -7.57 -43.62 3.14
CA LEU A 497 -8.97 -43.83 3.50
C LEU A 497 -9.91 -43.07 2.59
N THR A 498 -9.42 -42.05 1.89
CA THR A 498 -10.25 -41.19 1.05
C THR A 498 -10.58 -41.80 -0.31
N TRP A 499 -10.35 -43.10 -0.49
CA TRP A 499 -10.51 -43.80 -1.75
C TRP A 499 -11.83 -44.56 -1.82
N GLY A 500 -12.24 -45.22 -0.74
CA GLY A 500 -13.52 -45.88 -0.72
C GLY A 500 -13.47 -47.29 -0.19
N GLY A 501 -12.60 -47.53 0.79
CA GLY A 501 -12.43 -48.85 1.35
C GLY A 501 -13.06 -48.95 2.71
N GLY A 502 -13.94 -48.01 3.03
CA GLY A 502 -14.58 -48.00 4.33
C GLY A 502 -13.64 -47.46 5.39
N ASP A 503 -13.62 -48.14 6.54
CA ASP A 503 -12.74 -47.85 7.69
C ASP A 503 -12.94 -46.43 8.22
N LEU A 504 -14.12 -46.21 8.77
CA LEU A 504 -14.47 -44.92 9.38
C LEU A 504 -13.66 -44.77 10.65
N VAL A 505 -12.51 -44.12 10.56
CA VAL A 505 -11.58 -44.02 11.68
C VAL A 505 -12.03 -42.88 12.60
N ALA A 506 -12.33 -43.21 13.84
CA ALA A 506 -12.75 -42.25 14.87
C ALA A 506 -11.66 -42.19 15.93
N VAL A 507 -11.02 -41.04 16.04
CA VAL A 507 -9.96 -40.82 17.03
C VAL A 507 -10.38 -39.65 17.89
N GLY A 508 -10.65 -39.91 19.16
CA GLY A 508 -11.06 -38.86 20.07
C GLY A 508 -12.45 -38.31 19.82
N GLY A 509 -13.31 -39.07 19.16
CA GLY A 509 -14.64 -38.58 18.82
C GLY A 509 -14.68 -37.66 17.63
N LYS A 510 -13.58 -37.52 16.89
CA LYS A 510 -13.48 -36.64 15.75
C LYS A 510 -13.01 -37.44 14.55
N VAL A 511 -13.47 -37.05 13.37
CA VAL A 511 -13.23 -37.84 12.16
C VAL A 511 -11.81 -37.59 11.69
N ALA A 512 -11.03 -38.66 11.56
CA ALA A 512 -9.71 -38.51 10.94
C ALA A 512 -9.88 -38.41 9.43
N LEU A 513 -10.34 -39.49 8.79
CA LEU A 513 -10.67 -39.49 7.38
C LEU A 513 -11.77 -40.50 7.10
N LEU A 514 -12.40 -40.32 5.94
CA LEU A 514 -13.37 -41.27 5.40
C LEU A 514 -13.32 -41.14 3.89
N PRO A 515 -14.04 -42.04 3.13
CA PRO A 515 -14.26 -41.82 1.69
C PRO A 515 -14.73 -40.43 1.26
N ILE A 516 -13.91 -39.74 0.47
CA ILE A 516 -14.23 -38.40 -0.02
C ILE A 516 -15.09 -38.53 -1.28
N PRO A 517 -16.31 -38.00 -1.27
CA PRO A 517 -17.12 -38.03 -2.49
C PRO A 517 -16.64 -37.00 -3.50
N LEU A 518 -16.86 -37.31 -4.78
CA LEU A 518 -16.56 -36.38 -5.87
C LEU A 518 -17.79 -36.28 -6.74
N GLY A 519 -18.36 -35.08 -6.82
CA GLY A 519 -19.60 -34.85 -7.56
C GLY A 519 -19.45 -33.72 -8.54
N THR A 520 -20.60 -33.10 -8.85
CA THR A 520 -20.65 -31.98 -9.78
C THR A 520 -19.88 -30.77 -9.25
N ALA A 521 -19.98 -30.53 -7.94
CA ALA A 521 -19.28 -29.41 -7.31
C ALA A 521 -17.77 -29.57 -7.39
N ASP A 522 -17.29 -30.80 -7.17
CA ASP A 522 -15.86 -31.07 -7.28
C ASP A 522 -15.36 -30.97 -8.71
N PHE A 523 -16.20 -31.35 -9.68
CA PHE A 523 -15.89 -31.19 -11.09
C PHE A 523 -15.75 -29.71 -11.45
N LEU A 524 -16.70 -28.90 -11.00
CA LEU A 524 -16.67 -27.46 -11.27
C LEU A 524 -15.47 -26.79 -10.64
N VAL A 525 -15.17 -27.12 -9.38
CA VAL A 525 -14.05 -26.45 -8.73
C VAL A 525 -12.70 -27.00 -9.20
N HIS A 526 -12.64 -28.25 -9.68
CA HIS A 526 -11.41 -28.73 -10.29
C HIS A 526 -11.18 -28.12 -11.66
N HIS A 527 -12.25 -27.79 -12.37
CA HIS A 527 -12.07 -27.06 -13.62
C HIS A 527 -11.71 -25.60 -13.38
N ILE A 528 -12.19 -25.00 -12.29
CA ILE A 528 -11.66 -23.72 -11.81
C ILE A 528 -10.17 -23.82 -11.53
N HIS A 529 -9.75 -24.90 -10.86
CA HIS A 529 -8.34 -25.08 -10.51
C HIS A 529 -7.47 -25.25 -11.75
N ALA A 530 -7.92 -26.07 -12.70
CA ALA A 530 -7.21 -26.26 -13.96
C ALA A 530 -7.15 -24.96 -14.76
N PHE A 531 -8.23 -24.19 -14.75
CA PHE A 531 -8.28 -22.89 -15.41
C PHE A 531 -7.28 -21.91 -14.80
N THR A 532 -7.26 -21.82 -13.47
CA THR A 532 -6.40 -20.84 -12.81
C THR A 532 -4.93 -21.22 -12.92
N ILE A 533 -4.63 -22.52 -12.83
CA ILE A 533 -3.26 -23.01 -13.04
C ILE A 533 -2.82 -22.73 -14.47
N HIS A 534 -3.73 -22.94 -15.44
CA HIS A 534 -3.42 -22.68 -16.84
C HIS A 534 -3.19 -21.21 -17.11
N VAL A 535 -3.97 -20.32 -16.49
CA VAL A 535 -3.76 -18.89 -16.73
C VAL A 535 -2.46 -18.42 -16.08
N THR A 536 -2.15 -18.95 -14.89
CA THR A 536 -0.85 -18.64 -14.26
C THR A 536 0.31 -19.12 -15.12
N VAL A 537 0.17 -20.32 -15.72
CA VAL A 537 1.10 -20.82 -16.73
C VAL A 537 1.14 -19.91 -17.96
N LEU A 538 0.00 -19.30 -18.33
CA LEU A 538 -0.05 -18.45 -19.51
C LEU A 538 0.74 -17.15 -19.34
N ILE A 539 0.51 -16.42 -18.23
CA ILE A 539 1.30 -15.21 -17.97
C ILE A 539 2.79 -15.56 -17.76
N LEU A 540 3.05 -16.63 -17.00
CA LEU A 540 4.43 -16.95 -16.66
C LEU A 540 5.22 -17.47 -17.86
N LEU A 541 4.60 -18.34 -18.67
CA LEU A 541 5.24 -18.85 -19.88
C LEU A 541 5.33 -17.78 -20.95
N LYS A 542 4.40 -16.82 -20.98
CA LYS A 542 4.52 -15.70 -21.89
C LYS A 542 5.70 -14.81 -21.51
N GLY A 543 5.94 -14.64 -20.20
CA GLY A 543 7.10 -13.89 -19.77
C GLY A 543 8.40 -14.61 -20.01
N VAL A 544 8.40 -15.94 -19.94
CA VAL A 544 9.60 -16.70 -20.26
C VAL A 544 9.89 -16.64 -21.76
N LEU A 545 8.85 -16.82 -22.58
CA LEU A 545 9.05 -16.94 -24.02
C LEU A 545 9.32 -15.59 -24.68
N PHE A 546 8.66 -14.53 -24.21
CA PHE A 546 8.85 -13.20 -24.74
C PHE A 546 9.79 -12.36 -23.89
N ALA A 547 10.73 -13.02 -23.20
CA ALA A 547 11.75 -12.29 -22.45
C ALA A 547 12.82 -11.75 -23.37
N ARG A 548 13.16 -12.50 -24.43
CA ARG A 548 14.18 -12.06 -25.37
C ARG A 548 13.66 -10.92 -26.24
N SER A 549 12.56 -11.16 -26.94
CA SER A 549 12.01 -10.19 -27.88
C SER A 549 10.52 -10.46 -28.03
N SER A 550 9.87 -9.64 -28.85
CA SER A 550 8.47 -9.83 -29.17
C SER A 550 8.23 -9.27 -30.57
N ARG A 551 6.98 -9.38 -31.03
CA ARG A 551 6.57 -8.58 -32.18
C ARG A 551 6.49 -7.11 -31.83
N LEU A 552 6.20 -6.80 -30.57
CA LEU A 552 6.14 -5.41 -30.13
C LEU A 552 7.53 -4.83 -29.97
N ILE A 553 8.33 -5.41 -29.09
CA ILE A 553 9.68 -4.93 -28.79
C ILE A 553 10.67 -6.01 -29.20
N PRO A 554 11.36 -5.84 -30.33
CA PRO A 554 12.36 -6.83 -30.77
C PRO A 554 13.69 -6.73 -30.05
N ASP A 555 13.93 -5.67 -29.28
CA ASP A 555 15.16 -5.50 -28.51
C ASP A 555 14.86 -5.50 -27.02
N LYS A 556 14.00 -6.41 -26.58
CA LYS A 556 13.61 -6.48 -25.17
C LYS A 556 14.69 -7.07 -24.28
N ALA A 557 15.59 -7.88 -24.83
CA ALA A 557 16.65 -8.47 -24.01
C ALA A 557 17.70 -7.44 -23.63
N ASN A 558 17.87 -6.39 -24.45
CA ASN A 558 18.78 -5.31 -24.10
C ASN A 558 18.22 -4.43 -22.98
N LEU A 559 16.89 -4.38 -22.84
CA LEU A 559 16.27 -3.60 -21.79
C LEU A 559 16.40 -4.26 -20.42
N GLY A 560 16.63 -5.56 -20.36
CA GLY A 560 16.88 -6.25 -19.12
C GLY A 560 15.68 -7.02 -18.60
N PHE A 561 15.73 -7.31 -17.30
CA PHE A 561 14.64 -7.99 -16.60
C PHE A 561 13.75 -7.00 -15.85
N ARG A 562 14.33 -6.23 -14.92
CA ARG A 562 13.59 -5.26 -14.13
C ARG A 562 13.53 -3.90 -14.79
N PHE A 563 13.13 -3.86 -16.02
CA PHE A 563 12.83 -2.57 -16.57
C PHE A 563 11.31 -2.38 -16.61
N PRO A 564 10.81 -1.14 -16.44
CA PRO A 564 9.35 -0.95 -16.41
C PRO A 564 8.67 -1.18 -17.74
N CYS A 565 9.22 -0.53 -18.76
CA CYS A 565 8.55 -0.36 -20.04
C CYS A 565 9.59 0.13 -21.04
N ASP A 566 9.16 0.23 -22.30
CA ASP A 566 9.92 1.00 -23.27
C ASP A 566 9.47 2.45 -23.27
N GLY A 567 8.16 2.68 -23.13
CA GLY A 567 7.60 4.00 -23.08
C GLY A 567 6.15 3.98 -23.50
N PRO A 568 5.56 5.15 -23.74
CA PRO A 568 4.18 5.21 -24.22
C PRO A 568 4.02 4.92 -25.71
N GLY A 569 5.08 4.51 -26.39
CA GLY A 569 5.00 4.23 -27.80
C GLY A 569 4.49 2.84 -28.11
N ARG A 570 4.28 2.64 -29.41
CA ARG A 570 3.61 1.46 -29.97
C ARG A 570 2.24 1.25 -29.33
N GLY A 571 1.53 2.37 -29.10
CA GLY A 571 0.30 2.38 -28.35
C GLY A 571 0.47 2.43 -26.85
N GLY A 572 1.67 2.16 -26.35
CA GLY A 572 1.92 1.97 -24.94
C GLY A 572 2.57 0.63 -24.69
N THR A 573 3.75 0.64 -24.08
CA THR A 573 4.51 -0.57 -23.84
C THR A 573 4.64 -0.83 -22.35
N CYS A 574 3.56 -0.56 -21.62
CA CYS A 574 3.54 -0.74 -20.17
C CYS A 574 3.50 -2.22 -19.83
N GLN A 575 4.35 -2.64 -18.90
CA GLN A 575 4.46 -4.02 -18.41
C GLN A 575 4.81 -5.03 -19.53
N VAL A 576 5.68 -4.61 -20.45
CA VAL A 576 6.20 -5.53 -21.45
C VAL A 576 7.23 -6.50 -20.89
N SER A 577 7.78 -6.21 -19.72
CA SER A 577 8.93 -6.94 -19.23
C SER A 577 8.52 -8.32 -18.72
N ALA A 578 9.52 -9.21 -18.66
CA ALA A 578 9.31 -10.53 -18.11
C ALA A 578 9.06 -10.48 -16.61
N TRP A 579 9.67 -9.48 -15.93
CA TRP A 579 9.40 -9.23 -14.52
C TRP A 579 7.94 -8.91 -14.28
N ASP A 580 7.33 -8.15 -15.19
CA ASP A 580 5.93 -7.80 -15.03
C ASP A 580 5.02 -9.00 -15.25
N HIS A 581 5.49 -9.97 -16.03
CA HIS A 581 4.76 -11.22 -16.13
C HIS A 581 4.89 -12.06 -14.87
N VAL A 582 6.04 -12.02 -14.21
CA VAL A 582 6.15 -12.64 -12.88
C VAL A 582 5.24 -11.92 -11.89
N PHE A 583 5.18 -10.59 -12.02
CA PHE A 583 4.35 -9.74 -11.18
C PHE A 583 2.87 -10.07 -11.33
N LEU A 584 2.39 -10.29 -12.56
CA LEU A 584 1.00 -10.69 -12.79
C LEU A 584 0.75 -12.16 -12.46
N GLY A 585 1.75 -13.03 -12.65
CA GLY A 585 1.61 -14.41 -12.26
C GLY A 585 1.60 -14.61 -10.76
N LEU A 586 2.13 -13.64 -10.01
CA LEU A 586 1.95 -13.64 -8.56
C LEU A 586 0.49 -13.45 -8.17
N PHE A 587 -0.23 -12.55 -8.86
CA PHE A 587 -1.67 -12.41 -8.65
C PHE A 587 -2.40 -13.66 -9.08
N TRP A 588 -2.00 -14.25 -10.20
CA TRP A 588 -2.71 -15.45 -10.63
C TRP A 588 -2.36 -16.65 -9.76
N MET A 589 -1.21 -16.61 -9.08
CA MET A 589 -0.92 -17.60 -8.05
C MET A 589 -1.80 -17.39 -6.83
N TYR A 590 -2.01 -16.12 -6.42
CA TYR A 590 -2.99 -15.80 -5.38
C TYR A 590 -4.37 -16.36 -5.71
N ASN A 591 -4.83 -16.12 -6.94
CA ASN A 591 -6.14 -16.59 -7.35
C ASN A 591 -6.21 -18.12 -7.36
N ALA A 592 -5.21 -18.77 -7.97
CA ALA A 592 -5.16 -20.23 -8.08
C ALA A 592 -5.09 -20.91 -6.72
N ILE A 593 -4.06 -20.58 -5.94
CA ILE A 593 -3.83 -21.20 -4.64
C ILE A 593 -4.92 -20.83 -3.64
N SER A 594 -5.49 -19.62 -3.71
CA SER A 594 -6.56 -19.24 -2.81
C SER A 594 -7.85 -20.01 -3.10
N VAL A 595 -8.17 -20.25 -4.37
CA VAL A 595 -9.33 -21.10 -4.64
C VAL A 595 -9.03 -22.57 -4.31
N VAL A 596 -7.76 -22.99 -4.40
CA VAL A 596 -7.36 -24.35 -4.02
C VAL A 596 -7.57 -24.59 -2.53
N ILE A 597 -7.10 -23.66 -1.70
CA ILE A 597 -7.25 -23.81 -0.26
C ILE A 597 -8.68 -23.52 0.18
N PHE A 598 -9.45 -22.76 -0.60
CA PHE A 598 -10.86 -22.54 -0.28
C PHE A 598 -11.67 -23.80 -0.56
N HIS A 599 -11.41 -24.45 -1.70
CA HIS A 599 -12.00 -25.74 -2.02
C HIS A 599 -11.60 -26.78 -1.01
N PHE A 600 -10.35 -26.74 -0.54
CA PHE A 600 -9.87 -27.65 0.49
C PHE A 600 -10.63 -27.47 1.80
N SER A 601 -10.70 -26.22 2.28
CA SER A 601 -11.31 -25.92 3.57
C SER A 601 -12.79 -26.25 3.57
N TRP A 602 -13.51 -25.85 2.51
CA TRP A 602 -14.93 -26.14 2.45
C TRP A 602 -15.20 -27.63 2.19
N LYS A 603 -14.39 -28.26 1.33
CA LYS A 603 -14.60 -29.66 0.97
C LYS A 603 -14.38 -30.59 2.16
N MET A 604 -13.36 -30.33 2.98
CA MET A 604 -13.18 -31.20 4.12
C MET A 604 -13.92 -30.74 5.37
N GLN A 605 -14.31 -29.46 5.49
CA GLN A 605 -15.22 -29.12 6.56
C GLN A 605 -16.64 -29.60 6.28
N SER A 606 -16.99 -29.85 5.02
CA SER A 606 -18.31 -30.33 4.69
C SER A 606 -18.40 -31.84 4.51
N ASP A 607 -17.35 -32.48 4.03
CA ASP A 607 -17.42 -33.89 3.70
C ASP A 607 -16.44 -34.76 4.47
N VAL A 608 -15.46 -34.17 5.17
CA VAL A 608 -14.53 -34.99 5.94
C VAL A 608 -14.58 -34.66 7.42
N TRP A 609 -14.24 -33.44 7.80
CA TRP A 609 -14.03 -33.11 9.21
C TRP A 609 -15.35 -33.00 9.95
N GLY A 610 -15.37 -33.54 11.17
CA GLY A 610 -16.58 -33.55 11.96
C GLY A 610 -16.42 -34.41 13.20
N SER A 611 -17.55 -34.97 13.64
CA SER A 611 -17.59 -35.81 14.83
C SER A 611 -18.41 -37.07 14.57
N ILE A 612 -18.11 -38.12 15.33
CA ILE A 612 -18.86 -39.38 15.27
C ILE A 612 -19.47 -39.63 16.64
N SER A 613 -20.79 -39.72 16.68
CA SER A 613 -21.53 -40.05 17.89
C SER A 613 -21.74 -41.56 17.95
N ASP A 614 -22.65 -42.00 18.81
CA ASP A 614 -22.96 -43.42 18.92
C ASP A 614 -23.71 -43.92 17.69
N GLN A 615 -23.63 -45.23 17.48
CA GLN A 615 -24.27 -45.97 16.38
C GLN A 615 -23.83 -45.49 14.99
N GLY A 616 -22.60 -45.00 14.89
CA GLY A 616 -21.96 -44.69 13.61
C GLY A 616 -22.58 -43.58 12.78
N VAL A 617 -22.92 -42.46 13.39
CA VAL A 617 -23.45 -41.30 12.68
C VAL A 617 -22.37 -40.23 12.65
N VAL A 618 -22.16 -39.64 11.47
CA VAL A 618 -21.10 -38.65 11.25
C VAL A 618 -21.74 -37.30 11.01
N THR A 619 -21.45 -36.34 11.88
CA THR A 619 -21.93 -34.98 11.75
C THR A 619 -20.74 -34.09 11.40
N HIS A 620 -20.76 -33.53 10.20
CA HIS A 620 -19.66 -32.68 9.75
C HIS A 620 -19.82 -31.28 10.30
N ILE A 621 -18.83 -30.42 10.01
CA ILE A 621 -18.85 -29.05 10.52
C ILE A 621 -19.91 -28.22 9.80
N THR A 622 -19.92 -28.27 8.47
CA THR A 622 -20.96 -27.65 7.65
C THR A 622 -21.60 -28.80 6.88
N GLY A 623 -22.66 -29.38 7.42
CA GLY A 623 -23.15 -30.67 6.95
C GLY A 623 -23.73 -30.71 5.55
N GLY A 624 -22.95 -31.27 4.62
CA GLY A 624 -23.41 -31.58 3.28
C GLY A 624 -23.70 -30.40 2.38
N ASN A 625 -23.18 -29.21 2.67
CA ASN A 625 -23.50 -28.06 1.84
C ASN A 625 -22.49 -27.80 0.73
N PHE A 626 -21.43 -28.60 0.61
CA PHE A 626 -20.52 -28.42 -0.50
C PHE A 626 -21.14 -28.88 -1.82
N ALA A 627 -21.99 -29.90 -1.77
CA ALA A 627 -22.58 -30.42 -3.01
C ALA A 627 -23.64 -29.50 -3.60
N GLN A 628 -24.16 -28.56 -2.82
CA GLN A 628 -25.24 -27.70 -3.28
C GLN A 628 -24.91 -26.22 -3.26
N SER A 629 -24.01 -25.76 -2.40
CA SER A 629 -23.70 -24.34 -2.34
C SER A 629 -22.39 -23.96 -3.01
N SER A 630 -21.44 -24.90 -3.15
CA SER A 630 -20.16 -24.60 -3.78
C SER A 630 -20.21 -24.68 -5.31
N ILE A 631 -21.41 -24.70 -5.88
CA ILE A 631 -21.61 -24.60 -7.32
C ILE A 631 -22.01 -23.19 -7.74
N THR A 632 -22.30 -22.31 -6.79
CA THR A 632 -22.63 -20.92 -7.04
C THR A 632 -21.67 -20.02 -6.29
N ILE A 633 -21.42 -18.83 -6.83
CA ILE A 633 -20.56 -17.85 -6.15
C ILE A 633 -21.27 -17.31 -4.90
N ASN A 634 -22.61 -17.29 -4.91
CA ASN A 634 -23.33 -16.85 -3.71
C ASN A 634 -23.21 -17.83 -2.56
N GLY A 635 -23.09 -19.13 -2.85
CA GLY A 635 -22.79 -20.08 -1.80
C GLY A 635 -21.38 -19.92 -1.26
N TRP A 636 -20.42 -19.65 -2.15
CA TRP A 636 -19.04 -19.41 -1.74
C TRP A 636 -18.90 -18.15 -0.91
N LEU A 637 -19.66 -17.11 -1.25
CA LEU A 637 -19.69 -15.89 -0.46
C LEU A 637 -20.50 -16.07 0.82
N ARG A 638 -21.49 -16.97 0.80
CA ARG A 638 -22.48 -17.08 1.86
C ARG A 638 -22.18 -18.21 2.84
N ASP A 639 -22.09 -19.43 2.35
CA ASP A 639 -21.88 -20.57 3.22
C ASP A 639 -20.41 -20.86 3.46
N PHE A 640 -19.50 -20.13 2.81
CA PHE A 640 -18.08 -20.22 3.11
C PHE A 640 -17.49 -18.91 3.59
N LEU A 641 -17.67 -17.82 2.84
CA LEU A 641 -17.01 -16.57 3.21
C LEU A 641 -17.77 -15.76 4.25
N TRP A 642 -19.03 -16.12 4.53
CA TRP A 642 -19.83 -15.43 5.53
C TRP A 642 -20.17 -16.30 6.73
N ALA A 643 -20.50 -17.57 6.49
CA ALA A 643 -20.85 -18.47 7.59
C ALA A 643 -19.63 -18.90 8.37
N GLN A 644 -18.53 -19.17 7.68
CA GLN A 644 -17.30 -19.58 8.35
C GLN A 644 -16.46 -18.40 8.81
N ALA A 645 -16.80 -17.18 8.40
CA ALA A 645 -16.19 -15.98 8.94
C ALA A 645 -16.93 -15.45 10.16
N SER A 646 -17.85 -16.24 10.71
CA SER A 646 -18.55 -15.93 11.95
C SER A 646 -17.77 -16.40 13.18
N GLN A 647 -16.47 -16.63 13.04
CA GLN A 647 -15.58 -16.89 14.16
C GLN A 647 -14.29 -16.09 14.10
N VAL A 648 -14.03 -15.37 13.01
CA VAL A 648 -12.88 -14.48 12.93
C VAL A 648 -13.27 -13.04 13.33
N ILE A 649 -14.55 -12.70 13.29
CA ILE A 649 -14.97 -11.33 13.58
C ILE A 649 -15.58 -11.19 14.97
N GLN A 650 -16.11 -12.26 15.56
CA GLN A 650 -16.56 -12.24 16.94
C GLN A 650 -15.62 -12.99 17.85
N SER A 651 -14.35 -13.11 17.46
CA SER A 651 -13.30 -13.64 18.31
C SER A 651 -12.71 -12.59 19.24
N TYR A 652 -13.20 -11.35 19.16
CA TYR A 652 -12.70 -10.26 19.98
C TYR A 652 -13.08 -10.48 21.44
N GLY A 653 -12.14 -10.14 22.33
CA GLY A 653 -12.32 -10.45 23.73
C GLY A 653 -12.02 -11.88 24.08
N SER A 654 -11.35 -12.61 23.20
CA SER A 654 -10.99 -14.01 23.47
C SER A 654 -9.53 -14.24 23.08
N SER A 655 -9.10 -15.51 23.12
CA SER A 655 -7.73 -15.84 22.78
C SER A 655 -7.47 -15.79 21.28
N LEU A 656 -8.52 -15.85 20.46
CA LEU A 656 -8.39 -15.83 19.01
C LEU A 656 -8.58 -14.44 18.44
N SER A 657 -8.49 -13.41 19.27
CA SER A 657 -8.73 -12.05 18.84
C SER A 657 -7.57 -11.46 18.06
N ALA A 658 -6.37 -12.05 18.19
CA ALA A 658 -5.26 -11.64 17.33
C ALA A 658 -5.51 -12.06 15.90
N TYR A 659 -6.26 -13.14 15.69
CA TYR A 659 -6.68 -13.49 14.34
C TYR A 659 -7.68 -12.48 13.80
N GLY A 660 -8.54 -11.92 14.64
CA GLY A 660 -9.41 -10.83 14.19
C GLY A 660 -8.64 -9.57 13.86
N LEU A 661 -7.63 -9.24 14.69
CA LEU A 661 -6.79 -8.08 14.44
C LEU A 661 -5.97 -8.24 13.16
N LEU A 662 -5.42 -9.42 12.92
CA LEU A 662 -4.66 -9.63 11.69
C LEU A 662 -5.53 -9.86 10.47
N PHE A 663 -6.78 -10.29 10.67
CA PHE A 663 -7.78 -10.30 9.61
C PHE A 663 -8.06 -8.89 9.11
N LEU A 664 -8.31 -7.97 10.06
CA LEU A 664 -8.55 -6.58 9.69
C LEU A 664 -7.30 -5.89 9.18
N GLY A 665 -6.14 -6.10 9.82
CA GLY A 665 -4.90 -5.52 9.33
C GLY A 665 -4.44 -6.12 8.02
N ALA A 666 -4.87 -7.33 7.72
CA ALA A 666 -4.60 -7.94 6.43
C ALA A 666 -5.47 -7.31 5.34
N HIS A 667 -6.73 -6.99 5.67
CA HIS A 667 -7.55 -6.15 4.80
C HIS A 667 -6.89 -4.78 4.57
N PHE A 668 -6.26 -4.24 5.62
CA PHE A 668 -5.55 -2.96 5.51
C PHE A 668 -4.36 -3.06 4.56
N VAL A 669 -3.57 -4.12 4.68
CA VAL A 669 -2.39 -4.30 3.82
C VAL A 669 -2.82 -4.54 2.37
N TRP A 670 -3.95 -5.21 2.17
CA TRP A 670 -4.50 -5.41 0.82
C TRP A 670 -4.99 -4.10 0.19
N ALA A 671 -5.76 -3.31 0.95
CA ALA A 671 -6.18 -2.02 0.42
C ALA A 671 -5.02 -1.03 0.31
N PHE A 672 -3.96 -1.23 1.09
CA PHE A 672 -2.71 -0.50 0.94
C PHE A 672 -1.98 -0.89 -0.34
N SER A 673 -2.09 -2.17 -0.73
CA SER A 673 -1.53 -2.63 -1.99
C SER A 673 -2.19 -1.96 -3.16
N LEU A 674 -3.50 -1.75 -3.07
CA LEU A 674 -4.22 -1.11 -4.17
C LEU A 674 -3.82 0.36 -4.37
N MET A 675 -3.20 0.99 -3.37
CA MET A 675 -2.56 2.29 -3.58
C MET A 675 -1.36 2.19 -4.50
N PHE A 676 -0.48 1.22 -4.29
CA PHE A 676 0.71 1.11 -5.13
C PHE A 676 0.41 0.51 -6.50
N LEU A 677 -0.56 -0.41 -6.58
CA LEU A 677 -0.84 -1.09 -7.84
C LEU A 677 -1.54 -0.18 -8.83
N PHE A 678 -2.47 0.63 -8.35
CA PHE A 678 -3.31 1.39 -9.26
C PHE A 678 -2.67 2.72 -9.65
N SER A 679 -1.73 3.20 -8.84
CA SER A 679 -1.11 4.48 -9.07
C SER A 679 0.18 4.32 -9.86
N GLY A 680 0.81 5.46 -10.16
CA GLY A 680 2.06 5.47 -10.88
C GLY A 680 3.04 6.47 -10.30
N ARG A 681 4.26 6.43 -10.82
CA ARG A 681 5.40 7.09 -10.16
C ARG A 681 5.31 8.62 -10.24
N GLY A 682 4.91 9.17 -11.40
CA GLY A 682 5.04 10.61 -11.64
C GLY A 682 4.14 11.46 -10.77
N TYR A 683 2.93 10.96 -10.45
CA TYR A 683 2.04 11.61 -9.50
C TYR A 683 2.70 11.75 -8.13
N TRP A 684 3.24 10.62 -7.64
CA TRP A 684 3.87 10.60 -6.33
C TRP A 684 5.15 11.42 -6.33
N GLN A 685 5.83 11.48 -7.48
CA GLN A 685 7.03 12.31 -7.58
C GLN A 685 6.69 13.78 -7.46
N GLU A 686 5.60 14.24 -8.10
CA GLU A 686 5.25 15.65 -7.96
C GLU A 686 4.64 15.97 -6.59
N LEU A 687 3.96 15.01 -5.96
CA LEU A 687 3.50 15.20 -4.59
C LEU A 687 4.68 15.30 -3.63
N ILE A 688 5.70 14.45 -3.83
CA ILE A 688 6.95 14.54 -3.08
C ILE A 688 7.68 15.86 -3.39
N GLU A 689 7.54 16.40 -4.61
CA GLU A 689 8.09 17.73 -4.91
C GLU A 689 7.42 18.83 -4.09
N SER A 690 6.11 18.74 -3.90
CA SER A 690 5.43 19.68 -3.01
C SER A 690 5.89 19.53 -1.56
N ILE A 691 6.09 18.28 -1.12
CA ILE A 691 6.56 18.03 0.25
C ILE A 691 8.01 18.51 0.42
N VAL A 692 8.84 18.34 -0.62
CA VAL A 692 10.22 18.84 -0.65
C VAL A 692 10.22 20.36 -0.63
N TRP A 693 9.24 21.00 -1.28
CA TRP A 693 9.10 22.46 -1.18
C TRP A 693 8.79 22.89 0.25
N ALA A 694 7.89 22.16 0.92
CA ALA A 694 7.58 22.46 2.32
C ALA A 694 8.78 22.22 3.23
N HIS A 695 9.66 21.29 2.85
CA HIS A 695 10.89 21.07 3.58
C HIS A 695 11.94 22.13 3.29
N ASN A 696 11.97 22.64 2.06
CA ASN A 696 12.88 23.72 1.69
C ASN A 696 12.49 25.01 2.38
N LYS A 697 11.19 25.20 2.61
CA LYS A 697 10.69 26.38 3.31
C LYS A 697 11.18 26.42 4.76
N LEU A 698 11.26 25.27 5.42
CA LEU A 698 11.68 25.20 6.80
C LEU A 698 13.10 24.65 6.99
N LYS A 699 13.88 24.62 5.89
CA LYS A 699 15.31 24.24 5.88
C LYS A 699 15.56 22.84 6.42
N VAL A 700 14.66 21.91 6.09
CA VAL A 700 14.78 20.53 6.54
C VAL A 700 14.84 19.64 5.29
N ALA A 701 15.44 20.17 4.24
CA ALA A 701 15.69 19.39 3.03
C ALA A 701 16.80 18.38 3.26
N PRO A 702 16.57 17.10 3.02
CA PRO A 702 17.67 16.12 3.04
C PRO A 702 18.52 16.23 1.77
N ALA A 703 19.81 15.93 1.93
CA ALA A 703 20.70 15.90 0.77
C ALA A 703 20.43 14.67 -0.09
N ILE A 704 20.07 13.55 0.52
CA ILE A 704 19.52 12.42 -0.21
C ILE A 704 18.13 12.83 -0.67
N GLN A 705 17.99 13.06 -1.98
CA GLN A 705 16.77 13.62 -2.54
C GLN A 705 15.60 12.66 -2.42
N PRO A 706 14.48 13.08 -1.83
CA PRO A 706 13.29 12.23 -1.80
C PRO A 706 12.72 12.00 -3.18
N ARG A 707 12.57 10.73 -3.53
CA ARG A 707 12.05 10.34 -4.82
C ARG A 707 10.89 9.40 -4.61
N ALA A 708 9.99 9.36 -5.59
CA ALA A 708 8.97 8.32 -5.61
C ALA A 708 9.63 6.98 -5.92
N LEU A 709 8.97 5.91 -5.50
CA LEU A 709 9.44 4.56 -5.81
C LEU A 709 9.35 4.33 -7.31
N SER A 710 10.26 3.49 -7.82
CA SER A 710 10.31 3.18 -9.23
C SER A 710 9.09 2.39 -9.66
N ILE A 711 8.87 2.32 -10.98
CA ILE A 711 7.69 1.67 -11.52
C ILE A 711 7.74 0.17 -11.27
N VAL A 712 8.92 -0.44 -11.49
CA VAL A 712 9.15 -1.82 -11.07
C VAL A 712 9.05 -1.94 -9.56
N GLN A 713 9.57 -0.95 -8.83
CA GLN A 713 9.49 -1.01 -7.38
C GLN A 713 8.07 -0.76 -6.87
N GLY A 714 7.32 0.14 -7.53
CA GLY A 714 5.94 0.37 -7.14
C GLY A 714 5.07 -0.85 -7.39
N ARG A 715 5.29 -1.53 -8.51
CA ARG A 715 4.59 -2.80 -8.76
C ARG A 715 5.03 -3.89 -7.78
N ALA A 716 6.31 -3.92 -7.41
CA ALA A 716 6.80 -4.90 -6.44
C ALA A 716 6.21 -4.68 -5.06
N VAL A 717 6.12 -3.43 -4.62
CA VAL A 717 5.54 -3.08 -3.33
C VAL A 717 4.04 -3.39 -3.33
N GLY A 718 3.36 -3.09 -4.44
CA GLY A 718 1.96 -3.42 -4.54
C GLY A 718 1.66 -4.90 -4.55
N VAL A 719 2.47 -5.69 -5.25
CA VAL A 719 2.21 -7.13 -5.26
C VAL A 719 2.66 -7.77 -3.94
N ALA A 720 3.65 -7.18 -3.26
CA ALA A 720 4.07 -7.70 -1.96
C ALA A 720 3.00 -7.45 -0.91
N HIS A 721 2.42 -6.25 -0.88
CA HIS A 721 1.28 -6.02 0.02
C HIS A 721 0.04 -6.77 -0.40
N TYR A 722 -0.16 -7.03 -1.69
CA TYR A 722 -1.35 -7.77 -2.12
C TYR A 722 -1.27 -9.22 -1.67
N LEU A 723 -0.12 -9.85 -1.88
CA LEU A 723 0.07 -11.21 -1.43
C LEU A 723 0.11 -11.30 0.09
N LEU A 724 0.79 -10.36 0.75
CA LEU A 724 0.87 -10.36 2.21
C LEU A 724 -0.48 -10.13 2.86
N GLY A 725 -1.24 -9.15 2.36
CA GLY A 725 -2.53 -8.86 2.93
C GLY A 725 -3.56 -9.93 2.64
N GLY A 726 -3.64 -10.42 1.40
CA GLY A 726 -4.61 -11.44 1.09
C GLY A 726 -4.30 -12.79 1.72
N ILE A 727 -3.02 -13.17 1.73
CA ILE A 727 -2.58 -14.41 2.35
C ILE A 727 -2.74 -14.34 3.86
N ALA A 728 -2.51 -13.16 4.46
CA ALA A 728 -2.72 -13.01 5.89
C ALA A 728 -4.19 -12.97 6.23
N THR A 729 -5.04 -12.51 5.29
CA THR A 729 -6.48 -12.57 5.47
C THR A 729 -6.97 -14.01 5.52
N THR A 730 -6.49 -14.82 4.57
CA THR A 730 -6.90 -16.22 4.54
C THR A 730 -6.29 -16.98 5.72
N TRP A 731 -5.08 -16.62 6.13
CA TRP A 731 -4.43 -17.21 7.31
C TRP A 731 -5.22 -16.93 8.58
N ALA A 732 -5.66 -15.68 8.75
CA ALA A 732 -6.41 -15.30 9.94
C ALA A 732 -7.80 -15.93 9.96
N PHE A 733 -8.48 -15.94 8.81
CA PHE A 733 -9.81 -16.53 8.72
C PHE A 733 -9.76 -18.04 8.92
N PHE A 734 -8.78 -18.71 8.30
CA PHE A 734 -8.61 -20.15 8.47
C PHE A 734 -8.25 -20.50 9.90
N LEU A 735 -7.25 -19.83 10.48
CA LEU A 735 -6.77 -20.16 11.80
C LEU A 735 -7.69 -19.65 12.91
N ALA A 736 -8.69 -18.83 12.59
CA ALA A 736 -9.73 -18.58 13.59
C ALA A 736 -10.88 -19.56 13.46
N ARG A 737 -11.31 -19.86 12.22
CA ARG A 737 -12.46 -20.72 12.00
C ARG A 737 -12.18 -22.15 12.42
N ILE A 738 -11.09 -22.73 11.95
CA ILE A 738 -10.88 -24.16 12.18
C ILE A 738 -10.29 -24.43 13.55
N ILE A 739 -9.75 -23.41 14.23
CA ILE A 739 -9.46 -23.55 15.65
C ILE A 739 -10.75 -23.47 16.46
N SER A 740 -11.66 -22.56 16.07
CA SER A 740 -12.91 -22.37 16.80
C SER A 740 -13.84 -23.58 16.68
N VAL A 741 -13.95 -24.18 15.50
CA VAL A 741 -14.82 -25.32 15.31
C VAL A 741 -14.09 -26.65 15.44
N GLY A 742 -12.78 -26.63 15.66
CA GLY A 742 -12.01 -27.84 15.85
C GLY A 742 -11.84 -28.19 17.32
N SER B 1 -12.44 10.27 -44.76
CA SER B 1 -13.02 10.77 -43.52
C SER B 1 -13.90 9.71 -42.86
N ARG B 2 -13.26 8.79 -42.14
CA ARG B 2 -13.98 7.71 -41.46
C ARG B 2 -14.53 8.21 -40.13
N PHE B 3 -15.21 7.32 -39.43
CA PHE B 3 -15.49 7.56 -38.01
C PHE B 3 -14.18 7.51 -37.25
N PRO B 4 -13.92 8.47 -36.33
CA PRO B 4 -14.69 9.67 -36.02
C PRO B 4 -14.43 10.83 -36.97
N LYS B 5 -15.48 11.55 -37.37
CA LYS B 5 -15.29 12.60 -38.36
C LYS B 5 -14.87 13.92 -37.73
N PHE B 6 -15.00 14.07 -36.42
CA PHE B 6 -14.64 15.32 -35.79
C PHE B 6 -13.14 15.47 -35.59
N SER B 7 -12.42 14.35 -35.54
CA SER B 7 -10.97 14.35 -35.41
C SER B 7 -10.39 13.64 -36.62
N ARG B 8 -9.58 14.38 -37.40
CA ARG B 8 -8.95 13.79 -38.57
C ARG B 8 -7.83 12.84 -38.19
N GLY B 9 -7.17 13.09 -37.06
CA GLY B 9 -6.03 12.28 -36.65
C GLY B 9 -6.40 10.90 -36.16
N LEU B 10 -7.65 10.71 -35.72
CA LEU B 10 -8.14 9.40 -35.32
C LEU B 10 -8.76 8.63 -36.47
N SER B 11 -9.14 9.31 -37.55
CA SER B 11 -9.73 8.63 -38.69
C SER B 11 -8.70 7.84 -39.49
N GLN B 12 -7.43 8.24 -39.45
CA GLN B 12 -6.37 7.50 -40.10
C GLN B 12 -5.77 6.42 -39.22
N ASP B 13 -6.27 6.25 -38.01
CA ASP B 13 -5.83 5.16 -37.13
C ASP B 13 -6.36 3.85 -37.70
N PRO B 14 -5.51 2.89 -38.06
CA PRO B 14 -6.00 1.62 -38.61
C PRO B 14 -6.35 0.56 -37.57
N THR B 15 -6.45 0.92 -36.30
CA THR B 15 -6.63 -0.03 -35.20
C THR B 15 -8.02 0.13 -34.59
N THR B 16 -8.26 -0.63 -33.52
CA THR B 16 -9.52 -0.57 -32.80
C THR B 16 -9.65 0.69 -31.95
N ARG B 17 -8.51 1.34 -31.68
CA ARG B 17 -8.45 2.55 -30.85
C ARG B 17 -9.26 3.69 -31.47
N ARG B 18 -9.27 3.76 -32.82
CA ARG B 18 -10.12 4.68 -33.57
C ARG B 18 -11.59 4.49 -33.23
N ILE B 19 -12.02 3.23 -33.09
CA ILE B 19 -13.39 2.95 -32.67
C ILE B 19 -13.60 3.37 -31.22
N TRP B 20 -12.58 3.22 -30.37
CA TRP B 20 -12.75 3.50 -28.95
C TRP B 20 -12.74 4.99 -28.67
N PHE B 21 -11.67 5.68 -29.09
CA PHE B 21 -11.45 7.08 -28.74
C PHE B 21 -12.50 8.00 -29.36
N GLY B 22 -13.07 7.61 -30.50
CA GLY B 22 -14.17 8.37 -31.08
C GLY B 22 -15.43 8.35 -30.24
N ILE B 23 -15.62 7.31 -29.43
CA ILE B 23 -16.67 7.35 -28.43
C ILE B 23 -16.30 8.31 -27.31
N ALA B 24 -15.03 8.35 -26.93
CA ALA B 24 -14.64 9.09 -25.74
C ALA B 24 -14.21 10.52 -26.00
N THR B 25 -13.85 10.86 -27.24
CA THR B 25 -13.63 12.25 -27.64
C THR B 25 -14.85 12.84 -28.31
N ALA B 26 -16.02 12.21 -28.14
CA ALA B 26 -17.21 12.61 -28.86
C ALA B 26 -17.76 13.94 -28.38
N HIS B 27 -17.69 14.20 -27.08
CA HIS B 27 -18.24 15.43 -26.52
C HIS B 27 -17.18 16.45 -26.16
N ASP B 28 -15.90 16.13 -26.35
CA ASP B 28 -14.82 17.10 -26.16
C ASP B 28 -14.75 17.96 -27.41
N PHE B 29 -15.67 18.92 -27.50
CA PHE B 29 -15.93 19.63 -28.74
C PHE B 29 -14.79 20.58 -29.11
N GLU B 30 -14.06 21.11 -28.14
CA GLU B 30 -13.02 22.09 -28.43
C GLU B 30 -11.74 21.44 -28.92
N SER B 31 -11.57 20.14 -28.76
CA SER B 31 -10.42 19.41 -29.26
C SER B 31 -10.61 18.89 -30.67
N HIS B 32 -11.75 19.20 -31.31
CA HIS B 32 -12.05 18.74 -32.64
C HIS B 32 -11.24 19.51 -33.69
N ASP B 33 -11.17 18.95 -34.89
CA ASP B 33 -10.44 19.55 -35.99
C ASP B 33 -11.35 20.45 -36.80
N ASP B 34 -10.76 21.52 -37.37
CA ASP B 34 -11.43 22.56 -38.16
C ASP B 34 -12.59 23.18 -37.37
N MET B 35 -12.30 23.51 -36.11
CA MET B 35 -13.33 23.74 -35.11
C MET B 35 -13.24 25.18 -34.65
N THR B 36 -14.37 25.85 -34.52
CA THR B 36 -14.38 27.29 -34.25
C THR B 36 -15.17 27.59 -32.98
N GLU B 37 -15.24 28.89 -32.65
CA GLU B 37 -15.92 29.37 -31.46
C GLU B 37 -17.44 29.20 -31.57
N GLU B 38 -18.00 29.62 -32.72
CA GLU B 38 -19.44 29.60 -32.93
C GLU B 38 -19.97 28.17 -32.94
N ARG B 39 -19.26 27.26 -33.62
CA ARG B 39 -19.66 25.86 -33.66
C ARG B 39 -19.56 25.22 -32.29
N LEU B 40 -18.55 25.62 -31.50
CA LEU B 40 -18.40 25.15 -30.12
C LEU B 40 -19.60 25.52 -29.27
N TYR B 41 -19.95 26.80 -29.25
CA TYR B 41 -21.04 27.24 -28.38
C TYR B 41 -22.41 26.78 -28.88
N GLN B 42 -22.61 26.69 -30.20
CA GLN B 42 -23.89 26.23 -30.70
C GLN B 42 -24.08 24.73 -30.53
N LYS B 43 -23.00 23.94 -30.70
CA LYS B 43 -23.10 22.51 -30.43
C LYS B 43 -23.29 22.23 -28.94
N ILE B 44 -22.67 23.03 -28.07
CA ILE B 44 -22.89 22.91 -26.63
C ILE B 44 -24.32 23.29 -26.26
N PHE B 45 -24.87 24.32 -26.91
CA PHE B 45 -26.24 24.76 -26.67
C PHE B 45 -27.26 23.72 -27.10
N ALA B 46 -27.06 23.10 -28.26
CA ALA B 46 -27.96 22.04 -28.71
C ALA B 46 -27.75 20.75 -27.91
N SER B 47 -26.54 20.53 -27.39
CA SER B 47 -26.31 19.40 -26.50
C SER B 47 -26.99 19.59 -25.16
N HIS B 48 -27.06 20.85 -24.69
CA HIS B 48 -27.85 21.18 -23.51
C HIS B 48 -29.32 20.90 -23.74
N PHE B 49 -29.82 21.27 -24.92
CA PHE B 49 -31.22 20.99 -25.26
C PHE B 49 -31.51 19.49 -25.33
N GLY B 50 -30.57 18.73 -25.89
CA GLY B 50 -30.71 17.28 -25.90
C GLY B 50 -30.64 16.68 -24.51
N GLN B 51 -29.82 17.26 -23.63
CA GLN B 51 -29.76 16.84 -22.24
C GLN B 51 -31.07 17.12 -21.50
N LEU B 52 -31.66 18.29 -21.73
CA LEU B 52 -32.97 18.63 -21.16
C LEU B 52 -34.06 17.70 -21.66
N ALA B 53 -34.00 17.36 -22.96
CA ALA B 53 -34.97 16.44 -23.53
C ALA B 53 -34.81 15.04 -22.98
N ILE B 54 -33.57 14.61 -22.72
CA ILE B 54 -33.34 13.29 -22.12
C ILE B 54 -33.86 13.23 -20.69
N ILE B 55 -33.61 14.30 -19.91
CA ILE B 55 -34.13 14.39 -18.53
C ILE B 55 -35.66 14.36 -18.52
N PHE B 56 -36.29 15.13 -19.40
CA PHE B 56 -37.75 15.14 -19.43
C PHE B 56 -38.33 13.85 -20.03
N LEU B 57 -37.62 13.19 -20.96
CA LEU B 57 -38.07 11.90 -21.48
C LEU B 57 -37.78 10.76 -20.52
N TRP B 58 -36.99 11.04 -19.49
CA TRP B 58 -36.69 10.11 -18.44
C TRP B 58 -37.80 10.20 -17.40
N THR B 59 -38.07 11.42 -16.94
CA THR B 59 -39.16 11.68 -16.01
C THR B 59 -40.51 11.25 -16.57
N SER B 60 -40.70 11.39 -17.90
CA SER B 60 -41.93 10.93 -18.54
C SER B 60 -42.08 9.42 -18.46
N GLY B 61 -40.98 8.67 -18.40
CA GLY B 61 -41.10 7.24 -18.41
C GLY B 61 -41.09 6.72 -16.99
N ASN B 62 -40.68 7.59 -16.08
CA ASN B 62 -40.74 7.26 -14.67
C ASN B 62 -42.08 7.64 -14.09
N LEU B 63 -42.85 8.41 -14.85
CA LEU B 63 -44.21 8.78 -14.52
C LEU B 63 -45.17 7.83 -15.20
N PHE B 64 -44.89 7.49 -16.47
CA PHE B 64 -45.66 6.51 -17.22
C PHE B 64 -45.61 5.13 -16.59
N HIS B 65 -44.47 4.72 -16.02
CA HIS B 65 -44.42 3.40 -15.40
C HIS B 65 -45.13 3.36 -14.05
N VAL B 66 -45.15 4.46 -13.32
CA VAL B 66 -45.94 4.52 -12.09
C VAL B 66 -47.43 4.58 -12.41
N ALA B 67 -47.80 5.33 -13.45
CA ALA B 67 -49.21 5.47 -13.81
C ALA B 67 -49.75 4.20 -14.45
N TRP B 68 -48.89 3.43 -15.12
CA TRP B 68 -49.31 2.27 -15.89
C TRP B 68 -49.17 0.97 -15.12
N GLN B 69 -47.97 0.67 -14.62
CA GLN B 69 -47.70 -0.58 -13.95
C GLN B 69 -47.54 -0.45 -12.44
N GLY B 70 -47.67 0.75 -11.88
CA GLY B 70 -47.51 0.96 -10.46
C GLY B 70 -48.84 1.25 -9.78
N ASN B 71 -48.92 0.92 -8.50
CA ASN B 71 -50.13 1.11 -7.72
C ASN B 71 -50.05 2.42 -6.93
N PHE B 72 -50.16 3.52 -7.68
CA PHE B 72 -50.08 4.83 -7.05
C PHE B 72 -51.33 5.18 -6.27
N GLU B 73 -52.50 4.73 -6.75
CA GLU B 73 -53.73 4.95 -6.01
C GLU B 73 -53.79 4.09 -4.76
N ALA B 74 -53.33 2.84 -4.86
CA ALA B 74 -53.29 1.94 -3.72
C ALA B 74 -52.27 2.40 -2.69
N TRP B 75 -51.17 3.02 -3.14
CA TRP B 75 -50.24 3.63 -2.21
C TRP B 75 -50.80 4.93 -1.64
N GLY B 76 -51.68 5.60 -2.37
CA GLY B 76 -52.30 6.80 -1.84
C GLY B 76 -53.34 6.49 -0.78
N GLN B 77 -53.98 5.33 -0.88
CA GLN B 77 -54.93 4.91 0.16
C GLN B 77 -54.21 4.54 1.46
N ASP B 78 -53.06 3.88 1.36
CA ASP B 78 -52.32 3.44 2.55
C ASP B 78 -50.83 3.50 2.24
N PRO B 79 -50.17 4.61 2.58
CA PRO B 79 -48.75 4.75 2.27
C PRO B 79 -47.81 4.09 3.27
N LEU B 80 -48.34 3.45 4.30
CA LEU B 80 -47.51 2.83 5.33
C LEU B 80 -47.34 1.33 5.14
N HIS B 81 -48.31 0.66 4.50
CA HIS B 81 -48.31 -0.78 4.39
C HIS B 81 -48.32 -1.26 2.94
N VAL B 82 -48.10 -0.36 1.98
CA VAL B 82 -48.06 -0.71 0.56
C VAL B 82 -46.68 -0.32 0.03
N ARG B 83 -46.02 -1.27 -0.60
CA ARG B 83 -44.74 -0.99 -1.23
C ARG B 83 -44.96 -0.27 -2.56
N PRO B 84 -44.24 0.83 -2.82
CA PRO B 84 -44.44 1.57 -4.07
C PRO B 84 -43.84 0.82 -5.25
N ILE B 85 -44.63 0.61 -6.29
CA ILE B 85 -44.22 -0.19 -7.44
C ILE B 85 -43.63 0.71 -8.52
N ALA B 86 -42.40 0.42 -8.93
CA ALA B 86 -41.76 1.18 -9.99
C ALA B 86 -42.35 0.85 -11.35
N HIS B 87 -42.17 -0.40 -11.77
CA HIS B 87 -42.60 -0.84 -13.10
C HIS B 87 -42.73 -2.36 -13.06
N ALA B 88 -43.46 -2.89 -14.04
CA ALA B 88 -43.60 -4.33 -14.14
C ALA B 88 -42.35 -4.94 -14.74
N ILE B 89 -42.18 -6.23 -14.51
CA ILE B 89 -41.05 -6.99 -15.04
C ILE B 89 -41.56 -7.97 -16.08
N TRP B 90 -40.98 -7.92 -17.27
CA TRP B 90 -41.18 -8.97 -18.27
C TRP B 90 -39.81 -9.56 -18.59
N ASP B 91 -39.49 -10.64 -17.90
CA ASP B 91 -38.24 -11.35 -18.05
C ASP B 91 -38.53 -12.73 -18.60
N PRO B 92 -38.01 -13.11 -19.77
CA PRO B 92 -38.21 -14.49 -20.26
C PRO B 92 -37.42 -15.54 -19.48
N HIS B 93 -36.53 -15.14 -18.59
CA HIS B 93 -35.65 -16.04 -17.87
C HIS B 93 -36.15 -16.39 -16.48
N PHE B 94 -37.24 -15.78 -16.03
CA PHE B 94 -37.85 -16.19 -14.78
C PHE B 94 -38.43 -17.59 -14.88
N GLY B 95 -38.18 -18.39 -13.84
CA GLY B 95 -39.02 -19.52 -13.55
C GLY B 95 -40.22 -19.09 -12.73
N GLN B 96 -41.07 -20.07 -12.43
CA GLN B 96 -42.24 -19.81 -11.59
C GLN B 96 -41.95 -19.33 -10.15
N PRO B 97 -40.89 -19.77 -9.44
CA PRO B 97 -40.54 -19.07 -8.19
C PRO B 97 -40.19 -17.60 -8.35
N ALA B 98 -39.58 -17.19 -9.47
CA ALA B 98 -39.23 -15.79 -9.64
C ALA B 98 -40.44 -14.93 -9.97
N VAL B 99 -41.40 -15.48 -10.73
CA VAL B 99 -42.65 -14.77 -10.97
C VAL B 99 -43.48 -14.70 -9.69
N GLU B 100 -43.51 -15.79 -8.92
CA GLU B 100 -44.29 -15.82 -7.69
C GLU B 100 -43.65 -15.05 -6.55
N ALA B 101 -42.35 -14.73 -6.64
CA ALA B 101 -41.66 -14.04 -5.56
C ALA B 101 -41.49 -12.54 -5.79
N PHE B 102 -41.48 -12.09 -7.04
CA PHE B 102 -41.38 -10.68 -7.34
C PHE B 102 -42.74 -9.99 -7.46
N THR B 103 -43.83 -10.72 -7.20
CA THR B 103 -45.17 -10.14 -7.21
C THR B 103 -45.45 -9.52 -5.85
N ARG B 104 -45.25 -8.20 -5.76
CA ARG B 104 -45.40 -7.47 -4.51
C ARG B 104 -46.35 -6.29 -4.71
N GLY B 105 -46.84 -5.77 -3.59
CA GLY B 105 -47.70 -4.60 -3.62
C GLY B 105 -49.09 -4.85 -4.14
N GLY B 106 -49.54 -6.11 -4.14
CA GLY B 106 -50.85 -6.44 -4.68
C GLY B 106 -50.96 -6.29 -6.18
N ALA B 107 -49.93 -6.66 -6.92
CA ALA B 107 -49.92 -6.54 -8.36
C ALA B 107 -50.34 -7.86 -9.01
N SER B 108 -50.62 -7.78 -10.31
CA SER B 108 -51.05 -8.95 -11.08
C SER B 108 -49.88 -9.77 -11.60
N GLY B 109 -48.65 -9.28 -11.49
CA GLY B 109 -47.50 -9.99 -11.98
C GLY B 109 -46.23 -9.59 -11.25
N PRO B 110 -45.07 -10.01 -11.77
CA PRO B 110 -43.80 -9.63 -11.13
C PRO B 110 -43.47 -8.18 -11.41
N VAL B 111 -43.25 -7.41 -10.35
CA VAL B 111 -43.06 -5.97 -10.43
C VAL B 111 -41.84 -5.58 -9.61
N ASN B 112 -41.32 -4.39 -9.91
CA ASN B 112 -40.17 -3.84 -9.19
C ASN B 112 -40.66 -2.78 -8.21
N ILE B 113 -40.18 -2.85 -6.97
CA ILE B 113 -40.62 -1.95 -5.92
C ILE B 113 -39.77 -0.68 -6.00
N ALA B 114 -40.43 0.48 -6.02
CA ALA B 114 -39.72 1.73 -6.30
C ALA B 114 -39.06 2.28 -5.06
N TYR B 115 -37.74 2.41 -5.10
CA TYR B 115 -36.96 2.92 -4.00
C TYR B 115 -36.34 4.28 -4.33
N SER B 116 -37.01 5.03 -5.21
CA SER B 116 -36.58 6.32 -5.72
C SER B 116 -37.33 7.49 -5.11
N GLY B 117 -38.32 7.22 -4.27
CA GLY B 117 -39.11 8.23 -3.60
C GLY B 117 -39.91 9.12 -4.52
N VAL B 118 -40.50 8.52 -5.54
CA VAL B 118 -41.24 9.29 -6.53
C VAL B 118 -42.70 9.28 -6.09
N TYR B 119 -43.10 8.28 -5.31
CA TYR B 119 -44.47 8.17 -4.86
C TYR B 119 -44.72 9.19 -3.75
N GLN B 120 -43.77 9.25 -2.81
CA GLN B 120 -43.79 10.23 -1.73
C GLN B 120 -43.75 11.66 -2.25
N TRP B 121 -42.97 11.88 -3.31
CA TRP B 121 -42.84 13.19 -3.93
C TRP B 121 -44.15 13.58 -4.62
N TRP B 122 -44.64 12.72 -5.51
CA TRP B 122 -45.86 13.00 -6.27
C TRP B 122 -47.08 13.05 -5.38
N TYR B 123 -47.05 12.37 -4.23
CA TYR B 123 -48.15 12.45 -3.29
C TYR B 123 -48.14 13.81 -2.61
N THR B 124 -46.99 14.22 -2.05
CA THR B 124 -46.87 15.52 -1.39
C THR B 124 -47.19 16.69 -2.32
N ILE B 125 -46.83 16.59 -3.60
CA ILE B 125 -46.99 17.72 -4.53
C ILE B 125 -48.41 17.85 -5.04
N GLY B 126 -49.20 16.78 -5.03
CA GLY B 126 -50.60 16.92 -5.37
C GLY B 126 -51.15 15.88 -6.32
N LEU B 127 -50.29 15.03 -6.86
CA LEU B 127 -50.73 14.02 -7.81
C LEU B 127 -51.33 12.86 -7.01
N ARG B 128 -52.54 12.44 -7.37
CA ARG B 128 -53.26 11.44 -6.61
C ARG B 128 -53.60 10.20 -7.41
N THR B 129 -54.14 10.36 -8.61
CA THR B 129 -54.57 9.22 -9.41
C THR B 129 -53.53 8.90 -10.48
N ASN B 130 -53.76 7.78 -11.18
CA ASN B 130 -52.89 7.41 -12.28
C ASN B 130 -53.11 8.30 -13.50
N GLN B 131 -54.31 8.88 -13.63
CA GLN B 131 -54.59 9.75 -14.77
C GLN B 131 -53.84 11.07 -14.67
N ASP B 132 -53.61 11.57 -13.45
CA ASP B 132 -52.83 12.78 -13.27
C ASP B 132 -51.36 12.54 -13.60
N LEU B 133 -50.82 11.37 -13.23
CA LEU B 133 -49.45 11.03 -13.59
C LEU B 133 -49.30 10.78 -15.09
N TYR B 134 -50.33 10.20 -15.72
CA TYR B 134 -50.31 10.02 -17.16
C TYR B 134 -50.35 11.37 -17.89
N GLY B 135 -51.18 12.30 -17.40
CA GLY B 135 -51.21 13.63 -17.99
C GLY B 135 -49.91 14.38 -17.80
N GLY B 136 -49.26 14.18 -16.65
CA GLY B 136 -47.92 14.73 -16.46
C GLY B 136 -46.89 14.11 -17.38
N SER B 137 -47.00 12.81 -17.65
CA SER B 137 -46.08 12.14 -18.57
C SER B 137 -46.26 12.64 -20.00
N ILE B 138 -47.51 12.84 -20.45
CA ILE B 138 -47.77 13.40 -21.78
C ILE B 138 -47.29 14.85 -21.86
N PHE B 139 -47.49 15.62 -20.78
CA PHE B 139 -47.04 17.01 -20.74
C PHE B 139 -45.52 17.11 -20.80
N LEU B 140 -44.81 16.20 -20.13
CA LEU B 140 -43.36 16.27 -20.19
C LEU B 140 -42.80 15.61 -21.45
N LEU B 141 -43.56 14.72 -22.10
CA LEU B 141 -43.26 14.32 -23.47
C LEU B 141 -43.33 15.52 -24.42
N PHE B 142 -44.35 16.37 -24.24
CA PHE B 142 -44.48 17.60 -25.03
C PHE B 142 -43.36 18.59 -24.72
N VAL B 143 -42.95 18.67 -23.46
CA VAL B 143 -41.90 19.60 -23.06
C VAL B 143 -40.54 19.15 -23.62
N SER B 144 -40.25 17.85 -23.56
CA SER B 144 -39.03 17.32 -24.18
C SER B 144 -39.07 17.43 -25.69
N ALA B 145 -40.24 17.28 -26.31
CA ALA B 145 -40.38 17.50 -27.75
C ALA B 145 -40.13 18.96 -28.13
N LEU B 146 -40.61 19.89 -27.29
CA LEU B 146 -40.36 21.32 -27.50
C LEU B 146 -38.87 21.63 -27.36
N PHE B 147 -38.20 20.98 -26.42
CA PHE B 147 -36.77 21.20 -26.26
C PHE B 147 -35.96 20.60 -27.40
N LEU B 148 -36.43 19.49 -27.98
CA LEU B 148 -35.80 18.97 -29.19
C LEU B 148 -36.01 19.89 -30.39
N ILE B 149 -37.21 20.48 -30.51
CA ILE B 149 -37.49 21.46 -31.56
C ILE B 149 -36.61 22.69 -31.40
N ALA B 150 -36.43 23.15 -30.15
CA ALA B 150 -35.58 24.31 -29.90
C ALA B 150 -34.11 24.00 -30.09
N GLY B 151 -33.68 22.77 -29.81
CA GLY B 151 -32.31 22.37 -30.08
C GLY B 151 -32.00 22.27 -31.56
N TRP B 152 -32.94 21.73 -32.33
CA TRP B 152 -32.79 21.73 -33.79
C TRP B 152 -32.84 23.14 -34.36
N LEU B 153 -33.66 24.00 -33.76
CA LEU B 153 -33.90 25.34 -34.28
C LEU B 153 -32.67 26.22 -34.15
N HIS B 154 -31.94 26.10 -33.06
CA HIS B 154 -30.77 26.95 -32.84
C HIS B 154 -29.52 26.46 -33.57
N LEU B 155 -29.58 25.31 -34.22
CA LEU B 155 -28.55 24.93 -35.17
C LEU B 155 -28.86 25.35 -36.59
N GLN B 156 -30.08 25.80 -36.86
CA GLN B 156 -30.40 26.37 -38.16
C GLN B 156 -29.77 27.75 -38.27
N PRO B 157 -29.26 28.11 -39.46
CA PRO B 157 -28.50 29.38 -39.60
C PRO B 157 -29.32 30.64 -39.41
N LYS B 158 -30.64 30.58 -39.53
CA LYS B 158 -31.47 31.73 -39.23
C LYS B 158 -31.51 32.03 -37.74
N TRP B 159 -31.48 30.99 -36.90
CA TRP B 159 -31.64 31.14 -35.47
C TRP B 159 -30.36 30.80 -34.70
N LYS B 160 -29.21 30.83 -35.36
CA LYS B 160 -27.94 30.59 -34.67
C LYS B 160 -27.58 31.81 -33.83
N PRO B 161 -27.36 31.67 -32.53
CA PRO B 161 -26.89 32.81 -31.73
C PRO B 161 -25.37 32.92 -31.71
N SER B 162 -24.88 34.15 -31.74
CA SER B 162 -23.46 34.40 -31.80
C SER B 162 -22.81 34.20 -30.43
N VAL B 163 -21.47 34.16 -30.43
CA VAL B 163 -20.69 33.94 -29.21
C VAL B 163 -20.84 35.11 -28.25
N SER B 164 -21.05 36.32 -28.78
CA SER B 164 -21.31 37.49 -27.94
C SER B 164 -22.64 37.37 -27.19
N TRP B 165 -23.62 36.66 -27.76
CA TRP B 165 -24.81 36.33 -26.99
C TRP B 165 -24.52 35.26 -25.95
N PHE B 166 -23.63 34.33 -26.27
CA PHE B 166 -23.29 33.25 -25.35
C PHE B 166 -22.44 33.74 -24.18
N LYS B 167 -21.54 34.68 -24.44
CA LYS B 167 -20.66 35.21 -23.42
C LYS B 167 -21.27 36.42 -22.69
N ASN B 168 -22.54 36.72 -22.94
CA ASN B 168 -23.28 37.75 -22.21
C ASN B 168 -23.62 37.21 -20.83
N ALA B 169 -22.70 37.39 -19.89
CA ALA B 169 -22.88 36.81 -18.56
C ALA B 169 -23.86 37.59 -17.70
N GLU B 170 -23.96 38.91 -17.92
CA GLU B 170 -24.84 39.74 -17.11
C GLU B 170 -26.31 39.46 -17.40
N SER B 171 -26.66 39.37 -18.68
CA SER B 171 -28.03 39.06 -19.08
C SER B 171 -28.41 37.63 -18.71
N ARG B 172 -27.45 36.71 -18.83
CA ARG B 172 -27.67 35.32 -18.43
C ARG B 172 -27.92 35.21 -16.93
N LEU B 173 -27.15 35.95 -16.12
CA LEU B 173 -27.36 35.90 -14.67
C LEU B 173 -28.65 36.59 -14.26
N ASN B 174 -29.00 37.72 -14.90
CA ASN B 174 -30.27 38.39 -14.58
C ASN B 174 -31.47 37.53 -14.95
N HIS B 175 -31.45 36.89 -16.12
CA HIS B 175 -32.59 36.07 -16.50
C HIS B 175 -32.54 34.68 -15.90
N HIS B 176 -31.43 34.27 -15.30
CA HIS B 176 -31.38 33.02 -14.55
C HIS B 176 -31.87 33.24 -13.13
N LEU B 177 -31.42 34.30 -12.48
CA LEU B 177 -31.86 34.58 -11.12
C LEU B 177 -33.30 35.06 -11.10
N SER B 178 -33.68 35.92 -12.05
CA SER B 178 -35.05 36.38 -12.16
C SER B 178 -35.98 35.29 -12.68
N GLY B 179 -35.61 34.63 -13.77
CA GLY B 179 -36.52 33.67 -14.38
C GLY B 179 -36.38 32.24 -13.92
N LEU B 180 -35.17 31.69 -13.94
CA LEU B 180 -34.98 30.26 -13.66
C LEU B 180 -35.16 30.01 -12.17
N PHE B 181 -34.64 30.88 -11.31
CA PHE B 181 -34.67 30.68 -9.87
C PHE B 181 -35.78 31.48 -9.20
N GLY B 182 -36.31 32.50 -9.86
CA GLY B 182 -37.32 33.32 -9.23
C GLY B 182 -38.74 33.01 -9.67
N VAL B 183 -39.00 33.06 -10.99
CA VAL B 183 -40.35 32.84 -11.50
C VAL B 183 -40.72 31.36 -11.50
N SER B 184 -39.75 30.49 -11.25
CA SER B 184 -40.03 29.06 -11.19
C SER B 184 -40.31 28.66 -9.76
N SER B 185 -39.74 29.38 -8.81
CA SER B 185 -40.03 29.13 -7.40
C SER B 185 -41.29 29.88 -6.99
N LEU B 186 -41.68 30.88 -7.79
CA LEU B 186 -42.94 31.59 -7.57
C LEU B 186 -44.05 30.85 -8.29
N ALA B 187 -43.67 30.15 -9.36
CA ALA B 187 -44.57 29.26 -10.07
C ALA B 187 -44.89 28.08 -9.15
N TRP B 188 -43.83 27.46 -8.63
CA TRP B 188 -43.89 26.44 -7.58
C TRP B 188 -44.86 26.90 -6.51
N THR B 189 -44.54 27.99 -5.77
CA THR B 189 -45.44 28.54 -4.74
C THR B 189 -46.91 28.59 -5.18
N GLY B 190 -47.15 28.96 -6.45
CA GLY B 190 -48.50 28.93 -7.00
C GLY B 190 -49.08 27.54 -7.13
N HIS B 191 -48.21 26.54 -7.28
CA HIS B 191 -48.66 25.15 -7.29
C HIS B 191 -48.93 24.71 -5.87
N LEU B 192 -47.89 24.76 -5.01
CA LEU B 192 -47.96 24.38 -3.59
C LEU B 192 -49.16 25.01 -2.85
N VAL B 193 -49.60 26.19 -3.28
CA VAL B 193 -50.69 26.92 -2.64
C VAL B 193 -52.00 26.55 -3.31
N HIS B 194 -52.00 26.45 -4.63
CA HIS B 194 -53.24 26.17 -5.36
C HIS B 194 -53.59 24.70 -5.31
N VAL B 195 -52.61 23.82 -5.46
CA VAL B 195 -52.85 22.39 -5.65
C VAL B 195 -52.45 21.57 -4.44
N ALA B 196 -51.20 21.72 -3.98
CA ALA B 196 -50.65 20.74 -3.03
C ALA B 196 -51.21 20.90 -1.62
N ILE B 197 -51.39 22.15 -1.17
CA ILE B 197 -52.04 22.41 0.11
C ILE B 197 -53.51 21.97 0.11
N PRO B 198 -54.37 22.29 -0.89
CA PRO B 198 -55.73 21.71 -0.84
C PRO B 198 -55.79 20.22 -1.08
N GLU B 199 -54.83 19.61 -1.79
CA GLU B 199 -54.82 18.16 -1.87
C GLU B 199 -54.33 17.52 -0.58
N SER B 200 -53.53 18.24 0.22
CA SER B 200 -53.25 17.78 1.58
C SER B 200 -54.45 17.96 2.48
N ARG B 201 -55.33 18.91 2.15
CA ARG B 201 -56.54 19.18 2.92
C ARG B 201 -57.79 18.62 2.25
N GLY B 202 -57.63 17.68 1.31
CA GLY B 202 -58.72 16.93 0.77
C GLY B 202 -59.40 17.54 -0.45
N GLU B 203 -59.19 18.82 -0.72
CA GLU B 203 -59.84 19.47 -1.85
C GLU B 203 -59.12 19.08 -3.14
N HIS B 204 -59.90 18.67 -4.14
CA HIS B 204 -59.37 18.21 -5.42
C HIS B 204 -59.29 19.41 -6.36
N VAL B 205 -58.12 20.03 -6.45
CA VAL B 205 -57.92 21.19 -7.32
C VAL B 205 -57.16 20.73 -8.55
N ARG B 206 -57.78 20.90 -9.72
CA ARG B 206 -57.17 20.55 -10.99
C ARG B 206 -57.27 21.73 -11.95
N TRP B 207 -56.96 21.49 -13.23
CA TRP B 207 -57.02 22.57 -14.21
C TRP B 207 -58.46 22.99 -14.52
N ASN B 208 -59.43 22.07 -14.35
CA ASN B 208 -60.81 22.40 -14.63
C ASN B 208 -61.42 23.34 -13.58
N ASN B 209 -60.94 23.25 -12.34
CA ASN B 209 -61.42 24.10 -11.26
C ASN B 209 -60.29 24.94 -10.66
N LEU B 210 -59.33 25.36 -11.48
CA LEU B 210 -58.25 26.22 -11.01
C LEU B 210 -58.75 27.63 -10.72
N LEU B 211 -59.61 28.15 -11.57
CA LEU B 211 -60.09 29.52 -11.44
C LEU B 211 -61.26 29.65 -10.46
N THR B 212 -61.77 28.54 -9.94
CA THR B 212 -62.90 28.56 -9.01
C THR B 212 -62.53 28.16 -7.59
N ALA B 213 -61.60 27.23 -7.42
CA ALA B 213 -61.18 26.80 -6.09
C ALA B 213 -60.25 27.86 -5.51
N LEU B 214 -60.79 28.67 -4.59
CA LEU B 214 -60.03 29.74 -3.98
C LEU B 214 -59.08 29.16 -2.94
N PRO B 215 -57.78 29.47 -2.99
CA PRO B 215 -56.83 28.83 -2.06
C PRO B 215 -56.95 29.31 -0.63
N HIS B 216 -57.52 30.48 -0.39
CA HIS B 216 -57.72 31.03 0.93
C HIS B 216 -59.18 31.43 1.07
N PRO B 217 -59.70 31.50 2.30
CA PRO B 217 -61.05 32.09 2.50
C PRO B 217 -61.17 33.54 2.03
N GLN B 218 -60.12 34.34 2.14
CA GLN B 218 -60.06 35.68 1.56
C GLN B 218 -58.80 35.72 0.71
N GLY B 219 -58.92 35.35 -0.56
CA GLY B 219 -57.78 35.26 -1.44
C GLY B 219 -57.53 36.56 -2.18
N LEU B 220 -56.25 36.98 -2.19
CA LEU B 220 -55.68 38.13 -2.89
C LEU B 220 -56.26 39.48 -2.44
N GLY B 221 -57.03 39.51 -1.36
CA GLY B 221 -57.43 40.73 -0.71
C GLY B 221 -56.44 41.19 0.34
N PRO B 222 -56.18 40.33 1.34
CA PRO B 222 -55.10 40.63 2.30
C PRO B 222 -53.69 40.64 1.72
N PHE B 223 -53.46 40.06 0.53
CA PHE B 223 -52.14 40.15 -0.08
C PHE B 223 -51.83 41.57 -0.53
N PHE B 224 -52.76 42.19 -1.25
CA PHE B 224 -52.54 43.52 -1.80
C PHE B 224 -52.85 44.63 -0.80
N ALA B 225 -53.51 44.31 0.31
CA ALA B 225 -53.77 45.29 1.35
C ALA B 225 -52.68 45.31 2.41
N GLY B 226 -51.72 44.38 2.36
CA GLY B 226 -50.56 44.38 3.21
C GLY B 226 -50.62 43.41 4.38
N GLN B 227 -51.81 43.07 4.85
CA GLN B 227 -51.93 42.16 6.00
C GLN B 227 -51.71 40.72 5.53
N TRP B 228 -50.43 40.35 5.46
CA TRP B 228 -50.05 39.03 4.99
C TRP B 228 -50.26 37.95 6.05
N ASN B 229 -50.44 38.34 7.32
CA ASN B 229 -50.60 37.38 8.41
C ASN B 229 -51.92 36.62 8.35
N VAL B 230 -52.88 37.10 7.54
CA VAL B 230 -54.10 36.36 7.24
C VAL B 230 -53.76 35.04 6.54
N TYR B 231 -52.68 35.03 5.75
CA TYR B 231 -52.19 33.81 5.14
C TYR B 231 -51.44 32.90 6.11
N ALA B 232 -51.24 33.32 7.36
CA ALA B 232 -50.68 32.48 8.41
C ALA B 232 -51.63 32.39 9.61
N GLN B 233 -52.93 32.50 9.36
CA GLN B 233 -53.88 32.69 10.46
C GLN B 233 -54.27 31.36 11.09
N ASN B 234 -54.74 30.40 10.29
CA ASN B 234 -55.23 29.12 10.78
C ASN B 234 -54.41 28.00 10.16
N PRO B 235 -53.32 27.59 10.79
CA PRO B 235 -52.49 26.52 10.24
C PRO B 235 -53.12 25.15 10.48
N ASP B 236 -52.49 24.14 9.87
CA ASP B 236 -52.90 22.76 10.10
C ASP B 236 -52.53 22.34 11.52
N SER B 237 -53.48 21.71 12.21
CA SER B 237 -53.26 21.30 13.58
C SER B 237 -52.45 20.02 13.64
N ASN B 238 -52.15 19.57 14.85
CA ASN B 238 -51.44 18.31 15.05
C ASN B 238 -52.33 17.09 14.91
N SER B 239 -53.65 17.27 14.81
CA SER B 239 -54.57 16.18 14.55
C SER B 239 -54.87 16.01 13.07
N HIS B 240 -54.17 16.75 12.21
CA HIS B 240 -54.42 16.70 10.78
C HIS B 240 -53.87 15.42 10.17
N LEU B 241 -54.73 14.68 9.48
CA LEU B 241 -54.31 13.55 8.68
C LEU B 241 -54.08 14.02 7.25
N PHE B 242 -53.00 13.54 6.64
CA PHE B 242 -52.58 14.03 5.33
C PHE B 242 -53.53 13.53 4.25
N GLY B 243 -53.98 14.45 3.39
CA GLY B 243 -54.91 14.13 2.33
C GLY B 243 -56.37 14.18 2.71
N THR B 244 -56.69 14.39 3.98
CA THR B 244 -58.07 14.44 4.45
C THR B 244 -58.40 15.83 4.95
N SER B 245 -59.68 16.19 4.88
CA SER B 245 -60.13 17.52 5.26
C SER B 245 -60.22 17.71 6.77
N GLU B 246 -60.30 16.64 7.54
CA GLU B 246 -60.48 16.74 8.98
C GLU B 246 -59.16 17.08 9.67
N GLY B 247 -59.23 18.00 10.64
CA GLY B 247 -58.06 18.47 11.34
C GLY B 247 -57.25 19.52 10.61
N ALA B 248 -57.71 19.97 9.44
CA ALA B 248 -56.94 20.85 8.58
C ALA B 248 -57.20 22.32 8.91
N GLY B 249 -56.33 23.18 8.39
CA GLY B 249 -56.47 24.61 8.51
C GLY B 249 -56.77 25.28 7.18
N THR B 250 -56.72 26.62 7.20
CA THR B 250 -56.96 27.41 6.01
C THR B 250 -55.76 28.24 5.57
N ALA B 251 -54.73 28.36 6.42
CA ALA B 251 -53.58 29.19 6.08
C ALA B 251 -52.69 28.52 5.05
N ILE B 252 -52.24 29.30 4.07
CA ILE B 252 -51.49 28.78 2.93
C ILE B 252 -49.99 29.00 3.11
N LEU B 253 -49.62 30.04 3.85
CA LEU B 253 -48.21 30.38 4.07
C LEU B 253 -47.96 30.46 5.57
N THR B 254 -47.65 29.34 6.19
CA THR B 254 -47.31 29.36 7.60
C THR B 254 -45.81 29.38 7.79
N PHE B 255 -45.39 29.50 9.04
CA PHE B 255 -44.00 29.58 9.44
C PHE B 255 -43.78 28.72 10.67
N LEU B 256 -44.42 27.54 10.67
CA LEU B 256 -44.48 26.70 11.87
C LEU B 256 -43.13 26.07 12.19
N GLY B 257 -42.44 25.57 11.18
CA GLY B 257 -41.21 24.85 11.39
C GLY B 257 -41.46 23.43 11.88
N GLY B 258 -40.38 22.65 11.92
CA GLY B 258 -40.52 21.30 12.40
C GLY B 258 -41.19 20.40 11.38
N PHE B 259 -41.96 19.43 11.88
CA PHE B 259 -42.55 18.38 11.07
C PHE B 259 -44.05 18.26 11.25
N HIS B 260 -44.70 17.80 10.20
CA HIS B 260 -46.06 17.31 10.30
C HIS B 260 -46.06 16.08 11.19
N PRO B 261 -46.92 16.01 12.22
CA PRO B 261 -46.77 14.95 13.23
C PRO B 261 -47.19 13.57 12.77
N GLN B 262 -47.92 13.47 11.66
CA GLN B 262 -48.35 12.16 11.18
C GLN B 262 -47.42 11.60 10.12
N THR B 263 -46.90 12.45 9.23
CA THR B 263 -45.99 12.02 8.18
C THR B 263 -44.51 12.10 8.56
N GLN B 264 -44.18 12.76 9.69
CA GLN B 264 -42.80 13.13 10.07
C GLN B 264 -42.08 13.86 8.93
N SER B 265 -42.78 14.81 8.31
CA SER B 265 -42.28 15.49 7.14
C SER B 265 -42.62 16.97 7.24
N LEU B 266 -41.99 17.77 6.39
CA LEU B 266 -42.20 19.21 6.39
C LEU B 266 -43.60 19.59 5.91
N TRP B 267 -44.06 20.73 6.41
CA TRP B 267 -45.38 21.25 6.15
C TRP B 267 -45.42 21.92 4.78
N LEU B 268 -46.45 21.60 3.98
CA LEU B 268 -46.56 22.17 2.63
C LEU B 268 -46.78 23.68 2.66
N THR B 269 -47.25 24.21 3.79
CA THR B 269 -47.50 25.62 3.95
C THR B 269 -46.18 26.32 4.23
N ASP B 270 -45.27 25.58 4.88
CA ASP B 270 -43.95 26.11 5.15
C ASP B 270 -43.14 26.05 3.88
N MET B 271 -43.28 24.99 3.08
CA MET B 271 -42.50 24.91 1.86
C MET B 271 -43.03 25.90 0.82
N ALA B 272 -44.31 26.28 0.95
CA ALA B 272 -44.89 27.29 0.07
C ALA B 272 -44.36 28.66 0.46
N HIS B 273 -44.23 28.90 1.76
CA HIS B 273 -43.68 30.16 2.22
C HIS B 273 -42.19 30.21 1.90
N HIS B 274 -41.53 29.05 1.99
CA HIS B 274 -40.10 28.90 1.68
C HIS B 274 -39.83 29.26 0.24
N HIS B 275 -40.81 29.03 -0.63
CA HIS B 275 -40.58 29.20 -2.05
C HIS B 275 -41.00 30.60 -2.44
N LEU B 276 -41.92 31.19 -1.66
CA LEU B 276 -42.26 32.58 -1.87
C LEU B 276 -41.11 33.47 -1.39
N ALA B 277 -40.25 32.93 -0.52
CA ALA B 277 -39.15 33.69 0.05
C ALA B 277 -37.95 33.53 -0.85
N ILE B 278 -37.70 32.32 -1.38
CA ILE B 278 -36.61 32.08 -2.32
C ILE B 278 -37.10 32.38 -3.75
N ALA B 279 -38.17 33.14 -3.85
CA ALA B 279 -38.70 33.63 -5.12
C ALA B 279 -38.65 35.14 -5.11
N VAL B 280 -39.13 35.79 -4.03
CA VAL B 280 -38.93 37.23 -3.87
C VAL B 280 -37.44 37.58 -3.82
N ILE B 281 -36.63 36.76 -3.14
CA ILE B 281 -35.22 37.12 -2.99
C ILE B 281 -34.43 36.81 -4.25
N PHE B 282 -34.93 35.94 -5.12
CA PHE B 282 -34.22 35.65 -6.35
C PHE B 282 -34.66 36.55 -7.48
N ILE B 283 -35.90 37.03 -7.46
CA ILE B 283 -36.30 38.02 -8.47
C ILE B 283 -35.67 39.37 -8.11
N ILE B 284 -35.54 39.67 -6.81
CA ILE B 284 -34.86 40.90 -6.41
C ILE B 284 -33.35 40.81 -6.68
N ALA B 285 -32.74 39.65 -6.43
CA ALA B 285 -31.34 39.43 -6.75
C ALA B 285 -31.08 39.33 -8.25
N GLY B 286 -32.10 39.07 -9.06
CA GLY B 286 -31.97 39.08 -10.51
C GLY B 286 -32.05 40.42 -11.19
N HIS B 287 -32.23 41.50 -10.43
CA HIS B 287 -32.16 42.85 -10.95
C HIS B 287 -30.84 43.51 -10.59
N MET B 288 -29.75 42.74 -10.62
CA MET B 288 -28.46 43.19 -10.13
C MET B 288 -27.55 43.68 -11.24
N TYR B 289 -27.41 42.93 -12.32
CA TYR B 289 -26.41 43.21 -13.33
C TYR B 289 -26.99 44.05 -14.46
N ARG B 290 -26.10 44.69 -15.21
CA ARG B 290 -26.48 45.64 -16.25
C ARG B 290 -26.60 44.92 -17.58
N THR B 291 -27.77 44.99 -18.21
CA THR B 291 -27.98 44.37 -19.51
C THR B 291 -28.24 45.40 -20.61
N ASN B 292 -29.34 46.15 -20.50
CA ASN B 292 -29.84 46.95 -21.60
C ASN B 292 -30.39 48.30 -21.19
N PHE B 293 -30.41 48.63 -19.90
CA PHE B 293 -31.24 49.72 -19.41
C PHE B 293 -30.48 50.74 -18.58
N GLY B 294 -29.16 50.75 -18.65
CA GLY B 294 -28.36 51.74 -17.94
C GLY B 294 -28.03 51.42 -16.49
N ILE B 295 -29.01 50.97 -15.72
CA ILE B 295 -28.75 50.56 -14.34
C ILE B 295 -28.16 49.16 -14.33
N GLY B 296 -27.55 48.81 -13.22
CA GLY B 296 -27.01 47.49 -13.02
C GLY B 296 -25.51 47.51 -12.79
N HIS B 297 -24.93 46.31 -12.82
CA HIS B 297 -23.51 46.12 -12.61
C HIS B 297 -22.84 45.57 -13.86
N SER B 298 -21.61 46.01 -14.09
CA SER B 298 -20.67 45.31 -14.94
C SER B 298 -19.76 44.50 -14.04
N MET B 299 -19.76 43.18 -14.21
CA MET B 299 -18.98 42.30 -13.34
C MET B 299 -17.49 42.42 -13.58
N LYS B 300 -17.09 42.89 -14.77
CA LYS B 300 -15.69 43.17 -15.03
C LYS B 300 -15.16 44.27 -14.11
N GLU B 301 -15.92 45.33 -13.91
CA GLU B 301 -15.48 46.39 -13.02
C GLU B 301 -15.66 46.04 -11.54
N ILE B 302 -16.57 45.11 -11.23
CA ILE B 302 -16.64 44.58 -9.86
C ILE B 302 -15.39 43.79 -9.54
N LEU B 303 -14.97 42.91 -10.46
CA LEU B 303 -13.75 42.14 -10.25
C LEU B 303 -12.49 43.00 -10.33
N GLU B 304 -12.49 44.04 -11.16
CA GLU B 304 -11.37 44.97 -11.21
C GLU B 304 -11.27 45.80 -9.94
N ALA B 305 -12.40 46.23 -9.40
CA ALA B 305 -12.40 47.09 -8.22
C ALA B 305 -12.19 46.33 -6.92
N HIS B 306 -12.23 45.01 -6.94
CA HIS B 306 -12.08 44.22 -5.72
C HIS B 306 -10.64 43.75 -5.55
N THR B 307 -9.76 44.74 -5.42
CA THR B 307 -8.34 44.51 -5.16
C THR B 307 -8.00 45.06 -3.78
N PRO B 308 -7.48 44.25 -2.86
CA PRO B 308 -7.00 44.77 -1.58
C PRO B 308 -5.79 45.65 -1.78
N PRO B 309 -5.77 46.85 -1.17
CA PRO B 309 -4.69 47.80 -1.45
C PRO B 309 -3.37 47.48 -0.78
N GLY B 310 -3.33 46.51 0.14
CA GLY B 310 -2.08 46.08 0.72
C GLY B 310 -1.26 45.15 -0.13
N GLY B 311 -1.82 44.66 -1.23
CA GLY B 311 -1.10 43.79 -2.13
C GLY B 311 -1.01 42.35 -1.69
N ARG B 312 -1.79 41.95 -0.69
CA ARG B 312 -1.76 40.56 -0.23
C ARG B 312 -2.44 39.62 -1.20
N LEU B 313 -3.39 40.12 -1.98
CA LEU B 313 -4.01 39.35 -3.06
C LEU B 313 -3.45 39.70 -4.42
N GLY B 314 -2.36 40.46 -4.48
CA GLY B 314 -1.75 40.85 -5.73
C GLY B 314 -2.56 41.91 -6.45
N ARG B 315 -3.02 41.58 -7.66
CA ARG B 315 -3.94 42.44 -8.38
C ARG B 315 -5.40 42.13 -8.05
N GLY B 316 -5.65 41.22 -7.12
CA GLY B 316 -7.01 40.91 -6.75
C GLY B 316 -7.66 40.03 -7.80
N HIS B 317 -8.81 40.47 -8.30
CA HIS B 317 -9.56 39.73 -9.30
C HIS B 317 -9.56 40.43 -10.66
N LYS B 318 -8.53 41.23 -10.93
CA LYS B 318 -8.41 41.91 -12.21
C LYS B 318 -8.09 40.91 -13.31
N GLY B 319 -8.87 40.96 -14.39
CA GLY B 319 -8.72 40.03 -15.47
C GLY B 319 -9.42 38.70 -15.28
N LEU B 320 -10.18 38.53 -14.20
CA LEU B 320 -10.89 37.28 -13.99
C LEU B 320 -12.21 37.20 -14.74
N TYR B 321 -12.83 38.33 -15.08
CA TYR B 321 -14.11 38.27 -15.82
C TYR B 321 -13.92 37.71 -17.21
N ASP B 322 -12.87 38.16 -17.92
CA ASP B 322 -12.55 37.58 -19.21
C ASP B 322 -12.03 36.16 -19.08
N THR B 323 -11.40 35.85 -17.94
CA THR B 323 -10.92 34.48 -17.68
C THR B 323 -12.08 33.50 -17.53
N ILE B 324 -13.12 33.87 -16.80
CA ILE B 324 -14.30 33.00 -16.70
C ILE B 324 -15.09 33.01 -18.00
N ASN B 325 -15.29 34.19 -18.60
CA ASN B 325 -16.19 34.32 -19.74
C ASN B 325 -15.62 33.69 -21.00
N ASN B 326 -14.29 33.66 -21.15
CA ASN B 326 -13.69 33.01 -22.30
C ASN B 326 -13.50 31.50 -22.11
N SER B 327 -13.39 31.04 -20.87
CA SER B 327 -13.12 29.63 -20.60
C SER B 327 -14.42 28.94 -20.20
N LEU B 328 -14.87 28.02 -21.05
CA LEU B 328 -16.05 27.23 -20.73
C LEU B 328 -15.77 26.24 -19.61
N HIS B 329 -14.52 25.82 -19.46
CA HIS B 329 -14.17 24.88 -18.41
C HIS B 329 -14.14 25.53 -17.04
N PHE B 330 -13.86 26.83 -16.96
CA PHE B 330 -13.99 27.56 -15.70
C PHE B 330 -15.44 27.65 -15.26
N GLN B 331 -16.34 28.00 -16.19
CA GLN B 331 -17.77 28.08 -15.86
C GLN B 331 -18.34 26.72 -15.51
N LEU B 332 -17.91 25.68 -16.22
CA LEU B 332 -18.40 24.34 -15.93
C LEU B 332 -17.83 23.82 -14.61
N GLY B 333 -16.59 24.15 -14.29
CA GLY B 333 -16.03 23.76 -13.00
C GLY B 333 -16.67 24.50 -11.84
N LEU B 334 -16.98 25.79 -12.01
CA LEU B 334 -17.71 26.54 -10.99
C LEU B 334 -19.12 26.00 -10.81
N ALA B 335 -19.78 25.66 -11.92
CA ALA B 335 -21.13 25.13 -11.86
C ALA B 335 -21.16 23.75 -11.21
N LEU B 336 -20.16 22.91 -11.49
CA LEU B 336 -20.09 21.62 -10.84
C LEU B 336 -19.61 21.71 -9.39
N ALA B 337 -18.84 22.72 -9.03
CA ALA B 337 -18.47 22.88 -7.62
C ALA B 337 -19.67 23.28 -6.79
N SER B 338 -20.43 24.25 -7.30
CA SER B 338 -21.67 24.66 -6.65
C SER B 338 -22.72 23.54 -6.67
N LEU B 339 -22.75 22.76 -7.76
CA LEU B 339 -23.71 21.69 -7.87
C LEU B 339 -23.36 20.53 -6.94
N GLY B 340 -22.07 20.23 -6.75
CA GLY B 340 -21.73 19.21 -5.77
C GLY B 340 -22.00 19.65 -4.34
N VAL B 341 -21.84 20.97 -4.07
CA VAL B 341 -22.03 21.43 -2.70
C VAL B 341 -23.52 21.57 -2.41
N ILE B 342 -24.36 21.52 -3.44
CA ILE B 342 -25.79 21.61 -3.21
C ILE B 342 -26.46 20.30 -3.48
N THR B 343 -25.77 19.33 -4.10
CA THR B 343 -26.32 18.00 -4.23
C THR B 343 -26.04 17.25 -2.94
N SER B 344 -25.08 17.80 -2.18
CA SER B 344 -24.73 17.21 -0.91
C SER B 344 -25.52 17.92 0.16
N LEU B 345 -25.96 19.13 -0.14
CA LEU B 345 -26.83 19.86 0.76
C LEU B 345 -28.25 19.32 0.58
N VAL B 346 -28.52 18.78 -0.61
CA VAL B 346 -29.77 18.07 -0.89
C VAL B 346 -29.80 16.80 -0.05
N ALA B 347 -28.70 16.02 -0.10
CA ALA B 347 -28.62 14.74 0.60
C ALA B 347 -28.71 14.94 2.11
N GLN B 348 -28.14 16.03 2.64
CA GLN B 348 -28.07 16.23 4.08
C GLN B 348 -29.38 16.77 4.62
N HIS B 349 -30.24 17.32 3.76
CA HIS B 349 -31.45 18.00 4.21
C HIS B 349 -32.72 17.31 3.76
N MET B 350 -32.65 16.09 3.23
CA MET B 350 -33.87 15.36 2.90
C MET B 350 -33.96 14.11 3.74
N TYR B 351 -32.99 13.89 4.63
CA TYR B 351 -33.06 12.78 5.56
C TYR B 351 -33.36 13.28 6.95
N SER B 352 -32.83 14.46 7.28
CA SER B 352 -32.96 15.07 8.58
C SER B 352 -34.20 15.92 8.65
N LEU B 353 -34.56 16.56 7.53
CA LEU B 353 -35.78 17.34 7.38
C LEU B 353 -36.52 16.78 6.19
N PRO B 354 -37.20 15.64 6.32
CA PRO B 354 -37.86 15.00 5.18
C PRO B 354 -38.90 15.91 4.56
N PRO B 355 -38.79 16.22 3.27
CA PRO B 355 -39.72 17.19 2.68
C PRO B 355 -40.98 16.59 2.08
N TYR B 356 -41.07 15.27 1.97
CA TYR B 356 -42.16 14.62 1.25
C TYR B 356 -42.90 13.73 2.21
N ALA B 357 -44.22 13.65 2.03
CA ALA B 357 -45.08 12.90 2.93
C ALA B 357 -44.73 11.42 2.89
N PHE B 358 -44.74 10.79 4.07
CA PHE B 358 -44.43 9.37 4.30
C PHE B 358 -43.11 8.91 3.67
N LEU B 359 -42.14 9.82 3.57
CA LEU B 359 -40.77 9.50 3.14
C LEU B 359 -39.88 9.08 4.30
N ALA B 360 -40.13 9.63 5.50
CA ALA B 360 -39.33 9.28 6.66
C ALA B 360 -39.62 7.86 7.14
N GLN B 361 -40.85 7.39 6.96
CA GLN B 361 -41.19 6.03 7.36
C GLN B 361 -40.63 4.99 6.42
N ASP B 362 -40.47 5.32 5.14
CA ASP B 362 -39.93 4.38 4.16
C ASP B 362 -38.42 4.50 4.22
N PHE B 363 -37.78 3.48 4.83
CA PHE B 363 -36.39 3.59 5.29
C PHE B 363 -35.39 3.38 4.15
N THR B 364 -35.59 2.33 3.36
CA THR B 364 -34.65 1.99 2.28
C THR B 364 -34.71 3.00 1.15
N THR B 365 -35.86 3.66 1.00
CA THR B 365 -36.00 4.74 0.04
C THR B 365 -35.17 5.94 0.45
N GLN B 366 -35.23 6.30 1.74
CA GLN B 366 -34.41 7.36 2.31
C GLN B 366 -32.91 7.02 2.20
N ALA B 367 -32.57 5.73 2.36
CA ALA B 367 -31.17 5.30 2.26
C ALA B 367 -30.66 5.44 0.84
N ALA B 368 -31.51 5.07 -0.13
CA ALA B 368 -31.19 5.19 -1.53
C ALA B 368 -31.05 6.65 -1.91
N LEU B 369 -31.95 7.49 -1.39
CA LEU B 369 -31.98 8.91 -1.73
C LEU B 369 -30.84 9.68 -1.09
N TYR B 370 -30.17 9.11 -0.08
CA TYR B 370 -29.01 9.78 0.47
C TYR B 370 -27.77 9.37 -0.29
N THR B 371 -27.70 8.07 -0.59
CA THR B 371 -26.55 7.50 -1.27
C THR B 371 -26.49 7.97 -2.71
N HIS B 372 -27.65 8.24 -3.30
CA HIS B 372 -27.77 8.76 -4.65
C HIS B 372 -27.11 10.12 -4.74
N HIS B 373 -27.50 11.03 -3.85
CA HIS B 373 -27.04 12.40 -4.01
C HIS B 373 -25.64 12.57 -3.45
N GLN B 374 -25.16 11.61 -2.68
CA GLN B 374 -23.79 11.67 -2.18
C GLN B 374 -22.82 11.03 -3.16
N TYR B 375 -23.31 10.20 -4.07
CA TYR B 375 -22.40 9.66 -5.07
C TYR B 375 -22.43 10.57 -6.28
N ILE B 376 -23.62 11.04 -6.68
CA ILE B 376 -23.77 11.99 -7.77
C ILE B 376 -23.06 13.29 -7.41
N ALA B 377 -22.89 13.57 -6.12
CA ALA B 377 -22.22 14.77 -5.69
C ALA B 377 -20.74 14.52 -5.52
N GLY B 378 -20.35 13.25 -5.33
CA GLY B 378 -18.93 13.05 -5.31
C GLY B 378 -18.35 12.82 -6.69
N PHE B 379 -19.20 12.81 -7.73
CA PHE B 379 -18.70 12.73 -9.09
C PHE B 379 -18.83 14.09 -9.74
N ILE B 380 -19.75 14.89 -9.23
CA ILE B 380 -19.91 16.24 -9.75
C ILE B 380 -18.80 17.13 -9.19
N MET B 381 -18.46 16.96 -7.90
CA MET B 381 -17.34 17.73 -7.31
C MET B 381 -15.99 17.36 -7.92
N THR B 382 -15.76 16.06 -8.19
CA THR B 382 -14.54 15.65 -8.88
C THR B 382 -14.52 16.13 -10.32
N GLY B 383 -15.69 16.21 -10.98
CA GLY B 383 -15.74 16.80 -12.30
C GLY B 383 -15.42 18.29 -12.29
N ALA B 384 -15.82 18.99 -11.21
CA ALA B 384 -15.46 20.40 -11.02
C ALA B 384 -13.96 20.57 -10.92
N PHE B 385 -13.31 19.72 -10.14
CA PHE B 385 -11.87 19.83 -9.95
C PHE B 385 -11.10 19.41 -11.21
N ALA B 386 -11.60 18.38 -11.89
CA ALA B 386 -11.03 17.97 -13.16
C ALA B 386 -11.16 19.06 -14.21
N HIS B 387 -12.29 19.79 -14.19
CA HIS B 387 -12.44 20.88 -15.13
C HIS B 387 -11.63 22.10 -14.75
N GLY B 388 -11.30 22.27 -13.47
CA GLY B 388 -10.27 23.24 -13.10
C GLY B 388 -8.92 22.89 -13.69
N ALA B 389 -8.59 21.59 -13.70
CA ALA B 389 -7.34 21.15 -14.33
C ALA B 389 -7.35 21.35 -15.85
N ILE B 390 -8.48 21.06 -16.50
CA ILE B 390 -8.60 21.27 -17.94
C ILE B 390 -8.58 22.76 -18.27
N PHE B 391 -9.14 23.61 -17.39
CA PHE B 391 -8.98 25.05 -17.54
C PHE B 391 -7.51 25.47 -17.45
N PHE B 392 -6.76 24.89 -16.50
CA PHE B 392 -5.37 25.31 -16.36
C PHE B 392 -4.50 24.82 -17.53
N ILE B 393 -4.86 23.73 -18.18
CA ILE B 393 -4.11 23.37 -19.38
C ILE B 393 -4.58 24.16 -20.60
N ARG B 394 -5.83 23.98 -21.03
CA ARG B 394 -6.21 24.46 -22.34
C ARG B 394 -6.94 25.81 -22.32
N ASP B 395 -7.09 26.45 -21.16
CA ASP B 395 -7.83 27.71 -21.12
C ASP B 395 -7.20 28.80 -20.26
N TYR B 396 -6.22 28.51 -19.41
CA TYR B 396 -5.64 29.51 -18.52
C TYR B 396 -4.51 30.24 -19.24
N ASN B 397 -4.65 31.56 -19.38
CA ASN B 397 -3.61 32.38 -19.96
C ASN B 397 -2.86 33.10 -18.85
N PRO B 398 -1.58 32.81 -18.63
CA PRO B 398 -0.82 33.55 -17.61
C PRO B 398 -0.59 35.02 -17.94
N GLU B 399 -0.66 35.40 -19.22
CA GLU B 399 -0.53 36.80 -19.58
C GLU B 399 -1.75 37.61 -19.17
N GLN B 400 -2.95 37.05 -19.37
CA GLN B 400 -4.18 37.75 -19.00
C GLN B 400 -4.37 37.76 -17.48
N ASN B 401 -4.02 36.67 -16.81
CA ASN B 401 -4.07 36.59 -15.36
C ASN B 401 -2.68 36.86 -14.83
N LYS B 402 -2.34 38.15 -14.72
CA LYS B 402 -1.03 38.59 -14.26
C LYS B 402 -1.15 39.06 -12.83
N ASP B 403 -0.64 38.24 -11.89
CA ASP B 403 -0.53 38.52 -10.46
C ASP B 403 -1.92 38.77 -9.83
N ASN B 404 -2.94 38.11 -10.36
CA ASN B 404 -4.25 38.11 -9.73
C ASN B 404 -4.33 36.97 -8.72
N VAL B 405 -5.53 36.66 -8.21
CA VAL B 405 -5.66 35.59 -7.23
C VAL B 405 -5.47 34.22 -7.89
N LEU B 406 -5.89 34.08 -9.14
CA LEU B 406 -5.79 32.81 -9.85
C LEU B 406 -4.34 32.50 -10.22
N ALA B 407 -3.57 33.52 -10.59
CA ALA B 407 -2.15 33.33 -10.81
C ALA B 407 -1.41 33.09 -9.50
N ARG B 408 -1.89 33.72 -8.42
CA ARG B 408 -1.23 33.54 -7.13
C ARG B 408 -1.52 32.17 -6.53
N MET B 409 -2.61 31.51 -6.97
CA MET B 409 -2.76 30.09 -6.65
C MET B 409 -1.66 29.24 -7.25
N LEU B 410 -1.23 29.56 -8.47
CA LEU B 410 -0.07 28.87 -9.03
C LEU B 410 1.22 29.31 -8.38
N GLU B 411 1.26 30.54 -7.84
CA GLU B 411 2.48 31.04 -7.20
C GLU B 411 2.79 30.30 -5.90
N HIS B 412 1.76 29.90 -5.13
CA HIS B 412 1.96 29.21 -3.87
C HIS B 412 1.31 27.83 -3.87
N LYS B 413 1.29 27.17 -5.03
CA LYS B 413 0.60 25.89 -5.19
C LYS B 413 1.24 24.76 -4.40
N GLU B 414 2.55 24.85 -4.16
CA GLU B 414 3.20 23.83 -3.35
C GLU B 414 2.84 23.96 -1.88
N ALA B 415 2.55 25.18 -1.42
CA ALA B 415 2.05 25.37 -0.06
C ALA B 415 0.67 24.77 0.12
N ILE B 416 -0.22 24.94 -0.86
CA ILE B 416 -1.56 24.37 -0.79
C ILE B 416 -1.52 22.84 -0.84
N ILE B 417 -0.70 22.29 -1.75
CA ILE B 417 -0.61 20.83 -1.86
C ILE B 417 0.06 20.22 -0.64
N SER B 418 1.10 20.87 -0.11
CA SER B 418 1.79 20.34 1.07
C SER B 418 0.95 20.47 2.33
N HIS B 419 0.10 21.50 2.43
CA HIS B 419 -0.71 21.63 3.64
C HIS B 419 -1.97 20.77 3.58
N LEU B 420 -2.52 20.54 2.38
CA LEU B 420 -3.52 19.49 2.21
C LEU B 420 -2.93 18.11 2.49
N SER B 421 -1.66 17.91 2.12
CA SER B 421 -0.95 16.67 2.43
C SER B 421 -0.76 16.50 3.94
N TRP B 422 -0.40 17.58 4.65
CA TRP B 422 -0.26 17.51 6.10
C TRP B 422 -1.60 17.23 6.77
N ALA B 423 -2.67 17.89 6.31
CA ALA B 423 -3.99 17.68 6.91
C ALA B 423 -4.50 16.27 6.65
N SER B 424 -4.28 15.75 5.44
CA SER B 424 -4.65 14.38 5.12
C SER B 424 -3.83 13.38 5.93
N LEU B 425 -2.53 13.63 6.10
CA LEU B 425 -1.70 12.72 6.88
C LEU B 425 -2.06 12.75 8.36
N PHE B 426 -2.39 13.94 8.88
CA PHE B 426 -2.84 14.12 10.26
C PHE B 426 -4.11 13.33 10.52
N LEU B 427 -5.12 13.55 9.67
CA LEU B 427 -6.39 12.85 9.79
C LEU B 427 -6.24 11.35 9.60
N GLY B 428 -5.37 10.92 8.70
CA GLY B 428 -5.16 9.49 8.49
C GLY B 428 -4.46 8.77 9.61
N PHE B 429 -3.30 9.29 10.10
CA PHE B 429 -2.68 8.69 11.29
C PHE B 429 -3.59 8.74 12.50
N HIS B 430 -4.33 9.83 12.69
CA HIS B 430 -5.12 9.93 13.90
C HIS B 430 -6.37 9.07 13.84
N THR B 431 -7.08 9.06 12.72
CA THR B 431 -8.28 8.25 12.59
C THR B 431 -7.94 6.77 12.54
N LEU B 432 -6.90 6.39 11.79
CA LEU B 432 -6.50 5.00 11.73
C LEU B 432 -5.93 4.52 13.06
N GLY B 433 -5.13 5.35 13.72
CA GLY B 433 -4.57 4.96 15.01
C GLY B 433 -5.62 4.83 16.10
N LEU B 434 -6.62 5.72 16.10
CA LEU B 434 -7.68 5.60 17.09
C LEU B 434 -8.61 4.42 16.79
N TYR B 435 -8.94 4.15 15.52
CA TYR B 435 -9.76 2.98 15.21
C TYR B 435 -9.02 1.67 15.47
N VAL B 436 -7.72 1.62 15.13
CA VAL B 436 -6.92 0.42 15.36
C VAL B 436 -6.68 0.24 16.86
N HIS B 437 -6.53 1.34 17.60
CA HIS B 437 -6.42 1.27 19.05
C HIS B 437 -7.70 0.73 19.70
N ASN B 438 -8.86 1.24 19.28
CA ASN B 438 -10.13 0.71 19.78
C ASN B 438 -10.39 -0.73 19.36
N ASP B 439 -9.90 -1.12 18.18
CA ASP B 439 -9.91 -2.52 17.77
C ASP B 439 -9.05 -3.39 18.67
N VAL B 440 -7.85 -2.91 19.03
CA VAL B 440 -6.96 -3.67 19.89
C VAL B 440 -7.57 -3.81 21.29
N MET B 441 -8.21 -2.76 21.80
CA MET B 441 -8.80 -2.83 23.13
C MET B 441 -10.06 -3.70 23.18
N LEU B 442 -10.87 -3.71 22.11
CA LEU B 442 -11.94 -4.72 22.07
C LEU B 442 -11.41 -6.12 21.83
N ALA B 443 -10.29 -6.25 21.14
CA ALA B 443 -9.66 -7.55 20.98
C ALA B 443 -9.06 -8.05 22.28
N PHE B 444 -8.46 -7.15 23.06
CA PHE B 444 -7.77 -7.52 24.28
C PHE B 444 -8.70 -7.59 25.49
N GLY B 445 -10.01 -7.65 25.25
CA GLY B 445 -10.98 -7.86 26.30
C GLY B 445 -11.31 -6.66 27.14
N THR B 446 -10.82 -5.46 26.76
CA THR B 446 -10.97 -4.25 27.56
C THR B 446 -11.64 -3.14 26.75
N PRO B 447 -12.99 -3.09 26.68
CA PRO B 447 -13.64 -1.97 25.97
C PRO B 447 -13.40 -0.61 26.60
N GLU B 448 -13.09 -0.56 27.89
CA GLU B 448 -12.89 0.69 28.63
C GLU B 448 -11.58 1.38 28.29
N LYS B 449 -10.63 0.70 27.65
CA LYS B 449 -9.33 1.26 27.33
C LYS B 449 -9.32 2.01 26.01
N GLN B 450 -10.46 2.13 25.34
CA GLN B 450 -10.56 2.88 24.11
C GLN B 450 -10.33 4.37 24.34
N ILE B 451 -9.74 5.03 23.36
CA ILE B 451 -9.76 6.49 23.30
C ILE B 451 -11.07 6.86 22.62
N LEU B 452 -12.05 7.23 23.43
CA LEU B 452 -13.34 7.66 22.94
C LEU B 452 -13.44 9.16 23.17
N ILE B 453 -13.64 9.91 22.11
CA ILE B 453 -13.70 11.36 22.20
C ILE B 453 -15.12 11.78 21.88
N GLU B 454 -15.78 12.38 22.86
CA GLU B 454 -17.11 12.92 22.65
C GLU B 454 -17.02 14.14 21.74
N PRO B 455 -17.76 14.18 20.63
CA PRO B 455 -17.64 15.31 19.69
C PRO B 455 -18.36 16.54 20.22
N VAL B 456 -17.72 17.21 21.18
CA VAL B 456 -18.36 18.26 21.95
C VAL B 456 -18.55 19.54 21.15
N PHE B 457 -17.82 19.72 20.04
CA PHE B 457 -18.05 20.90 19.21
C PHE B 457 -19.36 20.78 18.45
N ALA B 458 -19.60 19.63 17.81
CA ALA B 458 -20.85 19.43 17.09
C ALA B 458 -22.01 19.17 18.05
N GLN B 459 -21.73 18.62 19.23
CA GLN B 459 -22.76 18.51 20.27
C GLN B 459 -23.11 19.89 20.82
N TRP B 460 -22.12 20.79 20.91
CA TRP B 460 -22.40 22.17 21.27
C TRP B 460 -23.21 22.87 20.20
N ILE B 461 -22.99 22.55 18.93
CA ILE B 461 -23.79 23.12 17.85
C ILE B 461 -25.21 22.56 17.88
N GLN B 462 -25.37 21.27 18.22
CA GLN B 462 -26.71 20.70 18.40
C GLN B 462 -27.45 21.32 19.58
N SER B 463 -26.73 21.58 20.68
CA SER B 463 -27.35 22.29 21.79
C SER B 463 -27.60 23.76 21.46
N ALA B 464 -26.82 24.32 20.55
CA ALA B 464 -27.11 25.65 20.00
C ALA B 464 -28.33 25.64 19.11
N HIS B 465 -28.67 24.47 18.55
CA HIS B 465 -29.89 24.33 17.76
C HIS B 465 -31.12 24.12 18.63
N GLY B 466 -30.94 23.56 19.82
CA GLY B 466 -32.06 23.35 20.71
C GLY B 466 -32.13 21.98 21.33
N LYS B 467 -31.08 21.18 21.18
CA LYS B 467 -31.04 19.86 21.78
C LYS B 467 -30.68 19.97 23.25
N ALA B 468 -31.60 19.54 24.11
CA ALA B 468 -31.39 19.57 25.55
C ALA B 468 -30.81 18.26 26.08
N LEU B 469 -30.32 17.39 25.19
CA LEU B 469 -29.79 16.10 25.61
C LEU B 469 -28.43 16.23 26.28
N TYR B 470 -27.56 17.09 25.75
CA TYR B 470 -26.22 17.24 26.28
C TYR B 470 -26.14 18.23 27.44
N GLY B 471 -27.11 19.11 27.58
CA GLY B 471 -27.15 20.03 28.70
C GLY B 471 -26.12 21.14 28.66
N PHE B 472 -25.72 21.58 27.46
CA PHE B 472 -24.82 22.73 27.37
C PHE B 472 -25.54 24.02 27.77
N ASP B 473 -26.76 24.21 27.23
CA ASP B 473 -27.70 25.28 27.59
C ASP B 473 -27.10 26.68 27.38
N VAL B 474 -26.78 26.98 26.11
CA VAL B 474 -26.17 28.24 25.73
C VAL B 474 -27.18 29.14 25.03
N LEU B 475 -27.75 28.68 23.92
CA LEU B 475 -28.66 29.46 23.10
C LEU B 475 -29.56 28.48 22.35
N LEU B 476 -30.87 28.77 22.34
CA LEU B 476 -31.99 27.94 21.83
C LEU B 476 -32.25 26.67 22.63
N SER B 477 -31.39 26.35 23.60
CA SER B 477 -31.69 25.35 24.62
C SER B 477 -31.85 25.97 25.99
N SER B 478 -31.33 27.18 26.19
CA SER B 478 -31.59 27.98 27.36
C SER B 478 -32.59 29.08 27.00
N ALA B 479 -33.45 29.42 27.95
CA ALA B 479 -34.46 30.45 27.74
C ALA B 479 -33.93 31.86 27.95
N ASP B 480 -32.67 32.02 28.35
CA ASP B 480 -32.09 33.32 28.65
C ASP B 480 -31.37 33.93 27.45
N SER B 481 -31.38 33.27 26.28
CA SER B 481 -30.71 33.84 25.13
C SER B 481 -31.69 34.68 24.32
N PRO B 482 -31.22 35.79 23.71
CA PRO B 482 -32.11 36.60 22.86
C PRO B 482 -32.53 35.91 21.58
N ALA B 483 -31.75 34.95 21.07
CA ALA B 483 -32.15 34.22 19.88
C ALA B 483 -33.34 33.31 20.14
N PHE B 484 -33.37 32.69 21.33
CA PHE B 484 -34.50 31.86 21.74
C PHE B 484 -35.77 32.70 21.89
N ASN B 485 -35.67 33.82 22.60
CA ASN B 485 -36.82 34.69 22.81
C ASN B 485 -37.27 35.40 21.54
N ALA B 486 -36.37 35.57 20.57
CA ALA B 486 -36.76 36.02 19.25
C ALA B 486 -37.37 34.89 18.42
N GLY B 487 -37.12 33.63 18.78
CA GLY B 487 -37.65 32.53 18.01
C GLY B 487 -38.78 31.73 18.63
N GLN B 488 -38.99 31.84 19.94
CA GLN B 488 -39.91 30.96 20.67
C GLN B 488 -41.38 31.22 20.37
N THR B 489 -41.72 32.33 19.72
CA THR B 489 -43.09 32.56 19.27
C THR B 489 -43.23 32.43 17.77
N LEU B 490 -42.16 32.14 17.05
CA LEU B 490 -42.16 32.30 15.60
C LEU B 490 -41.98 30.98 14.87
N TRP B 491 -40.89 30.24 15.10
CA TRP B 491 -40.68 28.94 14.48
C TRP B 491 -40.28 27.85 15.46
N LEU B 492 -39.70 28.21 16.60
CA LEU B 492 -39.19 27.23 17.55
C LEU B 492 -40.20 26.26 18.20
N PRO B 493 -41.51 26.55 18.37
CA PRO B 493 -42.42 25.46 18.80
C PRO B 493 -42.51 24.26 17.85
N GLY B 494 -42.26 24.43 16.56
CA GLY B 494 -42.18 23.28 15.70
C GLY B 494 -40.80 22.66 15.71
N TRP B 495 -39.76 23.52 15.72
CA TRP B 495 -38.39 23.05 15.58
C TRP B 495 -37.91 22.29 16.81
N LEU B 496 -38.27 22.77 18.00
CA LEU B 496 -37.83 22.10 19.23
C LEU B 496 -38.54 20.77 19.42
N ASP B 497 -39.82 20.70 19.02
CA ASP B 497 -40.53 19.42 19.06
C ASP B 497 -39.99 18.44 18.02
N ALA B 498 -39.48 18.96 16.89
CA ALA B 498 -38.87 18.08 15.91
C ALA B 498 -37.46 17.63 16.30
N ILE B 499 -36.71 18.49 16.98
CA ILE B 499 -35.31 18.18 17.30
C ILE B 499 -35.14 17.47 18.64
N ASN B 500 -36.12 17.60 19.55
CA ASN B 500 -36.08 16.87 20.81
C ASN B 500 -36.67 15.48 20.69
N ASN B 501 -37.28 15.15 19.55
CA ASN B 501 -37.73 13.80 19.29
C ASN B 501 -36.51 12.96 18.98
N ASN B 502 -36.52 11.72 19.43
CA ASN B 502 -35.38 10.82 19.26
C ASN B 502 -35.64 9.74 18.23
N SER B 503 -36.83 9.72 17.62
CA SER B 503 -37.12 8.73 16.60
C SER B 503 -36.78 9.24 15.22
N ASN B 504 -36.81 10.55 15.01
CA ASN B 504 -36.48 11.11 13.71
C ASN B 504 -34.97 11.19 13.53
N SER B 505 -34.57 11.62 12.33
CA SER B 505 -33.17 11.80 11.97
C SER B 505 -32.74 13.26 11.99
N LEU B 506 -33.49 14.12 12.65
CA LEU B 506 -33.15 15.54 12.74
C LEU B 506 -32.15 15.72 13.87
N PHE B 507 -30.87 15.86 13.50
CA PHE B 507 -29.75 16.17 14.40
C PHE B 507 -29.60 15.09 15.46
N LEU B 508 -29.17 13.92 15.00
CA LEU B 508 -29.14 12.70 15.79
C LEU B 508 -28.13 12.81 16.93
N THR B 509 -28.33 11.97 17.94
CA THR B 509 -27.42 11.91 19.06
C THR B 509 -26.11 11.28 18.63
N ILE B 510 -25.04 12.08 18.67
CA ILE B 510 -23.75 11.66 18.15
C ILE B 510 -22.85 11.27 19.31
N GLY B 511 -21.87 10.42 19.02
CA GLY B 511 -20.97 9.92 20.03
C GLY B 511 -19.54 9.83 19.52
N PRO B 512 -18.70 9.08 20.25
CA PRO B 512 -17.30 8.92 19.83
C PRO B 512 -17.11 8.23 18.49
N GLY B 513 -17.98 7.29 18.14
CA GLY B 513 -17.94 6.71 16.81
C GLY B 513 -18.26 7.72 15.73
N ASP B 514 -19.17 8.65 16.01
CA ASP B 514 -19.49 9.74 15.09
C ASP B 514 -18.31 10.69 14.92
N PHE B 515 -17.59 10.97 16.01
CA PHE B 515 -16.35 11.75 15.97
C PHE B 515 -15.32 11.09 15.06
N LEU B 516 -15.12 9.78 15.26
CA LEU B 516 -14.11 9.04 14.52
C LEU B 516 -14.46 8.94 13.04
N VAL B 517 -15.73 8.74 12.71
CA VAL B 517 -16.06 8.64 11.30
C VAL B 517 -16.17 10.04 10.68
N HIS B 518 -16.36 11.10 11.47
CA HIS B 518 -16.29 12.44 10.91
C HIS B 518 -14.86 12.82 10.58
N HIS B 519 -13.90 12.33 11.36
CA HIS B 519 -12.50 12.43 10.93
C HIS B 519 -12.16 11.52 9.77
N ALA B 520 -12.84 10.38 9.62
CA ALA B 520 -12.75 9.63 8.38
C ALA B 520 -13.29 10.42 7.19
N ILE B 521 -14.40 11.14 7.39
CA ILE B 521 -14.99 11.98 6.36
C ILE B 521 -14.05 13.14 6.01
N ALA B 522 -13.46 13.76 7.03
CA ALA B 522 -12.50 14.84 6.81
C ALA B 522 -11.23 14.33 6.14
N LEU B 523 -10.79 13.11 6.47
CA LEU B 523 -9.73 12.43 5.73
C LEU B 523 -10.09 12.23 4.28
N GLY B 524 -11.33 11.81 4.00
CA GLY B 524 -11.73 11.54 2.64
C GLY B 524 -11.82 12.80 1.78
N LEU B 525 -12.48 13.84 2.32
CA LEU B 525 -12.54 15.13 1.62
C LEU B 525 -11.18 15.77 1.49
N HIS B 526 -10.33 15.65 2.51
CA HIS B 526 -9.01 16.28 2.47
C HIS B 526 -8.07 15.57 1.50
N THR B 527 -8.12 14.24 1.44
CA THR B 527 -7.24 13.54 0.52
C THR B 527 -7.75 13.62 -0.91
N THR B 528 -9.08 13.60 -1.12
CA THR B 528 -9.62 13.82 -2.45
C THR B 528 -9.31 15.24 -2.93
N THR B 529 -9.43 16.23 -2.04
CA THR B 529 -9.03 17.60 -2.34
C THR B 529 -7.53 17.70 -2.58
N LEU B 530 -6.73 16.91 -1.86
CA LEU B 530 -5.29 16.85 -2.08
C LEU B 530 -4.94 16.41 -3.49
N ILE B 531 -5.51 15.28 -3.93
CA ILE B 531 -5.21 14.78 -5.28
C ILE B 531 -5.76 15.71 -6.34
N LEU B 532 -6.91 16.34 -6.08
CA LEU B 532 -7.55 17.13 -7.11
C LEU B 532 -6.95 18.53 -7.22
N VAL B 533 -6.63 19.18 -6.10
CA VAL B 533 -5.86 20.43 -6.10
C VAL B 533 -4.46 20.20 -6.65
N LYS B 534 -3.86 19.04 -6.35
CA LYS B 534 -2.58 18.71 -6.93
C LYS B 534 -2.66 18.51 -8.45
N GLY B 535 -3.74 17.90 -8.93
CA GLY B 535 -3.92 17.77 -10.37
C GLY B 535 -4.20 19.09 -11.04
N ALA B 536 -5.00 19.94 -10.40
CA ALA B 536 -5.38 21.22 -11.00
C ALA B 536 -4.22 22.21 -11.01
N LEU B 537 -3.36 22.18 -10.01
CA LEU B 537 -2.31 23.19 -9.92
C LEU B 537 -1.00 22.72 -10.54
N ASP B 538 -0.73 21.41 -10.57
CA ASP B 538 0.34 20.87 -11.40
C ASP B 538 -0.14 20.49 -12.79
N ALA B 539 -1.23 21.12 -13.27
CA ALA B 539 -1.77 20.80 -14.59
C ALA B 539 -0.88 21.30 -15.70
N ARG B 540 -0.38 22.53 -15.58
CA ARG B 540 0.45 23.11 -16.63
C ARG B 540 1.84 22.49 -16.65
N GLY B 541 2.37 22.18 -15.47
CA GLY B 541 3.71 21.62 -15.40
C GLY B 541 4.13 21.47 -13.96
N SER B 542 5.27 20.83 -13.78
CA SER B 542 5.81 20.58 -12.46
C SER B 542 7.33 20.49 -12.57
N LYS B 543 7.97 20.14 -11.46
CA LYS B 543 9.43 20.01 -11.47
C LYS B 543 9.87 18.72 -12.17
N LEU B 544 9.02 17.70 -12.21
CA LEU B 544 9.35 16.50 -12.98
C LEU B 544 9.18 16.77 -14.47
N MET B 545 8.14 17.49 -14.85
CA MET B 545 7.85 17.72 -16.26
C MET B 545 7.22 19.09 -16.37
N PRO B 546 7.96 20.10 -16.86
CA PRO B 546 7.42 21.47 -16.90
C PRO B 546 6.48 21.75 -18.06
N ASP B 547 6.37 20.87 -19.05
CA ASP B 547 5.56 21.12 -20.23
C ASP B 547 4.36 20.19 -20.30
N LYS B 548 3.68 20.01 -19.16
CA LYS B 548 2.47 19.21 -19.11
C LYS B 548 1.31 19.86 -19.85
N LYS B 549 1.33 21.19 -20.00
CA LYS B 549 0.27 21.88 -20.73
C LYS B 549 0.37 21.61 -22.23
N GLU B 550 1.57 21.39 -22.75
CA GLU B 550 1.75 21.17 -24.18
C GLU B 550 1.50 19.72 -24.59
N PHE B 551 1.27 18.84 -23.63
CA PHE B 551 0.92 17.45 -23.88
C PHE B 551 -0.57 17.21 -23.75
N GLY B 552 -1.36 18.27 -23.61
CA GLY B 552 -2.78 18.12 -23.40
C GLY B 552 -3.12 17.81 -21.95
N TYR B 553 -4.39 17.51 -21.73
CA TYR B 553 -4.88 17.18 -20.40
C TYR B 553 -4.69 15.71 -20.07
N SER B 554 -5.30 14.84 -20.87
CA SER B 554 -5.31 13.41 -20.59
C SER B 554 -4.27 12.67 -21.45
N PHE B 555 -3.02 12.99 -21.22
CA PHE B 555 -1.95 12.22 -21.82
C PHE B 555 -1.51 11.10 -20.89
N PRO B 556 -1.06 9.93 -21.42
CA PRO B 556 -0.75 8.78 -20.56
C PRO B 556 0.41 8.96 -19.60
N CYS B 557 1.59 9.27 -20.14
CA CYS B 557 2.81 9.38 -19.36
C CYS B 557 3.81 10.18 -20.18
N ASP B 558 5.07 10.15 -19.75
CA ASP B 558 6.12 10.89 -20.43
C ASP B 558 7.34 9.98 -20.62
N GLY B 559 7.20 8.69 -20.33
CA GLY B 559 8.25 7.74 -20.58
C GLY B 559 8.90 7.24 -19.31
N PRO B 560 9.69 6.17 -19.41
CA PRO B 560 10.40 5.65 -18.22
C PRO B 560 11.59 6.49 -17.80
N GLY B 561 12.03 7.44 -18.62
CA GLY B 561 13.14 8.29 -18.26
C GLY B 561 12.78 9.28 -17.18
N ARG B 562 13.83 9.88 -16.62
CA ARG B 562 13.77 10.77 -15.45
C ARG B 562 13.08 10.08 -14.28
N GLY B 563 13.53 8.86 -13.99
CA GLY B 563 13.00 8.06 -12.91
C GLY B 563 11.76 7.25 -13.25
N GLY B 564 10.83 7.86 -14.00
CA GLY B 564 9.57 7.24 -14.31
C GLY B 564 8.43 8.20 -14.13
N THR B 565 7.59 8.34 -15.15
CA THR B 565 6.57 9.37 -15.18
C THR B 565 5.17 8.78 -15.37
N CYS B 566 4.87 7.71 -14.65
CA CYS B 566 3.55 7.11 -14.70
C CYS B 566 2.57 7.96 -13.92
N ASP B 567 1.35 8.12 -14.46
CA ASP B 567 0.25 8.89 -13.86
C ASP B 567 0.63 10.33 -13.58
N ILE B 568 1.43 10.91 -14.47
CA ILE B 568 1.92 12.27 -14.22
C ILE B 568 0.87 13.31 -14.57
N SER B 569 -0.10 12.98 -15.43
CA SER B 569 -1.05 13.95 -15.94
C SER B 569 -2.10 14.32 -14.89
N ALA B 570 -2.83 15.40 -15.19
CA ALA B 570 -3.88 15.86 -14.30
C ALA B 570 -5.13 14.98 -14.38
N TRP B 571 -5.37 14.37 -15.55
CA TRP B 571 -6.42 13.35 -15.67
C TRP B 571 -6.12 12.15 -14.80
N ASP B 572 -4.86 11.82 -14.62
CA ASP B 572 -4.51 10.71 -13.75
C ASP B 572 -4.69 11.07 -12.29
N ALA B 573 -4.55 12.34 -11.92
CA ALA B 573 -4.91 12.75 -10.57
C ALA B 573 -6.42 12.70 -10.35
N PHE B 574 -7.19 13.06 -11.39
CA PHE B 574 -8.64 12.86 -11.32
C PHE B 574 -8.99 11.38 -11.18
N TYR B 575 -8.29 10.54 -11.95
CA TYR B 575 -8.41 9.09 -11.92
C TYR B 575 -8.11 8.52 -10.53
N LEU B 576 -7.04 8.97 -9.90
CA LEU B 576 -6.70 8.52 -8.56
C LEU B 576 -7.64 9.09 -7.51
N ALA B 577 -8.28 10.22 -7.77
CA ALA B 577 -9.24 10.77 -6.82
C ALA B 577 -10.66 10.28 -7.03
N VAL B 578 -10.95 9.56 -8.11
CA VAL B 578 -12.24 8.87 -8.19
C VAL B 578 -12.28 7.70 -7.19
N PHE B 579 -11.14 7.02 -7.01
CA PHE B 579 -11.03 6.04 -5.92
C PHE B 579 -11.20 6.70 -4.56
N TRP B 580 -10.67 7.90 -4.39
CA TRP B 580 -10.85 8.60 -3.11
C TRP B 580 -12.24 9.14 -2.90
N MET B 581 -12.95 9.59 -3.94
CA MET B 581 -14.36 9.90 -3.69
C MET B 581 -15.17 8.64 -3.43
N LEU B 582 -14.84 7.52 -4.07
CA LEU B 582 -15.57 6.28 -3.81
C LEU B 582 -15.35 5.83 -2.38
N ASN B 583 -14.11 5.91 -1.89
CA ASN B 583 -13.80 5.59 -0.51
C ASN B 583 -14.43 6.58 0.47
N THR B 584 -14.44 7.87 0.11
CA THR B 584 -15.04 8.91 0.96
C THR B 584 -16.53 8.74 1.11
N ILE B 585 -17.24 8.63 -0.02
CA ILE B 585 -18.69 8.48 0.02
C ILE B 585 -19.08 7.08 0.48
N GLY B 586 -18.19 6.09 0.32
CA GLY B 586 -18.41 4.80 0.95
C GLY B 586 -18.38 4.89 2.46
N TRP B 587 -17.44 5.66 3.01
CA TRP B 587 -17.39 5.91 4.45
C TRP B 587 -18.60 6.72 4.91
N VAL B 588 -18.99 7.73 4.13
CA VAL B 588 -20.14 8.60 4.46
C VAL B 588 -21.42 7.78 4.50
N THR B 589 -21.67 6.99 3.47
CA THR B 589 -22.91 6.23 3.39
C THR B 589 -22.88 4.98 4.25
N PHE B 590 -21.70 4.46 4.59
CA PHE B 590 -21.59 3.44 5.63
C PHE B 590 -22.03 4.00 6.96
N TYR B 591 -21.55 5.21 7.30
CA TYR B 591 -21.93 5.87 8.53
C TYR B 591 -23.42 6.21 8.54
N TRP B 592 -23.94 6.70 7.42
CA TRP B 592 -25.37 7.01 7.32
C TRP B 592 -26.21 5.75 7.50
N HIS B 593 -25.89 4.70 6.75
CA HIS B 593 -26.72 3.50 6.76
C HIS B 593 -26.61 2.73 8.06
N TRP B 594 -25.48 2.79 8.75
CA TRP B 594 -25.40 2.11 10.03
C TRP B 594 -25.90 2.96 11.19
N LYS B 595 -25.76 4.28 11.12
CA LYS B 595 -26.37 5.14 12.11
C LYS B 595 -27.89 5.10 12.02
N HIS B 596 -28.42 4.92 10.81
CA HIS B 596 -29.86 4.84 10.62
C HIS B 596 -30.40 3.43 10.75
N ILE B 597 -29.63 2.40 10.40
CA ILE B 597 -30.12 1.02 10.47
C ILE B 597 -30.17 0.55 11.93
N THR B 598 -29.48 1.24 12.82
CA THR B 598 -29.60 1.01 14.26
C THR B 598 -30.62 1.94 14.90
N LEU B 599 -30.86 3.10 14.30
CA LEU B 599 -31.91 3.99 14.77
C LEU B 599 -33.30 3.43 14.46
N TRP B 600 -33.45 2.84 13.28
CA TRP B 600 -34.77 2.48 12.79
C TRP B 600 -35.36 1.27 13.50
N GLN B 601 -34.52 0.35 13.96
CA GLN B 601 -34.97 -0.76 14.79
C GLN B 601 -34.77 -0.49 16.28
N GLY B 602 -34.30 0.70 16.65
CA GLY B 602 -34.32 1.11 18.03
C GLY B 602 -32.99 1.08 18.76
N ASN B 603 -32.19 0.04 18.55
CA ASN B 603 -30.98 -0.16 19.34
C ASN B 603 -29.86 0.71 18.78
N VAL B 604 -29.87 1.99 19.18
CA VAL B 604 -28.77 2.88 18.85
C VAL B 604 -27.52 2.59 19.67
N ALA B 605 -27.63 1.80 20.74
CA ALA B 605 -26.47 1.39 21.52
C ALA B 605 -25.55 0.45 20.75
N GLN B 606 -26.07 -0.28 19.76
CA GLN B 606 -25.21 -1.08 18.89
C GLN B 606 -24.25 -0.20 18.10
N PHE B 607 -24.74 0.91 17.55
CA PHE B 607 -23.85 1.86 16.89
C PHE B 607 -22.99 2.60 17.91
N ASN B 608 -23.54 2.91 19.08
CA ASN B 608 -22.78 3.68 20.08
C ASN B 608 -21.65 2.86 20.71
N GLU B 609 -21.74 1.54 20.69
CA GLU B 609 -20.68 0.69 21.18
C GLU B 609 -19.79 0.12 20.09
N SER B 610 -20.29 0.00 18.86
CA SER B 610 -19.60 -0.76 17.83
C SER B 610 -18.98 0.08 16.72
N SER B 611 -19.35 1.35 16.58
CA SER B 611 -18.81 2.16 15.50
C SER B 611 -17.45 2.77 15.80
N THR B 612 -16.97 2.63 17.03
CA THR B 612 -15.70 3.19 17.42
C THR B 612 -14.52 2.35 16.97
N TYR B 613 -14.75 1.11 16.55
CA TYR B 613 -13.71 0.20 16.13
C TYR B 613 -14.17 -0.53 14.88
N LEU B 614 -13.22 -0.88 14.02
CA LEU B 614 -13.54 -1.36 12.68
C LEU B 614 -14.05 -2.79 12.62
N MET B 615 -13.86 -3.58 13.67
CA MET B 615 -14.47 -4.91 13.69
C MET B 615 -15.97 -4.81 13.93
N GLY B 616 -16.43 -3.76 14.62
CA GLY B 616 -17.85 -3.51 14.69
C GLY B 616 -18.43 -3.12 13.34
N TRP B 617 -17.66 -2.36 12.57
CA TRP B 617 -18.07 -2.00 11.21
C TRP B 617 -18.09 -3.22 10.29
N LEU B 618 -17.13 -4.12 10.45
CA LEU B 618 -17.09 -5.32 9.61
C LEU B 618 -18.15 -6.32 10.02
N ARG B 619 -18.35 -6.51 11.32
CA ARG B 619 -19.18 -7.57 11.86
C ARG B 619 -20.64 -7.14 12.05
N ASP B 620 -20.86 -6.03 12.75
CA ASP B 620 -22.22 -5.61 13.06
C ASP B 620 -22.86 -4.79 11.95
N TYR B 621 -22.10 -4.36 10.95
CA TYR B 621 -22.68 -3.65 9.80
C TYR B 621 -22.49 -4.41 8.49
N LEU B 622 -21.27 -4.74 8.11
CA LEU B 622 -21.06 -5.39 6.82
C LEU B 622 -21.45 -6.85 6.84
N TRP B 623 -21.31 -7.53 7.98
CA TRP B 623 -21.65 -8.94 8.08
C TRP B 623 -23.06 -9.17 8.62
N LEU B 624 -23.49 -8.35 9.58
CA LEU B 624 -24.79 -8.58 10.22
C LEU B 624 -25.95 -8.19 9.30
N ASN B 625 -25.83 -7.04 8.62
CA ASN B 625 -26.89 -6.61 7.73
C ASN B 625 -26.92 -7.39 6.43
N SER B 626 -25.84 -8.08 6.08
CA SER B 626 -25.78 -8.91 4.89
C SER B 626 -26.32 -10.32 5.13
N SER B 627 -27.11 -10.54 6.18
CA SER B 627 -27.63 -11.87 6.47
C SER B 627 -28.68 -12.28 5.45
N GLN B 628 -29.66 -11.41 5.20
CA GLN B 628 -30.71 -11.68 4.23
C GLN B 628 -30.37 -11.16 2.84
N LEU B 629 -29.23 -10.49 2.68
CA LEU B 629 -28.76 -10.10 1.36
C LEU B 629 -28.35 -11.32 0.54
N ILE B 630 -27.33 -12.04 1.00
CA ILE B 630 -26.76 -13.16 0.27
C ILE B 630 -27.59 -14.43 0.38
N ASN B 631 -28.57 -14.45 1.28
CA ASN B 631 -29.60 -15.49 1.29
C ASN B 631 -30.80 -15.12 0.46
N GLY B 632 -30.65 -14.18 -0.47
CA GLY B 632 -31.71 -13.85 -1.41
C GLY B 632 -32.05 -15.00 -2.33
N TYR B 633 -31.05 -15.78 -2.73
CA TYR B 633 -31.30 -17.06 -3.37
C TYR B 633 -30.38 -18.11 -2.77
N ASN B 634 -30.92 -19.28 -2.51
CA ASN B 634 -30.26 -20.39 -1.85
C ASN B 634 -30.39 -21.62 -2.75
N PRO B 635 -29.73 -22.73 -2.40
CA PRO B 635 -30.13 -24.02 -2.97
C PRO B 635 -31.57 -24.41 -2.63
N PHE B 636 -32.06 -24.01 -1.46
CA PHE B 636 -33.43 -24.35 -1.05
C PHE B 636 -34.45 -23.55 -1.84
N GLY B 637 -34.16 -22.29 -2.12
CA GLY B 637 -35.11 -21.47 -2.86
C GLY B 637 -34.58 -20.06 -3.00
N MET B 638 -35.44 -19.19 -3.53
CA MET B 638 -35.07 -17.79 -3.75
C MET B 638 -36.14 -16.88 -3.18
N ASN B 639 -35.71 -15.74 -2.67
CA ASN B 639 -36.58 -14.74 -2.07
C ASN B 639 -36.78 -13.58 -3.03
N SER B 640 -37.43 -12.53 -2.54
CA SER B 640 -37.63 -11.31 -3.32
C SER B 640 -36.39 -10.42 -3.37
N LEU B 641 -35.38 -10.70 -2.56
CA LEU B 641 -34.13 -9.96 -2.60
C LEU B 641 -33.13 -10.59 -3.54
N SER B 642 -33.55 -11.59 -4.34
CA SER B 642 -32.64 -12.39 -5.15
C SER B 642 -31.97 -11.56 -6.22
N VAL B 643 -32.67 -10.54 -6.75
CA VAL B 643 -32.10 -9.66 -7.76
C VAL B 643 -31.07 -8.77 -7.10
N TRP B 644 -31.21 -8.56 -5.80
CA TRP B 644 -30.30 -7.73 -5.03
C TRP B 644 -29.16 -8.60 -4.53
N ALA B 645 -29.32 -9.92 -4.59
CA ALA B 645 -28.28 -10.86 -4.23
C ALA B 645 -27.39 -11.15 -5.41
N TRP B 646 -27.94 -11.04 -6.61
CA TRP B 646 -27.19 -11.21 -7.85
C TRP B 646 -26.40 -9.94 -8.16
N MET B 647 -27.05 -8.77 -7.96
CA MET B 647 -26.47 -7.43 -8.18
C MET B 647 -25.35 -7.13 -7.19
N PHE B 648 -25.33 -7.85 -6.07
CA PHE B 648 -24.27 -7.72 -5.11
C PHE B 648 -23.06 -8.48 -5.62
N LEU B 649 -23.30 -9.74 -6.04
CA LEU B 649 -22.26 -10.56 -6.63
C LEU B 649 -21.76 -9.97 -7.94
N PHE B 650 -22.69 -9.38 -8.70
CA PHE B 650 -22.39 -8.71 -9.96
C PHE B 650 -21.42 -7.57 -9.73
N GLY B 651 -21.61 -6.82 -8.63
CA GLY B 651 -20.70 -5.75 -8.30
C GLY B 651 -19.31 -6.27 -8.00
N HIS B 652 -19.24 -7.39 -7.26
CA HIS B 652 -17.96 -8.03 -6.97
C HIS B 652 -17.30 -8.60 -8.20
N LEU B 653 -18.04 -8.81 -9.28
CA LEU B 653 -17.40 -9.14 -10.53
C LEU B 653 -16.76 -7.90 -11.13
N VAL B 654 -17.57 -6.85 -11.33
CA VAL B 654 -17.19 -5.74 -12.20
C VAL B 654 -16.07 -4.92 -11.57
N TRP B 655 -16.19 -4.64 -10.27
CA TRP B 655 -15.16 -4.03 -9.45
C TRP B 655 -13.84 -4.79 -9.54
N ALA B 656 -13.89 -6.12 -9.38
CA ALA B 656 -12.69 -6.92 -9.48
C ALA B 656 -12.18 -6.99 -10.91
N THR B 657 -13.11 -6.90 -11.87
CA THR B 657 -12.72 -6.85 -13.29
C THR B 657 -11.96 -5.58 -13.58
N GLY B 658 -12.27 -4.50 -12.85
CA GLY B 658 -11.53 -3.26 -12.98
C GLY B 658 -10.09 -3.40 -12.56
N PHE B 659 -9.83 -4.30 -11.61
CA PHE B 659 -8.48 -4.59 -11.16
C PHE B 659 -7.63 -5.13 -12.31
N MET B 660 -8.27 -5.90 -13.20
CA MET B 660 -7.62 -6.39 -14.42
C MET B 660 -7.11 -5.27 -15.31
N PHE B 661 -7.82 -4.15 -15.35
CA PHE B 661 -7.31 -2.99 -16.08
C PHE B 661 -6.47 -2.07 -15.22
N LEU B 662 -6.57 -2.15 -13.89
CA LEU B 662 -5.85 -1.20 -13.06
C LEU B 662 -4.53 -1.75 -12.55
N ILE B 663 -4.33 -3.06 -12.59
CA ILE B 663 -3.09 -3.69 -12.18
C ILE B 663 -2.27 -4.13 -13.39
N SER B 664 -2.84 -5.01 -14.21
CA SER B 664 -2.18 -5.41 -15.45
C SER B 664 -2.23 -4.26 -16.44
N TRP B 665 -1.11 -3.99 -17.09
CA TRP B 665 -0.96 -2.85 -17.98
C TRP B 665 -0.61 -3.35 -19.38
N ARG B 666 -0.35 -2.40 -20.30
CA ARG B 666 -0.73 -2.56 -21.70
C ARG B 666 0.06 -3.62 -22.45
N GLY B 667 1.39 -3.63 -22.33
CA GLY B 667 2.21 -4.35 -23.29
C GLY B 667 2.15 -5.86 -23.17
N TYR B 668 1.79 -6.36 -21.98
CA TYR B 668 1.42 -7.76 -21.82
C TYR B 668 0.26 -8.12 -22.75
N TRP B 669 -0.81 -7.32 -22.69
CA TRP B 669 -1.98 -7.55 -23.52
C TRP B 669 -1.70 -7.26 -24.99
N GLN B 670 -0.76 -6.36 -25.28
CA GLN B 670 -0.42 -6.10 -26.67
C GLN B 670 0.32 -7.27 -27.29
N GLU B 671 1.25 -7.88 -26.56
CA GLU B 671 1.89 -9.10 -27.07
C GLU B 671 0.92 -10.28 -27.10
N LEU B 672 -0.03 -10.32 -26.16
CA LEU B 672 -1.07 -11.35 -26.16
C LEU B 672 -1.97 -11.24 -27.38
N ILE B 673 -2.37 -10.01 -27.73
CA ILE B 673 -3.20 -9.78 -28.91
C ILE B 673 -2.37 -9.95 -30.19
N GLU B 674 -1.05 -9.75 -30.12
CA GLU B 674 -0.17 -10.10 -31.25
C GLU B 674 -0.17 -11.61 -31.52
N THR B 675 -0.10 -12.41 -30.45
CA THR B 675 -0.22 -13.87 -30.61
C THR B 675 -1.61 -14.27 -31.09
N LEU B 676 -2.65 -13.57 -30.62
CA LEU B 676 -4.01 -13.83 -31.07
C LEU B 676 -4.20 -13.49 -32.54
N ALA B 677 -3.55 -12.40 -33.00
CA ALA B 677 -3.63 -12.01 -34.40
C ALA B 677 -2.91 -13.01 -35.28
N TRP B 678 -1.77 -13.53 -34.83
CA TRP B 678 -1.10 -14.62 -35.54
C TRP B 678 -1.99 -15.87 -35.61
N ALA B 679 -2.66 -16.20 -34.49
CA ALA B 679 -3.49 -17.38 -34.42
C ALA B 679 -4.71 -17.27 -35.34
N HIS B 680 -5.32 -16.09 -35.41
CA HIS B 680 -6.41 -15.90 -36.36
C HIS B 680 -5.93 -15.87 -37.80
N GLU B 681 -4.74 -15.34 -38.04
CA GLU B 681 -4.24 -15.24 -39.41
C GLU B 681 -3.68 -16.56 -39.93
N ARG B 682 -3.47 -17.55 -39.06
CA ARG B 682 -2.99 -18.86 -39.48
C ARG B 682 -3.99 -19.99 -39.30
N THR B 683 -5.14 -19.75 -38.67
CA THR B 683 -6.09 -20.83 -38.45
C THR B 683 -6.88 -21.10 -39.72
N PRO B 684 -6.90 -22.35 -40.20
CA PRO B 684 -7.72 -22.70 -41.37
C PRO B 684 -9.20 -22.59 -41.05
N LEU B 685 -9.94 -21.92 -41.96
CA LEU B 685 -11.40 -21.70 -42.08
C LEU B 685 -11.75 -20.40 -41.37
N ALA B 686 -10.82 -19.89 -40.58
CA ALA B 686 -11.00 -18.65 -39.84
C ALA B 686 -10.09 -17.55 -40.36
N ASN B 687 -9.10 -17.89 -41.18
CA ASN B 687 -8.20 -16.90 -41.75
C ASN B 687 -8.92 -16.11 -42.83
N LEU B 688 -9.91 -16.74 -43.48
CA LEU B 688 -10.78 -16.10 -44.47
C LEU B 688 -11.46 -14.86 -43.91
N VAL B 689 -11.85 -14.90 -42.65
CA VAL B 689 -12.43 -13.73 -42.00
C VAL B 689 -11.30 -12.76 -41.64
N ARG B 690 -11.43 -11.51 -42.04
CA ARG B 690 -10.45 -10.47 -41.77
C ARG B 690 -11.01 -9.48 -40.77
N TRP B 691 -10.12 -8.72 -40.17
CA TRP B 691 -10.48 -7.51 -39.46
C TRP B 691 -10.10 -6.28 -40.29
N LYS B 692 -10.92 -5.23 -40.19
CA LYS B 692 -10.49 -3.96 -40.76
C LYS B 692 -9.78 -3.11 -39.71
N ASP B 693 -10.29 -3.12 -38.49
CA ASP B 693 -9.57 -2.54 -37.37
C ASP B 693 -8.49 -3.52 -36.91
N LYS B 694 -7.26 -3.04 -36.82
CA LYS B 694 -6.18 -3.90 -36.32
C LYS B 694 -6.37 -4.11 -34.83
N PRO B 695 -6.41 -5.35 -34.35
CA PRO B 695 -6.61 -5.61 -32.92
C PRO B 695 -5.39 -5.18 -32.12
N VAL B 696 -5.59 -4.23 -31.22
CA VAL B 696 -4.55 -3.75 -30.32
C VAL B 696 -5.07 -3.85 -28.91
N ALA B 697 -4.15 -3.70 -27.96
CA ALA B 697 -4.56 -3.62 -26.57
C ALA B 697 -5.19 -2.26 -26.30
N LEU B 698 -5.90 -2.18 -25.18
CA LEU B 698 -6.46 -0.91 -24.72
C LEU B 698 -5.34 0.03 -24.36
N SER B 699 -5.43 1.28 -24.83
CA SER B 699 -4.36 2.24 -24.55
C SER B 699 -4.41 2.67 -23.09
N ILE B 700 -3.36 3.39 -22.69
CA ILE B 700 -3.01 3.51 -21.28
C ILE B 700 -4.03 4.35 -20.52
N VAL B 701 -4.38 5.52 -21.07
CA VAL B 701 -5.49 6.33 -20.56
C VAL B 701 -6.82 5.58 -20.61
N GLN B 702 -7.08 4.89 -21.72
CA GLN B 702 -8.27 4.06 -21.86
C GLN B 702 -8.29 2.94 -20.83
N ALA B 703 -7.14 2.31 -20.56
CA ALA B 703 -7.05 1.28 -19.53
C ALA B 703 -7.37 1.80 -18.14
N ARG B 704 -6.82 2.96 -17.77
CA ARG B 704 -7.16 3.59 -16.50
C ARG B 704 -8.62 3.99 -16.42
N LEU B 705 -9.19 4.49 -17.52
CA LEU B 705 -10.61 4.84 -17.56
C LEU B 705 -11.52 3.61 -17.46
N VAL B 706 -11.18 2.52 -18.16
CA VAL B 706 -12.00 1.33 -18.15
C VAL B 706 -11.94 0.63 -16.78
N GLY B 707 -10.74 0.56 -16.19
CA GLY B 707 -10.63 0.05 -14.83
C GLY B 707 -11.31 0.93 -13.80
N LEU B 708 -11.26 2.25 -14.00
CA LEU B 708 -11.93 3.18 -13.11
C LEU B 708 -13.44 3.07 -13.23
N ALA B 709 -13.96 2.92 -14.45
CA ALA B 709 -15.39 2.81 -14.67
C ALA B 709 -15.92 1.48 -14.19
N HIS B 710 -15.16 0.40 -14.38
CA HIS B 710 -15.52 -0.90 -13.82
C HIS B 710 -15.52 -0.87 -12.29
N PHE B 711 -14.49 -0.23 -11.72
CA PHE B 711 -14.38 -0.03 -10.27
C PHE B 711 -15.57 0.74 -9.74
N SER B 712 -15.98 1.78 -10.47
CA SER B 712 -17.11 2.59 -10.05
C SER B 712 -18.44 1.85 -10.23
N VAL B 713 -18.63 1.11 -11.33
CA VAL B 713 -19.87 0.36 -11.54
C VAL B 713 -20.02 -0.75 -10.52
N GLY B 714 -18.94 -1.49 -10.24
CA GLY B 714 -18.96 -2.50 -9.21
C GLY B 714 -19.18 -1.92 -7.83
N TYR B 715 -18.55 -0.77 -7.56
CA TYR B 715 -18.66 -0.10 -6.27
C TYR B 715 -20.09 0.41 -6.04
N ILE B 716 -20.75 0.97 -7.08
CA ILE B 716 -22.12 1.47 -6.95
C ILE B 716 -23.15 0.34 -6.99
N PHE B 717 -22.76 -0.84 -7.46
CA PHE B 717 -23.76 -1.89 -7.57
C PHE B 717 -23.67 -2.83 -6.38
N THR B 718 -22.49 -2.92 -5.78
CA THR B 718 -22.31 -3.70 -4.57
C THR B 718 -22.98 -3.00 -3.40
N TYR B 719 -23.01 -1.69 -3.44
CA TYR B 719 -23.57 -0.94 -2.33
C TYR B 719 -25.01 -0.63 -2.56
N ALA B 720 -25.43 -0.41 -3.82
CA ALA B 720 -26.84 -0.26 -4.13
C ALA B 720 -27.57 -1.55 -3.76
N ALA B 721 -26.94 -2.70 -4.00
CA ALA B 721 -27.57 -3.97 -3.69
C ALA B 721 -27.62 -4.19 -2.18
N PHE B 722 -26.46 -4.07 -1.51
CA PHE B 722 -26.39 -4.29 -0.06
C PHE B 722 -27.29 -3.32 0.69
N LEU B 723 -27.28 -2.04 0.30
CA LEU B 723 -28.07 -1.00 0.93
C LEU B 723 -29.55 -1.10 0.66
N ILE B 724 -29.96 -1.72 -0.46
CA ILE B 724 -31.37 -1.81 -0.80
C ILE B 724 -31.89 -3.24 -0.54
N ALA B 725 -31.06 -4.04 0.11
CA ALA B 725 -31.39 -5.41 0.47
C ALA B 725 -31.21 -5.65 1.96
N SER B 726 -30.44 -4.81 2.65
CA SER B 726 -30.25 -4.87 4.08
C SER B 726 -31.08 -3.83 4.81
N THR B 727 -31.89 -3.08 4.09
CA THR B 727 -32.94 -2.26 4.68
C THR B 727 -34.33 -2.64 4.20
N SER B 728 -34.48 -3.12 2.97
CA SER B 728 -35.79 -3.50 2.44
C SER B 728 -36.17 -4.95 2.72
N GLY B 729 -35.27 -5.75 3.28
CA GLY B 729 -35.62 -7.11 3.61
C GLY B 729 -35.81 -7.26 5.11
N LYS B 730 -35.28 -6.30 5.85
CA LYS B 730 -35.33 -6.22 7.31
C LYS B 730 -35.76 -4.82 7.74
N PHE B 731 -36.92 -4.40 7.21
CA PHE B 731 -37.52 -3.07 7.36
C PHE B 731 -37.56 -2.58 8.81
N GLY B 732 -36.84 -1.49 9.06
CA GLY B 732 -36.37 -1.14 10.37
C GLY B 732 -34.85 -1.18 10.29
N GLU C 1 4.33 59.34 19.27
CA GLU C 1 4.78 59.30 20.65
C GLU C 1 3.82 58.52 21.54
N TRP C 2 3.22 57.46 20.97
CA TRP C 2 2.47 56.50 21.77
C TRP C 2 3.38 55.54 22.53
N LEU C 3 4.67 55.54 22.24
CA LEU C 3 5.65 54.80 23.00
C LEU C 3 6.96 55.59 22.91
N PRO C 4 7.47 56.09 24.03
CA PRO C 4 8.74 56.84 24.00
C PRO C 4 9.91 55.96 23.59
N GLY C 5 10.66 56.43 22.60
CA GLY C 5 11.75 55.67 22.03
C GLY C 5 11.36 54.83 20.84
N ASN C 6 10.07 54.63 20.59
CA ASN C 6 9.65 53.82 19.45
C ASN C 6 9.85 54.59 18.15
N PRO C 7 10.41 53.98 17.12
CA PRO C 7 10.57 54.68 15.83
C PRO C 7 9.23 54.85 15.15
N ARG C 8 8.86 56.10 14.91
CA ARG C 8 7.63 56.40 14.19
C ARG C 8 7.81 56.02 12.72
N PRO C 9 6.78 55.45 12.08
CA PRO C 9 6.93 55.01 10.68
C PRO C 9 6.98 56.19 9.72
N SER C 10 7.37 55.88 8.49
CA SER C 10 7.59 56.91 7.47
C SER C 10 6.29 57.55 7.02
N TYR C 11 5.18 56.84 7.08
CA TYR C 11 3.87 57.38 6.72
C TYR C 11 3.18 58.10 7.86
N LEU C 12 3.80 58.18 9.04
CA LEU C 12 3.26 58.94 10.17
C LEU C 12 4.38 59.86 10.65
N ASP C 13 4.36 61.11 10.19
CA ASP C 13 5.45 62.03 10.46
C ASP C 13 5.24 62.90 11.69
N GLY C 14 4.00 63.03 12.17
CA GLY C 14 3.69 63.88 13.29
C GLY C 14 3.00 65.17 12.94
N SER C 15 2.93 65.51 11.65
CA SER C 15 2.28 66.75 11.23
C SER C 15 0.76 66.67 11.31
N ALA C 16 0.20 65.47 11.29
CA ALA C 16 -1.23 65.31 11.43
C ALA C 16 -1.65 65.58 12.88
N PRO C 17 -2.86 66.08 13.11
CA PRO C 17 -3.35 66.24 14.49
C PRO C 17 -3.63 64.90 15.12
N GLY C 18 -3.01 64.63 16.26
CA GLY C 18 -3.13 63.34 16.89
C GLY C 18 -2.25 62.26 16.30
N ASP C 19 -1.25 62.63 15.52
CA ASP C 19 -0.32 61.67 14.95
C ASP C 19 0.66 61.28 16.05
N PHE C 20 0.29 60.26 16.83
CA PHE C 20 1.14 59.71 17.86
C PHE C 20 1.84 58.43 17.41
N GLY C 21 1.72 58.08 16.14
CA GLY C 21 2.43 56.94 15.60
C GLY C 21 1.88 55.58 15.96
N PHE C 22 0.63 55.49 16.40
CA PHE C 22 0.06 54.21 16.84
C PHE C 22 -0.47 53.46 15.64
N ASP C 23 0.38 52.61 15.06
CA ASP C 23 -0.05 51.67 14.02
C ASP C 23 0.88 50.47 14.03
N PRO C 24 0.66 49.50 14.95
CA PRO C 24 1.53 48.32 14.99
C PRO C 24 1.21 47.34 13.87
N LEU C 25 -0.06 47.22 13.50
CA LEU C 25 -0.46 46.29 12.45
C LEU C 25 -0.30 46.85 11.05
N GLY C 26 0.02 48.13 10.92
CA GLY C 26 0.23 48.73 9.61
C GLY C 26 -0.99 48.83 8.72
N LEU C 27 -2.15 49.19 9.29
CA LEU C 27 -3.36 49.30 8.49
C LEU C 27 -3.35 50.54 7.59
N GLY C 28 -2.73 51.62 8.05
CA GLY C 28 -2.69 52.86 7.28
C GLY C 28 -1.46 52.97 6.41
N GLU C 29 -0.80 51.83 6.15
CA GLU C 29 0.43 51.80 5.34
C GLU C 29 0.16 52.21 3.89
N VAL C 30 -0.98 51.81 3.33
CA VAL C 30 -1.34 52.26 1.99
C VAL C 30 -1.71 53.74 2.02
N PRO C 31 -1.18 54.56 1.11
CA PRO C 31 -1.42 56.01 1.18
C PRO C 31 -2.87 56.40 0.92
N GLU C 32 -3.55 55.76 -0.02
CA GLU C 32 -4.92 56.12 -0.29
C GLU C 32 -5.88 55.51 0.72
N ASN C 33 -5.49 54.43 1.39
CA ASN C 33 -6.27 53.92 2.51
C ASN C 33 -6.15 54.86 3.71
N LEU C 34 -4.96 55.45 3.89
CA LEU C 34 -4.69 56.31 5.03
C LEU C 34 -5.45 57.63 4.95
N GLU C 35 -5.85 58.07 3.75
CA GLU C 35 -6.61 59.30 3.63
C GLU C 35 -8.08 59.06 3.98
N ARG C 36 -8.53 57.82 3.83
CA ARG C 36 -9.90 57.48 4.17
C ARG C 36 -9.98 57.23 5.67
N PHE C 37 -8.91 56.66 6.25
CA PHE C 37 -8.86 56.39 7.68
C PHE C 37 -8.84 57.67 8.52
N LYS C 38 -8.48 58.82 7.94
CA LYS C 38 -8.38 60.06 8.70
C LYS C 38 -9.72 60.76 8.74
N GLU C 39 -10.55 60.53 7.72
CA GLU C 39 -11.90 61.08 7.67
C GLU C 39 -12.90 60.10 8.23
N SER C 40 -12.46 58.89 8.57
CA SER C 40 -13.26 57.86 9.21
C SER C 40 -13.06 57.91 10.71
N GLU C 41 -11.83 58.19 11.15
CA GLU C 41 -11.51 58.39 12.56
C GLU C 41 -12.22 59.61 13.15
N LEU C 42 -12.64 60.56 12.31
CA LEU C 42 -13.23 61.78 12.82
C LEU C 42 -14.75 61.76 12.81
N ILE C 43 -15.36 61.12 11.80
CA ILE C 43 -16.82 60.97 11.78
C ILE C 43 -17.25 60.04 12.91
N HIS C 44 -16.47 58.96 13.10
CA HIS C 44 -16.71 58.00 14.19
C HIS C 44 -16.65 58.70 15.54
N ALA C 45 -15.57 59.47 15.74
CA ALA C 45 -15.36 60.19 17.00
C ALA C 45 -16.41 61.26 17.23
N ARG C 46 -16.82 61.97 16.17
CA ARG C 46 -17.87 62.98 16.33
C ARG C 46 -19.23 62.35 16.61
N TRP C 47 -19.49 61.16 16.06
CA TRP C 47 -20.72 60.46 16.44
C TRP C 47 -20.60 59.94 17.87
N ALA C 48 -19.39 59.57 18.29
CA ALA C 48 -19.17 59.09 19.65
C ALA C 48 -19.29 60.22 20.66
N MET C 49 -18.81 61.41 20.31
CA MET C 49 -18.98 62.56 21.19
C MET C 49 -20.39 63.14 21.14
N LEU C 50 -21.21 62.76 20.18
CA LEU C 50 -22.64 63.01 20.25
C LEU C 50 -23.38 61.90 20.98
N ALA C 51 -22.68 60.84 21.36
CA ALA C 51 -23.29 59.67 21.99
C ALA C 51 -23.09 59.62 23.50
N VAL C 52 -21.94 60.06 24.01
CA VAL C 52 -21.67 60.05 25.44
C VAL C 52 -22.59 61.03 26.19
N PRO C 53 -22.88 62.27 25.73
CA PRO C 53 -24.01 62.99 26.33
C PRO C 53 -25.37 62.38 26.03
N GLY C 54 -25.50 61.58 24.97
CA GLY C 54 -26.76 60.90 24.70
C GLY C 54 -27.00 59.66 25.52
N VAL C 55 -26.02 59.23 26.31
CA VAL C 55 -26.15 58.06 27.17
C VAL C 55 -26.23 58.47 28.64
N LEU C 56 -25.30 59.30 29.09
CA LEU C 56 -25.21 59.63 30.51
C LEU C 56 -26.30 60.60 30.96
N ILE C 57 -26.58 61.63 30.16
CA ILE C 57 -27.55 62.66 30.54
C ILE C 57 -28.99 62.15 30.49
N PRO C 58 -29.42 61.27 29.55
CA PRO C 58 -30.68 60.54 29.80
C PRO C 58 -30.64 59.62 31.02
N GLU C 59 -29.49 59.05 31.36
CA GLU C 59 -29.42 58.20 32.54
C GLU C 59 -29.37 59.00 33.83
N ALA C 60 -28.67 60.14 33.84
CA ALA C 60 -28.54 60.93 35.05
C ALA C 60 -29.83 61.68 35.39
N LEU C 61 -30.70 61.89 34.42
CA LEU C 61 -31.99 62.53 34.66
C LEU C 61 -33.10 61.55 34.97
N GLY C 62 -32.83 60.24 34.90
CA GLY C 62 -33.75 59.23 35.37
C GLY C 62 -34.68 58.61 34.35
N TYR C 63 -34.45 58.81 33.05
CA TYR C 63 -35.26 58.18 32.02
C TYR C 63 -34.63 56.92 31.46
N GLY C 64 -33.91 56.17 32.30
CA GLY C 64 -33.33 54.92 31.87
C GLY C 64 -32.03 55.09 31.11
N ASN C 65 -31.43 53.96 30.77
CA ASN C 65 -30.16 53.94 30.06
C ASN C 65 -30.42 53.94 28.55
N TRP C 66 -29.38 53.68 27.77
CA TRP C 66 -29.48 53.69 26.31
C TRP C 66 -29.95 52.35 25.74
N VAL C 67 -30.21 51.36 26.59
CA VAL C 67 -30.74 50.07 26.15
C VAL C 67 -32.24 49.97 26.39
N SER C 68 -32.70 50.32 27.60
CA SER C 68 -34.11 50.25 27.94
C SER C 68 -34.93 51.37 27.30
N ALA C 69 -34.28 52.43 26.83
CA ALA C 69 -34.92 53.45 26.02
C ALA C 69 -34.90 53.11 24.54
N GLN C 70 -34.41 51.93 24.20
CA GLN C 70 -34.25 51.49 22.82
C GLN C 70 -35.05 50.23 22.51
N LYS C 71 -35.58 49.56 23.54
CA LYS C 71 -36.32 48.31 23.38
C LYS C 71 -37.79 48.52 23.05
N TRP C 72 -38.26 49.77 22.97
CA TRP C 72 -39.66 50.02 22.67
C TRP C 72 -40.02 49.73 21.22
N ALA C 73 -39.03 49.78 20.31
CA ALA C 73 -39.33 49.54 18.91
C ALA C 73 -39.57 48.06 18.61
N ALA C 74 -38.93 47.17 19.37
CA ALA C 74 -39.23 45.74 19.24
C ALA C 74 -40.60 45.41 19.81
N THR C 75 -41.04 46.15 20.83
CA THR C 75 -42.39 46.02 21.33
C THR C 75 -43.37 46.59 20.30
N PRO C 76 -44.52 45.94 20.08
CA PRO C 76 -45.55 46.54 19.22
C PRO C 76 -46.09 47.88 19.73
N GLY C 77 -46.17 48.06 21.05
CA GLY C 77 -46.51 49.37 21.58
C GLY C 77 -45.50 49.87 22.59
N GLY C 78 -44.76 50.93 22.24
CA GLY C 78 -43.81 51.52 23.14
C GLY C 78 -44.02 53.00 23.35
N GLN C 79 -44.64 53.64 22.36
CA GLN C 79 -45.13 55.03 22.31
C GLN C 79 -44.03 56.09 22.31
N ALA C 80 -42.75 55.71 22.39
CA ALA C 80 -41.56 56.56 22.19
C ALA C 80 -41.52 57.73 23.17
N THR C 81 -41.35 57.39 24.44
CA THR C 81 -41.28 58.40 25.49
C THR C 81 -39.97 59.17 25.39
N TYR C 82 -40.07 60.49 25.17
CA TYR C 82 -38.91 61.38 25.08
C TYR C 82 -39.05 62.42 26.18
N LEU C 83 -38.04 62.46 27.08
CA LEU C 83 -38.02 63.31 28.29
C LEU C 83 -39.26 63.07 29.16
N GLY C 84 -39.69 61.81 29.24
CA GLY C 84 -40.90 61.47 29.95
C GLY C 84 -42.18 61.79 29.21
N ASN C 85 -42.10 62.17 27.95
CA ASN C 85 -43.27 62.55 27.16
C ASN C 85 -43.32 61.71 25.89
N PRO C 86 -44.41 60.99 25.65
CA PRO C 86 -44.51 60.22 24.39
C PRO C 86 -44.80 61.15 23.22
N VAL C 87 -43.92 61.12 22.22
CA VAL C 87 -44.10 61.92 21.01
C VAL C 87 -45.19 61.30 20.16
N PRO C 88 -46.00 62.10 19.46
CA PRO C 88 -47.07 61.51 18.63
C PRO C 88 -46.57 60.82 17.37
N TRP C 89 -45.45 61.26 16.82
CA TRP C 89 -44.91 60.69 15.59
C TRP C 89 -43.85 59.62 15.87
N GLY C 90 -43.84 59.05 17.06
CA GLY C 90 -42.81 58.10 17.43
C GLY C 90 -43.14 56.65 17.15
N ASN C 91 -43.39 56.34 15.88
CA ASN C 91 -43.57 54.96 15.43
C ASN C 91 -42.30 54.51 14.74
N LEU C 92 -42.04 53.19 14.81
CA LEU C 92 -40.86 52.61 14.19
C LEU C 92 -40.77 52.77 12.66
N PRO C 93 -41.83 52.59 11.84
CA PRO C 93 -41.69 52.96 10.42
C PRO C 93 -41.59 54.46 10.18
N VAL C 94 -42.06 55.30 11.11
CA VAL C 94 -42.01 56.74 10.89
C VAL C 94 -40.61 57.28 11.18
N ILE C 95 -40.03 56.91 12.33
CA ILE C 95 -38.74 57.47 12.70
C ILE C 95 -37.57 56.83 11.96
N LEU C 96 -37.76 55.64 11.38
CA LEU C 96 -36.69 55.03 10.60
C LEU C 96 -36.66 55.60 9.18
N ALA C 97 -37.83 55.91 8.62
CA ALA C 97 -37.89 56.49 7.28
C ALA C 97 -37.39 57.93 7.26
N ILE C 98 -37.57 58.66 8.35
CA ILE C 98 -36.97 59.98 8.47
C ILE C 98 -35.45 59.86 8.62
N GLU C 99 -35.01 58.89 9.42
CA GLU C 99 -33.58 58.67 9.62
C GLU C 99 -32.90 58.13 8.35
N PHE C 100 -33.64 57.38 7.53
CA PHE C 100 -33.08 56.92 6.26
C PHE C 100 -33.24 57.97 5.17
N LEU C 101 -33.85 59.12 5.47
CA LEU C 101 -33.93 60.25 4.56
C LEU C 101 -33.06 61.42 5.00
N ALA C 102 -33.15 61.82 6.28
CA ALA C 102 -32.43 63.01 6.74
C ALA C 102 -30.93 62.75 6.91
N ILE C 103 -30.56 61.60 7.48
CA ILE C 103 -29.14 61.28 7.65
C ILE C 103 -28.52 60.91 6.31
N ALA C 104 -29.28 60.23 5.45
CA ALA C 104 -28.77 59.88 4.14
C ALA C 104 -28.59 61.09 3.24
N PHE C 105 -29.43 62.12 3.40
CA PHE C 105 -29.17 63.38 2.71
C PHE C 105 -27.96 64.10 3.32
N ALA C 106 -27.75 63.95 4.63
CA ALA C 106 -26.61 64.59 5.27
C ALA C 106 -25.31 63.89 4.91
N GLU C 107 -25.31 62.56 4.84
CA GLU C 107 -24.10 61.82 4.55
C GLU C 107 -23.74 61.85 3.06
N SER C 108 -24.74 61.97 2.18
CA SER C 108 -24.44 62.11 0.75
C SER C 108 -23.90 63.50 0.43
N GLN C 109 -24.39 64.52 1.14
CA GLN C 109 -23.82 65.85 0.98
C GLN C 109 -22.44 65.95 1.60
N ARG C 110 -22.16 65.13 2.62
CA ARG C 110 -20.84 65.10 3.22
C ARG C 110 -19.81 64.47 2.29
N ASN C 111 -20.20 63.40 1.58
CA ASN C 111 -19.28 62.68 0.71
C ASN C 111 -19.02 63.39 -0.61
N GLY C 112 -19.77 64.45 -0.93
CA GLY C 112 -19.62 65.15 -2.18
C GLY C 112 -18.48 66.14 -2.26
N GLU C 113 -17.74 66.36 -1.19
CA GLU C 113 -16.63 67.30 -1.21
C GLU C 113 -15.41 66.67 -1.88
N PRO C 114 -14.87 67.29 -2.93
CA PRO C 114 -13.68 66.71 -3.58
C PRO C 114 -12.39 66.99 -2.82
N ASP C 115 -12.35 68.05 -2.01
CA ASP C 115 -11.14 68.40 -1.28
C ASP C 115 -10.95 67.43 -0.12
N PRO C 116 -9.75 66.85 0.05
CA PRO C 116 -9.54 65.91 1.16
C PRO C 116 -9.31 66.58 2.52
N GLU C 117 -9.34 67.91 2.59
CA GLU C 117 -9.23 68.65 3.84
C GLU C 117 -10.55 69.23 4.31
N LYS C 118 -11.39 69.69 3.37
CA LYS C 118 -12.74 70.13 3.72
C LYS C 118 -13.66 68.96 4.05
N ARG C 119 -13.30 67.75 3.62
CA ARG C 119 -13.98 66.55 4.11
C ARG C 119 -13.70 66.31 5.58
N LYS C 120 -12.51 66.71 6.05
CA LYS C 120 -12.14 66.51 7.45
C LYS C 120 -12.83 67.55 8.32
N TYR C 121 -12.54 68.82 8.07
CA TYR C 121 -13.10 69.96 8.80
C TYR C 121 -13.69 70.91 7.77
N PRO C 122 -15.02 70.92 7.62
CA PRO C 122 -15.60 71.77 6.56
C PRO C 122 -15.59 73.26 6.88
N GLY C 123 -15.95 73.66 8.09
CA GLY C 123 -16.04 75.07 8.40
C GLY C 123 -17.25 75.72 7.74
N GLY C 124 -17.23 77.06 7.74
CA GLY C 124 -18.27 77.83 7.10
C GLY C 124 -19.60 77.79 7.84
N ALA C 125 -20.56 77.07 7.28
CA ALA C 125 -21.86 76.92 7.94
C ALA C 125 -21.77 76.04 9.18
N PHE C 126 -20.85 75.09 9.19
CA PHE C 126 -20.65 74.19 10.32
C PHE C 126 -19.77 74.79 11.41
N ASP C 127 -19.24 76.00 11.20
CA ASP C 127 -18.51 76.74 12.22
C ASP C 127 -19.09 78.15 12.30
N PRO C 128 -20.25 78.32 12.98
CA PRO C 128 -20.83 79.66 13.09
C PRO C 128 -20.20 80.53 14.17
N LEU C 129 -19.50 79.94 15.13
CA LEU C 129 -18.89 80.71 16.22
C LEU C 129 -17.52 81.25 15.86
N GLY C 130 -16.98 80.88 14.70
CA GLY C 130 -15.76 81.48 14.19
C GLY C 130 -14.48 81.08 14.89
N PHE C 131 -14.47 79.94 15.58
CA PHE C 131 -13.25 79.47 16.22
C PHE C 131 -12.25 78.89 15.23
N SER C 132 -12.71 78.43 14.07
CA SER C 132 -11.78 77.99 13.02
C SER C 132 -11.02 79.17 12.42
N LYS C 133 -11.67 80.32 12.32
CA LYS C 133 -11.01 81.55 11.85
C LYS C 133 -10.50 82.35 13.05
N GLY C 134 -9.65 81.71 13.83
CA GLY C 134 -9.09 82.31 15.03
C GLY C 134 -7.59 82.15 15.14
N ALA C 135 -7.04 82.46 16.32
CA ALA C 135 -5.59 82.37 16.50
C ALA C 135 -5.13 80.92 16.63
N ASN C 136 -5.88 80.10 17.36
CA ASN C 136 -5.50 78.70 17.56
C ASN C 136 -6.29 77.81 16.61
N LEU C 137 -5.58 77.03 15.82
CA LEU C 137 -6.17 76.11 14.85
C LEU C 137 -5.63 74.69 14.97
N GLU C 138 -4.34 74.55 15.27
CA GLU C 138 -3.71 73.24 15.32
C GLU C 138 -4.07 72.51 16.62
N GLU C 139 -4.09 73.22 17.74
CA GLU C 139 -4.34 72.59 19.02
C GLU C 139 -5.81 72.24 19.22
N LEU C 140 -6.72 72.91 18.51
CA LEU C 140 -8.14 72.54 18.58
C LEU C 140 -8.41 71.26 17.81
N LYS C 141 -7.66 71.02 16.73
CA LYS C 141 -7.75 69.74 16.02
C LYS C 141 -7.15 68.62 16.84
N LEU C 142 -6.09 68.92 17.60
CA LEU C 142 -5.56 67.96 18.57
C LEU C 142 -6.56 67.75 19.71
N LYS C 143 -7.30 68.80 20.07
CA LYS C 143 -8.37 68.69 21.05
C LYS C 143 -9.53 67.87 20.50
N GLU C 144 -9.73 67.87 19.18
CA GLU C 144 -10.82 67.11 18.58
C GLU C 144 -10.58 65.62 18.66
N ILE C 145 -9.36 65.18 18.32
CA ILE C 145 -9.11 63.75 18.31
C ILE C 145 -8.73 63.21 19.69
N LYS C 146 -8.27 64.05 20.63
CA LYS C 146 -8.05 63.55 21.98
C LYS C 146 -9.36 63.39 22.75
N ASN C 147 -10.29 64.34 22.56
CA ASN C 147 -11.63 64.17 23.10
C ASN C 147 -12.39 63.10 22.35
N GLY C 148 -12.15 63.00 21.04
CA GLY C 148 -12.85 62.03 20.22
C GLY C 148 -12.45 60.59 20.49
N ARG C 149 -11.15 60.33 20.66
CA ARG C 149 -10.71 58.98 20.99
C ARG C 149 -11.11 58.59 22.39
N LEU C 150 -11.25 59.55 23.30
CA LEU C 150 -11.74 59.25 24.64
C LEU C 150 -13.21 58.81 24.60
N ALA C 151 -14.02 59.47 23.76
CA ALA C 151 -15.42 59.07 23.61
C ALA C 151 -15.56 57.81 22.78
N LEU C 152 -14.59 57.54 21.91
CA LEU C 152 -14.60 56.31 21.13
C LEU C 152 -14.31 55.11 22.02
N VAL C 153 -13.36 55.26 22.95
CA VAL C 153 -13.09 54.25 23.97
C VAL C 153 -14.28 54.15 24.91
N ALA C 154 -14.93 55.28 25.20
CA ALA C 154 -16.10 55.30 26.08
C ALA C 154 -17.27 54.54 25.47
N PHE C 155 -17.48 54.65 24.16
CA PHE C 155 -18.62 53.95 23.57
C PHE C 155 -18.33 52.47 23.45
N LEU C 156 -17.05 52.10 23.30
CA LEU C 156 -16.68 50.69 23.32
C LEU C 156 -16.92 50.13 24.71
N GLY C 157 -16.62 50.93 25.73
CA GLY C 157 -16.94 50.58 27.10
C GLY C 157 -18.45 50.45 27.29
N PHE C 158 -19.20 51.42 26.74
CA PHE C 158 -20.66 51.45 26.85
C PHE C 158 -21.29 50.19 26.27
N ALA C 159 -20.77 49.71 25.14
CA ALA C 159 -21.38 48.57 24.46
C ALA C 159 -21.08 47.27 25.19
N VAL C 160 -19.83 47.06 25.60
CA VAL C 160 -19.45 45.78 26.20
C VAL C 160 -19.83 45.69 27.67
N GLN C 161 -20.25 46.79 28.29
CA GLN C 161 -20.85 46.70 29.61
C GLN C 161 -22.28 46.17 29.52
N ALA C 162 -22.97 46.46 28.41
CA ALA C 162 -24.31 45.93 28.22
C ALA C 162 -24.30 44.45 27.87
N ILE C 163 -23.27 44.00 27.15
CA ILE C 163 -23.14 42.57 26.85
C ILE C 163 -22.77 41.80 28.10
N ALA C 164 -21.86 42.35 28.91
CA ALA C 164 -21.39 41.66 30.11
C ALA C 164 -22.44 41.68 31.21
N TYR C 165 -23.11 42.82 31.40
CA TYR C 165 -24.15 42.98 32.41
C TYR C 165 -25.41 43.47 31.72
N PRO C 166 -26.26 42.56 31.23
CA PRO C 166 -27.52 42.99 30.59
C PRO C 166 -28.50 43.56 31.60
N GLY C 167 -29.31 44.50 31.12
CA GLY C 167 -30.28 45.17 31.96
C GLY C 167 -29.76 46.34 32.77
N THR C 168 -28.46 46.63 32.70
CA THR C 168 -27.85 47.73 33.43
C THR C 168 -27.21 48.70 32.45
N GLY C 169 -27.09 49.95 32.88
CA GLY C 169 -26.50 50.97 32.06
C GLY C 169 -25.15 51.44 32.56
N PRO C 170 -24.49 52.31 31.79
CA PRO C 170 -23.12 52.73 32.15
C PRO C 170 -23.01 53.56 33.41
N LEU C 171 -24.00 54.41 33.72
CA LEU C 171 -23.98 55.07 35.02
C LEU C 171 -24.37 54.11 36.13
N GLU C 172 -25.18 53.10 35.81
CA GLU C 172 -25.46 52.04 36.78
C GLU C 172 -24.28 51.10 36.92
N ASN C 173 -23.44 50.96 35.89
CA ASN C 173 -22.15 50.31 36.09
C ASN C 173 -21.19 51.21 36.87
N LEU C 174 -21.33 52.53 36.74
CA LEU C 174 -20.54 53.45 37.54
C LEU C 174 -20.99 53.44 38.99
N LYS C 175 -22.31 53.35 39.23
CA LYS C 175 -22.81 53.30 40.60
C LYS C 175 -22.52 51.96 41.25
N THR C 176 -22.48 50.88 40.47
CA THR C 176 -22.07 49.59 41.00
C THR C 176 -20.58 49.59 41.34
N HIS C 177 -19.77 50.27 40.52
CA HIS C 177 -18.33 50.34 40.79
C HIS C 177 -18.01 51.29 41.93
N LEU C 178 -18.83 52.32 42.15
CA LEU C 178 -18.52 53.31 43.18
C LEU C 178 -18.82 52.83 44.58
N ALA C 179 -19.54 51.72 44.74
CA ALA C 179 -19.85 51.21 46.08
C ALA C 179 -18.70 50.39 46.64
N ASP C 180 -18.33 49.32 45.95
CA ASP C 180 -17.25 48.41 46.37
C ASP C 180 -16.27 48.15 45.23
N PRO C 181 -15.39 49.12 44.94
CA PRO C 181 -14.60 49.11 43.69
C PRO C 181 -13.55 48.02 43.59
N TRP C 182 -13.20 47.37 44.70
CA TRP C 182 -12.17 46.35 44.71
C TRP C 182 -12.73 44.94 44.52
N HIS C 183 -14.01 44.82 44.17
CA HIS C 183 -14.64 43.50 44.04
C HIS C 183 -15.36 43.34 42.72
N ASN C 184 -15.84 44.44 42.14
CA ASN C 184 -16.66 44.44 40.94
C ASN C 184 -16.02 45.20 39.77
N THR C 185 -15.13 44.50 39.06
CA THR C 185 -14.34 45.07 37.98
C THR C 185 -14.50 44.24 36.71
N ILE C 186 -13.62 44.48 35.73
CA ILE C 186 -13.57 43.69 34.50
C ILE C 186 -13.16 42.24 34.77
N ALA C 187 -12.54 41.97 35.93
CA ALA C 187 -12.24 40.60 36.35
C ALA C 187 -13.49 39.76 36.61
N HIS C 188 -14.63 40.40 36.92
CA HIS C 188 -15.89 39.66 36.97
C HIS C 188 -16.31 39.17 35.59
N VAL C 189 -15.91 39.89 34.54
CA VAL C 189 -16.17 39.48 33.17
C VAL C 189 -15.09 38.52 32.68
N ILE C 190 -13.84 38.78 33.05
CA ILE C 190 -12.73 37.92 32.64
C ILE C 190 -12.79 36.58 33.36
N ILE C 191 -12.95 36.60 34.68
CA ILE C 191 -13.07 35.38 35.47
C ILE C 191 -14.54 35.22 35.86
N PRO C 192 -15.27 34.25 35.28
CA PRO C 192 -16.67 34.05 35.65
C PRO C 192 -16.85 33.36 36.99
N ARG D 1 58.93 -10.34 24.97
CA ARG D 1 57.53 -10.03 25.22
C ARG D 1 56.70 -11.29 25.42
N PRO D 2 56.17 -11.48 26.63
CA PRO D 2 55.21 -12.57 26.84
C PRO D 2 53.91 -12.29 26.13
N LEU D 3 53.35 -13.32 25.51
CA LEU D 3 52.14 -13.21 24.71
C LEU D 3 51.18 -14.31 25.09
N TRP D 4 49.89 -14.07 24.86
CA TRP D 4 48.87 -15.04 25.25
C TRP D 4 48.89 -16.28 24.36
N PHE D 5 49.25 -16.12 23.09
CA PHE D 5 49.19 -17.23 22.13
C PHE D 5 50.55 -17.22 21.44
N PRO D 6 51.51 -18.03 21.93
CA PRO D 6 52.93 -17.82 21.56
C PRO D 6 53.28 -18.05 20.09
N GLY D 7 52.44 -18.78 19.35
CA GLY D 7 52.67 -18.88 17.91
C GLY D 7 52.10 -17.72 17.12
N SER D 8 51.13 -17.01 17.68
CA SER D 8 50.42 -15.97 16.93
C SER D 8 51.26 -14.69 16.85
N GLN D 9 51.02 -13.94 15.79
CA GLN D 9 51.62 -12.61 15.65
C GLN D 9 50.83 -11.62 16.50
N PRO D 10 51.50 -10.75 17.26
CA PRO D 10 50.77 -9.78 18.09
C PRO D 10 50.10 -8.72 17.21
N PRO D 11 48.99 -8.16 17.67
CA PRO D 11 48.29 -7.14 16.87
C PRO D 11 49.06 -5.82 16.82
N GLU D 12 48.74 -5.03 15.80
CA GLU D 12 49.43 -3.76 15.58
C GLU D 12 49.03 -2.72 16.63
N TRP D 13 47.76 -2.73 17.05
CA TRP D 13 47.30 -1.75 18.02
C TRP D 13 47.79 -2.05 19.43
N LEU D 14 48.11 -3.31 19.73
CA LEU D 14 48.70 -3.70 21.01
C LEU D 14 50.20 -3.80 20.80
N ASP D 15 50.90 -2.68 21.02
CA ASP D 15 52.34 -2.60 20.80
C ASP D 15 53.15 -2.91 22.05
N GLY D 16 52.50 -3.30 23.14
CA GLY D 16 53.18 -3.58 24.39
C GLY D 16 53.44 -2.36 25.26
N SER D 17 53.00 -1.18 24.83
CA SER D 17 53.20 0.02 25.64
C SER D 17 52.26 0.08 26.83
N LEU D 18 51.07 -0.53 26.70
CA LEU D 18 50.11 -0.54 27.79
C LEU D 18 50.52 -1.53 28.87
N PRO D 19 50.21 -1.23 30.13
CA PRO D 19 50.44 -2.23 31.19
C PRO D 19 49.56 -3.45 31.03
N GLY D 20 50.14 -4.62 31.28
CA GLY D 20 49.42 -5.87 31.12
C GLY D 20 49.07 -6.23 29.70
N ASP D 21 49.92 -5.87 28.74
CA ASP D 21 49.62 -6.08 27.33
C ASP D 21 50.23 -7.44 26.97
N PHE D 22 49.37 -8.38 26.58
CA PHE D 22 49.82 -9.70 26.13
C PHE D 22 49.26 -10.05 24.75
N GLY D 23 48.84 -9.04 23.99
CA GLY D 23 48.43 -9.25 22.61
C GLY D 23 47.10 -9.93 22.42
N PHE D 24 46.27 -10.01 23.47
CA PHE D 24 45.01 -10.73 23.40
C PHE D 24 43.94 -9.82 22.81
N ASP D 25 43.77 -9.94 21.50
CA ASP D 25 42.68 -9.25 20.80
C ASP D 25 42.27 -10.08 19.59
N PRO D 26 41.50 -11.17 19.81
CA PRO D 26 41.05 -11.97 18.66
C PRO D 26 39.91 -11.32 17.90
N LEU D 27 39.01 -10.64 18.61
CA LEU D 27 37.95 -9.89 17.96
C LEU D 27 38.40 -8.52 17.48
N GLY D 28 39.53 -8.03 17.97
CA GLY D 28 40.11 -6.78 17.52
C GLY D 28 39.31 -5.53 17.83
N LEU D 29 38.66 -5.47 19.00
CA LEU D 29 37.82 -4.34 19.33
C LEU D 29 38.61 -3.11 19.75
N GLY D 30 39.91 -3.25 20.02
CA GLY D 30 40.74 -2.11 20.37
C GLY D 30 41.58 -1.62 19.20
N SER D 31 41.06 -1.79 17.98
CA SER D 31 41.82 -1.44 16.78
C SER D 31 41.90 0.07 16.60
N ASP D 32 40.83 0.79 16.94
CA ASP D 32 40.83 2.24 16.83
C ASP D 32 41.66 2.83 17.97
N PRO D 33 42.61 3.72 17.67
CA PRO D 33 43.40 4.35 18.74
C PRO D 33 42.58 5.21 19.70
N GLU D 34 41.51 5.85 19.23
CA GLU D 34 40.66 6.63 20.13
C GLU D 34 39.82 5.72 21.02
N LEU D 35 39.38 4.58 20.48
CA LEU D 35 38.62 3.62 21.28
C LEU D 35 39.51 2.75 22.15
N LEU D 36 40.80 2.63 21.83
CA LEU D 36 41.71 1.86 22.67
C LEU D 36 42.00 2.59 23.98
N LYS D 37 42.15 3.92 23.93
CA LYS D 37 42.37 4.70 25.13
C LYS D 37 41.14 4.74 26.02
N TRP D 38 39.95 4.64 25.42
CA TRP D 38 38.73 4.51 26.21
C TRP D 38 38.63 3.13 26.87
N PHE D 39 39.07 2.09 26.16
CA PHE D 39 38.94 0.73 26.68
C PHE D 39 39.98 0.43 27.74
N VAL D 40 41.18 1.03 27.65
CA VAL D 40 42.17 0.94 28.73
C VAL D 40 41.63 1.64 29.97
N GLN D 41 41.01 2.82 29.79
CA GLN D 41 40.33 3.49 30.88
C GLN D 41 39.13 2.70 31.39
N ALA D 42 38.46 1.96 30.52
CA ALA D 42 37.38 1.08 30.96
C ALA D 42 37.91 -0.12 31.72
N GLU D 43 39.09 -0.62 31.34
CA GLU D 43 39.66 -1.79 32.00
C GLU D 43 40.24 -1.45 33.36
N LEU D 44 40.72 -0.21 33.54
CA LEU D 44 41.30 0.21 34.82
C LEU D 44 40.26 0.25 35.92
N VAL D 45 39.12 0.91 35.67
CA VAL D 45 38.08 0.97 36.69
C VAL D 45 37.34 -0.35 36.82
N HIS D 46 37.35 -1.19 35.77
CA HIS D 46 36.83 -2.54 35.91
C HIS D 46 37.71 -3.38 36.81
N CYS D 47 39.03 -3.22 36.70
CA CYS D 47 39.98 -4.00 37.49
C CYS D 47 39.88 -3.62 38.97
N ARG D 48 39.84 -2.32 39.25
CA ARG D 48 39.85 -1.86 40.63
C ARG D 48 38.51 -2.04 41.32
N TRP D 49 37.40 -2.01 40.57
CA TRP D 49 36.11 -2.31 41.18
C TRP D 49 35.95 -3.80 41.45
N ALA D 50 36.57 -4.65 40.62
CA ALA D 50 36.46 -6.08 40.86
C ALA D 50 37.36 -6.53 41.99
N MET D 51 38.55 -5.91 42.14
CA MET D 51 39.38 -6.18 43.30
C MET D 51 38.74 -5.65 44.58
N LEU D 52 38.08 -4.50 44.50
CA LEU D 52 37.22 -4.08 45.61
C LEU D 52 35.99 -4.97 45.72
N GLY D 53 35.51 -5.50 44.60
CA GLY D 53 34.43 -6.47 44.64
C GLY D 53 34.85 -7.80 45.25
N ALA D 54 36.05 -8.27 44.91
CA ALA D 54 36.52 -9.55 45.44
C ALA D 54 36.89 -9.48 46.91
N ALA D 55 37.19 -8.31 47.43
CA ALA D 55 37.44 -8.16 48.86
C ALA D 55 36.16 -8.03 49.67
N GLY D 56 35.01 -7.89 49.02
CA GLY D 56 33.74 -7.85 49.71
C GLY D 56 32.93 -9.10 49.49
N ILE D 57 33.40 -9.96 48.60
CA ILE D 57 32.77 -11.24 48.33
C ILE D 57 33.52 -12.39 48.98
N PHE D 58 34.83 -12.49 48.74
CA PHE D 58 35.60 -13.64 49.19
C PHE D 58 36.32 -13.42 50.51
N ILE D 59 36.61 -12.19 50.88
CA ILE D 59 37.23 -11.92 52.18
C ILE D 59 36.23 -12.04 53.34
N PRO D 60 35.07 -11.34 53.39
CA PRO D 60 34.22 -11.48 54.59
C PRO D 60 33.46 -12.80 54.65
N GLU D 61 33.25 -13.49 53.53
CA GLU D 61 32.63 -14.80 53.58
C GLU D 61 33.59 -15.87 54.06
N ALA D 62 34.89 -15.68 53.85
CA ALA D 62 35.88 -16.55 54.48
C ALA D 62 35.93 -16.31 55.98
N LEU D 63 35.73 -15.06 56.41
CA LEU D 63 35.62 -14.75 57.83
C LEU D 63 34.26 -15.19 58.38
N THR D 64 33.23 -15.28 57.54
CA THR D 64 31.95 -15.82 57.98
C THR D 64 32.04 -17.32 58.22
N LYS D 65 32.78 -18.03 57.35
CA LYS D 65 32.97 -19.47 57.55
C LYS D 65 33.88 -19.75 58.73
N ALA D 66 34.90 -18.91 58.93
CA ALA D 66 35.81 -19.08 60.07
C ALA D 66 35.25 -18.53 61.37
N GLY D 67 34.10 -17.85 61.34
CA GLY D 67 33.49 -17.33 62.54
C GLY D 67 34.07 -16.02 63.04
N ILE D 68 34.91 -15.36 62.24
CA ILE D 68 35.46 -14.07 62.64
C ILE D 68 34.39 -12.98 62.60
N LEU D 69 33.56 -12.99 61.56
CA LEU D 69 32.51 -12.00 61.41
C LEU D 69 31.19 -12.69 61.12
N ASN D 70 30.09 -12.04 61.51
CA ASN D 70 28.75 -12.54 61.27
C ASN D 70 28.06 -11.80 60.13
N THR D 71 28.80 -11.39 59.11
CA THR D 71 28.23 -10.71 57.97
C THR D 71 27.43 -11.70 57.11
N PRO D 72 26.37 -11.24 56.44
CA PRO D 72 25.61 -12.14 55.55
C PRO D 72 26.36 -12.47 54.27
N SER D 73 25.79 -13.35 53.45
CA SER D 73 26.39 -13.69 52.17
C SER D 73 26.29 -12.51 51.21
N TRP D 74 27.17 -12.52 50.21
CA TRP D 74 27.25 -11.39 49.28
C TRP D 74 26.04 -11.31 48.36
N THR D 75 25.38 -12.44 48.10
CA THR D 75 24.20 -12.43 47.26
C THR D 75 23.01 -11.81 47.99
N VAL D 76 22.90 -12.06 49.29
CA VAL D 76 21.78 -11.57 50.08
C VAL D 76 22.18 -10.37 50.94
N ALA D 77 23.30 -9.72 50.63
CA ALA D 77 23.72 -8.57 51.42
C ALA D 77 22.90 -7.32 51.13
N GLY D 78 22.46 -7.15 49.88
CA GLY D 78 21.60 -6.03 49.55
C GLY D 78 20.17 -6.18 50.05
N ASP D 79 19.74 -7.41 50.32
CA ASP D 79 18.40 -7.66 50.83
C ASP D 79 18.26 -7.28 52.31
N GLN D 80 19.37 -7.13 53.01
CA GLN D 80 19.35 -6.82 54.44
C GLN D 80 18.88 -5.38 54.69
N GLN D 81 18.39 -5.15 55.90
CA GLN D 81 17.83 -3.86 56.28
C GLN D 81 18.90 -3.01 56.96
N TYR D 82 18.97 -1.74 56.57
CA TYR D 82 19.92 -0.79 57.10
C TYR D 82 19.18 0.44 57.60
N PHE D 83 19.93 1.44 58.05
CA PHE D 83 19.33 2.69 58.49
C PHE D 83 18.87 3.57 57.33
N THR D 84 19.33 3.28 56.12
CA THR D 84 18.89 3.95 54.91
C THR D 84 18.32 2.90 53.97
N ASP D 85 17.19 3.23 53.34
CA ASP D 85 16.54 2.32 52.40
C ASP D 85 17.41 2.14 51.16
N ALA D 86 17.38 0.92 50.60
CA ALA D 86 18.26 0.58 49.50
C ALA D 86 17.85 1.26 48.19
N THR D 87 16.61 1.72 48.08
CA THR D 87 16.23 2.53 46.93
C THR D 87 16.86 3.91 47.00
N THR D 88 16.86 4.53 48.18
CA THR D 88 17.47 5.84 48.37
C THR D 88 18.92 5.76 48.83
N LEU D 89 19.46 4.55 49.01
CA LEU D 89 20.91 4.40 49.08
C LEU D 89 21.56 4.57 47.71
N PHE D 90 20.82 4.28 46.65
CA PHE D 90 21.37 4.38 45.30
C PHE D 90 21.54 5.83 44.89
N VAL D 91 20.52 6.67 45.14
CA VAL D 91 20.58 8.06 44.69
C VAL D 91 21.52 8.90 45.56
N ILE D 92 21.84 8.46 46.77
CA ILE D 92 22.96 9.05 47.49
C ILE D 92 24.27 8.69 46.80
N GLU D 93 24.40 7.41 46.40
CA GLU D 93 25.60 6.94 45.72
C GLU D 93 25.73 7.52 44.31
N ILE D 94 24.60 7.65 43.60
CA ILE D 94 24.60 8.22 42.25
C ILE D 94 25.02 9.68 42.27
N ILE D 95 24.54 10.44 43.27
CA ILE D 95 24.96 11.83 43.46
C ILE D 95 26.44 11.90 43.83
N LEU D 96 26.90 11.01 44.73
CA LEU D 96 28.29 11.01 45.14
C LEU D 96 29.23 10.50 44.03
N PHE D 97 28.73 9.69 43.11
CA PHE D 97 29.54 9.24 41.98
C PHE D 97 29.34 10.06 40.72
N ALA D 98 28.41 11.02 40.73
CA ALA D 98 28.39 12.02 39.68
C ALA D 98 29.53 13.00 39.83
N TRP D 99 30.05 13.17 41.05
CA TRP D 99 31.26 13.92 41.32
C TRP D 99 32.51 13.05 41.24
N ALA D 100 32.39 11.75 41.50
CA ALA D 100 33.56 10.89 41.47
C ALA D 100 33.87 10.41 40.05
N GLU D 101 32.86 9.95 39.32
CA GLU D 101 33.08 9.47 37.96
C GLU D 101 32.84 10.53 36.90
N GLY D 102 32.01 11.53 37.19
CA GLY D 102 31.84 12.64 36.27
C GLY D 102 33.07 13.51 36.16
N ARG D 103 33.77 13.71 37.28
CA ARG D 103 35.07 14.39 37.22
C ARG D 103 36.14 13.47 36.66
N ARG D 104 35.95 12.16 36.78
CA ARG D 104 36.81 11.20 36.08
C ARG D 104 36.51 11.16 34.58
N TRP D 105 35.28 11.49 34.20
CA TRP D 105 34.90 11.57 32.79
C TRP D 105 35.67 12.68 32.07
N ALA D 106 35.95 13.79 32.75
CA ALA D 106 36.68 14.88 32.12
C ALA D 106 38.15 14.55 31.93
N ASP D 107 38.73 13.72 32.81
CA ASP D 107 40.14 13.37 32.71
C ASP D 107 40.41 12.46 31.51
N ILE D 108 39.47 11.60 31.16
CA ILE D 108 39.61 10.77 29.97
C ILE D 108 39.49 11.63 28.71
N ILE D 109 38.57 12.58 28.70
CA ILE D 109 38.39 13.45 27.55
C ILE D 109 39.51 14.48 27.46
N ASN D 110 39.71 15.25 28.52
CA ASN D 110 40.73 16.30 28.57
C ASN D 110 41.74 15.95 29.66
N PRO D 111 42.92 15.45 29.31
CA PRO D 111 43.92 15.14 30.36
C PRO D 111 44.51 16.41 30.96
N GLY D 112 44.74 16.36 32.27
CA GLY D 112 45.36 17.46 32.98
C GLY D 112 44.48 18.67 33.18
N CYS D 113 43.20 18.48 33.44
CA CYS D 113 42.27 19.59 33.64
C CYS D 113 41.54 19.54 34.97
N VAL D 114 41.22 18.36 35.46
CA VAL D 114 40.56 18.20 36.76
C VAL D 114 41.53 17.80 37.86
N ASN D 115 42.82 18.07 37.66
CA ASN D 115 43.83 17.74 38.67
C ASN D 115 43.94 18.79 39.77
N VAL D 116 43.17 19.87 39.72
CA VAL D 116 43.24 20.95 40.70
C VAL D 116 41.95 20.94 41.52
N ASP D 117 42.11 20.95 42.84
CA ASP D 117 40.99 20.98 43.79
C ASP D 117 40.26 22.31 43.67
N PRO D 118 38.94 22.33 43.43
CA PRO D 118 38.24 23.60 43.20
C PRO D 118 38.01 24.42 44.46
N VAL D 119 37.82 23.77 45.60
CA VAL D 119 37.59 24.49 46.85
C VAL D 119 38.87 25.19 47.31
N PHE D 120 39.99 24.48 47.28
CA PHE D 120 41.29 25.04 47.63
C PHE D 120 42.24 24.87 46.45
N PRO D 121 42.62 25.93 45.76
CA PRO D 121 43.44 25.78 44.53
C PRO D 121 44.88 25.37 44.79
N ASN D 122 45.36 25.43 46.04
CA ASN D 122 46.72 25.00 46.33
C ASN D 122 46.87 23.49 46.29
N ASN D 123 45.79 22.76 46.60
CA ASN D 123 45.84 21.30 46.56
C ASN D 123 45.70 20.83 45.12
N LYS D 124 46.57 19.91 44.72
CA LYS D 124 46.55 19.38 43.37
C LYS D 124 47.06 17.95 43.39
N LEU D 125 46.73 17.20 42.34
CA LEU D 125 47.14 15.81 42.23
C LEU D 125 48.47 15.72 41.49
N THR D 126 49.39 14.95 42.03
CA THR D 126 50.70 14.73 41.41
C THR D 126 50.63 13.54 40.44
N GLY D 127 49.89 13.76 39.35
CA GLY D 127 49.72 12.73 38.34
C GLY D 127 49.84 13.26 36.93
N THR D 128 50.45 12.48 36.04
CA THR D 128 50.68 12.88 34.66
C THR D 128 50.06 11.96 33.62
N ASP D 129 49.56 10.79 34.02
CA ASP D 129 49.04 9.81 33.09
C ASP D 129 47.54 9.65 33.34
N VAL D 130 46.80 9.37 32.27
CA VAL D 130 45.36 9.21 32.35
C VAL D 130 45.04 7.86 32.98
N GLY D 131 44.21 7.86 34.00
CA GLY D 131 43.85 6.66 34.72
C GLY D 131 44.63 6.43 35.99
N TYR D 132 45.66 7.21 36.24
CA TYR D 132 46.51 7.10 37.42
C TYR D 132 46.62 8.50 38.01
N PRO D 133 45.66 8.90 38.84
CA PRO D 133 45.57 10.33 39.21
C PRO D 133 46.62 10.77 40.22
N GLY D 134 47.05 9.91 41.12
CA GLY D 134 48.06 10.31 42.09
C GLY D 134 47.48 11.22 43.18
N GLY D 135 48.35 12.06 43.73
CA GLY D 135 47.93 12.97 44.77
C GLY D 135 47.83 12.30 46.12
N LEU D 136 47.45 13.09 47.12
CA LEU D 136 47.35 12.56 48.48
C LEU D 136 46.10 11.72 48.69
N TRP D 137 45.01 12.01 47.97
CA TRP D 137 43.76 11.28 48.17
C TRP D 137 43.81 9.88 47.55
N PHE D 138 44.64 9.67 46.54
CA PHE D 138 44.66 8.41 45.82
C PHE D 138 45.98 7.67 45.91
N ASP D 139 47.09 8.36 46.09
CA ASP D 139 48.41 7.76 46.27
C ASP D 139 49.10 8.39 47.46
N PRO D 140 48.67 8.06 48.69
CA PRO D 140 49.25 8.71 49.87
C PRO D 140 50.64 8.21 50.23
N LEU D 141 51.08 7.07 49.69
CA LEU D 141 52.40 6.54 49.96
C LEU D 141 53.42 6.86 48.88
N GLY D 142 52.99 7.36 47.73
CA GLY D 142 53.91 7.78 46.69
C GLY D 142 54.60 6.68 45.93
N TRP D 143 54.08 5.45 45.99
CA TRP D 143 54.72 4.33 45.30
C TRP D 143 54.46 4.37 43.80
N GLY D 144 53.36 4.99 43.37
CA GLY D 144 53.04 5.05 41.96
C GLY D 144 53.73 6.15 41.17
N GLN D 145 54.49 7.01 41.83
CA GLN D 145 55.23 8.08 41.19
C GLN D 145 56.72 7.81 41.38
N THR D 146 57.30 7.08 40.44
CA THR D 146 58.71 6.73 40.47
C THR D 146 59.42 7.31 39.26
N GLY D 147 60.72 7.60 39.44
CA GLY D 147 61.51 8.15 38.35
C GLY D 147 61.76 7.17 37.22
N ASP D 148 62.06 5.92 37.55
CA ASP D 148 62.31 4.90 36.54
C ASP D 148 61.00 4.42 35.94
N ALA D 149 61.02 4.14 34.64
CA ALA D 149 59.82 3.75 33.92
C ALA D 149 59.63 2.24 33.81
N ALA D 150 60.70 1.45 33.96
CA ALA D 150 60.56 0.00 33.87
C ALA D 150 59.90 -0.56 35.12
N LYS D 151 60.27 -0.05 36.29
CA LYS D 151 59.61 -0.46 37.53
C LYS D 151 58.18 0.07 37.61
N LEU D 152 57.95 1.27 37.06
CA LEU D 152 56.62 1.87 37.05
C LEU D 152 55.67 1.11 36.13
N LYS D 153 56.19 0.60 35.01
CA LYS D 153 55.35 -0.17 34.09
C LYS D 153 55.00 -1.53 34.66
N ASP D 154 55.96 -2.16 35.34
CA ASP D 154 55.73 -3.48 35.95
C ASP D 154 54.75 -3.39 37.13
N LEU D 155 54.83 -2.31 37.90
CA LEU D 155 53.87 -2.11 38.98
C LEU D 155 52.46 -1.84 38.45
N ARG D 156 52.34 -1.15 37.32
CA ARG D 156 51.03 -1.02 36.68
C ARG D 156 50.60 -2.32 36.02
N THR D 157 51.56 -3.13 35.57
CA THR D 157 51.25 -4.46 35.05
C THR D 157 50.80 -5.38 36.18
N ARG D 158 51.40 -5.21 37.36
CA ARG D 158 50.99 -5.96 38.55
C ARG D 158 49.57 -5.57 38.98
N GLU D 159 49.19 -4.32 38.74
CA GLU D 159 47.84 -3.86 39.08
C GLU D 159 46.80 -4.45 38.14
N ILE D 160 47.11 -4.50 36.83
CA ILE D 160 46.17 -5.02 35.84
C ILE D 160 45.96 -6.51 36.03
N LYS D 161 47.05 -7.27 36.17
CA LYS D 161 46.93 -8.73 36.26
C LYS D 161 46.30 -9.18 37.58
N ASN D 162 46.47 -8.40 38.65
CA ASN D 162 45.70 -8.64 39.85
C ASN D 162 44.24 -8.29 39.65
N GLY D 163 43.97 -7.30 38.78
CA GLY D 163 42.59 -6.94 38.51
C GLY D 163 41.84 -8.01 37.74
N ARG D 164 42.41 -8.47 36.62
CA ARG D 164 41.73 -9.39 35.71
C ARG D 164 41.53 -10.78 36.29
N LEU D 165 42.29 -11.15 37.31
CA LEU D 165 41.96 -12.36 38.08
C LEU D 165 40.68 -12.16 38.87
N ALA D 166 40.44 -10.95 39.39
CA ALA D 166 39.23 -10.70 40.16
C ALA D 166 37.99 -10.55 39.28
N MET D 167 38.16 -9.99 38.07
CA MET D 167 37.07 -9.97 37.09
C MET D 167 36.67 -11.37 36.64
N LEU D 168 37.60 -12.33 36.66
CA LEU D 168 37.20 -13.72 36.54
C LEU D 168 36.54 -14.22 37.83
N ALA D 169 36.96 -13.68 38.97
CA ALA D 169 36.47 -14.17 40.26
C ALA D 169 35.07 -13.66 40.58
N VAL D 170 34.81 -12.37 40.36
CA VAL D 170 33.49 -11.82 40.64
C VAL D 170 32.46 -12.34 39.64
N LEU D 171 32.85 -12.48 38.36
CA LEU D 171 32.02 -13.20 37.41
C LEU D 171 31.89 -14.67 37.80
N GLY D 172 32.97 -15.25 38.33
CA GLY D 172 32.91 -16.60 38.86
C GLY D 172 32.01 -16.72 40.08
N ALA D 173 31.95 -15.67 40.91
CA ALA D 173 31.05 -15.70 42.06
C ALA D 173 29.59 -15.54 41.64
N VAL D 174 29.34 -14.84 40.53
CA VAL D 174 27.97 -14.63 40.05
C VAL D 174 27.37 -15.94 39.54
N VAL D 175 28.13 -16.66 38.70
CA VAL D 175 27.60 -17.89 38.10
C VAL D 175 27.55 -19.02 39.13
N GLN D 176 28.46 -19.02 40.11
CA GLN D 176 28.40 -20.01 41.19
C GLN D 176 27.17 -19.83 42.06
N ALA D 177 26.76 -18.57 42.30
CA ALA D 177 25.53 -18.33 43.03
C ALA D 177 24.29 -18.69 42.21
N ASN D 178 24.37 -18.55 40.89
CA ASN D 178 23.26 -18.92 40.03
C ASN D 178 23.15 -20.43 39.85
N TYR D 179 24.27 -21.14 39.93
CA TYR D 179 24.29 -22.59 39.69
C TYR D 179 24.17 -23.38 40.99
N THR D 180 25.05 -23.12 41.94
CA THR D 180 25.10 -23.92 43.17
C THR D 180 24.23 -23.37 44.28
N HIS D 181 23.83 -22.10 44.20
CA HIS D 181 23.09 -21.36 45.25
C HIS D 181 23.82 -21.41 46.60
N THR D 182 25.15 -21.31 46.54
CA THR D 182 26.01 -21.48 47.68
C THR D 182 27.12 -20.44 47.59
N GLY D 183 27.60 -19.96 48.74
CA GLY D 183 28.70 -19.03 48.79
C GLY D 183 29.99 -19.60 48.26
N PRO D 184 30.77 -18.77 47.55
CA PRO D 184 31.98 -19.27 46.88
C PRO D 184 33.09 -19.75 47.81
N ILE D 185 33.12 -19.30 49.07
CA ILE D 185 34.03 -19.91 50.03
C ILE D 185 33.55 -21.32 50.38
N ASP D 186 32.24 -21.51 50.50
CA ASP D 186 31.69 -22.83 50.73
C ASP D 186 31.80 -23.71 49.50
N ASN D 187 31.81 -23.12 48.29
CA ASN D 187 32.12 -23.88 47.10
C ASN D 187 33.58 -24.29 47.05
N LEU D 188 34.47 -23.47 47.62
CA LEU D 188 35.89 -23.82 47.66
C LEU D 188 36.14 -24.97 48.63
N LEU D 189 35.51 -24.92 49.81
CA LEU D 189 35.73 -25.97 50.80
C LEU D 189 35.04 -27.27 50.41
N ALA D 190 33.95 -27.20 49.66
CA ALA D 190 33.36 -28.41 49.08
C ALA D 190 34.27 -28.98 47.99
N HIS D 191 34.93 -28.11 47.23
CA HIS D 191 35.88 -28.56 46.22
C HIS D 191 37.21 -28.99 46.83
N LEU D 192 37.58 -28.43 47.99
CA LEU D 192 38.83 -28.84 48.61
C LEU D 192 38.74 -30.22 49.26
N ALA D 193 37.53 -30.70 49.54
CA ALA D 193 37.37 -32.03 50.10
C ALA D 193 37.53 -33.11 49.03
N ASP D 194 36.67 -33.07 48.00
CA ASP D 194 36.70 -34.04 46.91
C ASP D 194 36.73 -33.23 45.62
N PRO D 195 37.92 -32.87 45.12
CA PRO D 195 37.99 -32.10 43.87
C PRO D 195 37.67 -32.90 42.62
N GLY D 196 37.66 -34.22 42.71
CA GLY D 196 37.30 -35.02 41.55
C GLY D 196 35.83 -34.91 41.18
N HIS D 197 34.96 -34.82 42.18
CA HIS D 197 33.52 -34.85 41.97
C HIS D 197 32.83 -33.51 42.20
N ASN D 198 33.24 -32.75 43.22
CA ASN D 198 32.58 -31.49 43.55
C ASN D 198 33.08 -30.40 42.59
N THR D 199 32.44 -30.34 41.45
CA THR D 199 32.80 -29.42 40.36
C THR D 199 31.52 -28.86 39.78
N ILE D 200 31.62 -28.26 38.59
CA ILE D 200 30.44 -27.77 37.87
C ILE D 200 29.57 -28.93 37.38
N PHE D 201 30.16 -30.11 37.18
CA PHE D 201 29.42 -31.28 36.74
C PHE D 201 28.91 -32.12 37.90
N ALA D 202 28.95 -31.60 39.12
CA ALA D 202 28.30 -32.25 40.25
C ALA D 202 26.79 -32.03 40.24
N LEU D 203 26.31 -31.05 39.47
CA LEU D 203 24.89 -30.72 39.26
C LEU D 203 24.15 -30.41 40.55
N ARG E 1 59.65 -50.14 -4.42
CA ARG E 1 58.87 -49.62 -5.53
C ARG E 1 57.51 -50.32 -5.64
N SER E 2 56.98 -50.76 -4.50
CA SER E 2 55.68 -51.41 -4.49
C SER E 2 54.57 -50.38 -4.71
N LEU E 3 53.65 -50.68 -5.62
CA LEU E 3 52.59 -49.76 -6.00
C LEU E 3 51.28 -50.53 -6.10
N ILE E 4 50.31 -50.17 -5.28
CA ILE E 4 48.99 -50.80 -5.29
C ILE E 4 47.92 -49.73 -5.36
N PHE E 5 46.84 -50.05 -6.10
CA PHE E 5 45.56 -49.32 -6.09
C PHE E 5 45.72 -47.88 -6.61
N ALA E 6 46.60 -47.71 -7.58
CA ALA E 6 47.01 -46.38 -8.03
C ALA E 6 46.35 -46.02 -9.35
N SER E 7 46.42 -44.73 -9.67
CA SER E 7 45.92 -44.18 -10.92
C SER E 7 46.89 -43.12 -11.41
N LYS E 8 46.75 -42.72 -12.67
CA LYS E 8 47.63 -41.68 -13.22
C LYS E 8 47.34 -40.32 -12.61
N GLN E 9 46.11 -40.09 -12.13
CA GLN E 9 45.83 -38.90 -11.33
C GLN E 9 46.54 -38.98 -9.99
N SER E 10 46.64 -40.18 -9.41
CA SER E 10 47.23 -40.35 -8.09
C SER E 10 48.75 -40.24 -8.11
N LEU E 11 49.41 -40.70 -9.18
CA LEU E 11 50.86 -40.63 -9.27
C LEU E 11 51.37 -39.29 -9.78
N SER E 12 50.48 -38.33 -10.08
CA SER E 12 50.93 -37.00 -10.46
C SER E 12 51.51 -36.25 -9.26
N TYR E 13 51.05 -36.55 -8.05
CA TYR E 13 51.57 -35.92 -6.85
C TYR E 13 52.20 -36.89 -5.86
N LEU E 14 51.88 -38.19 -5.91
CA LEU E 14 52.50 -39.18 -5.05
C LEU E 14 53.73 -39.71 -5.76
N ASP E 15 54.85 -39.00 -5.60
CA ASP E 15 56.09 -39.33 -6.29
C ASP E 15 57.04 -40.19 -5.48
N GLY E 16 56.69 -40.55 -4.25
CA GLY E 16 57.49 -41.44 -3.44
C GLY E 16 58.31 -40.80 -2.34
N THR E 17 58.21 -39.49 -2.15
CA THR E 17 58.91 -38.84 -1.05
C THR E 17 58.23 -39.03 0.29
N LEU E 18 56.99 -39.51 0.31
CA LEU E 18 56.26 -39.80 1.52
C LEU E 18 56.69 -41.14 2.10
N PRO E 19 56.52 -41.34 3.41
CA PRO E 19 56.83 -42.66 4.00
C PRO E 19 55.93 -43.78 3.50
N GLY E 20 54.62 -43.61 3.57
CA GLY E 20 53.70 -44.65 3.13
C GLY E 20 53.17 -44.43 1.73
N ASP E 21 54.03 -43.98 0.82
CA ASP E 21 53.66 -43.65 -0.55
C ASP E 21 53.53 -44.94 -1.36
N TYR E 22 52.37 -45.58 -1.25
CA TYR E 22 52.05 -46.75 -2.04
C TYR E 22 51.11 -46.45 -3.19
N GLY E 23 50.77 -45.18 -3.41
CA GLY E 23 49.94 -44.78 -4.52
C GLY E 23 48.45 -44.93 -4.31
N PHE E 24 48.01 -45.36 -3.14
CA PHE E 24 46.58 -45.60 -2.89
C PHE E 24 45.91 -44.24 -2.68
N ASP E 25 45.32 -43.72 -3.75
CA ASP E 25 44.43 -42.55 -3.68
C ASP E 25 43.47 -42.58 -4.85
N PRO E 26 42.41 -43.42 -4.77
CA PRO E 26 41.44 -43.46 -5.87
C PRO E 26 40.57 -42.24 -5.95
N LEU E 27 40.27 -41.60 -4.82
CA LEU E 27 39.40 -40.43 -4.80
C LEU E 27 40.13 -39.16 -5.18
N GLY E 28 41.44 -39.09 -5.01
CA GLY E 28 42.18 -37.89 -5.34
C GLY E 28 42.07 -36.82 -4.30
N LEU E 29 42.57 -37.10 -3.09
CA LEU E 29 42.45 -36.22 -1.95
C LEU E 29 43.67 -35.37 -1.67
N MET E 30 44.88 -35.81 -2.04
CA MET E 30 46.08 -35.02 -1.78
C MET E 30 46.49 -34.28 -3.07
N ASP E 31 45.51 -33.82 -3.81
CA ASP E 31 45.80 -33.09 -5.05
C ASP E 31 46.22 -31.67 -4.73
N PRO E 32 47.38 -31.21 -5.20
CA PRO E 32 47.81 -29.83 -4.91
C PRO E 32 47.13 -28.76 -5.75
N GLU E 33 46.31 -29.15 -6.72
CA GLU E 33 45.62 -28.17 -7.56
C GLU E 33 44.54 -27.44 -6.80
N GLY E 34 43.82 -28.16 -5.93
CA GLY E 34 42.76 -27.58 -5.13
C GLY E 34 43.04 -27.65 -3.65
N ALA E 35 44.27 -27.33 -3.26
CA ALA E 35 44.67 -27.37 -1.86
C ALA E 35 43.99 -26.25 -1.08
N GLY E 36 43.35 -26.61 0.03
CA GLY E 36 42.61 -25.65 0.82
C GLY E 36 42.99 -25.61 2.27
N GLY E 37 42.01 -25.69 3.16
CA GLY E 37 42.26 -25.58 4.58
C GLY E 37 42.72 -26.89 5.20
N PHE E 38 41.94 -27.94 5.01
CA PHE E 38 42.26 -29.25 5.56
C PHE E 38 42.45 -30.33 4.49
N ILE E 39 41.96 -30.13 3.28
CA ILE E 39 42.24 -31.02 2.16
C ILE E 39 43.37 -30.36 1.36
N ASP E 40 44.60 -30.68 1.72
CA ASP E 40 45.79 -30.10 1.12
C ASP E 40 46.96 -31.04 1.36
N PRO E 41 47.99 -31.00 0.51
CA PRO E 41 49.13 -31.93 0.68
C PRO E 41 50.05 -31.61 1.86
N GLN E 42 49.81 -30.57 2.63
CA GLN E 42 50.65 -30.26 3.79
C GLN E 42 50.06 -30.76 5.10
N TRP E 43 48.73 -30.82 5.20
CA TRP E 43 48.04 -31.24 6.42
C TRP E 43 47.71 -32.73 6.41
N LEU E 44 47.33 -33.28 5.25
CA LEU E 44 46.87 -34.66 5.11
C LEU E 44 47.92 -35.73 5.43
N PRO E 45 49.19 -35.65 5.00
CA PRO E 45 50.17 -36.60 5.56
C PRO E 45 50.40 -36.40 7.05
N TYR E 46 50.32 -35.17 7.52
CA TYR E 46 50.44 -34.87 8.94
C TYR E 46 49.18 -35.25 9.71
N ALA E 47 48.02 -35.30 9.04
CA ALA E 47 46.81 -35.80 9.69
C ALA E 47 46.86 -37.31 9.86
N GLU E 48 47.45 -38.02 8.89
CA GLU E 48 47.60 -39.47 8.99
C GLU E 48 48.60 -39.85 10.08
N ILE E 49 49.57 -38.97 10.34
CA ILE E 49 50.55 -39.22 11.40
C ILE E 49 49.89 -39.13 12.77
N ILE E 50 49.12 -38.07 13.02
CA ILE E 50 48.50 -37.87 14.33
C ILE E 50 47.35 -38.85 14.54
N ASN E 51 46.58 -39.13 13.49
CA ASN E 51 45.58 -40.20 13.57
C ASN E 51 46.22 -41.57 13.67
N GLY E 52 47.42 -41.74 13.10
CA GLY E 52 48.12 -43.00 13.23
C GLY E 52 48.65 -43.23 14.64
N ARG E 53 49.25 -42.20 15.23
CA ARG E 53 49.86 -42.35 16.55
C ARG E 53 48.81 -42.42 17.65
N PHE E 54 47.67 -41.75 17.47
CA PHE E 54 46.59 -41.89 18.43
C PHE E 54 45.88 -43.23 18.30
N ALA E 55 45.87 -43.81 17.09
CA ALA E 55 45.32 -45.15 16.94
C ALA E 55 46.27 -46.23 17.43
N MET E 56 47.58 -46.04 17.29
CA MET E 56 48.53 -46.98 17.89
C MET E 56 48.50 -46.89 19.41
N LEU E 57 48.26 -45.70 19.96
CA LEU E 57 47.91 -45.61 21.38
C LEU E 57 46.49 -46.08 21.65
N GLY E 58 45.65 -46.13 20.62
CA GLY E 58 44.27 -46.55 20.78
C GLY E 58 44.06 -48.04 20.61
N ALA E 59 44.69 -48.64 19.59
CA ALA E 59 44.52 -50.07 19.36
C ALA E 59 45.25 -50.89 20.40
N ALA E 60 46.41 -50.41 20.87
CA ALA E 60 47.10 -51.09 21.96
C ALA E 60 46.39 -50.85 23.28
N GLY E 61 45.80 -49.67 23.47
CA GLY E 61 45.21 -49.31 24.75
C GLY E 61 43.84 -49.90 25.00
N ALA E 62 43.10 -50.25 23.94
CA ALA E 62 41.77 -50.82 24.11
C ALA E 62 41.80 -52.33 24.30
N ILE E 63 42.96 -52.95 24.16
CA ILE E 63 43.07 -54.39 24.34
C ILE E 63 43.97 -54.75 25.52
N ALA E 64 44.83 -53.82 25.98
CA ALA E 64 45.74 -54.10 27.10
C ALA E 64 45.08 -54.39 28.45
N PRO E 65 44.01 -53.70 28.91
CA PRO E 65 43.35 -54.18 30.15
C PRO E 65 42.63 -55.52 30.01
N GLU E 66 42.30 -55.95 28.79
CA GLU E 66 41.67 -57.25 28.63
C GLU E 66 42.68 -58.39 28.53
N VAL E 67 43.84 -58.15 27.91
CA VAL E 67 44.87 -59.18 27.83
C VAL E 67 45.51 -59.40 29.21
N LEU E 68 45.78 -58.31 29.93
CA LEU E 68 46.43 -58.40 31.23
C LEU E 68 45.52 -58.98 32.31
N GLY E 69 44.20 -58.99 32.09
CA GLY E 69 43.31 -59.61 33.04
C GLY E 69 43.23 -61.12 32.92
N ARG E 70 43.41 -61.66 31.72
CA ARG E 70 43.38 -63.11 31.53
C ARG E 70 44.66 -63.75 32.06
N ILE E 71 45.80 -63.06 31.93
CA ILE E 71 47.06 -63.61 32.43
C ILE E 71 47.30 -63.30 33.90
N GLY E 72 46.48 -62.45 34.51
CA GLY E 72 46.54 -62.21 35.94
C GLY E 72 47.66 -61.30 36.40
N LEU E 73 47.65 -60.06 35.91
CA LEU E 73 48.57 -59.04 36.39
C LEU E 73 47.88 -57.76 36.85
N ILE E 74 46.61 -57.56 36.53
CA ILE E 74 45.85 -56.42 36.99
C ILE E 74 44.61 -56.95 37.70
N PRO E 75 44.02 -56.16 38.60
CA PRO E 75 42.75 -56.57 39.23
C PRO E 75 41.62 -56.64 38.21
N GLN E 76 40.64 -57.51 38.50
CA GLN E 76 39.55 -57.78 37.59
C GLN E 76 38.54 -56.63 37.51
N GLU E 77 38.57 -55.71 38.48
CA GLU E 77 37.71 -54.53 38.41
C GLU E 77 38.14 -53.59 37.29
N THR E 78 39.45 -53.50 37.04
CA THR E 78 39.99 -52.71 35.94
C THR E 78 40.26 -53.54 34.69
N ALA E 79 40.08 -54.87 34.77
CA ALA E 79 40.29 -55.75 33.62
C ALA E 79 38.99 -55.86 32.82
N ILE E 80 38.64 -54.75 32.18
CA ILE E 80 37.35 -54.55 31.55
C ILE E 80 37.55 -54.09 30.11
N PRO E 81 36.58 -54.34 29.21
CA PRO E 81 36.68 -53.81 27.85
C PRO E 81 36.60 -52.29 27.81
N TRP E 82 37.00 -51.74 26.66
CA TRP E 82 37.21 -50.31 26.53
C TRP E 82 35.90 -49.53 26.53
N PHE E 83 34.82 -50.12 26.01
CA PHE E 83 33.57 -49.38 25.88
C PHE E 83 32.85 -49.24 27.22
N GLN E 84 32.93 -50.26 28.07
CA GLN E 84 32.34 -50.19 29.41
C GLN E 84 33.37 -49.75 30.47
N SER E 85 34.10 -48.69 30.14
CA SER E 85 35.18 -48.17 30.98
C SER E 85 35.02 -46.68 31.22
N GLY E 86 33.78 -46.19 31.23
CA GLY E 86 33.52 -44.78 31.39
C GLY E 86 33.52 -43.98 30.11
N VAL E 87 33.87 -44.61 28.98
CA VAL E 87 33.84 -43.91 27.71
C VAL E 87 32.40 -43.71 27.24
N ILE E 88 31.65 -44.80 27.19
CA ILE E 88 30.22 -44.77 26.90
C ILE E 88 29.49 -45.26 28.15
N PRO E 89 29.02 -44.36 28.99
CA PRO E 89 28.36 -44.75 30.26
C PRO E 89 27.02 -45.47 30.08
N PRO E 90 26.31 -45.38 28.91
CA PRO E 90 25.30 -46.40 28.59
C PRO E 90 25.73 -47.86 28.67
N VAL E 91 26.78 -48.27 27.93
CA VAL E 91 27.15 -49.68 27.93
C VAL E 91 27.95 -50.08 29.16
N GLY E 92 28.34 -49.12 29.99
CA GLY E 92 29.04 -49.42 31.22
C GLY E 92 29.83 -48.24 31.74
N ASN E 93 29.79 -48.04 33.06
CA ASN E 93 30.48 -46.94 33.70
C ASN E 93 31.32 -47.51 34.84
N TYR E 94 32.59 -47.14 34.88
CA TYR E 94 33.49 -47.55 35.95
C TYR E 94 33.86 -46.32 36.77
N SER E 95 33.85 -46.47 38.09
CA SER E 95 34.07 -45.34 38.99
C SER E 95 35.57 -45.12 39.15
N TYR E 96 36.07 -44.00 38.61
CA TYR E 96 37.45 -43.59 38.79
C TYR E 96 37.53 -42.67 40.00
N TRP E 97 38.66 -41.98 40.16
CA TRP E 97 38.77 -40.97 41.20
C TRP E 97 37.94 -39.73 40.90
N ALA E 98 37.55 -39.52 39.63
CA ALA E 98 36.66 -38.45 39.24
C ALA E 98 35.63 -38.99 38.27
N ASP E 99 34.46 -38.34 38.24
CA ASP E 99 33.48 -38.62 37.21
C ASP E 99 34.02 -38.15 35.85
N PRO E 100 33.66 -38.84 34.76
CA PRO E 100 34.30 -38.56 33.46
C PRO E 100 33.99 -37.19 32.86
N TYR E 101 32.96 -36.49 33.34
CA TYR E 101 32.72 -35.14 32.86
C TYR E 101 33.73 -34.16 33.43
N THR E 102 34.11 -34.34 34.70
CA THR E 102 35.22 -33.57 35.26
C THR E 102 36.55 -34.00 34.64
N LEU E 103 36.70 -35.30 34.37
CA LEU E 103 37.90 -35.81 33.73
C LEU E 103 38.04 -35.33 32.30
N PHE E 104 36.93 -35.02 31.63
CA PHE E 104 36.98 -34.45 30.29
C PHE E 104 37.51 -33.02 30.32
N VAL E 105 37.15 -32.25 31.36
CA VAL E 105 37.68 -30.89 31.49
C VAL E 105 39.17 -30.93 31.82
N LEU E 106 39.58 -31.90 32.63
CA LEU E 106 41.00 -32.13 32.87
C LEU E 106 41.71 -32.63 31.62
N GLU E 107 40.97 -33.34 30.75
CA GLU E 107 41.53 -33.83 29.50
C GLU E 107 41.82 -32.70 28.52
N MET E 108 40.81 -31.87 28.23
CA MET E 108 41.00 -30.76 27.30
C MET E 108 41.81 -29.62 27.87
N ALA E 109 42.02 -29.56 29.19
CA ALA E 109 43.01 -28.62 29.71
C ALA E 109 44.42 -29.10 29.41
N LEU E 110 44.69 -30.39 29.61
CA LEU E 110 46.01 -30.93 29.30
C LEU E 110 46.21 -31.18 27.81
N MET E 111 45.15 -31.55 27.08
CA MET E 111 45.23 -31.59 25.62
C MET E 111 45.34 -30.18 25.05
N GLY E 112 44.69 -29.20 25.68
CA GLY E 112 44.79 -27.82 25.21
C GLY E 112 46.14 -27.21 25.46
N PHE E 113 46.88 -27.72 26.43
CA PHE E 113 48.27 -27.32 26.63
C PHE E 113 49.24 -28.20 25.85
N ALA E 114 48.73 -29.17 25.09
CA ALA E 114 49.57 -30.06 24.30
C ALA E 114 49.27 -30.02 22.82
N GLU E 115 48.02 -29.84 22.41
CA GLU E 115 47.66 -29.81 21.00
C GLU E 115 47.59 -28.41 20.43
N HIS E 116 47.43 -27.38 21.26
CA HIS E 116 47.61 -26.02 20.78
C HIS E 116 49.06 -25.74 20.45
N ARG E 117 49.98 -26.29 21.24
CA ARG E 117 51.40 -26.23 20.92
C ARG E 117 51.72 -27.03 19.66
N ARG E 118 51.02 -28.15 19.47
CA ARG E 118 51.20 -28.93 18.26
C ARG E 118 50.56 -28.24 17.05
N ALA E 119 49.54 -27.41 17.28
CA ALA E 119 48.88 -26.74 16.17
C ALA E 119 49.74 -25.65 15.57
N GLN E 120 50.33 -24.79 16.41
CA GLN E 120 51.03 -23.63 15.92
C GLN E 120 52.41 -23.94 15.37
N ASP E 121 52.94 -25.14 15.64
CA ASP E 121 54.15 -25.59 14.97
C ASP E 121 53.88 -26.00 13.52
N TYR E 122 52.66 -26.43 13.24
CA TYR E 122 52.29 -26.75 11.86
C TYR E 122 52.18 -25.49 11.02
N TYR E 123 51.58 -24.43 11.58
CA TYR E 123 51.39 -23.20 10.83
C TYR E 123 52.69 -22.43 10.64
N LYS E 124 53.57 -22.48 11.65
CA LYS E 124 54.92 -21.94 11.52
C LYS E 124 55.88 -22.77 12.38
N PRO E 125 56.83 -23.46 11.75
CA PRO E 125 57.72 -24.34 12.52
C PRO E 125 58.76 -23.55 13.32
N GLY E 126 58.99 -23.99 14.55
CA GLY E 126 59.98 -23.39 15.41
C GLY E 126 59.54 -22.12 16.13
N SER E 127 58.30 -21.69 15.93
CA SER E 127 57.82 -20.44 16.52
C SER E 127 57.28 -20.62 17.94
N MET E 128 57.27 -21.85 18.45
CA MET E 128 56.77 -22.10 19.80
C MET E 128 57.88 -22.16 20.83
N GLY E 129 59.11 -22.51 20.42
CA GLY E 129 60.23 -22.55 21.35
C GLY E 129 60.91 -21.22 21.58
N LYS E 130 60.14 -20.16 21.73
CA LYS E 130 60.64 -18.82 22.03
C LYS E 130 60.06 -18.24 23.31
N GLN E 131 58.77 -18.39 23.54
CA GLN E 131 58.14 -17.92 24.77
C GLN E 131 58.46 -18.86 25.92
N TYR E 132 58.48 -18.31 27.13
CA TYR E 132 58.85 -19.09 28.31
C TYR E 132 57.73 -20.07 28.67
N PHE E 133 58.08 -21.34 28.78
CA PHE E 133 57.14 -22.39 29.22
C PHE E 133 57.91 -23.32 30.16
N LEU E 134 57.90 -22.99 31.45
CA LEU E 134 58.41 -23.81 32.56
C LEU E 134 59.90 -24.15 32.45
N GLY E 135 60.67 -23.36 31.71
CA GLY E 135 62.08 -23.63 31.55
C GLY E 135 62.41 -24.77 30.60
N LEU E 136 61.42 -25.27 29.87
CA LEU E 136 61.59 -26.42 28.98
C LEU E 136 61.22 -26.10 27.53
N GLU E 137 61.16 -24.81 27.19
CA GLU E 137 60.77 -24.40 25.84
C GLU E 137 61.88 -24.61 24.81
N LYS E 138 63.13 -24.81 25.26
CA LYS E 138 64.22 -25.02 24.31
C LYS E 138 64.14 -26.37 23.63
N PHE E 139 63.67 -27.39 24.34
CA PHE E 139 63.54 -28.72 23.77
C PHE E 139 62.34 -28.84 22.83
N LEU E 140 61.32 -28.00 23.01
CA LEU E 140 60.11 -28.07 22.20
C LEU E 140 60.18 -27.10 21.03
N GLY E 141 61.18 -27.32 20.17
CA GLY E 141 61.35 -26.48 19.00
C GLY E 141 60.82 -27.12 17.73
N GLY E 142 61.13 -28.41 17.54
CA GLY E 142 60.64 -29.13 16.38
C GLY E 142 61.50 -28.92 15.15
N SER E 143 61.24 -29.75 14.15
CA SER E 143 61.92 -29.67 12.86
C SER E 143 61.05 -28.89 11.88
N GLY E 144 61.47 -28.87 10.61
CA GLY E 144 60.65 -28.23 9.59
C GLY E 144 59.38 -28.99 9.30
N ASN E 145 59.46 -30.31 9.26
CA ASN E 145 58.28 -31.15 9.09
C ASN E 145 57.62 -31.29 10.46
N PRO E 146 56.37 -30.83 10.63
CA PRO E 146 55.76 -30.83 11.97
C PRO E 146 55.33 -32.21 12.47
N ALA E 147 55.30 -33.22 11.61
CA ALA E 147 54.95 -34.57 12.06
C ALA E 147 56.08 -35.20 12.87
N TYR E 148 57.32 -34.79 12.62
CA TYR E 148 58.50 -35.36 13.28
C TYR E 148 59.34 -34.23 13.85
N PRO E 149 59.09 -33.84 15.11
CA PRO E 149 59.94 -32.83 15.76
C PRO E 149 61.35 -33.35 16.03
N GLY E 150 61.45 -34.49 16.70
CA GLY E 150 62.73 -35.13 16.97
C GLY E 150 63.66 -34.37 17.90
N GLY E 151 63.09 -33.73 18.92
CA GLY E 151 63.90 -32.96 19.84
C GLY E 151 64.45 -33.81 20.97
N PRO E 152 64.88 -33.16 22.05
CA PRO E 152 65.35 -33.92 23.23
C PRO E 152 64.25 -34.64 24.00
N ILE E 153 62.98 -34.36 23.73
CA ILE E 153 61.87 -35.00 24.42
C ILE E 153 61.21 -36.06 23.55
N PHE E 154 60.91 -35.73 22.29
CA PHE E 154 60.24 -36.65 21.39
C PHE E 154 61.21 -37.60 20.68
N ASN E 155 62.51 -37.48 20.93
CA ASN E 155 63.50 -38.41 20.43
C ASN E 155 64.52 -38.67 21.53
N PHE E 156 64.04 -38.94 22.75
CA PHE E 156 64.89 -38.96 23.94
C PHE E 156 65.75 -40.22 24.06
N LEU E 157 65.54 -41.22 23.21
CA LEU E 157 66.57 -42.24 23.00
C LEU E 157 67.45 -41.96 21.79
N GLY E 158 67.07 -41.02 20.94
CA GLY E 158 67.83 -40.71 19.75
C GLY E 158 67.85 -41.81 18.71
N PHE E 159 66.76 -42.55 18.59
CA PHE E 159 66.70 -43.71 17.71
C PHE E 159 66.33 -43.24 16.32
N GLY E 160 67.18 -43.54 15.33
CA GLY E 160 66.99 -43.03 13.99
C GLY E 160 67.85 -41.83 13.68
N LYS E 161 69.14 -41.91 14.00
CA LYS E 161 70.05 -40.79 13.76
C LYS E 161 70.39 -40.65 12.28
N ASN E 162 70.60 -41.77 11.59
CA ASN E 162 70.91 -41.72 10.17
C ASN E 162 69.67 -41.34 9.35
N GLU E 163 69.89 -40.61 8.27
CA GLU E 163 68.78 -40.14 7.44
C GLU E 163 68.17 -41.29 6.64
N LYS E 164 68.99 -42.23 6.20
CA LYS E 164 68.46 -43.42 5.53
C LYS E 164 67.74 -44.34 6.50
N GLU E 165 68.23 -44.43 7.74
CA GLU E 165 67.57 -45.25 8.75
C GLU E 165 66.25 -44.64 9.20
N LEU E 166 66.21 -43.31 9.34
CA LEU E 166 65.01 -42.64 9.84
C LEU E 166 63.90 -42.64 8.80
N GLN E 167 64.26 -42.53 7.51
CA GLN E 167 63.25 -42.49 6.45
C GLN E 167 62.60 -43.86 6.26
N GLU E 168 63.40 -44.93 6.33
CA GLU E 168 62.84 -46.28 6.22
C GLU E 168 62.03 -46.66 7.46
N LEU E 169 62.41 -46.13 8.62
CA LEU E 169 61.64 -46.35 9.85
C LEU E 169 60.35 -45.56 9.87
N LYS E 170 60.27 -44.47 9.10
CA LYS E 170 59.01 -43.75 8.95
C LYS E 170 57.98 -44.55 8.17
N VAL E 171 58.44 -45.45 7.29
CA VAL E 171 57.53 -46.34 6.57
C VAL E 171 56.92 -47.35 7.53
N LYS E 172 57.70 -47.83 8.49
CA LYS E 172 57.17 -48.78 9.48
C LYS E 172 56.24 -48.10 10.47
N GLU E 173 56.35 -46.78 10.65
CA GLU E 173 55.45 -46.09 11.55
C GLU E 173 54.06 -45.93 10.94
N VAL E 174 53.99 -45.56 9.66
CA VAL E 174 52.68 -45.35 9.04
C VAL E 174 51.98 -46.67 8.72
N LYS E 175 52.74 -47.73 8.40
CA LYS E 175 52.12 -49.01 8.11
C LYS E 175 51.59 -49.66 9.39
N ASN E 176 52.31 -49.49 10.50
CA ASN E 176 51.73 -49.84 11.79
C ASN E 176 50.68 -48.83 12.22
N GLY E 177 50.81 -47.58 11.76
CA GLY E 177 49.78 -46.60 12.04
C GLY E 177 48.47 -46.90 11.32
N ARG E 178 48.55 -47.26 10.03
CA ARG E 178 47.35 -47.54 9.25
C ARG E 178 46.64 -48.80 9.70
N LEU E 179 47.40 -49.81 10.15
CA LEU E 179 46.81 -51.02 10.68
C LEU E 179 46.08 -50.75 11.99
N ALA E 180 46.55 -49.78 12.77
CA ALA E 180 45.90 -49.45 14.03
C ALA E 180 44.61 -48.67 13.83
N MET E 181 44.50 -47.86 12.77
CA MET E 181 43.24 -47.19 12.48
C MET E 181 42.17 -48.18 12.05
N MET E 182 42.54 -49.19 11.24
CA MET E 182 41.61 -50.25 10.90
C MET E 182 41.34 -51.17 12.09
N ALA E 183 42.25 -51.20 13.07
CA ALA E 183 41.99 -51.95 14.29
C ALA E 183 40.97 -51.24 15.17
N VAL E 184 41.10 -49.91 15.33
CA VAL E 184 40.16 -49.16 16.15
C VAL E 184 38.78 -49.09 15.48
N LEU E 185 38.77 -48.93 14.16
CA LEU E 185 37.52 -49.09 13.40
C LEU E 185 37.02 -50.52 13.48
N GLY E 186 37.93 -51.50 13.49
CA GLY E 186 37.55 -52.87 13.79
C GLY E 186 37.11 -53.05 15.23
N TYR E 187 37.70 -52.29 16.16
CA TYR E 187 37.23 -52.34 17.55
C TYR E 187 35.86 -51.70 17.70
N PHE E 188 35.55 -50.72 16.87
CA PHE E 188 34.29 -49.99 17.00
C PHE E 188 33.11 -50.84 16.53
N THR E 189 33.27 -51.53 15.41
CA THR E 189 32.19 -52.31 14.83
C THR E 189 31.94 -53.60 15.62
N GLN E 190 32.99 -54.19 16.18
CA GLN E 190 32.83 -55.36 17.03
C GLN E 190 32.19 -55.03 18.37
N ALA E 191 32.35 -53.79 18.84
CA ALA E 191 31.72 -53.40 20.10
C ALA E 191 30.22 -53.23 19.96
N ILE E 192 29.75 -52.88 18.77
CA ILE E 192 28.33 -52.71 18.53
C ILE E 192 27.68 -54.02 18.11
N PHE E 193 28.36 -54.81 17.27
CA PHE E 193 27.79 -56.06 16.79
C PHE E 193 27.86 -57.16 17.85
N THR E 194 29.07 -57.49 18.30
CA THR E 194 29.21 -58.57 19.28
C THR E 194 28.81 -58.14 20.68
N GLY E 195 29.07 -56.89 21.05
CA GLY E 195 28.76 -56.40 22.38
C GLY E 195 29.73 -56.82 23.45
N VAL E 196 30.87 -57.41 23.08
CA VAL E 196 31.87 -57.89 24.01
C VAL E 196 33.21 -57.35 23.49
N GLY E 197 34.19 -57.27 24.39
CA GLY E 197 35.48 -56.67 24.10
C GLY E 197 36.30 -57.40 23.06
N PRO E 198 37.29 -56.71 22.47
CA PRO E 198 37.99 -57.27 21.30
C PRO E 198 38.90 -58.45 21.62
N PHE E 199 39.43 -58.55 22.84
CA PHE E 199 40.24 -59.72 23.16
C PHE E 199 39.38 -60.96 23.37
N GLN E 200 38.15 -60.78 23.85
CA GLN E 200 37.20 -61.90 23.88
C GLN E 200 36.74 -62.26 22.48
N ASN E 201 36.70 -61.28 21.57
CA ASN E 201 36.37 -61.56 20.17
C ASN E 201 37.46 -62.36 19.48
N LEU E 202 38.72 -62.13 19.86
CA LEU E 202 39.81 -62.95 19.32
C LEU E 202 39.78 -64.36 19.90
N LEU E 203 39.47 -64.48 21.20
CA LEU E 203 39.45 -65.79 21.85
C LEU E 203 38.24 -66.61 21.44
N ASP E 204 37.14 -65.96 21.10
CA ASP E 204 35.97 -66.69 20.60
C ASP E 204 36.22 -67.21 19.18
N HIS E 205 36.93 -66.42 18.37
CA HIS E 205 37.21 -66.82 16.99
C HIS E 205 38.31 -67.87 16.92
N LEU E 206 39.23 -67.89 17.88
CA LEU E 206 40.34 -68.83 17.85
C LEU E 206 39.92 -70.25 18.25
N ALA E 207 38.78 -70.40 18.90
CA ALA E 207 38.27 -71.73 19.27
C ALA E 207 37.46 -72.34 18.14
N ASP E 208 36.38 -71.67 17.73
CA ASP E 208 35.52 -72.11 16.64
C ASP E 208 35.48 -71.00 15.59
N PRO E 209 36.34 -71.03 14.57
CA PRO E 209 36.34 -69.95 13.59
C PRO E 209 35.16 -69.98 12.64
N VAL E 210 34.59 -71.16 12.38
CA VAL E 210 33.44 -71.25 11.48
C VAL E 210 32.11 -71.00 12.17
N HIS E 211 32.12 -70.85 13.50
CA HIS E 211 30.91 -70.56 14.26
C HIS E 211 30.99 -69.25 15.03
N ASN E 212 32.10 -68.51 14.92
CA ASN E 212 32.24 -67.23 15.61
C ASN E 212 32.85 -66.20 14.68
N ASN E 213 32.38 -66.15 13.45
CA ASN E 213 32.83 -65.15 12.49
C ASN E 213 31.88 -63.95 12.50
N VAL E 214 32.01 -63.06 11.51
CA VAL E 214 31.12 -61.92 11.39
C VAL E 214 29.72 -62.35 10.94
N LEU E 215 29.63 -63.42 10.15
CA LEU E 215 28.35 -63.84 9.61
C LEU E 215 27.50 -64.54 10.67
N THR E 216 28.13 -65.33 11.53
CA THR E 216 27.37 -66.03 12.58
C THR E 216 26.96 -65.07 13.69
N ASN E 217 27.86 -64.19 14.11
CA ASN E 217 27.61 -63.29 15.23
C ASN E 217 27.10 -61.98 14.65
N LEU E 218 25.78 -61.91 14.46
CA LEU E 218 25.03 -60.77 13.93
C LEU E 218 25.53 -60.30 12.55
N ARG F 1 38.98 32.12 33.90
CA ARG F 1 37.81 32.15 34.77
C ARG F 1 37.33 30.73 35.04
N PRO F 2 36.70 30.52 36.20
CA PRO F 2 36.06 29.22 36.44
C PRO F 2 34.85 29.01 35.56
N LEU F 3 34.59 27.75 35.22
CA LEU F 3 33.50 27.39 34.33
C LEU F 3 32.60 26.37 35.01
N TRP F 4 31.45 26.11 34.38
CA TRP F 4 30.49 25.15 34.91
C TRP F 4 30.99 23.72 34.77
N LEU F 5 31.90 23.46 33.84
CA LEU F 5 32.38 22.12 33.61
C LEU F 5 33.87 22.18 33.29
N PRO F 6 34.74 21.63 34.14
CA PRO F 6 36.17 21.65 33.85
C PRO F 6 36.50 20.71 32.69
N GLY F 7 37.42 21.16 31.84
CA GLY F 7 37.73 20.43 30.62
C GLY F 7 36.79 20.67 29.48
N SER F 8 35.79 21.54 29.64
CA SER F 8 34.85 21.87 28.59
C SER F 8 35.17 23.26 28.05
N GLU F 9 35.12 23.39 26.73
CA GLU F 9 35.39 24.68 26.09
C GLU F 9 34.22 25.63 26.32
N ALA F 10 34.54 26.86 26.69
CA ALA F 10 33.53 27.89 26.85
C ALA F 10 32.96 28.26 25.47
N PRO F 11 31.66 28.57 25.41
CA PRO F 11 31.06 29.01 24.15
C PRO F 11 31.58 30.37 23.70
N LYS F 12 31.52 30.60 22.39
CA LYS F 12 32.09 31.83 21.82
C LYS F 12 31.26 33.06 22.16
N TRP F 13 29.99 32.88 22.51
CA TRP F 13 29.14 34.03 22.84
C TRP F 13 29.35 34.45 24.29
N LEU F 14 29.39 33.48 25.22
CA LEU F 14 29.70 33.78 26.61
C LEU F 14 31.21 33.92 26.72
N ASP F 15 31.70 35.16 26.69
CA ASP F 15 33.13 35.43 26.69
C ASP F 15 33.69 35.78 28.06
N GLY F 16 32.85 35.96 29.06
CA GLY F 16 33.28 36.25 30.40
C GLY F 16 33.16 37.70 30.84
N SER F 17 32.52 38.56 30.04
CA SER F 17 32.30 39.93 30.47
C SER F 17 31.09 40.01 31.38
N LEU F 18 30.06 39.23 31.06
CA LEU F 18 28.78 39.26 31.77
C LEU F 18 28.96 38.77 33.21
N PRO F 19 28.44 39.50 34.20
CA PRO F 19 28.49 39.00 35.58
C PRO F 19 27.75 37.67 35.72
N GLY F 20 28.44 36.68 36.30
CA GLY F 20 27.83 35.39 36.52
C GLY F 20 28.05 34.44 35.38
N ASP F 21 29.14 34.60 34.63
CA ASP F 21 29.37 33.82 33.41
C ASP F 21 30.27 32.65 33.75
N TYR F 22 29.73 31.44 33.65
CA TYR F 22 30.48 30.22 33.89
C TYR F 22 30.45 29.32 32.66
N GLY F 23 30.22 29.91 31.49
CA GLY F 23 30.21 29.22 30.21
C GLY F 23 29.14 28.16 30.12
N PHE F 24 27.97 28.42 30.70
CA PHE F 24 26.92 27.41 30.82
C PHE F 24 25.80 27.68 29.81
N ASP F 25 26.05 27.32 28.56
CA ASP F 25 25.00 27.28 27.54
C ASP F 25 25.08 25.98 26.73
N PRO F 26 24.92 24.78 27.37
CA PRO F 26 25.11 23.52 26.64
C PRO F 26 24.16 23.29 25.47
N LEU F 27 22.94 23.82 25.56
CA LEU F 27 21.91 23.60 24.55
C LEU F 27 21.86 24.71 23.51
N ASP F 28 22.71 25.74 23.65
CA ASP F 28 22.89 26.85 22.72
C ASP F 28 21.63 27.71 22.60
N LEU F 29 21.25 28.32 23.72
CA LEU F 29 20.01 29.09 23.79
C LEU F 29 20.28 30.58 23.68
N ALA F 30 21.54 30.96 23.54
CA ALA F 30 21.98 32.35 23.44
C ALA F 30 23.10 32.48 22.41
N ALA F 31 23.12 31.57 21.42
CA ALA F 31 24.16 31.57 20.40
C ALA F 31 24.05 32.78 19.48
N GLU F 32 22.90 32.90 18.76
CA GLU F 32 22.50 33.91 17.78
C GLU F 32 22.97 35.32 18.08
N PRO F 33 23.32 36.12 17.06
CA PRO F 33 23.74 37.50 17.33
C PRO F 33 22.56 38.37 17.74
N GLY F 34 22.74 39.10 18.84
CA GLY F 34 21.67 39.90 19.38
C GLY F 34 20.77 39.18 20.36
N ARG F 35 21.01 37.89 20.61
CA ARG F 35 20.14 37.12 21.48
C ARG F 35 20.58 37.21 22.94
N LEU F 36 21.87 37.34 23.21
CA LEU F 36 22.37 37.38 24.58
C LEU F 36 22.04 38.70 25.28
N ASN F 37 21.55 39.69 24.54
CA ASN F 37 21.09 40.95 25.12
C ASN F 37 19.70 40.76 25.72
N TRP F 38 18.90 39.87 25.12
CA TRP F 38 17.58 39.55 25.62
C TRP F 38 17.65 38.57 26.78
N MET F 39 18.62 37.67 26.79
CA MET F 39 18.63 36.63 27.81
C MET F 39 19.26 37.11 29.11
N VAL F 40 19.89 38.28 29.12
CA VAL F 40 20.38 38.80 30.39
C VAL F 40 19.26 39.54 31.09
N GLN F 41 18.46 40.29 30.31
CA GLN F 41 17.29 41.00 30.82
C GLN F 41 16.25 40.02 31.34
N ALA F 42 16.21 38.83 30.75
CA ALA F 42 15.28 37.79 31.14
C ALA F 42 15.75 37.15 32.43
N GLU F 43 17.07 36.94 32.52
CA GLU F 43 17.69 36.47 33.74
C GLU F 43 17.55 37.47 34.88
N LEU F 44 17.54 38.77 34.58
CA LEU F 44 17.56 39.73 35.68
C LEU F 44 16.19 39.91 36.32
N VAL F 45 15.12 39.89 35.54
CA VAL F 45 13.78 39.95 36.12
C VAL F 45 13.48 38.65 36.85
N HIS F 46 13.83 37.50 36.24
CA HIS F 46 13.56 36.20 36.84
C HIS F 46 14.33 36.02 38.15
N CYS F 47 15.57 36.50 38.21
CA CYS F 47 16.34 36.38 39.44
C CYS F 47 15.79 37.32 40.51
N ARG F 48 15.40 38.53 40.11
CA ARG F 48 14.85 39.45 41.09
C ARG F 48 13.41 39.10 41.49
N TRP F 49 12.64 38.47 40.59
CA TRP F 49 11.32 38.02 41.02
C TRP F 49 11.41 36.79 41.90
N ALA F 50 12.48 35.99 41.76
CA ALA F 50 12.66 34.81 42.59
C ALA F 50 13.20 35.17 43.96
N MET F 51 14.11 36.16 44.03
CA MET F 51 14.49 36.70 45.33
C MET F 51 13.35 37.45 46.00
N LEU F 52 12.46 38.09 45.22
CA LEU F 52 11.20 38.52 45.80
C LEU F 52 10.30 37.32 46.10
N GLY F 53 10.39 36.27 45.28
CA GLY F 53 9.62 35.06 45.54
C GLY F 53 10.11 34.31 46.75
N ALA F 54 11.43 34.21 46.93
CA ALA F 54 11.95 33.46 48.07
C ALA F 54 11.76 34.20 49.39
N ALA F 55 11.67 35.52 49.34
CA ALA F 55 11.39 36.29 50.55
C ALA F 55 9.91 36.30 50.92
N GLY F 56 9.04 35.80 50.06
CA GLY F 56 7.62 35.72 50.38
C GLY F 56 7.13 34.30 50.57
N ILE F 57 7.95 33.33 50.19
CA ILE F 57 7.62 31.91 50.33
C ILE F 57 8.26 31.34 51.59
N PHE F 58 9.54 31.59 51.80
CA PHE F 58 10.26 30.94 52.89
C PHE F 58 10.29 31.78 54.16
N ILE F 59 10.52 33.09 54.06
CA ILE F 59 10.63 33.97 55.23
C ILE F 59 9.31 34.12 56.00
N PRO F 60 8.12 34.34 55.39
CA PRO F 60 6.90 34.31 56.21
C PRO F 60 6.52 32.92 56.70
N GLU F 61 6.93 31.85 56.01
CA GLU F 61 6.67 30.50 56.50
C GLU F 61 7.61 30.12 57.62
N LEU F 62 8.84 30.61 57.60
CA LEU F 62 9.78 30.38 58.71
C LEU F 62 9.31 31.09 59.98
N LEU F 63 8.82 32.32 59.84
CA LEU F 63 8.33 33.06 60.99
C LEU F 63 6.95 32.58 61.44
N THR F 64 6.23 31.85 60.59
CA THR F 64 5.04 31.15 61.04
C THR F 64 5.40 29.96 61.92
N LYS F 65 6.52 29.29 61.60
CA LYS F 65 7.00 28.18 62.42
C LYS F 65 7.46 28.64 63.80
N ILE F 66 8.11 29.81 63.86
CA ILE F 66 8.38 30.43 65.14
C ILE F 66 7.09 30.93 65.77
N GLY F 67 6.19 31.48 64.96
CA GLY F 67 4.88 31.89 65.41
C GLY F 67 4.72 33.35 65.75
N ILE F 68 5.42 34.25 65.06
CA ILE F 68 5.31 35.68 65.33
C ILE F 68 4.63 36.43 64.19
N LEU F 69 4.13 35.73 63.18
CA LEU F 69 3.35 36.36 62.11
C LEU F 69 2.00 35.71 61.91
N ASN F 70 1.92 34.37 62.05
CA ASN F 70 0.73 33.55 61.80
C ASN F 70 0.17 33.74 60.39
N THR F 71 1.07 33.93 59.42
CA THR F 71 0.69 34.04 58.02
C THR F 71 0.34 32.67 57.46
N PRO F 72 -0.62 32.60 56.53
CA PRO F 72 -0.92 31.31 55.89
C PRO F 72 0.18 30.93 54.91
N SER F 73 0.10 29.67 54.47
CA SER F 73 1.06 29.15 53.50
C SER F 73 0.85 29.80 52.13
N TRP F 74 1.93 29.85 51.34
CA TRP F 74 1.92 30.58 50.08
C TRP F 74 1.07 29.89 49.01
N TYR F 75 1.00 28.56 49.05
CA TYR F 75 0.17 27.83 48.09
C TYR F 75 -1.31 27.82 48.49
N LYS F 76 -1.62 28.19 49.73
CA LYS F 76 -3.00 28.44 50.15
C LYS F 76 -3.29 29.92 50.32
N ALA F 77 -2.34 30.79 49.96
CA ALA F 77 -2.53 32.23 50.06
C ALA F 77 -3.44 32.78 48.99
N GLY F 78 -3.64 32.06 47.88
CA GLY F 78 -4.62 32.47 46.89
C GLY F 78 -6.05 32.27 47.32
N ASP F 79 -6.29 31.37 48.27
CA ASP F 79 -7.62 31.18 48.84
C ASP F 79 -7.95 32.18 49.94
N ALA F 80 -6.95 32.92 50.44
CA ALA F 80 -7.18 33.86 51.53
C ALA F 80 -7.93 35.09 51.04
N THR F 81 -8.85 35.57 51.88
CA THR F 81 -9.63 36.75 51.56
C THR F 81 -8.92 38.01 52.03
N TYR F 82 -9.18 39.11 51.33
CA TYR F 82 -8.55 40.39 51.60
C TYR F 82 -9.62 41.47 51.49
N PHE F 83 -9.18 42.73 51.43
CA PHE F 83 -10.07 43.84 51.17
C PHE F 83 -10.49 43.93 49.70
N ALA F 84 -9.82 43.18 48.83
CA ALA F 84 -10.11 43.15 47.40
C ALA F 84 -10.40 41.71 46.97
N ASP F 85 -11.09 41.58 45.84
CA ASP F 85 -11.35 40.27 45.26
C ASP F 85 -10.06 39.72 44.68
N GLN F 86 -9.88 38.40 44.81
CA GLN F 86 -8.65 37.75 44.34
C GLN F 86 -8.56 37.77 42.82
N GLY F 87 -9.70 37.66 42.13
CA GLY F 87 -9.70 37.84 40.68
C GLY F 87 -9.42 39.28 40.29
N THR F 88 -9.94 40.23 41.06
CA THR F 88 -9.75 41.66 40.78
C THR F 88 -8.28 42.05 40.91
N LEU F 89 -7.60 41.53 41.94
CA LEU F 89 -6.19 41.81 42.18
C LEU F 89 -5.28 41.29 41.08
N PHE F 90 -5.73 40.31 40.30
CA PHE F 90 -4.96 39.88 39.14
C PHE F 90 -4.93 40.97 38.08
N ILE F 91 -6.09 41.53 37.74
CA ILE F 91 -6.15 42.47 36.63
C ILE F 91 -5.57 43.83 37.01
N VAL F 92 -5.75 44.26 38.27
CA VAL F 92 -5.08 45.48 38.76
C VAL F 92 -3.57 45.31 38.76
N GLU F 93 -3.08 44.09 38.98
CA GLU F 93 -1.65 43.82 38.84
C GLU F 93 -1.19 43.95 37.39
N LEU F 94 -1.91 43.33 36.45
CA LEU F 94 -1.48 43.37 35.05
C LEU F 94 -1.83 44.67 34.35
N LEU F 95 -2.63 45.56 34.93
CA LEU F 95 -2.60 46.94 34.48
C LEU F 95 -1.37 47.67 35.01
N LEU F 96 -0.95 47.37 36.24
CA LEU F 96 0.29 47.95 36.73
C LEU F 96 1.51 47.24 36.15
N MET F 97 1.37 45.96 35.81
CA MET F 97 2.44 45.27 35.07
C MET F 97 2.47 45.69 33.61
N ALA F 98 1.36 46.22 33.07
CA ALA F 98 1.39 46.76 31.72
C ALA F 98 2.20 48.04 31.66
N TRP F 99 2.25 48.79 32.75
CA TRP F 99 3.06 50.00 32.76
C TRP F 99 4.51 49.69 33.04
N ALA F 100 4.77 48.91 34.10
CA ALA F 100 6.14 48.75 34.60
C ALA F 100 6.99 47.89 33.68
N GLU F 101 6.39 46.93 32.99
CA GLU F 101 7.17 46.08 32.10
C GLU F 101 7.33 46.68 30.71
N SER F 102 6.38 47.51 30.26
CA SER F 102 6.51 48.14 28.96
C SER F 102 7.50 49.31 29.01
N ARG F 103 7.65 49.95 30.17
CA ARG F 103 8.77 50.85 30.37
C ARG F 103 10.08 50.07 30.37
N ARG F 104 10.05 48.85 30.90
CA ARG F 104 11.21 47.97 30.85
C ARG F 104 11.39 47.37 29.47
N TRP F 105 10.31 47.20 28.70
CA TRP F 105 10.40 46.65 27.35
C TRP F 105 11.11 47.61 26.41
N ALA F 106 10.87 48.92 26.58
CA ALA F 106 11.50 49.89 25.71
C ALA F 106 12.97 50.08 26.04
N ASP F 107 13.37 49.77 27.28
CA ASP F 107 14.77 49.88 27.67
C ASP F 107 15.61 48.80 27.03
N ILE F 108 15.06 47.59 26.89
CA ILE F 108 15.76 46.51 26.21
C ILE F 108 15.83 46.79 24.71
N ALA F 109 14.73 47.29 24.15
CA ALA F 109 14.67 47.55 22.71
C ALA F 109 15.49 48.79 22.34
N ARG F 110 15.21 49.92 22.98
CA ARG F 110 15.91 51.18 22.72
C ARG F 110 16.53 51.68 24.01
N PRO F 111 17.79 51.33 24.29
CA PRO F 111 18.41 51.76 25.55
C PRO F 111 18.68 53.26 25.58
N GLY F 112 18.55 53.83 26.76
CA GLY F 112 18.72 55.26 26.93
C GLY F 112 17.57 56.11 26.44
N SER F 113 16.37 55.54 26.34
CA SER F 113 15.21 56.25 25.81
C SER F 113 14.14 56.55 26.86
N VAL F 114 13.92 55.66 27.82
CA VAL F 114 12.81 55.81 28.75
C VAL F 114 13.34 56.07 30.16
N ASN F 115 14.53 56.64 30.27
CA ASN F 115 15.04 57.06 31.57
C ASN F 115 14.45 58.37 32.04
N THR F 116 13.77 59.11 31.16
CA THR F 116 13.12 60.35 31.54
C THR F 116 11.69 60.11 31.98
N ASP F 117 11.20 61.02 32.81
CA ASP F 117 9.87 60.90 33.38
C ASP F 117 8.79 61.19 32.34
N PRO F 118 7.68 60.46 32.35
CA PRO F 118 6.57 60.80 31.45
C PRO F 118 5.81 62.05 31.84
N ILE F 119 5.88 62.49 33.10
CA ILE F 119 5.09 63.63 33.58
C ILE F 119 5.98 64.83 33.88
N PHE F 120 6.92 64.69 34.81
CA PHE F 120 7.78 65.78 35.26
C PHE F 120 9.20 65.51 34.79
N PRO F 121 9.59 65.98 33.60
CA PRO F 121 10.83 65.49 32.95
C PRO F 121 12.14 65.94 33.57
N ASN F 122 12.11 66.71 34.67
CA ASN F 122 13.35 66.99 35.39
C ASN F 122 13.82 65.76 36.16
N ASN F 123 12.92 64.86 36.51
CA ASN F 123 13.27 63.62 37.20
C ASN F 123 13.73 62.60 36.17
N LYS F 124 15.04 62.35 36.12
CA LYS F 124 15.63 61.43 35.16
C LYS F 124 16.39 60.33 35.89
N LEU F 125 16.27 59.11 35.38
CA LEU F 125 17.00 57.99 35.97
C LEU F 125 18.47 58.06 35.58
N THR F 126 19.35 57.77 36.54
CA THR F 126 20.79 57.90 36.36
C THR F 126 21.44 56.61 35.87
N GLY F 127 20.65 55.59 35.55
CA GLY F 127 21.24 54.34 35.09
C GLY F 127 21.74 54.44 33.65
N THR F 128 22.90 53.87 33.42
CA THR F 128 23.56 53.88 32.11
C THR F 128 23.51 52.54 31.41
N ASP F 129 23.71 51.45 32.14
CA ASP F 129 23.69 50.12 31.56
C ASP F 129 22.26 49.62 31.42
N VAL F 130 22.07 48.71 30.47
CA VAL F 130 20.74 48.15 30.21
C VAL F 130 20.43 47.14 31.30
N GLY F 131 19.28 47.31 31.94
CA GLY F 131 18.89 46.42 33.01
C GLY F 131 19.20 46.90 34.40
N TYR F 132 19.80 48.08 34.52
CA TYR F 132 20.18 48.65 35.82
C TYR F 132 19.66 50.07 35.92
N PRO F 133 18.37 50.25 36.22
CA PRO F 133 17.77 51.59 36.24
C PRO F 133 18.12 52.35 37.52
N GLY F 134 19.30 52.97 37.51
CA GLY F 134 19.72 53.75 38.66
C GLY F 134 18.92 55.05 38.77
N GLY F 135 18.54 55.39 39.98
CA GLY F 135 17.75 56.57 40.21
C GLY F 135 17.33 56.62 41.67
N LEU F 136 16.57 57.67 42.00
CA LEU F 136 16.15 57.85 43.38
C LEU F 136 15.07 56.84 43.77
N TRP F 137 14.27 56.38 42.80
CA TRP F 137 13.22 55.43 43.10
C TRP F 137 13.74 54.01 43.29
N PHE F 138 14.86 53.67 42.67
CA PHE F 138 15.31 52.28 42.65
C PHE F 138 16.63 52.05 43.37
N ASP F 139 17.58 52.98 43.28
CA ASP F 139 18.86 52.86 43.98
C ASP F 139 19.07 54.17 44.73
N PRO F 140 18.39 54.38 45.85
CA PRO F 140 18.53 55.66 46.57
C PRO F 140 19.85 55.80 47.31
N LEU F 141 20.53 54.70 47.59
CA LEU F 141 21.80 54.72 48.30
C LEU F 141 23.00 54.85 47.37
N GLY F 142 22.79 54.79 46.06
CA GLY F 142 23.86 54.96 45.09
C GLY F 142 24.90 53.86 45.07
N TRP F 143 24.48 52.61 45.25
CA TRP F 143 25.40 51.47 45.28
C TRP F 143 25.67 50.89 43.90
N GLY F 144 25.00 51.37 42.86
CA GLY F 144 25.16 50.90 41.51
C GLY F 144 26.18 51.64 40.67
N SER F 145 26.98 52.50 41.29
CA SER F 145 28.00 53.26 40.57
C SER F 145 29.36 53.07 41.24
N GLY F 146 30.40 53.19 40.44
CA GLY F 146 31.77 53.03 40.92
C GLY F 146 32.66 52.51 39.81
N SER F 147 33.73 51.82 40.22
CA SER F 147 34.63 51.20 39.28
C SER F 147 33.98 50.00 38.62
N GLU F 148 34.46 49.67 37.40
CA GLU F 148 33.87 48.57 36.65
C GLU F 148 34.19 47.22 37.26
N ASP F 149 35.37 47.08 37.87
CA ASP F 149 35.69 45.86 38.60
C ASP F 149 34.87 45.74 39.89
N LYS F 150 34.59 46.88 40.53
CA LYS F 150 33.75 46.86 41.73
C LYS F 150 32.29 46.64 41.38
N LEU F 151 31.84 47.18 40.23
CA LEU F 151 30.45 47.01 39.81
C LEU F 151 30.17 45.60 39.33
N LYS F 152 31.18 44.92 38.78
CA LYS F 152 31.00 43.55 38.30
C LYS F 152 30.80 42.58 39.46
N GLU F 153 31.40 42.85 40.61
CA GLU F 153 31.26 41.97 41.77
C GLU F 153 29.86 42.03 42.36
N ILE F 154 29.27 43.23 42.44
CA ILE F 154 27.93 43.33 43.02
C ILE F 154 26.88 42.87 42.02
N ARG F 155 27.18 42.95 40.72
CA ARG F 155 26.32 42.35 39.70
C ARG F 155 26.51 40.84 39.66
N THR F 156 27.68 40.34 40.05
CA THR F 156 27.82 38.91 40.18
C THR F 156 27.04 38.38 41.38
N LYS F 157 27.03 39.14 42.49
CA LYS F 157 26.25 38.79 43.66
C LYS F 157 24.73 38.87 43.51
N GLU F 158 24.18 39.69 42.59
CA GLU F 158 22.75 39.62 42.31
C GLU F 158 22.36 38.27 41.71
N VAL F 159 23.11 37.79 40.71
CA VAL F 159 22.67 36.65 39.93
C VAL F 159 23.05 35.34 40.61
N LYS F 160 24.07 35.33 41.48
CA LYS F 160 24.40 34.10 42.17
C LYS F 160 23.43 33.89 43.33
N ASN F 161 23.05 34.97 44.00
CA ASN F 161 21.91 34.91 44.90
C ASN F 161 20.62 34.77 44.13
N GLY F 162 20.58 35.16 42.86
CA GLY F 162 19.34 35.06 42.12
C GLY F 162 19.09 33.68 41.57
N ARG F 163 20.16 32.97 41.16
CA ARG F 163 20.02 31.63 40.59
C ARG F 163 19.70 30.63 41.68
N LEU F 164 20.13 30.91 42.90
CA LEU F 164 19.81 30.08 44.04
C LEU F 164 18.32 30.22 44.37
N ALA F 165 17.81 31.44 44.27
CA ALA F 165 16.40 31.71 44.58
C ALA F 165 15.49 31.10 43.51
N MET F 166 15.92 31.10 42.25
CA MET F 166 15.18 30.44 41.18
C MET F 166 15.06 28.95 41.43
N LEU F 167 16.16 28.32 41.87
CA LEU F 167 16.16 26.90 42.18
C LEU F 167 15.31 26.64 43.42
N ALA F 168 15.43 27.54 44.42
CA ALA F 168 14.61 27.52 45.62
C ALA F 168 13.12 27.54 45.30
N VAL F 169 12.66 28.58 44.59
CA VAL F 169 11.25 28.77 44.26
C VAL F 169 10.74 27.62 43.39
N LEU F 170 11.56 27.11 42.46
CA LEU F 170 11.18 25.94 41.68
C LEU F 170 11.10 24.68 42.55
N GLY F 171 11.75 24.70 43.71
CA GLY F 171 11.78 23.56 44.59
C GLY F 171 10.54 23.55 45.44
N ALA F 172 10.20 24.72 46.03
CA ALA F 172 8.95 24.90 46.76
C ALA F 172 7.73 24.53 45.93
N PHE F 173 7.77 24.79 44.61
CA PHE F 173 6.64 24.51 43.73
C PHE F 173 6.38 23.02 43.64
N VAL F 174 7.45 22.23 43.48
CA VAL F 174 7.29 20.80 43.27
C VAL F 174 7.07 20.12 44.62
N GLN F 175 7.62 20.70 45.70
CA GLN F 175 7.40 20.20 47.06
C GLN F 175 5.93 20.35 47.46
N ALA F 176 5.31 21.48 47.12
CA ALA F 176 3.91 21.68 47.43
C ALA F 176 2.99 20.89 46.51
N ASN F 177 3.51 20.33 45.42
CA ASN F 177 2.71 19.55 44.48
C ASN F 177 2.63 18.08 44.87
N VAL F 178 3.72 17.49 45.33
CA VAL F 178 3.75 16.06 45.62
C VAL F 178 3.73 15.74 47.11
N THR F 179 4.06 16.69 47.99
CA THR F 179 4.03 16.44 49.42
C THR F 179 2.94 17.22 50.15
N HIS F 180 2.48 18.36 49.59
CA HIS F 180 1.43 19.23 50.13
C HIS F 180 1.75 19.75 51.53
N VAL F 181 3.04 19.93 51.82
CA VAL F 181 3.52 20.53 53.06
C VAL F 181 4.38 21.73 52.68
N GLY F 182 4.27 22.82 53.47
CA GLY F 182 5.08 24.00 53.26
C GLY F 182 6.57 23.73 53.44
N PRO F 183 7.41 24.54 52.79
CA PRO F 183 8.82 24.17 52.64
C PRO F 183 9.71 24.43 53.85
N ILE F 184 9.29 25.21 54.84
CA ILE F 184 10.06 25.27 56.08
C ILE F 184 9.84 24.00 56.89
N ASP F 185 8.62 23.45 56.85
CA ASP F 185 8.36 22.17 57.49
C ASP F 185 9.02 21.02 56.75
N ASN F 186 9.25 21.18 55.44
CA ASN F 186 10.03 20.20 54.69
C ASN F 186 11.50 20.22 55.09
N LEU F 187 12.03 21.39 55.45
CA LEU F 187 13.39 21.44 56.00
C LEU F 187 13.44 20.81 57.39
N PHE F 188 12.45 21.08 58.22
CA PHE F 188 12.45 20.55 59.58
C PHE F 188 12.11 19.08 59.64
N ALA F 189 11.45 18.54 58.61
CA ALA F 189 11.29 17.10 58.49
C ALA F 189 12.51 16.44 57.86
N HIS F 190 13.45 17.22 57.33
CA HIS F 190 14.69 16.66 56.80
C HIS F 190 15.84 16.72 57.80
N LEU F 191 15.74 17.54 58.84
CA LEU F 191 16.72 17.53 59.91
C LEU F 191 16.38 16.54 61.02
N ALA F 192 15.24 15.86 60.93
CA ALA F 192 14.88 14.82 61.87
C ALA F 192 15.29 13.44 61.34
N ASP F 193 14.75 13.05 60.19
CA ASP F 193 15.12 11.82 59.49
C ASP F 193 15.50 12.14 58.06
N PRO F 194 16.79 12.42 57.80
CA PRO F 194 17.19 12.83 56.44
C PRO F 194 17.16 11.70 55.44
N TYR F 195 17.43 10.46 55.85
CA TYR F 195 17.48 9.33 54.94
C TYR F 195 16.11 8.71 54.69
N HIS F 196 15.07 9.18 55.37
CA HIS F 196 13.72 8.70 55.15
C HIS F 196 12.79 9.76 54.57
N THR F 197 13.23 11.01 54.47
CA THR F 197 12.47 12.09 53.85
C THR F 197 13.25 12.56 52.63
N THR F 198 13.04 11.87 51.51
CA THR F 198 13.80 12.06 50.29
C THR F 198 12.78 12.01 49.16
N ILE F 199 13.16 12.49 47.96
CA ILE F 199 12.26 12.60 46.81
C ILE F 199 11.76 11.23 46.34
N LEU F 200 12.49 10.14 46.62
CA LEU F 200 11.98 8.81 46.28
C LEU F 200 10.91 8.36 47.26
N GLN F 201 11.04 8.73 48.53
CA GLN F 201 10.01 8.39 49.52
C GLN F 201 8.75 9.22 49.31
N SER F 202 8.90 10.46 48.86
CA SER F 202 7.75 11.31 48.55
C SER F 202 7.22 11.08 47.14
N LEU F 203 7.93 10.28 46.34
CA LEU F 203 7.60 9.95 44.94
C LEU F 203 7.43 11.18 44.05
N ALA G 1 3.16 11.17 -38.13
CA ALA G 1 2.40 10.68 -36.99
C ALA G 1 2.80 11.43 -35.73
N HIS G 2 3.72 10.86 -34.96
CA HIS G 2 4.23 11.54 -33.79
C HIS G 2 5.16 12.68 -34.20
N SER G 3 5.12 13.75 -33.41
CA SER G 3 5.91 14.96 -33.68
C SER G 3 7.06 15.01 -32.69
N VAL G 4 8.28 14.82 -33.19
CA VAL G 4 9.49 14.90 -32.38
C VAL G 4 10.15 16.24 -32.66
N LYS G 5 10.35 17.03 -31.61
CA LYS G 5 10.90 18.37 -31.74
C LYS G 5 12.22 18.47 -30.99
N ILE G 6 13.21 19.08 -31.64
CA ILE G 6 14.52 19.31 -31.05
C ILE G 6 14.62 20.78 -30.69
N TYR G 7 15.10 21.08 -29.49
CA TYR G 7 15.21 22.44 -29.02
C TYR G 7 16.67 22.84 -28.96
N ASP G 8 16.90 24.14 -28.76
CA ASP G 8 18.26 24.69 -28.87
C ASP G 8 19.11 24.46 -27.63
N THR G 9 18.61 23.75 -26.63
CA THR G 9 19.38 23.39 -25.45
C THR G 9 20.27 22.18 -25.68
N CYS G 10 20.23 21.59 -26.88
CA CYS G 10 20.98 20.36 -27.18
C CYS G 10 22.48 20.62 -27.22
N ILE G 11 23.24 19.67 -26.70
CA ILE G 11 24.69 19.75 -26.66
C ILE G 11 25.35 18.85 -27.68
N GLY G 12 24.57 18.17 -28.53
CA GLY G 12 25.13 17.27 -29.52
C GLY G 12 25.78 16.03 -28.96
N CYS G 13 25.21 15.44 -27.93
CA CYS G 13 25.81 14.29 -27.26
C CYS G 13 25.54 12.97 -27.98
N THR G 14 24.64 12.98 -28.97
CA THR G 14 24.34 11.97 -29.98
C THR G 14 23.52 10.78 -29.39
N GLN G 15 23.41 10.67 -28.05
CA GLN G 15 22.77 9.51 -27.40
C GLN G 15 21.26 9.44 -27.60
N CYS G 16 20.62 10.50 -28.09
CA CYS G 16 19.22 10.40 -28.50
C CYS G 16 19.10 9.60 -29.79
N VAL G 17 20.07 9.75 -30.70
CA VAL G 17 20.09 8.96 -31.92
C VAL G 17 20.44 7.51 -31.62
N ARG G 18 21.38 7.29 -30.69
CA ARG G 18 21.81 5.94 -30.34
C ARG G 18 20.72 5.16 -29.61
N ALA G 19 19.84 5.85 -28.90
CA ALA G 19 18.73 5.19 -28.22
C ALA G 19 17.51 5.00 -29.11
N CYS G 20 17.52 5.55 -30.33
CA CYS G 20 16.36 5.50 -31.20
C CYS G 20 16.23 4.11 -31.82
N PRO G 21 15.12 3.41 -31.64
CA PRO G 21 14.96 2.06 -32.22
C PRO G 21 14.24 2.03 -33.57
N THR G 22 13.82 3.16 -34.13
CA THR G 22 13.18 3.18 -35.45
C THR G 22 13.80 4.22 -36.37
N ASP G 23 15.04 4.65 -36.09
CA ASP G 23 15.88 5.48 -36.97
C ASP G 23 15.25 6.82 -37.31
N VAL G 24 14.63 7.45 -36.31
CA VAL G 24 14.00 8.75 -36.54
C VAL G 24 15.03 9.87 -36.51
N LEU G 25 15.91 9.85 -35.52
CA LEU G 25 16.77 10.99 -35.27
C LEU G 25 18.08 10.86 -36.04
N GLU G 26 18.59 12.02 -36.45
CA GLU G 26 19.89 12.12 -37.11
C GLU G 26 20.57 13.41 -36.65
N MET G 27 21.89 13.42 -36.72
CA MET G 27 22.68 14.54 -36.24
C MET G 27 23.08 15.42 -37.42
N VAL G 28 22.58 16.65 -37.44
CA VAL G 28 22.85 17.60 -38.51
C VAL G 28 23.85 18.62 -37.98
N PRO G 29 24.60 19.34 -38.82
CA PRO G 29 25.51 20.36 -38.30
C PRO G 29 24.77 21.55 -37.72
N TRP G 30 25.42 22.21 -36.77
CA TRP G 30 24.81 23.30 -36.01
C TRP G 30 25.93 24.17 -35.48
N ASP G 31 25.57 25.36 -35.01
CA ASP G 31 26.54 26.31 -34.51
C ASP G 31 26.27 26.74 -33.08
N GLY G 32 25.41 26.02 -32.35
CA GLY G 32 24.99 26.46 -31.03
C GLY G 32 25.51 25.65 -29.87
N CYS G 33 26.55 24.84 -30.08
CA CYS G 33 27.09 24.02 -29.02
C CYS G 33 28.58 23.75 -29.28
N LYS G 34 29.23 23.14 -28.30
CA LYS G 34 30.64 22.78 -28.43
C LYS G 34 30.83 21.66 -29.44
N ALA G 35 29.88 20.71 -29.50
CA ALA G 35 29.97 19.61 -30.43
C ALA G 35 29.64 20.01 -31.87
N SER G 36 29.06 21.21 -32.05
CA SER G 36 28.69 21.79 -33.36
C SER G 36 27.74 20.89 -34.14
N GLN G 37 26.80 20.26 -33.44
CA GLN G 37 25.81 19.41 -34.06
C GLN G 37 24.55 19.39 -33.21
N ILE G 38 23.39 19.32 -33.88
CA ILE G 38 22.11 19.21 -33.20
C ILE G 38 21.35 18.04 -33.84
N ALA G 39 20.44 17.46 -33.07
CA ALA G 39 19.60 16.40 -33.60
C ALA G 39 18.48 16.99 -34.45
N SER G 40 17.88 16.14 -35.27
CA SER G 40 16.71 16.50 -36.05
C SER G 40 15.90 15.23 -36.28
N ALA G 41 14.63 15.40 -36.62
CA ALA G 41 13.72 14.27 -36.83
C ALA G 41 13.11 14.34 -38.23
N PRO G 42 13.84 13.90 -39.26
CA PRO G 42 13.23 13.87 -40.61
C PRO G 42 12.24 12.74 -40.77
N ARG G 43 12.54 11.55 -40.26
CA ARG G 43 11.65 10.40 -40.33
C ARG G 43 10.77 10.31 -39.08
N THR G 44 10.10 11.40 -38.76
CA THR G 44 9.22 11.44 -37.60
C THR G 44 7.92 10.68 -37.83
N GLU G 45 7.61 10.32 -39.08
CA GLU G 45 6.48 9.45 -39.36
C GLU G 45 6.77 8.00 -38.98
N ASP G 46 8.04 7.64 -38.80
CA ASP G 46 8.43 6.32 -38.36
C ASP G 46 8.54 6.21 -36.85
N CYS G 47 8.19 7.27 -36.12
CA CYS G 47 8.37 7.31 -34.67
C CYS G 47 7.30 6.48 -33.99
N VAL G 48 7.72 5.48 -33.21
CA VAL G 48 6.77 4.73 -32.40
C VAL G 48 6.26 5.58 -31.24
N GLY G 49 7.09 6.49 -30.73
CA GLY G 49 6.74 7.28 -29.56
C GLY G 49 7.29 6.76 -28.26
N CYS G 50 8.34 5.93 -28.29
CA CYS G 50 8.81 5.23 -27.10
C CYS G 50 9.53 6.12 -26.11
N LYS G 51 9.99 7.30 -26.57
CA LYS G 51 10.73 8.30 -25.76
C LYS G 51 11.98 7.71 -25.12
N ARG G 52 12.66 6.83 -25.86
CA ARG G 52 14.00 6.39 -25.46
C ARG G 52 15.00 7.52 -25.60
N CYS G 53 14.76 8.43 -26.56
CA CYS G 53 15.61 9.60 -26.73
C CYS G 53 15.47 10.56 -25.56
N GLU G 54 14.26 10.70 -25.02
CA GLU G 54 14.06 11.54 -23.84
C GLU G 54 14.66 10.91 -22.60
N SER G 55 14.72 9.57 -22.54
CA SER G 55 15.38 8.91 -21.42
C SER G 55 16.90 9.06 -21.49
N ALA G 56 17.45 9.18 -22.70
CA ALA G 56 18.89 9.30 -22.88
C ALA G 56 19.38 10.73 -23.03
N CYS G 57 18.50 11.72 -22.94
CA CYS G 57 18.91 13.10 -23.10
C CYS G 57 19.40 13.63 -21.75
N PRO G 58 20.65 14.06 -21.62
CA PRO G 58 21.16 14.57 -20.35
C PRO G 58 20.88 16.04 -20.09
N THR G 59 20.23 16.73 -21.02
CA THR G 59 19.97 18.16 -20.87
C THR G 59 18.72 18.35 -20.01
N ASP G 60 18.81 19.26 -19.05
CA ASP G 60 17.69 19.63 -18.18
C ASP G 60 17.23 21.05 -18.50
N PHE G 61 16.01 21.22 -19.02
CA PHE G 61 15.09 20.13 -19.36
C PHE G 61 15.39 19.67 -20.80
N LEU G 62 14.63 18.69 -21.29
CA LEU G 62 15.03 17.87 -22.43
C LEU G 62 15.09 18.67 -23.71
N SER G 63 16.03 18.29 -24.57
CA SER G 63 16.18 18.95 -25.86
C SER G 63 15.39 18.22 -26.93
N VAL G 64 15.46 16.90 -26.96
CA VAL G 64 14.54 16.11 -27.76
C VAL G 64 13.23 15.94 -26.98
N ARG G 65 12.12 16.12 -27.68
CA ARG G 65 10.82 16.02 -27.02
C ARG G 65 9.84 15.40 -28.00
N VAL G 66 9.17 14.33 -27.57
CA VAL G 66 8.25 13.58 -28.40
C VAL G 66 6.84 13.86 -27.91
N TYR G 67 5.98 14.34 -28.80
CA TYR G 67 4.59 14.63 -28.49
C TYR G 67 3.73 13.58 -29.16
N LEU G 68 2.97 12.83 -28.37
CA LEU G 68 2.15 11.74 -28.88
C LEU G 68 0.89 12.35 -29.51
N GLY G 69 0.82 12.28 -30.84
CA GLY G 69 -0.29 12.83 -31.57
C GLY G 69 -1.12 11.76 -32.25
N ALA G 70 -1.40 11.96 -33.54
CA ALA G 70 -2.13 10.96 -34.31
C ALA G 70 -1.28 9.72 -34.50
N GLU G 71 -1.87 8.56 -34.24
CA GLU G 71 -1.15 7.30 -34.24
C GLU G 71 -1.60 6.45 -35.41
N THR G 72 -0.65 5.98 -36.20
CA THR G 72 -0.90 5.17 -37.39
C THR G 72 -0.26 3.81 -37.17
N THR G 73 -0.19 3.02 -38.25
CA THR G 73 0.39 1.68 -38.16
C THR G 73 1.91 1.72 -37.98
N ARG G 74 2.56 2.83 -38.28
CA ARG G 74 3.97 2.97 -37.93
C ARG G 74 4.16 3.12 -36.43
N SER G 75 3.37 4.01 -35.83
CA SER G 75 3.48 4.41 -34.43
C SER G 75 2.71 3.49 -33.48
N MET G 76 2.04 2.47 -34.00
CA MET G 76 1.42 1.46 -33.16
C MET G 76 2.32 0.22 -33.01
N GLY G 77 3.33 0.09 -33.86
CA GLY G 77 4.25 -1.04 -33.78
C GLY G 77 3.72 -2.42 -34.08
N LEU G 78 2.85 -2.54 -35.07
CA LEU G 78 2.19 -3.80 -35.39
C LEU G 78 2.90 -4.50 -36.53
N ALA G 79 2.71 -5.82 -36.57
CA ALA G 79 3.22 -6.65 -37.65
C ALA G 79 2.10 -7.34 -38.43
N TYR G 80 0.84 -7.04 -38.11
CA TYR G 80 -0.29 -7.69 -38.76
C TYR G 80 -1.23 -6.65 -39.36
N PHE H 1 24.66 11.00 -52.44
CA PHE H 1 24.82 9.58 -52.19
C PHE H 1 23.83 8.76 -52.99
N THR H 2 24.33 7.90 -53.86
CA THR H 2 23.46 7.00 -54.61
C THR H 2 22.97 5.89 -53.70
N PRO H 3 21.65 5.69 -53.58
CA PRO H 3 21.14 4.62 -52.72
C PRO H 3 21.41 3.25 -53.31
N PRO H 4 21.68 2.24 -52.48
CA PRO H 4 21.94 0.91 -53.01
C PRO H 4 20.66 0.24 -53.50
N THR H 5 20.80 -0.55 -54.57
CA THR H 5 19.68 -1.23 -55.17
C THR H 5 19.58 -2.65 -54.62
N LEU H 6 18.36 -3.05 -54.29
CA LEU H 6 18.12 -4.40 -53.78
C LEU H 6 18.30 -5.42 -54.89
N ASN H 7 19.22 -6.37 -54.68
CA ASN H 7 19.63 -7.27 -55.75
C ASN H 7 18.58 -8.32 -56.05
N ALA H 8 17.88 -8.80 -55.01
CA ALA H 8 16.88 -9.88 -55.05
C ALA H 8 17.44 -11.18 -55.63
N ASP H 9 18.74 -11.42 -55.43
CA ASP H 9 19.38 -12.67 -55.78
C ASP H 9 20.30 -13.19 -54.70
N THR H 10 20.65 -12.38 -53.71
CA THR H 10 21.38 -12.85 -52.54
C THR H 10 20.47 -13.77 -51.71
N PRO H 11 21.01 -14.85 -51.14
CA PRO H 11 20.16 -15.76 -50.36
C PRO H 11 20.07 -15.43 -48.88
N ALA H 12 19.18 -16.14 -48.22
CA ALA H 12 18.74 -15.96 -46.85
C ALA H 12 19.66 -16.71 -45.89
N PRO H 13 19.69 -16.30 -44.61
CA PRO H 13 20.34 -17.13 -43.60
C PRO H 13 19.62 -18.44 -43.37
N ILE H 14 20.37 -19.44 -42.94
CA ILE H 14 19.81 -20.78 -42.71
C ILE H 14 18.97 -20.71 -41.44
N PHE H 15 17.65 -20.72 -41.60
CA PHE H 15 16.72 -20.57 -40.50
C PHE H 15 15.67 -21.67 -40.60
N GLY H 16 15.35 -22.27 -39.46
CA GLY H 16 14.40 -23.37 -39.43
C GLY H 16 12.95 -22.99 -39.51
N GLY H 17 12.64 -21.70 -39.47
CA GLY H 17 11.27 -21.25 -39.53
C GLY H 17 10.83 -20.69 -38.19
N SER H 18 10.08 -19.60 -38.24
CA SER H 18 9.55 -18.98 -37.03
C SER H 18 8.11 -18.57 -37.25
N THR H 19 7.37 -18.49 -36.15
CA THR H 19 6.01 -17.98 -36.17
C THR H 19 5.95 -16.48 -35.89
N GLY H 20 7.08 -15.84 -35.63
CA GLY H 20 7.16 -14.42 -35.43
C GLY H 20 7.42 -13.62 -36.68
N GLY H 21 7.37 -14.25 -37.85
CA GLY H 21 7.73 -13.60 -39.09
C GLY H 21 6.65 -12.73 -39.72
N LEU H 22 6.51 -12.82 -41.03
CA LEU H 22 5.64 -11.92 -41.79
C LEU H 22 4.19 -12.37 -41.68
N LEU H 23 3.35 -11.51 -41.12
CA LEU H 23 1.90 -11.68 -41.13
C LEU H 23 1.33 -10.95 -42.34
N ARG H 24 0.00 -10.70 -42.34
CA ARG H 24 -0.67 -10.12 -43.51
C ARG H 24 -0.35 -8.65 -43.72
N LYS H 25 0.31 -7.98 -42.77
CA LYS H 25 0.79 -6.61 -42.99
C LYS H 25 1.85 -6.59 -44.10
N ALA H 26 2.65 -7.64 -44.21
CA ALA H 26 3.57 -7.81 -45.33
C ALA H 26 2.82 -7.91 -46.65
N GLN H 27 1.66 -8.57 -46.64
CA GLN H 27 0.95 -8.83 -47.89
C GLN H 27 0.22 -7.60 -48.41
N VAL H 28 -0.27 -6.72 -47.53
CA VAL H 28 -1.11 -5.61 -47.98
C VAL H 28 -0.53 -4.23 -47.64
N GLU H 29 0.36 -4.09 -46.65
CA GLU H 29 0.78 -2.76 -46.24
C GLU H 29 2.26 -2.48 -46.54
N GLU H 30 3.18 -3.25 -45.92
CA GLU H 30 4.62 -3.09 -46.11
C GLU H 30 5.33 -4.25 -45.42
N PHE H 31 6.56 -4.50 -45.86
CA PHE H 31 7.49 -5.32 -45.11
C PHE H 31 8.89 -4.80 -45.38
N TYR H 32 9.82 -5.16 -44.49
CA TYR H 32 11.14 -4.56 -44.45
C TYR H 32 12.18 -5.62 -44.76
N VAL H 33 13.11 -5.28 -45.65
CA VAL H 33 14.18 -6.18 -46.07
C VAL H 33 15.50 -5.55 -45.67
N ILE H 34 16.29 -6.28 -44.88
CA ILE H 34 17.59 -5.80 -44.42
C ILE H 34 18.68 -6.63 -45.10
N THR H 35 19.65 -5.93 -45.68
CA THR H 35 20.72 -6.55 -46.46
C THR H 35 22.06 -6.14 -45.86
N TRP H 36 22.93 -7.12 -45.62
CA TRP H 36 24.23 -6.85 -45.02
C TRP H 36 25.24 -7.85 -45.54
N GLU H 37 26.51 -7.45 -45.48
CA GLU H 37 27.62 -8.25 -45.98
C GLU H 37 28.37 -8.87 -44.81
N SER H 38 28.58 -10.18 -44.88
CA SER H 38 29.13 -10.92 -43.75
C SER H 38 30.56 -11.40 -44.01
N PRO H 39 31.39 -11.44 -42.96
CA PRO H 39 32.71 -12.07 -43.12
C PRO H 39 32.65 -13.58 -43.25
N LYS H 40 31.84 -14.26 -42.44
CA LYS H 40 31.87 -15.72 -42.37
C LYS H 40 30.52 -16.23 -41.88
N GLU H 41 30.42 -17.56 -41.78
CA GLU H 41 29.20 -18.22 -41.32
C GLU H 41 29.12 -18.12 -39.80
N GLN H 42 28.22 -17.28 -39.31
CA GLN H 42 28.03 -17.07 -37.88
C GLN H 42 26.60 -17.46 -37.50
N ILE H 43 26.28 -17.30 -36.21
CA ILE H 43 24.93 -17.54 -35.68
C ILE H 43 24.49 -16.27 -34.97
N PHE H 44 23.32 -15.75 -35.35
CA PHE H 44 22.78 -14.52 -34.79
C PHE H 44 21.39 -14.79 -34.22
N GLU H 45 20.96 -13.92 -33.31
CA GLU H 45 19.66 -14.04 -32.68
C GLU H 45 18.63 -13.36 -33.59
N MET H 46 17.61 -14.11 -33.99
CA MET H 46 16.58 -13.58 -34.88
C MET H 46 15.70 -12.60 -34.13
N PRO H 47 15.44 -11.40 -34.67
CA PRO H 47 14.58 -10.43 -33.95
C PRO H 47 13.13 -10.84 -33.88
N THR H 48 12.68 -11.76 -34.74
CA THR H 48 11.37 -12.38 -34.59
C THR H 48 11.33 -13.46 -33.53
N GLY H 49 12.49 -13.89 -33.03
CA GLY H 49 12.56 -14.97 -32.06
C GLY H 49 13.17 -16.22 -32.64
N GLY H 50 14.37 -16.57 -32.18
CA GLY H 50 15.07 -17.75 -32.62
C GLY H 50 16.49 -17.43 -32.99
N ALA H 51 17.18 -18.42 -33.57
CA ALA H 51 18.55 -18.28 -34.03
C ALA H 51 18.68 -18.85 -35.42
N ALA H 52 19.50 -18.19 -36.24
CA ALA H 52 19.72 -18.59 -37.62
C ALA H 52 21.21 -18.57 -37.94
N ILE H 53 21.63 -19.45 -38.84
CA ILE H 53 23.00 -19.43 -39.35
C ILE H 53 23.05 -18.47 -40.53
N MET H 54 23.75 -17.36 -40.33
CA MET H 54 23.95 -16.35 -41.35
C MET H 54 25.06 -16.76 -42.32
N ARG H 55 24.93 -16.34 -43.58
CA ARG H 55 25.78 -16.85 -44.64
C ARG H 55 27.17 -16.21 -44.58
N SER H 56 28.08 -16.76 -45.38
CA SER H 56 29.43 -16.24 -45.48
C SER H 56 29.56 -15.05 -46.43
N GLY H 57 28.51 -14.77 -47.20
CA GLY H 57 28.52 -13.64 -48.11
C GLY H 57 27.45 -12.63 -47.75
N PRO H 58 26.81 -12.04 -48.76
CA PRO H 58 25.70 -11.13 -48.47
C PRO H 58 24.46 -11.90 -48.01
N ASN H 59 23.69 -11.26 -47.14
CA ASN H 59 22.52 -11.87 -46.54
C ASN H 59 21.30 -11.00 -46.78
N LEU H 60 20.13 -11.63 -46.86
CA LEU H 60 18.87 -10.93 -47.00
C LEU H 60 17.91 -11.47 -45.96
N LEU H 61 17.30 -10.58 -45.18
CA LEU H 61 16.35 -10.97 -44.17
C LEU H 61 15.09 -10.13 -44.29
N LYS H 62 13.94 -10.78 -44.29
CA LYS H 62 12.64 -10.14 -44.43
C LYS H 62 12.04 -9.93 -43.04
N LEU H 63 11.74 -8.69 -42.71
CA LEU H 63 11.20 -8.33 -41.41
C LEU H 63 9.91 -7.53 -41.60
N ALA H 64 9.10 -7.49 -40.55
CA ALA H 64 7.79 -6.85 -40.65
C ALA H 64 7.77 -5.41 -40.17
N ARG H 65 8.66 -5.03 -39.25
CA ARG H 65 8.64 -3.70 -38.66
C ARG H 65 10.01 -3.03 -38.83
N LYS H 66 9.99 -1.70 -38.78
CA LYS H 66 11.23 -0.95 -38.84
C LYS H 66 12.04 -1.09 -37.55
N GLU H 67 11.36 -1.36 -36.43
CA GLU H 67 12.06 -1.57 -35.17
C GLU H 67 12.80 -2.90 -35.15
N GLN H 68 12.32 -3.89 -35.91
CA GLN H 68 13.02 -5.17 -36.01
C GLN H 68 14.31 -5.04 -36.81
N CYS H 69 14.39 -4.06 -37.71
CA CYS H 69 15.61 -3.85 -38.48
C CYS H 69 16.69 -3.16 -37.67
N LEU H 70 16.31 -2.23 -36.78
CA LEU H 70 17.29 -1.59 -35.92
C LEU H 70 17.73 -2.49 -34.78
N ALA H 71 16.81 -3.31 -34.25
CA ALA H 71 17.17 -4.25 -33.19
C ALA H 71 18.11 -5.32 -33.70
N LEU H 72 17.89 -5.78 -34.94
CA LEU H 72 18.87 -6.64 -35.58
C LEU H 72 20.12 -5.85 -35.96
N GLY H 73 19.94 -4.63 -36.49
CA GLY H 73 21.06 -3.87 -37.01
C GLY H 73 22.03 -3.39 -35.95
N ALA H 74 21.51 -2.95 -34.79
CA ALA H 74 22.39 -2.61 -33.68
C ALA H 74 22.98 -3.83 -33.01
N ARG H 75 22.38 -5.01 -33.19
CA ARG H 75 22.96 -6.24 -32.68
C ARG H 75 24.18 -6.65 -33.48
N LEU H 76 24.11 -6.52 -34.81
CA LEU H 76 25.25 -6.85 -35.67
C LEU H 76 26.12 -5.64 -35.98
N ARG H 77 25.97 -4.55 -35.23
CA ARG H 77 26.90 -3.44 -35.27
C ARG H 77 27.77 -3.37 -34.02
N THR H 78 27.32 -3.93 -32.91
CA THR H 78 28.09 -3.98 -31.67
C THR H 78 28.74 -5.32 -31.43
N LYS H 79 27.99 -6.42 -31.59
CA LYS H 79 28.58 -7.76 -31.44
C LYS H 79 29.47 -8.09 -32.63
N PHE H 80 29.04 -7.72 -33.83
CA PHE H 80 29.80 -7.96 -35.05
C PHE H 80 30.15 -6.63 -35.69
N LYS H 81 31.24 -6.61 -36.46
CA LYS H 81 31.66 -5.40 -37.16
C LYS H 81 31.14 -5.42 -38.59
N ILE H 82 29.82 -5.36 -38.70
CA ILE H 82 29.11 -5.54 -39.96
C ILE H 82 28.31 -4.29 -40.25
N GLN H 83 28.56 -3.67 -41.40
CA GLN H 83 27.73 -2.57 -41.87
C GLN H 83 26.45 -3.12 -42.49
N TYR H 84 25.33 -2.47 -42.20
CA TYR H 84 24.03 -2.94 -42.63
C TYR H 84 23.25 -1.80 -43.27
N GLN H 85 22.30 -2.17 -44.13
CA GLN H 85 21.29 -1.26 -44.63
C GLN H 85 19.99 -2.02 -44.74
N PHE H 86 18.87 -1.31 -44.58
CA PHE H 86 17.58 -1.93 -44.81
C PHE H 86 16.71 -1.07 -45.70
N TYR H 87 15.58 -1.65 -46.10
CA TYR H 87 14.69 -1.09 -47.10
C TYR H 87 13.25 -1.20 -46.59
N ARG H 88 12.34 -0.57 -47.31
CA ARG H 88 10.91 -0.71 -47.08
C ARG H 88 10.28 -1.16 -48.38
N VAL H 89 9.68 -2.35 -48.37
CA VAL H 89 9.11 -2.97 -49.56
C VAL H 89 7.59 -2.93 -49.44
N PHE H 90 6.94 -2.40 -50.45
CA PHE H 90 5.50 -2.27 -50.58
C PHE H 90 4.95 -3.39 -51.44
N PRO H 91 3.67 -3.77 -51.27
CA PRO H 91 3.12 -4.88 -52.08
C PRO H 91 2.99 -4.60 -53.58
N ASN H 92 3.04 -3.34 -54.02
CA ASN H 92 3.02 -3.09 -55.46
C ASN H 92 4.35 -3.37 -56.13
N GLY H 93 5.43 -3.52 -55.37
CA GLY H 93 6.76 -3.79 -55.90
C GLY H 93 7.77 -2.69 -55.68
N GLU H 94 7.40 -1.56 -55.08
CA GLU H 94 8.33 -0.47 -54.87
C GLU H 94 9.17 -0.73 -53.62
N VAL H 95 10.49 -0.63 -53.76
CA VAL H 95 11.42 -0.80 -52.66
C VAL H 95 11.93 0.58 -52.26
N GLN H 96 11.67 0.96 -51.00
CA GLN H 96 12.04 2.27 -50.48
C GLN H 96 13.23 2.10 -49.55
N TYR H 97 14.39 2.61 -49.97
CA TYR H 97 15.59 2.54 -49.14
C TYR H 97 15.47 3.53 -47.98
N LEU H 98 15.82 3.07 -46.78
CA LEU H 98 15.48 3.80 -45.57
C LEU H 98 16.67 4.23 -44.73
N HIS H 99 17.68 3.37 -44.57
CA HIS H 99 18.73 3.66 -43.61
C HIS H 99 20.03 2.97 -44.00
N PRO H 100 21.18 3.65 -43.93
CA PRO H 100 21.36 5.09 -43.66
C PRO H 100 21.08 5.94 -44.90
N LYS H 101 20.40 7.08 -44.73
CA LYS H 101 19.91 7.86 -45.87
C LYS H 101 21.06 8.50 -46.65
N ASP H 102 22.07 9.01 -45.95
CA ASP H 102 23.22 9.61 -46.60
C ASP H 102 24.35 8.60 -46.84
N GLY H 103 24.15 7.34 -46.47
CA GLY H 103 25.19 6.34 -46.52
C GLY H 103 26.02 6.22 -45.27
N VAL H 104 26.01 7.24 -44.42
CA VAL H 104 26.70 7.23 -43.14
C VAL H 104 25.61 7.23 -42.07
N TYR H 105 25.84 6.48 -40.99
CA TYR H 105 24.85 6.25 -39.95
C TYR H 105 24.48 7.56 -39.24
N PRO H 106 23.22 7.69 -38.77
CA PRO H 106 22.75 8.97 -38.22
C PRO H 106 23.40 9.41 -36.92
N GLU H 107 24.14 8.52 -36.24
CA GLU H 107 24.92 8.93 -35.08
C GLU H 107 26.05 9.88 -35.48
N LYS H 108 26.67 9.63 -36.64
CA LYS H 108 27.69 10.51 -37.17
C LYS H 108 27.04 11.62 -38.00
N VAL H 109 27.62 12.81 -37.93
CA VAL H 109 27.08 14.01 -38.56
C VAL H 109 27.57 14.06 -40.01
N ASN H 110 26.66 14.47 -40.92
CA ASN H 110 26.99 14.68 -42.32
C ASN H 110 26.56 16.08 -42.72
N ALA H 111 27.32 16.68 -43.63
CA ALA H 111 27.00 18.04 -44.07
C ALA H 111 25.83 18.09 -45.04
N GLY H 112 25.45 16.96 -45.64
CA GLY H 112 24.39 16.96 -46.64
C GLY H 112 22.99 17.09 -46.07
N ARG H 113 22.76 16.50 -44.90
CA ARG H 113 21.45 16.54 -44.27
C ARG H 113 21.18 17.91 -43.67
N THR H 114 19.90 18.25 -43.55
CA THR H 114 19.46 19.55 -43.06
C THR H 114 18.65 19.39 -41.78
N ALA H 115 18.52 20.50 -41.06
CA ALA H 115 17.79 20.50 -39.79
C ALA H 115 16.30 20.66 -40.06
N VAL H 116 15.52 19.68 -39.61
CA VAL H 116 14.08 19.69 -39.75
C VAL H 116 13.45 19.18 -38.44
N GLY H 117 12.40 19.85 -37.99
CA GLY H 117 11.87 19.59 -36.67
C GLY H 117 12.69 20.17 -35.55
N VAL H 118 13.48 21.20 -35.82
CA VAL H 118 14.36 21.82 -34.84
C VAL H 118 13.80 23.18 -34.46
N ASN H 119 13.61 23.41 -33.16
CA ASN H 119 13.12 24.67 -32.65
C ASN H 119 14.29 25.50 -32.12
N ASN H 120 14.30 26.79 -32.46
CA ASN H 120 15.35 27.70 -32.02
C ASN H 120 15.15 28.19 -30.59
N ARG H 121 14.01 27.89 -29.99
CA ARG H 121 13.71 28.20 -28.60
C ARG H 121 13.87 26.93 -27.76
N SER H 122 13.59 27.06 -26.47
CA SER H 122 13.62 25.92 -25.56
C SER H 122 12.19 25.51 -25.22
N ILE H 123 12.05 24.58 -24.27
CA ILE H 123 10.72 24.14 -23.83
C ILE H 123 10.03 25.25 -23.04
N GLY H 124 10.78 25.98 -22.21
CA GLY H 124 10.19 27.03 -21.39
C GLY H 124 9.72 28.25 -22.14
N GLN H 125 10.16 28.42 -23.38
CA GLN H 125 9.68 29.50 -24.25
C GLN H 125 8.61 29.04 -25.22
N ASN H 126 8.08 27.83 -25.05
CA ASN H 126 6.91 27.42 -25.82
C ASN H 126 5.68 28.17 -25.35
N ALA H 127 4.78 28.44 -26.30
CA ALA H 127 3.60 29.23 -26.01
C ALA H 127 2.57 28.42 -25.23
N ASN H 128 1.72 29.13 -24.49
CA ASN H 128 0.67 28.49 -23.73
C ASN H 128 -0.45 28.03 -24.67
N PRO H 129 -1.16 26.94 -24.33
CA PRO H 129 -2.27 26.48 -25.18
C PRO H 129 -3.49 27.40 -25.15
N ALA H 130 -3.60 28.32 -24.20
CA ALA H 130 -4.77 29.20 -24.13
C ALA H 130 -4.73 30.29 -25.19
N GLU H 131 -3.54 30.71 -25.63
CA GLU H 131 -3.41 31.70 -26.67
C GLU H 131 -3.30 31.10 -28.07
N LEU H 132 -3.44 29.78 -28.18
CA LEU H 132 -3.44 29.08 -29.47
C LEU H 132 -4.71 28.26 -29.63
N LYS H 133 -5.83 28.77 -29.14
CA LYS H 133 -7.09 28.05 -29.23
C LYS H 133 -7.66 28.13 -30.64
N PHE H 134 -8.14 26.98 -31.13
CA PHE H 134 -8.80 26.80 -32.43
C PHE H 134 -7.89 27.21 -33.59
N ALA H 135 -6.76 26.52 -33.68
CA ALA H 135 -5.82 26.69 -34.76
C ALA H 135 -5.19 25.33 -35.09
N HIS H 136 -4.72 25.20 -36.33
CA HIS H 136 -4.03 23.98 -36.73
C HIS H 136 -2.67 23.87 -36.07
N LYS H 137 -2.03 25.01 -35.80
CA LYS H 137 -0.75 25.02 -35.11
C LYS H 137 -0.91 24.72 -33.63
N GLN H 138 0.14 24.18 -33.02
CA GLN H 138 0.10 23.82 -31.62
C GLN H 138 1.29 24.50 -30.93
N ALA H 139 1.57 24.17 -29.67
CA ALA H 139 2.55 24.91 -28.88
C ALA H 139 4.00 24.63 -29.27
N TYR H 140 4.25 23.62 -30.10
CA TYR H 140 5.61 23.21 -30.41
C TYR H 140 5.99 23.29 -31.88
N ASP H 141 5.02 23.25 -32.80
CA ASP H 141 5.33 23.21 -34.22
C ASP H 141 5.51 24.59 -34.85
N LEU H 142 5.43 25.66 -34.06
CA LEU H 142 5.69 27.00 -34.56
C LEU H 142 6.94 27.60 -33.92
N ILE I 1 33.13 35.35 -22.13
CA ILE I 1 31.83 35.68 -21.59
C ILE I 1 31.59 34.91 -20.29
N GLY I 2 30.35 34.95 -19.80
CA GLY I 2 29.99 34.30 -18.57
C GLY I 2 30.30 35.16 -17.37
N PRO I 3 29.72 34.82 -16.20
CA PRO I 3 30.04 35.57 -14.97
C PRO I 3 31.48 35.38 -14.52
N LYS I 4 31.86 34.14 -14.25
CA LYS I 4 33.19 33.70 -13.82
C LYS I 4 33.20 32.19 -13.78
N ARG I 5 34.36 31.60 -14.04
CA ARG I 5 34.56 30.18 -13.80
C ARG I 5 34.82 29.95 -12.32
N GLY I 6 34.25 28.88 -11.79
CA GLY I 6 34.39 28.59 -10.37
C GLY I 6 33.56 29.46 -9.47
N SER I 7 32.53 30.11 -9.99
CA SER I 7 31.68 31.02 -9.22
C SER I 7 30.35 30.36 -8.88
N ILE I 8 29.65 30.95 -7.92
CA ILE I 8 28.36 30.47 -7.46
C ILE I 8 27.29 31.27 -8.18
N VAL I 9 26.40 30.58 -8.89
CA VAL I 9 25.31 31.21 -9.63
C VAL I 9 23.98 30.58 -9.22
N LYS I 10 22.90 31.31 -9.46
CA LYS I 10 21.55 30.85 -9.23
C LYS I 10 20.80 30.81 -10.55
N VAL I 11 20.13 29.69 -10.81
CA VAL I 11 19.49 29.47 -12.10
C VAL I 11 18.14 30.16 -12.13
N LEU I 12 17.91 30.96 -13.18
CA LEU I 12 16.61 31.60 -13.42
C LEU I 12 15.78 30.88 -14.45
N ARG I 13 16.24 29.74 -14.96
CA ARG I 13 15.49 28.99 -15.95
C ARG I 13 14.34 28.26 -15.27
N ARG I 14 13.12 28.46 -15.78
CA ARG I 14 11.92 27.96 -15.12
C ARG I 14 11.80 26.44 -15.24
N GLU I 15 12.19 25.87 -16.37
CA GLU I 15 11.97 24.46 -16.64
C GLU I 15 13.11 23.57 -16.18
N SER I 16 14.15 24.12 -15.57
CA SER I 16 15.22 23.30 -15.04
C SER I 16 14.84 22.73 -13.69
N TYR I 17 15.50 21.61 -13.32
CA TYR I 17 15.29 21.05 -11.99
C TYR I 17 15.91 21.93 -10.91
N TRP I 18 16.99 22.63 -11.26
CA TRP I 18 17.76 23.42 -10.31
C TRP I 18 17.38 24.89 -10.35
N PHE I 19 16.10 25.19 -10.58
CA PHE I 19 15.62 26.56 -10.50
C PHE I 19 15.66 27.04 -9.05
N ASN I 20 16.19 28.26 -8.88
CA ASN I 20 16.48 28.87 -7.56
C ASN I 20 17.38 27.99 -6.71
N ASP I 21 18.39 27.39 -7.34
CA ASP I 21 19.33 26.51 -6.65
C ASP I 21 20.75 26.99 -6.88
N THR I 22 21.59 26.77 -5.87
CA THR I 22 22.99 27.18 -5.93
C THR I 22 23.78 26.20 -6.78
N GLY I 23 24.47 26.72 -7.79
CA GLY I 23 25.30 25.90 -8.65
C GLY I 23 26.67 26.51 -8.85
N LYS I 24 27.61 25.65 -9.24
CA LYS I 24 29.01 26.04 -9.44
C LYS I 24 29.34 25.96 -10.92
N VAL I 25 29.84 27.07 -11.46
CA VAL I 25 30.22 27.14 -12.86
C VAL I 25 31.55 26.43 -13.07
N VAL I 26 31.59 25.48 -14.00
CA VAL I 26 32.81 24.76 -14.30
C VAL I 26 33.40 25.11 -15.68
N ALA I 27 32.59 25.60 -16.61
CA ALA I 27 33.08 25.92 -17.95
C ALA I 27 32.17 26.94 -18.60
N VAL I 28 32.77 27.95 -19.21
CA VAL I 28 32.05 28.90 -20.07
C VAL I 28 32.70 28.85 -21.45
N ASP I 29 31.88 28.61 -22.48
CA ASP I 29 32.37 28.55 -23.84
C ASP I 29 32.44 29.96 -24.42
N GLN I 30 33.62 30.35 -24.89
CA GLN I 30 33.81 31.66 -25.48
C GLN I 30 33.64 31.68 -26.99
N ALA I 31 33.25 30.56 -27.58
CA ALA I 31 32.99 30.53 -29.02
C ALA I 31 31.69 31.26 -29.33
N PRO I 32 31.66 32.10 -30.36
CA PRO I 32 30.42 32.81 -30.71
C PRO I 32 29.40 31.87 -31.35
N GLY I 33 28.13 32.22 -31.16
CA GLY I 33 27.04 31.44 -31.69
C GLY I 33 26.50 30.38 -30.76
N VAL I 34 27.17 30.11 -29.64
CA VAL I 34 26.69 29.12 -28.69
C VAL I 34 25.59 29.74 -27.84
N ARG I 35 24.42 29.08 -27.81
CA ARG I 35 23.27 29.64 -27.11
C ARG I 35 23.40 29.50 -25.60
N TYR I 36 23.92 28.37 -25.12
CA TYR I 36 24.01 28.08 -23.69
C TYR I 36 25.45 27.70 -23.37
N PRO I 37 26.33 28.69 -23.18
CA PRO I 37 27.75 28.39 -23.01
C PRO I 37 28.17 28.03 -21.59
N VAL I 38 27.46 28.55 -20.59
CA VAL I 38 27.88 28.41 -19.20
C VAL I 38 27.47 27.02 -18.71
N VAL I 39 28.47 26.22 -18.33
CA VAL I 39 28.25 24.89 -17.80
C VAL I 39 28.28 24.96 -16.28
N VAL I 40 27.18 24.60 -15.65
CA VAL I 40 27.01 24.74 -14.21
C VAL I 40 26.89 23.35 -13.60
N ARG I 41 27.71 23.07 -12.58
CA ARG I 41 27.67 21.81 -11.87
C ARG I 41 26.93 21.99 -10.55
N PHE I 42 26.07 21.04 -10.22
CA PHE I 42 25.24 21.10 -9.04
C PHE I 42 25.58 19.96 -8.08
N ASP I 43 25.37 20.21 -6.79
CA ASP I 43 25.64 19.20 -5.77
C ASP I 43 24.59 18.10 -5.78
N LYS I 44 23.39 18.39 -6.27
CA LYS I 44 22.30 17.42 -6.31
C LYS I 44 21.99 17.07 -7.77
N VAL I 45 21.66 15.81 -8.00
CA VAL I 45 21.29 15.32 -9.33
C VAL I 45 19.84 15.64 -9.60
N ASN I 46 19.40 15.54 -10.84
CA ASN I 46 18.00 15.62 -11.18
C ASN I 46 17.42 14.21 -11.24
N TYR I 47 16.23 14.07 -11.82
CA TYR I 47 15.61 12.75 -11.96
C TYR I 47 16.31 11.89 -12.99
N ALA I 48 17.00 12.49 -13.96
CA ALA I 48 17.82 11.76 -14.90
C ALA I 48 19.16 11.33 -14.31
N GLY I 49 19.50 11.82 -13.11
CA GLY I 49 20.72 11.43 -12.44
C GLY I 49 21.94 12.26 -12.76
N VAL I 50 21.82 13.25 -13.64
CA VAL I 50 22.95 14.06 -14.04
C VAL I 50 22.95 15.34 -13.21
N SER I 51 24.11 15.99 -13.12
CA SER I 51 24.22 17.27 -12.45
C SER I 51 24.81 18.34 -13.36
N THR I 52 25.12 18.00 -14.61
CA THR I 52 25.77 18.93 -15.52
C THR I 52 24.75 19.43 -16.52
N ASN I 53 24.60 20.75 -16.62
CA ASN I 53 23.64 21.32 -17.54
C ASN I 53 24.21 22.63 -18.07
N ASN I 54 23.82 22.99 -19.29
CA ASN I 54 24.26 24.23 -19.92
C ASN I 54 23.16 25.29 -19.92
N TYR I 55 23.51 26.49 -19.43
CA TYR I 55 22.61 27.62 -19.37
C TYR I 55 23.24 28.85 -20.02
N SER I 56 22.38 29.73 -20.50
CA SER I 56 22.81 31.03 -21.01
C SER I 56 23.17 31.94 -19.85
N PRO I 57 24.00 32.97 -20.09
CA PRO I 57 24.23 33.99 -19.04
C PRO I 57 23.01 34.80 -18.66
N ASP I 58 21.98 34.87 -19.53
CA ASP I 58 20.76 35.57 -19.19
C ASP I 58 19.90 34.81 -18.19
N GLU I 59 20.13 33.50 -18.04
CA GLU I 59 19.37 32.66 -17.14
C GLU I 59 20.06 32.44 -15.79
N LEU I 60 21.15 33.17 -15.53
CA LEU I 60 21.90 33.01 -14.29
C LEU I 60 22.20 34.38 -13.70
N GLU I 61 22.23 34.45 -12.38
CA GLU I 61 22.72 35.62 -11.66
C GLU I 61 23.71 35.18 -10.60
N GLN I 62 24.62 36.08 -10.25
CA GLN I 62 25.64 35.76 -9.25
C GLN I 62 25.04 35.86 -7.85
N SER I 63 25.21 34.79 -7.07
CA SER I 63 24.71 34.75 -5.71
C SER I 63 25.73 34.12 -4.77
N VAL J 1 -21.28 17.48 31.74
CA VAL J 1 -20.70 17.91 30.47
C VAL J 1 -21.03 16.91 29.38
N ALA J 2 -21.72 17.41 28.34
CA ALA J 2 -22.10 16.68 27.12
C ALA J 2 -23.00 15.48 27.42
N GLY J 3 -23.78 15.55 28.49
CA GLY J 3 -24.70 14.49 28.84
C GLY J 3 -24.05 13.22 29.36
N LEU J 4 -22.82 13.31 29.85
CA LEU J 4 -22.06 12.14 30.30
C LEU J 4 -21.93 12.17 31.81
N THR J 5 -22.33 11.06 32.45
CA THR J 5 -22.11 10.90 33.87
C THR J 5 -20.64 10.65 34.16
N PRO J 6 -20.16 11.02 35.35
CA PRO J 6 -18.81 10.61 35.75
C PRO J 6 -18.72 9.10 35.93
N CYS J 7 -17.53 8.56 35.68
CA CYS J 7 -17.34 7.12 35.69
C CYS J 7 -17.33 6.54 37.09
N LYS J 8 -17.10 7.36 38.12
CA LYS J 8 -17.14 6.85 39.48
C LYS J 8 -18.57 6.57 39.93
N GLU J 9 -19.56 7.28 39.37
CA GLU J 9 -20.96 7.07 39.71
C GLU J 9 -21.76 6.51 38.53
N SER J 10 -21.08 5.98 37.52
CA SER J 10 -21.76 5.40 36.37
C SER J 10 -22.08 3.94 36.65
N LYS J 11 -23.36 3.57 36.49
CA LYS J 11 -23.76 2.19 36.70
C LYS J 11 -23.33 1.28 35.57
N GLY J 12 -23.17 1.83 34.36
CA GLY J 12 -22.67 1.03 33.25
C GLY J 12 -21.19 0.76 33.33
N PHE J 13 -20.42 1.69 33.92
CA PHE J 13 -18.98 1.49 34.07
C PHE J 13 -18.69 0.47 35.15
N ALA J 14 -19.50 0.45 36.21
CA ALA J 14 -19.37 -0.59 37.23
C ALA J 14 -19.87 -1.94 36.75
N LYS J 15 -20.78 -1.95 35.76
CA LYS J 15 -21.23 -3.21 35.16
C LYS J 15 -20.12 -3.85 34.34
N ARG J 16 -19.32 -3.03 33.65
CA ARG J 16 -18.22 -3.56 32.85
C ARG J 16 -17.08 -4.07 33.73
N GLN J 17 -16.91 -3.51 34.93
CA GLN J 17 -15.94 -4.05 35.86
C GLN J 17 -16.41 -5.39 36.42
N LYS J 18 -17.72 -5.54 36.62
CA LYS J 18 -18.27 -6.77 37.15
C LYS J 18 -18.20 -7.91 36.15
N GLN J 19 -18.47 -7.63 34.87
CA GLN J 19 -18.48 -8.66 33.84
C GLN J 19 -17.11 -8.95 33.26
N GLU J 20 -16.08 -8.17 33.63
CA GLU J 20 -14.72 -8.45 33.20
C GLU J 20 -13.99 -9.37 34.17
N ILE J 21 -14.19 -9.16 35.47
CA ILE J 21 -13.63 -10.06 36.48
C ILE J 21 -14.32 -11.42 36.41
N LYS J 22 -15.64 -11.42 36.17
CA LYS J 22 -16.42 -12.65 36.06
C LYS J 22 -16.00 -13.48 34.85
N LYS J 23 -15.61 -12.82 33.75
CA LYS J 23 -15.01 -13.54 32.63
C LYS J 23 -13.66 -14.14 33.00
N LEU J 24 -12.86 -13.40 33.76
CA LEU J 24 -11.55 -13.89 34.18
C LEU J 24 -11.65 -14.88 35.34
N GLU J 25 -12.69 -14.77 36.18
CA GLU J 25 -12.87 -15.74 37.26
C GLU J 25 -13.29 -17.10 36.71
N GLY J 26 -14.12 -17.11 35.68
CA GLY J 26 -14.48 -18.36 35.02
C GLY J 26 -13.35 -18.98 34.23
N ARG J 27 -12.39 -18.17 33.80
CA ARG J 27 -11.16 -18.69 33.22
C ARG J 27 -10.28 -19.35 34.29
N LEU J 28 -10.37 -18.86 35.53
CA LEU J 28 -9.59 -19.38 36.65
C LEU J 28 -10.14 -20.69 37.20
N LYS J 29 -11.38 -21.07 36.85
CA LYS J 29 -12.01 -22.24 37.44
C LYS J 29 -11.43 -23.56 36.94
N LEU J 30 -10.77 -23.56 35.79
CA LEU J 30 -10.22 -24.78 35.21
C LEU J 30 -8.73 -24.93 35.46
N TYR J 31 -8.15 -24.12 36.36
CA TYR J 31 -6.75 -24.21 36.72
C TYR J 31 -6.62 -24.49 38.22
N ALA J 32 -5.47 -25.06 38.59
CA ALA J 32 -5.14 -25.22 40.00
C ALA J 32 -4.87 -23.84 40.61
N PRO J 33 -5.24 -23.62 41.88
CA PRO J 33 -5.10 -22.29 42.47
C PRO J 33 -3.66 -21.84 42.69
N ASP J 34 -2.70 -22.76 42.75
CA ASP J 34 -1.29 -22.41 42.90
C ASP J 34 -0.50 -22.59 41.62
N SER J 35 -1.18 -22.81 40.49
CA SER J 35 -0.49 -23.08 39.24
C SER J 35 0.03 -21.79 38.60
N ALA J 36 1.01 -21.96 37.72
CA ALA J 36 1.59 -20.82 37.00
C ALA J 36 0.63 -20.08 36.05
N PRO J 37 -0.22 -20.73 35.22
CA PRO J 37 -1.19 -19.93 34.46
C PRO J 37 -2.27 -19.25 35.29
N ALA J 38 -2.57 -19.76 36.49
CA ALA J 38 -3.53 -19.09 37.35
C ALA J 38 -2.97 -17.84 37.98
N LEU J 39 -1.64 -17.73 38.10
CA LEU J 39 -1.03 -16.50 38.59
C LEU J 39 -1.11 -15.39 37.56
N ALA J 40 -1.17 -15.75 36.27
CA ALA J 40 -1.29 -14.73 35.23
C ALA J 40 -2.69 -14.14 35.18
N ILE J 41 -3.71 -14.98 35.36
CA ILE J 41 -5.09 -14.49 35.40
C ILE J 41 -5.34 -13.74 36.71
N ASN J 42 -4.70 -14.16 37.80
CA ASN J 42 -4.80 -13.40 39.05
C ASN J 42 -4.10 -12.06 38.95
N ALA J 43 -3.00 -11.99 38.21
CA ALA J 43 -2.38 -10.70 37.91
C ALA J 43 -3.20 -9.90 36.90
N THR J 44 -4.00 -10.57 36.06
CA THR J 44 -4.86 -9.88 35.11
C THR J 44 -6.03 -9.22 35.83
N ILE J 45 -6.57 -9.89 36.85
CA ILE J 45 -7.69 -9.35 37.64
C ILE J 45 -7.24 -8.14 38.43
N GLU J 46 -6.05 -8.20 39.05
CA GLU J 46 -5.53 -7.06 39.78
C GLU J 46 -5.11 -5.92 38.84
N LYS J 47 -4.74 -6.25 37.60
CA LYS J 47 -4.52 -5.21 36.60
C LYS J 47 -5.84 -4.58 36.15
N THR J 48 -6.91 -5.38 36.10
CA THR J 48 -8.23 -4.85 35.75
C THR J 48 -8.80 -3.98 36.86
N LYS J 49 -8.66 -4.41 38.11
CA LYS J 49 -9.18 -3.65 39.24
C LYS J 49 -8.38 -2.37 39.48
N ARG J 50 -7.08 -2.37 39.14
CA ARG J 50 -6.30 -1.14 39.18
C ARG J 50 -6.75 -0.18 38.08
N ARG J 51 -7.15 -0.71 36.93
CA ARG J 51 -7.53 0.12 35.79
C ARG J 51 -8.85 0.83 36.04
N PHE J 52 -9.85 0.10 36.56
CA PHE J 52 -11.17 0.68 36.80
C PHE J 52 -11.16 1.66 37.97
N GLU J 53 -10.29 1.43 38.96
CA GLU J 53 -10.16 2.38 40.06
C GLU J 53 -9.30 3.59 39.69
N PHE J 54 -8.56 3.52 38.59
CA PHE J 54 -7.81 4.67 38.09
C PHE J 54 -8.67 5.55 37.20
N TYR J 55 -9.58 4.95 36.43
CA TYR J 55 -10.42 5.71 35.51
C TYR J 55 -11.48 6.51 36.26
N GLY J 56 -12.00 5.96 37.36
CA GLY J 56 -12.98 6.68 38.15
C GLY J 56 -12.41 7.79 39.01
N ASN J 57 -11.13 7.69 39.36
CA ASN J 57 -10.50 8.68 40.22
C ASN J 57 -9.92 9.87 39.46
N GLN J 58 -9.92 9.83 38.13
CA GLN J 58 -9.42 10.93 37.32
C GLN J 58 -10.52 11.84 36.80
N GLY J 59 -11.76 11.64 37.26
CA GLY J 59 -12.87 12.43 36.77
C GLY J 59 -13.23 12.17 35.33
N LEU J 60 -13.10 10.93 34.87
CA LEU J 60 -13.50 10.58 33.52
C LEU J 60 -15.01 10.58 33.37
N LEU J 61 -15.47 10.88 32.17
CA LEU J 61 -16.89 10.95 31.86
C LEU J 61 -17.32 9.70 31.11
N CYS J 62 -18.35 9.03 31.63
CA CYS J 62 -18.84 7.78 31.06
C CYS J 62 -20.22 7.99 30.48
N GLY J 63 -20.43 7.50 29.27
CA GLY J 63 -21.70 7.62 28.59
C GLY J 63 -22.67 6.53 28.97
N THR J 64 -23.68 6.35 28.11
CA THR J 64 -24.67 5.30 28.30
C THR J 64 -24.13 3.91 27.98
N ASP J 65 -22.98 3.83 27.31
CA ASP J 65 -22.33 2.56 27.01
C ASP J 65 -21.46 2.06 28.16
N GLY J 66 -21.30 2.84 29.22
CA GLY J 66 -20.41 2.45 30.29
C GLY J 66 -18.95 2.58 29.95
N LEU J 67 -18.60 3.47 29.02
CA LEU J 67 -17.25 3.61 28.53
C LEU J 67 -16.74 5.02 28.76
N PRO J 68 -15.47 5.19 29.13
CA PRO J 68 -14.96 6.53 29.44
C PRO J 68 -14.74 7.34 28.17
N HIS J 69 -15.35 8.52 28.12
CA HIS J 69 -15.26 9.40 26.98
C HIS J 69 -14.36 10.58 27.30
N LEU J 70 -13.61 11.04 26.30
CA LEU J 70 -12.65 12.12 26.46
C LEU J 70 -13.25 13.42 25.96
N ILE J 71 -13.12 14.49 26.75
CA ILE J 71 -13.55 15.82 26.36
C ILE J 71 -12.30 16.59 25.97
N VAL J 72 -12.19 16.94 24.69
CA VAL J 72 -10.98 17.51 24.14
C VAL J 72 -11.14 19.00 23.84
N ASP J 73 -12.23 19.61 24.29
CA ASP J 73 -12.46 21.03 24.05
C ASP J 73 -11.48 21.93 24.80
N GLY J 74 -10.98 21.49 25.95
CA GLY J 74 -10.07 22.31 26.72
C GLY J 74 -10.70 22.68 28.05
N ASP J 75 -11.54 21.77 28.56
CA ASP J 75 -12.21 21.95 29.84
C ASP J 75 -11.24 21.94 31.01
N GLN J 76 -11.53 22.76 32.01
CA GLN J 76 -10.67 22.88 33.19
C GLN J 76 -10.70 21.61 34.03
N ALA J 77 -11.82 20.89 33.99
CA ALA J 77 -11.85 19.58 34.63
C ALA J 77 -11.06 18.54 33.83
N HIS J 78 -11.21 18.56 32.51
CA HIS J 78 -10.59 17.59 31.59
C HIS J 78 -9.29 18.08 30.92
N LEU J 79 -8.23 18.36 31.69
CA LEU J 79 -6.98 18.75 31.03
C LEU J 79 -6.11 17.56 30.68
N GLY J 80 -6.14 16.51 31.49
CA GLY J 80 -5.31 15.35 31.25
C GLY J 80 -5.79 14.38 30.20
N GLU J 81 -6.95 14.66 29.59
CA GLU J 81 -7.42 13.79 28.52
C GLU J 81 -6.77 14.19 27.20
N PHE J 82 -6.76 15.48 26.89
CA PHE J 82 -6.15 15.91 25.63
C PHE J 82 -5.11 17.00 25.79
N VAL J 83 -5.33 17.97 26.67
CA VAL J 83 -4.49 19.17 26.70
C VAL J 83 -3.15 18.88 27.35
N TYR J 84 -3.17 18.30 28.56
CA TYR J 84 -1.93 17.90 29.23
C TYR J 84 -1.11 16.84 28.50
N PRO J 85 -1.64 15.69 28.02
CA PRO J 85 -0.77 14.82 27.23
C PRO J 85 -0.55 15.28 25.80
N GLY J 86 -1.32 16.25 25.31
CA GLY J 86 -1.00 16.84 24.03
C GLY J 86 0.20 17.76 24.09
N LEU J 87 0.30 18.55 25.16
CA LEU J 87 1.50 19.38 25.36
C LEU J 87 2.71 18.54 25.70
N VAL J 88 2.50 17.39 26.36
CA VAL J 88 3.58 16.43 26.58
C VAL J 88 4.01 15.83 25.25
N PHE J 89 3.04 15.54 24.37
CA PHE J 89 3.35 14.96 23.06
C PHE J 89 4.10 15.94 22.17
N LEU J 90 3.58 17.17 22.05
CA LEU J 90 4.12 18.13 21.10
C LEU J 90 5.53 18.56 21.48
N TYR J 91 5.83 18.55 22.78
CA TYR J 91 7.20 18.72 23.26
C TYR J 91 8.11 17.59 22.78
N ILE J 92 7.61 16.36 22.86
CA ILE J 92 8.40 15.21 22.39
C ILE J 92 8.45 15.16 20.87
N ALA J 93 7.32 15.47 20.21
CA ALA J 93 7.29 15.48 18.75
C ALA J 93 8.09 16.65 18.17
N GLY J 94 8.08 17.79 18.85
CA GLY J 94 8.94 18.88 18.43
C GLY J 94 10.40 18.61 18.71
N TRP J 95 10.69 17.77 19.72
CA TRP J 95 12.05 17.31 19.96
C TRP J 95 12.54 16.45 18.80
N ILE J 96 11.68 15.58 18.27
CA ILE J 96 12.03 14.77 17.10
C ILE J 96 12.22 15.65 15.88
N GLY J 97 11.34 16.63 15.70
CA GLY J 97 11.43 17.55 14.58
C GLY J 97 12.57 18.55 14.68
N TRP J 98 13.03 18.87 15.88
CA TRP J 98 14.12 19.84 15.98
C TRP J 98 15.48 19.20 15.86
N VAL J 99 15.65 17.96 16.33
CA VAL J 99 16.96 17.33 16.22
C VAL J 99 17.15 16.68 14.85
N GLY J 100 16.06 16.46 14.10
CA GLY J 100 16.20 16.04 12.73
C GLY J 100 16.42 17.19 11.79
N ARG J 101 15.89 18.36 12.14
CA ARG J 101 16.16 19.56 11.34
C ARG J 101 17.58 20.05 11.59
N ALA J 102 18.03 20.03 12.84
CA ALA J 102 19.37 20.52 13.16
C ALA J 102 20.45 19.55 12.71
N TYR J 103 20.10 18.27 12.50
CA TYR J 103 21.07 17.34 11.96
C TYR J 103 21.31 17.59 10.48
N LEU J 104 20.25 17.98 9.75
CA LEU J 104 20.38 18.21 8.32
C LEU J 104 21.16 19.48 8.03
N ILE J 105 21.05 20.49 8.88
CA ILE J 105 21.87 21.69 8.75
C ILE J 105 23.33 21.37 9.06
N ASP J 106 23.56 20.49 10.04
CA ASP J 106 24.93 20.13 10.42
C ASP J 106 25.62 19.25 9.40
N VAL J 107 24.86 18.51 8.57
CA VAL J 107 25.48 17.66 7.56
C VAL J 107 25.40 18.25 6.16
N ARG J 108 24.65 19.35 5.97
CA ARG J 108 24.67 20.02 4.67
C ARG J 108 25.97 20.76 4.45
N THR J 109 26.61 21.22 5.52
CA THR J 109 27.92 21.85 5.45
C THR J 109 29.02 20.82 5.74
N SER J 110 29.03 19.76 4.94
CA SER J 110 30.00 18.68 5.08
C SER J 110 30.56 18.33 3.71
N LYS J 111 31.57 17.45 3.71
CA LYS J 111 32.23 17.07 2.48
C LYS J 111 31.33 16.20 1.60
N LYS J 112 30.73 15.16 2.18
CA LYS J 112 29.78 14.29 1.50
C LYS J 112 28.48 14.31 2.29
N PRO J 113 27.55 15.20 1.93
CA PRO J 113 26.31 15.34 2.73
C PRO J 113 25.36 14.16 2.64
N THR J 114 25.47 13.32 1.61
CA THR J 114 24.55 12.19 1.47
C THR J 114 25.03 10.93 2.18
N GLU J 115 26.32 10.85 2.51
CA GLU J 115 26.81 9.71 3.28
C GLU J 115 26.57 9.86 4.77
N LYS J 116 26.19 11.05 5.22
CA LYS J 116 25.88 11.29 6.63
C LYS J 116 24.41 11.09 6.95
N GLU J 117 23.59 10.73 5.96
CA GLU J 117 22.20 10.38 6.20
C GLU J 117 21.92 8.89 6.12
N ILE J 118 22.62 8.14 5.26
CA ILE J 118 22.58 6.69 5.35
C ILE J 118 23.40 6.20 6.54
N ILE J 119 24.52 6.86 6.83
CA ILE J 119 25.36 6.55 7.97
C ILE J 119 25.32 7.74 8.91
N ILE J 120 24.44 7.69 9.90
CA ILE J 120 24.15 8.84 10.75
C ILE J 120 25.30 9.02 11.74
N ASP J 121 25.90 10.21 11.75
CA ASP J 121 27.04 10.52 12.61
C ASP J 121 26.56 10.64 14.06
N VAL J 122 26.72 9.54 14.81
CA VAL J 122 26.23 9.48 16.20
C VAL J 122 26.85 10.51 17.15
N PRO J 123 28.17 10.79 17.13
CA PRO J 123 28.64 11.95 17.93
C PRO J 123 28.08 13.29 17.48
N LEU J 124 27.80 13.47 16.20
CA LEU J 124 27.09 14.68 15.77
C LEU J 124 25.61 14.60 16.12
N ALA J 125 25.02 13.40 16.06
CA ALA J 125 23.60 13.25 16.38
C ALA J 125 23.34 13.40 17.88
N LEU J 126 24.14 12.72 18.72
CA LEU J 126 23.87 12.73 20.16
C LEU J 126 24.21 14.05 20.81
N ARG J 127 25.02 14.90 20.18
CA ARG J 127 25.30 16.20 20.75
C ARG J 127 24.20 17.21 20.48
N ILE J 128 23.26 16.90 19.59
CA ILE J 128 22.11 17.77 19.36
C ILE J 128 20.80 17.12 19.81
N MET J 129 20.75 15.80 20.00
CA MET J 129 19.60 15.18 20.65
C MET J 129 19.46 15.64 22.09
N SER J 130 20.58 15.93 22.76
CA SER J 130 20.51 16.63 24.04
C SER J 130 20.02 18.05 23.86
N LYS J 131 20.38 18.69 22.74
CA LYS J 131 20.02 20.08 22.48
C LYS J 131 18.56 20.24 22.06
N GLY J 132 17.85 19.16 21.79
CA GLY J 132 16.45 19.23 21.50
C GLY J 132 15.54 19.33 22.69
N LEU J 133 16.13 19.34 23.90
CA LEU J 133 15.36 19.51 25.13
C LEU J 133 14.69 20.88 25.12
N THR J 134 15.49 21.93 24.92
CA THR J 134 14.98 23.30 24.86
C THR J 134 14.80 23.68 23.40
N TRP J 135 13.70 23.23 22.84
CA TRP J 135 13.41 23.48 21.43
C TRP J 135 12.29 24.52 21.21
N PRO J 136 11.32 24.89 22.18
CA PRO J 136 10.39 25.98 21.83
C PRO J 136 11.12 27.31 21.91
N VAL J 137 12.19 27.33 22.69
CA VAL J 137 12.95 28.56 22.87
C VAL J 137 13.93 28.70 21.71
N ALA J 138 14.18 27.60 20.99
CA ALA J 138 15.09 27.62 19.86
C ALA J 138 14.37 27.63 18.52
N ALA J 139 13.09 27.21 18.48
CA ALA J 139 12.31 27.26 17.24
C ALA J 139 11.73 28.64 17.02
N ILE J 140 11.16 29.23 18.07
CA ILE J 140 10.64 30.60 17.98
C ILE J 140 11.79 31.59 18.03
N GLY J 141 12.92 31.19 18.62
CA GLY J 141 14.12 32.02 18.53
C GLY J 141 14.66 32.08 17.11
N GLU J 142 14.62 30.95 16.40
CA GLU J 142 15.00 30.95 14.99
C GLU J 142 13.91 31.56 14.12
N LEU J 143 12.65 31.52 14.57
CA LEU J 143 11.57 32.16 13.84
C LEU J 143 11.67 33.68 13.95
N ARG J 144 12.01 34.19 15.13
CA ARG J 144 12.13 35.63 15.31
C ARG J 144 13.40 36.17 14.66
N SER J 145 14.46 35.38 14.63
CA SER J 145 15.69 35.81 13.98
C SER J 145 15.69 35.55 12.48
N GLY J 146 14.67 34.87 11.96
CA GLY J 146 14.56 34.60 10.54
C GLY J 146 15.32 33.39 10.05
N LYS J 147 15.97 32.64 10.95
CA LYS J 147 16.72 31.47 10.54
C LYS J 147 15.85 30.21 10.42
N LEU J 148 14.61 30.25 10.90
CA LEU J 148 13.74 29.07 10.79
C LEU J 148 13.24 28.89 9.37
N VAL J 149 12.83 29.98 8.72
CA VAL J 149 12.24 29.91 7.39
C VAL J 149 13.25 30.36 6.35
N GLU J 150 13.11 29.83 5.15
CA GLU J 150 13.93 30.20 4.01
C GLU J 150 13.13 31.13 3.10
N LYS J 151 13.80 32.15 2.58
CA LYS J 151 13.18 33.05 1.61
C LYS J 151 12.88 32.32 0.31
N SER J 152 11.79 32.72 -0.34
CA SER J 152 11.28 32.02 -1.51
C SER J 152 12.14 32.20 -2.76
N SER J 153 13.10 33.14 -2.74
CA SER J 153 14.02 33.28 -3.86
C SER J 153 15.08 32.19 -3.89
N ASN J 154 15.29 31.50 -2.77
CA ASN J 154 16.27 30.42 -2.69
C ASN J 154 15.62 29.05 -2.53
N ILE J 155 14.35 28.92 -2.95
CA ILE J 155 13.59 27.70 -2.79
C ILE J 155 13.19 27.20 -4.17
N THR J 156 13.45 25.92 -4.45
CA THR J 156 13.15 25.30 -5.73
C THR J 156 11.65 25.23 -5.95
N VAL J 157 11.15 25.94 -6.97
CA VAL J 157 9.73 26.09 -7.23
C VAL J 157 9.45 25.57 -8.63
N SER J 158 8.47 24.65 -8.73
CA SER J 158 8.04 24.15 -10.02
C SER J 158 7.36 25.24 -10.84
N PRO J 159 7.57 25.27 -12.17
CA PRO J 159 7.00 26.35 -12.99
C PRO J 159 5.49 26.22 -13.13
N ARG J 160 4.89 27.35 -13.52
CA ARG J 160 3.44 27.48 -13.59
C ARG J 160 2.88 26.70 -14.77
N ALA K 1 -52.43 48.51 8.96
CA ALA K 1 -53.41 48.95 7.98
C ALA K 1 -52.89 50.16 7.21
N ASN K 2 -53.82 50.87 6.56
CA ASN K 2 -53.59 52.08 5.76
C ASN K 2 -52.60 51.80 4.63
N THR K 3 -53.07 50.94 3.71
CA THR K 3 -52.26 50.51 2.58
C THR K 3 -51.98 51.66 1.61
N ALA K 4 -52.98 52.52 1.38
CA ALA K 4 -52.86 53.59 0.40
C ALA K 4 -51.90 54.71 0.85
N LEU K 5 -51.63 54.82 2.15
CA LEU K 5 -50.69 55.83 2.64
C LEU K 5 -49.31 55.27 2.92
N THR K 6 -49.22 54.02 3.36
CA THR K 6 -47.93 53.42 3.68
C THR K 6 -47.12 53.14 2.41
N ILE K 7 -47.76 52.60 1.38
CA ILE K 7 -47.10 52.29 0.13
C ILE K 7 -46.68 53.56 -0.60
N THR K 8 -47.57 54.57 -0.61
CA THR K 8 -47.31 55.84 -1.30
C THR K 8 -46.17 56.62 -0.64
N LEU K 9 -46.14 56.66 0.70
CA LEU K 9 -45.08 57.37 1.39
C LEU K 9 -43.73 56.64 1.28
N SER K 10 -43.76 55.30 1.29
CA SER K 10 -42.51 54.55 1.20
C SER K 10 -41.95 54.54 -0.22
N THR K 11 -42.82 54.52 -1.24
CA THR K 11 -42.34 54.68 -2.61
C THR K 11 -41.85 56.10 -2.85
N GLY K 12 -42.55 57.08 -2.27
CA GLY K 12 -42.13 58.47 -2.41
C GLY K 12 -40.87 58.80 -1.64
N ALA K 13 -40.58 58.04 -0.57
CA ALA K 13 -39.34 58.25 0.16
C ALA K 13 -38.15 57.69 -0.61
N LEU K 14 -38.31 56.52 -1.23
CA LEU K 14 -37.22 55.93 -1.99
C LEU K 14 -37.01 56.64 -3.32
N LEU K 15 -38.08 57.22 -3.89
CA LEU K 15 -37.92 58.04 -5.08
C LEU K 15 -37.33 59.40 -4.77
N PHE K 16 -37.56 59.92 -3.56
CA PHE K 16 -36.87 61.13 -3.11
C PHE K 16 -35.38 60.85 -2.92
N LEU K 17 -35.05 59.67 -2.40
CA LEU K 17 -33.65 59.26 -2.29
C LEU K 17 -33.04 59.00 -3.65
N GLY K 18 -33.84 58.50 -4.59
CA GLY K 18 -33.32 58.21 -5.92
C GLY K 18 -33.10 59.42 -6.79
N ARG K 19 -33.84 60.50 -6.55
CA ARG K 19 -33.76 61.70 -7.37
C ARG K 19 -32.85 62.75 -6.78
N PHE K 20 -32.88 62.97 -5.46
CA PHE K 20 -32.16 64.06 -4.84
C PHE K 20 -31.00 63.63 -3.97
N VAL K 21 -30.98 62.39 -3.49
CA VAL K 21 -29.95 61.96 -2.55
C VAL K 21 -28.91 61.08 -3.24
N PHE K 22 -29.35 59.95 -3.80
CA PHE K 22 -28.45 58.95 -4.33
C PHE K 22 -28.31 59.03 -5.84
N LEU K 23 -28.82 60.08 -6.48
CA LEU K 23 -28.64 60.23 -7.92
C LEU K 23 -27.20 60.61 -8.33
N PRO K 24 -26.45 61.47 -7.63
CA PRO K 24 -25.01 61.53 -7.94
C PRO K 24 -24.24 60.26 -7.58
N PHE K 25 -24.73 59.47 -6.63
CA PHE K 25 -24.08 58.20 -6.34
C PHE K 25 -24.38 57.15 -7.40
N GLN K 26 -25.55 57.22 -8.03
CA GLN K 26 -25.91 56.25 -9.05
C GLN K 26 -25.36 56.64 -10.41
N ARG K 27 -25.34 57.94 -10.73
CA ARG K 27 -24.83 58.39 -12.02
C ARG K 27 -23.32 58.26 -12.11
N ASP K 28 -22.62 58.36 -10.98
CA ASP K 28 -21.18 58.14 -10.98
C ASP K 28 -20.85 56.68 -11.16
N ASN K 29 -21.65 55.79 -10.58
CA ASN K 29 -21.35 54.36 -10.64
C ASN K 29 -21.72 53.74 -11.99
N VAL K 30 -22.75 54.26 -12.67
CA VAL K 30 -23.05 53.76 -14.01
C VAL K 30 -22.11 54.31 -15.06
N SER K 31 -21.29 55.30 -14.72
CA SER K 31 -20.22 55.75 -15.60
C SER K 31 -18.88 55.15 -15.25
N ARG K 32 -18.61 54.89 -13.97
CA ARG K 32 -17.36 54.25 -13.57
C ARG K 32 -17.36 52.77 -13.95
N GLN K 33 -18.46 52.07 -13.66
CA GLN K 33 -18.58 50.69 -14.13
C GLN K 33 -18.89 50.64 -15.61
N GLY K 34 -19.77 51.52 -16.08
CA GLY K 34 -20.08 51.60 -17.49
C GLY K 34 -20.93 50.43 -17.97
N LEU K 35 -20.92 50.25 -19.28
CA LEU K 35 -21.54 49.08 -19.88
C LEU K 35 -20.72 47.83 -19.55
N PRO K 36 -21.35 46.65 -19.52
CA PRO K 36 -20.59 45.41 -19.38
C PRO K 36 -19.69 45.17 -20.58
N VAL K 37 -18.48 44.69 -20.30
CA VAL K 37 -17.39 44.62 -21.28
C VAL K 37 -16.85 43.21 -21.30
N GLN K 38 -16.85 42.58 -22.48
CA GLN K 38 -16.24 41.27 -22.68
C GLN K 38 -15.03 41.41 -23.59
N ASN K 39 -13.86 40.96 -23.10
CA ASN K 39 -12.59 40.89 -23.83
C ASN K 39 -12.13 42.26 -24.35
N GLY K 40 -12.50 43.34 -23.66
CA GLY K 40 -12.14 44.68 -24.07
C GLY K 40 -13.19 45.44 -24.84
N VAL K 41 -14.26 44.77 -25.29
CA VAL K 41 -15.32 45.43 -26.06
C VAL K 41 -16.66 45.19 -25.38
N THR K 42 -17.63 46.03 -25.75
CA THR K 42 -18.99 45.90 -25.26
C THR K 42 -19.64 44.67 -25.90
N HIS K 43 -20.64 44.09 -25.22
CA HIS K 43 -21.40 42.96 -25.76
C HIS K 43 -22.10 43.31 -27.07
N PHE K 44 -22.64 44.53 -27.17
CA PHE K 44 -23.19 44.99 -28.44
C PHE K 44 -22.09 45.24 -29.47
N ASP K 45 -20.91 45.67 -29.02
CA ASP K 45 -19.81 45.89 -29.95
C ASP K 45 -19.21 44.58 -30.44
N ALA K 46 -19.36 43.50 -29.67
CA ALA K 46 -18.84 42.19 -30.08
C ALA K 46 -19.76 41.47 -31.05
N GLY K 47 -21.01 41.91 -31.22
CA GLY K 47 -21.88 41.31 -32.21
C GLY K 47 -23.28 40.97 -31.73
N ASP K 48 -23.54 41.12 -30.44
CA ASP K 48 -24.83 40.78 -29.88
C ASP K 48 -25.82 41.90 -30.14
N SER K 49 -26.78 41.66 -31.03
CA SER K 49 -27.80 42.66 -31.34
C SER K 49 -28.80 42.81 -30.21
N ARG K 50 -28.99 41.78 -29.39
CA ARG K 50 -29.92 41.83 -28.27
C ARG K 50 -29.33 42.52 -27.05
N ALA K 51 -28.04 42.85 -27.06
CA ALA K 51 -27.37 43.49 -25.94
C ALA K 51 -27.24 44.99 -26.14
N GLN K 52 -27.91 45.55 -27.15
CA GLN K 52 -27.86 46.99 -27.38
C GLN K 52 -28.65 47.72 -26.29
N GLU K 53 -28.02 48.71 -25.68
CA GLU K 53 -28.69 49.52 -24.67
C GLU K 53 -29.72 50.41 -25.35
N VAL K 54 -30.95 50.37 -24.86
CA VAL K 54 -32.04 51.13 -25.46
C VAL K 54 -31.90 52.60 -25.09
N THR K 55 -32.16 53.48 -26.05
CA THR K 55 -32.05 54.91 -25.86
C THR K 55 -33.39 55.64 -25.98
N SER K 56 -34.34 55.09 -26.74
CA SER K 56 -35.68 55.68 -26.77
C SER K 56 -36.41 55.43 -25.45
N PHE K 57 -36.19 54.26 -24.84
CA PHE K 57 -36.77 53.99 -23.53
C PHE K 57 -36.04 54.75 -22.44
N LEU K 58 -34.77 55.10 -22.66
CA LEU K 58 -33.97 55.85 -21.70
C LEU K 58 -33.95 57.34 -21.96
N LYS K 59 -34.70 57.81 -22.96
CA LYS K 59 -34.74 59.23 -23.31
C LYS K 59 -35.59 59.94 -22.27
N THR K 60 -34.94 60.55 -21.28
CA THR K 60 -35.63 61.22 -20.19
C THR K 60 -35.66 62.74 -20.41
N ASN K 61 -36.71 63.36 -19.89
CA ASN K 61 -36.85 64.81 -19.89
C ASN K 61 -36.55 65.40 -18.52
N ASP K 62 -36.16 64.59 -17.55
CA ASP K 62 -35.77 65.08 -16.25
C ASP K 62 -34.43 65.82 -16.36
N PRO K 63 -34.27 66.98 -15.70
CA PRO K 63 -33.01 67.73 -15.82
C PRO K 63 -31.82 67.07 -15.16
N ALA K 64 -32.02 66.11 -14.24
CA ALA K 64 -30.92 65.44 -13.58
C ALA K 64 -30.63 64.06 -14.16
N GLY K 65 -31.32 63.68 -15.25
CA GLY K 65 -31.09 62.40 -15.87
C GLY K 65 -31.82 61.24 -15.24
N PHE K 66 -32.87 61.52 -14.46
CA PHE K 66 -33.60 60.49 -13.75
C PHE K 66 -34.65 59.92 -14.70
N THR K 67 -34.44 58.69 -15.16
CA THR K 67 -35.25 58.12 -16.23
C THR K 67 -36.32 57.18 -15.68
N ILE K 68 -37.08 56.57 -16.60
CA ILE K 68 -38.17 55.68 -16.22
C ILE K 68 -37.65 54.32 -15.75
N VAL K 69 -36.41 53.97 -16.09
CA VAL K 69 -35.81 52.77 -15.51
C VAL K 69 -35.49 53.01 -14.04
N ASP K 70 -34.99 54.21 -13.72
CA ASP K 70 -34.77 54.58 -12.33
C ASP K 70 -36.07 54.75 -11.56
N VAL K 71 -37.16 55.11 -12.25
CA VAL K 71 -38.49 55.04 -11.65
C VAL K 71 -38.85 53.60 -11.33
N LEU K 72 -38.57 52.69 -12.27
CA LEU K 72 -38.87 51.28 -12.09
C LEU K 72 -37.88 50.57 -11.17
N ALA K 73 -36.78 51.22 -10.79
CA ALA K 73 -35.79 50.64 -9.89
C ALA K 73 -35.94 51.18 -8.47
N TRP K 74 -35.96 52.50 -8.31
CA TRP K 74 -36.13 53.11 -7.00
C TRP K 74 -37.56 52.97 -6.48
N GLY K 75 -38.55 52.98 -7.39
CA GLY K 75 -39.91 52.73 -6.98
C GLY K 75 -40.17 51.28 -6.62
N ALA K 76 -39.37 50.37 -7.19
CA ALA K 76 -39.47 48.96 -6.81
C ALA K 76 -38.92 48.72 -5.41
N LEU K 77 -37.88 49.46 -5.02
CA LEU K 77 -37.39 49.40 -3.66
C LEU K 77 -38.36 50.05 -2.68
N GLY K 78 -39.08 51.07 -3.13
CA GLY K 78 -40.08 51.70 -2.28
C GLY K 78 -41.30 50.84 -2.03
N HIS K 79 -41.59 49.91 -2.94
CA HIS K 79 -42.63 48.93 -2.70
C HIS K 79 -42.10 47.72 -1.93
N ALA K 80 -40.82 47.39 -2.10
CA ALA K 80 -40.22 46.33 -1.30
C ALA K 80 -40.09 46.75 0.16
N VAL K 81 -39.68 48.00 0.40
CA VAL K 81 -39.68 48.54 1.76
C VAL K 81 -41.11 48.76 2.24
N GLY K 82 -41.99 49.22 1.34
CA GLY K 82 -43.38 49.48 1.70
C GLY K 82 -44.17 48.24 2.07
N PHE K 83 -43.87 47.11 1.43
CA PHE K 83 -44.47 45.85 1.84
C PHE K 83 -43.69 45.14 2.93
N PHE K 84 -42.44 45.56 3.18
CA PHE K 84 -41.76 45.16 4.41
C PHE K 84 -42.41 45.83 5.61
N ILE K 85 -42.79 47.10 5.48
CA ILE K 85 -43.39 47.85 6.57
C ILE K 85 -44.81 47.35 6.86
N LEU K 86 -45.60 47.12 5.80
CA LEU K 86 -46.99 46.69 5.95
C LEU K 86 -47.10 45.29 6.54
N ALA K 87 -46.17 44.40 6.19
CA ALA K 87 -46.16 43.07 6.77
C ALA K 87 -45.69 43.08 8.22
N THR K 88 -44.79 44.01 8.57
CA THR K 88 -44.30 44.10 9.93
C THR K 88 -45.33 44.72 10.85
N ILE K 89 -46.06 45.74 10.36
CA ILE K 89 -47.10 46.38 11.15
C ILE K 89 -48.27 45.44 11.38
N ASN K 90 -48.75 44.79 10.32
CA ASN K 90 -49.87 43.86 10.41
C ASN K 90 -49.33 42.50 10.87
N ASN K 91 -49.13 42.39 12.18
CA ASN K 91 -48.63 41.16 12.78
C ASN K 91 -49.17 40.99 14.19
N TYR L 1 14.73 -14.66 -49.24
CA TYR L 1 13.91 -15.13 -50.35
C TYR L 1 13.10 -13.99 -50.97
N PHE L 2 13.78 -13.14 -51.72
CA PHE L 2 13.16 -11.97 -52.34
C PHE L 2 13.49 -12.00 -53.83
N ASP L 3 12.50 -11.72 -54.67
CA ASP L 3 12.57 -12.08 -56.08
C ASP L 3 12.51 -10.89 -57.03
N LEU L 4 11.68 -9.88 -56.73
CA LEU L 4 11.37 -8.70 -57.57
C LEU L 4 10.75 -9.07 -58.92
N GLY L 5 10.24 -10.28 -59.09
CA GLY L 5 9.49 -10.63 -60.28
C GLY L 5 8.13 -11.16 -59.91
N GLU L 6 8.03 -11.71 -58.70
CA GLU L 6 6.79 -12.22 -58.12
C GLU L 6 6.70 -11.70 -56.68
N ILE L 7 5.99 -10.60 -56.50
CA ILE L 7 5.96 -9.94 -55.20
C ILE L 7 5.03 -10.68 -54.23
N ASP L 8 4.03 -11.41 -54.75
CA ASP L 8 3.11 -12.12 -53.87
C ASP L 8 3.72 -13.40 -53.31
N ASN L 9 4.59 -14.07 -54.07
CA ASN L 9 5.19 -15.31 -53.62
C ASN L 9 6.29 -15.06 -52.59
N THR L 10 6.82 -13.84 -52.52
CA THR L 10 7.87 -13.52 -51.56
C THR L 10 7.37 -12.76 -50.34
N THR L 11 6.05 -12.69 -50.14
CA THR L 11 5.51 -11.94 -49.02
C THR L 11 4.53 -12.74 -48.17
N GLY L 12 4.10 -13.93 -48.59
CA GLY L 12 3.15 -14.72 -47.86
C GLY L 12 1.76 -14.78 -48.46
N ASN L 13 1.55 -14.21 -49.64
CA ASN L 13 0.27 -14.31 -50.35
C ASN L 13 0.17 -15.68 -51.00
N TRP L 14 -0.14 -16.68 -50.18
CA TRP L 14 -0.25 -18.06 -50.62
C TRP L 14 -1.64 -18.58 -50.30
N ASP L 15 -2.25 -19.26 -51.27
CA ASP L 15 -3.45 -20.04 -51.02
C ASP L 15 -2.98 -21.35 -50.41
N LEU L 16 -2.94 -21.38 -49.07
CA LEU L 16 -2.31 -22.49 -48.36
C LEU L 16 -3.15 -23.76 -48.43
N TYR L 17 -4.48 -23.62 -48.41
CA TYR L 17 -5.37 -24.77 -48.43
C TYR L 17 -6.39 -24.68 -49.56
N GLY L 18 -6.17 -23.82 -50.55
CA GLY L 18 -7.12 -23.68 -51.62
C GLY L 18 -7.05 -24.79 -52.65
N ASN L 19 -8.10 -24.85 -53.48
CA ASN L 19 -8.21 -25.81 -54.56
C ASN L 19 -8.68 -25.13 -55.83
N ASP L 20 -8.22 -25.63 -56.97
CA ASP L 20 -8.54 -25.05 -58.28
C ASP L 20 -9.47 -25.95 -59.07
N ASP L 21 -10.24 -26.80 -58.39
CA ASP L 21 -11.22 -27.65 -59.05
C ASP L 21 -12.39 -26.76 -59.49
N PRO L 22 -12.83 -26.84 -60.77
CA PRO L 22 -13.90 -25.94 -61.22
C PRO L 22 -15.29 -26.29 -60.67
N ASN L 23 -15.64 -27.57 -60.69
CA ASN L 23 -16.94 -28.00 -60.18
C ASN L 23 -16.87 -29.44 -59.73
N ARG L 24 -17.68 -29.78 -58.73
CA ARG L 24 -17.82 -31.16 -58.27
C ARG L 24 -19.27 -31.58 -58.05
N TYR L 25 -20.23 -30.68 -58.15
CA TYR L 25 -21.64 -31.03 -58.06
C TYR L 25 -22.16 -31.38 -59.45
N ASN L 26 -23.47 -31.50 -59.59
CA ASN L 26 -24.11 -31.66 -60.88
C ASN L 26 -25.08 -30.49 -61.13
N GLY L 27 -25.65 -30.47 -62.33
CA GLY L 27 -26.53 -29.37 -62.72
C GLY L 27 -27.88 -29.38 -62.04
N PHE L 28 -28.33 -30.55 -61.57
CA PHE L 28 -29.64 -30.63 -60.92
C PHE L 28 -29.59 -30.04 -59.52
N GLN L 29 -28.50 -30.27 -58.79
CA GLN L 29 -28.38 -29.72 -57.44
C GLN L 29 -28.07 -28.23 -57.47
N ASN L 30 -27.34 -27.77 -58.47
CA ASN L 30 -26.92 -26.37 -58.55
C ASN L 30 -28.09 -25.45 -58.91
N LYS L 31 -28.98 -25.92 -59.79
CA LYS L 31 -30.11 -25.09 -60.21
C LYS L 31 -31.18 -24.98 -59.13
N PHE L 32 -31.22 -25.91 -58.17
CA PHE L 32 -32.20 -25.84 -57.10
C PHE L 32 -31.84 -24.76 -56.08
N PHE L 33 -30.55 -24.64 -55.75
CA PHE L 33 -30.13 -23.72 -54.69
C PHE L 33 -30.15 -22.27 -55.16
N GLU L 34 -29.77 -22.01 -56.40
CA GLU L 34 -29.78 -20.64 -56.91
C GLU L 34 -31.19 -20.13 -57.19
N THR L 35 -32.14 -21.04 -57.43
CA THR L 35 -33.53 -20.61 -57.58
C THR L 35 -34.13 -20.22 -56.24
N PHE L 36 -33.92 -21.06 -55.21
CA PHE L 36 -34.50 -20.80 -53.90
C PHE L 36 -33.79 -19.65 -53.19
N ALA L 37 -32.46 -19.65 -53.21
CA ALA L 37 -31.69 -18.55 -52.62
C ALA L 37 -31.34 -17.49 -53.67
N GLY L 38 -32.36 -17.00 -54.37
CA GLY L 38 -32.16 -15.94 -55.35
C GLY L 38 -32.67 -14.62 -54.84
N ALA L 39 -33.64 -14.66 -53.93
CA ALA L 39 -34.16 -13.47 -53.27
C ALA L 39 -33.41 -13.14 -51.99
N PHE L 40 -32.36 -13.89 -51.67
CA PHE L 40 -31.55 -13.68 -50.47
C PHE L 40 -30.16 -13.17 -50.81
N THR L 41 -29.95 -12.70 -52.05
CA THR L 41 -28.60 -12.41 -52.51
C THR L 41 -28.11 -11.05 -52.04
N LYS L 42 -28.87 -9.99 -52.29
CA LYS L 42 -28.37 -8.62 -52.11
C LYS L 42 -28.29 -8.28 -50.62
N ARG L 43 -27.14 -7.74 -50.21
CA ARG L 43 -26.88 -7.44 -48.79
C ARG L 43 -27.82 -6.38 -48.25
N GLY L 44 -28.08 -5.33 -49.03
CA GLY L 44 -29.03 -4.32 -48.61
C GLY L 44 -30.46 -4.82 -48.55
N LEU L 45 -30.82 -5.74 -49.45
CA LEU L 45 -32.15 -6.31 -49.42
C LEU L 45 -32.28 -7.33 -48.29
N LEU L 46 -31.25 -8.15 -48.06
CA LEU L 46 -31.32 -9.19 -47.03
C LEU L 46 -31.31 -8.60 -45.63
N LEU L 47 -30.61 -7.47 -45.43
CA LEU L 47 -30.60 -6.83 -44.13
C LEU L 47 -31.94 -6.16 -43.81
N LYS L 48 -32.75 -5.85 -44.82
CA LYS L 48 -34.02 -5.19 -44.57
C LYS L 48 -35.07 -6.18 -44.05
N PHE L 49 -35.25 -7.31 -44.74
CA PHE L 49 -36.26 -8.27 -44.31
C PHE L 49 -35.82 -9.15 -43.15
N LEU L 50 -34.53 -9.18 -42.81
CA LEU L 50 -34.11 -9.91 -41.62
C LEU L 50 -34.38 -9.11 -40.35
N VAL L 51 -34.21 -7.79 -40.41
CA VAL L 51 -34.57 -6.94 -39.28
C VAL L 51 -36.08 -6.87 -39.11
N LEU L 52 -36.80 -6.65 -40.21
CA LEU L 52 -38.25 -6.51 -40.14
C LEU L 52 -38.93 -7.86 -39.89
N GLY L 53 -38.40 -8.93 -40.49
CA GLY L 53 -38.92 -10.26 -40.22
C GLY L 53 -38.50 -10.78 -38.86
N GLY L 54 -37.33 -10.36 -38.37
CA GLY L 54 -36.88 -10.82 -37.07
C GLY L 54 -37.56 -10.13 -35.92
N ALA L 55 -38.02 -8.89 -36.12
CA ALA L 55 -38.75 -8.17 -35.08
C ALA L 55 -40.16 -8.74 -34.93
N THR L 56 -40.76 -9.19 -36.04
CA THR L 56 -42.11 -9.74 -35.97
C THR L 56 -42.12 -11.14 -35.35
N THR L 57 -41.09 -11.94 -35.62
CA THR L 57 -41.09 -13.34 -35.20
C THR L 57 -40.77 -13.50 -33.72
N ILE L 58 -40.17 -12.47 -33.09
CA ILE L 58 -39.96 -12.51 -31.65
C ILE L 58 -41.15 -11.90 -30.91
N GLY L 59 -41.89 -11.00 -31.57
CA GLY L 59 -43.10 -10.45 -30.98
C GLY L 59 -44.30 -11.34 -31.12
N TYR L 60 -44.26 -12.29 -32.05
CA TYR L 60 -45.37 -13.23 -32.22
C TYR L 60 -45.37 -14.28 -31.10
N LEU L 61 -44.28 -15.03 -30.97
CA LEU L 61 -44.22 -16.07 -29.94
C LEU L 61 -43.91 -15.51 -28.57
N GLY L 62 -43.53 -14.24 -28.46
CA GLY L 62 -43.55 -13.56 -27.17
C GLY L 62 -44.95 -13.30 -26.66
N SER L 63 -45.92 -13.18 -27.56
CA SER L 63 -47.29 -12.84 -27.19
C SER L 63 -48.25 -14.02 -27.26
N THR L 64 -48.01 -14.98 -28.15
CA THR L 64 -48.90 -16.14 -28.28
C THR L 64 -48.49 -17.29 -27.37
N SER L 65 -47.42 -17.12 -26.60
CA SER L 65 -46.97 -18.12 -25.65
C SER L 65 -47.96 -18.28 -24.50
N SER L 66 -47.95 -19.47 -23.91
CA SER L 66 -48.89 -19.87 -22.87
C SER L 66 -48.18 -19.93 -21.53
N GLY L 67 -48.92 -20.38 -20.51
CA GLY L 67 -48.37 -20.49 -19.18
C GLY L 67 -47.30 -21.56 -19.04
N ASP L 68 -47.52 -22.72 -19.64
CA ASP L 68 -46.51 -23.78 -19.61
C ASP L 68 -45.35 -23.52 -20.56
N LEU L 69 -45.57 -22.73 -21.62
CA LEU L 69 -44.48 -22.44 -22.55
C LEU L 69 -43.47 -21.47 -21.95
N LEU L 70 -43.95 -20.43 -21.27
CA LEU L 70 -43.08 -19.46 -20.63
C LEU L 70 -43.68 -19.04 -19.29
N ALA L 71 -42.83 -18.96 -18.27
CA ALA L 71 -43.31 -18.68 -16.92
C ALA L 71 -43.71 -17.22 -16.70
N ILE L 72 -43.24 -16.31 -17.55
CA ILE L 72 -43.59 -14.90 -17.35
C ILE L 72 -45.02 -14.62 -17.82
N LYS L 73 -45.55 -15.41 -18.75
CA LYS L 73 -46.95 -15.31 -19.12
C LYS L 73 -47.85 -16.20 -18.27
N ASN L 74 -47.26 -17.04 -17.42
CA ASN L 74 -48.05 -17.85 -16.50
C ASN L 74 -48.61 -17.01 -15.36
N GLY L 75 -47.81 -16.06 -14.86
CA GLY L 75 -48.23 -15.23 -13.77
C GLY L 75 -48.06 -15.93 -12.42
N PRO L 76 -48.46 -15.26 -11.34
CA PRO L 76 -48.40 -15.89 -10.02
C PRO L 76 -49.47 -16.95 -9.86
N LYS L 77 -49.12 -18.04 -9.17
CA LYS L 77 -50.04 -19.14 -8.92
C LYS L 77 -50.16 -19.45 -7.43
N GLN L 78 -49.72 -18.54 -6.57
CA GLN L 78 -49.81 -18.71 -5.13
C GLN L 78 -50.11 -17.36 -4.49
N ALA L 79 -50.27 -17.38 -3.16
CA ALA L 79 -50.48 -16.16 -2.41
C ALA L 79 -49.20 -15.32 -2.39
N PRO L 80 -49.32 -14.00 -2.46
CA PRO L 80 -48.12 -13.16 -2.42
C PRO L 80 -47.45 -13.15 -1.06
N ILE L 81 -46.13 -12.99 -1.08
CA ILE L 81 -45.32 -12.99 0.14
C ILE L 81 -45.31 -11.58 0.70
N MET L 82 -45.81 -11.42 1.92
CA MET L 82 -45.82 -10.13 2.57
C MET L 82 -44.47 -9.84 3.19
N GLY L 83 -43.99 -8.61 3.01
CA GLY L 83 -42.71 -8.21 3.53
C GLY L 83 -42.78 -7.83 5.00
N PRO L 84 -41.64 -7.39 5.53
CA PRO L 84 -41.63 -6.95 6.93
C PRO L 84 -42.28 -5.58 7.08
N ARG L 85 -42.56 -5.23 8.35
CA ARG L 85 -43.25 -4.02 8.79
C ARG L 85 -44.65 -3.88 8.19
N GLY L 86 -45.28 -4.99 7.81
CA GLY L 86 -46.61 -4.95 7.23
C GLY L 86 -46.68 -4.48 5.79
N ARG L 87 -45.54 -4.29 5.13
CA ARG L 87 -45.53 -3.75 3.78
C ARG L 87 -45.86 -4.83 2.75
N MET M 1 -51.67 -3.35 -14.21
CA MET M 1 -51.43 -3.44 -15.65
C MET M 1 -52.70 -3.28 -16.49
N THR M 2 -52.61 -2.36 -17.46
CA THR M 2 -53.69 -2.13 -18.42
C THR M 2 -53.56 -3.08 -19.61
N ALA M 3 -52.43 -3.05 -20.29
CA ALA M 3 -52.19 -3.89 -21.46
C ALA M 3 -50.99 -4.77 -21.12
N SER M 4 -51.26 -6.04 -20.85
CA SER M 4 -50.22 -6.98 -20.43
C SER M 4 -49.34 -7.44 -21.57
N TYR M 5 -49.75 -7.23 -22.82
CA TYR M 5 -49.03 -7.79 -23.95
C TYR M 5 -47.96 -6.87 -24.51
N LEU M 6 -47.99 -5.58 -24.17
CA LEU M 6 -46.90 -4.68 -24.55
C LEU M 6 -45.61 -4.93 -23.78
N PRO M 7 -45.63 -5.43 -22.52
CA PRO M 7 -44.42 -6.08 -21.99
C PRO M 7 -43.87 -7.19 -22.86
N SER M 8 -44.75 -8.01 -23.45
CA SER M 8 -44.33 -9.13 -24.27
C SER M 8 -43.84 -8.71 -25.66
N ILE M 9 -44.03 -7.45 -26.05
CA ILE M 9 -43.61 -6.95 -27.35
C ILE M 9 -42.38 -6.06 -27.23
N PHE M 10 -42.44 -5.02 -26.38
CA PHE M 10 -41.39 -4.02 -26.40
C PHE M 10 -40.10 -4.49 -25.75
N VAL M 11 -40.18 -5.33 -24.72
CA VAL M 11 -38.98 -5.91 -24.09
C VAL M 11 -38.23 -6.83 -25.06
N PRO M 12 -38.86 -7.69 -25.89
CA PRO M 12 -38.07 -8.31 -26.98
C PRO M 12 -37.52 -7.37 -28.04
N LEU M 13 -38.21 -6.29 -28.45
CA LEU M 13 -37.62 -5.41 -29.45
C LEU M 13 -36.53 -4.53 -28.89
N ILE M 14 -36.77 -3.84 -27.77
CA ILE M 14 -35.74 -2.97 -27.20
C ILE M 14 -34.64 -3.78 -26.51
N GLY M 15 -34.89 -5.04 -26.19
CA GLY M 15 -33.86 -5.87 -25.59
C GLY M 15 -33.06 -6.72 -26.56
N LEU M 16 -33.66 -7.13 -27.67
CA LEU M 16 -32.97 -7.96 -28.66
C LEU M 16 -32.88 -7.29 -30.02
N VAL M 17 -33.99 -6.77 -30.53
CA VAL M 17 -34.01 -6.25 -31.90
C VAL M 17 -33.29 -4.92 -31.99
N PHE M 18 -33.60 -3.99 -31.07
CA PHE M 18 -32.99 -2.67 -31.09
C PHE M 18 -31.47 -2.66 -30.87
N PRO M 19 -30.86 -3.46 -29.97
CA PRO M 19 -29.40 -3.61 -30.04
C PRO M 19 -28.92 -4.25 -31.33
N ALA M 20 -29.69 -5.17 -31.92
CA ALA M 20 -29.29 -5.74 -33.20
C ALA M 20 -29.48 -4.74 -34.34
N ILE M 21 -30.40 -3.79 -34.18
CA ILE M 21 -30.47 -2.69 -35.12
C ILE M 21 -29.30 -1.74 -34.92
N THR M 22 -29.05 -1.36 -33.65
CA THR M 22 -28.10 -0.28 -33.37
C THR M 22 -26.66 -0.73 -33.57
N MET M 23 -26.31 -1.93 -33.10
CA MET M 23 -24.91 -2.36 -33.19
C MET M 23 -24.54 -2.74 -34.62
N ALA M 24 -25.48 -3.26 -35.40
CA ALA M 24 -25.17 -3.58 -36.79
C ALA M 24 -25.09 -2.33 -37.64
N SER M 25 -25.93 -1.32 -37.36
CA SER M 25 -25.86 -0.07 -38.10
C SER M 25 -24.64 0.75 -37.70
N LEU M 26 -24.20 0.61 -36.44
CA LEU M 26 -22.99 1.31 -36.02
C LEU M 26 -21.75 0.67 -36.60
N PHE M 27 -21.72 -0.68 -36.64
CA PHE M 27 -20.57 -1.39 -37.19
C PHE M 27 -20.40 -1.16 -38.69
N ILE M 28 -21.51 -0.99 -39.42
CA ILE M 28 -21.44 -0.47 -40.78
C ILE M 28 -20.90 0.96 -40.78
N TYR M 29 -21.38 1.80 -39.86
CA TYR M 29 -20.99 3.21 -39.83
C TYR M 29 -19.54 3.40 -39.38
N ILE M 30 -19.09 2.63 -38.38
CA ILE M 30 -17.72 2.84 -37.89
C ILE M 30 -16.68 2.24 -38.84
N GLU M 31 -17.08 1.34 -39.74
CA GLU M 31 -16.16 0.75 -40.70
C GLU M 31 -16.43 1.22 -42.13
N GLN M 32 -17.16 2.32 -42.31
CA GLN M 32 -17.23 2.95 -43.62
C GLN M 32 -15.90 3.60 -43.95
N ASP M 33 -15.40 3.35 -45.16
CA ASP M 33 -14.15 3.95 -45.58
C ASP M 33 -14.33 5.42 -45.96
N GLU M 34 -15.52 5.76 -46.48
CA GLU M 34 -15.92 7.12 -46.91
C GLU M 34 -14.97 7.77 -47.91
N MET N 1 36.76 -0.70 14.09
CA MET N 1 35.93 0.33 14.72
C MET N 1 36.01 1.64 13.96
N GLN N 2 36.99 1.75 13.05
CA GLN N 2 36.91 2.78 12.03
C GLN N 2 35.91 2.42 10.94
N ASP N 3 35.51 1.15 10.87
CA ASP N 3 34.52 0.68 9.91
C ASP N 3 33.44 -0.20 10.53
N VAL N 4 33.71 -0.81 11.70
CA VAL N 4 32.68 -1.58 12.40
C VAL N 4 31.64 -0.64 13.00
N LYS N 5 32.09 0.45 13.63
CA LYS N 5 31.19 1.45 14.15
C LYS N 5 30.53 2.26 13.05
N THR N 6 31.13 2.30 11.86
CA THR N 6 30.49 2.91 10.70
C THR N 6 29.30 2.08 10.23
N TYR N 7 29.46 0.75 10.25
CA TYR N 7 28.33 -0.14 9.94
C TYR N 7 27.26 -0.05 11.01
N LEU N 8 27.67 0.06 12.28
CA LEU N 8 26.73 0.21 13.38
C LEU N 8 26.02 1.56 13.36
N SER N 9 26.58 2.55 12.65
CA SER N 9 25.98 3.86 12.50
C SER N 9 25.13 3.98 11.24
N THR N 10 24.91 2.89 10.52
CA THR N 10 24.11 2.95 9.32
C THR N 10 22.62 3.12 9.67
N ALA N 11 21.85 3.50 8.64
CA ALA N 11 20.41 3.73 8.80
C ALA N 11 19.59 2.53 9.29
N PRO N 12 19.76 1.27 8.81
CA PRO N 12 18.92 0.20 9.38
C PRO N 12 19.32 -0.23 10.78
N VAL N 13 20.63 -0.20 11.11
CA VAL N 13 21.08 -0.62 12.43
C VAL N 13 20.68 0.41 13.47
N LEU N 14 20.83 1.70 13.14
CA LEU N 14 20.44 2.74 14.09
C LEU N 14 18.94 2.86 14.21
N ALA N 15 18.19 2.45 13.18
CA ALA N 15 16.74 2.38 13.35
C ALA N 15 16.35 1.19 14.21
N THR N 16 17.09 0.08 14.11
CA THR N 16 16.82 -1.08 14.94
C THR N 16 17.22 -0.82 16.39
N LEU N 17 18.35 -0.13 16.60
CA LEU N 17 18.81 0.15 17.95
C LEU N 17 17.97 1.23 18.61
N TRP N 18 17.47 2.20 17.84
CA TRP N 18 16.64 3.23 18.46
C TRP N 18 15.24 2.70 18.74
N PHE N 19 14.61 2.06 17.76
CA PHE N 19 13.26 1.52 17.96
C PHE N 19 13.27 0.30 18.86
N GLY N 20 14.39 -0.40 18.97
CA GLY N 20 14.53 -1.41 20.01
C GLY N 20 14.57 -0.78 21.38
N PHE N 21 15.25 0.37 21.49
CA PHE N 21 15.23 1.13 22.74
C PHE N 21 13.90 1.84 22.94
N LEU N 22 13.29 2.32 21.85
CA LEU N 22 12.03 3.04 21.94
C LEU N 22 10.88 2.12 22.33
N ALA N 23 10.75 0.98 21.65
CA ALA N 23 9.73 0.02 22.03
C ALA N 23 10.09 -0.67 23.33
N GLY N 24 11.39 -0.78 23.63
CA GLY N 24 11.80 -1.27 24.94
C GLY N 24 11.41 -0.33 26.06
N LEU N 25 11.47 0.99 25.80
CA LEU N 25 11.07 1.95 26.82
C LEU N 25 9.55 2.00 26.97
N LEU N 26 8.81 1.97 25.85
CA LEU N 26 7.37 2.14 25.92
C LEU N 26 6.67 0.89 26.44
N ILE N 27 7.29 -0.28 26.29
CA ILE N 27 6.78 -1.48 26.93
C ILE N 27 6.99 -1.39 28.44
N GLU N 28 8.18 -0.93 28.86
CA GLU N 28 8.47 -0.85 30.29
C GLU N 28 7.74 0.30 30.97
N ILE N 29 7.32 1.32 30.21
CA ILE N 29 6.37 2.29 30.74
C ILE N 29 5.00 1.63 30.91
N ASN N 30 4.63 0.77 29.97
CA ASN N 30 3.34 0.09 29.99
C ASN N 30 3.29 -1.11 30.94
N ARG N 31 4.38 -1.41 31.64
CA ARG N 31 4.33 -2.41 32.70
C ARG N 31 4.09 -1.78 34.07
N PHE N 32 4.94 -0.83 34.45
CA PHE N 32 4.79 -0.16 35.73
C PHE N 32 3.67 0.86 35.73
N PHE N 33 3.32 1.42 34.57
CA PHE N 33 2.18 2.33 34.44
C PHE N 33 1.28 1.85 33.30
N PRO N 34 0.49 0.80 33.52
CA PRO N 34 -0.37 0.30 32.45
C PRO N 34 -1.73 0.98 32.44
N ASP N 35 -2.45 0.75 31.32
CA ASP N 35 -3.84 1.18 31.10
C ASP N 35 -3.99 2.70 31.23
N ALA N 36 -2.99 3.43 30.75
CA ALA N 36 -2.89 4.87 30.95
C ALA N 36 -3.68 5.59 29.87
N LEU N 37 -4.87 6.07 30.22
CA LEU N 37 -5.71 6.82 29.29
C LEU N 37 -5.71 8.31 29.57
N VAL N 38 -5.44 8.71 30.81
CA VAL N 38 -5.45 10.11 31.22
C VAL N 38 -4.14 10.41 31.92
N LEU N 39 -3.44 11.45 31.46
CA LEU N 39 -2.24 11.91 32.15
C LEU N 39 -2.64 12.67 33.41
N PRO N 40 -2.23 12.22 34.60
CA PRO N 40 -2.70 12.88 35.83
C PRO N 40 -1.98 14.19 36.12
N LEU N 41 -0.75 14.32 35.65
CA LEU N 41 0.05 15.52 35.92
C LEU N 41 -0.42 16.70 35.08
N TYR O 1 22.97 -73.53 5.18
CA TYR O 1 22.81 -72.29 4.46
C TYR O 1 23.70 -72.26 3.21
N ILE O 2 24.78 -73.04 3.26
CA ILE O 2 25.73 -73.09 2.14
C ILE O 2 25.07 -73.75 0.92
N GLY O 3 24.37 -74.85 1.14
CA GLY O 3 23.64 -75.49 0.06
C GLY O 3 22.26 -74.94 -0.22
N SER O 4 21.87 -73.88 0.47
CA SER O 4 20.56 -73.28 0.27
C SER O 4 20.51 -72.49 -1.04
N SER O 5 19.28 -72.25 -1.52
CA SER O 5 19.10 -71.58 -2.79
C SER O 5 19.43 -70.09 -2.73
N THR O 6 19.46 -69.49 -1.54
CA THR O 6 19.87 -68.10 -1.42
C THR O 6 21.37 -67.95 -1.68
N ASN O 7 22.17 -68.89 -1.18
CA ASN O 7 23.62 -68.84 -1.36
C ASN O 7 24.02 -69.13 -2.80
N LEU O 8 23.36 -70.10 -3.45
CA LEU O 8 23.74 -70.49 -4.81
C LEU O 8 23.37 -69.42 -5.84
N ILE O 9 22.30 -68.68 -5.63
CA ILE O 9 21.95 -67.59 -6.55
C ILE O 9 22.91 -66.43 -6.36
N MET O 10 23.13 -66.01 -5.11
CA MET O 10 23.95 -64.83 -4.82
C MET O 10 25.42 -65.04 -5.13
N VAL O 11 25.91 -66.28 -5.07
CA VAL O 11 27.24 -66.56 -5.57
C VAL O 11 27.25 -66.45 -7.10
N ALA O 12 26.28 -67.08 -7.76
CA ALA O 12 26.28 -67.12 -9.23
C ALA O 12 25.88 -65.79 -9.85
N SER O 13 25.10 -64.97 -9.14
CA SER O 13 24.80 -63.64 -9.65
C SER O 13 26.02 -62.73 -9.55
N THR O 14 26.82 -62.91 -8.50
CA THR O 14 28.04 -62.12 -8.36
C THR O 14 29.16 -62.64 -9.27
N THR O 15 29.25 -63.96 -9.43
CA THR O 15 30.35 -64.54 -10.20
C THR O 15 30.17 -64.29 -11.69
N LEU O 16 28.94 -64.43 -12.20
CA LEU O 16 28.70 -64.25 -13.63
C LEU O 16 28.81 -62.79 -14.03
N MET O 17 28.47 -61.86 -13.14
CA MET O 17 28.59 -60.44 -13.45
C MET O 17 30.05 -60.00 -13.38
N LEU O 18 30.84 -60.58 -12.48
CA LEU O 18 32.28 -60.34 -12.48
C LEU O 18 32.96 -61.03 -13.66
N PHE O 19 32.40 -62.16 -14.12
CA PHE O 19 32.89 -62.80 -15.34
C PHE O 19 32.58 -61.95 -16.56
N ALA O 20 31.42 -61.28 -16.55
CA ALA O 20 31.05 -60.43 -17.67
C ALA O 20 31.86 -59.15 -17.71
N GLY O 21 32.17 -58.58 -16.55
CA GLY O 21 32.98 -57.37 -16.50
C GLY O 21 34.44 -57.59 -16.79
N ARG O 22 34.95 -58.81 -16.60
CA ARG O 22 36.35 -59.12 -16.85
C ARG O 22 36.58 -59.58 -18.28
N PHE O 23 35.71 -60.42 -18.81
CA PHE O 23 35.85 -60.98 -20.15
C PHE O 23 35.15 -60.13 -21.22
N GLY O 24 34.89 -58.86 -20.93
CA GLY O 24 34.36 -57.93 -21.90
C GLY O 24 32.94 -58.17 -22.36
N LEU O 25 32.06 -58.54 -21.44
CA LEU O 25 30.65 -58.73 -21.76
C LEU O 25 29.74 -57.71 -21.10
N ALA O 26 30.24 -56.95 -20.14
CA ALA O 26 29.48 -55.96 -19.39
C ALA O 26 30.21 -54.63 -19.47
N PRO O 27 29.50 -53.51 -19.31
CA PRO O 27 30.19 -52.22 -19.13
C PRO O 27 31.02 -52.18 -17.86
N SER O 28 32.17 -51.52 -17.95
CA SER O 28 33.12 -51.42 -16.85
C SER O 28 33.70 -50.01 -16.88
N ALA O 29 34.75 -49.79 -16.07
CA ALA O 29 35.37 -48.47 -16.02
C ALA O 29 36.20 -48.18 -17.25
N ASN O 30 36.79 -49.21 -17.86
CA ASN O 30 37.72 -49.02 -18.96
C ASN O 30 37.08 -49.29 -20.32
N ARG O 31 35.77 -49.49 -20.37
CA ARG O 31 35.08 -49.72 -21.64
C ARG O 31 33.63 -49.25 -21.51
N LYS O 32 33.20 -48.45 -22.48
CA LYS O 32 31.96 -47.70 -22.41
C LYS O 32 30.97 -48.25 -23.42
N SER O 33 29.69 -48.27 -23.06
CA SER O 33 28.62 -48.57 -23.99
C SER O 33 28.03 -47.26 -24.53
N THR O 34 27.91 -47.18 -25.85
CA THR O 34 27.33 -46.02 -26.51
C THR O 34 25.82 -46.16 -26.57
N ALA O 35 25.17 -45.33 -27.40
CA ALA O 35 23.72 -45.42 -27.56
C ALA O 35 23.30 -46.67 -28.33
N GLY O 36 24.20 -47.23 -29.13
CA GLY O 36 23.99 -48.48 -29.83
C GLY O 36 24.33 -49.73 -29.04
N LEU O 37 24.64 -49.57 -27.74
CA LEU O 37 25.05 -50.64 -26.82
C LEU O 37 26.28 -51.38 -27.33
N LYS O 38 27.26 -50.63 -27.81
CA LYS O 38 28.50 -51.18 -28.36
C LYS O 38 29.65 -50.82 -27.43
N LEU O 39 30.46 -51.82 -27.08
CA LEU O 39 31.54 -51.65 -26.13
C LEU O 39 32.74 -51.02 -26.82
N VAL O 40 33.05 -49.77 -26.44
CA VAL O 40 34.19 -49.04 -26.98
C VAL O 40 35.16 -48.78 -25.83
N ASP O 41 36.46 -48.90 -26.12
CA ASP O 41 37.47 -48.79 -25.08
C ASP O 41 37.78 -47.35 -24.75
N ARG O 42 38.09 -47.11 -23.48
CA ARG O 42 38.45 -45.80 -22.95
C ARG O 42 39.54 -45.96 -21.91
N ASP O 43 40.22 -44.86 -21.61
CA ASP O 43 41.26 -44.83 -20.58
C ASP O 43 40.68 -44.07 -19.39
N SER O 44 40.21 -44.81 -18.38
CA SER O 44 39.70 -44.19 -17.16
C SER O 44 40.79 -43.71 -16.23
N GLY O 45 42.03 -44.16 -16.42
CA GLY O 45 43.15 -43.78 -15.60
C GLY O 45 43.48 -44.76 -14.48
N LEU O 46 42.54 -45.64 -14.13
CA LEU O 46 42.73 -46.56 -13.00
C LEU O 46 43.67 -47.69 -13.41
N GLN O 47 44.71 -47.91 -12.60
CA GLN O 47 45.74 -48.91 -12.90
C GLN O 47 45.72 -50.01 -11.87
N THR O 48 45.53 -51.26 -12.33
CA THR O 48 45.67 -52.45 -11.50
C THR O 48 46.57 -53.46 -12.21
N GLY O 49 46.62 -54.69 -11.70
CA GLY O 49 47.45 -55.72 -12.28
C GLY O 49 46.79 -56.57 -13.34
N ASP O 50 45.56 -56.24 -13.72
CA ASP O 50 44.83 -57.01 -14.73
C ASP O 50 45.22 -56.55 -16.13
N PRO O 51 45.62 -57.45 -17.01
CA PRO O 51 45.91 -57.06 -18.40
C PRO O 51 44.69 -56.67 -19.19
N ALA O 52 43.50 -57.18 -18.82
CA ALA O 52 42.29 -56.86 -19.56
C ALA O 52 41.79 -55.45 -19.28
N GLY O 53 42.07 -54.93 -18.09
CA GLY O 53 41.58 -53.61 -17.72
C GLY O 53 40.61 -53.63 -16.54
N PHE O 54 40.46 -54.78 -15.90
CA PHE O 54 39.61 -54.87 -14.73
C PHE O 54 40.28 -54.20 -13.53
N THR O 55 39.56 -53.28 -12.89
CA THR O 55 40.14 -52.50 -11.81
C THR O 55 39.31 -52.68 -10.53
N ALA O 56 39.67 -51.91 -9.50
CA ALA O 56 38.98 -51.98 -8.22
C ALA O 56 37.60 -51.37 -8.27
N THR O 57 37.33 -50.51 -9.26
CA THR O 57 35.99 -49.95 -9.43
C THR O 57 35.03 -51.02 -9.95
N ASP O 58 35.48 -51.84 -10.91
CA ASP O 58 34.60 -52.83 -11.53
C ASP O 58 34.25 -53.97 -10.58
N THR O 59 35.17 -54.34 -9.68
CA THR O 59 34.83 -55.41 -8.74
C THR O 59 33.89 -54.92 -7.64
N LEU O 60 33.76 -53.61 -7.48
CA LEU O 60 32.69 -53.03 -6.67
C LEU O 60 31.44 -52.78 -7.50
N ALA O 61 31.60 -52.48 -8.79
CA ALA O 61 30.44 -52.23 -9.63
C ALA O 61 29.74 -53.51 -10.03
N CYS O 62 30.50 -54.53 -10.43
CA CYS O 62 29.89 -55.79 -10.82
C CYS O 62 29.48 -56.60 -9.61
N GLY O 63 30.10 -56.37 -8.45
CA GLY O 63 29.59 -56.94 -7.23
C GLY O 63 28.26 -56.35 -6.83
N ALA O 64 28.05 -55.06 -7.12
CA ALA O 64 26.78 -54.42 -6.82
C ALA O 64 25.70 -54.88 -7.78
N MET O 65 26.01 -54.98 -9.08
CA MET O 65 25.09 -55.62 -10.01
C MET O 65 25.04 -57.14 -9.84
N GLY O 66 26.02 -57.72 -9.16
CA GLY O 66 25.84 -59.07 -8.65
C GLY O 66 24.88 -59.15 -7.49
N HIS O 67 24.68 -58.03 -6.80
CA HIS O 67 23.84 -57.98 -5.61
C HIS O 67 22.48 -57.36 -5.85
N VAL O 68 22.38 -56.31 -6.68
CA VAL O 68 21.10 -55.70 -6.99
C VAL O 68 20.24 -56.66 -7.81
N ILE O 69 20.85 -57.32 -8.79
CA ILE O 69 20.16 -58.36 -9.54
C ILE O 69 19.94 -59.58 -8.66
N GLY O 70 20.95 -59.94 -7.84
CA GLY O 70 20.89 -61.16 -7.05
C GLY O 70 19.87 -61.13 -5.92
N VAL O 71 19.62 -59.95 -5.35
CA VAL O 71 18.56 -59.81 -4.35
C VAL O 71 17.19 -60.00 -5.00
N GLY O 72 17.00 -59.45 -6.20
CA GLY O 72 15.73 -59.55 -6.89
C GLY O 72 15.40 -60.95 -7.38
N ILE O 73 16.42 -61.73 -7.75
CA ILE O 73 16.19 -63.11 -8.15
C ILE O 73 15.81 -63.97 -6.95
N VAL O 74 16.47 -63.73 -5.80
CA VAL O 74 16.21 -64.53 -4.60
C VAL O 74 14.81 -64.25 -4.05
N LEU O 75 14.45 -62.98 -3.91
CA LEU O 75 13.12 -62.65 -3.42
C LEU O 75 12.06 -62.78 -4.48
N GLY O 76 12.42 -62.75 -5.76
CA GLY O 76 11.48 -63.10 -6.81
C GLY O 76 11.12 -64.57 -6.78
N LEU O 77 12.12 -65.43 -6.55
CA LEU O 77 11.86 -66.85 -6.43
C LEU O 77 11.29 -67.24 -5.07
N LYS O 78 11.44 -66.37 -4.06
CA LYS O 78 10.85 -66.66 -2.75
C LYS O 78 9.35 -66.46 -2.77
N ALA O 79 8.88 -65.41 -3.43
CA ALA O 79 7.45 -65.17 -3.52
C ALA O 79 6.77 -66.11 -4.52
N THR O 80 7.51 -66.58 -5.53
CA THR O 80 6.95 -67.46 -6.55
C THR O 80 7.05 -68.93 -6.12
N ALA O 81 8.26 -69.41 -5.86
CA ALA O 81 8.46 -70.80 -5.49
C ALA O 81 9.08 -70.92 -4.09
N GLN P 1 13.63 -32.78 -39.32
CA GLN P 1 13.40 -33.47 -40.59
C GLN P 1 11.92 -33.44 -40.97
N VAL P 2 11.06 -33.40 -39.95
CA VAL P 2 9.62 -33.42 -40.16
C VAL P 2 9.05 -32.02 -40.29
N ILE P 3 9.51 -31.09 -39.47
CA ILE P 3 8.99 -29.73 -39.51
C ILE P 3 9.73 -28.96 -40.60
N GLU P 4 8.97 -28.36 -41.51
CA GLU P 4 9.50 -27.45 -42.50
C GLU P 4 8.96 -26.04 -42.27
N PRO P 5 9.63 -25.01 -42.79
CA PRO P 5 9.01 -23.69 -42.88
C PRO P 5 7.88 -23.68 -43.90
N LEU P 6 7.05 -22.64 -43.81
CA LEU P 6 5.87 -22.49 -44.65
C LEU P 6 6.28 -22.19 -46.07
N ASN P 7 6.12 -23.19 -46.96
CA ASN P 7 6.52 -23.16 -48.38
C ASN P 7 8.00 -22.85 -48.56
N GLY P 8 8.83 -23.35 -47.64
CA GLY P 8 10.26 -23.13 -47.70
C GLY P 8 10.72 -21.78 -47.21
N ASP P 9 9.81 -20.91 -46.77
CA ASP P 9 10.16 -19.56 -46.35
C ASP P 9 10.18 -19.49 -44.83
N PRO P 10 11.34 -19.30 -44.20
CA PRO P 10 11.38 -19.29 -42.72
C PRO P 10 10.88 -18.00 -42.10
N PHE P 11 10.67 -16.94 -42.88
CA PHE P 11 10.35 -15.63 -42.32
C PHE P 11 8.89 -15.25 -42.52
N ILE P 12 8.06 -16.19 -42.96
CA ILE P 12 6.62 -16.06 -42.87
C ILE P 12 6.18 -16.73 -41.58
N GLY P 13 5.23 -16.12 -40.87
CA GLY P 13 4.86 -16.59 -39.55
C GLY P 13 4.06 -17.88 -39.53
N GLY P 14 4.70 -18.99 -39.89
CA GLY P 14 4.04 -20.29 -39.89
C GLY P 14 5.06 -21.37 -40.16
N LEU P 15 4.62 -22.61 -39.95
CA LEU P 15 5.46 -23.78 -40.15
C LEU P 15 4.67 -24.87 -40.85
N GLU P 16 5.39 -25.73 -41.57
CA GLU P 16 4.77 -26.86 -42.28
C GLU P 16 4.83 -28.10 -41.38
N THR P 17 4.04 -28.02 -40.32
CA THR P 17 3.91 -29.05 -39.30
C THR P 17 3.04 -30.21 -39.82
N PRO P 18 3.02 -31.36 -39.12
CA PRO P 18 2.10 -32.45 -39.51
C PRO P 18 0.64 -32.11 -39.32
N VAL P 19 0.32 -31.11 -38.49
CA VAL P 19 -1.06 -30.71 -38.29
C VAL P 19 -1.49 -29.75 -39.40
N THR P 20 -0.55 -29.32 -40.24
CA THR P 20 -0.80 -28.35 -41.30
C THR P 20 -0.63 -28.96 -42.69
N SER P 21 0.46 -29.65 -42.95
CA SER P 21 0.72 -30.14 -44.30
C SER P 21 0.90 -31.66 -44.32
N SER P 22 -0.02 -32.38 -43.68
CA SER P 22 -0.08 -33.83 -43.79
C SER P 22 -0.63 -34.24 -45.15
N PRO P 23 -0.36 -35.48 -45.58
CA PRO P 23 -1.08 -36.03 -46.74
C PRO P 23 -2.58 -36.13 -46.53
N LEU P 24 -3.03 -36.34 -45.28
CA LEU P 24 -4.45 -36.47 -44.98
C LEU P 24 -5.09 -35.12 -44.66
N ILE P 25 -4.37 -34.25 -43.95
CA ILE P 25 -4.96 -32.99 -43.50
C ILE P 25 -5.07 -32.02 -44.68
N ALA P 26 -4.02 -31.91 -45.49
CA ALA P 26 -4.07 -31.01 -46.64
C ALA P 26 -4.97 -31.52 -47.76
N TRP P 27 -5.37 -32.79 -47.71
CA TRP P 27 -6.40 -33.30 -48.61
C TRP P 27 -7.77 -32.87 -48.10
N TYR P 28 -7.94 -32.95 -46.78
CA TYR P 28 -9.20 -32.61 -46.13
C TYR P 28 -9.50 -31.13 -46.33
N LEU P 29 -8.61 -30.26 -45.80
CA LEU P 29 -8.79 -28.80 -45.83
C LEU P 29 -8.96 -28.22 -47.24
N SER P 30 -8.59 -28.95 -48.28
CA SER P 30 -8.63 -28.47 -49.65
C SER P 30 -9.95 -28.83 -50.32
N ASN P 31 -10.76 -29.64 -49.65
CA ASN P 31 -12.05 -30.06 -50.20
C ASN P 31 -13.19 -29.47 -49.40
N LEU P 32 -12.89 -28.80 -48.28
CA LEU P 32 -13.91 -28.17 -47.47
C LEU P 32 -14.48 -26.98 -48.24
N PRO P 33 -15.83 -26.79 -48.25
CA PRO P 33 -16.49 -25.73 -49.05
C PRO P 33 -15.99 -24.29 -48.97
N ALA P 34 -15.06 -23.97 -48.05
CA ALA P 34 -14.58 -22.62 -47.86
C ALA P 34 -13.35 -22.33 -48.70
N TYR P 35 -12.69 -23.38 -49.18
CA TYR P 35 -11.42 -23.29 -49.90
C TYR P 35 -11.56 -23.73 -51.35
N ARG P 36 -12.78 -23.79 -51.88
CA ARG P 36 -13.00 -24.03 -53.30
C ARG P 36 -12.97 -22.68 -54.01
N THR P 37 -11.92 -22.41 -54.77
CA THR P 37 -11.71 -21.08 -55.31
C THR P 37 -12.36 -20.87 -56.67
N ALA P 38 -12.88 -21.91 -57.31
CA ALA P 38 -13.51 -21.78 -58.62
C ALA P 38 -15.00 -22.07 -58.60
N VAL P 39 -15.53 -22.66 -57.54
CA VAL P 39 -16.97 -22.85 -57.41
C VAL P 39 -17.63 -21.51 -57.11
N ALA P 40 -18.81 -21.29 -57.68
CA ALA P 40 -19.58 -20.07 -57.44
C ALA P 40 -19.95 -19.98 -55.96
N PRO P 41 -19.83 -18.80 -55.33
CA PRO P 41 -19.91 -18.73 -53.87
C PRO P 41 -21.30 -18.81 -53.26
N LEU P 42 -22.38 -18.86 -54.05
CA LEU P 42 -23.67 -19.22 -53.49
C LEU P 42 -23.81 -20.72 -53.27
N LEU P 43 -23.20 -21.54 -54.14
CA LEU P 43 -23.37 -22.99 -54.06
C LEU P 43 -22.59 -23.58 -52.90
N ARG P 44 -21.36 -23.14 -52.70
CA ARG P 44 -20.52 -23.58 -51.59
C ARG P 44 -20.94 -22.95 -50.28
N GLY P 45 -21.71 -21.86 -50.32
CA GLY P 45 -22.29 -21.28 -49.12
C GLY P 45 -23.50 -22.02 -48.61
N VAL P 46 -24.10 -22.87 -49.45
CA VAL P 46 -25.23 -23.70 -49.04
C VAL P 46 -24.72 -24.88 -48.21
N GLU P 47 -23.47 -25.26 -48.41
CA GLU P 47 -22.92 -26.42 -47.72
C GLU P 47 -22.39 -25.99 -46.37
N ILE P 48 -21.87 -24.77 -46.30
CA ILE P 48 -21.46 -24.12 -45.06
C ILE P 48 -22.71 -23.81 -44.20
N GLY P 49 -23.90 -23.82 -44.79
CA GLY P 49 -25.10 -23.47 -44.06
C GLY P 49 -25.78 -24.74 -43.61
N LEU P 50 -25.91 -25.74 -44.50
CA LEU P 50 -26.47 -27.05 -44.17
C LEU P 50 -25.76 -27.69 -42.99
N ALA P 51 -24.42 -27.59 -42.96
CA ALA P 51 -23.60 -28.18 -41.89
C ALA P 51 -23.94 -27.53 -40.56
N HIS P 52 -23.67 -26.22 -40.45
CA HIS P 52 -23.86 -25.45 -39.21
C HIS P 52 -25.32 -25.41 -38.79
N GLY P 53 -26.24 -25.48 -39.74
CA GLY P 53 -27.65 -25.55 -39.40
C GLY P 53 -28.00 -26.84 -38.67
N TYR P 54 -27.55 -27.97 -39.24
CA TYR P 54 -27.77 -29.29 -38.65
C TYR P 54 -27.25 -29.40 -37.22
N LEU P 55 -25.92 -29.24 -37.04
CA LEU P 55 -25.23 -29.39 -35.75
C LEU P 55 -25.81 -28.56 -34.59
N LEU P 56 -26.45 -27.41 -34.89
CA LEU P 56 -26.91 -26.51 -33.84
C LEU P 56 -28.27 -26.86 -33.27
N VAL P 57 -28.98 -27.84 -33.84
CA VAL P 57 -30.21 -28.28 -33.21
C VAL P 57 -29.91 -29.04 -31.92
N GLY P 58 -28.81 -29.79 -31.91
CA GLY P 58 -28.38 -30.61 -30.79
C GLY P 58 -28.20 -29.95 -29.43
N PRO P 59 -27.35 -28.92 -29.32
CA PRO P 59 -27.24 -28.22 -28.04
C PRO P 59 -28.42 -27.34 -27.68
N PHE P 60 -29.38 -27.13 -28.57
CA PHE P 60 -30.55 -26.31 -28.27
C PHE P 60 -31.77 -27.12 -27.88
N VAL P 61 -31.81 -28.42 -28.22
CA VAL P 61 -32.92 -29.27 -27.81
C VAL P 61 -32.58 -30.09 -26.57
N LEU P 62 -31.29 -30.30 -26.28
CA LEU P 62 -30.87 -31.16 -25.18
C LEU P 62 -30.38 -30.38 -23.98
N ALA P 63 -30.20 -29.07 -24.10
CA ALA P 63 -29.68 -28.27 -23.02
C ALA P 63 -30.49 -27.03 -22.72
N GLY P 64 -31.42 -26.63 -23.60
CA GLY P 64 -32.12 -25.38 -23.48
C GLY P 64 -33.11 -25.37 -22.33
N PRO P 65 -33.78 -24.21 -22.15
CA PRO P 65 -34.71 -24.09 -21.01
C PRO P 65 -35.96 -24.95 -21.14
N LEU P 66 -36.50 -25.08 -22.35
CA LEU P 66 -37.65 -25.95 -22.59
C LEU P 66 -37.21 -27.33 -23.08
N ARG P 67 -36.30 -27.96 -22.33
CA ARG P 67 -35.83 -29.29 -22.66
C ARG P 67 -36.59 -30.40 -21.96
N ASN P 68 -37.40 -30.07 -20.95
CA ASN P 68 -38.13 -31.06 -20.16
C ASN P 68 -39.62 -31.07 -20.45
N SER P 69 -40.02 -30.57 -21.62
CA SER P 69 -41.41 -30.56 -22.02
C SER P 69 -41.57 -31.37 -23.31
N ALA P 70 -42.82 -31.45 -23.78
CA ALA P 70 -43.10 -32.06 -25.07
C ALA P 70 -42.90 -31.10 -26.23
N VAL P 71 -42.59 -29.83 -25.94
CA VAL P 71 -42.34 -28.82 -26.94
C VAL P 71 -40.84 -28.65 -27.19
N ARG P 72 -40.02 -29.62 -26.72
CA ARG P 72 -38.57 -29.52 -26.84
C ARG P 72 -38.07 -29.64 -28.26
N GLY P 73 -38.85 -30.25 -29.16
CA GLY P 73 -38.52 -30.21 -30.56
C GLY P 73 -38.80 -28.83 -31.16
N GLU P 74 -39.92 -28.23 -30.79
CA GLU P 74 -40.31 -26.95 -31.38
C GLU P 74 -39.52 -25.80 -30.79
N ALA P 75 -39.18 -25.87 -29.49
CA ALA P 75 -38.49 -24.77 -28.84
C ALA P 75 -37.02 -24.71 -29.27
N GLY P 76 -36.37 -25.87 -29.37
CA GLY P 76 -34.95 -25.87 -29.65
C GLY P 76 -34.61 -25.69 -31.12
N SER P 77 -35.52 -26.09 -32.02
CA SER P 77 -35.27 -25.92 -33.44
C SER P 77 -35.42 -24.45 -33.85
N LEU P 78 -36.44 -23.78 -33.32
CA LEU P 78 -36.59 -22.35 -33.58
C LEU P 78 -35.50 -21.54 -32.87
N ALA P 79 -34.97 -22.07 -31.76
CA ALA P 79 -33.78 -21.47 -31.16
C ALA P 79 -32.54 -21.73 -32.00
N ALA P 80 -32.46 -22.90 -32.64
CA ALA P 80 -31.35 -23.17 -33.54
C ALA P 80 -31.46 -22.37 -34.83
N ALA P 81 -32.70 -22.17 -35.31
CA ALA P 81 -32.91 -21.34 -36.49
C ALA P 81 -32.76 -19.86 -36.17
N GLY P 82 -32.94 -19.47 -34.90
CA GLY P 82 -32.68 -18.10 -34.51
C GLY P 82 -31.22 -17.72 -34.56
N LEU P 83 -30.32 -18.66 -34.24
CA LEU P 83 -28.90 -18.40 -34.35
C LEU P 83 -28.43 -18.37 -35.80
N VAL P 84 -29.16 -19.03 -36.69
CA VAL P 84 -28.89 -18.91 -38.12
C VAL P 84 -29.21 -17.50 -38.62
N ALA P 85 -30.35 -16.95 -38.19
CA ALA P 85 -30.79 -15.65 -38.69
C ALA P 85 -29.94 -14.51 -38.13
N ILE P 86 -29.42 -14.67 -36.91
CA ILE P 86 -28.53 -13.66 -36.34
C ILE P 86 -27.18 -13.68 -37.06
N LEU P 87 -26.64 -14.89 -37.27
CA LEU P 87 -25.34 -15.03 -37.94
C LEU P 87 -25.42 -14.71 -39.42
N THR P 88 -26.62 -14.77 -40.01
CA THR P 88 -26.80 -14.26 -41.37
C THR P 88 -26.66 -12.74 -41.39
N MET P 89 -27.22 -12.05 -40.39
CA MET P 89 -27.02 -10.61 -40.30
C MET P 89 -25.60 -10.25 -39.90
N CYS P 90 -24.94 -11.12 -39.12
CA CYS P 90 -23.52 -10.92 -38.85
C CYS P 90 -22.69 -11.16 -40.10
N LEU P 91 -23.13 -12.10 -40.95
CA LEU P 91 -22.48 -12.27 -42.24
C LEU P 91 -22.83 -11.14 -43.19
N THR P 92 -24.01 -10.54 -43.03
CA THR P 92 -24.43 -9.44 -43.90
C THR P 92 -23.62 -8.18 -43.62
N ILE P 93 -23.47 -7.81 -42.35
CA ILE P 93 -22.78 -6.56 -42.03
C ILE P 93 -21.27 -6.71 -42.14
N TYR P 94 -20.76 -7.94 -42.14
CA TYR P 94 -19.33 -8.14 -42.38
C TYR P 94 -18.99 -7.88 -43.84
N GLY P 95 -19.84 -8.35 -44.76
CA GLY P 95 -19.58 -8.13 -46.17
C GLY P 95 -19.82 -6.70 -46.60
N ILE P 96 -20.69 -5.99 -45.88
CA ILE P 96 -20.88 -4.56 -46.13
C ILE P 96 -19.64 -3.78 -45.69
N ALA P 97 -19.09 -4.12 -44.52
CA ALA P 97 -17.95 -3.39 -43.99
C ALA P 97 -16.67 -3.73 -44.72
N SER P 98 -16.37 -5.02 -44.89
CA SER P 98 -15.06 -5.44 -45.40
C SER P 98 -14.92 -5.16 -46.89
N PHE P 99 -15.93 -5.47 -47.68
CA PHE P 99 -15.85 -5.38 -49.13
C PHE P 99 -16.75 -4.27 -49.65
N LYS P 100 -16.21 -3.47 -50.56
CA LYS P 100 -16.95 -2.39 -51.20
C LYS P 100 -17.41 -2.83 -52.59
N GLU P 101 -18.52 -2.25 -53.04
CA GLU P 101 -19.11 -2.63 -54.31
C GLU P 101 -18.27 -2.08 -55.46
N GLY P 102 -17.74 -2.97 -56.30
CA GLY P 102 -16.90 -2.58 -57.40
C GLY P 102 -15.42 -2.73 -57.17
N GLU P 103 -15.00 -3.23 -56.01
CA GLU P 103 -13.59 -3.39 -55.69
C GLU P 103 -13.07 -4.74 -56.20
N ALA P 104 -11.81 -5.02 -55.92
CA ALA P 104 -11.18 -6.27 -56.27
C ALA P 104 -11.40 -7.30 -55.17
N SER P 105 -10.70 -8.42 -55.23
CA SER P 105 -10.80 -9.49 -54.25
C SER P 105 -9.62 -9.43 -53.30
N LYS P 106 -9.91 -9.39 -51.99
CA LYS P 106 -8.87 -9.40 -50.96
C LYS P 106 -8.54 -10.85 -50.60
N ALA P 107 -7.89 -11.52 -51.54
CA ALA P 107 -7.63 -12.95 -51.48
C ALA P 107 -6.24 -13.24 -52.05
N PRO P 108 -5.55 -14.27 -51.56
CA PRO P 108 -4.27 -14.64 -52.17
C PRO P 108 -4.48 -15.45 -53.43
N SER P 109 -4.02 -14.91 -54.57
CA SER P 109 -4.20 -15.57 -55.86
C SER P 109 -3.23 -16.74 -56.03
N LEU P 110 -2.01 -16.61 -55.51
CA LEU P 110 -1.01 -17.66 -55.69
C LEU P 110 -1.27 -18.82 -54.74
N THR P 111 -1.01 -20.03 -55.25
CA THR P 111 -1.25 -21.27 -54.51
C THR P 111 -0.01 -21.61 -53.67
N LEU P 112 0.06 -22.86 -53.19
CA LEU P 112 1.24 -23.33 -52.47
C LEU P 112 2.48 -23.32 -53.35
N THR P 113 2.33 -23.70 -54.61
CA THR P 113 3.43 -23.68 -55.57
C THR P 113 3.49 -22.30 -56.23
N GLY P 114 4.30 -22.18 -57.28
CA GLY P 114 4.46 -20.94 -57.99
C GLY P 114 3.47 -20.72 -59.13
N ARG P 115 2.49 -21.59 -59.29
CA ARG P 115 1.50 -21.44 -60.35
C ARG P 115 0.51 -20.34 -60.01
N GLN P 116 0.12 -19.57 -61.01
CA GLN P 116 -0.83 -18.48 -60.84
C GLN P 116 -2.25 -19.00 -61.04
N LYS P 117 -3.12 -18.71 -60.09
CA LYS P 117 -4.52 -19.09 -60.15
C LYS P 117 -5.39 -17.85 -60.24
N ALA P 118 -6.67 -18.08 -60.51
CA ALA P 118 -7.65 -17.01 -60.51
C ALA P 118 -7.94 -16.55 -59.09
N ALA P 119 -8.42 -15.31 -58.96
CA ALA P 119 -8.71 -14.74 -57.66
C ALA P 119 -9.96 -15.38 -57.05
N ASP P 120 -9.91 -15.58 -55.74
CA ASP P 120 -11.04 -16.15 -55.01
C ASP P 120 -12.17 -15.13 -54.93
N LYS P 121 -13.34 -15.51 -55.44
CA LYS P 121 -14.47 -14.59 -55.57
C LYS P 121 -15.26 -14.43 -54.27
N LEU P 122 -14.94 -15.19 -53.22
CA LEU P 122 -15.69 -15.07 -51.97
C LEU P 122 -15.40 -13.76 -51.25
N GLN P 123 -14.17 -13.26 -51.34
CA GLN P 123 -13.78 -12.02 -50.68
C GLN P 123 -14.05 -10.81 -51.56
N THR P 124 -15.30 -10.70 -52.01
CA THR P 124 -15.80 -9.58 -52.80
C THR P 124 -17.14 -9.15 -52.22
N ALA P 125 -17.64 -8.01 -52.72
CA ALA P 125 -18.92 -7.50 -52.26
C ALA P 125 -20.09 -8.34 -52.78
N GLU P 126 -19.95 -8.90 -53.98
CA GLU P 126 -20.99 -9.75 -54.55
C GLU P 126 -20.81 -11.22 -54.20
N GLY P 127 -19.57 -11.65 -53.97
CA GLY P 127 -19.33 -13.03 -53.57
C GLY P 127 -19.77 -13.33 -52.15
N TRP P 128 -19.52 -12.40 -51.23
CA TRP P 128 -20.05 -12.54 -49.87
C TRP P 128 -21.55 -12.25 -49.82
N ALA P 129 -22.09 -11.57 -50.82
CA ALA P 129 -23.54 -11.39 -50.92
C ALA P 129 -24.26 -12.70 -51.18
N GLY P 130 -23.80 -13.47 -52.17
CA GLY P 130 -24.37 -14.77 -52.43
C GLY P 130 -24.00 -15.82 -51.41
N PHE P 131 -22.91 -15.62 -50.69
CA PHE P 131 -22.53 -16.50 -49.59
C PHE P 131 -23.47 -16.33 -48.41
N THR P 132 -23.92 -15.10 -48.17
CA THR P 132 -24.83 -14.83 -47.06
C THR P 132 -26.20 -15.43 -47.31
N GLY P 133 -26.69 -15.36 -48.54
CA GLY P 133 -27.95 -16.03 -48.87
C GLY P 133 -27.82 -17.54 -48.94
N GLY P 134 -26.62 -18.04 -49.24
CA GLY P 134 -26.38 -19.47 -49.15
C GLY P 134 -26.40 -19.99 -47.73
N PHE P 135 -25.89 -19.18 -46.79
CA PHE P 135 -25.95 -19.57 -45.38
C PHE P 135 -27.36 -19.47 -44.84
N PHE P 136 -28.16 -18.53 -45.35
CA PHE P 136 -29.52 -18.36 -44.83
C PHE P 136 -30.44 -19.49 -45.28
N PHE P 137 -30.36 -19.86 -46.57
CA PHE P 137 -31.19 -20.96 -47.06
C PHE P 137 -30.66 -22.30 -46.58
N GLY P 138 -29.34 -22.47 -46.58
CA GLY P 138 -28.76 -23.71 -46.09
C GLY P 138 -28.91 -23.89 -44.59
N GLY P 139 -28.78 -22.79 -43.82
CA GLY P 139 -28.93 -22.88 -42.38
C GLY P 139 -30.35 -23.16 -41.94
N LEU P 140 -31.33 -22.51 -42.59
CA LEU P 140 -32.73 -22.75 -42.24
C LEU P 140 -33.20 -24.13 -42.70
N SER P 141 -32.58 -24.68 -43.75
CA SER P 141 -32.90 -26.04 -44.15
C SER P 141 -32.11 -27.06 -43.37
N GLY P 142 -30.92 -26.70 -42.88
CA GLY P 142 -30.16 -27.61 -42.04
C GLY P 142 -30.77 -27.77 -40.66
N VAL P 143 -31.38 -26.70 -40.13
CA VAL P 143 -32.13 -26.79 -38.89
C VAL P 143 -33.40 -27.62 -39.08
N ALA P 144 -34.12 -27.37 -40.17
CA ALA P 144 -35.41 -28.02 -40.38
C ALA P 144 -35.27 -29.51 -40.70
N TRP P 145 -34.19 -29.90 -41.38
CA TRP P 145 -33.98 -31.31 -41.65
C TRP P 145 -33.50 -32.07 -40.40
N ALA P 146 -32.74 -31.40 -39.54
CA ALA P 146 -32.36 -32.02 -38.27
C ALA P 146 -33.55 -32.07 -37.31
N TYR P 147 -34.49 -31.13 -37.45
CA TYR P 147 -35.73 -31.21 -36.67
C TYR P 147 -36.63 -32.31 -37.20
N ILE P 148 -36.62 -32.53 -38.52
CA ILE P 148 -37.44 -33.57 -39.13
C ILE P 148 -36.91 -34.95 -38.76
N LEU P 149 -35.59 -35.13 -38.78
CA LEU P 149 -35.01 -36.43 -38.47
C LEU P 149 -35.00 -36.75 -36.99
N LEU P 150 -35.32 -35.81 -36.12
CA LEU P 150 -35.31 -36.03 -34.68
C LEU P 150 -36.69 -36.00 -34.05
N TYR P 151 -37.58 -35.12 -34.51
CA TYR P 151 -38.86 -34.92 -33.85
C TYR P 151 -40.04 -35.03 -34.81
N VAL P 152 -39.84 -35.53 -36.03
CA VAL P 152 -40.94 -35.84 -36.93
C VAL P 152 -40.90 -37.33 -37.23
N LEU P 153 -39.76 -37.80 -37.77
CA LEU P 153 -39.60 -39.23 -37.98
C LEU P 153 -39.26 -39.97 -36.69
N ASN P 154 -38.56 -39.31 -35.76
CA ASN P 154 -38.17 -39.83 -34.44
C ASN P 154 -37.34 -41.12 -34.57
N LEU P 155 -36.16 -40.97 -35.16
CA LEU P 155 -35.26 -42.11 -35.32
C LEU P 155 -34.67 -42.52 -33.97
N PRO P 156 -34.46 -43.82 -33.74
CA PRO P 156 -33.95 -44.27 -32.43
C PRO P 156 -32.48 -43.93 -32.23
N TYR P 157 -32.19 -43.22 -31.15
CA TYR P 157 -30.83 -42.88 -30.75
C TYR P 157 -30.78 -43.00 -29.22
N PRO P 158 -29.58 -43.23 -28.65
CA PRO P 158 -29.45 -43.20 -27.18
C PRO P 158 -29.83 -41.89 -26.52
N VAL P 159 -29.58 -40.75 -27.16
CA VAL P 159 -29.99 -39.46 -26.61
C VAL P 159 -30.62 -38.62 -27.72
N LYS P 160 -31.81 -38.08 -27.44
CA LYS P 160 -32.57 -37.34 -28.44
C LYS P 160 -33.51 -36.34 -27.79
N SER Q 1 -57.05 3.79 -12.88
CA SER Q 1 -56.17 3.16 -13.85
C SER Q 1 -56.35 3.75 -15.24
N ILE Q 2 -55.25 3.87 -15.98
CA ILE Q 2 -55.31 4.42 -17.33
C ILE Q 2 -55.83 3.36 -18.30
N SER Q 3 -56.31 3.83 -19.46
CA SER Q 3 -56.95 2.96 -20.44
C SER Q 3 -56.01 2.51 -21.55
N ASP Q 4 -56.57 1.69 -22.46
CA ASP Q 4 -55.86 1.15 -23.62
C ASP Q 4 -55.53 2.23 -24.64
N SER Q 5 -56.47 3.15 -24.89
CA SER Q 5 -56.28 4.16 -25.93
C SER Q 5 -55.30 5.23 -25.48
N GLN Q 6 -55.11 5.38 -24.18
CA GLN Q 6 -54.15 6.35 -23.66
C GLN Q 6 -52.72 5.87 -23.85
N ILE Q 7 -52.54 4.55 -23.90
CA ILE Q 7 -51.23 3.99 -24.23
C ILE Q 7 -50.88 4.26 -25.69
N ILE Q 8 -51.88 4.26 -26.57
CA ILE Q 8 -51.67 4.58 -27.98
C ILE Q 8 -51.30 6.06 -28.15
N VAL Q 9 -51.91 6.94 -27.35
CA VAL Q 9 -51.60 8.37 -27.39
C VAL Q 9 -50.17 8.62 -26.90
N ALA Q 10 -49.74 7.87 -25.88
CA ALA Q 10 -48.38 8.02 -25.38
C ALA Q 10 -47.33 7.49 -26.35
N LEU Q 11 -47.64 6.37 -27.02
CA LEU Q 11 -46.67 5.76 -27.92
C LEU Q 11 -46.48 6.58 -29.21
N VAL Q 12 -47.54 7.22 -29.69
CA VAL Q 12 -47.41 8.11 -30.84
C VAL Q 12 -46.62 9.36 -30.45
N SER Q 13 -46.93 9.93 -29.28
CA SER Q 13 -46.23 11.14 -28.83
C SER Q 13 -44.78 10.86 -28.46
N ALA Q 14 -44.45 9.63 -28.08
CA ALA Q 14 -43.05 9.26 -27.94
C ALA Q 14 -42.38 9.01 -29.28
N PHE Q 15 -43.14 8.49 -30.26
CA PHE Q 15 -42.59 8.32 -31.60
C PHE Q 15 -42.41 9.66 -32.32
N ILE Q 16 -43.29 10.63 -32.04
CA ILE Q 16 -43.08 12.00 -32.52
C ILE Q 16 -41.86 12.61 -31.85
N THR Q 17 -41.69 12.36 -30.56
CA THR Q 17 -40.51 12.82 -29.83
C THR Q 17 -39.26 12.08 -30.30
N GLY Q 18 -39.40 10.82 -30.70
CA GLY Q 18 -38.26 10.09 -31.25
C GLY Q 18 -37.84 10.57 -32.62
N ILE Q 19 -38.78 11.10 -33.40
CA ILE Q 19 -38.45 11.73 -34.67
C ILE Q 19 -37.71 13.04 -34.44
N LEU Q 20 -38.17 13.83 -33.46
CA LEU Q 20 -37.53 15.12 -33.16
C LEU Q 20 -36.18 14.92 -32.49
N ALA Q 21 -35.98 13.79 -31.80
CA ALA Q 21 -34.65 13.43 -31.33
C ALA Q 21 -33.76 13.00 -32.48
N LEU Q 22 -34.34 12.34 -33.49
CA LEU Q 22 -33.59 11.95 -34.67
C LEU Q 22 -33.25 13.16 -35.53
N ARG Q 23 -34.09 14.19 -35.51
CA ARG Q 23 -33.86 15.39 -36.31
C ARG Q 23 -32.74 16.24 -35.70
N LEU Q 24 -32.68 16.30 -34.37
CA LEU Q 24 -31.59 17.02 -33.71
C LEU Q 24 -30.27 16.30 -33.87
N GLY Q 25 -30.29 14.96 -33.83
CA GLY Q 25 -29.06 14.20 -34.01
C GLY Q 25 -28.50 14.28 -35.42
N LYS Q 26 -29.38 14.52 -36.40
CA LYS Q 26 -28.91 14.82 -37.76
C LYS Q 26 -28.31 16.22 -37.83
N SER Q 27 -28.90 17.19 -37.13
CA SER Q 27 -28.40 18.55 -37.15
C SER Q 27 -27.15 18.70 -36.31
N LEU Q 28 -27.02 17.92 -35.23
CA LEU Q 28 -25.79 17.88 -34.45
C LEU Q 28 -24.66 17.22 -35.23
N TYR Q 29 -25.00 16.32 -36.16
CA TYR Q 29 -24.02 15.74 -37.06
C TYR Q 29 -23.47 16.79 -38.03
N GLN Q 30 -24.37 17.57 -38.64
CA GLN Q 30 -23.96 18.61 -39.57
C GLN Q 30 -23.48 19.84 -38.83
MG CL0 R . -13.26 -9.80 2.66
CHA CL0 R . -10.75 -12.09 1.97
CHB CL0 R . -11.53 -7.42 0.99
CHC CL0 R . -15.71 -7.53 3.44
CHD CL0 R . -14.71 -12.12 4.85
NA CL0 R . -11.48 -9.82 1.57
C1A CL0 R . -10.63 -10.91 1.32
C2A CL0 R . -9.44 -10.46 0.48
C3A CL0 R . -9.52 -8.93 0.60
C4A CL0 R . -10.99 -8.70 0.97
CMA CL0 R . -8.61 -8.46 1.69
CAA CL0 R . -9.57 -10.90 -0.96
CBA CL0 R . -8.23 -10.85 -1.64
CGA CL0 R . -8.37 -10.90 -3.13
O1A CL0 R . -7.58 -10.51 -3.99
O2A CL0 R . -9.53 -11.49 -3.52
NB CL0 R . -13.61 -7.88 2.22
C1B CL0 R . -12.81 -7.09 1.47
C2B CL0 R . -13.50 -5.81 1.17
C3B CL0 R . -14.74 -5.87 1.79
C4B CL0 R . -14.79 -7.17 2.51
CMB CL0 R . -13.04 -4.95 0.08
CAB CL0 R . -15.73 -4.86 2.01
CBB CL0 R . -15.52 -3.58 2.29
NC CL0 R . -14.92 -9.83 3.91
C1C CL0 R . -15.81 -8.81 4.07
C2C CL0 R . -16.84 -9.18 5.03
C3C CL0 R . -16.52 -10.47 5.47
C4C CL0 R . -15.26 -10.83 4.83
CMC CL0 R . -18.07 -8.44 5.29
CAC CL0 R . -17.33 -11.33 6.34
CBC CL0 R . -16.94 -11.19 7.78
ND CL0 R . -12.91 -11.69 3.25
C1D CL0 R . -13.54 -12.47 4.25
C2D CL0 R . -12.82 -13.75 4.36
C3D CL0 R . -11.72 -13.66 3.52
C4D CL0 R . -11.77 -12.30 2.95
CMD CL0 R . -13.46 -14.92 4.95
CAD CL0 R . -10.51 -14.30 3.03
OBD CL0 R . -10.12 -15.44 3.22
CBD CL0 R . -9.99 -13.41 1.86
CGD CL0 R . -10.21 -14.08 0.54
O1D CL0 R . -11.28 -14.45 0.05
O2D CL0 R . -9.07 -14.31 -0.17
CED CL0 R . -9.17 -15.05 -1.40
C1 CL0 R . -9.37 -12.69 -4.31
C2 CL0 R . -10.71 -13.30 -4.38
C3 CL0 R . -10.90 -14.57 -4.77
C4 CL0 R . -9.79 -15.47 -5.17
C5 CL0 R . -12.27 -15.15 -4.83
C6 CL0 R . -12.51 -16.01 -3.61
C7 CL0 R . -13.89 -15.76 -3.07
C8 CL0 R . -14.96 -16.39 -3.94
C9 CL0 R . -16.34 -16.01 -3.46
C10 CL0 R . -14.81 -17.91 -3.94
C11 CL0 R . -15.34 -18.52 -5.21
C12 CL0 R . -14.50 -19.71 -5.66
C13 CL0 R . -15.18 -20.48 -6.79
C14 CL0 R . -14.72 -21.91 -6.83
C15 CL0 R . -14.99 -19.86 -8.17
C16 CL0 R . -13.62 -19.24 -8.37
C17 CL0 R . -13.63 -18.28 -9.53
C18 CL0 R . -12.35 -17.48 -9.61
C19 CL0 R . -11.24 -18.27 -10.27
C20 CL0 R . -11.93 -16.84 -8.31
MG CLA S . -4.25 6.27 -0.11
CHA CLA S . -2.60 9.30 -0.09
CHB CLA S . -2.54 5.37 2.55
CHC CLA S . -5.52 3.10 -0.23
CHD CLA S . -4.21 6.40 -3.54
NA CLA S . -3.14 7.35 1.26
C1A CLA S . -2.40 8.50 1.01
C2A CLA S . -1.97 8.99 2.38
C3A CLA S . -1.64 7.64 3.07
C4A CLA S . -2.63 6.73 2.36
CMA CLA S . -0.23 7.17 2.89
CAA CLA S . -3.18 9.68 2.94
CBA CLA S . -2.76 10.57 4.07
CGA CLA S . -2.94 9.70 5.26
O1A CLA S . -3.96 9.11 5.55
O2A CLA S . -1.80 9.49 5.97
NB CLA S . -4.45 4.77 1.20
C1B CLA S . -3.50 4.47 2.10
C2B CLA S . -4.13 3.51 3.02
C3B CLA S . -5.10 2.86 2.29
C4B CLA S . -5.19 3.60 1.00
CMB CLA S . -3.91 3.70 4.45
CAB CLA S . -5.71 1.57 2.49
CBB CLA S . -6.20 1.08 3.63
NC CLA S . -5.16 5.15 -1.60
C1C CLA S . -5.48 3.83 -1.45
C2C CLA S . -5.89 3.30 -2.74
C3C CLA S . -5.63 4.29 -3.69
C4C CLA S . -5.01 5.39 -2.97
CMC CLA S . -6.78 2.16 -2.91
CAC CLA S . -6.27 4.43 -4.99
CBC CLA S . -5.33 4.25 -6.14
ND CLA S . -3.84 7.64 -1.52
C1D CLA S . -3.64 7.46 -2.90
C2D CLA S . -3.35 8.78 -3.48
C3D CLA S . -3.11 9.64 -2.42
C4D CLA S . -3.32 8.81 -1.22
CMD CLA S . -3.68 9.03 -4.88
CAD CLA S . -2.40 10.84 -1.99
OBD CLA S . -2.33 11.92 -2.54
CBD CLA S . -2.23 10.72 -0.44
CGD CLA S . -0.85 11.07 0.08
O1D CLA S . 0.05 10.29 0.33
O2D CLA S . -0.61 12.36 0.38
CED CLA S . -0.30 12.62 1.75
C1 CLA S . -1.90 8.56 7.06
C2 CLA S . -1.20 7.30 6.74
C3 CLA S . -1.76 6.08 6.91
C4 CLA S . -3.14 5.92 7.40
C5 CLA S . -1.00 4.84 6.61
C6 CLA S . -0.66 4.15 7.92
C7 CLA S . 0.46 3.14 7.80
C8 CLA S . 1.18 2.96 9.13
C9 CLA S . 1.94 4.23 9.47
C10 CLA S . 2.12 1.76 9.09
C11 CLA S . 2.95 1.59 10.36
MG CLA T . -11.53 -12.79 -8.89
CHA CLA T . -14.02 -11.53 -6.89
CHB CLA T . -13.96 -14.38 -10.58
CHC CLA T . -9.20 -13.68 -11.22
CHD CLA T . -9.31 -10.43 -7.56
NA CLA T . -13.48 -13.34 -8.42
C1A CLA T . -14.37 -12.62 -7.63
C2A CLA T . -15.79 -13.17 -7.81
C3A CLA T . -15.54 -14.48 -8.58
C4A CLA T . -14.18 -14.17 -9.24
CMA CLA T . -15.46 -15.64 -7.63
CAA CLA T . -16.62 -12.22 -8.62
CBA CLA T . -18.03 -12.13 -8.11
CGA CLA T . -18.83 -13.13 -8.85
O1A CLA T . -18.45 -13.90 -9.71
O2A CLA T . -20.15 -13.16 -8.49
NB CLA T . -11.56 -13.96 -10.52
C1B CLA T . -12.68 -14.31 -11.18
C2B CLA T . -12.32 -14.93 -12.48
C3B CLA T . -11.01 -14.57 -12.69
C4B CLA T . -10.45 -14.19 -11.37
CMB CLA T . -13.02 -16.09 -13.01
CAB CLA T . -10.32 -14.22 -13.89
CBB CLA T . -10.50 -14.74 -15.10
NC CLA T . -9.64 -12.08 -9.38
C1C CLA T . -8.80 -12.70 -10.27
C2C CLA T . -7.41 -12.45 -9.89
C3C CLA T . -7.48 -11.78 -8.67
C4C CLA T . -8.83 -11.29 -8.58
CMC CLA T . -6.28 -12.58 -10.81
CAC CLA T . -6.36 -11.16 -7.94
CBC CLA T . -5.62 -12.16 -7.12
ND CLA T . -11.49 -11.50 -7.34
C1D CLA T . -10.52 -10.57 -6.93
C2D CLA T . -11.14 -9.60 -6.02
C3D CLA T . -12.45 -10.01 -5.84
C4D CLA T . -12.64 -11.15 -6.75
CMD CLA T . -10.56 -8.29 -5.80
CAD CLA T . -13.78 -9.61 -5.42
OBD CLA T . -14.20 -8.48 -5.21
CBD CLA T . -14.73 -10.79 -5.78
CGD CLA T . -15.03 -11.70 -4.63
O1D CLA T . -14.33 -12.62 -4.19
O2D CLA T . -16.24 -11.49 -4.06
CED CLA T . -17.27 -12.43 -4.39
C1 CLA T . -21.03 -13.79 -9.44
C2 CLA T . -21.34 -12.76 -10.46
C3 CLA T . -22.49 -12.78 -11.17
C4 CLA T . -23.52 -13.82 -11.01
C5 CLA T . -22.74 -11.73 -12.19
C6 CLA T . -22.70 -12.30 -13.59
C7 CLA T . -22.63 -11.20 -14.63
C8 CLA T . -22.52 -11.80 -16.02
C9 CLA T . -21.16 -12.43 -16.23
C10 CLA T . -22.76 -10.74 -17.09
C11 CLA T . -24.16 -10.17 -16.98
C12 CLA T . -24.71 -9.79 -18.34
C13 CLA T . -26.21 -9.52 -18.26
C14 CLA T . -26.95 -10.75 -17.83
C15 CLA T . -26.74 -9.00 -19.60
C16 CLA T . -27.79 -7.93 -19.41
C17 CLA T . -28.31 -7.45 -20.76
C18 CLA T . -29.43 -6.43 -20.66
C19 CLA T . -30.54 -6.91 -19.77
C20 CLA T . -30.01 -6.17 -22.03
MG CLA U . 19.05 -2.37 5.11
CHA CLA U . 17.29 0.60 5.19
CHB CLA U . 16.27 -4.00 6.19
CHC CLA U . 20.87 -5.27 5.23
CHD CLA U . 21.93 -0.56 4.35
NA CLA U . 17.05 -1.80 5.39
C1A CLA U . 16.50 -0.51 5.30
C2A CLA U . 15.05 -0.52 5.71
C3A CLA U . 14.91 -1.87 6.45
C4A CLA U . 16.12 -2.65 5.92
CMA CLA U . 14.95 -1.71 7.94
CAA CLA U . 14.14 -0.45 4.50
CBA CLA U . 13.07 0.61 4.67
CGA CLA U . 12.42 0.48 6.02
O1A CLA U . 12.00 -0.54 6.58
O2A CLA U . 12.27 1.68 6.66
NB CLA U . 18.62 -4.28 5.54
C1B CLA U . 17.41 -4.76 5.88
C2B CLA U . 17.50 -6.24 6.08
C3B CLA U . 18.84 -6.56 6.01
C4B CLA U . 19.53 -5.37 5.46
CMB CLA U . 16.34 -7.02 6.54
CAB CLA U . 19.57 -7.65 6.60
CBB CLA U . 19.38 -8.96 6.38
NC CLA U . 21.03 -2.84 4.70
C1C CLA U . 21.58 -4.07 4.93
C2C CLA U . 23.03 -3.98 4.88
C3C CLA U . 23.33 -2.63 4.65
C4C CLA U . 22.07 -1.95 4.43
CMC CLA U . 23.92 -5.11 4.70
CAC CLA U . 24.68 -2.06 4.45
CBC CLA U . 25.34 -1.66 5.73
ND CLA U . 19.50 -0.49 4.54
C1D CLA U . 20.75 0.11 4.19
C2D CLA U . 20.57 1.59 4.19
C3D CLA U . 19.21 1.80 4.31
C4D CLA U . 18.62 0.50 4.67
CMD CLA U . 21.66 2.52 4.46
CAD CLA U . 18.18 2.81 4.49
OBD CLA U . 18.29 4.03 4.47
CBD CLA U . 16.93 2.08 5.08
CGD CLA U . 16.51 2.70 6.39
O1D CLA U . 16.34 3.90 6.63
O2D CLA U . 16.30 1.83 7.40
CED CLA U . 15.24 2.12 8.31
C1 CLA U . 11.14 1.83 7.54
C2 CLA U . 11.65 1.64 8.93
C3 CLA U . 11.22 0.68 9.76
C4 CLA U . 11.77 0.53 11.12
C5 CLA U . 10.17 -0.29 9.35
MG CLA V . 21.83 -10.17 2.98
CHA CLA V . 24.75 -8.79 1.73
CHB CLA V . 23.23 -13.22 2.60
CHC CLA V . 18.81 -11.68 3.58
CHD CLA V . 20.15 -7.24 2.03
NA CLA V . 23.78 -10.82 2.63
C1A CLA V . 24.88 -10.05 2.24
C2A CLA V . 26.10 -10.94 2.05
C3A CLA V . 25.46 -12.33 1.84
C4A CLA V . 24.03 -12.13 2.35
CMA CLA V . 25.40 -12.70 0.38
CAA CLA V . 27.04 -10.83 3.24
CBA CLA V . 26.97 -11.98 4.23
CGA CLA V . 27.45 -11.55 5.58
O1A CLA V . 27.18 -12.05 6.68
O2A CLA V . 28.27 -10.46 5.56
NB CLA V . 21.26 -12.03 3.46
C1B CLA V . 22.02 -13.14 3.30
C2B CLA V . 21.28 -14.33 3.79
C3B CLA V . 19.95 -13.96 3.81
C4B CLA V . 19.91 -12.47 3.59
CMB CLA V . 21.92 -15.64 3.87
CAB CLA V . 18.75 -14.73 4.01
CBB CLA V . 18.52 -15.58 5.00
NC CLA V . 19.87 -9.47 3.11
C1C CLA V . 18.77 -10.28 3.28
C2C CLA V . 17.56 -9.46 3.25
C3C CLA V . 17.95 -8.19 2.85
C4C CLA V . 19.39 -8.23 2.69
CMC CLA V . 16.30 -9.81 3.92
CAC CLA V . 17.09 -7.04 2.60
CBC CLA V . 16.53 -7.04 1.20
ND CLA V . 22.32 -8.31 2.34
C1D CLA V . 21.52 -7.18 2.04
C2D CLA V . 22.41 -6.09 1.61
C3D CLA V . 23.66 -6.65 1.43
C4D CLA V . 23.51 -8.07 1.79
CMD CLA V . 21.97 -4.70 1.39
CAD CLA V . 25.07 -6.39 1.28
OBD CLA V . 25.67 -5.32 1.37
CBD CLA V . 25.80 -7.77 1.36
CGD CLA V . 26.51 -8.13 0.09
O1D CLA V . 27.65 -7.81 -0.24
O2D CLA V . 25.79 -8.90 -0.75
CED CLA V . 26.39 -9.30 -1.99
MG CLA W . 19.86 -19.84 -3.57
CHA CLA W . 18.69 -23.08 -3.62
CHB CLA W . 18.71 -19.46 -0.41
CHC CLA W . 20.89 -16.60 -3.62
CHD CLA W . 20.84 -20.24 -6.92
NA CLA W . 18.80 -21.07 -2.27
C1A CLA W . 18.56 -22.43 -2.42
C2A CLA W . 18.21 -23.09 -1.09
C3A CLA W . 17.88 -21.85 -0.23
C4A CLA W . 18.56 -20.72 -0.98
CMA CLA W . 16.41 -21.64 -0.12
CAA CLA W . 19.38 -23.94 -0.59
CBA CLA W . 19.84 -23.62 0.81
CGA CLA W . 18.94 -24.21 1.85
O1A CLA W . 18.91 -23.98 3.06
O2A CLA W . 18.02 -25.08 1.34
NB CLA W . 20.10 -18.43 -2.16
C1B CLA W . 19.53 -18.45 -0.94
C2B CLA W . 19.93 -17.22 -0.20
C3B CLA W . 20.42 -16.35 -1.13
C4B CLA W . 20.59 -17.12 -2.40
CMB CLA W . 19.64 -16.99 1.21
CAB CLA W . 20.52 -14.91 -1.06
CBB CLA W . 21.66 -14.23 -1.00
NC CLA W . 20.81 -18.67 -4.99
C1C CLA W . 20.99 -17.32 -4.84
C2C CLA W . 21.07 -16.70 -6.15
C3C CLA W . 21.13 -17.73 -7.09
C4C CLA W . 20.98 -18.97 -6.34
CMC CLA W . 21.50 -15.34 -6.35
CAC CLA W . 21.78 -17.63 -8.40
CBC CLA W . 20.87 -17.22 -9.52
ND CLA W . 19.57 -21.17 -5.06
C1D CLA W . 20.09 -21.25 -6.38
C2D CLA W . 19.89 -22.62 -6.91
C3D CLA W . 19.09 -23.26 -5.98
C4D CLA W . 19.06 -22.38 -4.80
CMD CLA W . 20.25 -23.04 -8.25
CAD CLA W . 18.45 -24.51 -5.60
OBD CLA W . 18.56 -25.61 -6.15
CBD CLA W . 18.11 -24.38 -4.09
CGD CLA W . 16.63 -24.43 -3.84
O1D CLA W . 16.02 -24.96 -2.90
O2D CLA W . 15.91 -23.79 -4.79
CED CLA W . 14.80 -24.51 -5.31
C1 CLA W . 16.66 -24.93 1.79
C2 CLA W . 16.45 -26.02 2.77
C3 CLA W . 16.06 -27.27 2.44
C4 CLA W . 15.81 -27.65 1.03
C5 CLA W . 15.87 -28.33 3.46
C6 CLA W . 15.92 -27.82 4.89
C7 CLA W . 17.11 -28.35 5.67
C8 CLA W . 17.00 -27.96 7.13
C9 CLA W . 18.24 -27.22 7.59
C10 CLA W . 16.72 -29.15 8.04
C11 CLA W . 17.88 -30.14 8.05
C12 CLA W . 17.91 -30.90 9.35
C13 CLA W . 18.56 -32.26 9.18
C14 CLA W . 17.83 -33.29 10.00
C15 CLA W . 20.04 -32.22 9.58
C16 CLA W . 20.74 -33.54 9.35
C17 CLA W . 22.04 -33.59 10.13
C18 CLA W . 22.95 -34.72 9.64
C19 CLA W . 23.42 -34.48 8.22
C20 CLA W . 22.25 -36.06 9.72
MG CLA X . 14.04 -18.99 2.90
CHA CLA X . 14.85 -15.70 2.12
CHB CLA X . 13.37 -19.54 -0.36
CHC CLA X . 13.13 -22.18 3.71
CHD CLA X . 13.86 -18.07 6.29
NA CLA X . 14.43 -17.91 1.16
C1A CLA X . 14.79 -16.57 1.05
C2A CLA X . 15.04 -16.22 -0.40
C3A CLA X . 14.26 -17.31 -1.15
C4A CLA X . 14.06 -18.38 -0.08
CMA CLA X . 12.95 -16.80 -1.68
CAA CLA X . 16.53 -16.31 -0.69
CBA CLA X . 16.83 -16.10 -2.15
CGA CLA X . 17.14 -14.67 -2.47
O1A CLA X . 18.06 -14.23 -3.14
O2A CLA X . 16.25 -13.78 -1.93
NB CLA X . 13.48 -20.61 1.84
C1B CLA X . 13.09 -20.57 0.55
C2B CLA X . 12.84 -21.98 0.11
C3B CLA X . 12.74 -22.74 1.25
C4B CLA X . 13.11 -21.85 2.38
CMB CLA X . 12.89 -22.36 -1.30
CAB CLA X . 12.47 -24.14 1.44
CBB CLA X . 13.16 -25.15 0.91
NC CLA X . 13.58 -19.96 4.69
C1C CLA X . 13.22 -21.27 4.79
C2C CLA X . 12.68 -21.49 6.13
C3C CLA X . 12.97 -20.35 6.88
C4C CLA X . 13.61 -19.42 5.97
CMC CLA X . 12.26 -22.79 6.63
CAC CLA X . 12.90 -20.21 8.34
CBC CLA X . 11.63 -19.52 8.79
ND CLA X . 14.48 -17.38 4.03
C1D CLA X . 14.36 -17.12 5.41
C2D CLA X . 14.51 -15.68 5.67
C3D CLA X . 14.74 -15.10 4.44
C4D CLA X . 14.65 -16.18 3.45
CMD CLA X . 14.79 -15.10 6.97
CAD CLA X . 15.34 -13.97 3.79
OBD CLA X . 15.98 -13.07 4.31
CBD CLA X . 15.56 -14.37 2.30
CGD CLA X . 15.09 -13.32 1.35
O1D CLA X . 15.68 -12.29 1.00
O2D CLA X . 13.86 -13.55 0.81
CED CLA X . 12.77 -12.80 1.33
C1 CLA X . 15.51 -12.98 -2.87
C2 CLA X . 14.22 -13.66 -3.16
C3 CLA X . 13.07 -13.00 -3.33
C4 CLA X . 13.00 -11.53 -3.23
C5 CLA X . 11.80 -13.72 -3.62
C6 CLA X . 10.59 -13.17 -2.87
C7 CLA X . 10.38 -13.90 -1.57
C8 CLA X . 8.91 -14.04 -1.20
C9 CLA X . 8.69 -13.61 0.24
C10 CLA X . 8.38 -15.46 -1.39
C11 CLA X . 9.32 -16.48 -0.79
C12 CLA X . 8.76 -17.86 -0.60
C13 CLA X . 9.68 -18.62 0.34
C14 CLA X . 9.51 -20.12 0.22
C15 CLA X . 9.47 -18.20 1.78
C16 CLA X . 10.78 -17.72 2.39
C17 CLA X . 10.72 -17.47 3.88
C18 CLA X . 10.15 -16.12 4.30
C19 CLA X . 10.48 -14.99 3.34
C20 CLA X . 10.69 -15.75 5.66
MG CLA Y . 12.81 -17.07 20.83
CHA CLA Y . 11.18 -15.74 23.56
CHB CLA Y . 10.23 -16.03 18.91
CHC CLA Y . 14.46 -18.27 18.13
CHD CLA Y . 15.17 -18.52 22.96
NA CLA Y . 11.21 -15.78 21.15
C1A CLA Y . 10.83 -15.19 22.36
C2A CLA Y . 9.68 -14.21 22.12
C3A CLA Y . 9.25 -14.49 20.66
C4A CLA Y . 10.32 -15.47 20.17
CMA CLA Y . 7.87 -15.11 20.58
CAA CLA Y . 10.11 -12.76 22.33
CBA CLA Y . 11.47 -12.43 21.75
CGA CLA Y . 11.82 -11.03 22.11
O1A CLA Y . 11.07 -10.09 22.37
O2A CLA Y . 13.17 -10.80 22.13
NB CLA Y . 12.43 -17.12 18.87
C1B CLA Y . 11.23 -16.82 18.30
C2B CLA Y . 11.34 -16.97 16.83
C3B CLA Y . 12.56 -17.55 16.58
C4B CLA Y . 13.21 -17.78 17.90
CMB CLA Y . 10.46 -16.19 15.96
CAB CLA Y . 13.20 -17.93 15.34
CBB CLA Y . 12.60 -18.50 14.30
NC CLA Y . 14.35 -18.47 20.61
C1C CLA Y . 14.94 -18.72 19.40
C2C CLA Y . 16.12 -19.55 19.60
C3C CLA Y . 16.30 -19.64 20.98
C4C CLA Y . 15.20 -18.93 21.61
CMC CLA Y . 17.03 -19.95 18.53
CAC CLA Y . 17.35 -20.43 21.67
CBC CLA Y . 18.54 -19.58 22.03
ND CLA Y . 13.14 -17.18 22.82
C1D CLA Y . 14.11 -17.88 23.57
C2D CLA Y . 13.94 -17.50 25.00
C3D CLA Y . 12.76 -16.76 25.05
C4D CLA Y . 12.27 -16.66 23.67
CMD CLA Y . 14.99 -17.59 26.00
CAD CLA Y . 11.91 -15.92 25.89
OBD CLA Y . 11.93 -15.76 27.10
CBD CLA Y . 10.75 -15.39 24.97
CGD CLA Y . 9.41 -15.99 25.30
O1D CLA Y . 8.63 -16.56 24.53
O2D CLA Y . 9.04 -15.84 26.60
CED CLA Y . 7.69 -16.12 26.97
C1 CLA Y . 13.62 -9.43 22.16
C2 CLA Y . 15.05 -9.45 21.76
C3 CLA Y . 16.06 -9.72 22.61
C4 CLA Y . 15.85 -10.02 24.04
C5 CLA Y . 17.47 -9.71 22.12
MG CLA Z . 3.46 -16.40 16.36
CHA CLA Z . 4.32 -19.69 15.67
CHB CLA Z . 6.76 -15.68 16.68
CHC CLA Z . 2.66 -13.09 16.43
CHD CLA Z . 0.17 -17.14 15.45
NA CLA Z . 5.20 -17.51 16.23
C1A CLA Z . 5.35 -18.79 15.69
C2A CLA Z . 6.82 -19.15 15.61
C3A CLA Z . 7.48 -18.09 16.52
C4A CLA Z . 6.41 -17.01 16.61
CMA CLA Z . 7.75 -18.60 17.91
CAA CLA Z . 7.29 -19.18 14.15
CBA CLA Z . 7.12 -17.92 13.34
CGA CLA Z . 8.34 -17.66 12.53
O1A CLA Z . 9.52 -17.71 12.88
O2A CLA Z . 8.05 -17.35 11.23
NB CLA Z . 4.49 -14.71 16.68
C1B CLA Z . 5.84 -14.61 16.74
C2B CLA Z . 6.19 -13.24 17.22
C3B CLA Z . 5.06 -12.47 17.06
C4B CLA Z . 3.94 -13.42 16.76
CMB CLA Z . 7.59 -12.86 17.41
CAB CLA Z . 4.87 -11.05 17.05
CBB CLA Z . 5.29 -10.17 17.96
NC CLA Z . 1.65 -15.36 16.36
C1C CLA Z . 1.57 -14.00 16.26
C2C CLA Z . 0.16 -13.62 16.26
C3C CLA Z . -0.57 -14.80 16.06
C4C CLA Z . 0.41 -15.87 16.00
CMC CLA Z . -0.32 -12.25 16.33
CAC CLA Z . -2.02 -14.98 16.22
CBC CLA Z . -2.39 -15.62 17.54
ND CLA Z . 2.37 -18.06 15.97
C1D CLA Z . 1.01 -18.23 15.60
C2D CLA Z . 0.77 -19.64 15.26
C3D CLA Z . 2.02 -20.23 15.21
C4D CLA Z . 2.96 -19.23 15.75
CMD CLA Z . -0.54 -20.28 15.25
CAD CLA Z . 2.74 -21.46 15.02
OBD CLA Z . 2.34 -22.54 14.61
CBD CLA Z . 4.25 -21.12 15.20
CGD CLA Z . 4.93 -22.08 16.13
O1D CLA Z . 5.19 -23.27 15.93
O2D CLA Z . 5.28 -21.54 17.33
CED CLA Z . 6.20 -22.24 18.16
C1 CLA Z . 8.68 -16.18 10.70
C2 CLA Z . 8.01 -15.88 9.41
C3 CLA Z . 8.22 -14.77 8.70
C4 CLA Z . 7.53 -14.53 7.41
C5 CLA Z . 9.15 -13.71 9.17
C6 CLA Z . 8.51 -12.32 9.17
C7 CLA Z . 8.94 -11.54 10.40
C8 CLA Z . 9.24 -10.09 10.07
C9 CLA Z . 10.43 -10.00 9.15
C10 CLA Z . 9.50 -9.28 11.34
MG CLA AA . 2.60 -7.78 20.84
CHA CLA AA . 4.77 -10.37 21.48
CHB CLA AA . 4.69 -5.65 22.47
CHC CLA AA . 0.20 -5.34 20.63
CHD CLA AA . 0.28 -10.10 19.54
NA CLA AA . 4.54 -7.96 21.59
C1A CLA AA . 5.32 -9.13 21.68
C2A CLA AA . 6.56 -8.88 22.55
C3A CLA AA . 6.36 -7.44 23.08
C4A CLA AA . 5.14 -6.95 22.30
CMA CLA AA . 6.12 -7.44 24.57
CAA CLA AA . 7.89 -9.00 21.81
CBA CLA AA . 7.78 -8.92 20.31
CGA CLA AA . 8.92 -9.69 19.71
O1A CLA AA . 9.10 -10.91 19.69
O2A CLA AA . 9.86 -8.90 19.12
NB CLA AA . 2.46 -5.89 21.47
C1B CLA AA . 3.48 -5.14 21.95
C2B CLA AA . 3.04 -3.72 22.09
C3B CLA AA . 1.92 -3.64 21.30
C4B CLA AA . 1.37 -5.01 21.21
CMB CLA AA . 3.44 -2.89 23.23
CAB CLA AA . 1.42 -2.57 20.48
CBB CLA AA . 1.05 -1.37 20.92
NC CLA AA . 0.63 -7.73 20.17
C1C CLA AA . -0.13 -6.61 20.07
C2C CLA AA . -1.19 -6.81 19.09
C3C CLA AA . -1.09 -8.15 18.68
C4C CLA AA . -0.08 -8.75 19.54
CMC CLA AA . -1.95 -5.72 18.49
CAC CLA AA . -2.09 -8.93 17.93
CBC CLA AA . -1.90 -8.86 16.43
ND CLA AA . 2.58 -9.74 20.32
C1D CLA AA . 1.53 -10.58 19.86
C2D CLA AA . 1.93 -11.99 20.02
C3D CLA AA . 3.14 -11.98 20.68
C4D CLA AA . 3.49 -10.56 20.86
CMD CLA AA . 1.05 -13.12 19.70
CAD CLA AA . 4.31 -12.75 21.02
OBD CLA AA . 4.48 -13.96 20.98
CBD CLA AA . 5.33 -11.76 21.67
CGD CLA AA . 5.57 -12.08 23.12
O1D CLA AA . 5.35 -11.36 24.09
O2D CLA AA . 6.08 -13.31 23.32
CED CLA AA . 7.05 -13.44 24.36
MG CLA BA . 33.08 -28.35 3.77
CHA CLA BA . 36.45 -28.84 3.20
CHB CLA BA . 32.49 -28.69 0.44
CHC CLA BA . 29.81 -28.46 4.48
CHD CLA BA . 33.81 -27.06 6.94
NA CLA BA . 34.29 -28.75 2.12
C1A CLA BA . 35.62 -29.19 2.17
C2A CLA BA . 36.02 -29.81 0.84
C3A CLA BA . 34.85 -29.46 -0.10
C4A CLA BA . 33.79 -28.91 0.86
CMA CLA BA . 35.23 -28.46 -1.15
CAA CLA BA . 36.23 -31.32 0.99
CBA CLA BA . 35.26 -31.99 1.94
CGA CLA BA . 35.58 -33.44 2.02
O1A CLA BA . 36.68 -33.99 2.13
O2A CLA BA . 34.46 -34.23 1.95
NB CLA BA . 31.43 -28.42 2.64
C1B CLA BA . 31.38 -28.56 1.29
C2B CLA BA . 30.00 -28.94 0.88
C3B CLA BA . 29.22 -28.86 2.02
C4B CLA BA . 30.13 -28.56 3.16
CMB CLA BA . 29.78 -29.66 -0.37
CAB CLA BA . 27.79 -28.83 2.22
CBB CLA BA . 26.87 -28.54 1.31
NC CLA BA . 31.97 -27.68 5.39
C1C CLA BA . 30.62 -27.84 5.48
C2C CLA BA . 30.23 -27.67 6.88
C3C CLA BA . 31.42 -27.63 7.61
C4C CLA BA . 32.45 -27.28 6.64
CMC CLA BA . 28.86 -27.53 7.35
CAC CLA BA . 31.66 -28.29 8.90
CBC CLA BA . 31.77 -27.30 10.02
ND CLA BA . 34.72 -28.13 4.94
C1D CLA BA . 34.88 -27.54 6.21
C2D CLA BA . 36.32 -27.39 6.48
C3D CLA BA . 36.99 -27.89 5.36
C4D CLA BA . 35.93 -28.32 4.43
CMD CLA BA . 36.88 -26.72 7.64
CAD CLA BA . 38.24 -27.95 4.63
OBD CLA BA . 39.32 -27.45 4.91
CBD CLA BA . 37.91 -28.48 3.20
CGD CLA BA . 38.20 -27.44 2.13
O1D CLA BA . 37.53 -26.44 1.86
O2D CLA BA . 39.32 -27.70 1.42
CED CLA BA . 39.15 -28.25 0.11
MG CLA CA . 30.77 -12.09 4.54
CHA CLA CA . 30.88 -10.57 1.43
CHB CLA CA . 33.12 -9.89 5.55
CHC CLA CA . 30.84 -13.67 7.57
CHD CLA CA . 29.28 -14.91 3.07
NA CLA CA . 31.49 -10.30 3.76
C1A CLA CA . 31.23 -9.77 2.50
C2A CLA CA . 31.79 -8.36 2.43
C3A CLA CA . 32.96 -8.46 3.45
C4A CLA CA . 32.56 -9.67 4.30
CMA CLA CA . 34.29 -8.66 2.79
CAA CLA CA . 30.78 -7.31 2.84
CBA CLA CA . 29.33 -7.72 2.72
CGA CLA CA . 28.46 -6.94 3.66
O1A CLA CA . 28.04 -5.79 3.54
O2A CLA CA . 28.13 -7.64 4.78
NB CLA CA . 31.61 -11.69 6.32
C1B CLA CA . 32.55 -10.73 6.53
C2B CLA CA . 32.70 -10.59 8.00
C3B CLA CA . 32.23 -11.78 8.56
C4B CLA CA . 31.58 -12.54 7.45
CMB CLA CA . 33.37 -9.46 8.62
CAB CLA CA . 32.08 -12.16 9.94
CBB CLA CA . 31.36 -11.50 10.85
NC CLA CA . 30.20 -13.98 5.19
C1C CLA CA . 30.21 -14.38 6.50
C2C CLA CA . 29.26 -15.46 6.68
C3C CLA CA . 28.69 -15.71 5.42
C4C CLA CA . 29.49 -14.94 4.46
CMC CLA CA . 28.81 -15.96 7.98
CAC CLA CA . 27.60 -16.64 5.11
CBC CLA CA . 26.28 -15.93 4.89
ND CLA CA . 30.04 -12.60 2.73
C1D CLA CA . 29.47 -13.80 2.26
C2D CLA CA . 29.00 -13.56 0.88
C3D CLA CA . 29.45 -12.30 0.54
C4D CLA CA . 30.29 -11.85 1.66
CMD CLA CA . 28.55 -14.63 0.00
CAD CLA CA . 29.62 -11.34 -0.53
OBD CLA CA . 29.06 -11.31 -1.63
CBD CLA CA . 30.48 -10.17 0.03
CGD CLA CA . 31.67 -9.86 -0.84
O1D CLA CA . 32.86 -9.86 -0.53
O2D CLA CA . 31.35 -9.53 -2.12
CED CLA CA . 31.64 -8.20 -2.56
C1 CLA CA . 27.01 -7.16 5.56
C2 CLA CA . 25.87 -8.08 5.31
C3 CLA CA . 24.86 -8.26 6.17
C4 CLA CA . 24.79 -7.56 7.47
C5 CLA CA . 23.74 -9.19 5.86
C6 CLA CA . 23.84 -10.48 6.65
C7 CLA CA . 22.54 -11.25 6.58
C8 CLA CA . 22.53 -12.40 7.58
C9 CLA CA . 23.00 -13.69 6.92
C10 CLA CA . 21.14 -12.60 8.19
C11 CLA CA . 20.03 -12.66 7.17
C12 CLA CA . 18.73 -13.18 7.74
C13 CLA CA . 18.27 -12.34 8.92
C14 CLA CA . 17.54 -13.19 9.94
C15 CLA CA . 17.42 -11.16 8.48
C16 CLA CA . 16.09 -11.59 7.92
C17 CLA CA . 15.13 -10.42 7.80
C18 CLA CA . 14.77 -9.83 9.15
C19 CLA CA . 14.02 -10.82 10.01
C20 CLA CA . 13.93 -8.58 8.97
MG CLA DA . 32.66 -37.98 -1.72
CHA CLA DA . 33.83 -35.26 -3.51
CHB CLA DA . 33.54 -40.03 -4.29
CHC CLA DA . 30.98 -40.55 -0.23
CHD CLA DA . 31.55 -35.80 0.80
NA CLA DA . 33.53 -37.67 -3.59
C1A CLA DA . 34.10 -36.49 -4.06
C2A CLA DA . 34.80 -36.73 -5.41
C3A CLA DA . 34.34 -38.15 -5.78
C4A CLA DA . 33.69 -38.67 -4.51
CMA CLA DA . 33.37 -38.11 -6.91
CAA CLA DA . 36.32 -36.63 -5.30
CBA CLA DA . 36.83 -37.20 -4.00
CGA CLA DA . 37.38 -36.11 -3.14
O1A CLA DA . 38.37 -35.43 -3.42
O2A CLA DA . 36.74 -35.89 -1.94
NB CLA DA . 32.54 -39.96 -2.05
C1B CLA DA . 32.87 -40.60 -3.20
C2B CLA DA . 32.74 -42.07 -2.99
C3B CLA DA . 32.07 -42.25 -1.81
C4B CLA DA . 31.81 -40.88 -1.26
CMB CLA DA . 33.30 -43.05 -3.91
CAB CLA DA . 31.31 -43.40 -1.38
CBB CLA DA . 31.42 -44.02 -0.21
NC CLA DA . 31.63 -38.18 0.08
C1C CLA DA . 30.93 -39.30 0.44
C2C CLA DA . 30.44 -39.13 1.80
C3C CLA DA . 30.70 -37.80 2.15
C4C CLA DA . 31.31 -37.17 0.98
CMC CLA DA . 30.15 -40.25 2.70
CAC CLA DA . 30.54 -37.20 3.48
CBC CLA DA . 31.84 -37.06 4.23
ND CLA DA . 32.65 -36.00 -1.36
C1D CLA DA . 32.05 -35.22 -0.34
C2D CLA DA . 32.39 -33.80 -0.59
C3D CLA DA . 33.13 -33.76 -1.75
C4D CLA DA . 33.24 -35.15 -2.21
CMD CLA DA . 31.93 -32.70 0.25
CAD CLA DA . 33.63 -32.91 -2.83
OBD CLA DA . 33.78 -31.70 -2.85
CBD CLA DA . 34.20 -33.86 -3.93
CGD CLA DA . 33.70 -33.53 -5.30
O1D CLA DA . 32.98 -34.22 -6.02
O2D CLA DA . 34.10 -32.31 -5.75
CED CLA DA . 33.85 -31.99 -7.13
C1 CLA DA . 36.13 -36.98 -1.21
C2 CLA DA . 36.24 -36.71 0.25
C3 CLA DA . 35.71 -37.50 1.20
C4 CLA DA . 35.86 -37.20 2.64
C5 CLA DA . 34.93 -38.73 0.86
C6 CLA DA . 35.28 -39.95 1.69
C7 CLA DA . 34.09 -40.90 1.72
C8 CLA DA . 34.51 -42.35 1.95
C9 CLA DA . 34.85 -43.02 0.64
C10 CLA DA . 33.42 -43.12 2.67
MG CLA EA . 26.38 -31.07 -1.23
CHA CLA EA . 24.28 -28.35 -1.01
CHB CLA EA . 24.61 -32.62 1.23
CHC CLA EA . 28.57 -33.67 -1.39
CHD CLA EA . 28.13 -29.50 -3.80
NA CLA EA . 24.71 -30.56 -0.11
C1A CLA EA . 23.93 -29.40 -0.22
C2A CLA EA . 22.90 -29.35 0.91
C3A CLA EA . 23.33 -30.51 1.84
C4A CLA EA . 24.27 -31.31 0.95
CMA CLA EA . 24.01 -30.00 3.08
CAA CLA EA . 21.51 -29.58 0.35
CBA CLA EA . 20.61 -28.41 0.66
CGA CLA EA . 19.78 -28.69 1.88
O1A CLA EA . 19.12 -27.89 2.54
O2A CLA EA . 19.80 -30.00 2.24
NB CLA EA . 26.54 -32.82 -0.26
C1B CLA EA . 25.59 -33.36 0.54
C2B CLA EA . 25.96 -34.76 0.89
C3B CLA EA . 27.13 -35.04 0.22
C4B CLA EA . 27.50 -33.82 -0.56
CMB CLA EA . 25.40 -35.40 2.07
CAB CLA EA . 28.05 -36.13 0.36
CBB CLA EA . 27.76 -37.43 0.23
NC CLA EA . 27.91 -31.60 -2.55
C1C CLA EA . 28.65 -32.73 -2.45
C2C CLA EA . 29.41 -32.89 -3.69
C3C CLA EA . 29.32 -31.68 -4.38
C4C CLA EA . 28.34 -30.88 -3.64
CMC CLA EA . 30.35 -33.97 -3.96
CAC CLA EA . 30.34 -31.13 -5.29
CBC CLA EA . 30.09 -31.44 -6.75
ND CLA EA . 26.20 -29.40 -2.34
C1D CLA EA . 27.00 -28.85 -3.36
C2D CLA EA . 26.69 -27.40 -3.47
C3D CLA EA . 25.60 -27.18 -2.65
C4D CLA EA . 25.39 -28.43 -1.92
CMD CLA EA . 27.32 -26.47 -4.40
CAD CLA EA . 24.38 -26.43 -2.52
OBD CLA EA . 23.80 -25.89 -3.43
CBD CLA EA . 23.63 -27.03 -1.29
CGD CLA EA . 23.70 -26.09 -0.11
O1D CLA EA . 22.81 -25.81 0.68
O2D CLA EA . 24.92 -25.52 0.05
CED CLA EA . 25.35 -25.31 1.39
C1 CLA EA . 19.48 -30.38 3.60
C2 CLA EA . 20.58 -29.93 4.49
C3 CLA EA . 21.03 -30.63 5.54
C4 CLA EA . 20.46 -31.95 5.89
C5 CLA EA . 22.13 -30.10 6.40
C6 CLA EA . 23.25 -31.10 6.59
C7 CLA EA . 24.57 -30.41 6.89
C8 CLA EA . 25.56 -31.41 7.50
C9 CLA EA . 26.62 -30.71 8.33
C10 CLA EA . 26.20 -32.30 6.44
C11 CLA EA . 26.88 -31.55 5.31
C12 CLA EA . 28.38 -31.81 5.24
C13 CLA EA . 28.83 -32.76 4.12
C14 CLA EA . 28.22 -32.38 2.78
C15 CLA EA . 28.55 -34.23 4.42
C16 CLA EA . 29.07 -34.64 5.79
C17 CLA EA . 28.39 -35.89 6.30
C18 CLA EA . 28.38 -35.92 7.82
C19 CLA EA . 29.10 -37.16 8.34
C20 CLA EA . 26.96 -35.90 8.34
MG CLA FA . 18.11 -39.78 15.89
CHA CLA FA . 16.95 -39.06 19.07
CHB CLA FA . 16.27 -37.20 14.71
CHC CLA FA . 18.82 -40.75 12.70
CHD CLA FA . 18.72 -43.07 16.97
NA CLA FA . 17.08 -38.21 16.79
C1A CLA FA . 16.77 -38.06 18.15
C2A CLA FA . 16.13 -36.67 18.38
C3A CLA FA . 15.73 -36.24 16.96
C4A CLA FA . 16.28 -37.35 16.08
CMA CLA FA . 14.24 -36.11 16.81
CAA CLA FA . 17.14 -35.75 19.04
CBA CLA FA . 18.06 -35.04 18.08
CGA CLA FA . 19.14 -34.37 18.88
O1A CLA FA . 19.67 -34.77 19.93
O2A CLA FA . 19.60 -33.21 18.34
NB CLA FA . 17.91 -38.94 14.08
C1B CLA FA . 17.16 -37.83 13.82
C2B CLA FA . 17.24 -37.52 12.37
C3B CLA FA . 17.70 -38.67 11.77
C4B CLA FA . 18.11 -39.60 12.85
CMB CLA FA . 16.62 -36.34 11.78
CAB CLA FA . 18.14 -38.87 10.41
CBB CLA FA . 19.06 -38.13 9.79
NC CLA FA . 18.94 -41.51 15.06
C1C CLA FA . 19.10 -41.70 13.72
C2C CLA FA . 19.75 -43.00 13.49
C3C CLA FA . 19.82 -43.61 14.74
C4C CLA FA . 19.02 -42.77 15.63
CMC CLA FA . 20.55 -43.30 12.32
CAC CLA FA . 20.85 -44.55 15.19
CBC CLA FA . 20.34 -45.96 15.31
ND CLA FA . 18.18 -40.77 17.65
C1D CLA FA . 18.50 -42.12 17.95
C2D CLA FA . 18.45 -42.28 19.42
C3D CLA FA . 17.71 -41.22 19.87
C4D CLA FA . 17.53 -40.31 18.71
CMD CLA FA . 18.86 -43.49 20.14
CAD CLA FA . 17.29 -40.49 21.06
OBD CLA FA . 17.54 -40.74 22.24
CBD CLA FA . 16.87 -39.07 20.58
CGD CLA FA . 15.50 -38.69 21.02
O1D CLA FA . 15.17 -37.69 21.67
O2D CLA FA . 14.52 -39.53 20.62
CED CLA FA . 13.40 -38.92 20.02
MG CLA GA . 19.84 -51.28 12.38
CHA CLA GA . 20.72 -53.50 14.87
CHB CLA GA . 21.90 -48.98 13.82
CHC CLA GA . 18.97 -49.07 9.93
CHD CLA GA . 16.96 -53.18 11.73
NA CLA GA . 21.25 -51.35 13.92
C1A CLA GA . 21.59 -52.45 14.70
C2A CLA GA . 22.71 -52.10 15.67
C3A CLA GA . 22.74 -50.55 15.61
C4A CLA GA . 21.86 -50.23 14.40
CMA CLA GA . 22.20 -49.91 16.87
CAA CLA GA . 24.04 -52.75 15.26
CBA CLA GA . 24.41 -52.59 13.80
CGA CLA GA . 25.35 -51.43 13.58
O1A CLA GA . 25.59 -50.48 14.32
O2A CLA GA . 26.00 -51.49 12.39
NB CLA GA . 20.46 -49.44 11.86
C1B CLA GA . 21.25 -48.63 12.62
C2B CLA GA . 21.62 -47.44 11.81
C3B CLA GA . 20.72 -47.39 10.77
C4B CLA GA . 19.92 -48.65 10.83
CMB CLA GA . 22.64 -46.50 12.26
CAB CLA GA . 20.43 -46.34 9.83
CBB CLA GA . 21.29 -45.72 9.03
NC CLA GA . 18.29 -51.21 10.99
C1C CLA GA . 18.07 -50.16 10.14
C2C CLA GA . 16.93 -50.46 9.30
C3C CLA GA . 16.47 -51.72 9.69
C4C CLA GA . 17.18 -52.05 10.92
CMC CLA GA . 16.26 -49.50 8.42
CAC CLA GA . 15.60 -52.64 8.94
CBC CLA GA . 16.39 -53.65 8.14
ND CLA GA . 19.08 -53.05 12.96
C1D CLA GA . 17.85 -53.69 12.65
C2D CLA GA . 17.73 -54.91 13.49
C3D CLA GA . 18.74 -54.83 14.43
C4D CLA GA . 19.54 -53.63 14.06
CMD CLA GA . 16.86 -56.03 13.17
CAD CLA GA . 19.45 -55.51 15.50
OBD CLA GA . 19.29 -56.64 15.93
CBD CLA GA . 20.64 -54.59 15.91
CGD CLA GA . 20.46 -54.03 17.30
O1D CLA GA . 21.31 -53.95 18.20
O2D CLA GA . 19.20 -53.57 17.54
CED CLA GA . 19.09 -52.39 18.35
MG CLA HA . 21.07 -40.53 23.29
CHA CLA HA . 20.15 -38.95 26.19
CHB CLA HA . 20.35 -37.73 21.51
CHC CLA HA . 22.23 -42.03 20.48
CHD CLA HA . 22.62 -43.05 25.17
NA CLA HA . 20.38 -38.63 23.80
C1A CLA HA . 20.08 -38.13 25.08
C2A CLA HA . 19.35 -36.79 24.99
C3A CLA HA . 19.36 -36.48 23.47
C4A CLA HA . 20.06 -37.70 22.86
CMA CLA HA . 17.97 -36.28 22.91
CAA CLA HA . 20.02 -35.70 25.79
CBA CLA HA . 21.54 -35.73 25.65
CGA CLA HA . 22.15 -35.50 27.00
O1A CLA HA . 21.85 -34.66 27.84
O2A CLA HA . 23.16 -36.37 27.27
NB CLA HA . 21.00 -40.09 21.33
C1B CLA HA . 20.88 -38.84 20.82
C2B CLA HA . 20.99 -38.91 19.34
C3B CLA HA . 21.25 -40.23 19.02
C4B CLA HA . 21.51 -40.90 20.31
CMB CLA HA . 20.33 -37.90 18.53
CAB CLA HA . 21.74 -40.87 17.82
CBB CLA HA . 22.23 -40.29 16.72
NC CLA HA . 21.88 -42.40 22.89
C1C CLA HA . 22.16 -42.85 21.62
C2C CLA HA . 22.76 -44.16 21.68
C3C CLA HA . 23.14 -44.35 23.01
C4C CLA HA . 22.62 -43.20 23.76
CMC CLA HA . 23.24 -44.85 20.47
CAC CLA HA . 24.22 -45.24 23.45
CBC CLA HA . 23.73 -46.65 23.70
ND CLA HA . 21.26 -41.01 25.23
C1D CLA HA . 21.97 -42.06 25.88
C2D CLA HA . 21.93 -41.81 27.34
C3D CLA HA . 21.14 -40.69 27.53
C4D CLA HA . 20.93 -40.14 26.17
CMD CLA HA . 22.35 -42.76 28.37
CAD CLA HA . 20.15 -40.06 28.38
OBD CLA HA . 19.95 -40.24 29.58
CBD CLA HA . 19.53 -38.88 27.57
CGD CLA HA . 18.03 -38.94 27.52
O1D CLA HA . 17.32 -39.48 26.66
O2D CLA HA . 17.42 -38.32 28.57
CED CLA HA . 16.15 -37.70 28.33
MG CLA IA . 10.94 -54.62 0.21
CHA CLA IA . 7.91 -56.24 0.71
CHB CLA IA . 11.85 -55.64 3.34
CHC CLA IA . 13.49 -52.34 0.18
CHD CLA IA . 9.72 -53.32 -2.78
NA CLA IA . 10.15 -55.97 1.60
C1A CLA IA . 8.92 -56.63 1.56
C2A CLA IA . 8.96 -57.85 2.47
C3A CLA IA . 10.05 -57.43 3.49
C4A CLA IA . 10.75 -56.25 2.79
CMA CLA IA . 9.45 -56.97 4.79
CAA CLA IA . 9.25 -59.18 1.78
CBA CLA IA . 10.56 -59.28 1.01
CGA CLA IA . 10.43 -58.79 -0.40
O1A CLA IA . 9.56 -59.05 -1.23
O2A CLA IA . 11.39 -57.87 -0.72
NB CLA IA . 12.52 -54.27 1.39
C1B CLA IA . 12.68 -54.73 2.66
C2B CLA IA . 14.07 -54.41 3.10
C3B CLA IA . 14.56 -53.48 2.20
C4B CLA IA . 13.45 -53.21 1.24
CMB CLA IA . 14.66 -55.05 4.28
CAB CLA IA . 15.86 -52.90 1.96
CBB CLA IA . 17.06 -53.38 2.27
NC CLA IA . 11.53 -53.14 -1.12
C1C CLA IA . 12.56 -52.27 -0.90
C2C CLA IA . 12.80 -51.52 -2.13
C3C CLA IA . 11.64 -51.63 -2.89
C4C CLA IA . 10.83 -52.66 -2.23
CMC CLA IA . 14.06 -50.89 -2.50
CAC CLA IA . 11.59 -51.31 -4.34
CBC CLA IA . 10.46 -50.38 -4.73
ND CLA IA . 9.27 -54.81 -0.91
C1D CLA IA . 8.85 -54.12 -2.07
C2D CLA IA . 7.37 -54.14 -2.13
C3D CLA IA . 6.96 -55.01 -1.13
C4D CLA IA . 8.17 -55.32 -0.35
CMD CLA IA . 6.59 -53.22 -2.95
CAD CLA IA . 5.92 -55.92 -0.66
OBD CLA IA . 4.71 -55.78 -0.70
CBD CLA IA . 6.59 -56.88 0.38
CGD CLA IA . 5.71 -57.07 1.58
O1D CLA IA . 4.85 -57.95 1.76
O2D CLA IA . 5.92 -56.16 2.57
CED CLA IA . 5.47 -56.48 3.89
C1 CLA IA . 11.37 -57.30 -2.04
C2 CLA IA . 12.66 -56.56 -2.18
C3 CLA IA . 12.99 -55.80 -3.23
C4 CLA IA . 12.08 -55.61 -4.38
C5 CLA IA . 14.30 -55.09 -3.30
C6 CLA IA . 15.09 -55.41 -4.55
C7 CLA IA . 16.43 -54.71 -4.53
C8 CLA IA . 16.30 -53.21 -4.72
C9 CLA IA . 16.58 -52.84 -6.16
MG CLA JA . 5.61 -45.28 -0.51
CHA CLA JA . 3.70 -42.62 0.55
CHB CLA JA . 4.70 -46.98 2.27
CHC CLA JA . 8.17 -47.44 -0.94
CHD CLA JA . 6.88 -43.27 -3.11
NA CLA JA . 4.28 -44.92 1.05
C1A CLA JA . 3.55 -43.75 1.30
C2A CLA JA . 2.71 -43.89 2.56
C3A CLA JA . 3.36 -45.11 3.27
C4A CLA JA . 4.30 -45.67 2.20
CMA CLA JA . 4.11 -44.71 4.52
CAA CLA JA . 1.24 -44.07 2.20
CBA CLA JA . 0.53 -45.30 2.73
CGA CLA JA . 0.67 -46.48 1.82
O1A CLA JA . 0.15 -47.58 1.90
O2A CLA JA . 1.55 -46.27 0.79
NB CLA JA . 6.00 -47.12 0.18
C1B CLA JA . 5.66 -47.55 1.42
C2B CLA JA . 6.31 -48.85 1.69
C3B CLA JA . 7.04 -49.17 0.58
C4B CLA JA . 7.10 -47.91 -0.23
CMB CLA JA . 5.79 -49.70 2.76
CAB CLA JA . 7.98 -50.24 0.43
CBB CLA JA . 8.26 -50.89 -0.70
NC CLA JA . 7.10 -45.47 -1.96
C1C CLA JA . 8.13 -46.35 -1.86
C2C CLA JA . 9.04 -46.19 -3.00
C3C CLA JA . 8.61 -45.04 -3.67
C4C CLA JA . 7.49 -44.52 -2.91
CMC CLA JA . 10.27 -46.96 -3.20
CAC CLA JA . 9.15 -44.49 -4.93
CBC CLA JA . 10.17 -43.40 -4.70
ND CLA JA . 5.40 -43.40 -1.19
C1D CLA JA . 6.00 -42.68 -2.25
C2D CLA JA . 5.25 -41.42 -2.43
C3D CLA JA . 4.31 -41.37 -1.41
C4D CLA JA . 4.58 -42.55 -0.57
CMD CLA JA . 5.66 -40.35 -3.33
CAD CLA JA . 3.52 -40.47 -0.60
OBD CLA JA . 3.54 -39.24 -0.62
CBD CLA JA . 3.10 -41.25 0.68
CGD CLA JA . 3.59 -40.57 1.91
O1D CLA JA . 4.57 -40.88 2.59
O2D CLA JA . 2.84 -39.51 2.30
CED CLA JA . 2.86 -39.18 3.68
C1 CLA JA . 1.53 -47.24 -0.29
C2 CLA JA . 2.67 -46.89 -1.17
C3 CLA JA . 2.68 -47.06 -2.50
C4 CLA JA . 1.52 -47.61 -3.24
C5 CLA JA . 3.87 -46.70 -3.30
C6 CLA JA . 4.58 -47.93 -3.84
C7 CLA JA . 5.58 -47.57 -4.90
C8 CLA JA . 6.59 -48.70 -5.12
C9 CLA JA . 7.50 -48.39 -6.28
MG CLA KA . 10.34 -38.19 4.28
CHA CLA KA . 8.96 -37.93 7.42
CHB CLA KA . 7.35 -39.29 3.10
CHC CLA KA . 11.67 -38.35 1.18
CHD CLA KA . 13.55 -37.69 5.67
NA CLA KA . 8.53 -38.72 5.16
C1A CLA KA . 8.11 -38.35 6.45
C2A CLA KA . 6.60 -38.27 6.53
C3A CLA KA . 6.17 -39.09 5.29
C4A CLA KA . 7.46 -39.20 4.46
CMA CLA KA . 5.67 -40.45 5.69
CAA CLA KA . 6.13 -36.83 6.52
CBA CLA KA . 6.72 -35.92 5.49
CGA CLA KA . 5.83 -35.94 4.30
O1A CLA KA . 4.59 -35.97 4.25
O2A CLA KA . 6.54 -35.92 3.16
NB CLA KA . 9.62 -38.58 2.46
C1B CLA KA . 8.35 -38.93 2.17
C2B CLA KA . 8.23 -39.21 0.71
C3B CLA KA . 9.52 -39.28 0.21
C4B CLA KA . 10.38 -38.73 1.29
CMB CLA KA . 6.93 -39.55 0.15
CAB CLA KA . 10.10 -39.81 -1.01
CBB CLA KA . 9.60 -40.64 -1.92
NC CLA KA . 12.27 -37.94 3.54
C1C CLA KA . 12.60 -38.28 2.27
C2C CLA KA . 14.02 -38.07 2.06
C3C CLA KA . 14.57 -37.85 3.33
C4C CLA KA . 13.46 -37.90 4.28
CMC CLA KA . 14.61 -38.01 0.73
CAC CLA KA . 15.96 -37.50 3.65
CBC CLA KA . 16.29 -36.04 3.40
ND CLA KA . 11.16 -37.90 6.12
C1D CLA KA . 12.46 -37.58 6.54
C2D CLA KA . 12.40 -37.07 7.93
C3D CLA KA . 11.08 -37.24 8.34
C4D CLA KA . 10.37 -37.80 7.18
CMD CLA KA . 13.52 -36.47 8.65
CAD CLA KA . 10.11 -37.17 9.43
OBD CLA KA . 10.16 -36.59 10.51
CBD CLA KA . 8.77 -37.78 8.91
CGD CLA KA . 8.43 -39.10 9.54
O1D CLA KA . 8.94 -40.19 9.30
O2D CLA KA . 7.42 -39.05 10.45
CED CLA KA . 6.36 -39.99 10.31
C1 CLA KA . 5.79 -35.96 1.93
C2 CLA KA . 6.84 -35.87 0.89
C3 CLA KA . 6.59 -36.05 -0.41
C4 CLA KA . 5.23 -36.36 -0.90
C5 CLA KA . 7.66 -35.93 -1.42
C6 CLA KA . 9.09 -35.87 -0.90
C7 CLA KA . 9.94 -36.12 -2.11
C8 CLA KA . 11.40 -36.53 -1.96
C9 CLA KA . 12.13 -35.55 -1.07
C10 CLA KA . 12.11 -36.68 -3.31
C11 CLA KA . 11.20 -37.40 -4.30
C12 CLA KA . 11.78 -38.00 -5.55
C13 CLA KA . 10.96 -39.22 -6.02
C14 CLA KA . 11.86 -40.21 -6.72
C15 CLA KA . 9.79 -38.83 -6.93
C16 CLA KA . 8.49 -38.84 -6.16
C17 CLA KA . 7.22 -38.74 -6.96
C18 CLA KA . 6.26 -37.92 -6.12
C19 CLA KA . 4.82 -38.27 -6.37
C20 CLA KA . 6.50 -36.45 -6.35
MG CLA LA . 29.81 -46.05 -3.39
CHA CLA LA . 30.70 -44.69 -6.48
CHB CLA LA . 30.56 -49.11 -4.61
CHC CLA LA . 27.64 -47.49 -1.32
CHD CLA LA . 27.86 -43.23 -2.93
NA CLA LA . 30.78 -46.73 -5.12
C1A CLA LA . 31.13 -45.98 -6.26
C2A CLA LA . 31.75 -46.89 -7.32
C3A CLA LA . 31.36 -48.30 -6.83
C4A CLA LA . 30.74 -48.05 -5.46
CMA CLA LA . 30.36 -48.96 -7.75
CAA CLA LA . 33.26 -46.67 -7.40
CBA CLA LA . 34.06 -47.20 -6.24
CGA CLA LA . 35.37 -46.49 -6.24
O1A CLA LA . 35.56 -45.30 -6.03
O2A CLA LA . 36.44 -47.30 -6.56
NB CLA LA . 29.63 -47.93 -2.66
C1B CLA LA . 30.05 -49.04 -3.31
C2B CLA LA . 29.63 -50.24 -2.54
C3B CLA LA . 28.62 -49.86 -1.69
C4B CLA LA . 28.61 -48.35 -1.77
CMB CLA LA . 30.45 -51.44 -2.46
CAB CLA LA . 28.12 -50.67 -0.61
CBB CLA LA . 27.19 -50.44 0.32
NC CLA LA . 28.61 -45.30 -1.85
C1C CLA LA . 27.87 -46.13 -1.05
C2C CLA LA . 27.06 -45.31 -0.15
C3C CLA LA . 27.15 -44.00 -0.62
C4C CLA LA . 27.95 -44.08 -1.83
CMC CLA LA . 26.38 -45.81 1.06
CAC CLA LA . 26.55 -42.79 -0.03
CBC CLA LA . 27.58 -41.76 0.37
ND CLA LA . 29.71 -44.18 -4.18
C1D CLA LA . 28.86 -43.10 -3.85
C2D CLA LA . 29.12 -41.98 -4.78
C3D CLA LA . 29.80 -42.55 -5.84
C4D CLA LA . 30.08 -43.95 -5.43
CMD CLA LA . 28.37 -40.73 -4.74
CAD CLA LA . 30.47 -42.31 -7.09
OBD CLA LA . 30.78 -41.24 -7.61
CBD CLA LA . 31.09 -43.68 -7.53
CGD CLA LA . 30.66 -44.06 -8.92
O1D CLA LA . 31.33 -44.65 -9.78
O2D CLA LA . 29.39 -43.69 -9.24
CED CLA LA . 28.77 -44.30 -10.36
C1 CLA LA . 37.12 -48.08 -5.54
C2 CLA LA . 37.49 -47.18 -4.41
C3 CLA LA . 38.18 -47.58 -3.33
C4 CLA LA . 38.51 -46.61 -2.24
C5 CLA LA . 38.63 -48.99 -3.16
C6 CLA LA . 38.52 -49.52 -1.75
C7 CLA LA . 39.23 -50.85 -1.57
C8 CLA LA . 38.33 -52.09 -1.58
C9 CLA LA . 38.22 -52.68 -2.98
C10 CLA LA . 36.95 -51.84 -0.99
MG CLA MA . 17.10 -38.86 -11.78
CHA CLA MA . 17.78 -38.24 -15.10
CHB CLA MA . 16.54 -35.55 -11.40
CHC CLA MA . 15.60 -39.38 -8.75
CHD CLA MA . 16.96 -42.30 -12.47
NA CLA MA . 17.48 -37.18 -12.96
C1A CLA MA . 17.49 -37.14 -14.36
C2A CLA MA . 17.43 -35.70 -14.85
C3A CLA MA . 17.65 -34.89 -13.54
C4A CLA MA . 17.31 -35.91 -12.47
CMA CLA MA . 19.07 -34.44 -13.41
CAA CLA MA . 16.11 -35.37 -15.55
CBA CLA MA . 14.95 -36.19 -15.05
CGA CLA MA . 13.74 -36.01 -15.92
O1A CLA MA . 13.63 -36.07 -17.13
O2A CLA MA . 12.62 -35.76 -15.19
NB CLA MA . 16.62 -37.69 -10.23
C1B CLA MA . 16.32 -36.38 -10.27
C2B CLA MA . 16.43 -35.87 -8.89
C3B CLA MA . 16.16 -36.96 -8.08
C4B CLA MA . 16.13 -38.15 -8.99
CMB CLA MA . 17.34 -34.76 -8.65
CAB CLA MA . 15.53 -36.99 -6.78
CBB CLA MA . 14.99 -35.93 -6.17
NC CLA MA . 16.58 -40.58 -10.71
C1C CLA MA . 15.87 -40.54 -9.54
C2C CLA MA . 15.49 -41.89 -9.16
C3C CLA MA . 15.80 -42.71 -10.25
C4C CLA MA . 16.56 -41.89 -11.18
CMC CLA MA . 15.02 -42.27 -7.83
CAC CLA MA . 15.23 -44.03 -10.55
CBC CLA MA . 16.10 -45.17 -10.08
ND CLA MA . 17.43 -40.08 -13.36
C1D CLA MA . 17.22 -41.46 -13.53
C2D CLA MA . 17.17 -41.76 -14.99
C3D CLA MA . 17.42 -40.56 -15.64
C4D CLA MA . 17.53 -39.55 -14.58
CMD CLA MA . 17.07 -43.10 -15.54
CAD CLA MA . 17.97 -39.94 -16.83
OBD CLA MA . 18.59 -40.45 -17.75
CBD CLA MA . 18.01 -38.40 -16.58
CGD CLA MA . 19.32 -37.77 -16.98
O1D CLA MA . 20.37 -37.79 -16.35
O2D CLA MA . 19.29 -37.11 -18.17
CED CLA MA . 20.24 -36.06 -18.36
C1 CLA MA . 11.56 -35.04 -15.81
C2 CLA MA . 10.67 -34.79 -14.65
C3 CLA MA . 9.66 -33.94 -14.63
C4 CLA MA . 8.86 -33.78 -13.41
C5 CLA MA . 9.26 -33.11 -15.80
C6 CLA MA . 9.66 -31.65 -15.71
C7 CLA MA . 9.08 -30.92 -16.90
C8 CLA MA . 9.06 -29.39 -16.88
C9 CLA MA . 9.61 -28.75 -15.61
C10 CLA MA . 7.65 -28.87 -17.16
C11 CLA MA . 7.66 -27.43 -17.60
C12 CLA MA . 8.29 -27.28 -18.97
C13 CLA MA . 8.04 -25.88 -19.54
C14 CLA MA . 6.57 -25.67 -19.85
C15 CLA MA . 8.88 -25.66 -20.79
C16 CLA MA . 10.06 -24.76 -20.49
C17 CLA MA . 10.98 -24.60 -21.68
C18 CLA MA . 11.20 -23.15 -22.08
C19 CLA MA . 12.09 -22.44 -21.08
C20 CLA MA . 9.91 -22.39 -22.28
MG CLA NA . 22.29 -47.42 -17.00
CHA CLA NA . 25.46 -47.85 -18.29
CHB CLA NA . 21.17 -46.97 -20.18
CHC CLA NA . 19.35 -46.07 -15.85
CHD CLA NA . 23.72 -46.62 -13.92
NA CLA NA . 23.12 -47.70 -18.88
C1A CLA NA . 24.44 -48.08 -19.16
C2A CLA NA . 24.59 -48.38 -20.66
C3A CLA NA . 23.29 -47.78 -21.26
C4A CLA NA . 22.51 -47.32 -20.04
CMA CLA NA . 23.58 -46.64 -22.20
CAA CLA NA . 24.73 -49.86 -20.91
CBA CLA NA . 23.49 -50.66 -20.57
CGA CLA NA . 23.53 -52.01 -21.21
O1A CLA NA . 22.60 -52.74 -21.54
O2A CLA NA . 24.81 -52.46 -21.41
NB CLA NA . 20.48 -47.07 -17.81
C1B CLA NA . 20.23 -46.91 -19.13
C2B CLA NA . 18.76 -46.83 -19.33
C3B CLA NA . 18.23 -46.52 -18.10
C4B CLA NA . 19.37 -46.53 -17.14
CMB CLA NA . 18.12 -47.49 -20.47
CAB CLA NA . 16.91 -46.08 -17.72
CBB CLA NA . 16.14 -45.25 -18.41
NC CLA NA . 21.56 -46.94 -15.10
C1C CLA NA . 20.35 -46.35 -14.87
C2C CLA NA . 20.20 -46.05 -13.45
C3C CLA NA . 21.43 -46.34 -12.86
C4C CLA NA . 22.32 -46.73 -13.95
CMC CLA NA . 18.92 -45.76 -12.78
CAC CLA NA . 21.73 -46.44 -11.44
CBC CLA NA . 21.95 -47.87 -10.98
ND CLA NA . 24.11 -47.59 -16.14
C1D CLA NA . 24.57 -47.13 -14.87
C2D CLA NA . 26.04 -47.28 -14.81
C3D CLA NA . 26.44 -47.56 -16.11
C4D CLA NA . 25.20 -47.69 -16.90
CMD CLA NA . 26.85 -46.82 -13.68
CAD CLA NA . 27.55 -47.88 -16.98
OBD CLA NA . 28.75 -47.80 -16.76
CBD CLA NA . 26.96 -48.05 -18.41
CGD CLA NA . 27.59 -47.08 -19.38
O1D CLA NA . 28.49 -47.31 -20.19
O2D CLA NA . 27.07 -45.82 -19.32
CED CLA NA . 27.25 -44.96 -20.44
MG CLA OA . 16.34 -43.09 -23.27
CHA CLA OA . 19.70 -43.85 -23.62
CHB CLA OA . 15.99 -43.33 -26.63
CHC CLA OA . 13.11 -41.97 -23.00
CHD CLA OA . 16.94 -42.14 -19.93
NA CLA OA . 17.60 -43.71 -24.81
C1A CLA OA . 18.92 -44.14 -24.71
C2A CLA OA . 19.47 -44.52 -26.08
C3A CLA OA . 18.39 -43.96 -27.05
C4A CLA OA . 17.27 -43.51 -26.12
CMA CLA OA . 18.94 -42.83 -27.86
CAA CLA OA . 19.70 -46.01 -26.20
CBA CLA OA . 18.42 -46.83 -26.09
CGA CLA OA . 18.44 -47.64 -24.83
O1A CLA OA . 19.07 -48.68 -24.59
O2A CLA OA . 17.64 -47.12 -23.86
NB CLA OA . 14.77 -42.99 -24.52
C1B CLA OA . 14.83 -43.11 -25.86
C2B CLA OA . 13.43 -43.28 -26.37
C3B CLA OA . 12.60 -42.82 -25.36
C4B CLA OA . 13.47 -42.60 -24.17
CMB CLA OA . 13.11 -44.14 -27.49
CAB CLA OA . 11.26 -42.31 -25.46
CBB CLA OA . 10.21 -42.77 -24.80
NC CLA OA . 15.20 -42.31 -21.70
C1C CLA OA . 13.93 -41.83 -21.85
C2C CLA OA . 13.44 -41.36 -20.56
C3C CLA OA . 14.49 -41.52 -19.66
C4C CLA OA . 15.65 -41.91 -20.45
CMC CLA OA . 12.01 -41.14 -20.27
CAC CLA OA . 14.41 -41.56 -18.19
CBC CLA OA . 14.39 -40.18 -17.56
ND CLA OA . 17.90 -43.07 -21.97
C1D CLA OA . 18.04 -42.53 -20.67
C2D CLA OA . 19.41 -42.85 -20.22
C3D CLA OA . 20.13 -43.08 -21.37
C4D CLA OA . 19.12 -43.40 -22.38
CMD CLA OA . 19.72 -43.36 -18.89
CAD CLA OA . 21.41 -43.51 -21.92
OBD CLA OA . 22.54 -43.40 -21.42
CBD CLA OA . 21.19 -43.71 -23.45
CGD CLA OA . 21.75 -42.57 -24.23
O1D CLA OA . 21.31 -41.41 -24.29
O2D CLA OA . 22.88 -42.87 -24.93
CED CLA OA . 24.13 -42.48 -24.36
C1 CLA OA . 16.21 -47.18 -24.06
C2 CLA OA . 15.60 -46.48 -22.90
C3 CLA OA . 14.28 -46.22 -22.79
C4 CLA OA . 13.29 -46.60 -23.82
C5 CLA OA . 13.77 -45.51 -21.58
C6 CLA OA . 12.74 -46.34 -20.82
MG CLA PA . 12.69 -32.92 -22.66
CHA CLA PA . 14.67 -34.96 -20.69
CHB CLA PA . 11.44 -35.69 -24.17
CHC CLA PA . 10.97 -30.90 -24.82
CHD CLA PA . 14.41 -30.11 -21.40
NA CLA PA . 12.85 -34.96 -22.28
C1A CLA PA . 13.61 -35.59 -21.28
C2A CLA PA . 13.25 -37.07 -21.21
C3A CLA PA . 12.44 -37.30 -22.50
C4A CLA PA . 12.34 -35.91 -23.13
CMA CLA PA . 13.12 -38.27 -23.43
CAA CLA PA . 12.44 -37.38 -19.96
CBA CLA PA . 11.01 -36.92 -20.02
CGA CLA PA . 10.32 -37.13 -18.70
O1A CLA PA . 10.40 -38.10 -17.94
O2A CLA PA . 9.52 -36.09 -18.34
NB CLA PA . 11.36 -33.23 -24.12
C1B CLA PA . 11.03 -34.44 -24.65
C2B CLA PA . 9.92 -34.24 -25.64
C3B CLA PA . 9.66 -32.89 -25.68
C4B CLA PA . 10.76 -32.23 -24.93
CMB CLA PA . 9.10 -35.34 -26.11
CAB CLA PA . 8.73 -32.16 -26.50
CBB CLA PA . 7.75 -31.39 -26.03
NC CLA PA . 12.72 -30.88 -23.06
C1C CLA PA . 11.85 -30.25 -23.90
C2C CLA PA . 11.79 -28.84 -23.58
C3C CLA PA . 12.94 -28.59 -22.85
C4C CLA PA . 13.47 -29.89 -22.43
CMC CLA PA . 10.99 -27.87 -24.31
CAC CLA PA . 13.55 -27.28 -22.64
CBC CLA PA . 14.70 -27.04 -23.59
ND CLA PA . 14.13 -32.54 -21.28
C1D CLA PA . 14.82 -31.34 -20.95
C2D CLA PA . 15.92 -31.68 -20.02
C3D CLA PA . 15.97 -33.06 -19.96
C4D CLA PA . 14.77 -33.54 -20.67
CMD CLA PA . 16.79 -30.69 -19.39
CAD CLA PA . 16.57 -34.20 -19.31
OBD CLA PA . 17.41 -34.23 -18.41
CBD CLA PA . 15.66 -35.44 -19.65
CGD CLA PA . 16.46 -36.64 -20.08
O1D CLA PA . 16.16 -37.83 -19.98
O2D CLA PA . 17.65 -36.32 -20.64
CED CLA PA . 17.73 -36.41 -22.06
C1 CLA PA . 8.15 -36.12 -18.78
C2 CLA PA . 7.60 -34.76 -18.54
C3 CLA PA . 6.32 -34.40 -18.73
C4 CLA PA . 5.29 -35.35 -19.21
C5 CLA PA . 5.89 -33.00 -18.45
C6 CLA PA . 5.37 -32.28 -19.68
C7 CLA PA . 4.63 -31.02 -19.31
C8 CLA PA . 3.99 -30.33 -20.51
C9 CLA PA . 4.75 -29.08 -20.88
C10 CLA PA . 2.53 -29.99 -20.25
C11 CLA PA . 1.58 -30.86 -21.05
C12 CLA PA . 0.14 -30.57 -20.64
C13 CLA PA . -0.92 -31.35 -21.42
C14 CLA PA . -1.05 -32.76 -20.90
C15 CLA PA . -0.65 -31.33 -22.93
MG CLA QA . 0.77 -27.54 -11.65
CHA CLA QA . -1.00 -29.88 -9.84
CHB CLA QA . 2.06 -30.06 -13.52
CHC CLA QA . 2.56 -25.24 -13.40
CHD CLA QA . -0.10 -25.10 -9.27
NA CLA QA . 0.36 -29.58 -11.80
C1A CLA QA . -0.51 -30.33 -11.03
C2A CLA QA . -0.62 -31.74 -11.59
C3A CLA QA . 0.75 -31.86 -12.30
C4A CLA QA . 1.05 -30.41 -12.65
CMA CLA QA . 1.80 -32.42 -11.38
CAA CLA QA . -1.81 -31.82 -12.51
CBA CLA QA . -2.25 -33.24 -12.76
CGA CLA QA . -3.36 -33.33 -13.75
O1A CLA QA . -4.37 -32.63 -13.83
O2A CLA QA . -3.20 -34.36 -14.64
NB CLA QA . 2.01 -27.62 -13.22
C1B CLA QA . 2.32 -28.73 -13.92
C2B CLA QA . 2.95 -28.36 -15.21
C3B CLA QA . 3.12 -26.99 -15.18
C4B CLA QA . 2.63 -26.52 -13.84
CMB CLA QA . 3.60 -29.39 -16.03
CAB CLA QA . 3.39 -26.03 -16.23
CBB CLA QA . 3.36 -26.19 -17.55
NC CLA QA . 1.19 -25.53 -11.35
C1C CLA QA . 1.81 -24.75 -12.29
C2C CLA QA . 1.66 -23.33 -11.93
C3C CLA QA . 0.79 -23.30 -10.84
C4C CLA QA . 0.65 -24.68 -10.38
CMC CLA QA . 2.44 -22.24 -12.51
CAC CLA QA . -0.05 -22.17 -10.39
CBC CLA QA . 0.49 -21.49 -9.16
ND CLA QA . -0.38 -27.42 -10.00
C1D CLA QA . -0.54 -26.38 -9.05
C2D CLA QA . -1.47 -26.87 -7.99
C3D CLA QA . -1.70 -28.20 -8.27
C4D CLA QA . -0.86 -28.52 -9.44
CMD CLA QA . -2.08 -26.02 -6.98
CAD CLA QA . -2.23 -29.46 -7.76
OBD CLA QA . -2.65 -29.70 -6.64
CBD CLA QA . -1.70 -30.58 -8.71
CGD CLA QA . -0.80 -31.51 -7.96
O1D CLA QA . 0.44 -31.54 -7.98
O2D CLA QA . -1.47 -32.39 -7.17
CED CLA QA . -0.79 -32.89 -6.02
C1 CLA QA . -4.37 -35.14 -14.88
C2 CLA QA . -3.96 -36.53 -15.18
C3 CLA QA . -3.91 -37.04 -16.42
C4 CLA QA . -4.28 -36.26 -17.62
C5 CLA QA . -3.49 -38.45 -16.64
C6 CLA QA . -2.42 -38.61 -17.71
C7 CLA QA . -1.07 -39.02 -17.13
C8 CLA QA . -1.17 -40.19 -16.15
C9 CLA QA . -0.37 -39.89 -14.90
C10 CLA QA . -0.67 -41.49 -16.80
C11 CLA QA . -1.81 -42.44 -17.09
C12 CLA QA . -1.35 -43.62 -17.93
MG CLA RA . -0.75 -38.78 -5.97
CHA CLA RA . -0.27 -36.56 -8.56
CHB CLA RA . 2.00 -40.53 -6.87
CHC CLA RA . -1.48 -41.00 -3.49
CHD CLA RA . -2.98 -36.50 -4.53
NA CLA RA . 0.67 -38.54 -7.48
C1A CLA RA . 0.61 -37.62 -8.54
C2A CLA RA . 1.82 -37.86 -9.45
C3A CLA RA . 2.30 -39.27 -9.05
C4A CLA RA . 1.68 -39.43 -7.66
CMA CLA RA . 1.84 -40.33 -10.00
CAA CLA RA . 2.86 -36.82 -9.13
CBA CLA RA . 3.66 -36.38 -10.33
CGA CLA RA . 5.09 -36.57 -9.94
O1A CLA RA . 5.71 -37.62 -9.74
O2A CLA RA . 5.74 -35.39 -9.79
NB CLA RA . 0.07 -40.50 -5.34
C1B CLA RA . 1.31 -40.90 -5.69
C2B CLA RA . 1.83 -41.89 -4.70
C3B CLA RA . 0.82 -42.07 -3.76
C4B CLA RA . -0.28 -41.13 -4.12
CMB CLA RA . 3.06 -42.62 -4.97
CAB CLA RA . 0.66 -42.90 -2.59
CBB CLA RA . 1.56 -43.64 -1.94
NC CLA RA . -2.15 -38.83 -4.43
C1C CLA RA . -2.39 -39.91 -3.64
C2C CLA RA . -3.54 -39.61 -2.79
C3C CLA RA . -4.04 -38.39 -3.25
C4C CLA RA . -2.94 -37.79 -3.97
CMC CLA RA . -3.81 -40.34 -1.54
CAC CLA RA . -5.21 -37.61 -2.79
CBC CLA RA . -6.54 -37.93 -3.42
ND CLA RA . -1.51 -36.97 -6.39
C1D CLA RA . -2.50 -36.18 -5.77
C2D CLA RA . -3.18 -35.42 -6.83
C3D CLA RA . -2.35 -35.51 -7.94
C4D CLA RA . -1.23 -36.38 -7.53
CMD CLA RA . -4.21 -34.43 -6.57
CAD CLA RA . -1.93 -34.85 -9.16
OBD CLA RA . -2.36 -33.78 -9.57
CBD CLA RA . -0.49 -35.38 -9.48
CGD CLA RA . -0.31 -35.73 -10.93
O1D CLA RA . 0.70 -35.54 -11.61
O2D CLA RA . -1.38 -36.32 -11.52
CED CLA RA . -1.19 -36.86 -12.82
C1 CLA RA . 6.82 -35.23 -10.71
C2 CLA RA . 8.07 -35.01 -9.94
C3 CLA RA . 8.42 -33.93 -9.21
C4 CLA RA . 7.56 -32.74 -9.08
C5 CLA RA . 9.73 -33.84 -8.46
C6 CLA RA . 10.79 -34.93 -8.58
C7 CLA RA . 11.56 -35.05 -9.90
C8 CLA RA . 12.00 -36.49 -10.20
C9 CLA RA . 12.70 -37.06 -8.99
C10 CLA RA . 12.94 -36.53 -11.40
C11 CLA RA . 12.65 -37.59 -12.45
C12 CLA RA . 12.76 -39.05 -12.05
C13 CLA RA . 13.01 -39.97 -13.24
C14 CLA RA . 11.97 -39.77 -14.33
C15 CLA RA . 13.04 -41.43 -12.82
MG CLA SA . 3.04 -19.83 6.59
CHA CLA SA . 4.85 -20.74 9.36
CHB CLA SA . 0.34 -21.41 7.88
CHC CLA SA . 1.24 -18.82 3.87
CHD CLA SA . 6.00 -18.88 5.03
NA CLA SA . 2.74 -21.06 8.25
C1A CLA SA . 3.53 -21.08 9.40
C2A CLA SA . 2.76 -21.75 10.54
C3A CLA SA . 1.62 -22.48 9.78
C4A CLA SA . 1.55 -21.69 8.48
CMA CLA SA . 1.93 -23.92 9.47
CAA CLA SA . 2.20 -20.76 11.56
CBA CLA SA . 2.05 -19.34 11.06
CGA CLA SA . 3.14 -18.46 11.57
O1A CLA SA . 4.29 -18.75 11.87
O2A CLA SA . 2.80 -17.15 11.69
NB CLA SA . 1.17 -20.17 5.93
C1B CLA SA . 0.18 -20.75 6.65
C2B CLA SA . -1.14 -20.38 6.07
C3B CLA SA . -0.87 -19.27 5.29
C4B CLA SA . 0.57 -19.45 4.88
CMB CLA SA . -2.34 -20.82 6.79
CAB CLA SA . -1.71 -18.47 4.43
CBB CLA SA . -3.03 -18.44 4.26
NC CLA SA . 3.52 -18.75 4.88
C1C CLA SA . 2.65 -18.55 3.84
C2C CLA SA . 3.37 -17.82 2.79
C3C CLA SA . 4.67 -17.64 3.25
C4C CLA SA . 4.79 -18.52 4.39
CMC CLA SA . 2.77 -17.11 1.68
CAC CLA SA . 5.78 -17.05 2.47
CBC CLA SA . 6.38 -15.82 3.11
ND CLA SA . 4.95 -19.52 7.13
C1D CLA SA . 6.09 -19.22 6.36
C2D CLA SA . 7.22 -19.02 7.30
C3D CLA SA . 6.82 -19.62 8.48
C4D CLA SA . 5.39 -19.93 8.31
CMD CLA SA . 8.53 -18.55 6.90
CAD CLA SA . 7.25 -20.26 9.71
OBD CLA SA . 8.32 -20.16 10.31
CBD CLA SA . 6.01 -21.03 10.27
CGD CLA SA . 6.26 -22.50 10.38
O1D CLA SA . 6.80 -23.21 9.54
O2D CLA SA . 5.86 -23.06 11.54
CED CLA SA . 6.60 -22.69 12.69
C1 CLA SA . 3.17 -16.59 12.94
C2 CLA SA . 3.86 -15.28 12.79
C3 CLA SA . 3.24 -14.09 12.63
C4 CLA SA . 1.75 -14.04 12.58
C5 CLA SA . 4.12 -12.87 12.51
C6 CLA SA . 3.82 -11.60 13.30
C7 CLA SA . 2.88 -10.60 12.64
C8 CLA SA . 2.24 -9.58 13.56
C9 CLA SA . 1.71 -8.44 12.73
C10 CLA SA . 3.18 -8.99 14.62
C11 CLA SA . 2.36 -8.14 15.57
C12 CLA SA . 3.17 -7.47 16.65
C13 CLA SA . 2.41 -6.30 17.28
C14 CLA SA . 1.80 -5.37 16.25
C15 CLA SA . 3.29 -5.49 18.20
MG CLA TA . 7.97 -27.50 4.96
CHA CLA TA . 6.96 -29.86 7.26
CHB CLA TA . 7.91 -25.21 7.37
CHC CLA TA . 8.80 -25.16 2.63
CHD CLA TA . 7.78 -29.90 2.44
NA CLA TA . 7.18 -27.48 6.89
C1A CLA TA . 7.02 -28.57 7.76
C2A CLA TA . 6.46 -28.06 9.10
C3A CLA TA . 6.44 -26.52 8.93
C4A CLA TA . 7.09 -26.30 7.57
CMA CLA TA . 5.04 -25.98 8.98
CAA CLA TA . 7.34 -28.44 10.29
CBA CLA TA . 8.79 -28.12 10.04
CGA CLA TA . 9.64 -29.25 10.53
O1A CLA TA . 10.39 -29.29 11.50
O2A CLA TA . 9.54 -30.35 9.76
NB CLA TA . 8.36 -25.54 5.02
C1B CLA TA . 8.44 -24.81 6.14
C2B CLA TA . 8.67 -23.39 5.80
C3B CLA TA . 8.80 -23.33 4.41
C4B CLA TA . 8.56 -24.71 3.90
CMB CLA TA . 8.50 -22.34 6.80
CAB CLA TA . 8.97 -22.21 3.52
CBB CLA TA . 9.80 -21.19 3.71
NC CLA TA . 8.57 -27.61 2.97
C1C CLA TA . 8.72 -26.51 2.18
C2C CLA TA . 9.18 -26.96 0.87
C3C CLA TA . 9.10 -28.36 0.86
C4C CLA TA . 8.50 -28.72 2.15
CMC CLA TA . 9.78 -26.07 -0.12
CAC CLA TA . 9.30 -29.27 -0.27
CBC CLA TA . 10.39 -30.30 -0.05
ND CLA TA . 7.64 -29.49 4.83
C1D CLA TA . 7.50 -30.33 3.72
C2D CLA TA . 7.39 -31.71 4.23
C3D CLA TA . 7.14 -31.59 5.59
C4D CLA TA . 7.17 -30.15 5.87
CMD CLA TA . 7.82 -32.89 3.49
CAD CLA TA . 6.58 -32.23 6.75
OBD CLA TA . 5.74 -33.12 6.79
CBD CLA TA . 6.66 -31.19 7.89
CGD CLA TA . 5.34 -31.17 8.58
O1D CLA TA . 4.23 -31.02 8.06
O2D CLA TA . 5.42 -31.36 9.92
CED CLA TA . 4.34 -30.83 10.68
C1 CLA TA . 10.75 -30.71 9.07
C2 CLA TA . 10.38 -31.70 8.03
C3 CLA TA . 10.46 -33.02 8.25
C4 CLA TA . 10.93 -33.57 9.54
C5 CLA TA . 10.10 -33.99 7.17
C6 CLA TA . 10.63 -33.52 5.83
C7 CLA TA . 10.91 -34.69 4.91
C8 CLA TA . 11.38 -34.22 3.54
C9 CLA TA . 10.75 -35.03 2.44
C10 CLA TA . 12.89 -34.27 3.48
C11 CLA TA . 13.46 -33.82 2.15
C12 CLA TA . 14.51 -32.75 2.38
C13 CLA TA . 15.41 -32.57 1.16
C14 CLA TA . 16.85 -32.66 1.59
C15 CLA TA . 15.17 -31.26 0.44
C16 CLA TA . 14.04 -31.29 -0.58
C17 CLA TA . 14.13 -32.48 -1.50
C18 CLA TA . 14.64 -32.15 -2.89
C19 CLA TA . 16.10 -32.53 -2.98
C20 CLA TA . 13.89 -32.94 -3.95
MG CLA UA . 13.66 -14.49 -6.56
CHA CLA UA . 14.96 -11.75 -8.19
CHB CLA UA . 16.82 -15.43 -5.90
CHC CLA UA . 12.49 -17.53 -5.49
CHD CLA UA . 10.55 -13.88 -8.06
NA CLA UA . 15.50 -13.50 -6.62
C1A CLA UA . 15.79 -12.28 -7.24
C2A CLA UA . 17.28 -11.99 -7.18
C3A CLA UA . 17.90 -13.37 -6.87
C4A CLA UA . 16.67 -14.17 -6.40
CMA CLA UA . 18.54 -13.95 -8.09
CAA CLA UA . 17.68 -10.95 -6.15
CBA CLA UA . 16.54 -10.39 -5.33
CGA CLA UA . 17.12 -9.60 -4.19
O1A CLA UA . 18.10 -8.87 -4.18
O2A CLA UA . 16.41 -9.76 -3.03
NB CLA UA . 14.43 -16.02 -5.53
C1B CLA UA . 15.76 -16.28 -5.49
C2B CLA UA . 15.97 -17.71 -5.24
C3B CLA UA . 14.80 -18.21 -4.74
C4B CLA UA . 13.77 -17.22 -5.18
CMB CLA UA . 17.33 -18.19 -5.13
CAB CLA UA . 14.49 -19.35 -3.91
CBB CLA UA . 14.97 -20.59 -4.00
NC CLA UA . 11.85 -15.51 -6.75
C1C CLA UA . 11.54 -16.66 -6.08
C2C CLA UA . 10.14 -16.62 -5.68
C3C CLA UA . 9.58 -15.56 -6.41
C4C CLA UA . 10.65 -14.99 -7.21
CMC CLA UA . 9.65 -17.25 -4.46
CAC CLA UA . 8.18 -15.11 -6.37
CBC CLA UA . 8.00 -13.96 -5.41
ND CLA UA . 12.84 -13.10 -7.75
C1D CLA UA . 11.62 -13.12 -8.48
C2D CLA UA . 11.55 -11.86 -9.27
C3D CLA UA . 12.84 -11.33 -9.25
C4D CLA UA . 13.62 -12.21 -8.38
CMD CLA UA . 10.28 -11.20 -9.50
CAD CLA UA . 13.63 -10.12 -9.42
OBD CLA UA . 13.51 -9.25 -10.27
CBD CLA UA . 15.02 -10.39 -8.82
CGD CLA UA . 16.07 -10.30 -9.89
O1D CLA UA . 16.48 -9.29 -10.47
O2D CLA UA . 16.62 -11.50 -10.22
CED CLA UA . 17.88 -11.49 -10.89
C1 CLA UA . 15.61 -8.63 -2.66
C2 CLA UA . 14.86 -8.97 -1.43
C3 CLA UA . 13.85 -8.23 -0.95
C4 CLA UA . 13.41 -6.99 -1.63
C5 CLA UA . 13.13 -8.62 0.29
C6 CLA UA . 11.62 -8.41 0.20
C7 CLA UA . 10.90 -9.69 0.58
C8 CLA UA . 9.44 -9.72 0.12
C9 CLA UA . 9.31 -9.35 -1.34
C10 CLA UA . 8.59 -8.81 1.00
C11 CLA UA . 8.61 -9.27 2.44
C12 CLA UA . 7.88 -10.58 2.63
C13 CLA UA . 7.74 -10.93 4.10
C14 CLA UA . 7.51 -12.41 4.28
C15 CLA UA . 6.61 -10.14 4.75
C16 CLA UA . 7.04 -9.58 6.10
C17 CLA UA . 6.29 -8.31 6.45
C18 CLA UA . 6.78 -7.72 7.76
C19 CLA UA . 5.94 -6.55 8.18
C20 CLA UA . 8.24 -7.31 7.67
MG CLA VA . -4.19 -26.14 -33.29
CHA CLA VA . -1.29 -25.69 -35.07
CHB CLA VA . -5.20 -23.12 -34.52
CHC CLA VA . -6.57 -25.95 -30.82
CHD CLA VA . -2.53 -28.56 -31.43
NA CLA VA . -3.55 -24.91 -34.84
C1A CLA VA . -2.37 -25.03 -35.56
C2A CLA VA . -2.40 -24.07 -36.77
C3A CLA VA . -3.32 -22.96 -36.21
C4A CLA VA . -4.14 -23.72 -35.16
CMA CLA VA . -2.54 -21.83 -35.58
CAA CLA VA . -3.00 -24.69 -38.02
CBA CLA VA . -3.17 -26.20 -37.94
CGA CLA VA . -3.98 -26.79 -39.05
O1A CLA VA . -3.89 -26.62 -40.27
O2A CLA VA . -4.89 -27.69 -38.56
NB CLA VA . -5.66 -24.84 -32.83
C1B CLA VA . -6.01 -23.76 -33.56
C2B CLA VA . -7.22 -23.12 -32.99
C3B CLA VA . -7.57 -23.88 -31.88
C4B CLA VA . -6.50 -24.91 -31.70
CMB CLA VA . -7.57 -21.75 -33.36
CAB CLA VA . -8.84 -24.06 -31.21
CBB CLA VA . -10.01 -23.55 -31.56
NC CLA VA . -4.67 -27.34 -31.65
C1C CLA VA . -5.72 -27.11 -30.81
C2C CLA VA . -5.74 -28.13 -29.77
C3C CLA VA . -4.56 -28.86 -29.91
C4C CLA VA . -3.83 -28.22 -31.00
CMC CLA VA . -6.91 -28.46 -28.94
CAC CLA VA . -4.17 -30.09 -29.20
CBC CLA VA . -3.39 -29.81 -27.94
ND CLA VA . -2.57 -27.32 -33.54
C1D CLA VA . -2.03 -28.33 -32.69
C2D CLA VA . -0.70 -28.71 -33.21
C3D CLA VA . -0.40 -27.78 -34.20
C4D CLA VA . -1.52 -26.82 -34.20
CMD CLA VA . 0.21 -29.62 -32.53
CAD CLA VA . 0.61 -27.26 -35.09
OBD CLA VA . 1.78 -27.62 -35.21
CBD CLA VA . 0.07 -25.91 -35.67
CGD CLA VA . 1.00 -24.76 -35.36
O1D CLA VA . 1.53 -24.48 -34.29
O2D CLA VA . 1.27 -23.98 -36.45
CED CLA VA . 2.55 -23.34 -36.51
C1 CLA VA . -5.75 -28.40 -39.49
C2 CLA VA . -6.19 -29.58 -38.71
C3 CLA VA . -7.26 -30.35 -38.95
C4 CLA VA . -8.21 -30.11 -40.05
C5 CLA VA . -7.52 -31.51 -38.05
C6 CLA VA . -8.80 -31.35 -37.25
C7 CLA VA . -9.13 -32.64 -36.53
C8 CLA VA . -10.17 -32.52 -35.42
C9 CLA VA . -10.09 -31.20 -34.68
C10 CLA VA . -9.98 -33.66 -34.42
C11 CLA VA . -11.17 -33.90 -33.52
C12 CLA VA . -12.49 -34.00 -34.24
C13 CLA VA . -13.62 -34.40 -33.29
C14 CLA VA . -14.93 -34.54 -34.03
C15 CLA VA . -13.78 -33.39 -32.15
MG CLA WA . -19.01 -24.61 -26.00
CHA CLA WA . -16.40 -22.47 -26.72
CHB CLA WA . -20.72 -22.00 -24.71
CHC CLA WA . -21.16 -26.65 -24.32
CHD CLA WA . -16.76 -27.30 -26.31
NA CLA WA . -18.77 -22.54 -26.13
C1A CLA WA . -17.59 -21.84 -26.43
C2A CLA WA . -17.78 -20.33 -26.27
C3A CLA WA . -19.08 -20.26 -25.44
C4A CLA WA . -19.65 -21.67 -25.53
CMA CLA WA . -18.78 -19.92 -24.01
CAA CLA WA . -17.96 -19.68 -27.62
CBA CLA WA . -18.13 -18.18 -27.59
CGA CLA WA . -16.82 -17.58 -27.20
O1A CLA WA . -15.70 -18.06 -27.33
O2A CLA WA . -16.95 -16.31 -26.69
NB CLA WA . -20.84 -24.40 -25.19
C1B CLA WA . -21.33 -23.27 -24.64
C2B CLA WA . -22.78 -23.49 -24.35
C3B CLA WA . -23.00 -24.85 -24.45
C4B CLA WA . -21.65 -25.44 -24.72
CMB CLA WA . -23.62 -22.46 -23.77
CAB CLA WA . -24.10 -25.61 -23.93
CBB CLA WA . -24.61 -26.72 -24.44
NC CLA WA . -19.09 -26.67 -25.67
C1C CLA WA . -20.00 -27.27 -24.84
C2C CLA WA . -19.75 -28.71 -24.81
C3C CLA WA . -18.53 -28.91 -25.47
C4C CLA WA . -18.05 -27.59 -25.85
CMC CLA WA . -20.71 -29.71 -24.34
CAC CLA WA . -17.95 -30.19 -25.88
CBC CLA WA . -16.93 -30.71 -24.89
ND CLA WA . -17.15 -24.91 -26.71
C1D CLA WA . -16.36 -26.08 -26.83
C2D CLA WA . -15.03 -25.71 -27.36
C3D CLA WA . -15.00 -24.33 -27.38
C4D CLA WA . -16.32 -23.89 -26.89
CMD CLA WA . -13.92 -26.66 -27.43
CAD CLA WA . -14.22 -23.14 -27.65
OBD CLA WA . -13.24 -23.03 -28.38
CBD CLA WA . -15.05 -21.93 -27.15
CGD CLA WA . -14.37 -21.17 -26.06
O1D CLA WA . -14.86 -20.47 -25.17
O2D CLA WA . -13.01 -21.30 -26.07
CED CLA WA . -12.25 -20.15 -26.42
C1 CLA WA . -15.71 -15.64 -26.41
C2 CLA WA . -16.01 -14.18 -26.32
C3 CLA WA . -15.05 -13.25 -26.42
C4 CLA WA . -13.62 -13.58 -26.62
C5 CLA WA . -15.38 -11.81 -26.33
C6 CLA WA . -16.83 -11.46 -26.04
C7 CLA WA . -16.95 -9.97 -25.79
C8 CLA WA . -18.37 -9.43 -25.80
C9 CLA WA . -19.38 -10.34 -25.15
C10 CLA WA . -18.78 -9.17 -27.24
C11 CLA WA . -17.99 -8.03 -27.84
C12 CLA WA . -18.24 -7.91 -29.33
C13 CLA WA . -17.38 -6.84 -30.01
C14 CLA WA . -15.96 -7.32 -30.25
C15 CLA WA . -17.39 -5.52 -29.23
C16 CLA WA . -17.05 -4.36 -30.13
C17 CLA WA . -17.06 -3.05 -29.39
C18 CLA WA . -16.82 -1.86 -30.30
C19 CLA WA . -16.95 -0.56 -29.53
C20 CLA WA . -17.73 -1.84 -31.51
MG CLA XA . -25.78 -20.89 -19.90
CHA CLA XA . -29.03 -22.02 -20.33
CHB CLA XA . -24.67 -24.09 -20.24
CHC CLA XA . -22.62 -19.81 -19.30
CHD CLA XA . -27.09 -17.92 -18.55
NA CLA XA . -26.71 -22.71 -20.29
C1A CLA XA . -28.03 -22.88 -20.70
C2A CLA XA . -28.20 -24.23 -21.39
C3A CLA XA . -26.88 -24.97 -21.08
C4A CLA XA . -26.01 -23.87 -20.46
CMA CLA XA . -27.07 -26.12 -20.13
CAA CLA XA . -28.40 -24.08 -22.88
CBA CLA XA . -27.69 -22.89 -23.48
CGA CLA XA . -27.82 -23.00 -24.95
O1A CLA XA . -28.83 -22.91 -25.64
O2A CLA XA . -26.62 -23.27 -25.51
NB CLA XA . -23.97 -21.75 -19.99
C1B CLA XA . -23.71 -23.07 -20.08
C2B CLA XA . -22.29 -23.22 -20.47
C3B CLA XA . -21.66 -22.05 -20.08
C4B CLA XA . -22.75 -21.12 -19.65
CMB CLA XA . -21.84 -24.48 -21.09
CAB CLA XA . -20.32 -21.52 -20.27
CBB CLA XA . -19.35 -21.96 -21.06
NC CLA XA . -24.99 -19.09 -19.22
C1C CLA XA . -23.68 -18.95 -18.88
C2C CLA XA . -23.48 -17.63 -18.29
C3C CLA XA . -24.76 -17.05 -18.26
C4C CLA XA . -25.69 -18.12 -18.51
CMC CLA XA . -22.19 -16.95 -18.35
CAC CLA XA . -25.11 -15.64 -18.46
CBC CLA XA . -25.08 -14.74 -17.25
ND CLA XA . -27.58 -20.02 -19.67
C1D CLA XA . -27.98 -18.75 -19.20
C2D CLA XA . -29.39 -18.52 -19.61
C3D CLA XA . -29.88 -19.78 -19.93
C4D CLA XA . -28.71 -20.69 -19.91
CMD CLA XA . -30.12 -17.28 -19.43
CAD CLA XA . -31.03 -20.58 -20.32
OBD CLA XA . -32.21 -20.28 -20.28
CBD CLA XA . -30.53 -22.06 -20.49
CGD CLA XA . -31.16 -22.98 -19.49
O1D CLA XA . -31.88 -22.68 -18.54
O2D CLA XA . -30.90 -24.29 -19.71
CED CLA XA . -30.35 -25.04 -18.62
C1 CLA XA . -26.57 -23.65 -26.90
C2 CLA XA . -25.12 -23.77 -27.13
C3 CLA XA . -24.55 -23.91 -28.34
C4 CLA XA . -25.34 -23.96 -29.58
C5 CLA XA . -23.08 -24.01 -28.43
C6 CLA XA . -22.55 -25.41 -28.67
C7 CLA XA . -21.04 -25.33 -28.80
C8 CLA XA . -20.41 -26.61 -29.34
C9 CLA XA . -20.80 -27.80 -28.49
C10 CLA XA . -18.89 -26.44 -29.38
C11 CLA XA . -18.20 -27.67 -29.91
C12 CLA XA . -16.94 -27.34 -30.68
C13 CLA XA . -16.18 -28.60 -31.06
C14 CLA XA . -15.75 -29.36 -29.83
C15 CLA XA . -14.96 -28.27 -31.93
C16 CLA XA . -15.15 -28.72 -33.36
C17 CLA XA . -15.35 -30.22 -33.47
C18 CLA XA . -15.16 -30.73 -34.90
C19 CLA XA . -13.72 -30.58 -35.34
C20 CLA XA . -16.07 -30.03 -35.86
MG CLA YA . -2.47 -45.03 -10.30
CHA CLA YA . -1.85 -47.20 -7.67
CHB CLA YA . -1.82 -42.49 -8.13
CHC CLA YA . -3.89 -42.85 -12.49
CHD CLA YA . -3.81 -47.70 -12.13
NA CLA YA . -1.50 -44.91 -8.43
C1A CLA YA . -1.23 -45.98 -7.56
C2A CLA YA . -0.63 -45.44 -6.27
C3A CLA YA . -1.28 -44.04 -6.20
C4A CLA YA . -1.54 -43.77 -7.69
CMA CLA YA . -2.53 -44.02 -5.37
CAA CLA YA . 0.87 -45.31 -6.33
CBA CLA YA . 1.55 -46.34 -7.21
CGA CLA YA . 2.76 -45.70 -7.84
O1A CLA YA . 2.82 -44.67 -8.51
O2A CLA YA . 3.91 -46.38 -7.60
NB CLA YA . -2.56 -43.01 -10.41
C1B CLA YA . -2.43 -42.19 -9.35
C2B CLA YA . -2.85 -40.80 -9.72
C3B CLA YA . -3.26 -40.84 -11.02
C4B CLA YA . -3.22 -42.28 -11.43
CMB CLA YA . -2.27 -39.66 -9.03
CAB CLA YA . -3.35 -39.67 -11.87
CBB CLA YA . -3.60 -39.54 -13.19
NC CLA YA . -3.71 -45.24 -11.96
C1C CLA YA . -4.23 -44.20 -12.68
C2C CLA YA . -4.74 -44.70 -13.95
C3C CLA YA . -4.55 -46.08 -13.94
C4C CLA YA . -4.11 -46.41 -12.59
CMC CLA YA . -4.95 -43.84 -15.12
CAC CLA YA . -4.94 -47.03 -14.98
CBC CLA YA . -3.74 -47.50 -15.79
ND CLA YA . -2.64 -47.03 -10.09
C1D CLA YA . -3.32 -47.99 -10.87
C2D CLA YA . -3.71 -49.13 -10.01
C3D CLA YA . -3.02 -48.95 -8.83
C4D CLA YA . -2.55 -47.56 -8.86
CMD CLA YA . -4.38 -50.32 -10.51
CAD CLA YA . -2.35 -49.61 -7.73
OBD CLA YA . -2.51 -50.74 -7.30
CBD CLA YA . -1.57 -48.50 -6.96
CGD CLA YA . -1.96 -48.48 -5.51
O1D CLA YA . -2.94 -47.93 -4.99
O2D CLA YA . -1.10 -49.16 -4.71
CED CLA YA . -1.61 -49.75 -3.51
MG CLA ZA . 1.05 -53.87 -9.60
CHA CLA ZA . 2.67 -55.02 -6.76
CHB CLA ZA . 1.43 -50.70 -8.45
CHC CLA ZA . -1.27 -52.69 -11.74
CHD CLA ZA . -0.18 -57.13 -10.13
NA CLA ZA . 2.13 -53.03 -8.02
C1A CLA ZA . 2.90 -53.70 -7.06
C2A CLA ZA . 3.60 -52.68 -6.17
C3A CLA ZA . 2.89 -51.35 -6.49
C4A CLA ZA . 1.99 -51.71 -7.68
CMA CLA ZA . 2.10 -50.81 -5.33
CAA CLA ZA . 5.09 -52.58 -6.42
CBA CLA ZA . 5.52 -52.97 -7.83
CGA CLA ZA . 6.94 -52.58 -8.10
O1A CLA ZA . 7.60 -52.75 -9.12
O2A CLA ZA . 7.56 -51.95 -7.04
NB CLA ZA . 0.63 -52.06 -10.34
C1B CLA ZA . 0.73 -50.90 -9.65
C2B CLA ZA . 0.23 -49.78 -10.51
C3B CLA ZA . -0.21 -50.36 -11.68
C4B CLA ZA . -0.28 -51.82 -11.40
CMB CLA ZA . 0.65 -48.40 -10.27
CAB CLA ZA . -0.93 -49.71 -12.75
CBB CLA ZA . -1.05 -50.13 -14.02
NC CLA ZA . -0.19 -54.80 -11.00
C1C CLA ZA . -1.14 -54.11 -11.70
C2C CLA ZA . -1.92 -55.03 -12.51
C3C CLA ZA . -1.64 -56.30 -12.03
C4C CLA ZA . -0.56 -56.14 -11.05
CMC CLA ZA . -2.64 -54.65 -13.73
CAC CLA ZA . -2.29 -57.56 -12.39
CBC CLA ZA . -3.50 -57.85 -11.53
ND CLA ZA . 1.35 -55.72 -8.83
C1D CLA ZA . 0.76 -56.97 -9.14
C2D CLA ZA . 1.26 -57.98 -8.18
C3D CLA ZA . 2.11 -57.30 -7.33
C4D CLA ZA . 1.92 -55.87 -7.64
CMD CLA ZA . 1.11 -59.42 -8.34
CAD CLA ZA . 3.28 -57.37 -6.47
OBD CLA ZA . 3.79 -58.38 -5.98
CBD CLA ZA . 3.36 -55.98 -5.81
CGD CLA ZA . 2.68 -56.08 -4.48
O1D CLA ZA . 1.57 -56.56 -4.22
O2D CLA ZA . 3.39 -55.56 -3.46
CED CLA ZA . 3.01 -54.25 -3.07
MG CLA AB . -7.55 -33.45 -7.06
CHA CLA AB . -8.61 -36.63 -7.87
CHB CLA AB . -5.64 -33.43 -9.84
CHC CLA AB . -7.17 -30.14 -6.63
CHD CLA AB . -9.38 -33.61 -4.05
NA CLA AB . -7.42 -34.71 -8.73
C1A CLA AB . -8.03 -35.95 -8.91
C2A CLA AB . -7.57 -36.57 -10.23
C3A CLA AB . -6.29 -35.76 -10.55
C4A CLA AB . -6.52 -34.50 -9.73
CMA CLA AB . -5.03 -36.48 -10.14
CAA CLA AB . -8.61 -36.35 -11.31
CBA CLA AB . -8.77 -37.53 -12.27
CGA CLA AB . -7.53 -37.87 -13.02
O1A CLA AB . -6.45 -38.28 -12.59
O2A CLA AB . -7.68 -37.71 -14.37
NB CLA AB . -6.39 -32.07 -7.93
C1B CLA AB . -5.75 -32.23 -9.13
C2B CLA AB . -5.59 -30.90 -9.75
C3B CLA AB . -5.69 -29.99 -8.73
C4B CLA AB . -6.40 -30.70 -7.62
CMB CLA AB . -5.25 -30.69 -11.15
CAB CLA AB . -5.55 -28.57 -8.84
CBB CLA AB . -5.12 -27.73 -7.91
NC CLA AB . -7.87 -32.19 -5.43
C1C CLA AB . -7.75 -30.84 -5.53
C2C CLA AB . -7.95 -30.27 -4.21
C3C CLA AB . -8.64 -31.22 -3.45
C4C CLA AB . -8.63 -32.44 -4.28
CMC CLA AB . -7.34 -29.03 -3.74
CAC CLA AB . -8.70 -31.18 -1.99
CBC CLA AB . -10.11 -31.26 -1.42
ND CLA AB . -8.80 -34.75 -6.15
C1D CLA AB . -9.36 -34.75 -4.84
C2D CLA AB . -9.73 -36.13 -4.49
C3D CLA AB . -9.40 -36.91 -5.60
C4D CLA AB . -8.95 -35.96 -6.64
CMD CLA AB . -10.11 -36.56 -3.15
CAD CLA AB . -9.42 -38.23 -6.19
OBD CLA AB . -10.09 -39.21 -5.88
CBD CLA AB . -8.68 -38.10 -7.56
CGD CLA AB . -7.32 -38.73 -7.51
O1D CLA AB . -7.01 -39.88 -7.78
O2D CLA AB . -6.33 -37.88 -7.10
CED CLA AB . -5.04 -38.44 -6.85
C1 CLA AB . -7.80 -38.91 -15.15
C2 CLA AB . -7.11 -38.73 -16.45
C3 CLA AB . -7.22 -39.58 -17.47
C4 CLA AB . -8.07 -40.79 -17.42
C5 CLA AB . -6.49 -39.35 -18.75
C6 CLA AB . -5.59 -40.51 -19.12
MG CLA BB . -11.28 -32.27 -17.71
CHA CLA BB . -11.41 -33.82 -14.62
CHB CLA BB . -8.69 -30.39 -16.64
CHC CLA BB . -11.61 -30.27 -20.42
CHD CLA BB . -14.24 -33.96 -18.62
NA CLA BB . -10.25 -32.13 -15.90
C1A CLA BB . -10.36 -32.95 -14.78
C2A CLA BB . -8.99 -33.06 -14.09
C3A CLA BB . -8.31 -31.76 -14.54
C4A CLA BB . -9.18 -31.29 -15.71
CMA CLA BB . -8.30 -30.77 -13.41
CAA CLA BB . -8.20 -34.31 -14.45
CBA CLA BB . -7.90 -34.61 -15.90
CGA CLA BB . -9.03 -35.38 -16.54
O1A CLA BB . -9.58 -36.40 -16.17
O2A CLA BB . -9.44 -34.87 -17.73
NB CLA BB . -10.13 -30.87 -18.56
C1B CLA BB . -9.27 -30.08 -17.87
C2B CLA BB . -8.69 -29.08 -18.81
C3B CLA BB . -9.24 -29.32 -20.04
C4B CLA BB . -10.39 -30.24 -19.79
CMB CLA BB . -7.40 -28.48 -18.50
CAB CLA BB . -9.06 -28.52 -21.23
CBB CLA BB . -9.26 -28.88 -22.50
NC CLA BB . -12.50 -32.35 -19.40
C1C CLA BB . -12.53 -31.35 -20.33
C2C CLA BB . -13.50 -31.69 -21.36
C3C CLA BB . -14.24 -32.76 -20.86
C4C CLA BB . -13.68 -33.09 -19.56
CMC CLA BB . -13.56 -31.10 -22.70
CAC CLA BB . -15.39 -33.43 -21.50
CBC CLA BB . -15.01 -34.74 -22.15
ND CLA BB . -12.55 -33.61 -16.89
C1D CLA BB . -13.62 -34.35 -17.44
C2D CLA BB . -14.00 -35.42 -16.50
C3D CLA BB . -13.14 -35.30 -15.42
C4D CLA BB . -12.33 -34.09 -15.67
CMD CLA BB . -15.21 -36.23 -16.62
CAD CLA BB . -12.73 -35.83 -14.12
OBD CLA BB . -12.85 -36.97 -13.69
CBD CLA BB . -11.74 -34.80 -13.51
CGD CLA BB . -12.30 -34.09 -12.30
O1D CLA BB . -13.17 -33.21 -12.28
O2D CLA BB . -11.76 -34.51 -11.12
CED CLA BB . -12.44 -34.16 -9.91
C1 CLA BB . -9.42 -35.89 -18.76
C2 CLA BB . -10.27 -35.39 -19.86
C3 CLA BB . -10.44 -36.08 -21.00
C4 CLA BB . -9.81 -37.40 -21.28
C5 CLA BB . -11.32 -35.50 -22.04
C6 CLA BB . -10.59 -35.37 -23.36
C7 CLA BB . -9.96 -34.00 -23.39
C8 CLA BB . -9.09 -33.79 -24.63
C9 CLA BB . -7.66 -33.54 -24.21
C10 CLA BB . -9.59 -32.67 -25.54
C11 CLA BB . -11.03 -32.23 -25.32
C12 CLA BB . -11.52 -31.28 -26.39
C13 CLA BB . -10.67 -30.02 -26.41
C14 CLA BB . -11.38 -28.88 -25.70
C15 CLA BB . -10.32 -29.67 -27.85
C16 CLA BB . -11.57 -29.35 -28.62
C17 CLA BB . -11.25 -28.46 -29.80
C18 CLA BB . -10.67 -29.30 -30.92
C19 CLA BB . -10.20 -28.43 -32.05
C20 CLA BB . -11.73 -30.26 -31.43
MG CLA CB . -2.53 -28.25 -20.67
CHA CLA CB . -3.16 -29.91 -17.69
CHB CLA CB . 0.08 -26.67 -19.18
CHC CLA CB . -2.01 -26.57 -23.58
CHD CLA CB . -5.50 -29.62 -21.97
NA CLA CB . -1.66 -28.34 -18.78
C1A CLA CB . -1.98 -29.22 -17.73
C2A CLA CB . -0.86 -29.25 -16.69
C3A CLA CB . -0.11 -27.94 -17.03
C4A CLA CB . -0.48 -27.71 -18.49
CMA CLA CB . -0.55 -26.78 -16.18
CAA CLA CB . 0.03 -30.45 -16.91
CBA CLA CB . -0.25 -31.55 -15.90
CGA CLA CB . 0.52 -32.78 -16.27
O1A CLA CB . 1.74 -32.93 -16.41
O2A CLA CB . -0.30 -33.86 -16.47
NB CLA CB . -1.25 -26.80 -21.26
C1B CLA CB . -0.20 -26.35 -20.53
C2B CLA CB . 0.84 -25.88 -21.46
C3B CLA CB . 0.23 -25.65 -22.68
C4B CLA CB . -1.15 -26.25 -22.56
CMB CLA CB . 2.14 -25.39 -21.00
CAB CLA CB . 0.64 -24.61 -23.59
CBB CLA CB . 0.22 -24.33 -24.83
NC CLA CB . -3.57 -28.13 -22.46
C1C CLA CB . -3.26 -27.25 -23.46
C2C CLA CB . -4.21 -27.41 -24.56
C3C CLA CB . -5.08 -28.44 -24.20
C4C CLA CB . -4.75 -28.78 -22.81
CMC CLA CB . -4.15 -26.66 -25.82
CAC CLA CB . -6.35 -28.76 -24.87
CBC CLA CB . -6.37 -30.15 -25.46
ND CLA CB . -3.92 -29.59 -20.10
C1D CLA CB . -5.07 -30.11 -20.75
C2D CLA CB . -5.61 -31.22 -19.94
C3D CLA CB . -4.98 -31.11 -18.71
C4D CLA CB . -3.99 -30.03 -18.85
CMD CLA CB . -6.66 -32.13 -20.35
CAD CLA CB . -4.94 -31.56 -17.32
OBD CLA CB . -5.43 -32.56 -16.83
CBD CLA CB . -3.82 -30.74 -16.62
CGD CLA CB . -4.37 -29.89 -15.49
O1D CLA CB . -5.54 -29.77 -15.15
O2D CLA CB . -3.40 -29.22 -14.79
CED CLA CB . -3.81 -28.36 -13.74
MG CLA DB . 5.69 -1.66 3.77
CHA CLA DB . 7.87 -3.15 1.54
CHB CLA DB . 4.71 -4.77 4.75
CHC CLA DB . 3.16 -0.24 5.60
CHD CLA DB . 5.70 1.19 1.72
NA CLA DB . 6.37 -3.60 3.38
C1A CLA DB . 7.37 -3.98 2.49
C2A CLA DB . 7.74 -5.45 2.70
C3A CLA DB . 6.48 -5.98 3.43
C4A CLA DB . 5.70 -4.72 3.80
CMA CLA DB . 5.69 -6.89 2.53
CAA CLA DB . 9.04 -5.60 3.49
CBA CLA DB . 9.05 -4.99 4.88
CGA CLA DB . 10.00 -3.83 4.98
O1A CLA DB . 10.79 -3.58 5.89
O2A CLA DB . 9.96 -2.99 3.90
NB CLA DB . 4.39 -2.35 5.16
C1B CLA DB . 4.09 -3.66 5.36
C2B CLA DB . 2.94 -3.77 6.29
C3B CLA DB . 2.54 -2.49 6.59
C4B CLA DB . 3.31 -1.59 5.68
CMB CLA DB . 2.66 -5.00 7.04
CAB CLA DB . 1.94 -2.02 7.80
CBB CLA DB . 0.76 -1.39 7.88
NC CLA DB . 4.83 0.23 3.83
C1C CLA DB . 3.89 0.63 4.73
C2C CLA DB . 3.84 2.08 4.72
C3C CLA DB . 4.37 2.46 3.48
C4C CLA DB . 4.93 1.25 2.89
CMC CLA DB . 3.74 2.90 5.93
CAC CLA DB . 4.63 3.83 3.01
CBC CLA DB . 3.68 4.31 1.95
ND CLA DB . 6.76 -0.96 2.22
C1D CLA DB . 6.59 0.17 1.39
C2D CLA DB . 7.77 0.25 0.52
C3D CLA DB . 8.40 -0.97 0.63
C4D CLA DB . 7.52 -1.77 1.50
CMD CLA DB . 8.36 1.53 0.14
CAD CLA DB . 9.41 -1.88 0.11
OBD CLA DB . 10.21 -1.66 -0.79
CBD CLA DB . 8.98 -3.32 0.52
CGD CLA DB . 8.51 -4.14 -0.63
O1D CLA DB . 7.35 -4.46 -0.88
O2D CLA DB . 9.49 -4.58 -1.47
CED CLA DB . 9.17 -5.66 -2.35
C1 CLA DB . 10.03 -1.56 4.11
C2 CLA DB . 8.95 -1.13 5.01
C3 CLA DB . 8.50 0.14 5.09
C4 CLA DB . 9.05 1.22 4.24
C5 CLA DB . 7.40 0.49 6.03
C6 CLA DB . 7.48 1.88 6.63
MG CLA EB . 10.26 -40.18 -30.77
CHA CLA EB . 8.84 -40.66 -33.89
CHB CLA EB . 7.22 -39.24 -29.60
CHC CLA EB . 11.67 -39.55 -27.72
CHD CLA EB . 13.44 -40.74 -32.14
NA CLA EB . 8.34 -40.15 -31.59
C1A CLA EB . 7.95 -40.55 -32.86
C2A CLA EB . 6.43 -40.49 -32.99
C3A CLA EB . 6.02 -39.61 -31.79
C4A CLA EB . 7.29 -39.57 -30.94
CMA CLA EB . 5.58 -38.24 -32.23
CAA CLA EB . 5.83 -41.88 -32.88
CBA CLA EB . 4.34 -41.86 -33.16
CGA CLA EB . 3.75 -43.22 -33.01
O1A CLA EB . 4.01 -44.25 -33.63
O2A CLA EB . 2.78 -43.27 -32.05
NB CLA EB . 9.55 -39.73 -28.95
C1B CLA EB . 8.25 -39.46 -28.67
C2B CLA EB . 8.12 -39.05 -27.24
C3B CLA EB . 9.40 -39.01 -26.73
C4B CLA EB . 10.33 -39.36 -27.84
CMB CLA EB . 6.91 -38.39 -26.79
CAB CLA EB . 9.88 -38.83 -25.37
CBB CLA EB . 9.35 -39.39 -24.29
NC CLA EB . 12.23 -40.11 -30.08
C1C CLA EB . 12.56 -39.94 -28.76
C2C CLA EB . 13.97 -40.26 -28.57
C3C CLA EB . 14.46 -40.67 -29.80
C4C CLA EB . 13.38 -40.47 -30.77
CMC CLA EB . 14.73 -39.85 -27.39
CAC CLA EB . 15.89 -40.80 -30.13
CBC CLA EB . 16.33 -42.20 -30.48
ND CLA EB . 11.05 -40.53 -32.60
C1D CLA EB . 12.35 -40.95 -32.96
C2D CLA EB . 12.30 -41.49 -34.34
C3D CLA EB . 10.98 -41.39 -34.75
C4D CLA EB . 10.25 -40.72 -33.65
CMD CLA EB . 13.42 -42.15 -34.99
CAD CLA EB . 10.00 -41.83 -35.72
OBD CLA EB . 10.05 -42.78 -36.49
CBD CLA EB . 8.64 -41.19 -35.29
CGD CLA EB . 8.18 -40.14 -36.27
O1D CLA EB . 7.02 -39.88 -36.60
O2D CLA EB . 9.19 -39.43 -36.84
CED CLA EB . 9.22 -39.36 -38.26
C1 CLA EB . 1.51 -43.85 -32.45
C2 CLA EB . 0.52 -43.46 -31.42
C3 CLA EB . -0.81 -43.60 -31.57
C4 CLA EB . -1.42 -44.16 -32.80
C5 CLA EB . -1.75 -43.17 -30.50
C1 PQN FB . 2.69 4.84 -4.44
O1 PQN FB . 1.52 4.46 -4.24
C2 PQN FB . 3.41 5.61 -3.39
C2M PQN FB . 2.66 5.90 -2.11
C3 PQN FB . 4.67 6.04 -3.58
C4 PQN FB . 5.36 5.72 -4.86
O4 PQN FB . 6.51 6.11 -5.05
C5 PQN FB . 4.67 4.95 -5.93
C6 PQN FB . 5.33 4.66 -7.12
C7 PQN FB . 4.67 3.93 -8.10
C8 PQN FB . 3.37 3.50 -7.90
C9 PQN FB . 2.71 3.78 -6.71
C10 PQN FB . 3.37 4.51 -5.72
C11 PQN FB . 5.46 6.83 -2.56
C12 PQN FB . 6.15 5.89 -1.58
C13 PQN FB . 7.18 6.25 -0.80
C14 PQN FB . 7.77 7.61 -0.88
C15 PQN FB . 7.76 5.22 0.14
C16 PQN FB . 7.72 5.70 1.58
C17 PQN FB . 8.67 4.87 2.44
C18 PQN FB . 8.83 5.41 3.85
C19 PQN FB . 7.50 5.66 4.55
C20 PQN FB . 9.65 6.70 3.83
C21 PQN FB . 11.07 6.41 4.29
C22 PQN FB . 11.11 6.19 5.80
C23 PQN FB . 12.53 6.43 6.33
C24 PQN FB . 13.19 5.11 6.72
C25 PQN FB . 12.49 7.41 7.50
C26 PQN FB . 11.83 6.81 8.75
C27 PQN FB . 10.63 7.63 9.19
C28 PQN FB . 9.57 6.77 9.87
C29 PQN FB . 9.08 5.65 8.94
C30 PQN FB . 10.08 6.21 11.18
FE1 SF4 GB . 4.18 5.10 -19.43
FE2 SF4 GB . 3.27 2.64 -18.67
FE3 SF4 GB . 4.94 4.03 -17.04
FE4 SF4 GB . 5.90 2.97 -19.36
S1 SF4 GB . 5.09 1.82 -17.56
S2 SF4 GB . 6.28 5.06 -18.55
S3 SF4 GB . 4.09 3.22 -20.72
S4 SF4 GB . 2.83 4.62 -17.66
C1 BCR HB . 21.82 -52.46 8.54
C2 BCR HB . 22.11 -52.49 10.03
C3 BCR HB . 23.43 -51.82 10.29
C4 BCR HB . 23.39 -50.37 9.89
C5 BCR HB . 22.70 -50.17 8.59
C6 BCR HB . 21.99 -51.10 7.94
C7 BCR HB . 21.32 -50.83 6.66
C8 BCR HB . 21.90 -51.04 5.47
C9 BCR HB . 21.44 -50.45 4.24
C10 BCR HB . 22.34 -49.88 3.43
C11 BCR HB . 22.04 -49.31 2.15
C33 BCR HB . 22.90 -48.80 8.06
C31 BCR HB . 20.38 -52.94 8.38
C32 BCR HB . 22.75 -53.47 7.92
C34 BCR HB . 20.09 -50.80 3.77
C12 BCR HB . 22.99 -49.33 1.22
C13 BCR HB . 22.74 -49.34 -0.21
C14 BCR HB . 23.79 -49.32 -1.04
C15 BCR HB . 23.69 -49.57 -2.45
C16 BCR HB . 24.60 -49.08 -3.28
C17 BCR HB . 24.51 -49.44 -4.67
C18 BCR HB . 25.54 -49.52 -5.52
C19 BCR HB . 25.26 -49.63 -6.93
C20 BCR HB . 26.21 -49.48 -7.85
C21 BCR HB . 26.06 -50.14 -9.12
C22 BCR HB . 26.72 -49.80 -10.22
C23 BCR HB . 26.72 -50.72 -11.35
C24 BCR HB . 26.77 -50.28 -12.62
C25 BCR HB . 26.48 -51.00 -13.85
C26 BCR HB . 25.25 -51.07 -14.35
C27 BCR HB . 24.87 -51.75 -15.61
C28 BCR HB . 26.02 -51.71 -16.58
C29 BCR HB . 27.25 -52.28 -15.91
C30 BCR HB . 27.63 -51.62 -14.58
C35 BCR HB . 21.36 -49.43 -0.74
C36 BCR HB . 26.93 -49.56 -5.04
C37 BCR HB . 27.37 -48.48 -10.35
C38 BCR HB . 24.06 -50.47 -13.71
C39 BCR HB . 28.70 -50.56 -14.80
C40 BCR HB . 28.32 -52.74 -13.80
C1 BCR IB . 19.39 -31.41 14.43
C2 BCR IB . 18.70 -30.08 14.60
C3 BCR IB . 17.59 -29.96 13.60
C4 BCR IB . 16.54 -30.99 13.88
C5 BCR IB . 17.12 -32.33 14.16
C6 BCR IB . 18.42 -32.56 14.41
C7 BCR IB . 18.94 -33.90 14.71
C8 BCR IB . 19.39 -34.74 13.77
C9 BCR IB . 20.27 -35.86 14.06
C10 BCR IB . 20.62 -36.68 13.07
C11 BCR IB . 21.50 -37.82 13.22
C33 BCR IB . 16.10 -33.41 14.14
C31 BCR IB . 20.36 -31.53 15.59
C32 BCR IB . 20.20 -31.34 13.16
C34 BCR IB . 20.86 -35.95 15.41
C12 BCR IB . 21.63 -38.65 12.19
C13 BCR IB . 22.58 -39.73 12.09
C14 BCR IB . 22.86 -40.24 10.88
C15 BCR IB . 23.44 -41.53 10.65
C16 BCR IB . 23.74 -41.90 9.41
C17 BCR IB . 24.15 -43.25 9.16
C18 BCR IB . 24.15 -43.86 7.98
C19 BCR IB . 24.92 -45.07 7.81
C20 BCR IB . 24.82 -45.87 6.75
C21 BCR IB . 25.75 -46.96 6.62
C22 BCR IB . 25.80 -47.82 5.61
C23 BCR IB . 26.66 -49.00 5.75
C24 BCR IB . 27.02 -49.76 4.71
C25 BCR IB . 27.58 -51.10 4.78
C26 BCR IB . 28.90 -51.33 4.85
C27 BCR IB . 29.56 -52.65 4.91
C28 BCR IB . 28.59 -53.81 5.04
C29 BCR IB . 27.33 -53.53 4.26
C30 BCR IB . 26.63 -52.27 4.72
C35 BCR IB . 23.22 -40.29 13.29
C36 BCR IB . 23.28 -43.41 6.88
C37 BCR IB . 25.25 -47.49 4.29
C38 BCR IB . 29.90 -50.24 4.89
C39 BCR IB . 25.93 -52.49 6.05
C40 BCR IB . 25.52 -52.03 3.70
C1 BCR JB . 29.47 -44.60 5.56
C2 BCR JB . 30.31 -45.85 5.66
C3 BCR JB . 29.69 -46.86 6.59
C4 BCR JB . 29.46 -46.29 7.97
C5 BCR JB . 29.10 -44.85 7.98
C6 BCR JB . 29.08 -44.06 6.90
C7 BCR JB . 28.73 -42.63 7.00
C8 BCR JB . 27.49 -42.18 6.80
C9 BCR JB . 27.17 -40.77 6.65
C10 BCR JB . 25.92 -40.39 6.88
C11 BCR JB . 25.32 -39.20 6.34
C33 BCR JB . 28.75 -44.37 9.33
C31 BCR JB . 28.28 -44.94 4.69
C32 BCR JB . 30.32 -43.57 4.83
C34 BCR JB . 28.12 -39.92 5.91
C12 BCR JB . 24.01 -39.01 6.51
C13 BCR JB . 23.26 -37.89 5.99
C14 BCR JB . 22.02 -37.68 6.43
C15 BCR JB . 21.21 -36.54 6.08
C16 BCR JB . 20.08 -36.31 6.75
C17 BCR JB . 19.08 -35.46 6.16
C18 BCR JB . 17.83 -35.33 6.58
C19 BCR JB . 17.14 -34.08 6.34
C20 BCR JB . 15.89 -33.86 6.73
C21 BCR JB . 15.14 -32.82 6.09
C22 BCR JB . 14.30 -31.98 6.71
C23 BCR JB . 13.99 -30.74 6.01
C24 BCR JB . 12.79 -30.14 6.00
C25 BCR JB . 12.46 -28.82 5.45
C26 BCR JB . 12.27 -28.62 4.13
C27 BCR JB . 11.94 -27.33 3.47
C28 BCR JB . 11.77 -26.18 4.44
C29 BCR JB . 12.59 -26.36 5.68
C30 BCR JB . 12.31 -27.66 6.39
C35 BCR JB . 23.96 -36.86 5.20
C36 BCR JB . 17.11 -36.41 7.26
C37 BCR JB . 14.13 -32.04 8.18
C38 BCR JB . 12.38 -29.66 3.09
C39 BCR JB . 10.91 -27.65 6.99
C40 BCR JB . 13.25 -27.67 7.59
C1 BCR KB . 15.76 -24.54 -19.31
C2 BCR KB . 16.15 -23.09 -19.35
C3 BCR KB . 15.70 -22.35 -18.12
C4 BCR KB . 14.22 -22.51 -17.99
C5 BCR KB . 13.85 -23.93 -17.91
C6 BCR KB . 14.46 -24.88 -18.67
C7 BCR KB . 14.18 -26.33 -18.69
C8 BCR KB . 13.02 -26.88 -19.04
C9 BCR KB . 12.66 -28.26 -18.83
C10 BCR KB . 11.69 -28.81 -19.55
C11 BCR KB . 11.38 -30.22 -19.54
C33 BCR KB . 12.58 -24.05 -17.17
C31 BCR KB . 16.90 -25.27 -18.63
C32 BCR KB . 15.75 -24.96 -20.76
C34 BCR KB . 13.36 -29.01 -17.78
C12 BCR KB . 10.52 -30.69 -20.44
C13 BCR KB . 10.18 -32.08 -20.57
C14 BCR KB . 9.35 -32.43 -21.55
C15 BCR KB . 8.79 -33.75 -21.68
C16 BCR KB . 7.82 -33.98 -22.58
C17 BCR KB . 7.34 -35.33 -22.70
C18 BCR KB . 6.36 -35.73 -23.53
C19 BCR KB . 5.98 -37.12 -23.54
C20 BCR KB . 4.78 -37.52 -23.96
C21 BCR KB . 4.32 -38.85 -23.63
C22 BCR KB . 3.52 -39.59 -24.41
C23 BCR KB . 3.42 -41.01 -24.13
C24 BCR KB . 2.53 -41.89 -24.64
C25 BCR KB . 1.25 -42.50 -24.18
C26 BCR KB . 0.16 -42.25 -24.92
C27 BCR KB . -1.21 -42.76 -24.70
C28 BCR KB . -1.24 -43.74 -23.55
C29 BCR KB . -0.38 -43.30 -22.42
C30 BCR KB . 1.10 -43.14 -22.79
C35 BCR KB . 10.76 -33.08 -19.65
C36 BCR KB . 5.68 -34.78 -24.44
C37 BCR KB . 2.78 -38.95 -25.51
C38 BCR KB . 0.16 -41.46 -26.16
C39 BCR KB . 1.81 -44.48 -22.79
C40 BCR KB . 1.60 -42.38 -21.56
C1 BCR LB . 6.07 -22.25 -16.21
C2 BCR LB . 6.59 -21.04 -16.94
C3 BCR LB . 7.80 -21.37 -17.76
C4 BCR LB . 8.92 -21.86 -16.88
C5 BCR LB . 8.45 -22.76 -15.81
C6 BCR LB . 7.17 -23.01 -15.52
C7 BCR LB . 6.83 -23.92 -14.42
C8 BCR LB . 6.41 -25.16 -14.65
C9 BCR LB . 6.28 -26.20 -13.66
C10 BCR LB . 6.49 -27.46 -14.05
C11 BCR LB . 6.17 -28.62 -13.25
C33 BCR LB . 9.55 -23.47 -15.11
C31 BCR LB . 5.32 -23.06 -17.27
C32 BCR LB . 5.08 -21.75 -15.19
C34 BCR LB . 5.92 -25.85 -12.29
C12 BCR LB . 6.44 -29.82 -13.78
C13 BCR LB . 5.84 -31.05 -13.34
C14 BCR LB . 5.80 -32.08 -14.18
C15 BCR LB . 5.26 -33.35 -13.81
C16 BCR LB . 5.41 -34.41 -14.61
C17 BCR LB . 4.77 -35.63 -14.16
C18 BCR LB . 5.07 -36.85 -14.60
C19 BCR LB . 4.44 -37.98 -13.96
C20 BCR LB . 4.38 -39.18 -14.52
C21 BCR LB . 3.77 -40.25 -13.77
C22 BCR LB . 3.64 -41.50 -14.22
C23 BCR LB . 3.45 -42.57 -13.25
C24 BCR LB . 3.09 -43.79 -13.62
C25 BCR LB . 1.84 -44.58 -13.66
C26 BCR LB . 1.71 -45.39 -14.72
C27 BCR LB . 0.58 -46.30 -15.02
C28 BCR LB . -0.39 -46.33 -13.87
C29 BCR LB . -0.63 -44.97 -13.33
C30 BCR LB . 0.63 -44.30 -12.75
C35 BCR LB . 5.31 -31.17 -11.98
C36 BCR LB . 6.03 -37.08 -15.69
C37 BCR LB . 3.69 -41.81 -15.66
C38 BCR LB . 2.75 -45.56 -15.76
C39 BCR LB . 0.94 -44.80 -11.35
C40 BCR LB . 0.10 -42.87 -12.63
C1 BCR MB . 1.18 -14.46 8.10
C2 BCR MB . 0.42 -15.20 7.02
C3 BCR MB . 1.35 -16.05 6.20
C4 BCR MB . 2.43 -15.23 5.55
C5 BCR MB . 2.99 -14.17 6.44
C6 BCR MB . 2.43 -13.78 7.60
C7 BCR MB . 3.03 -12.75 8.47
C8 BCR MB . 2.92 -11.42 8.28
C9 BCR MB . 3.69 -10.42 8.98
C10 BCR MB . 3.18 -9.20 9.14
C11 BCR MB . 1.82 -8.85 8.84
C33 BCR MB . 4.22 -13.60 5.87
C31 BCR MB . 1.55 -15.50 9.14
C32 BCR MB . 0.19 -13.55 8.76
C34 BCR MB . 5.10 -10.74 9.30
C12 BCR MB . 1.38 -7.66 9.25
C13 BCR MB . 0.04 -7.14 9.11
C14 BCR MB . -0.24 -5.99 9.74
C15 BCR MB . -1.31 -5.09 9.41
C16 BCR MB . -1.16 -3.77 9.64
C17 BCR MB . -2.33 -2.96 9.87
C18 BCR MB . -2.33 -1.74 10.42
C19 BCR MB . -1.09 -1.24 10.98
C20 BCR MB . -0.91 0.04 11.23
C21 BCR MB . -0.64 0.45 12.59
C22 BCR MB . -0.16 1.63 12.95
C23 BCR MB . 1.18 1.68 13.55
C24 BCR MB . 1.43 2.34 14.69
C25 BCR MB . 2.57 3.21 14.95
C26 BCR MB . 3.73 2.75 15.41
C27 BCR MB . 4.93 3.57 15.73
C28 BCR MB . 4.81 5.00 15.26
C29 BCR MB . 3.40 5.50 15.46
C30 BCR MB . 2.37 4.68 14.70
C35 BCR MB . -0.92 -7.77 8.20
C36 BCR MB . -3.51 -0.85 10.41
C37 BCR MB . -0.85 2.89 12.62
C38 BCR MB . 4.00 1.33 15.69
C39 BCR MB . 2.41 5.01 13.22
C40 BCR MB . 1.01 5.15 15.20
O1 LHG NB . 17.89 -0.76 -12.04
C1 LHG NB . 17.95 -0.46 -10.64
C2 LHG NB . 17.96 -1.75 -9.87
O2 LHG NB . 18.96 -2.62 -10.36
C3 LHG NB . 16.67 -2.53 -9.99
O3 LHG NB . 15.78 -1.56 -9.46
P LHG NB . 14.31 -1.34 -10.11
O4 LHG NB . 13.84 -0.01 -9.65
O5 LHG NB . 14.41 -1.98 -11.45
O6 LHG NB . 13.52 -2.36 -9.08
C4 LHG NB . 13.59 -2.16 -7.70
C5 LHG NB . 12.56 -3.16 -7.10
C6 LHG NB . 12.27 -4.35 -7.99
O7 LHG NB . 13.15 -3.64 -5.91
C7 LHG NB . 12.34 -3.57 -4.83
O9 LHG NB . 11.14 -3.79 -4.87
C8 LHG NB . 13.05 -2.93 -3.71
C9 LHG NB . 12.52 -3.46 -2.42
C10 LHG NB . 13.39 -2.96 -1.30
O8 LHG NB . 13.14 -5.38 -7.53
C23 LHG NB . 12.55 -6.50 -7.03
O10 LHG NB . 11.40 -6.44 -6.66
C24 LHG NB . 13.42 -7.69 -6.63
C11 LHG NB . 12.81 -3.64 -0.08
C12 LHG NB . 13.18 -2.82 1.12
C13 LHG NB . 12.91 -3.64 2.36
C14 LHG NB . 14.03 -4.59 2.63
C15 LHG NB . 13.68 -5.24 3.95
C16 LHG NB . 12.71 -6.36 3.68
C17 LHG NB . 12.54 -7.20 4.93
C18 LHG NB . 12.53 -8.60 4.39
C19 LHG NB . 12.13 -9.64 5.42
C20 LHG NB . 12.72 -10.90 4.82
C21 LHG NB . 11.89 -12.08 5.21
C22 LHG NB . 12.11 -12.37 6.67
C25 LHG NB . 12.80 -8.66 -5.66
C26 LHG NB . 11.85 -9.69 -6.26
C27 LHG NB . 10.59 -9.49 -5.47
C28 LHG NB . 9.31 -9.48 -6.25
C29 LHG NB . 8.32 -10.20 -5.37
C30 LHG NB . 7.36 -9.34 -4.60
C31 LHG NB . 6.22 -10.06 -3.93
C32 LHG NB . 6.60 -11.29 -3.12
C33 LHG NB . 5.53 -11.46 -2.06
C34 LHG NB . 5.82 -10.83 -0.71
C35 LHG NB . 4.78 -11.21 0.32
C36 LHG NB . 4.78 -12.73 0.48
C37 LHG NB . 3.39 -13.12 0.84
C38 LHG NB . 3.16 -13.37 2.31
C1 LMG OB . 40.12 -5.12 8.58
O1 LMG OB . 40.67 -5.92 9.58
C2 LMG OB . 39.17 -4.12 9.31
O2 LMG OB . 38.03 -4.85 9.64
C3 LMG OB . 38.75 -3.04 8.26
O3 LMG OB . 38.00 -2.10 8.98
C4 LMG OB . 40.00 -2.35 7.63
O4 LMG OB . 40.71 -1.69 8.62
C5 LMG OB . 40.91 -3.48 7.05
O5 LMG OB . 42.84 -3.86 5.77
C6 LMG OB . 42.20 -2.85 6.51
O6 LMG OB . 41.26 -4.42 8.06
C7 LMG OB . 40.30 -7.28 9.52
C8 LMG OB . 39.69 -7.57 10.91
C9 LMG OB . 39.30 -9.04 11.01
O7 LMG OB . 40.69 -7.35 11.88
C10 LMG OB . 40.55 -6.30 12.74
O9 LMG OB . 41.35 -5.38 12.71
C11 LMG OB . 39.54 -6.58 13.81
C12 LMG OB . 38.56 -5.43 13.91
C13 LMG OB . 37.29 -5.66 13.11
C14 LMG OB . 36.52 -6.78 13.79
C15 LMG OB . 35.57 -6.20 14.81
C16 LMG OB . 34.69 -7.32 15.35
C17 LMG OB . 33.43 -6.67 15.90
O8 LMG OB . 38.07 -9.08 11.71
C28 LMG OB . 37.02 -9.58 11.03
O10 LMG OB . 36.40 -8.86 10.26
C29 LMG OB . 36.49 -10.85 11.63
C30 LMG OB . 35.67 -10.57 12.87
C31 LMG OB . 34.93 -11.83 13.22
C32 LMG OB . 34.23 -11.60 14.55
C33 LMG OB . 33.26 -12.74 14.73
C34 LMG OB . 34.02 -13.93 15.28
O1 LHG PB . 14.09 -34.13 -28.04
C1 LHG PB . 12.72 -34.48 -27.87
C2 LHG PB . 12.59 -35.96 -27.99
O2 LHG PB . 13.74 -36.61 -27.50
C3 LHG PB . 12.43 -36.42 -29.42
O3 LHG PB . 11.16 -35.87 -29.69
P LHG PB . 10.60 -35.76 -31.19
O4 LHG PB . 11.36 -34.66 -31.86
O5 LHG PB . 10.30 -37.16 -31.58
O6 LHG PB . 9.18 -35.02 -30.76
C4 LHG PB . 8.36 -35.59 -29.79
C5 LHG PB . 7.01 -34.89 -29.98
C6 LHG PB . 5.87 -35.73 -29.42
O7 LHG PB . 7.08 -33.69 -29.26
C7 LHG PB . 6.74 -32.59 -29.99
O9 LHG PB . 6.95 -32.50 -31.18
C8 LHG PB . 5.97 -31.62 -29.16
C9 LHG PB . 4.57 -31.52 -29.69
C10 LHG PB . 3.68 -30.88 -28.65
O8 LHG PB . 5.40 -34.99 -28.28
C23 LHG PB . 4.21 -35.37 -27.74
O10 LHG PB . 3.83 -36.52 -27.87
C24 LHG PB . 3.22 -34.32 -27.27
C11 LHG PB . 2.37 -30.76 -29.39
C12 LHG PB . 1.42 -29.92 -28.59
C13 LHG PB . 1.00 -30.71 -27.37
C14 LHG PB . 0.56 -29.80 -26.25
C25 LHG PB . 1.96 -34.85 -26.60
C26 LHG PB . 1.44 -34.04 -25.40
C27 LHG PB . 1.81 -34.89 -24.22
C28 LHG PB . 1.84 -34.19 -22.89
C1B LMT QB . 9.95 -13.83 33.96
C2B LMT QB . 8.94 -14.91 34.43
C3B LMT QB . 7.56 -14.27 34.66
C4B LMT QB . 7.63 -13.00 35.56
C5B LMT QB . 8.74 -12.08 35.00
C6B LMT QB . 8.89 -10.85 35.89
O1B LMT QB . 9.58 -13.37 32.69
O2B LMT QB . 8.89 -15.88 33.47
O3B LMT QB . 6.64 -15.19 35.13
O4' LMT QB . 6.43 -12.33 35.55
O5B LMT QB . 9.97 -12.77 34.88
O6B LMT QB . 9.59 -9.88 35.23
C1' LMT QB . 13.07 -13.79 30.35
C2' LMT QB . 13.04 -12.46 31.15
C3' LMT QB . 11.89 -12.50 32.20
C4' LMT QB . 10.54 -13.09 31.66
C5' LMT QB . 10.89 -14.39 30.89
C6' LMT QB . 9.70 -15.14 30.35
O1' LMT QB . 13.93 -13.68 29.28
O2' LMT QB . 14.22 -12.34 31.81
O3' LMT QB . 11.67 -11.26 32.72
O5' LMT QB . 11.77 -14.08 29.84
O6' LMT QB . 10.03 -16.46 30.45
C1 LMT QB . 13.47 -12.93 28.18
C2 LMT QB . 14.48 -13.20 27.12
C3 LMT QB . 14.05 -13.01 25.70
C4 LMT QB . 15.10 -13.66 24.84
C5 LMT QB . 14.69 -13.63 23.41
C6 LMT QB . 15.55 -14.51 22.57
C7 LMT QB . 15.14 -14.41 21.12
C8 LMT QB . 16.12 -15.17 20.30
C9 LMT QB . 15.95 -14.98 18.83
C10 LMT QB . 17.08 -15.71 18.16
MG CLA RB . 5.05 -27.74 -29.46
CHA CLA RB . 7.29 -28.27 -32.04
CHB CLA RB . 2.89 -26.69 -31.84
CHC CLA RB . 3.09 -26.23 -27.11
CHD CLA RB . 7.67 -27.98 -27.15
NA CLA RB . 4.97 -27.93 -31.54
C1A CLA RB . 5.98 -28.37 -32.40
C2A CLA RB . 5.44 -28.35 -33.82
C3A CLA RB . 4.50 -27.13 -33.74
C4A CLA RB . 4.11 -27.15 -32.26
CMA CLA RB . 5.18 -25.84 -34.13
CAA CLA RB . 4.64 -29.60 -34.14
CBA CLA RB . 5.08 -30.83 -33.39
CGA CLA RB . 4.20 -31.99 -33.77
O1A CLA RB . 4.00 -32.48 -34.87
O2A CLA RB . 3.55 -32.55 -32.70
NB CLA RB . 3.16 -27.07 -29.42
C1B CLA RB . 2.40 -26.83 -30.52
C2B CLA RB . 1.07 -26.33 -30.10
C3B CLA RB . 1.13 -26.17 -28.73
C4B CLA RB . 2.57 -26.36 -28.36
CMB CLA RB . 0.17 -25.72 -31.06
CAB CLA RB . 0.10 -26.27 -27.74
CBB CLA RB . -1.06 -26.92 -27.87
NC CLA RB . 5.27 -27.38 -27.42
C1C CLA RB . 4.36 -26.69 -26.66
C2C CLA RB . 4.92 -26.41 -25.36
C3C CLA RB . 6.26 -26.80 -25.40
C4C CLA RB . 6.45 -27.47 -26.67
CMC CLA RB . 4.13 -26.03 -24.18
CAC CLA RB . 7.26 -26.68 -24.32
CBC CLA RB . 7.32 -27.94 -23.47
ND CLA RB . 7.01 -28.22 -29.49
C1D CLA RB . 8.00 -28.08 -28.49
C2D CLA RB . 9.34 -28.31 -29.10
C3D CLA RB . 9.12 -28.41 -30.46
C4D CLA RB . 7.66 -28.29 -30.65
CMD CLA RB . 10.48 -28.79 -28.35
CAD CLA RB . 9.66 -28.85 -31.73
OBD CLA RB . 10.80 -29.21 -32.00
CBD CLA RB . 8.55 -28.59 -32.80
CGD CLA RB . 8.98 -27.51 -33.76
O1D CLA RB . 9.54 -27.65 -34.85
O2D CLA RB . 8.72 -26.23 -33.35
CED CLA RB . 9.42 -25.17 -34.01
C1 CLA RB . 3.25 -33.96 -32.80
C2 CLA RB . 2.36 -34.30 -31.67
C3 CLA RB . 1.03 -34.09 -31.70
C4 CLA RB . 0.32 -33.51 -32.86
C5 CLA RB . 0.18 -34.44 -30.52
MG CLA SB . 18.23 -31.09 -12.02
CHA CLA SB . 18.80 -31.24 -8.61
CHB CLA SB . 15.03 -31.96 -11.45
CHC CLA SB . 17.83 -31.58 -15.39
CHD CLA SB . 21.70 -30.82 -12.53
NA CLA SB . 17.05 -31.12 -10.30
C1A CLA SB . 17.46 -31.11 -8.96
C2A CLA SB . 16.24 -31.21 -8.03
C3A CLA SB . 15.05 -31.39 -8.99
C4A CLA SB . 15.71 -31.43 -10.37
CMA CLA SB . 14.27 -32.64 -8.70
CAA CLA SB . 16.08 -29.94 -7.20
CBA CLA SB . 15.04 -30.06 -6.11
CGA CLA SB . 15.27 -28.94 -5.15
O1A CLA SB . 14.66 -27.88 -5.03
O2A CLA SB . 16.32 -29.22 -4.32
NB CLA SB . 16.67 -31.49 -13.20
C1B CLA SB . 15.49 -32.01 -12.78
C2B CLA SB . 14.56 -32.09 -13.93
C3B CLA SB . 15.33 -31.95 -15.07
C4B CLA SB . 16.71 -31.61 -14.61
CMB CLA SB . 13.12 -31.91 -13.76
CAB CLA SB . 14.98 -31.95 -16.46
CBB CLA SB . 14.12 -32.76 -17.07
NC CLA SB . 19.51 -30.95 -13.67
C1C CLA SB . 19.15 -31.24 -14.96
C2C CLA SB . 20.35 -31.54 -15.71
C3C CLA SB . 21.40 -30.92 -15.01
C4C CLA SB . 20.88 -30.76 -13.67
CMC CLA SB . 20.36 -32.07 -17.07
CAC CLA SB . 22.84 -31.19 -15.20
CBC CLA SB . 23.56 -30.25 -16.13
ND CLA SB . 19.88 -30.83 -10.88
C1D CLA SB . 21.25 -30.81 -11.24
C2D CLA SB . 22.06 -30.87 -10.01
C3D CLA SB . 21.19 -31.29 -9.03
C4D CLA SB . 19.83 -31.14 -9.60
CMD CLA SB . 23.51 -30.97 -10.04
CAD CLA SB . 21.02 -31.55 -7.61
OBD CLA SB . 21.86 -31.75 -6.75
CBD CLA SB . 19.56 -31.09 -7.30
CGD CLA SB . 18.97 -31.89 -6.17
O1D CLA SB . 18.33 -31.45 -5.21
O2D CLA SB . 19.20 -33.23 -6.27
CED CLA SB . 18.63 -34.07 -5.25
C1 CLA SB . 16.72 -28.19 -3.39
C2 CLA SB . 18.19 -28.02 -3.56
C3 CLA SB . 19.11 -28.84 -3.02
C4 CLA SB . 18.76 -30.01 -2.19
C5 CLA SB . 20.57 -28.61 -3.23
C6 CLA SB . 20.93 -27.46 -4.15
C7 CLA SB . 21.31 -27.95 -5.53
C8 CLA SB . 22.25 -27.03 -6.31
C9 CLA SB . 21.91 -25.56 -6.11
C10 CLA SB . 22.26 -27.39 -7.79
C11 CLA SB . 23.06 -26.43 -8.63
C12 CLA SB . 23.78 -27.10 -9.80
C13 CLA SB . 24.94 -26.26 -10.29
C14 CLA SB . 25.94 -26.05 -9.17
C15 CLA SB . 24.48 -24.91 -10.82
C16 CLA SB . 24.83 -24.73 -12.28
C17 CLA SB . 26.31 -24.53 -12.51
C18 CLA SB . 26.75 -23.12 -12.16
C19 CLA SB . 28.25 -23.04 -12.03
C20 CLA SB . 26.28 -22.17 -13.23
MG CLA TB . 8.28 15.47 7.30
CHA CLA TB . 5.50 17.05 5.99
CHB CLA TB . 8.79 18.17 9.28
CHC CLA TB . 11.07 13.95 8.52
CHD CLA TB . 7.78 12.80 5.06
NA CLA TB . 7.39 17.35 7.45
C1A CLA TB . 6.12 17.70 7.02
C2A CLA TB . 5.64 18.95 7.77
C3A CLA TB . 6.98 19.55 8.25
C4A CLA TB . 7.92 18.35 8.23
CMA CLA TB . 7.46 20.64 7.32
CAA CLA TB . 4.64 18.66 8.89
CBA CLA TB . 4.91 17.48 9.79
CGA CLA TB . 4.17 16.29 9.29
O1A CLA TB . 3.49 16.22 8.26
O2A CLA TB . 4.31 15.18 10.06
NB CLA TB . 9.65 15.95 8.68
C1B CLA TB . 9.70 17.11 9.38
C2B CLA TB . 11.03 17.26 9.99
C3B CLA TB . 11.70 16.07 9.80
C4B CLA TB . 10.84 15.24 8.91
CMB CLA TB . 11.29 18.34 10.93
CAB CLA TB . 12.77 15.51 10.59
CBB CLA TB . 13.96 15.18 10.10
NC CLA TB . 9.23 13.65 6.89
C1C CLA TB . 10.44 13.31 7.42
C2C CLA TB . 10.83 11.99 6.90
C3C CLA TB . 9.81 11.61 6.02
C4C CLA TB . 8.94 12.76 5.87
CMC CLA TB . 11.85 11.14 7.51
CAC CLA TB . 9.60 10.28 5.44
CBC CLA TB . 8.64 9.43 6.23
ND CLA TB . 6.99 14.99 5.81
C1D CLA TB . 6.88 13.85 4.99
C2D CLA TB . 5.54 13.86 4.38
C3D CLA TB . 4.94 15.05 4.75
C4D CLA TB . 5.92 15.74 5.59
CMD CLA TB . 4.99 12.72 3.64
CAD CLA TB . 3.94 16.05 4.39
OBD CLA TB . 3.07 16.00 3.54
CBD CLA TB . 4.25 17.36 5.20
CGD CLA TB . 4.42 18.55 4.30
O1D CLA TB . 4.42 18.55 3.06
O2D CLA TB . 4.59 19.73 4.94
CED CLA TB . 3.44 20.47 5.36
C1 CLA TB . 5.47 14.36 9.82
C2 CLA TB . 5.17 13.49 8.66
C3 CLA TB . 5.60 12.22 8.56
C4 CLA TB . 5.28 11.38 7.38
C5 CLA TB . 6.40 11.58 9.64
C6 CLA TB . 7.88 11.53 9.33
C7 CLA TB . 8.67 12.05 10.50
C8 CLA TB . 9.82 11.13 10.87
C9 CLA TB . 9.31 10.03 11.79
C10 CLA TB . 10.94 11.89 11.56
C11 CLA TB . 12.28 11.23 11.32
C12 CLA TB . 13.44 12.07 11.83
C13 CLA TB . 14.65 11.22 12.18
C14 CLA TB . 15.83 12.09 12.57
C15 CLA TB . 15.05 10.27 11.05
MG CLA UB . 13.99 10.52 3.97
CHA CLA UB . 16.06 11.20 6.68
CHB CLA UB . 15.46 7.50 3.61
CHC CLA UB . 11.57 9.71 1.69
CHD CLA UB . 12.69 13.77 4.21
NA CLA UB . 15.41 9.48 5.08
C1A CLA UB . 16.08 9.90 6.24
C2A CLA UB . 17.03 8.81 6.71
C3A CLA UB . 17.10 7.84 5.50
C4A CLA UB . 15.85 8.23 4.71
CMA CLA UB . 18.36 8.03 4.68
CAA CLA UB . 16.48 8.08 7.94
CBA CLA UB . 17.57 7.28 8.62
CGA CLA UB . 17.09 6.84 9.97
O1A CLA UB . 16.13 6.12 10.24
O2A CLA UB . 17.88 7.32 10.98
NB CLA UB . 13.67 8.95 2.75
C1B CLA UB . 14.37 7.80 2.77
C2B CLA UB . 13.69 6.78 1.93
C3B CLA UB . 12.65 7.43 1.30
C4B CLA UB . 12.52 8.76 1.94
CMB CLA UB . 13.96 5.36 2.07
CAB CLA UB . 11.62 6.87 0.47
CBB CLA UB . 11.37 7.22 -0.78
NC CLA UB . 12.48 11.61 3.01
C1C CLA UB . 11.58 11.06 2.14
C2C CLA UB . 10.48 12.01 1.93
C3C CLA UB . 10.86 13.19 2.56
C4C CLA UB . 12.01 12.87 3.38
CMC CLA UB . 9.41 11.87 0.95
CAC CLA UB . 10.04 14.40 2.71
CBC CLA UB . 10.54 15.56 1.88
ND CLA UB . 14.20 12.12 5.17
C1D CLA UB . 13.74 13.45 5.05
C2D CLA UB . 14.25 14.25 6.17
C3D CLA UB . 15.04 13.40 6.91
C4D CLA UB . 15.09 12.12 6.17
CMD CLA UB . 13.64 15.53 6.53
CAD CLA UB . 16.04 13.30 7.97
OBD CLA UB . 16.61 14.18 8.59
CBD CLA UB . 16.55 11.82 7.96
CGD CLA UB . 18.03 11.74 8.15
O1D CLA UB . 18.89 12.50 7.70
O2D CLA UB . 18.44 10.72 8.93
CED CLA UB . 18.71 11.02 10.30
C1 CLA UB . 18.06 6.45 12.12
C2 CLA UB . 17.17 6.95 13.20
C3 CLA UB . 17.59 7.67 14.25
C4 CLA UB . 19.01 8.06 14.44
C5 CLA UB . 16.63 8.13 15.28
MG CLA VB . -8.30 -11.62 -15.34
CHA CLA VB . -6.98 -13.12 -18.15
CHB CLA VB . -11.42 -11.80 -16.69
CHC CLA VB . -9.49 -9.92 -12.63
CHD CLA VB . -5.36 -9.94 -15.04
NA CLA VB . -9.07 -12.48 -17.05
C1A CLA VB . -8.35 -13.08 -18.10
C2A CLA VB . -9.33 -13.87 -18.96
C3A CLA VB . -10.66 -13.11 -18.71
C4A CLA VB . -10.37 -12.30 -17.45
CMA CLA VB . -11.05 -12.23 -19.86
CAA CLA VB . -9.40 -15.31 -18.47
CBA CLA VB . -10.09 -16.21 -19.46
CGA CLA VB . -11.52 -16.33 -19.07
O1A CLA VB . -11.97 -16.62 -17.96
O2A CLA VB . -12.37 -16.10 -20.11
NB CLA VB . -10.14 -11.09 -14.71
C1B CLA VB . -11.28 -11.28 -15.38
C2B CLA VB . -12.42 -11.12 -14.44
C3B CLA VB . -11.88 -10.61 -13.27
C4B CLA VB . -10.42 -10.42 -13.51
CMB CLA VB . -13.81 -11.16 -14.89
CAB CLA VB . -12.47 -10.28 -11.99
CBB CLA VB . -13.41 -10.97 -11.35
NC CLA VB . -7.38 -10.58 -13.78
C1C CLA VB . -8.08 -9.90 -12.84
C2C CLA VB . -7.14 -9.07 -12.08
C3C CLA VB . -5.94 -9.08 -12.77
C4C CLA VB . -6.11 -10.00 -13.87
CMC CLA VB . -7.23 -8.91 -10.66
CAC CLA VB . -4.80 -8.18 -12.55
CBC CLA VB . -3.60 -8.91 -12.01
ND CLA VB . -6.43 -11.86 -16.01
C1D CLA VB . -5.37 -10.93 -15.98
C2D CLA VB . -4.21 -11.56 -16.60
C3D CLA VB . -4.74 -12.55 -17.42
C4D CLA VB . -6.18 -12.60 -17.08
CMD CLA VB . -2.89 -10.92 -16.53
CAD CLA VB . -4.60 -13.34 -18.63
OBD CLA VB . -3.60 -13.78 -19.16
CBD CLA VB . -6.00 -13.89 -18.99
CGD CLA VB . -6.27 -13.75 -20.46
O1D CLA VB . -6.77 -12.79 -21.04
O2D CLA VB . -5.93 -14.83 -21.19
CED CLA VB . -6.77 -15.96 -21.03
C1 CLA VB . -13.77 -16.18 -19.84
C2 CLA VB . -14.23 -14.82 -19.42
C3 CLA VB . -14.83 -14.60 -18.24
C4 CLA VB . -15.07 -15.68 -17.25
C5 CLA VB . -15.30 -13.25 -17.84
C6 CLA VB . -16.80 -13.23 -17.58
C7 CLA VB . -17.56 -13.36 -18.88
C8 CLA VB . -18.91 -14.07 -18.76
C9 CLA VB . -18.73 -15.44 -18.15
C10 CLA VB . -19.57 -14.18 -20.12
C11 CLA VB . -21.04 -13.83 -20.12
C12 CLA VB . -21.30 -12.34 -20.23
C13 CLA VB . -22.22 -12.02 -21.40
C14 CLA VB . -21.55 -12.32 -22.72
C15 CLA VB . -22.67 -10.56 -21.38
C16 CLA VB . -23.62 -10.22 -22.51
MG CLA WB . -9.76 1.78 2.68
CHA CLA WB . -10.49 -1.39 3.78
CHB CLA WB . -9.03 2.58 5.90
CHC CLA WB . -8.40 4.71 1.59
CHD CLA WB . -10.00 0.62 -0.61
NA CLA WB . -10.16 0.89 4.53
C1A CLA WB . -10.21 -0.48 4.77
C2A CLA WB . -10.04 -0.74 6.26
C3A CLA WB . -10.23 0.64 6.89
C4A CLA WB . -9.91 1.54 5.70
CMA CLA WB . -11.63 0.85 7.34
CAA CLA WB . -8.64 -1.17 6.58
CBA CLA WB . -8.69 -2.37 7.48
CGA CLA WB . -9.06 -2.06 8.90
O1A CLA WB . -10.09 -2.40 9.47
O2A CLA WB . -8.13 -1.32 9.57
NB CLA WB . -8.88 3.34 3.59
C1B CLA WB . -8.47 3.34 4.88
C2B CLA WB . -7.66 4.54 5.17
C3B CLA WB . -7.50 5.19 3.96
C4B CLA WB . -8.35 4.49 2.95
CMB CLA WB . -6.95 4.64 6.44
CAB CLA WB . -6.42 6.04 3.53
CBB CLA WB . -5.94 7.11 4.15
NC CLA WB . -9.25 2.52 0.81
C1C CLA WB . -8.86 3.80 0.59
C2C CLA WB . -9.15 4.12 -0.81
C3C CLA WB . -9.88 3.05 -1.34
C4C CLA WB . -9.61 1.96 -0.42
CMC CLA WB . -8.74 5.33 -1.52
CAC CLA WB . -10.40 2.92 -2.71
CBC CLA WB . -11.91 2.82 -2.80
ND CLA WB . -10.50 0.15 1.74
C1D CLA WB . -10.53 -0.19 0.36
C2D CLA WB . -10.82 -1.62 0.23
C3D CLA WB . -10.80 -2.15 1.51
C4D CLA WB . -10.65 -1.00 2.42
CMD CLA WB . -10.67 -2.31 -1.05
CAD CLA WB . -10.63 -3.35 2.30
OBD CLA WB . -10.27 -4.47 1.92
CBD CLA WB . -10.42 -2.89 3.78
CGD CLA WB . -11.42 -3.50 4.72
O1D CLA WB . -11.33 -3.62 5.95
O2D CLA WB . -12.55 -3.98 4.14
CED CLA WB . -13.29 -4.94 4.87
C1 CLA WB . -7.03 -2.01 10.22
C2 CLA WB . -7.56 -2.65 11.45
C3 CLA WB . -6.83 -3.30 12.37
C4 CLA WB . -7.49 -3.91 13.54
C5 CLA WB . -5.35 -3.44 12.28
C6 CLA WB . -4.61 -3.86 13.53
C7 CLA WB . -3.23 -4.38 13.18
C8 CLA WB . -2.27 -4.32 14.36
C9 CLA WB . -1.25 -3.22 14.15
C10 CLA WB . -1.56 -5.64 14.53
MG CLA XB . -17.37 -7.33 0.01
CHA CLA XB . -18.48 -4.10 -0.45
CHB CLA XB . -15.03 -6.88 -2.42
CHC CLA XB . -16.25 -10.50 0.58
CHD CLA XB . -19.98 -7.86 2.27
NA CLA XB . -16.74 -5.69 -1.11
C1A CLA XB . -17.39 -4.45 -1.20
C2A CLA XB . -16.69 -3.61 -2.24
C3A CLA XB . -16.06 -4.68 -3.16
C4A CLA XB . -15.92 -5.84 -2.18
CMA CLA XB . -16.95 -5.02 -4.33
CAA CLA XB . -15.62 -2.79 -1.56
CBA CLA XB . -15.09 -1.77 -2.52
CGA CLA XB . -13.96 -1.00 -1.92
O1A CLA XB . -13.08 -0.37 -2.51
O2A CLA XB . -13.95 -1.00 -0.57
NB CLA XB . -15.88 -8.46 -0.74
C1B CLA XB . -14.95 -8.05 -1.64
C2B CLA XB . -13.85 -9.04 -1.71
C3B CLA XB . -14.23 -10.10 -0.90
C4B CLA XB . -15.56 -9.77 -0.34
CMB CLA XB . -12.54 -8.69 -2.24
CAB CLA XB . -13.56 -11.32 -0.54
CBB CLA XB . -12.96 -12.16 -1.37
NC CLA XB . -18.16 -8.98 1.00
C1C CLA XB . -17.53 -10.18 1.13
C2C CLA XB . -18.26 -11.02 2.06
C3C CLA XB . -19.36 -10.29 2.48
C4C CLA XB . -19.30 -9.00 1.82
CMC CLA XB . -17.73 -12.23 2.66
CAC CLA XB . -20.41 -10.72 3.42
CBC CLA XB . -21.67 -11.10 2.69
ND CLA XB . -18.95 -6.32 0.70
C1D CLA XB . -19.84 -6.59 1.76
C2D CLA XB . -20.81 -5.50 1.86
C3D CLA XB . -20.38 -4.51 0.99
C4D CLA XB . -19.23 -5.09 0.27
CMD CLA XB . -21.68 -5.38 3.02
CAD CLA XB . -20.38 -3.10 0.71
OBD CLA XB . -21.08 -2.23 1.23
CBD CLA XB . -18.99 -2.78 0.10
CGD CLA XB . -19.07 -1.68 -0.92
O1D CLA XB . -19.62 -1.69 -2.02
O2D CLA XB . -18.44 -0.53 -0.56
CED CLA XB . -19.21 0.66 -0.59
C1 CLA XB . -14.18 0.26 0.08
C2 CLA XB . -13.84 0.03 1.51
C3 CLA XB . -14.41 0.70 2.52
C4 CLA XB . -15.47 1.73 2.31
C5 CLA XB . -14.01 0.41 3.92
C6 CLA XB . -14.78 -0.77 4.48
C7 CLA XB . -14.13 -1.37 5.70
C8 CLA XB . -14.78 -1.09 7.06
C9 CLA XB . -15.28 -2.39 7.67
C10 CLA XB . -15.89 -0.04 7.06
C11 CLA XB . -15.63 1.09 8.03
C12 CLA XB . -15.07 2.35 7.42
C13 CLA XB . -15.45 3.55 8.28
C14 CLA XB . -16.72 4.18 7.76
C15 CLA XB . -14.35 4.61 8.38
C16 CLA XB . -12.99 4.00 8.64
C17 CLA XB . -11.95 5.01 9.10
C18 CLA XB . -10.57 4.74 8.52
C19 CLA XB . -9.82 6.05 8.41
C20 CLA XB . -9.80 3.80 9.42
MG CLA YB . -23.30 11.71 -28.58
CHA CLA YB . -21.82 12.57 -31.58
CHB CLA YB . -24.57 14.88 -28.35
CHC CLA YB . -24.69 10.89 -25.58
CHD CLA YB . -21.23 8.88 -28.40
NA CLA YB . -23.18 13.41 -29.78
C1A CLA YB . -22.75 13.45 -31.11
C2A CLA YB . -23.66 14.39 -31.88
C3A CLA YB . -23.94 15.42 -30.76
C4A CLA YB . -23.88 14.54 -29.51
CMA CLA YB . -22.90 16.51 -30.70
CAA CLA YB . -24.94 13.68 -32.25
CBA CLA YB . -24.81 12.83 -33.50
CGA CLA YB . -25.31 11.45 -33.21
O1A CLA YB . -24.89 10.65 -32.36
O2A CLA YB . -26.37 11.08 -33.99
NB CLA YB . -24.55 12.65 -27.30
C1B CLA YB . -24.86 13.97 -27.33
C2B CLA YB . -25.76 14.29 -26.18
C3B CLA YB . -25.79 13.16 -25.39
C4B CLA YB . -24.91 12.15 -26.02
CMB CLA YB . -26.54 15.53 -26.12
CAB CLA YB . -26.56 12.80 -24.22
CBB CLA YB . -26.77 13.56 -23.14
NC CLA YB . -23.17 10.05 -27.34
C1C CLA YB . -23.77 9.95 -26.12
C2C CLA YB . -23.59 8.60 -25.62
C3C CLA YB . -22.42 8.15 -26.25
C4C CLA YB . -22.19 9.05 -27.37
CMC CLA YB . -24.66 7.80 -25.05
CAC CLA YB . -21.77 6.85 -26.05
CBC CLA YB . -21.07 6.78 -24.71
ND CLA YB . -21.93 10.80 -29.75
C1D CLA YB . -21.18 9.61 -29.57
C2D CLA YB . -20.34 9.42 -30.77
C3D CLA YB . -20.49 10.55 -31.55
C4D CLA YB . -21.46 11.42 -30.83
CMD CLA YB . -19.38 8.34 -30.93
CAD CLA YB . -20.23 11.18 -32.83
OBD CLA YB . -19.57 10.75 -33.77
CBD CLA YB . -21.09 12.48 -32.90
CGD CLA YB . -20.25 13.69 -33.18
O1D CLA YB . -19.93 14.15 -34.28
O2D CLA YB . -19.83 14.33 -32.06
CED CLA YB . -19.47 15.71 -32.18
C1 CLA YB . -27.60 10.83 -33.28
C2 CLA YB . -28.15 9.55 -33.78
C3 CLA YB . -29.05 8.81 -33.10
C4 CLA YB . -29.57 9.21 -31.77
C5 CLA YB . -29.55 7.53 -33.66
MG CLA ZB . -22.43 21.13 -20.72
CHA CLA ZB . -23.94 22.76 -18.09
CHB CLA ZB . -24.93 18.83 -20.67
CHC CLA ZB . -21.11 19.68 -23.53
CHD CLA ZB . -19.99 23.65 -20.87
NA CLA ZB . -24.07 20.79 -19.47
C1A CLA ZB . -24.65 21.71 -18.61
C2A CLA ZB . -25.99 21.19 -18.08
C3A CLA ZB . -26.00 19.72 -18.58
C4A CLA ZB . -24.85 19.68 -19.58
CMA CLA ZB . -25.81 18.75 -17.45
CAA CLA ZB . -27.18 21.99 -18.65
CBA CLA ZB . -28.41 21.17 -19.01
CGA CLA ZB . -29.11 20.56 -17.81
O1A CLA ZB . -29.96 19.68 -17.78
O2A CLA ZB . -28.71 21.12 -16.64
NB CLA ZB . -23.04 19.68 -21.99
C1B CLA ZB . -24.10 18.87 -21.80
C2B CLA ZB . -24.11 17.80 -22.82
C3B CLA ZB . -22.87 17.85 -23.45
C4B CLA ZB . -22.26 19.14 -23.03
CMB CLA ZB . -25.10 16.72 -22.70
CAB CLA ZB . -22.34 17.21 -24.64
CBB CLA ZB . -22.76 16.11 -25.26
NC CLA ZB . -20.86 21.62 -22.00
C1C CLA ZB . -20.42 20.81 -23.00
C2C CLA ZB . -19.00 21.07 -23.22
C3C CLA ZB . -18.67 22.18 -22.44
C4C CLA ZB . -19.90 22.61 -21.80
CMC CLA ZB . -18.20 20.46 -24.28
CAC CLA ZB . -17.42 22.95 -22.53
CBC CLA ZB . -16.45 22.65 -21.42
ND CLA ZB . -21.86 22.69 -19.59
C1D CLA ZB . -20.86 23.67 -19.79
C2D CLA ZB . -21.05 24.75 -18.80
C3D CLA ZB . -22.17 24.40 -18.06
C4D CLA ZB . -22.71 23.19 -18.69
CMD CLA ZB . -20.36 26.03 -18.88
CAD CLA ZB . -22.99 24.69 -16.90
OBD CLA ZB . -23.02 25.72 -16.23
CBD CLA ZB . -24.14 23.65 -16.89
CGD CLA ZB . -24.19 22.85 -15.61
O1D CLA ZB . -25.18 22.58 -14.93
O2D CLA ZB . -22.97 22.38 -15.21
CED CLA ZB . -22.95 21.53 -14.06
C1 CLA ZB . -28.72 20.28 -15.47
C2 CLA ZB . -28.05 21.14 -14.48
C3 CLA ZB . -28.59 21.62 -13.35
C4 CLA ZB . -29.98 21.30 -12.94
C5 CLA ZB . -27.80 22.50 -12.44
C6 CLA ZB . -28.06 24.00 -12.62
C7 CLA ZB . -27.64 24.58 -13.96
C8 CLA ZB . -27.74 26.09 -14.09
C9 CLA ZB . -29.03 26.58 -13.51
C10 CLA ZB . -27.71 26.43 -15.57
C11 CLA ZB . -26.34 26.81 -16.07
C12 CLA ZB . -26.28 26.70 -17.59
C13 CLA ZB . -25.10 27.51 -18.11
C14 CLA ZB . -25.43 28.97 -17.96
C15 CLA ZB . -24.73 27.17 -19.55
C16 CLA ZB . -23.50 27.90 -20.01
C17 CLA ZB . -22.97 27.29 -21.29
C18 CLA ZB . -22.46 28.21 -22.39
C19 CLA ZB . -22.83 29.67 -22.25
C20 CLA ZB . -22.95 27.69 -23.73
MG CLA AC . -26.65 13.80 -17.50
CHA CLA AC . -24.65 12.52 -20.01
CHB CLA AC . -24.04 15.69 -16.41
CHC CLA AC . -28.60 14.95 -14.96
CHD CLA AC . -29.22 11.62 -18.50
NA CLA AC . -24.76 14.22 -18.26
C1A CLA AC . -24.10 13.54 -19.29
C2A CLA AC . -22.68 14.01 -19.39
C3A CLA AC . -22.42 14.61 -17.99
C4A CLA AC . -23.84 14.95 -17.55
CMA CLA AC . -21.74 13.65 -17.05
CAA CLA AC . -22.59 15.14 -20.38
CBA CLA AC . -21.85 14.93 -21.69
CGA CLA AC . -20.38 15.13 -21.49
O1A CLA AC . -19.58 15.80 -22.14
O2A CLA AC . -19.87 14.27 -20.57
NB CLA AC . -26.38 15.09 -15.98
C1B CLA AC . -25.24 15.72 -15.65
C2B CLA AC . -25.46 16.59 -14.47
C3B CLA AC . -26.66 16.19 -13.93
C4B CLA AC . -27.28 15.26 -14.92
CMB CLA AC . -24.33 17.28 -13.84
CAB CLA AC . -27.54 16.84 -12.98
CBB CLA AC . -27.65 18.14 -12.77
NC CLA AC . -28.52 13.25 -16.76
C1C CLA AC . -29.15 13.92 -15.77
C2C CLA AC . -30.39 13.23 -15.45
C3C CLA AC . -30.61 12.35 -16.51
C4C CLA AC . -29.48 12.49 -17.42
CMC CLA AC . -31.28 13.62 -14.36
CAC CLA AC . -31.66 11.33 -16.61
CBC CLA AC . -31.31 10.11 -15.81
ND CLA AC . -26.96 12.43 -18.95
C1D CLA AC . -28.01 11.51 -19.16
C2D CLA AC . -27.61 10.56 -20.23
C3D CLA AC . -26.38 10.99 -20.67
C4D CLA AC . -26.02 12.15 -19.84
CMD CLA AC . -28.49 9.56 -20.84
CAD CLA AC . -25.30 10.79 -21.62
OBD CLA AC . -25.15 9.89 -22.44
CBD CLA AC . -24.17 11.79 -21.24
CGD CLA AC . -22.85 11.08 -21.01
O1D CLA AC . -22.42 10.63 -19.94
O2D CLA AC . -22.10 10.94 -22.13
CED CLA AC . -21.26 9.78 -22.23
C1 CLA AC . -19.09 13.21 -21.14
C2 CLA AC . -19.16 12.04 -20.24
C3 CLA AC . -18.49 11.89 -19.09
C4 CLA AC . -17.55 12.92 -18.59
C5 CLA AC . -18.64 10.68 -18.26
C6 CLA AC . -19.07 11.05 -16.86
C7 CLA AC . -20.02 9.99 -16.36
C8 CLA AC . -20.10 9.91 -14.86
C9 CLA AC . -20.93 8.68 -14.55
C10 CLA AC . -20.82 11.17 -14.40
C11 CLA AC . -21.49 11.07 -13.03
C12 CLA AC . -22.24 12.29 -12.51
C13 CLA AC . -23.50 12.64 -13.32
C14 CLA AC . -24.35 13.64 -12.57
C15 CLA AC . -24.32 11.40 -13.69
C16 CLA AC . -24.81 11.46 -15.12
C17 CLA AC . -24.89 10.08 -15.72
C18 CLA AC . -26.19 9.32 -15.48
C19 CLA AC . -26.21 8.04 -16.28
C20 CLA AC . -27.41 10.15 -15.76
MG CLA BC . -40.30 2.60 -21.15
CHA CLA BC . -41.13 -0.75 -21.13
CHB CLA BC . -37.55 1.91 -19.27
CHC CLA BC . -39.48 5.88 -21.26
CHD CLA BC . -43.42 3.31 -22.61
NA CLA BC . -39.39 0.83 -20.51
C1A CLA BC . -39.92 -0.46 -20.57
C2A CLA BC . -38.88 -1.47 -20.08
C3A CLA BC . -37.95 -0.58 -19.23
C4A CLA BC . -38.35 0.84 -19.63
CMA CLA BC . -38.17 -0.83 -17.77
CAA CLA BC . -38.13 -2.21 -21.20
CBA CLA BC . -37.50 -1.36 -22.28
CGA CLA BC . -38.45 -1.17 -23.42
O1A CLA BC . -39.13 -2.03 -24.00
O2A CLA BC . -38.55 0.12 -23.83
NB CLA BC . -38.85 3.71 -20.32
C1B CLA BC . -37.71 3.22 -19.76
C2B CLA BC . -36.79 4.35 -19.44
C3B CLA BC . -37.41 5.50 -19.84
C4B CLA BC . -38.72 5.10 -20.43
CMB CLA BC . -35.67 4.17 -18.53
CAB CLA BC . -36.87 6.81 -20.11
CBB CLA BC . -35.66 7.08 -20.61
NC CLA BC . -41.36 4.32 -21.67
C1C CLA BC . -40.80 5.56 -21.67
C2C CLA BC . -41.83 6.54 -22.00
C3C CLA BC . -42.90 5.82 -22.51
C4C CLA BC . -42.58 4.40 -22.31
CMC CLA BC . -41.59 7.99 -22.08
CAC CLA BC . -44.25 6.36 -22.77
CBC CLA BC . -44.64 6.28 -24.22
ND CLA BC . -41.85 1.56 -21.92
C1D CLA BC . -43.08 1.97 -22.48
C2D CLA BC . -43.85 0.78 -22.87
C3D CLA BC . -43.16 -0.31 -22.35
C4D CLA BC . -41.97 0.26 -21.67
CMD CLA BC . -45.16 0.80 -23.53
CAD CLA BC . -43.15 -1.74 -22.11
OBD CLA BC . -44.05 -2.54 -22.29
CBD CLA BC . -41.90 -2.04 -21.22
CGD CLA BC . -42.29 -2.55 -19.86
O1D CLA BC . -43.14 -2.09 -19.10
O2D CLA BC . -41.62 -3.67 -19.47
CED CLA BC . -42.35 -4.63 -18.69
C1 CLA BC . -39.72 0.48 -24.58
C2 CLA BC . -39.63 1.95 -24.78
C3 CLA BC . -40.58 2.70 -25.39
C4 CLA BC . -41.83 2.10 -25.91
C5 CLA BC . -40.41 4.16 -25.56
C6 CLA BC . -39.12 4.70 -24.96
C7 CLA BC . -38.92 6.18 -25.18
C8 CLA BC . -37.75 6.67 -24.34
C9 CLA BC . -38.08 8.06 -23.83
C10 CLA BC . -36.41 6.67 -25.08
C11 CLA BC . -35.30 7.22 -24.23
C12 CLA BC . -33.94 7.09 -24.88
C13 CLA BC . -32.83 7.48 -23.92
C14 CLA BC . -32.97 8.93 -23.48
C15 CLA BC . -31.45 7.26 -24.55
C16 CLA BC . -30.42 6.91 -23.48
MG CLA CC . -35.63 -0.20 -13.17
CHA CLA CC . -37.10 2.53 -11.68
CHB CLA CC . -35.79 1.37 -16.16
CHC CLA CC . -34.25 -2.95 -14.64
CHD CLA CC . -35.10 -1.59 -10.01
NA CLA CC . -36.57 1.54 -13.83
C1A CLA CC . -36.84 2.64 -13.02
C2A CLA CC . -36.71 3.93 -13.83
C3A CLA CC . -36.92 3.39 -15.27
C4A CLA CC . -36.58 1.90 -15.15
CMA CLA CC . -38.34 3.54 -15.72
CAA CLA CC . -35.38 4.64 -13.54
CBA CLA CC . -34.09 3.99 -14.00
CGA CLA CC . -33.52 3.13 -12.92
O1A CLA CC . -33.51 3.36 -11.72
O2A CLA CC . -32.94 1.98 -13.37
NB CLA CC . -34.97 -0.64 -15.02
C1B CLA CC . -35.04 0.18 -16.09
C2B CLA CC . -34.51 -0.55 -17.27
C3B CLA CC . -33.79 -1.61 -16.79
C4B CLA CC . -34.30 -1.83 -15.40
CMB CLA CC . -34.45 0.06 -18.60
CAB CLA CC . -33.15 -2.64 -17.57
CBB CLA CC . -32.09 -3.37 -17.27
NC CLA CC . -34.85 -1.98 -12.44
C1C CLA CC . -34.38 -3.00 -13.22
C2C CLA CC . -33.65 -3.91 -12.36
C3C CLA CC . -34.01 -3.63 -11.06
C4C CLA CC . -34.75 -2.38 -11.11
CMC CLA CC . -32.96 -5.09 -12.85
CAC CLA CC . -34.13 -4.62 -9.97
CBC CLA CC . -33.06 -4.44 -8.92
ND CLA CC . -36.23 0.16 -11.29
C1D CLA CC . -35.93 -0.50 -10.07
C2D CLA CC . -36.27 0.37 -8.93
C3D CLA CC . -36.60 1.59 -9.50
C4D CLA CC . -36.72 1.35 -10.95
CMD CLA CC . -35.79 0.07 -7.59
CAD CLA CC . -37.13 2.92 -9.24
OBD CLA CC . -37.57 3.36 -8.20
CBD CLA CC . -37.39 3.59 -10.63
CGD CLA CC . -38.79 4.16 -10.72
O1D CLA CC . -39.32 4.97 -9.97
O2D CLA CC . -39.52 3.68 -11.77
CED CLA CC . -40.72 4.37 -12.13
C1 CLA CC . -32.40 1.11 -12.34
C2 CLA CC . -31.70 -0.04 -12.96
C3 CLA CC . -31.21 -1.06 -12.21
C4 CLA CC . -31.36 -1.08 -10.74
C5 CLA CC . -30.51 -2.25 -12.76
C6 CLA CC . -29.26 -2.07 -13.63
C7 CLA CC . -29.59 -1.93 -15.11
C8 CLA CC . -28.56 -1.17 -15.93
C9 CLA CC . -27.12 -1.46 -15.54
C10 CLA CC . -28.83 0.33 -15.88
C11 CLA CC . -30.08 0.62 -16.68
C12 CLA CC . -30.60 2.02 -16.44
C13 CLA CC . -31.66 2.40 -17.46
C14 CLA CC . -31.16 2.22 -18.89
C15 CLA CC . -32.21 3.80 -17.18
C16 CLA CC . -31.50 4.92 -17.89
C17 CLA CC . -32.21 6.25 -17.68
C18 CLA CC . -31.55 7.39 -18.44
C19 CLA CC . -31.83 7.30 -19.93
C20 CLA CC . -30.06 7.46 -18.17
MG CLA DC . -32.96 -9.61 -15.85
CHA CLA DC . -35.16 -7.00 -16.30
CHB CLA DC . -32.58 -9.87 -19.19
CHC CLA DC . -30.72 -12.17 -15.33
CHD CLA DC . -34.05 -9.88 -12.55
NA CLA DC . -33.62 -8.47 -17.46
C1A CLA DC . -34.51 -7.40 -17.44
C2A CLA DC . -34.87 -6.97 -18.86
C3A CLA DC . -34.38 -8.17 -19.70
C4A CLA DC . -33.40 -8.85 -18.75
CMA CLA DC . -35.51 -9.08 -20.09
CAA CLA DC . -34.17 -5.68 -19.21
CBA CLA DC . -33.96 -5.50 -20.71
CGA CLA DC . -33.76 -4.05 -21.01
O1A CLA DC . -34.52 -3.11 -20.75
O2A CLA DC . -32.57 -3.79 -21.62
NB CLA DC . -31.89 -10.82 -17.04
C1B CLA DC . -31.90 -10.80 -18.40
C2B CLA DC . -30.71 -11.55 -18.88
C3B CLA DC . -30.29 -12.34 -17.82
C4B CLA DC . -31.01 -11.84 -16.62
CMB CLA DC . -29.98 -11.02 -20.03
CAB CLA DC . -29.39 -13.46 -17.73
CBB CLA DC . -28.68 -14.04 -18.70
NC CLA DC . -32.45 -10.79 -14.20
C1C CLA DC . -31.42 -11.69 -14.18
C2C CLA DC . -31.31 -12.28 -12.85
C3C CLA DC . -32.26 -11.64 -12.05
C4C CLA DC . -32.97 -10.69 -12.91
CMC CLA DC . -30.35 -13.31 -12.47
CAC CLA DC . -32.59 -11.95 -10.66
CBC CLA DC . -33.81 -12.84 -10.51
ND CLA DC . -34.09 -8.53 -14.58
C1D CLA DC . -34.42 -8.74 -13.22
C2D CLA DC . -35.45 -7.75 -12.82
C3D CLA DC . -35.72 -7.01 -13.95
C4D CLA DC . -34.97 -7.65 -15.05
CMD CLA DC . -35.92 -7.55 -11.45
CAD CLA DC . -36.37 -5.83 -14.49
OBD CLA DC . -37.20 -5.11 -13.96
CBD CLA DC . -36.10 -5.84 -16.03
CGD CLA DC . -37.36 -5.97 -16.83
O1D CLA DC . -37.83 -6.99 -17.34
O2D CLA DC . -38.04 -4.81 -17.00
CED CLA DC . -38.58 -4.58 -18.31
C1 CLA DC . -31.97 -2.51 -21.33
C2 CLA DC . -30.60 -2.78 -20.79
MG CLA EC . -35.40 30.48 -28.11
CHA CLA EC . -35.13 32.93 -30.53
CHB CLA EC . -32.43 31.53 -26.83
CHC CLA EC . -35.57 27.97 -25.80
CHD CLA EC . -38.07 29.05 -29.90
NA CLA EC . -34.19 32.15 -28.43
C1A CLA EC . -34.36 33.15 -29.42
C2A CLA EC . -33.24 34.17 -29.34
C3A CLA EC . -32.23 33.54 -28.33
C4A CLA EC . -32.98 32.32 -27.81
CMA CLA EC . -30.95 33.15 -29.02
CAA CLA EC . -33.76 35.53 -28.87
CBA CLA EC . -34.62 35.46 -27.63
CGA CLA EC . -35.18 36.82 -27.29
O1A CLA EC . -36.10 37.10 -26.51
O2A CLA EC . -34.57 37.84 -27.96
NB CLA EC . -34.25 29.91 -26.56
C1B CLA EC . -33.07 30.45 -26.21
C2B CLA EC . -32.72 29.98 -24.83
C3B CLA EC . -33.61 28.97 -24.55
C4B CLA EC . -34.49 28.79 -25.73
CMB CLA EC . -31.89 30.80 -23.94
CAB CLA EC . -33.78 28.18 -23.36
CBB CLA EC . -32.80 27.57 -22.70
NC CLA EC . -36.55 28.76 -27.95
C1C CLA EC . -36.55 27.95 -26.85
C2C CLA EC . -37.80 27.21 -26.78
C3C CLA EC . -38.40 27.34 -28.04
C4C CLA EC . -37.64 28.38 -28.74
CMC CLA EC . -38.10 26.21 -25.76
CAC CLA EC . -39.65 26.73 -28.50
CBC CLA EC . -39.41 25.57 -29.43
ND CLA EC . -36.52 30.94 -29.72
C1D CLA EC . -37.55 30.23 -30.39
C2D CLA EC . -37.94 30.99 -31.61
C3D CLA EC . -37.06 32.06 -31.69
C4D CLA EC . -36.15 31.93 -30.54
CMD CLA EC . -39.08 30.66 -32.46
CAD CLA EC . -36.56 33.13 -32.52
OBD CLA EC . -37.08 33.67 -33.49
CBD CLA EC . -35.33 33.76 -31.77
CGD CLA EC . -34.08 33.83 -32.61
O1D CLA EC . -32.99 33.31 -32.38
O2D CLA EC . -34.22 34.56 -33.75
CED CLA EC . -33.09 35.30 -34.20
MG CLA FC . -36.00 38.69 -21.71
CHA CLA FC . -33.36 38.78 -23.94
CHB CLA FC . -35.20 41.84 -20.73
CHC CLA FC . -37.88 38.35 -18.92
CHD CLA FC . -36.25 35.21 -22.21
NA CLA FC . -34.67 40.14 -22.42
C1A CLA FC . -33.75 40.00 -23.47
C2A CLA FC . -32.97 41.30 -23.67
C3A CLA FC . -33.37 42.15 -22.44
C4A CLA FC . -34.55 41.37 -21.86
CMA CLA FC . -32.24 42.27 -21.45
CAA CLA FC . -33.32 41.98 -24.98
CBA CLA FC . -34.74 41.73 -25.44
CGA CLA FC . -34.85 41.74 -26.94
O1A CLA FC . -35.87 41.65 -27.63
O2A CLA FC . -33.65 41.85 -27.58
NB CLA FC . -36.79 39.99 -20.38
C1B CLA FC . -36.21 41.17 -20.02
C2B CLA FC . -37.05 41.81 -18.98
C3B CLA FC . -37.98 40.89 -18.57
C4B CLA FC . -37.68 39.63 -19.34
CMB CLA FC . -37.09 43.28 -18.85
CAB CLA FC . -39.19 41.19 -17.84
CBB CLA FC . -40.22 40.40 -17.53
NC CLA FC . -37.18 37.15 -20.96
C1C CLA FC . -37.81 37.19 -19.76
C2C CLA FC . -38.70 36.03 -19.66
C3C CLA FC . -38.30 35.17 -20.69
C4C CLA FC . -37.18 35.81 -21.35
CMC CLA FC . -39.98 36.05 -18.98
CAC CLA FC . -39.10 34.08 -21.28
CBC CLA FC . -38.85 32.76 -20.60
ND CLA FC . -35.16 37.30 -22.91
C1D CLA FC . -35.27 35.89 -22.91
C2D CLA FC . -34.32 35.34 -23.90
C3D CLA FC . -33.58 36.42 -24.37
C4D CLA FC . -34.08 37.59 -23.62
CMD CLA FC . -34.08 33.92 -24.13
CAD CLA FC . -32.35 36.82 -25.03
OBD CLA FC . -31.46 36.12 -25.50
CBD CLA FC . -32.19 38.35 -24.81
CGD CLA FC . -30.88 38.70 -24.16
O1D CLA FC . -30.69 39.14 -23.02
O2D CLA FC . -29.80 38.49 -24.96
CED CLA FC . -28.51 38.80 -24.45
MG CLA GC . -31.27 30.64 -20.42
CHA CLA GC . -29.61 27.60 -20.51
CHB CLA GC . -33.86 29.21 -18.78
CHC CLA GC . -32.96 33.54 -20.64
CHD CLA GC . -28.61 32.10 -22.17
NA CLA GC . -31.67 28.69 -19.79
C1A CLA GC . -30.82 27.58 -19.86
C2A CLA GC . -31.42 26.41 -19.07
C3A CLA GC . -32.85 26.89 -18.73
C4A CLA GC . -32.79 28.38 -19.06
CMA CLA GC . -33.89 26.18 -19.54
CAA CLA GC . -30.60 26.15 -17.83
CBA CLA GC . -30.26 24.68 -17.71
CGA CLA GC . -31.46 24.03 -17.12
O1A CLA GC . -32.54 23.77 -17.65
O2A CLA GC . -31.29 23.77 -15.80
NB CLA GC . -32.92 31.35 -19.52
C1B CLA GC . -33.80 30.62 -18.80
C2B CLA GC . -34.96 31.47 -18.43
C3B CLA GC . -34.83 32.65 -19.13
C4B CLA GC . -33.55 32.55 -19.90
CMB CLA GC . -36.16 30.83 -17.89
CAB CLA GC . -35.46 33.93 -18.96
CBB CLA GC . -36.17 34.38 -17.91
NC CLA GC . -30.71 32.57 -20.94
C1C CLA GC . -31.56 33.62 -20.93
C2C CLA GC . -30.84 34.82 -21.38
C3C CLA GC . -29.56 34.43 -21.76
C4C CLA GC . -29.54 32.98 -21.60
CMC CLA GC . -31.43 36.12 -21.62
CAC CLA GC . -28.76 35.20 -22.74
CBC CLA GC . -27.34 35.47 -22.34
ND CLA GC . -29.54 30.04 -21.27
C1D CLA GC . -28.47 30.78 -21.79
C2D CLA GC . -27.39 29.85 -22.17
C3D CLA GC . -27.78 28.61 -21.73
C4D CLA GC . -29.06 28.82 -21.02
CMD CLA GC . -26.41 30.16 -23.21
CAD CLA GC . -27.67 27.19 -21.93
OBD CLA GC . -26.95 26.58 -22.70
CBD CLA GC . -28.66 26.51 -20.94
CGD CLA GC . -29.38 25.34 -21.54
O1D CLA GC . -29.69 24.28 -20.99
O2D CLA GC . -29.71 25.51 -22.85
CED CLA GC . -30.77 24.70 -23.38
C1 CLA GC . -32.50 23.94 -15.06
C2 CLA GC . -32.10 24.64 -13.83
C3 CLA GC . -32.98 25.05 -12.91
C4 CLA GC . -34.43 24.84 -13.06
C5 CLA GC . -32.51 25.77 -11.70
C6 CLA GC . -32.42 24.82 -10.54
C7 CLA GC . -31.42 25.28 -9.51
C8 CLA GC . -30.79 24.22 -8.61
C9 CLA GC . -29.65 23.52 -9.32
C10 CLA GC . -31.85 23.23 -8.18
C11 CLA GC . -32.76 23.75 -7.11
C12 CLA GC . -34.15 23.25 -7.44
C13 CLA GC . -34.81 22.32 -6.43
C14 CLA GC . -34.08 22.18 -5.11
C15 CLA GC . -34.93 20.92 -6.98
C16 CLA GC . -36.28 20.34 -6.67
C17 CLA GC . -36.78 19.59 -7.87
C18 CLA GC . -36.76 18.12 -7.48
C19 CLA GC . -36.85 17.22 -8.68
C20 CLA GC . -38.00 17.86 -6.67
MG CLA HC . -48.61 22.95 -11.82
CHA CLA HC . -50.71 20.20 -12.05
CHB CLA HC . -46.01 20.80 -11.56
CHC CLA HC . -46.56 25.62 -11.45
CHD CLA HC . -51.39 24.91 -10.93
NA CLA HC . -48.40 20.90 -12.16
C1A CLA HC . -49.41 19.97 -12.42
C2A CLA HC . -48.82 18.57 -12.63
C3A CLA HC . -47.36 18.75 -12.17
C4A CLA HC . -47.21 20.26 -11.98
CMA CLA HC . -47.18 18.04 -10.86
CAA CLA HC . -48.97 18.10 -14.08
CBA CLA HC . -48.51 19.13 -15.07
CGA CLA HC . -49.43 19.15 -16.24
O1A CLA HC . -49.96 18.21 -16.84
O2A CLA HC . -49.69 20.42 -16.66
NB CLA HC . -46.62 23.18 -11.70
C1B CLA HC . -45.74 22.18 -11.45
C2B CLA HC . -44.36 22.74 -11.38
C3B CLA HC . -44.50 24.12 -11.42
C4B CLA HC . -45.96 24.40 -11.44
CMB CLA HC . -43.19 21.88 -11.52
CAB CLA HC . -43.57 25.22 -11.30
CBB CLA HC . -42.26 25.22 -11.03
NC CLA HC . -48.93 24.93 -11.29
C1C CLA HC . -47.95 25.88 -11.21
C2C CLA HC . -48.57 27.20 -11.20
C3C CLA HC . -49.94 27.00 -10.99
C4C CLA HC . -50.13 25.55 -10.95
CMC CLA HC . -47.93 28.43 -11.64
CAC CLA HC . -50.97 27.96 -11.34
CBC CLA HC . -51.74 28.45 -10.14
ND CLA HC . -50.62 22.73 -11.76
C1D CLA HC . -51.65 23.66 -11.46
C2D CLA HC . -52.95 22.95 -11.57
C3D CLA HC . -52.64 21.61 -11.68
C4D CLA HC . -51.17 21.53 -11.76
CMD CLA HC . -54.23 23.57 -11.30
CAD CLA HC . -53.17 20.30 -12.03
OBD CLA HC . -54.26 20.03 -12.50
CBD CLA HC . -51.95 19.35 -12.21
CGD CLA HC . -51.98 18.19 -11.26
O1D CLA HC . -52.13 17.00 -11.54
O2D CLA HC . -51.83 18.54 -9.96
CED CLA HC . -50.77 17.90 -9.23
C1 CLA HC . -50.11 20.61 -18.02
C2 CLA HC . -49.88 22.05 -18.29
C3 CLA HC . -50.76 22.87 -18.87
C4 CLA HC . -52.09 22.40 -19.34
C5 CLA HC . -50.46 24.32 -19.11
C6 CLA HC . -48.99 24.68 -18.91
C7 CLA HC . -48.61 25.86 -19.79
C8 CLA HC . -47.22 26.45 -19.52
C9 CLA HC . -46.18 25.40 -19.15
C10 CLA HC . -47.30 27.51 -18.45
C11 CLA HC . -48.01 28.76 -18.96
MG CLA IC . -52.13 32.60 -7.34
CHA CLA IC . -55.50 33.32 -7.35
CHB CLA IC . -52.22 32.18 -10.71
CHC CLA IC . -48.81 32.47 -7.35
CHD CLA IC . -52.20 32.54 -3.86
NA CLA IC . -53.62 32.82 -8.79
C1A CLA IC . -54.94 33.24 -8.60
C2A CLA IC . -55.71 33.20 -9.92
C3A CLA IC . -54.74 32.42 -10.86
C4A CLA IC . -53.42 32.47 -10.09
CMA CLA IC . -55.20 31.01 -11.10
CAA CLA IC . -56.04 34.60 -10.46
CBA CLA IC . -55.06 35.67 -10.00
CGA CLA IC . -55.64 37.03 -10.22
O1A CLA IC . -56.82 37.38 -10.21
O2A CLA IC . -54.68 37.97 -10.48
NB CLA IC . -50.77 32.10 -8.74
C1B CLA IC . -50.97 32.21 -10.08
C2B CLA IC . -49.68 32.09 -10.80
C3B CLA IC . -48.70 31.94 -9.82
C4B CLA IC . -49.38 32.08 -8.52
CMB CLA IC . -49.67 31.75 -12.22
CAB CLA IC . -47.26 32.07 -9.88
CBB CLA IC . -46.48 32.51 -10.87
NC CLA IC . -50.74 32.26 -5.84
C1C CLA IC . -49.39 32.28 -6.06
C2C CLA IC . -48.70 32.65 -4.83
C3C CLA IC . -49.67 32.77 -3.84
C4C CLA IC . -50.94 32.39 -4.45
CMC CLA IC . -47.42 33.33 -4.85
CAC CLA IC . -49.41 32.88 -2.40
CBC CLA IC . -49.71 34.26 -1.85
ND CLA IC . -53.43 33.12 -5.88
C1D CLA IC . -53.30 33.09 -4.47
C2D CLA IC . -54.63 33.31 -3.87
C3D CLA IC . -55.52 33.44 -4.93
C4D CLA IC . -54.72 33.23 -6.15
CMD CLA IC . -54.90 33.13 -2.45
CAD CLA IC . -56.80 33.95 -5.35
OBD CLA IC . -57.55 34.70 -4.74
CBD CLA IC . -56.84 33.87 -6.91
CGD CLA IC . -57.99 33.05 -7.41
O1D CLA IC . -59.11 33.44 -7.75
O2D CLA IC . -57.73 31.71 -7.46
CED CLA IC . -58.83 30.81 -7.61
MG CLA JC . -42.86 36.80 4.79
CHA CLA JC . -43.93 35.90 7.95
CHB CLA JC . -45.95 36.00 3.70
CHC CLA JC . -41.83 36.88 1.53
CHD CLA JC . -39.55 36.52 5.87
NA CLA JC . -44.70 36.47 5.72
C1A CLA JC . -44.94 36.11 7.05
C2A CLA JC . -46.43 36.25 7.38
C3A CLA JC . -47.05 36.13 5.96
C4A CLA JC . -45.86 36.34 5.03
CMA CLA JC . -47.66 34.78 5.74
CAA CLA JC . -46.83 37.54 8.10
CBA CLA JC . -46.30 38.83 7.53
CGA CLA JC . -44.96 39.21 8.11
O1A CLA JC . -44.61 39.35 9.28
O2A CLA JC . -44.05 39.37 7.11
NB CLA JC . -43.80 36.92 3.01
C1B CLA JC . -45.00 36.36 2.74
C2B CLA JC . -45.40 36.74 1.35
C3B CLA JC . -44.24 37.26 0.77
C4B CLA JC . -43.16 37.08 1.77
CMB CLA JC . -46.81 36.92 1.06
CAB CLA JC . -43.91 37.64 -0.57
CBB CLA JC . -44.71 37.80 -1.64
NC CLA JC . -40.99 36.89 3.88
C1C CLA JC . -40.81 36.77 2.52
C2C CLA JC . -39.37 36.87 2.25
C3C CLA JC . -38.72 36.76 3.48
C4C CLA JC . -39.76 36.74 4.50
CMC CLA JC . -38.81 37.35 0.99
CAC CLA JC . -37.33 36.30 3.68
CBC CLA JC . -36.42 37.38 4.18
ND CLA JC . -41.89 36.42 6.52
C1D CLA JC . -40.53 36.14 6.76
C2D CLA JC . -40.38 35.60 8.13
C3D CLA JC . -41.66 35.55 8.66
C4D CLA JC . -42.55 35.95 7.57
CMD CLA JC . -39.10 35.56 8.85
CAD CLA JC . -42.43 35.72 9.88
OBD CLA JC . -42.10 36.39 10.85
CBD CLA JC . -43.94 35.67 9.44
CGD CLA JC . -44.70 34.43 9.78
O1D CLA JC . -45.39 33.73 9.02
O2D CLA JC . -44.64 34.04 11.08
CED CLA JC . -45.80 33.46 11.66
C1 CLA JC . -42.66 39.62 7.42
C2 CLA JC . -42.07 39.89 6.08
C3 CLA JC . -40.76 40.08 5.84
C4 CLA JC . -39.75 40.05 6.93
C5 CLA JC . -40.27 40.36 4.46
C6 CLA JC . -41.35 40.43 3.40
C7 CLA JC . -40.77 40.40 2.01
C8 CLA JC . -40.21 41.76 1.58
C9 CLA JC . -41.11 42.39 0.53
C10 CLA JC . -38.79 41.62 1.05
MG CLA KC . -35.52 27.98 4.44
CHA CLA KC . -34.81 24.61 4.37
CHB CLA KC . -38.66 27.21 5.46
CHC CLA KC . -36.72 30.95 3.41
CHD CLA KC . -32.65 28.58 2.48
NA CLA KC . -36.48 26.21 5.02
C1A CLA KC . -35.96 24.92 5.05
C2A CLA KC . -37.08 23.91 5.37
C3A CLA KC . -38.38 24.75 5.20
C4A CLA KC . -37.85 26.17 5.07
CMA CLA KC . -39.13 24.33 3.98
CAA CLA KC . -37.00 23.33 6.78
CBA CLA KC . -36.64 24.37 7.82
CGA CLA KC . -37.70 24.48 8.86
O1A CLA KC . -38.92 24.63 8.74
O2A CLA KC . -37.16 24.45 10.12
NB CLA KC . -37.14 29.07 4.92
C1B CLA KC . -38.34 28.56 5.32
C2B CLA KC . -39.38 29.59 5.12
C3B CLA KC . -38.71 30.77 5.00
C4B CLA KC . -37.37 30.39 4.47
CMB CLA KC . -40.77 29.28 5.36
CAB CLA KC . -39.27 32.10 4.96
CBB CLA KC . -38.60 33.23 5.17
NC CLA KC . -34.63 29.64 3.55
C1C CLA KC . -35.36 30.69 3.07
C2C CLA KC . -34.44 31.72 2.61
C3C CLA KC . -33.22 31.06 2.41
C4C CLA KC . -33.41 29.70 2.89
CMC CLA KC . -34.65 33.15 2.86
CAC CLA KC . -31.94 31.69 2.07
CBC CLA KC . -31.02 31.81 3.27
ND CLA KC . -33.93 26.94 3.78
C1D CLA KC . -32.86 27.28 2.90
C2D CLA KC . -31.94 26.13 2.87
C3D CLA KC . -32.65 25.05 3.36
C4D CLA KC . -33.91 25.61 3.89
CMD CLA KC . -30.63 26.14 2.22
CAD CLA KC . -32.89 23.63 3.23
OBD CLA KC . -32.16 22.78 2.71
CBD CLA KC . -34.18 23.28 4.01
CGD CLA KC . -35.07 22.44 3.15
O1D CLA KC . -35.71 22.81 2.17
O2D CLA KC . -35.15 21.14 3.53
CED CLA KC . -35.81 20.23 2.65
C1 CLA KC . -37.51 25.49 11.03
C2 CLA KC . -36.99 26.79 10.53
C3 CLA KC . -35.70 27.18 10.56
C4 CLA KC . -34.62 26.34 11.11
C5 CLA KC . -35.31 28.51 10.04
C6 CLA KC . -34.74 28.47 8.64
C7 CLA KC . -35.36 29.56 7.79
C8 CLA KC . -34.41 30.36 6.89
C9 CLA KC . -33.04 29.74 6.68
C10 CLA KC . -34.27 31.80 7.39
C11 CLA KC . -35.60 32.52 7.32
C12 CLA KC . -35.53 33.92 7.91
C13 CLA KC . -34.49 34.78 7.19
C14 CLA KC . -34.76 36.24 7.42
MG CLA LC . -36.95 23.93 -4.15
CHA CLA LC . -39.09 21.26 -3.74
CHB CLA LC . -35.74 23.38 -1.03
CHC CLA LC . -34.41 26.04 -4.84
CHD CLA LC . -38.37 24.56 -7.30
NA CLA LC . -37.45 22.62 -2.61
C1A CLA LC . -38.27 21.49 -2.68
C2A CLA LC . -38.33 20.80 -1.33
C3A CLA LC . -37.62 21.80 -0.38
C4A CLA LC . -36.93 22.75 -1.36
CMA CLA LC . -38.59 22.53 0.50
CAA CLA LC . -37.64 19.45 -1.37
CBA CLA LC . -36.43 19.40 -2.27
CGA CLA LC . -35.22 19.58 -1.42
O1A CLA LC . -34.98 19.07 -0.33
O2A CLA LC . -34.31 20.44 -1.96
NB CLA LC . -35.46 24.72 -3.08
C1B CLA LC . -35.08 24.32 -1.85
C2B CLA LC . -34.04 25.26 -1.35
C3B CLA LC . -33.62 26.01 -2.44
C4B CLA LC . -34.39 25.47 -3.61
CMB CLA LC . -33.35 24.94 -0.11
CAB CLA LC . -32.96 27.28 -2.53
CBB CLA LC . -32.67 28.13 -1.54
NC CLA LC . -36.64 25.31 -5.65
C1C CLA LC . -35.54 26.12 -5.70
C2C CLA LC . -35.55 26.88 -6.95
C3C CLA LC . -36.54 26.29 -7.74
C4C CLA LC . -37.29 25.38 -6.89
CMC CLA LC . -34.89 28.16 -7.12
CAC CLA LC . -36.96 26.76 -9.06
CBC CLA LC . -36.54 25.82 -10.16
ND CLA LC . -38.42 23.16 -5.30
C1D CLA LC . -38.81 23.43 -6.63
C2D CLA LC . -39.60 22.28 -7.12
C3D CLA LC . -39.72 21.40 -6.06
C4D CLA LC . -39.05 22.05 -4.93
CMD CLA LC . -40.27 22.24 -8.43
CAD CLA LC . -40.36 20.21 -5.54
OBD CLA LC . -40.96 19.33 -6.13
CBD CLA LC . -40.15 20.20 -3.99
CGD CLA LC . -41.39 20.49 -3.18
O1D CLA LC . -41.69 21.55 -2.62
O2D CLA LC . -42.25 19.44 -3.08
CED CLA LC . -43.15 19.44 -1.97
C1 CLA LC . -33.18 20.79 -1.15
C2 CLA LC . -32.47 21.79 -1.98
C3 CLA LC . -31.36 22.45 -1.63
C4 CLA LC . -30.72 22.21 -0.32
C5 CLA LC . -30.79 23.42 -2.62
C6 CLA LC . -29.50 24.12 -2.22
C7 CLA LC . -29.66 25.51 -1.62
C8 CLA LC . -29.37 26.73 -2.51
C9 CLA LC . -29.22 26.44 -4.00
C10 CLA LC . -28.10 27.43 -2.01
C11 CLA LC . -28.25 27.88 -0.57
C12 CLA LC . -27.04 28.66 -0.10
C13 CLA LC . -27.05 28.87 1.41
C14 CLA LC . -27.09 27.54 2.15
C15 CLA LC . -28.21 29.75 1.84
MG CLA MC . -24.88 36.22 -6.60
CHA CLA MC . -21.85 37.82 -6.56
CHB CLA MC . -23.16 33.59 -7.73
CHC CLA MC . -27.60 34.22 -6.05
CHD CLA MC . -26.21 38.69 -4.52
NA CLA MC . -23.02 35.98 -7.49
C1A CLA MC . -21.82 36.56 -7.07
C2A CLA MC . -20.65 35.92 -7.83
C3A CLA MC . -21.38 35.00 -8.85
C4A CLA MC . -22.72 34.83 -8.14
CMA CLA MC . -21.52 35.68 -10.17
CAA CLA MC . -19.73 35.04 -6.99
CBA CLA MC . -19.99 35.06 -5.50
CGA CLA MC . -19.05 34.09 -4.86
O1A CLA MC . -17.82 34.03 -4.98
O2A CLA MC . -19.66 33.21 -4.02
NB CLA MC . -25.35 34.33 -7.02
C1B CLA MC . -24.51 33.35 -7.41
C2B CLA MC . -25.32 32.43 -8.24
C3B CLA MC . -26.63 32.59 -7.83
C4B CLA MC . -26.63 33.77 -6.92
CMB CLA MC . -24.85 32.27 -9.62
CAB CLA MC . -27.73 31.68 -7.94
CBB CLA MC . -28.31 30.92 -7.02
NC CLA MC . -26.67 36.49 -5.57
C1C CLA MC . -27.59 35.49 -5.39
C2C CLA MC . -28.39 35.82 -4.21
C3C CLA MC . -28.17 37.17 -3.92
C4C CLA MC . -27.00 37.55 -4.73
CMC CLA MC . -29.10 34.84 -3.40
CAC CLA MC . -28.55 37.77 -2.63
CBC CLA MC . -29.29 39.09 -2.73
ND CLA MC . -24.34 38.05 -5.98
C1D CLA MC . -24.94 38.92 -5.05
C2D CLA MC . -23.94 39.92 -4.61
C3D CLA MC . -22.79 39.64 -5.31
C4D CLA MC . -23.04 38.36 -5.97
CMD CLA MC . -24.26 41.05 -3.73
CAD CLA MC . -21.59 40.18 -5.95
OBD CLA MC . -21.23 41.35 -6.06
CBD CLA MC . -20.94 39.01 -6.75
CGD CLA MC . -20.76 39.33 -8.20
O1D CLA MC . -21.55 39.11 -9.12
O2D CLA MC . -19.56 39.89 -8.52
CED CLA MC . -19.03 39.64 -9.82
C1 CLA MC . -18.90 32.90 -2.83
C2 CLA MC . -19.56 31.76 -2.15
C3 CLA MC . -19.25 31.40 -0.89
C4 CLA MC . -18.23 32.12 -0.08
C5 CLA MC . -19.92 30.26 -0.21
C6 CLA MC . -20.80 30.67 0.95
C7 CLA MC . -21.91 31.63 0.56
C8 CLA MC . -23.06 31.66 1.57
C9 CLA MC . -23.56 30.28 1.90
C10 CLA MC . -24.20 32.52 1.05
MG CLA NC . -37.96 43.50 -14.64
CHA CLA NC . -34.86 44.65 -15.72
CHB CLA NC . -38.37 46.50 -13.14
CHC CLA NC . -40.02 42.25 -12.26
CHD CLA NC . -36.83 40.22 -15.15
NA CLA NC . -37.00 45.35 -14.82
C1A CLA NC . -35.80 45.62 -15.49
C2A CLA NC . -35.50 47.12 -15.42
C3A CLA NC . -36.51 47.65 -14.39
C4A CLA NC . -37.30 46.40 -14.00
CMA CLA NC . -35.81 48.25 -13.19
CAA CLA NC . -35.64 47.79 -16.78
CBA CLA NC . -37.01 48.36 -17.10
CGA CLA NC . -37.93 47.36 -17.74
O1A CLA NC . -38.25 46.23 -17.37
O2A CLA NC . -38.46 47.82 -18.91
NB CLA NC . -39.40 44.30 -13.49
C1B CLA NC . -39.45 45.61 -13.10
C2B CLA NC . -40.60 45.80 -12.17
C3B CLA NC . -41.03 44.53 -11.81
C4B CLA NC . -40.06 43.59 -12.45
CMB CLA NC . -40.80 47.07 -11.48
CAB CLA NC . -42.30 44.05 -11.34
CBB CLA NC . -43.48 44.67 -11.48
NC CLA NC . -38.70 41.59 -14.26
C1C CLA NC . -39.50 41.31 -13.18
C2C CLA NC . -39.74 39.86 -13.10
C3C CLA NC . -38.90 39.29 -14.06
C4C CLA NC . -38.12 40.38 -14.63
CMC CLA NC . -40.83 39.23 -12.36
CAC CLA NC . -38.58 37.87 -14.23
CBC CLA NC . -39.00 37.30 -15.56
ND CLA NC . -36.38 42.59 -15.55
C1D CLA NC . -36.03 41.23 -15.62
C2D CLA NC . -34.59 41.10 -15.93
C3D CLA NC . -34.13 42.39 -16.13
C4D CLA NC . -35.24 43.27 -15.71
CMD CLA NC . -33.93 39.84 -16.21
CAD CLA NC . -33.16 43.23 -16.81
OBD CLA NC . -32.39 42.93 -17.71
CBD CLA NC . -33.55 44.70 -16.47
CGD CLA NC . -32.46 45.39 -15.69
O1D CLA NC . -31.86 46.42 -16.00
O2D CLA NC . -32.12 44.76 -14.53
CED CLA NC . -31.16 45.39 -13.68
MG CLA OC . -17.87 45.35 -2.09
CHA CLA OC . -18.22 47.41 -4.83
CHB CLA OC . -14.92 46.82 -1.49
CHC CLA OC . -17.43 43.26 0.55
CHD CLA OC . -20.22 43.15 -3.48
NA CLA OC . -17.00 47.12 -2.76
C1A CLA OC . -17.40 47.90 -3.85
C2A CLA OC . -16.51 49.13 -3.97
C3A CLA OC . -15.34 48.82 -3.00
C4A CLA OC . -15.73 47.47 -2.40
CMA CLA OC . -14.01 48.75 -3.71
CAA CLA OC . -17.23 50.42 -3.62
CBA CLA OC . -18.37 50.23 -2.64
CGA CLA OC . -19.24 51.44 -2.61
O1A CLA OC . -19.60 52.15 -3.55
O2A CLA OC . -19.67 51.76 -1.35
NB CLA OC . -16.55 45.25 -0.60
C1B CLA OC . -15.29 45.76 -0.65
C2B CLA OC . -14.60 45.45 0.62
C3B CLA OC . -15.40 44.57 1.34
C4B CLA OC . -16.58 44.31 0.47
CMB CLA OC . -13.61 46.41 1.10
CAB CLA OC . -15.15 43.74 2.49
CBB CLA OC . -14.02 43.57 3.18
NC CLA OC . -18.64 43.48 -1.60
C1C CLA OC . -18.20 42.74 -0.55
C2C CLA OC . -18.84 41.44 -0.56
C3C CLA OC . -19.84 41.52 -1.54
C4C CLA OC . -19.51 42.69 -2.36
CMC CLA OC . -18.69 40.45 0.51
CAC CLA OC . -21.18 40.91 -1.47
CBC CLA OC . -21.23 39.54 -2.10
ND CLA OC . -19.13 45.32 -3.67
C1D CLA OC . -19.92 44.29 -4.21
C2D CLA OC . -20.65 44.87 -5.36
C3D CLA OC . -19.97 46.01 -5.71
C4D CLA OC . -19.07 46.28 -4.59
CMD CLA OC . -22.05 44.57 -5.63
CAD CLA OC . -20.01 47.24 -6.49
OBD CLA OC . -20.69 47.50 -7.47
CBD CLA OC . -18.69 47.99 -6.14
CGD CLA OC . -17.68 47.84 -7.24
O1D CLA OC . -16.81 46.97 -7.32
O2D CLA OC . -17.79 48.76 -8.23
CED CLA OC . -16.94 49.90 -8.17
MG CLA PC . -12.54 35.55 -4.69
CHA CLA PC . -15.57 36.97 -5.53
CHB CLA PC . -12.45 37.63 -2.00
CHC CLA PC . -9.60 34.13 -3.81
CHD CLA PC . -12.46 33.94 -7.80
NA CLA PC . -13.93 36.83 -3.78
C1A CLA PC . -15.18 37.18 -4.24
C2A CLA PC . -15.91 37.99 -3.19
C3A CLA PC . -14.71 38.62 -2.47
C4A CLA PC . -13.66 37.53 -2.63
CMA CLA PC . -14.25 39.86 -3.20
CAA CLA PC . -16.70 37.04 -2.30
CBA CLA PC . -18.03 37.62 -1.88
CGA CLA PC . -18.97 36.51 -1.53
O1A CLA PC . -18.94 35.74 -0.57
O2A CLA PC . -19.99 36.39 -2.42
NB CLA PC . -11.22 35.88 -3.21
C1B CLA PC . -11.38 36.73 -2.17
C2B CLA PC . -10.43 36.38 -1.08
C3B CLA PC . -9.64 35.35 -1.57
C4B CLA PC . -10.06 35.11 -2.98
CMB CLA PC . -10.22 37.26 0.06
CAB CLA PC . -8.84 34.38 -0.88
CBB CLA PC . -9.01 33.92 0.37
NC CLA PC . -11.17 34.38 -5.72
C1C CLA PC . -10.06 33.85 -5.13
C2C CLA PC . -9.52 32.80 -5.98
C3C CLA PC . -10.35 32.70 -7.10
C4C CLA PC . -11.38 33.71 -6.93
CMC CLA PC . -8.48 31.87 -5.57
CAC CLA PC . -9.96 32.09 -8.38
CBC CLA PC . -10.76 30.86 -8.71
ND CLA PC . -13.79 35.30 -6.26
C1D CLA PC . -13.60 34.66 -7.51
C2D CLA PC . -14.54 35.29 -8.48
C3D CLA PC . -15.45 35.99 -7.72
C4D CLA PC . -14.91 36.02 -6.36
CMD CLA PC . -14.19 35.52 -9.87
CAD CLA PC . -16.60 36.88 -7.76
OBD CLA PC . -17.50 36.95 -8.58
CBD CLA PC . -16.78 37.43 -6.30
CGD CLA PC . -16.92 38.94 -6.26
O1D CLA PC . -16.30 39.78 -6.90
O2D CLA PC . -17.88 39.36 -5.38
CED CLA PC . -17.98 40.75 -5.12
MG CLA QC . -21.16 31.69 -11.96
CHA CLA QC . -24.18 30.39 -13.06
CHB CLA QC . -21.01 29.35 -9.54
CHC CLA QC . -18.57 33.43 -10.54
CHD CLA QC . -21.29 34.04 -14.57
NA CLA QC . -22.33 30.02 -11.51
C1A CLA QC . -23.54 29.62 -12.12
C2A CLA QC . -24.21 28.53 -11.28
C3A CLA QC . -23.24 28.35 -10.08
C4A CLA QC . -22.04 29.21 -10.45
CMA CLA QC . -23.87 28.82 -8.80
CAA CLA QC . -24.40 27.23 -12.04
CBA CLA QC . -25.00 26.14 -11.20
CGA CLA QC . -26.19 26.66 -10.45
O1A CLA QC . -27.16 27.29 -10.87
O2A CLA QC . -26.14 26.30 -9.14
NB CLA QC . -20.02 31.46 -10.34
C1B CLA QC . -20.11 30.44 -9.45
C2B CLA QC . -19.42 30.82 -8.19
C3B CLA QC . -18.63 31.92 -8.52
C4B CLA QC . -19.14 32.44 -9.81
CMB CLA QC . -19.93 30.41 -6.89
CAB CLA QC . -17.35 32.35 -8.01
CBB CLA QC . -16.60 31.74 -7.10
NC CLA QC . -20.01 33.33 -12.57
C1C CLA QC . -18.96 33.84 -11.86
C2C CLA QC . -18.49 35.06 -12.50
C3C CLA QC . -19.21 35.17 -13.70
C4C CLA QC . -20.31 34.23 -13.59
CMC CLA QC . -17.79 36.15 -11.81
CAC CLA QC . -19.00 36.12 -14.80
CBC CLA QC . -18.20 35.56 -15.94
ND CLA QC . -22.30 32.05 -13.58
C1D CLA QC . -22.29 33.11 -14.52
C2D CLA QC . -23.34 32.84 -15.51
C3D CLA QC . -24.18 31.91 -14.93
C4D CLA QC . -23.50 31.48 -13.70
CMD CLA QC . -23.62 33.76 -16.60
CAD CLA QC . -25.51 31.34 -14.93
OBD CLA QC . -26.38 31.42 -15.78
CBD CLA QC . -25.48 30.24 -13.83
CGD CLA QC . -26.70 30.30 -12.95
O1D CLA QC . -27.62 29.49 -12.88
O2D CLA QC . -26.76 31.41 -12.18
CED CLA QC . -27.99 31.74 -11.54
C1 CLA QC . -27.29 26.53 -8.28
C2 CLA QC . -27.16 27.70 -7.35
C3 CLA QC . -26.31 27.74 -6.30
C4 CLA QC . -25.44 26.61 -6.00
C5 CLA QC . -26.13 28.84 -5.30
C6 CLA QC . -24.79 29.51 -5.27
C7 CLA QC . -24.83 30.70 -4.33
C8 CLA QC . -23.59 31.57 -4.41
C9 CLA QC . -23.88 32.96 -3.86
MG CLA RC . -16.91 19.25 -0.24
CHA CLA RC . -19.67 18.93 1.84
CHB CLA RC . -16.54 22.46 0.76
CHC CLA RC . -13.80 19.24 -1.63
CHD CLA RC . -17.42 15.97 -1.33
NA CLA RC . -17.96 20.47 1.08
C1A CLA RC . -18.90 20.05 2.03
C2A CLA RC . -18.98 21.07 3.17
C3A CLA RC . -18.36 22.34 2.52
C4A CLA RC . -17.61 21.77 1.31
CMA CLA RC . -19.43 23.32 2.11
CAA CLA RC . -18.15 20.63 4.36
CBA CLA RC . -18.30 21.61 5.51
CGA CLA RC . -17.46 21.22 6.68
O1A CLA RC . -17.25 20.10 7.14
O2A CLA RC . -16.89 22.30 7.31
NB CLA RC . -15.51 20.66 -0.56
C1B CLA RC . -15.51 21.89 0.01
C2B CLA RC . -14.19 22.56 -0.23
C3B CLA RC . -13.45 21.68 -1.01
C4B CLA RC . -14.21 20.39 -1.03
CMB CLA RC . -13.74 23.67 0.62
CAB CLA RC . -12.33 21.87 -1.88
CBB CLA RC . -11.64 22.98 -2.15
NC CLA RC . -15.87 17.91 -1.44
C1C CLA RC . -14.56 18.04 -1.77
C2C CLA RC . -14.14 16.89 -2.57
C3C CLA RC . -15.13 15.92 -2.41
C4C CLA RC . -16.25 16.60 -1.76
CMC CLA RC . -13.12 16.96 -3.62
CAC CLA RC . -15.20 14.60 -3.05
CBC CLA RC . -14.95 13.44 -2.11
ND CLA RC . -18.21 17.75 0.10
C1D CLA RC . -18.17 16.38 -0.25
C2D CLA RC . -19.44 15.78 0.18
C3D CLA RC . -19.97 16.64 1.11
C4D CLA RC . -19.15 17.86 1.04
CMD CLA RC . -20.14 14.86 -0.71
CAD CLA RC . -21.02 16.87 2.10
OBD CLA RC . -22.01 16.20 2.34
CBD CLA RC . -20.84 18.34 2.60
CGD CLA RC . -22.13 19.09 2.44
O1D CLA RC . -23.14 19.00 3.16
O2D CLA RC . -22.16 19.96 1.41
CED CLA RC . -22.60 21.28 1.73
C1 CLA RC . -17.38 22.58 8.65
MG CLA SC . -26.95 22.81 7.14
CHA CLA SC . -23.86 22.95 5.61
CHB CLA SC . -27.76 25.78 5.69
CHC CLA SC . -30.16 22.33 8.04
CHD CLA SC . -26.53 19.37 7.46
NA CLA SC . -25.95 24.12 5.85
C1A CLA SC . -24.70 23.97 5.25
C2A CLA SC . -24.27 25.28 4.60
C3A CLA SC . -25.36 26.26 5.07
C4A CLA SC . -26.49 25.29 5.42
CMA CLA SC . -24.91 27.03 6.28
CAA CLA SC . -24.27 25.17 3.09
CBA CLA SC . -23.04 25.79 2.48
CGA CLA SC . -23.30 26.00 1.02
O1A CLA SC . -23.85 25.23 0.23
O2A CLA SC . -22.86 27.22 0.58
NB CLA SC . -28.56 24.01 7.22
C1B CLA SC . -28.72 25.13 6.49
C2B CLA SC . -30.12 25.63 6.62
C3B CLA SC . -30.84 24.61 7.21
C4B CLA SC . -29.84 23.59 7.64
CMB CLA SC . -30.50 26.88 5.97
CAB CLA SC . -32.20 24.47 7.68
CBB CLA SC . -33.19 25.35 7.66
NC CLA SC . -27.92 21.30 8.19
C1C CLA SC . -29.25 21.34 8.49
C2C CLA SC . -29.68 20.02 8.96
C3C CLA SC . -28.55 19.20 8.93
C4C CLA SC . -27.55 19.96 8.22
CMC CLA SC . -31.08 19.66 9.16
CAC CLA SC . -28.52 17.74 9.13
CBC CLA SC . -27.63 17.31 10.27
ND CLA SC . -25.45 21.48 6.93
C1D CLA SC . -25.43 20.07 7.01
C2D CLA SC . -24.02 19.64 6.95
C3D CLA SC . -23.35 20.73 6.41
C4D CLA SC . -24.37 21.77 6.22
CMD CLA SC . -23.58 18.26 7.09
CAD CLA SC . -22.18 21.16 5.68
OBD CLA SC . -21.35 20.43 5.18
CBD CLA SC . -22.45 22.62 5.20
CGD CLA SC . -21.45 23.62 5.72
O1D CLA SC . -20.81 24.44 5.05
O2D CLA SC . -21.28 23.57 7.07
CED CLA SC . -20.45 24.57 7.67
C1 CLA SC . -22.93 27.46 -0.84
C2 CLA SC . -21.64 26.98 -1.39
C3 CLA SC . -21.44 26.74 -2.69
C4 CLA SC . -22.50 26.92 -3.71
C5 CLA SC . -20.13 26.27 -3.18
C6 CLA SC . -19.40 27.37 -3.91
C7 CLA SC . -18.07 26.88 -4.43
C8 CLA SC . -17.45 27.94 -5.34
C9 CLA SC . -16.29 27.34 -6.12
C10 CLA SC . -17.00 29.13 -4.52
C11 CLA SC . -15.95 28.75 -3.49
C12 CLA SC . -15.77 29.82 -2.43
C13 CLA SC . -15.13 29.28 -1.15
C14 CLA SC . -14.88 30.42 -0.19
C15 CLA SC . -13.90 28.41 -1.45
C16 CLA SC . -12.80 28.44 -0.40
C17 CLA SC . -12.25 27.06 -0.11
C18 CLA SC . -11.71 26.99 1.31
C19 CLA SC . -10.71 25.86 1.47
C20 CLA SC . -12.82 26.88 2.34
MG CLA TC . -28.73 5.94 -8.99
CHA CLA TC . -31.90 6.37 -10.24
CHB CLA TC . -30.04 4.92 -6.03
CHC CLA TC . -25.75 6.37 -7.42
CHD CLA TC . -27.45 7.74 -11.73
NA CLA TC . -30.67 5.67 -8.28
C1A CLA TC . -31.87 6.03 -8.91
C2A CLA TC . -33.01 5.49 -8.06
C3A CLA TC . -32.41 5.49 -6.64
C4A CLA TC . -30.91 5.46 -6.95
CMA CLA TC . -32.78 6.72 -5.84
CAA CLA TC . -33.32 4.08 -8.52
CBA CLA TC . -33.77 3.13 -7.45
CGA CLA TC . -32.76 2.04 -7.24
O1A CLA TC . -32.75 1.19 -6.36
O2A CLA TC . -31.71 2.07 -8.12
NB CLA TC . -27.95 5.29 -7.26
C1B CLA TC . -28.66 4.74 -6.25
C2B CLA TC . -27.74 4.36 -5.16
C3B CLA TC . -26.52 4.93 -5.46
C4B CLA TC . -26.72 5.71 -6.72
CMB CLA TC . -28.30 3.94 -3.88
CAB CLA TC . -25.19 4.60 -5.01
CBB CLA TC . -24.80 3.43 -4.50
NC CLA TC . -26.84 6.51 -9.66
C1C CLA TC . -25.81 6.76 -8.79
C2C CLA TC . -24.64 7.12 -9.58
C3C CLA TC . -25.08 7.31 -10.89
C4C CLA TC . -26.52 7.16 -10.85
CMC CLA TC . -23.28 6.84 -9.12
CAC CLA TC . -24.28 7.86 -12.01
CBC CLA TC . -24.24 6.98 -13.23
ND CLA TC . -29.43 6.79 -10.67
C1D CLA TC . -28.80 7.46 -11.75
C2D CLA TC . -29.74 7.40 -12.89
C3D CLA TC . -30.98 7.13 -12.33
C4D CLA TC . -30.74 6.85 -10.90
CMD CLA TC . -29.33 7.28 -14.29
CAD CLA TC . -32.41 7.03 -12.56
OBD CLA TC . -33.04 7.13 -13.60
CBD CLA TC . -33.05 6.58 -11.21
CGD CLA TC . -33.98 7.62 -10.67
O1D CLA TC . -33.63 8.71 -10.25
O2D CLA TC . -35.31 7.30 -10.67
CED CLA TC . -36.23 8.34 -10.31
C1 CLA TC . -30.53 1.32 -7.79
C2 CLA TC . -29.42 2.00 -8.51
C3 CLA TC . -28.36 1.39 -9.07
C4 CLA TC . -28.18 -0.08 -9.09
C5 CLA TC . -27.32 2.19 -9.77
C6 CLA TC . -27.99 3.01 -10.85
C7 CLA TC . -27.00 3.44 -11.92
C8 CLA TC . -27.62 4.03 -13.20
C9 CLA TC . -29.07 3.62 -13.43
C10 CLA TC . -26.77 3.66 -14.41
C11 CLA TC . -27.31 4.23 -15.70
C12 CLA TC . -26.26 4.30 -16.78
C13 CLA TC . -26.91 4.38 -18.16
C14 CLA TC . -26.92 3.02 -18.84
C15 CLA TC . -26.24 5.42 -19.05
C16 CLA TC . -27.07 5.73 -20.27
MG CLA UC . -32.14 14.66 -8.38
CHA CLA UC . -35.15 14.32 -6.70
CHB CLA UC . -32.53 11.61 -9.70
CHC CLA UC . -28.96 14.76 -9.64
CHD CLA UC . -31.28 17.30 -6.23
NA CLA UC . -33.65 13.22 -8.27
C1A CLA UC . -34.76 13.22 -7.42
C2A CLA UC . -35.55 11.93 -7.63
C3A CLA UC . -34.50 11.00 -8.26
C4A CLA UC . -33.37 11.95 -8.67
CMA CLA UC . -34.01 10.00 -7.25
CAA CLA UC . -36.78 12.22 -8.47
CBA CLA UC . -36.59 12.17 -9.97
CGA CLA UC . -36.53 13.57 -10.48
O1A CLA UC . -35.72 14.44 -10.15
O2A CLA UC . -37.52 13.85 -11.37
NB CLA UC . -31.13 13.62 -9.77
C1B CLA UC . -31.53 12.42 -10.26
C2B CLA UC . -30.53 11.94 -11.25
C3B CLA UC . -29.41 12.74 -11.07
C4B CLA UC . -29.75 13.73 -10.01
CMB CLA UC . -30.75 10.68 -11.95
CAB CLA UC . -28.17 12.92 -11.80
CBB CLA UC . -27.73 12.27 -12.87
NC CLA UC . -30.55 15.99 -8.20
C1C CLA UC . -29.32 15.81 -8.75
C2C CLA UC . -28.54 17.02 -8.56
C3C CLA UC . -29.29 17.86 -7.72
C4C CLA UC . -30.44 17.07 -7.33
CMC CLA UC . -27.33 17.33 -9.31
CAC CLA UC . -28.81 19.07 -7.04
CBC CLA UC . -29.62 20.30 -7.39
ND CLA UC . -33.01 15.72 -6.91
C1D CLA UC . -32.47 16.66 -6.00
C2D CLA UC . -33.54 17.04 -5.05
C3D CLA UC . -34.48 16.06 -5.15
C4D CLA UC . -34.19 15.35 -6.41
CMD CLA UC . -33.76 18.40 -4.61
CAD CLA UC . -35.85 15.77 -4.83
OBD CLA UC . -36.60 16.32 -4.04
CBD CLA UC . -36.22 14.51 -5.65
CGD CLA UC . -36.19 13.35 -4.72
O1D CLA UC . -35.19 12.93 -4.15
O2D CLA UC . -37.37 12.72 -4.56
CED CLA UC . -37.58 12.16 -3.27
C1 CLA UC . -37.34 14.81 -12.44
C2 CLA UC . -37.48 16.22 -12.00
C3 CLA UC . -37.52 17.28 -12.82
C4 CLA UC . -37.40 17.14 -14.29
C5 CLA UC . -37.63 18.66 -12.26
C6 CLA UC . -38.56 19.57 -13.03
C7 CLA UC . -38.95 20.88 -12.34
C8 CLA UC . -37.87 21.94 -12.10
C9 CLA UC . -37.28 21.94 -10.70
C10 CLA UC . -38.42 23.35 -12.32
C11 CLA UC . -39.51 23.48 -13.37
C12 CLA UC . -39.72 24.92 -13.78
C13 CLA UC . -41.00 25.05 -14.60
C14 CLA UC . -40.79 24.48 -15.98
C15 CLA UC . -41.43 26.51 -14.66
C16 CLA UC . -42.67 26.70 -15.51
C17 CLA UC . -43.50 27.85 -14.98
C18 CLA UC . -43.30 29.10 -15.82
C19 CLA UC . -43.63 30.33 -15.00
C20 CLA UC . -44.17 29.05 -17.06
MG CLA VC . -16.38 16.10 -17.98
CHA CLA VC . -13.86 15.72 -20.29
CHB CLA VC . -17.94 18.19 -20.15
CHC CLA VC . -18.80 16.70 -15.67
CHD CLA VC . -14.66 14.05 -15.72
NA CLA VC . -16.01 16.72 -19.93
C1A CLA VC . -15.00 16.28 -20.77
C2A CLA VC . -15.46 16.42 -22.22
C3A CLA VC . -16.34 17.68 -22.07
C4A CLA VC . -16.89 17.47 -20.66
CMA CLA VC . -15.52 18.93 -22.15
CAA CLA VC . -16.30 15.22 -22.59
CBA CLA VC . -15.46 14.01 -22.91
CGA CLA VC . -16.29 12.93 -23.50
O1A CLA VC . -16.82 12.85 -24.60
O2A CLA VC . -16.42 11.88 -22.63
NB CLA VC . -18.19 16.98 -18.03
C1B CLA VC . -18.54 17.94 -18.90
C2B CLA VC . -19.97 18.27 -18.66
C3B CLA VC . -20.25 17.85 -17.38
C4B CLA VC . -19.10 17.00 -16.95
CMB CLA VC . -20.82 18.26 -19.82
CAB CLA VC . -21.33 18.15 -16.48
CBB CLA VC . -22.28 19.07 -16.66
NC CLA VC . -16.61 15.57 -15.97
C1C CLA VC . -17.73 15.87 -15.23
C2C CLA VC . -17.93 14.83 -14.25
C3C CLA VC . -16.79 14.02 -14.27
C4C CLA VC . -15.90 14.59 -15.29
CMC CLA VC . -19.24 14.53 -13.66
CAC CLA VC . -16.42 13.07 -13.22
CBC CLA VC . -16.74 11.64 -13.59
ND CLA VC . -14.64 15.12 -17.93
C1D CLA VC . -14.10 14.23 -16.98
C2D CLA VC . -12.67 14.07 -17.38
C3D CLA VC . -12.61 14.37 -18.72
C4D CLA VC . -13.87 15.08 -19.01
CMD CLA VC . -11.61 14.25 -16.42
CAD CLA VC . -11.71 14.67 -19.82
OBD CLA VC . -10.57 14.28 -20.02
CBD CLA VC . -12.56 15.36 -20.94
CGD CLA VC . -11.88 16.57 -21.52
O1D CLA VC . -12.23 17.75 -21.44
O2D CLA VC . -10.75 16.28 -22.22
CED CLA VC . -9.67 17.20 -22.12
C1 CLA VC . -16.96 10.65 -23.15
C2 CLA VC . -16.89 9.69 -22.03
C3 CLA VC . -17.23 8.39 -22.12
C4 CLA VC . -17.70 7.80 -23.39
C5 CLA VC . -17.11 7.51 -20.94
C6 CLA VC . -18.45 7.22 -20.27
C7 CLA VC . -18.49 5.79 -19.78
C8 CLA VC . -19.29 5.66 -18.48
C9 CLA VC . -18.62 6.43 -17.38
C10 CLA VC . -19.45 4.20 -18.09
MG CLA WC . -3.38 31.04 0.79
CHA CLA WC . -1.74 33.75 -0.51
CHB CLA WC . -0.46 30.04 2.15
CHC CLA WC . -4.54 27.83 1.01
CHD CLA WC . -6.29 32.03 -0.83
NA CLA WC . -1.55 31.99 1.12
C1A CLA WC . -1.15 33.23 0.61
C2A CLA WC . 0.26 33.55 1.10
C3A CLA WC . 0.77 32.18 1.59
C4A CLA WC . -0.46 31.28 1.53
CMA CLA WC . 1.88 31.66 0.70
CAA CLA WC . 0.24 34.63 2.17
CBA CLA WC . -0.41 34.20 3.47
CGA CLA WC . -0.75 35.37 4.34
O1A CLA WC . -1.22 35.37 5.47
O2A CLA WC . -0.50 36.58 3.75
NB CLA WC . -2.81 29.41 1.81
C1B CLA WC . -1.61 29.27 2.41
C2B CLA WC . -1.55 27.91 3.01
C3B CLA WC . -2.77 27.32 2.77
C4B CLA WC . -3.39 28.13 1.69
CMB CLA WC . -0.25 27.32 3.28
CAB CLA WC . -3.56 26.47 3.62
CBB CLA WC . -3.26 26.11 4.86
NC CLA WC . -5.17 30.12 0.27
C1C CLA WC . -5.36 28.77 0.31
C2C CLA WC . -6.73 28.47 -0.14
C3C CLA WC . -7.27 29.68 -0.59
C4C CLA WC . -6.28 30.72 -0.30
CMC CLA WC . -7.42 27.22 0.13
CAC CLA WC . -8.51 29.84 -1.35
CBC CLA WC . -9.63 30.45 -0.52
ND CLA WC . -3.98 32.57 -0.35
C1D CLA WC . -5.15 32.75 -1.12
C2D CLA WC . -4.79 33.50 -2.35
C3D CLA WC . -3.52 34.01 -2.12
C4D CLA WC . -3.07 33.39 -0.86
CMD CLA WC . -5.76 33.89 -3.37
CAD CLA WC . -2.62 35.11 -2.37
OBD CLA WC . -2.85 36.15 -2.97
CBD CLA WC . -1.45 34.99 -1.34
CGD CLA WC . -0.10 34.94 -1.99
O1D CLA WC . 0.88 35.65 -1.74
O2D CLA WC . 0.01 33.98 -2.95
CED CLA WC . 1.30 33.74 -3.53
MG CLA XC . 1.72 26.32 8.12
CHA CLA XC . 3.05 28.66 5.93
CHB CLA XC . 4.63 24.56 7.91
CHC CLA XC . 0.24 23.74 9.80
CHD CLA XC . -1.37 28.01 7.97
NA CLA XC . 3.55 26.65 7.18
C1A CLA XC . 3.95 27.80 6.49
C2A CLA XC . 5.45 27.73 6.16
C3A CLA XC . 5.78 26.24 6.43
C4A CLA XC . 4.60 25.79 7.29
CMA CLA XC . 5.88 25.44 5.16
CAA CLA XC . 6.29 28.68 7.01
CBA CLA XC . 5.65 29.03 8.35
CGA CLA XC . 6.35 30.19 8.97
O1A CLA XC . 6.67 31.26 8.47
O2A CLA XC . 6.61 29.99 10.30
NB CLA XC . 2.37 24.60 8.91
C1B CLA XC . 3.60 24.06 8.73
C2B CLA XC . 3.75 22.91 9.66
C3B CLA XC . 2.48 22.55 10.04
C4B CLA XC . 1.56 23.61 9.53
CMB CLA XC . 5.04 22.25 9.88
CAB CLA XC . 2.03 21.57 10.99
CBB CLA XC . 2.46 21.44 12.26
NC CLA XC . -0.21 25.99 8.85
C1C CLA XC . -0.62 24.80 9.40
C2C CLA XC . -1.99 24.94 9.84
C3C CLA XC . -2.47 26.13 9.28
C4C CLA XC . -1.35 26.74 8.59
CMC CLA XC . -2.55 24.17 10.95
CAC CLA XC . -3.79 26.74 9.49
CBC CLA XC . -4.71 26.59 8.31
ND CLA XC . 0.96 27.98 7.25
C1D CLA XC . -0.34 28.53 7.22
C2D CLA XC . -0.30 29.81 6.48
C3D CLA XC . 0.99 29.93 5.99
C4D CLA XC . 1.69 28.70 6.39
CMD CLA XC . -1.47 30.65 6.19
CAD CLA XC . 1.90 30.69 5.13
OBD CLA XC . 1.78 31.84 4.74
CBD CLA XC . 3.25 29.92 5.12
CGD CLA XC . 3.71 29.60 3.73
O1D CLA XC . 3.17 28.88 2.89
O2D CLA XC . 4.89 30.20 3.39
CED CLA XC . 5.17 30.44 2.01
C1 CLA XC . 5.67 30.54 11.24
C2 CLA XC . 5.88 29.84 12.53
C3 CLA XC . 5.03 29.91 13.57
C4 CLA XC . 3.77 30.70 13.54
MG CLA YC . 0.10 12.62 16.66
CHA CLA YC . 1.86 14.08 14.07
CHB CLA YC . 1.44 9.63 15.88
CHC CLA YC . -0.57 11.63 19.80
CHD CLA YC . -1.36 15.76 17.32
NA CLA YC . 1.44 11.99 15.19
C1A CLA YC . 2.22 12.78 14.32
C2A CLA YC . 2.98 11.88 13.34
C3A CLA YC . 2.91 10.50 14.02
C4A CLA YC . 1.81 10.69 15.06
CMA CLA YC . 2.56 9.39 13.06
CAA CLA YC . 4.42 12.30 13.06
CBA CLA YC . 5.14 12.98 14.21
CGA CLA YC . 6.61 13.03 13.94
O1A CLA YC . 7.37 12.13 13.62
O2A CLA YC . 7.13 14.29 14.08
NB CLA YC . 0.16 10.85 17.59
C1B CLA YC . 0.85 9.77 17.14
C2B CLA YC . 1.15 8.86 18.28
C3B CLA YC . 0.50 9.36 19.38
C4B CLA YC . -0.11 10.66 18.97
CMB CLA YC . 1.60 7.49 18.08
CAB CLA YC . 0.01 8.52 20.45
CBB CLA YC . -0.11 8.84 21.74
NC CLA YC . -1.06 13.45 18.19
C1C CLA YC . -1.16 12.88 19.42
C2C CLA YC . -1.64 13.86 20.39
C3C CLA YC . -1.71 15.08 19.72
C4C CLA YC . -1.48 14.79 18.31
CMC CLA YC . -2.16 13.53 21.72
CAC CLA YC . -2.37 16.30 20.22
CBC CLA YC . -1.47 17.50 20.42
ND CLA YC . 0.16 14.50 15.89
C1D CLA YC . -0.46 15.71 16.27
C2D CLA YC . 0.18 16.84 15.57
C3D CLA YC . 0.98 16.24 14.60
C4D CLA YC . 1.10 14.84 15.01
CMD CLA YC . -0.17 18.25 15.73
CAD CLA YC . 1.50 16.34 13.25
OBD CLA YC . 1.57 17.31 12.51
CBD CLA YC . 1.74 14.87 12.80
CGD CLA YC . 0.60 14.34 11.99
O1D CLA YC . -0.05 13.32 12.15
O2D CLA YC . 0.29 15.14 10.94
CED CLA YC . 0.92 14.79 9.71
C1 CLA YC . 7.55 14.91 12.86
C2 CLA YC . 8.08 16.26 13.18
C3 CLA YC . 7.31 17.32 13.48
C4 CLA YC . 7.93 18.62 13.78
C5 CLA YC . 5.83 17.27 13.52
C6 CLA YC . 5.28 17.46 14.92
C7 CLA YC . 4.28 18.58 15.00
C8 CLA YC . 4.87 19.87 15.58
C9 CLA YC . 5.39 19.64 16.99
C10 CLA YC . 3.87 21.01 15.58
MG CLA ZC . -2.47 3.22 21.51
CHA CLA ZC . -1.97 2.32 24.81
CHB CLA ZC . -2.53 6.46 22.43
CHC CLA ZC . -2.55 4.10 18.21
CHD CLA ZC . -2.42 -0.19 20.62
NA CLA ZC . -2.48 4.19 23.36
C1A CLA ZC . -2.10 3.65 24.59
C2A CLA ZC . -1.83 4.76 25.61
C3A CLA ZC . -2.51 5.98 24.94
C4A CLA ZC . -2.59 5.54 23.47
CMA CLA ZC . -3.87 6.21 25.53
CAA CLA ZC . -0.34 4.95 25.80
CBA CLA ZC . 0.00 5.19 27.26
CGA CLA ZC . 1.48 5.10 27.49
O1A CLA ZC . 2.14 5.60 28.40
O2A CLA ZC . 2.12 4.34 26.55
NB CLA ZC . -2.76 4.95 20.53
C1B CLA ZC . -2.85 6.17 21.09
C2B CLA ZC . -3.13 7.18 20.03
C3B CLA ZC . -2.95 6.55 18.83
C4B CLA ZC . -2.79 5.09 19.12
CMB CLA ZC . -3.58 8.55 20.31
CAB CLA ZC . -2.97 7.07 17.49
CBB CLA ZC . -2.25 8.08 17.00
NC CLA ZC . -2.55 2.14 19.74
C1C CLA ZC . -2.54 2.71 18.49
C2C CLA ZC . -2.25 1.68 17.50
C3C CLA ZC . -2.09 0.49 18.19
C4C CLA ZC . -2.47 0.75 19.58
CMC CLA ZC . -1.90 1.98 16.12
CAC CLA ZC . -1.87 -0.85 17.61
CBC CLA ZC . -0.42 -1.24 17.56
ND CLA ZC . -2.27 1.43 22.44
C1D CLA ZC . -2.11 0.12 21.94
C2D CLA ZC . -1.69 -0.77 23.03
C3D CLA ZC . -1.74 0.00 24.18
C4D CLA ZC . -1.95 1.39 23.73
CMD CLA ZC . -1.79 -2.23 22.94
CAD CLA ZC . -2.09 0.01 25.60
OBD CLA ZC . -2.69 -0.84 26.26
CBD CLA ZC . -1.91 1.48 26.07
CGD CLA ZC . -2.96 1.91 27.06
O1D CLA ZC . -2.78 2.41 28.17
O2D CLA ZC . -4.24 1.73 26.64
CED CLA ZC . -5.19 2.74 26.97
MG CLA AD . -26.24 27.26 13.00
CHA CLA AD . -29.60 28.06 12.85
CHB CLA AD . -26.73 24.96 10.54
CHC CLA AD . -22.97 26.33 13.29
CHD CLA AD . -26.10 28.74 16.20
NA CLA AD . -27.84 26.82 11.73
C1A CLA AD . -29.14 27.36 11.77
C2A CLA AD . -30.05 26.64 10.80
C3A CLA AD . -29.22 25.38 10.42
C4A CLA AD . -27.82 25.76 10.86
CMA CLA AD . -29.72 24.17 11.17
CAA CLA AD . -30.43 27.53 9.61
CBA CLA AD . -29.32 28.46 9.17
CGA CLA AD . -29.91 29.68 8.53
O1A CLA AD . -30.67 30.52 9.01
O2A CLA AD . -29.50 29.85 7.23
NB CLA AD . -25.03 26.02 11.98
C1B CLA AD . -25.44 25.11 11.05
C2B CLA AD . -24.24 24.46 10.46
C3B CLA AD . -23.19 24.73 11.31
C4B CLA AD . -23.69 25.72 12.31
CMB CLA AD . -24.20 24.00 9.07
CAB CLA AD . -21.99 23.97 11.51
CBB CLA AD . -20.75 24.43 11.33
NC CLA AD . -24.76 27.60 14.44
C1C CLA AD . -23.51 27.06 14.38
C2C CLA AD . -22.71 27.59 15.48
C3C CLA AD . -23.57 28.43 16.20
C4C CLA AD . -24.90 28.21 15.68
CMC CLA AD . -21.26 27.51 15.55
CAC CLA AD . -23.19 29.39 17.25
CBC CLA AD . -22.91 30.78 16.71
ND CLA AD . -27.47 28.33 14.21
C1D CLA AD . -27.31 28.80 15.54
C2D CLA AD . -28.57 29.48 15.93
C3D CLA AD . -29.52 29.02 15.06
C4D CLA AD . -28.78 28.31 13.98
CMD CLA AD . -28.62 30.78 16.57
CAD CLA AD . -30.84 29.31 14.53
OBD CLA AD . -31.73 30.01 14.99
CBD CLA AD . -31.00 28.47 13.24
CGD CLA AD . -31.88 27.29 13.50
O1D CLA AD . -31.59 26.09 13.48
O2D CLA AD . -33.15 27.64 13.83
CED CLA AD . -33.82 26.76 14.72
MG CLA BD . -29.83 34.32 15.15
CHA CLA BD . -32.87 35.76 14.42
CHB CLA BD . -30.23 32.17 12.61
CHC CLA BD . -26.53 33.53 15.43
CHD CLA BD . -29.48 36.41 17.91
NA CLA BD . -31.31 34.09 13.71
C1A CLA BD . -32.35 34.97 13.43
C2A CLA BD . -32.94 34.68 12.04
C3A CLA BD . -32.06 33.50 11.53
C4A CLA BD . -31.24 33.11 12.75
CMA CLA BD . -32.88 32.34 11.00
CAA CLA BD . -32.80 35.87 11.11
CBA CLA BD . -31.38 36.09 10.65
CGA CLA BD . -31.29 37.31 9.79
O1A CLA BD . -32.12 37.75 8.98
O2A CLA BD . -30.11 37.98 9.94
NB CLA BD . -28.56 33.19 14.09
C1B CLA BD . -28.97 32.22 13.24
C2B CLA BD . -27.78 31.56 12.67
C3B CLA BD . -26.70 31.94 13.45
C4B CLA BD . -27.18 33.06 14.32
CMB CLA BD . -27.80 31.12 11.29
CAB CLA BD . -25.49 31.22 13.70
CBB CLA BD . -24.26 31.68 13.43
NC CLA BD . -28.45 34.49 16.70
C1C CLA BD . -27.16 34.05 16.61
C2C CLA BD . -26.46 34.38 17.84
C3C CLA BD . -27.28 35.28 18.53
C4C CLA BD . -28.48 35.43 17.73
CMC CLA BD . -25.16 33.82 18.23
CAC CLA BD . -27.04 35.86 19.86
CBC CLA BD . -27.50 34.96 20.99
ND CLA BD . -31.03 35.55 16.21
C1D CLA BD . -30.73 36.40 17.31
C2D CLA BD . -31.81 37.40 17.42
C3D CLA BD . -32.68 37.19 16.36
C4D CLA BD . -32.16 35.99 15.66
CMD CLA BD . -31.82 38.49 18.40
CAD CLA BD . -33.79 37.70 15.60
OBD CLA BD . -34.50 38.68 15.82
CBD CLA BD . -34.10 36.63 14.50
CGD CLA BD . -35.33 35.84 14.83
O1D CLA BD . -35.44 34.91 15.63
O2D CLA BD . -36.44 36.21 14.13
CED CLA BD . -37.32 37.15 14.75
MG CLA CD . -22.47 15.61 9.25
CHA CLA CD . -22.59 17.60 12.04
CHB CLA CD . -19.74 17.34 8.29
CHC CLA CD . -21.82 13.28 6.81
CHD CLA CD . -24.39 13.23 10.94
NA CLA CD . -21.60 17.40 9.88
C1A CLA CD . -21.62 17.97 11.15
C2A CLA CD . -20.90 19.32 11.13
C3A CLA CD . -20.21 19.35 9.75
C4A CLA CD . -20.58 17.99 9.17
CMA CLA CD . -20.71 20.49 8.90
CAA CLA CD . -19.89 19.48 12.24
CBA CLA CD . -20.13 20.78 12.98
CGA CLA CD . -18.98 21.11 13.89
O1A CLA CD . -18.50 20.43 14.79
O2A CLA CD . -18.44 22.34 13.65
NB CLA CD . -21.26 15.54 7.64
C1B CLA CD . -20.10 16.24 7.51
C2B CLA CD . -19.60 16.04 6.13
C3B CLA CD . -20.29 14.94 5.62
C4B CLA CD . -21.21 14.49 6.70
CMB CLA CD . -18.87 17.12 5.49
CAB CLA CD . -20.27 14.30 4.33
CBB CLA CD . -19.26 14.26 3.44
NC CLA CD . -23.27 13.74 8.79
C1C CLA CD . -22.85 12.95 7.75
C2C CLA CD . -23.53 11.67 7.81
C3C CLA CD . -24.44 11.75 8.87
C4C CLA CD . -24.11 12.97 9.59
CMC CLA CD . -23.43 10.61 6.81
CAC CLA CD . -25.60 10.88 9.09
CBC CLA CD . -25.33 9.78 10.08
ND CLA CD . -23.58 15.54 10.92
C1D CLA CD . -24.26 14.46 11.54
C2D CLA CD . -24.85 14.94 12.80
C3D CLA CD . -24.22 16.13 13.06
C4D CLA CD . -23.33 16.39 11.91
CMD CLA CD . -26.11 14.44 13.35
CAD CLA CD . -24.35 17.41 13.74
OBD CLA CD . -25.37 17.83 14.25
CBD CLA CD . -23.30 18.37 13.13
CGD CLA CD . -23.96 19.63 12.61
O1D CLA CD . -24.17 20.67 13.23
O2D CLA CD . -24.35 19.56 11.31
CED CLA CD . -25.01 20.70 10.73
C1 CLA CD . -17.52 22.85 14.63
C2 CLA CD . -17.51 24.33 14.50
C3 CLA CD . -17.00 25.17 15.42
C4 CLA CD . -16.40 24.68 16.69
C5 CLA CD . -17.02 26.64 15.23
C6 CLA CD . -17.01 27.08 13.78
MG CLA DD . -12.09 18.14 14.53
CHA CLA DD . -15.51 17.81 14.80
CHB CLA DD . -12.39 17.78 11.14
CHC CLA DD . -8.69 17.91 14.21
CHD CLA DD . -11.81 17.77 18.01
NA CLA DD . -13.69 17.83 13.22
C1A CLA DD . -15.04 18.01 13.54
C2A CLA DD . -15.75 18.67 12.38
C3A CLA DD . -14.88 18.17 11.20
C4A CLA DD . -13.56 17.76 11.87
CMA CLA DD . -15.53 16.98 10.57
CAA CLA DD . -15.86 20.19 12.54
CBA CLA DD . -14.59 21.02 12.56
CGA CLA DD . -14.02 21.18 13.92
O1A CLA DD . -14.61 21.28 15.00
O2A CLA DD . -12.66 21.21 13.92
NB CLA DD . -10.81 18.21 12.99
C1B CLA DD . -11.12 18.05 11.69
C2B CLA DD . -9.94 18.44 10.86
C3B CLA DD . -8.86 18.44 11.72
C4B CLA DD . -9.40 18.20 13.08
CMB CLA DD . -10.01 18.41 9.41
CAB CLA DD . -7.45 18.36 11.43
CBB CLA DD . -6.73 19.17 10.65
NC CLA DD . -10.51 18.15 15.89
C1C CLA DD . -9.22 17.87 15.53
C2C CLA DD . -8.40 17.71 16.72
C3C CLA DD . -9.28 17.66 17.79
C4C CLA DD . -10.62 17.91 17.26
CMC CLA DD . -6.95 17.89 16.75
CAC CLA DD . -8.97 17.21 19.15
CBC CLA DD . -9.01 15.70 19.29
ND CLA DD . -13.33 17.94 16.11
C1D CLA DD . -13.09 17.85 17.50
C2D CLA DD . -14.38 17.55 18.17
C3D CLA DD . -15.34 17.50 17.17
C4D CLA DD . -14.62 17.68 15.90
CMD CLA DD . -14.57 17.53 19.62
CAD CLA DD . -16.77 17.58 16.86
OBD CLA DD . -17.68 17.98 17.54
CBD CLA DD . -16.88 17.49 15.31
CGD CLA DD . -17.36 16.14 14.86
O1D CLA DD . -16.72 15.09 14.81
O2D CLA DD . -18.67 16.12 14.47
CED CLA DD . -19.46 15.00 14.88
C1 CLA DD . -12.00 21.82 15.05
C2 CLA DD . -10.55 21.70 14.80
C3 CLA DD . -9.62 21.83 15.76
C4 CLA DD . -9.97 22.12 17.17
C5 CLA DD . -8.17 21.69 15.45
C6 CLA DD . -7.81 22.08 14.03
C7 CLA DD . -6.56 21.35 13.56
C8 CLA DD . -5.36 21.60 14.46
C9 CLA DD . -4.47 22.65 13.85
C10 CLA DD . -4.58 20.31 14.69
MG CLA ED . -9.57 22.43 5.49
CHA CLA ED . -12.60 21.02 6.28
CHB CLA ED . -10.33 22.07 2.18
CHC CLA ED . -6.25 22.75 4.70
CHD CLA ED . -8.68 21.82 8.81
NA CLA ED . -11.30 21.92 4.44
C1A CLA ED . -12.49 21.42 4.99
C2A CLA ED . -13.49 21.04 3.90
C3A CLA ED . -12.59 21.02 2.63
C4A CLA ED . -11.31 21.73 3.09
CMA CLA ED . -12.30 19.62 2.16
CAA CLA ED . -14.64 22.04 3.82
CBA CLA ED . -14.31 23.43 4.34
CGA CLA ED . -15.51 24.33 4.24
O1A CLA ED . -16.22 24.54 3.27
O2A CLA ED . -15.77 24.99 5.42
NB CLA ED . -8.53 22.64 3.78
C1B CLA ED . -9.04 22.52 2.53
C2B CLA ED . -8.00 22.94 1.54
C3B CLA ED . -6.84 23.16 2.25
C4B CLA ED . -7.13 22.78 3.66
CMB CLA ED . -8.31 23.24 0.14
CAB CLA ED . -5.71 23.97 1.87
CBB CLA ED . -4.44 23.58 1.82
NC CLA ED . -7.83 22.68 6.63
C1C CLA ED . -6.58 22.77 6.09
C2C CLA ED . -5.60 22.83 7.17
C3C CLA ED . -6.31 22.65 8.36
C4C CLA ED . -7.67 22.30 7.96
CMC CLA ED . -4.15 22.84 6.97
CAC CLA ED . -5.81 22.72 9.74
CBC CLA ED . -6.28 23.93 10.49
ND CLA ED . -10.51 22.12 7.25
C1D CLA ED . -10.02 22.01 8.57
C2D CLA ED . -11.17 21.77 9.48
C3D CLA ED . -12.20 21.33 8.64
C4D CLA ED . -11.71 21.53 7.27
CMD CLA ED . -11.23 22.17 10.88
CAD CLA ED . -13.54 20.78 8.55
OBD CLA ED . -14.49 20.97 9.28
CBD CLA ED . -13.76 20.43 7.05
CGD CLA ED . -13.88 18.95 6.79
O1D CLA ED . -13.18 18.25 6.04
O2D CLA ED . -14.88 18.34 7.46
CED CLA ED . -15.44 17.17 6.85
C1 CLA ED . -16.93 25.84 5.44
C2 CLA ED . -16.68 26.92 6.43
MG CLA FD . -11.73 -14.70 -32.45
CHA CLA FD . -9.77 -17.03 -30.82
CHB CLA FD . -12.31 -16.94 -34.94
CHC CLA FD . -13.46 -12.33 -34.09
CHD CLA FD . -11.06 -12.39 -29.88
NA CLA FD . -11.07 -16.65 -32.83
C1A CLA FD . -10.39 -17.50 -31.95
C2A CLA FD . -10.09 -18.84 -32.65
C3A CLA FD . -10.57 -18.60 -34.09
C4A CLA FD . -11.43 -17.34 -33.94
CMA CLA FD . -9.37 -18.34 -34.95
CAA CLA FD . -10.71 -20.02 -31.92
CBA CLA FD . -12.19 -20.32 -32.07
CGA CLA FD . -12.83 -20.17 -30.72
O1A CLA FD . -13.78 -20.79 -30.24
O2A CLA FD . -12.30 -19.09 -30.06
NB CLA FD . -12.95 -14.73 -34.05
C1B CLA FD . -13.00 -15.71 -34.98
C2B CLA FD . -13.69 -15.19 -36.20
C3B CLA FD . -14.27 -14.01 -35.85
C4B CLA FD . -13.66 -13.60 -34.54
CMB CLA FD . -13.93 -16.01 -37.38
CAB CLA FD . -15.24 -13.27 -36.64
CBB CLA FD . -16.08 -12.31 -36.27
NC CLA FD . -12.42 -12.82 -31.90
C1C CLA FD . -13.00 -11.97 -32.80
C2C CLA FD . -13.32 -10.71 -32.12
C3C CLA FD . -12.85 -10.83 -30.81
C4C CLA FD . -12.11 -12.08 -30.77
CMC CLA FD . -14.25 -9.73 -32.64
CAC CLA FD . -12.61 -9.69 -29.92
CBC CLA FD . -13.50 -9.70 -28.70
ND CLA FD . -10.55 -14.60 -30.81
C1D CLA FD . -10.40 -13.60 -29.81
C2D CLA FD . -9.75 -14.20 -28.63
C3D CLA FD . -9.43 -15.51 -28.98
C4D CLA FD . -9.99 -15.70 -30.33
CMD CLA FD . -9.81 -13.60 -27.30
CAD CLA FD . -8.71 -16.72 -28.63
OBD CLA FD . -7.99 -16.97 -27.68
CBD CLA FD . -8.84 -17.69 -29.84
CGD CLA FD . -7.52 -18.05 -30.45
O1D CLA FD . -6.75 -17.31 -31.08
O2D CLA FD . -7.19 -19.36 -30.31
CED CLA FD . -5.87 -19.79 -30.66
C1 CLA FD . -13.10 -18.08 -29.38
C2 CLA FD . -13.65 -17.08 -30.33
C3 CLA FD . -14.86 -17.15 -30.92
C4 CLA FD . -15.80 -18.27 -30.69
C5 CLA FD . -15.33 -16.11 -31.86
C6 CLA FD . -16.00 -16.67 -33.10
C7 CLA FD . -16.70 -15.59 -33.91
C8 CLA FD . -18.17 -15.86 -34.09
C9 CLA FD . -18.56 -15.66 -35.54
C10 CLA FD . -19.04 -14.97 -33.21
C11 CLA FD . -20.44 -15.52 -33.03
C12 CLA FD . -20.48 -16.99 -32.64
C13 CLA FD . -21.91 -17.49 -32.55
C14 CLA FD . -22.62 -16.94 -31.33
C15 CLA FD . -21.97 -19.00 -32.49
C16 CLA FD . -21.60 -19.61 -33.82
C17 CLA FD . -21.96 -21.08 -33.89
C18 CLA FD . -21.22 -21.83 -35.00
C19 CLA FD . -21.94 -23.12 -35.33
C20 CLA FD . -21.17 -21.01 -36.26
MG CLA GD . -12.11 -7.04 -33.47
CHA CLA GD . -14.36 -7.58 -36.03
CHB CLA GD . -14.17 -4.61 -32.29
CHC CLA GD . -10.28 -6.91 -30.56
CHD CLA GD . -10.48 -10.02 -34.37
NA CLA GD . -13.85 -6.12 -34.19
C1A CLA GD . -14.76 -6.67 -35.11
C2A CLA GD . -15.97 -5.75 -35.27
C3A CLA GD . -15.72 -4.62 -34.25
C4A CLA GD . -14.43 -5.07 -33.57
CMA CLA GD . -15.58 -3.28 -34.91
CAA CLA GD . -17.28 -6.45 -34.96
CBA CLA GD . -17.15 -7.41 -33.79
CGA CLA GD . -17.35 -8.81 -34.24
O1A CLA GD . -16.86 -9.40 -35.21
O2A CLA GD . -18.18 -9.52 -33.42
NB CLA GD . -12.13 -5.87 -31.83
C1B CLA GD . -13.14 -5.05 -31.46
C2B CLA GD . -12.68 -4.21 -30.33
C3B CLA GD . -11.50 -4.78 -29.89
C4B CLA GD . -11.26 -5.99 -30.72
CMB CLA GD . -13.14 -2.83 -30.23
CAB CLA GD . -10.73 -4.45 -28.72
CBB CLA GD . -9.47 -4.03 -28.74
NC CLA GD . -10.49 -8.13 -32.74
C1C CLA GD . -9.97 -7.97 -31.48
C2C CLA GD . -9.16 -9.13 -31.11
C3C CLA GD . -9.11 -9.94 -32.25
C4C CLA GD . -10.01 -9.35 -33.24
CMC CLA GD . -8.27 -9.16 -29.95
CAC CLA GD . -8.52 -11.29 -32.32
CBC CLA GD . -7.12 -11.29 -32.87
ND CLA GD . -12.14 -8.34 -35.02
C1D CLA GD . -11.52 -9.60 -35.17
C2D CLA GD . -12.03 -10.21 -36.41
C3D CLA GD . -13.11 -9.46 -36.80
C4D CLA GD . -13.14 -8.30 -35.89
CMD CLA GD . -11.49 -11.40 -37.04
CAD CLA GD . -14.14 -9.23 -37.81
OBD CLA GD . -14.63 -10.02 -38.60
CBD CLA GD . -14.84 -7.89 -37.43
CGD CLA GD . -14.49 -6.78 -38.38
O1D CLA GD . -13.75 -5.81 -38.16
O2D CLA GD . -15.09 -6.89 -39.59
CED CLA GD . -14.69 -6.01 -40.63
C1 CLA GD . -17.78 -10.87 -33.13
C2 CLA GD . -18.21 -11.11 -31.73
C3 CLA GD . -17.51 -11.89 -30.89
C4 CLA GD . -16.26 -12.57 -31.26
C5 CLA GD . -17.96 -12.11 -29.50
C6 CLA GD . -19.47 -12.19 -29.36
C7 CLA GD . -19.84 -13.07 -28.19
C8 CLA GD . -20.70 -14.26 -28.60
C9 CLA GD . -19.87 -15.31 -29.31
C10 CLA GD . -21.88 -13.83 -29.45
C11 CLA GD . -23.12 -13.61 -28.63
C12 CLA GD . -24.22 -13.04 -29.49
C13 CLA GD . -25.54 -13.81 -29.43
C14 CLA GD . -25.38 -15.31 -29.41
C15 CLA GD . -26.45 -13.42 -30.59
C16 CLA GD . -26.61 -11.91 -30.69
C17 CLA GD . -27.80 -11.43 -29.91
C18 CLA GD . -28.30 -10.04 -30.30
C19 CLA GD . -29.22 -10.08 -31.51
C20 CLA GD . -27.18 -9.05 -30.53
MG CLA HD . -17.03 -4.67 -19.68
CHA CLA HD . -17.21 -1.34 -20.51
CHB CLA HD . -19.22 -4.04 -17.20
CHC CLA HD . -16.25 -7.51 -17.99
CHD CLA HD . -13.86 -4.82 -21.21
NA CLA HD . -18.36 -3.11 -19.32
C1A CLA HD . -18.32 -1.81 -19.87
C2A CLA HD . -19.35 -0.92 -19.18
C3A CLA HD . -19.53 -1.64 -17.82
C4A CLA HD . -19.11 -3.07 -18.17
CMA CLA HD . -18.67 -1.04 -16.74
CAA CLA HD . -20.68 -0.81 -19.92
CBA CLA HD . -20.71 -1.52 -21.26
CGA CLA HD . -22.13 -1.86 -21.62
O1A CLA HD . -23.07 -2.12 -20.87
O2A CLA HD . -22.33 -1.91 -22.97
NB CLA HD . -17.97 -5.82 -18.32
C1B CLA HD . -18.68 -5.34 -17.28
C2B CLA HD . -19.36 -6.50 -16.67
C3B CLA HD . -18.53 -7.58 -16.89
C4B CLA HD . -17.52 -7.08 -17.87
CMB CLA HD . -20.81 -6.53 -16.63
CAB CLA HD . -18.90 -8.97 -16.83
CBB CLA HD . -18.10 -10.00 -16.51
NC CLA HD . -15.49 -6.08 -19.85
C1C CLA HD . -15.38 -7.18 -19.05
C2C CLA HD . -14.12 -7.87 -19.29
C3C CLA HD . -13.55 -7.17 -20.36
C4C CLA HD . -14.22 -5.88 -20.36
CMC CLA HD . -13.84 -9.23 -18.83
CAC CLA HD . -13.01 -7.79 -21.57
CBC CLA HD . -11.53 -8.02 -21.52
ND CLA HD . -15.89 -3.49 -20.85
C1D CLA HD . -14.53 -3.62 -21.25
C2D CLA HD . -14.13 -2.39 -21.96
C3D CLA HD . -15.09 -1.45 -21.64
C4D CLA HD . -16.16 -2.18 -20.94
CMD CLA HD . -13.10 -2.35 -23.01
CAD CLA HD . -15.58 -0.10 -21.85
OBD CLA HD . -15.01 0.83 -22.42
CBD CLA HD . -16.82 0.07 -20.92
CGD CLA HD . -16.50 0.92 -19.74
O1D CLA HD . -16.24 0.56 -18.58
O2D CLA HD . -16.52 2.26 -20.00
CED CLA HD . -15.31 2.98 -19.84
MG CLA ID . -10.20 45.47 2.81
CHA CLA ID . -10.78 42.70 0.83
CHB CLA ID . -10.07 43.45 5.55
CHC CLA ID . -9.58 48.23 4.75
CHD CLA ID . -10.36 47.51 -0.06
NA CLA ID . -10.30 43.40 3.10
C1A CLA ID . -10.43 42.41 2.12
C2A CLA ID . -10.49 41.03 2.77
C3A CLA ID . -10.51 41.32 4.29
C4A CLA ID . -10.35 42.85 4.35
CMA CLA ID . -11.79 40.86 4.93
CAA CLA ID . -9.30 40.15 2.39
CBA CLA ID . -8.02 40.95 2.35
CGA CLA ID . -6.80 40.09 2.10
O1A CLA ID . -5.64 40.50 2.11
O2A CLA ID . -7.12 38.79 1.80
NB CLA ID . -9.90 45.78 4.78
C1B CLA ID . -9.87 44.83 5.74
C2B CLA ID . -9.33 45.42 7.00
C3B CLA ID . -9.26 46.78 6.81
C4B CLA ID . -9.47 47.01 5.34
CMB CLA ID . -8.75 44.59 8.05
CAB CLA ID . -9.47 47.85 7.74
CBB CLA ID . -10.26 47.77 8.82
NC CLA ID . -9.99 47.50 2.40
C1C CLA ID . -9.77 48.46 3.34
C2C CLA ID . -10.03 49.78 2.78
C3C CLA ID . -10.29 49.59 1.42
C4C CLA ID . -10.24 48.14 1.19
CMC CLA ID . -9.83 51.03 3.49
CAC CLA ID . -10.75 50.60 0.45
CBC CLA ID . -12.23 50.83 0.52
ND CLA ID . -10.37 45.23 0.82
C1D CLA ID . -10.37 46.15 -0.27
C2D CLA ID . -10.94 45.47 -1.45
C3D CLA ID . -11.18 44.16 -1.07
C4D CLA ID . -10.64 44.03 0.30
CMD CLA ID . -11.47 46.19 -2.59
CAD CLA ID . -11.60 42.83 -1.48
OBD CLA ID . -12.09 42.48 -2.56
CBD CLA ID . -11.23 41.84 -0.34
CGD CLA ID . -12.39 40.95 0.02
O1D CLA ID . -12.32 39.82 0.50
O2D CLA ID . -13.62 41.48 -0.22
CED CLA ID . -14.74 40.83 0.37
C1 CLA ID . -6.64 37.65 2.57
C2 CLA ID . -5.19 37.41 2.34
C3 CLA ID . -4.67 36.22 2.02
C4 CLA ID . -3.22 36.07 1.81
C5 CLA ID . -5.51 35.00 1.87
C6 CLA ID . -5.10 33.90 2.84
C7 CLA ID . -6.03 32.72 2.70
C8 CLA ID . -6.03 31.79 3.90
C9 CLA ID . -4.62 31.26 4.14
C10 CLA ID . -7.04 30.65 3.66
C11 CLA ID . -6.83 29.42 4.51
C12 CLA ID . -8.10 28.61 4.67
C13 CLA ID . -7.77 27.18 5.06
C14 CLA ID . -7.67 26.32 3.81
C15 CLA ID . -8.76 26.57 6.05
C16 CLA ID . -10.13 26.34 5.44
C17 CLA ID . -11.12 25.50 6.25
C18 CLA ID . -11.64 26.09 7.56
C19 CLA ID . -13.09 25.73 7.71
C20 CLA ID . -10.94 25.50 8.77
C1 PQN JD . -6.57 -5.55 -19.85
O1 PQN JD . -6.69 -5.92 -18.67
C2 PQN JD . -7.24 -6.30 -20.92
C2M PQN JD . -8.06 -7.48 -20.47
C3 PQN JD . -7.11 -5.94 -22.21
C4 PQN JD . -6.28 -4.77 -22.57
O4 PQN JD . -6.16 -4.43 -23.76
C5 PQN JD . -5.59 -4.01 -21.51
C6 PQN JD . -4.80 -2.92 -21.83
C7 PQN JD . -4.17 -2.23 -20.82
C8 PQN JD . -4.31 -2.61 -19.49
C9 PQN JD . -5.09 -3.70 -19.16
C10 PQN JD . -5.72 -4.39 -20.18
C11 PQN JD . -7.79 -6.65 -23.36
C12 PQN JD . -9.18 -6.06 -23.51
C13 PQN JD . -9.83 -5.92 -24.66
C14 PQN JD . -9.18 -6.31 -25.95
C15 PQN JD . -11.21 -5.32 -24.62
C16 PQN JD . -12.11 -5.90 -25.70
C17 PQN JD . -12.80 -7.18 -25.24
C18 PQN JD . -14.30 -7.09 -25.45
C19 PQN JD . -14.68 -6.58 -26.84
C20 PQN JD . -14.92 -6.20 -24.38
C21 PQN JD . -16.44 -6.29 -24.41
C22 PQN JD . -17.06 -5.83 -23.10
C23 PQN JD . -18.08 -4.69 -23.22
C24 PQN JD . -19.48 -5.25 -23.47
C25 PQN JD . -17.70 -3.67 -24.30
C26 PQN JD . -18.64 -2.48 -24.23
C27 PQN JD . -18.06 -1.25 -24.92
C28 PQN JD . -19.16 -0.42 -25.58
C29 PQN JD . -20.11 0.15 -24.54
C30 PQN JD . -18.55 0.71 -26.40
C1 BCR KD . -50.13 36.63 -6.91
C2 BCR KD . -51.40 36.03 -7.49
C3 BCR KD . -51.55 36.44 -8.92
C4 BCR KD . -50.42 35.89 -9.74
C5 BCR KD . -49.10 36.04 -9.07
C6 BCR KD . -48.93 36.40 -7.79
C7 BCR KD . -47.61 36.51 -7.17
C8 BCR KD . -46.92 37.65 -7.13
C9 BCR KD . -45.56 37.74 -6.64
C10 BCR KD . -44.65 38.36 -7.41
C11 BCR KD . -43.27 38.54 -7.06
C33 BCR KD . -47.96 35.77 -9.97
C31 BCR KD . -49.94 36.03 -5.54
C32 BCR KD . -50.41 38.11 -6.76
C34 BCR KD . -45.35 37.54 -5.20
C12 BCR KD . -42.54 39.34 -7.84
C13 BCR KD . -41.37 40.06 -7.39
C14 BCR KD . -41.04 41.20 -8.00
C15 BCR KD . -39.99 42.08 -7.54
C16 BCR KD . -39.20 42.71 -8.41
C17 BCR KD . -38.12 43.47 -7.87
C18 BCR KD . -37.44 44.43 -8.52
C19 BCR KD . -36.35 45.09 -7.85
C20 BCR KD . -35.66 46.08 -8.40
C21 BCR KD . -34.38 46.46 -7.84
C22 BCR KD . -33.35 46.92 -8.54
C23 BCR KD . -32.21 47.44 -7.80
C24 BCR KD . -32.29 48.43 -6.91
C25 BCR KD . -31.24 49.37 -6.54
C26 BCR KD . -30.32 49.08 -5.60
C27 BCR KD . -29.24 49.97 -5.15
C28 BCR KD . -28.97 51.07 -6.14
C29 BCR KD . -30.27 51.68 -6.57
C30 BCR KD . -31.25 50.71 -7.22
C35 BCR KD . -40.67 39.63 -6.16
C36 BCR KD . -37.95 44.99 -9.79
C37 BCR KD . -33.52 47.34 -9.95
C38 BCR KD . -30.26 47.81 -4.86
C39 BCR KD . -30.99 50.66 -8.71
C40 BCR KD . -32.61 51.37 -7.07
C1 BCR LD . -45.75 34.88 -14.71
C2 BCR LD . -46.28 35.68 -13.53
C3 BCR LD . -45.15 36.07 -12.62
C4 BCR LD . -44.18 36.96 -13.34
C5 BCR LD . -43.89 36.51 -14.73
C6 BCR LD . -44.58 35.55 -15.37
C7 BCR LD . -44.26 35.15 -16.75
C8 BCR LD . -43.42 34.18 -17.06
C9 BCR LD . -43.00 33.89 -18.43
C10 BCR LD . -42.15 32.87 -18.66
C11 BCR LD . -41.43 32.14 -17.65
C33 BCR LD . -42.75 37.22 -15.34
C31 BCR LD . -46.90 34.72 -15.68
C32 BCR LD . -45.38 33.52 -14.17
C34 BCR LD . -43.58 34.67 -19.53
C12 BCR LD . -40.76 31.06 -18.00
C13 BCR LD . -39.94 30.25 -17.13
C14 BCR LD . -39.44 29.10 -17.58
C15 BCR LD . -38.62 28.21 -16.80
C16 BCR LD . -38.18 27.06 -17.33
C17 BCR LD . -37.57 26.08 -16.47
C18 BCR LD . -37.02 24.94 -16.87
C19 BCR LD . -36.62 23.98 -15.86
C20 BCR LD . -35.97 22.85 -16.15
C21 BCR LD . -35.64 21.96 -15.06
C22 BCR LD . -34.90 20.85 -15.15
C23 BCR LD . -34.69 20.08 -13.94
C24 BCR LD . -33.47 19.82 -13.44
C25 BCR LD . -33.19 19.16 -12.16
C26 BCR LD . -33.22 19.82 -10.99
C27 BCR LD . -32.94 19.25 -9.66
C28 BCR LD . -33.03 17.75 -9.69
C29 BCR LD . -32.28 17.22 -10.88
C30 BCR LD . -32.83 17.71 -12.20
C35 BCR LD . -39.66 30.71 -15.76
C36 BCR LD . -37.01 24.52 -18.29
C37 BCR LD . -34.56 20.22 -16.44
C38 BCR LD . -33.54 21.26 -10.84
C39 BCR LD . -33.97 16.82 -12.65
C40 BCR LD . -31.70 17.46 -13.19
C1 BCR MD . -50.99 36.12 -14.30
C2 BCR MD . -50.84 37.59 -14.01
C3 BCR MD . -51.93 38.37 -14.72
C4 BCR MD . -53.29 37.95 -14.25
C5 BCR MD . -53.40 36.48 -14.04
C6 BCR MD . -52.38 35.62 -14.08
C7 BCR MD . -52.56 34.18 -13.83
C8 BCR MD . -52.72 33.28 -14.79
C9 BCR MD . -53.58 32.12 -14.67
C10 BCR MD . -53.06 30.90 -14.82
C11 BCR MD . -51.66 30.63 -15.07
C33 BCR MD . -54.79 36.04 -13.79
C31 BCR MD . -50.00 35.39 -13.42
C32 BCR MD . -50.57 35.94 -15.75
C34 BCR MD . -55.04 32.35 -14.71
C12 BCR MD . -51.22 29.39 -14.80
C13 BCR MD . -49.85 28.95 -14.97
C14 BCR MD . -49.58 27.65 -14.82
C15 BCR MD . -48.27 27.06 -14.97
C16 BCR MD . -48.13 25.73 -14.93
C17 BCR MD . -46.82 25.17 -15.14
C18 BCR MD . -46.51 23.88 -15.17
C19 BCR MD . -45.12 23.50 -15.25
C20 BCR MD . -44.69 22.24 -15.09
C21 BCR MD . -43.30 21.94 -15.30
C22 BCR MD . -42.69 20.78 -15.03
C23 BCR MD . -43.45 19.72 -14.39
C24 BCR MD . -43.01 18.46 -14.32
C25 BCR MD . -43.43 17.40 -13.41
C26 BCR MD . -44.53 16.66 -13.62
C27 BCR MD . -45.02 15.56 -12.77
C28 BCR MD . -44.42 15.59 -11.40
C29 BCR MD . -42.93 15.85 -11.47
C30 BCR MD . -42.53 17.08 -12.27
C35 BCR MD . -48.81 29.90 -15.43
C36 BCR MD . -47.55 22.84 -15.29
C37 BCR MD . -41.29 20.55 -15.45
C38 BCR MD . -45.46 16.88 -14.74
C39 BCR MD . -41.11 16.90 -12.78
C40 BCR MD . -42.47 18.20 -11.24
C1 BCR ND . -8.70 25.80 -4.65
C2 BCR ND . -7.26 25.34 -4.69
C3 BCR ND . -6.79 25.04 -6.07
C4 BCR ND . -6.90 26.26 -6.95
C5 BCR ND . -8.13 27.04 -6.71
C6 BCR ND . -9.02 26.81 -5.72
C7 BCR ND . -10.26 27.59 -5.64
C8 BCR ND . -10.42 28.77 -5.01
C9 BCR ND . -11.69 29.47 -4.96
C10 BCR ND . -11.72 30.67 -4.39
C11 BCR ND . -12.92 31.36 -3.98
C33 BCR ND . -8.39 27.99 -7.81
C31 BCR ND . -8.88 26.23 -3.21
C32 BCR ND . -9.57 24.58 -4.86
C34 BCR ND . -12.87 28.84 -5.57
C12 BCR ND . -12.79 32.19 -2.95
C13 BCR ND . -13.79 33.11 -2.49
C14 BCR ND . -13.60 33.68 -1.30
C15 BCR ND . -14.46 34.69 -0.74
C16 BCR ND . -14.04 35.42 0.31
C17 BCR ND . -14.99 36.25 0.96
C18 BCR ND . -14.72 37.14 1.91
C19 BCR ND . -15.79 37.98 2.40
C20 BCR ND . -15.62 38.90 3.35
C21 BCR ND . -16.74 39.74 3.67
C22 BCR ND . -16.83 40.53 4.75
C23 BCR ND . -17.97 41.43 4.85
C24 BCR ND . -18.12 42.29 5.87
C25 BCR ND . -19.19 43.26 6.15
C26 BCR ND . -20.49 42.95 6.37
C27 BCR ND . -21.58 43.92 6.64
C28 BCR ND . -21.08 45.32 6.84
C29 BCR ND . -19.97 45.64 5.90
C30 BCR ND . -18.78 44.70 6.05
C35 BCR ND . -14.98 33.41 -3.30
C36 BCR ND . -13.37 37.29 2.49
C37 BCR ND . -15.81 40.50 5.82
C38 BCR ND . -21.08 41.59 6.42
C39 BCR ND . -17.96 45.04 7.28
C40 BCR ND . -17.89 45.00 4.85
C1 BCR OD . -24.46 30.54 8.03
C2 BCR OD . -25.46 29.71 8.81
C3 BCR OD . -24.87 29.16 10.07
C4 BCR OD . -23.71 28.25 9.76
C5 BCR OD . -22.86 28.75 8.64
C6 BCR OD . -23.11 29.88 7.94
C7 BCR OD . -22.17 30.39 6.91
C8 BCR OD . -21.95 29.85 5.70
C9 BCR OD . -20.63 29.52 5.23
C10 BCR OD . -20.48 28.53 4.35
C11 BCR OD . -19.24 28.24 3.69
C33 BCR OD . -21.56 28.06 8.67
C31 BCR OD . -24.35 31.89 8.69
C32 BCR OD . -25.16 30.75 6.69
C34 BCR OD . -19.48 30.30 5.73
C12 BCR OD . -19.23 27.43 2.62
C13 BCR OD . -18.12 27.36 1.71
C14 BCR OD . -18.22 26.63 0.60
C15 BCR OD . -17.07 26.32 -0.20
C16 BCR OD . -17.07 25.39 -1.15
C17 BCR OD . -15.82 25.24 -1.83
C18 BCR OD . -15.55 24.49 -2.89
C19 BCR OD . -14.33 24.69 -3.64
C20 BCR OD . -14.11 24.00 -4.74
C21 BCR OD . -13.12 24.45 -5.67
C22 BCR OD . -12.99 23.98 -6.91
C23 BCR OD . -11.98 24.60 -7.73
C24 BCR OD . -12.10 24.67 -9.05
C25 BCR OD . -11.26 25.45 -9.97
C26 BCR OD . -9.93 25.36 -10.12
C27 BCR OD . -9.09 26.18 -11.01
C28 BCR OD . -9.88 27.24 -11.70
C29 BCR OD . -11.23 26.76 -12.11
C30 BCR OD . -12.06 26.31 -10.92
C35 BCR OD . -16.87 28.08 2.04
C36 BCR OD . -16.47 23.43 -3.35
C37 BCR OD . -13.82 22.89 -7.44
C38 BCR OD . -8.98 24.47 -9.40
C39 BCR OD . -13.27 25.55 -11.42
C40 BCR OD . -12.57 27.58 -10.24
C1 BCR PD . -29.62 -7.19 -15.05
C2 BCR PD . -30.67 -7.65 -14.06
C3 BCR PD . -30.01 -8.26 -12.86
C4 BCR PD . -29.19 -7.22 -12.15
C5 BCR PD . -28.35 -6.44 -13.08
C6 BCR PD . -28.50 -6.42 -14.41
C7 BCR PD . -27.66 -5.60 -15.29
C8 BCR PD . -26.53 -6.04 -15.84
C9 BCR PD . -25.95 -5.47 -17.04
C10 BCR PD . -24.79 -5.98 -17.47
C11 BCR PD . -24.07 -5.53 -18.63
C33 BCR PD . -27.29 -5.68 -12.40
C31 BCR PD . -30.35 -6.35 -16.08
C32 BCR PD . -29.12 -8.45 -15.72
C34 BCR PD . -26.80 -4.62 -17.90
C12 BCR PD . -23.42 -6.46 -19.33
C13 BCR PD . -22.12 -6.32 -19.94
C14 BCR PD . -21.41 -7.45 -20.12
C15 BCR PD . -20.01 -7.48 -20.43
C16 BCR PD . -19.36 -8.65 -20.38
C17 BCR PD . -18.06 -8.71 -20.96
C18 BCR PD . -17.42 -9.83 -21.31
C19 BCR PD . -16.03 -9.71 -21.69
C20 BCR PD . -15.23 -10.77 -21.86
C21 BCR PD . -14.41 -10.80 -23.04
C22 BCR PD . -13.22 -11.41 -23.15
C23 BCR PD . -12.18 -10.71 -23.89
C24 BCR PD . -11.24 -11.36 -24.57
C25 BCR PD . -9.84 -10.98 -24.71
C26 BCR PD . -9.38 -10.27 -25.74
C27 BCR PD . -7.98 -9.85 -25.98
C28 BCR PD . -7.03 -10.29 -24.89
C29 BCR PD . -7.48 -11.57 -24.23
C30 BCR PD . -8.89 -11.45 -23.65
C35 BCR PD . -21.49 -5.00 -20.07
C36 BCR PD . -18.13 -11.05 -21.71
C37 BCR PD . -13.11 -12.88 -22.95
C38 BCR PD . -10.27 -9.78 -26.81
C39 BCR PD . -8.89 -10.55 -22.44
C40 BCR PD . -9.27 -12.84 -23.16
C1B LMT QD . -59.88 39.88 -6.56
C2B LMT QD . -60.04 38.79 -5.48
C3B LMT QD . -59.44 37.44 -5.97
C4B LMT QD . -59.96 37.07 -7.39
C5B LMT QD . -59.67 38.26 -8.31
C6B LMT QD . -60.12 37.95 -9.73
O1B LMT QD . -58.57 40.31 -6.60
O2B LMT QD . -59.38 39.22 -4.36
O3B LMT QD . -59.64 36.44 -5.06
O4' LMT QD . -59.32 35.95 -7.87
O5B LMT QD . -60.29 39.44 -7.84
O6B LMT QD . -61.48 37.76 -9.76
C1' LMT QD . -56.22 43.71 -6.72
C2' LMT QD . -57.19 43.68 -5.53
C3' LMT QD . -57.83 42.27 -5.40
C4' LMT QD . -58.35 41.69 -6.75
C5' LMT QD . -57.20 41.89 -7.78
C6' LMT QD . -57.48 41.31 -9.14
O1' LMT QD . -55.77 44.97 -6.97
O2' LMT QD . -56.48 43.94 -4.38
O3' LMT QD . -58.85 42.29 -4.48
O5' LMT QD . -56.90 43.25 -7.90
O6' LMT QD . -56.27 40.89 -9.62
C1 LMT QD . -54.65 45.04 -7.83
C2 LMT QD . -53.52 45.45 -6.93
C3 LMT QD . -52.37 46.14 -7.58
C4 LMT QD . -51.85 45.27 -8.70
C5 LMT QD . -50.75 46.00 -9.42
C6 LMT QD . -50.13 45.16 -10.48
C7 LMT QD . -49.12 45.96 -11.24
C8 LMT QD . -48.51 45.11 -12.29
C1A DGD RD . -10.64 6.34 -24.25
C2A DGD RD . -11.63 5.66 -23.39
C3A DGD RD . -12.48 4.77 -24.29
C4A DGD RD . -13.36 3.85 -23.45
C5A DGD RD . -14.60 4.64 -23.09
C6A DGD RD . -15.48 4.80 -24.31
C7A DGD RD . -16.06 3.42 -24.62
C8A DGD RD . -17.19 3.01 -23.67
C9A DGD RD . -18.23 4.13 -23.65
CAA DGD RD . -19.60 3.65 -23.23
CBA DGD RD . -19.52 2.86 -21.90
CCA DGD RD . -20.92 2.66 -21.24
CDA DGD RD . -22.12 3.10 -22.12
O1A DGD RD . -10.72 6.51 -25.45
C1B DGD RD . -10.84 10.60 -21.48
C2B DGD RD . -12.31 10.33 -21.33
C3B DGD RD . -13.10 11.57 -20.98
C4B DGD RD . -14.30 11.27 -20.08
C5B DGD RD . -13.76 10.97 -18.69
C6B DGD RD . -14.93 10.40 -17.89
C7B DGD RD . -14.39 10.07 -16.53
C8B DGD RD . -15.26 9.03 -15.90
C9B DGD RD . -14.42 8.48 -14.76
CAB DGD RD . -14.98 7.14 -14.37
CBB DGD RD . -16.34 7.37 -13.80
CCB DGD RD . -17.05 6.06 -13.98
CDB DGD RD . -18.36 6.35 -13.33
CEB DGD RD . -19.25 5.19 -13.57
CFB DGD RD . -20.36 5.41 -12.57
CGB DGD RD . -21.41 4.39 -12.90
CHB DGD RD . -22.27 4.20 -11.66
CIB DGD RD . -23.22 3.07 -11.95
O1B DGD RD . -10.28 11.64 -21.19
O1G DGD RD . -9.65 6.92 -23.53
C1G DGD RD . -9.22 8.22 -23.86
C2G DGD RD . -10.29 9.24 -23.43
O2G DGD RD . -10.17 9.53 -22.02
C3G DGD RD . -10.11 10.55 -24.27
O3G DGD RD . -8.72 10.80 -24.28
C1D DGD RD . -8.38 11.80 -25.20
C2D DGD RD . -7.79 12.98 -24.36
O2D DGD RD . -8.89 13.65 -23.81
C3D DGD RD . -7.05 13.97 -25.33
O3D DGD RD . -6.27 14.84 -24.57
C4D DGD RD . -6.08 13.22 -26.30
O4D DGD RD . -5.11 12.53 -25.58
C5D DGD RD . -6.94 12.14 -27.01
O5D DGD RD . -6.09 12.24 -29.14
C6D DGD RD . -6.18 11.34 -28.07
O6D DGD RD . -7.40 11.21 -26.04
C1E DGD RD . -6.63 11.82 -30.35
C2E DGD RD . -5.55 11.94 -31.47
O2E DGD RD . -4.49 11.11 -31.11
C3E DGD RD . -5.07 13.42 -31.54
O3E DGD RD . -4.22 13.50 -32.65
C4E DGD RD . -6.30 14.37 -31.77
O4E DGD RD . -6.88 14.10 -33.00
C5E DGD RD . -7.38 14.09 -30.68
O6E DGD RD . -7.70 12.71 -30.59
C6E DGD RD . -8.74 14.74 -31.02
O5E DGD RD . -9.68 14.06 -30.24
O1 LHG SD . -5.81 49.47 4.81
C1 LHG SD . -5.98 48.17 5.37
C2 LHG SD . -4.77 47.34 5.02
O2 LHG SD . -3.58 48.08 5.17
C3 LHG SD . -4.78 46.86 3.59
O3 LHG SD . -5.92 46.03 3.64
P LHG SD . -5.95 44.60 2.90
O4 LHG SD . -7.36 44.18 2.80
O5 LHG SD . -4.84 44.68 1.91
O6 LHG SD . -5.42 43.74 4.22
C4 LHG SD . -6.09 43.82 5.44
C5 LHG SD . -5.72 42.52 6.14
C6 LHG SD . -4.74 42.75 7.27
O7 LHG SD . -6.93 42.04 6.71
C7 LHG SD . -7.06 40.69 6.70
O9 LHG SD . -6.22 39.92 6.25
C8 LHG SD . -8.45 40.32 7.07
C9 LHG SD . -8.44 39.65 8.43
C10 LHG SD . -9.85 39.60 8.97
O8 LHG SD . -5.49 43.48 8.24
C23 LHG SD . -5.27 43.19 9.55
O10 LHG SD . -4.14 42.94 9.91
C24 LHG SD . -6.43 42.69 10.40
C11 LHG SD . -10.45 38.46 8.19
C12 LHG SD . -11.94 38.56 8.22
C13 LHG SD . -12.49 37.33 7.56
C14 LHG SD . -13.94 37.53 7.15
C15 LHG SD . -14.51 36.14 6.91
C16 LHG SD . -15.83 36.28 6.21
C17 LHG SD . -16.85 36.96 7.11
C25 LHG SD . -6.27 42.81 11.90
C26 LHG SD . -7.32 43.65 12.63
C27 LHG SD . -7.38 43.01 14.00
C28 LHG SD . -7.88 43.88 15.11
C29 LHG SD . -7.58 43.12 16.40
C1 BCR TD . 2.18 10.48 24.61
C2 BCR TD . 1.54 9.81 25.82
C3 BCR TD . 1.07 8.41 25.54
C4 BCR TD . 2.22 7.60 25.02
C5 BCR TD . 2.69 8.22 23.76
C6 BCR TD . 2.70 9.55 23.55
C7 BCR TD . 3.13 10.13 22.28
C8 BCR TD . 4.40 10.45 21.97
C9 BCR TD . 4.92 10.41 20.62
C10 BCR TD . 4.29 9.69 19.69
C11 BCR TD . 4.40 9.99 18.27
C33 BCR TD . 3.15 7.23 22.77
C31 BCR TD . 3.26 11.37 25.19
C32 BCR TD . 1.10 11.36 24.02
C34 BCR TD . 6.03 11.32 20.28
C12 BCR TD . 4.82 9.05 17.44
C13 BCR TD . 5.65 9.33 16.28
C14 BCR TD . 5.55 8.54 15.22
C15 BCR TD . 6.10 8.85 13.93
C16 BCR TD . 6.09 7.92 12.96
C17 BCR TD . 5.79 8.32 11.62
C18 BCR TD . 5.35 7.52 10.66
C19 BCR TD . 5.23 8.05 9.31
C20 BCR TD . 4.77 7.32 8.29
C21 BCR TD . 5.20 7.67 6.97
C22 BCR TD . 4.51 7.49 5.85
C23 BCR TD . 4.71 8.45 4.78
C24 BCR TD . 4.72 8.12 3.47
C25 BCR TD . 4.74 9.03 2.32
C26 BCR TD . 5.89 9.56 1.86
C27 BCR TD . 6.01 10.47 0.70
C28 BCR TD . 4.86 10.30 -0.26
C29 BCR TD . 3.57 10.35 0.52
C30 BCR TD . 3.45 9.32 1.62
C35 BCR TD . 6.68 10.38 16.37
C36 BCR TD . 5.16 6.07 10.87
C37 BCR TD . 3.31 6.63 5.83
C38 BCR TD . 7.21 9.32 2.46
C39 BCR TD . 2.90 8.02 1.06
C40 BCR TD . 2.39 9.88 2.55
MG CLA UD . -7.12 55.45 15.45
CHA CLA UD . -4.03 56.67 14.48
CHB CLA UD . -8.02 55.30 12.20
CHC CLA UD . -10.30 54.74 16.44
CHD CLA UD . -6.09 55.63 18.82
NA CLA UD . -6.09 55.70 13.66
C1A CLA UD . -4.74 56.05 13.49
C2A CLA UD . -4.39 56.14 12.01
C3A CLA UD . -5.79 56.10 11.35
C4A CLA UD . -6.69 55.54 12.45
CMA CLA UD . -6.22 57.48 11.01
CAA CLA UD . -3.43 55.04 11.60
CBA CLA UD . -3.72 53.70 12.26
CGA CLA UD . -4.71 52.95 11.43
O1A CLA UD . -4.68 52.75 10.22
O2A CLA UD . -5.77 52.47 12.15
NB CLA UD . -8.81 54.94 14.50
C1B CLA UD . -8.98 54.88 13.15
C2B CLA UD . -10.40 54.59 12.83
C3B CLA UD . -11.08 54.56 14.05
C4B CLA UD . -10.08 54.85 15.11
CMB CLA UD . -10.90 54.82 11.47
CAB CLA UD . -12.37 54.02 14.42
CBB CLA UD . -13.21 53.27 13.70
NC CLA UD . -8.05 55.36 17.30
C1C CLA UD . -9.38 55.08 17.49
C2C CLA UD . -9.63 54.82 18.89
C3C CLA UD . -8.39 54.81 19.52
C4C CLA UD . -7.45 55.38 18.56
CMC CLA UD . -10.82 54.12 19.35
CAC CLA UD . -8.16 54.75 20.97
CBC CLA UD . -7.83 53.34 21.42
ND CLA UD . -5.48 56.02 16.48
C1D CLA UD . -5.17 56.02 17.86
C2D CLA UD . -3.86 56.69 18.05
C3D CLA UD . -3.41 57.02 16.78
C4D CLA UD . -4.45 56.59 15.85
CMD CLA UD . -3.28 56.98 19.35
CAD CLA UD . -2.26 57.46 16.00
OBD CLA UD . -1.10 57.59 16.35
CBD CLA UD . -2.68 57.35 14.50
CGD CLA UD . -2.73 58.69 13.81
O1D CLA UD . -1.84 59.22 13.13
O2D CLA UD . -3.90 59.37 13.99
CED CLA UD . -4.20 60.46 13.12
C1 CLA UD . -6.82 51.79 11.44
C2 CLA UD . -7.89 51.47 12.41
C3 CLA UD . -9.11 51.01 12.03
C4 CLA UD . -9.45 50.82 10.61
C5 CLA UD . -10.16 50.69 13.03
C6 CLA UD . -10.71 49.27 12.86
C7 CLA UD . -9.75 48.25 13.45
C8 CLA UD . -10.26 46.80 13.46
C9 CLA UD . -10.95 46.44 12.15
C10 CLA UD . -11.17 46.49 14.64
C11 CLA UD . -10.44 46.65 15.96
C12 CLA UD . -11.31 46.36 17.16
C13 CLA UD . -10.74 47.00 18.43
C14 CLA UD . -9.38 46.41 18.77
C15 CLA UD . -11.69 46.87 19.60
MG CLA VD . -17.62 50.84 12.38
CHA CLA VD . -16.52 51.59 9.19
CHB CLA VD . -14.44 49.97 13.19
CHC CLA VD . -18.28 51.02 15.70
CHD CLA VD . -20.52 52.72 11.76
NA CLA VD . -15.87 50.58 11.28
C1A CLA VD . -15.55 51.21 10.08
C2A CLA VD . -14.08 50.99 9.72
C3A CLA VD . -13.62 49.97 10.79
C4A CLA VD . -14.72 50.10 11.84
CMA CLA VD . -13.54 48.57 10.24
CAA CLA VD . -13.31 52.29 9.82
CBA CLA VD . -12.21 52.47 8.79
CGA CLA VD . -12.72 52.54 7.38
O1A CLA VD . -13.51 53.35 6.91
O2A CLA VD . -12.17 51.61 6.52
NB CLA VD . -16.74 50.10 14.04
C1B CLA VD . -15.40 49.98 14.21
C2B CLA VD . -15.16 49.41 15.57
C3B CLA VD . -16.38 49.38 16.22
C4B CLA VD . -17.32 50.14 15.33
CMB CLA VD . -13.99 48.61 15.86
CAB CLA VD . -16.62 49.07 17.60
CBB CLA VD . -17.77 48.68 18.17
NC CLA VD . -19.32 51.36 13.48
C1C CLA VD . -19.31 51.49 14.83
C2C CLA VD . -20.63 51.91 15.30
C3C CLA VD . -21.29 52.39 14.16
C4C CLA VD . -20.41 52.12 13.02
CMC CLA VD . -21.21 51.57 16.60
CAC CLA VD . -22.65 52.90 14.09
CBC CLA VD . -22.68 54.41 14.23
ND CLA VD . -18.51 51.71 10.80
C1D CLA VD . -19.71 52.46 10.68
C2D CLA VD . -19.86 52.89 9.27
C3D CLA VD . -18.61 52.70 8.69
C4D CLA VD . -17.84 51.91 9.67
CMD CLA VD . -21.13 53.16 8.62
CAD CLA VD . -17.87 52.66 7.45
OBD CLA VD . -18.26 52.90 6.32
CBD CLA VD . -16.48 52.03 7.75
CGD CLA VD . -16.22 50.89 6.79
O1D CLA VD . -16.17 50.96 5.56
O2D CLA VD . -16.00 49.69 7.37
CED CLA VD . -16.89 48.63 7.03
C1 CLA VD . -12.37 50.21 6.79
C2 CLA VD . -13.17 49.72 5.64
C3 CLA VD . -13.58 48.47 5.46
C4 CLA VD . -14.39 48.16 4.25
C5 CLA VD . -13.30 47.38 6.45
C6 CLA VD . -13.48 45.97 5.91
C7 CLA VD . -13.98 45.02 6.99
C8 CLA VD . -12.86 44.40 7.84
C9 CLA VD . -13.03 42.90 7.89
C10 CLA VD . -12.85 44.97 9.24
MG CLA WD . -30.83 61.30 22.89
CHA CLA WD . -33.90 60.35 24.15
CHB CLA WD . -31.11 58.96 20.44
CHC CLA WD . -27.98 62.54 21.44
CHD CLA WD . -30.68 63.86 25.33
NA CLA WD . -32.27 59.87 22.43
C1A CLA WD . -33.58 59.79 22.95
C2A CLA WD . -34.42 58.81 22.15
C3A CLA WD . -33.43 58.23 21.12
C4A CLA WD . -32.13 58.99 21.38
CMA CLA WD . -33.27 56.74 21.31
CAA CLA WD . -35.59 59.51 21.46
CBA CLA WD . -35.15 60.79 20.76
CGA CLA WD . -36.36 61.53 20.28
O1A CLA WD . -37.52 61.45 20.70
O2A CLA WD . -36.09 62.42 19.28
NB CLA WD . -29.70 60.77 21.32
C1B CLA WD . -29.96 59.77 20.45
C2B CLA WD . -29.06 59.86 19.26
C3B CLA WD . -28.20 60.92 19.51
C4B CLA WD . -28.65 61.55 20.78
CMB CLA WD . -29.45 59.25 18.00
CAB CLA WD . -26.89 61.25 18.98
CBB CLA WD . -26.13 60.53 18.16
NC CLA WD . -29.52 62.86 23.37
C1C CLA WD . -28.45 63.23 22.60
C2C CLA WD . -27.66 64.21 23.32
C3C CLA WD . -28.49 64.70 24.34
C4C CLA WD . -29.64 63.80 24.38
CMC CLA WD . -26.38 64.75 22.87
CAC CLA WD . -28.32 65.94 25.10
CBC CLA WD . -29.12 67.09 24.50
ND CLA WD . -31.93 61.94 24.46
C1D CLA WD . -31.81 63.06 25.32
C2D CLA WD . -32.89 62.98 26.34
C3D CLA WD . -33.71 61.94 25.95
C4D CLA WD . -33.13 61.41 24.70
CMD CLA WD . -32.88 63.73 27.59
CAD CLA WD . -34.80 61.05 26.32
OBD CLA WD . -35.62 61.17 27.22
CBD CLA WD . -34.87 59.94 25.23
CGD CLA WD . -34.59 58.57 25.78
O1D CLA WD . -33.48 58.07 26.01
O2D CLA WD . -35.70 57.84 26.06
CED CLA WD . -36.19 57.84 27.40
C1 CLA WD . -36.34 63.80 19.60
C2 CLA WD . -36.11 64.59 18.37
C3 CLA WD . -36.12 65.94 18.34
C4 CLA WD . -36.38 66.75 19.54
C5 CLA WD . -35.88 66.67 17.06
MG CLA XD . -33.63 58.80 16.15
CHA CLA XD . -35.95 61.31 15.72
CHB CLA XD . -31.46 60.42 14.12
CHC CLA XD . -31.50 56.14 16.40
CHD CLA XD . -35.72 57.31 18.58
NA CLA XD . -33.68 60.63 15.16
C1A CLA XD . -34.76 61.52 15.08
C2A CLA XD . -34.39 62.74 14.22
C3A CLA XD . -33.08 62.27 13.53
C4A CLA XD . -32.68 61.04 14.33
CMA CLA XD . -33.30 61.94 12.07
CAA CLA XD . -34.15 63.95 15.10
CBA CLA XD . -33.48 65.09 14.37
CGA CLA XD . -34.39 65.75 13.38
O1A CLA XD . -35.17 65.26 12.56
O2A CLA XD . -34.31 67.12 13.44
NB CLA XD . -31.85 58.35 15.35
C1B CLA XD . -31.03 59.24 14.74
C2B CLA XD . -29.71 58.59 14.47
C3B CLA XD . -29.78 57.31 15.00
C4B CLA XD . -31.16 57.12 15.52
CMB CLA XD . -28.85 59.10 13.40
CAB CLA XD . -28.77 56.42 15.49
CBB CLA XD . -27.46 56.63 15.58
NC CLA XD . -33.65 57.02 17.25
C1C CLA XD . -32.75 56.02 17.05
C2C CLA XD . -33.10 54.90 17.91
C3C CLA XD . -34.41 55.12 18.32
C4C CLA XD . -34.69 56.53 18.02
CMC CLA XD . -32.18 53.82 18.25
CAC CLA XD . -35.22 54.23 19.20
CBC CLA XD . -35.85 53.09 18.44
ND CLA XD . -35.38 59.22 17.07
C1D CLA XD . -36.13 58.51 18.04
C2D CLA XD . -37.49 59.12 18.09
C3D CLA XD . -37.50 60.15 17.17
C4D CLA XD . -36.11 60.25 16.68
CMD CLA XD . -38.57 58.66 18.97
CAD CLA XD . -38.23 61.27 16.63
OBD CLA XD . -39.26 61.79 17.05
CBD CLA XD . -37.31 61.95 15.57
CGD CLA XD . -37.85 61.81 14.18
O1D CLA XD . -37.48 61.04 13.29
O2D CLA XD . -38.87 62.67 13.89
CED CLA XD . -38.53 64.04 13.62
MG CHL YD . -30.11 49.27 17.95
CHA CHL YD . -31.37 46.63 19.76
CHB CHL YD . -27.09 48.80 19.39
CHC CHL YD . -28.91 51.90 16.12
CHD CHL YD . -33.32 49.74 16.48
NA CHL YD . -29.35 47.99 19.31
C1A CHL YD . -29.93 46.98 19.88
C2A CHL YD . -29.01 46.20 20.80
C3A CHL YD . -27.75 46.99 20.78
C4A CHL YD . -28.07 47.98 19.73
CMA CHL YD . -27.52 47.70 22.11
CAA CHL YD . -28.52 44.84 20.29
CBA CHL YD . -29.07 44.20 19.02
CGA CHL YD . -29.78 42.90 19.34
O1A CHL YD . -30.52 42.38 18.51
O2A CHL YD . -29.60 42.24 20.62
NB CHL YD . -28.29 50.21 17.79
C1B CHL YD . -27.15 49.91 18.44
C2B CHL YD . -25.96 50.74 18.13
C3B CHL YD . -26.50 51.68 17.16
C4B CHL YD . -27.94 51.27 17.01
CMB CHL YD . -24.56 50.65 18.69
CAB CHL YD . -25.68 52.75 16.53
CBB CHL YD . -25.98 53.47 15.46
NC CHL YD . -30.94 50.56 16.56
C1C CHL YD . -30.33 51.58 15.92
C2C CHL YD . -31.19 52.35 15.00
C3C CHL YD . -32.50 51.70 15.09
C4C CHL YD . -32.22 50.63 16.07
CMC CHL YD . -30.85 53.50 14.13
OMC CHL YD . -29.74 53.68 13.66
CAC CHL YD . -33.80 52.02 14.38
CBC CHL YD . -34.39 53.31 14.91
ND CHL YD . -31.98 48.44 18.00
C1D CHL YD . -33.18 48.65 17.43
C2D CHL YD . -34.23 47.67 17.88
C3D CHL YD . -33.44 46.88 18.82
C4D CHL YD . -32.20 47.37 18.84
CMD CHL YD . -35.69 47.36 17.66
CAD CHL YD . -33.55 45.74 19.75
OBD CHL YD . -34.61 45.04 19.97
CBD CHL YD . -32.21 45.54 20.38
CGD CHL YD . -32.29 45.67 21.86
O1D CHL YD . -32.78 46.66 22.38
O2D CHL YD . -31.77 44.62 22.73
CED CHL YD . -31.77 44.80 24.14
C1 CHL YD . -30.61 41.36 21.10
MG CLA ZD . -23.28 67.42 7.31
CHA CLA ZD . -21.50 66.34 10.07
CHB CLA ZD . -26.13 67.38 9.19
CHC CLA ZD . -24.96 68.91 4.73
CHD CLA ZD . -20.24 67.88 5.59
NA CLA ZD . -23.72 66.90 9.28
C1A CLA ZD . -22.81 66.63 10.32
C2A CLA ZD . -23.55 66.31 11.61
C3A CLA ZD . -25.04 66.29 11.18
C4A CLA ZD . -24.99 66.83 9.76
CMA CLA ZD . -25.63 64.90 11.25
CAA CLA ZD . -23.28 67.34 12.69
CBA CLA ZD . -23.16 68.76 12.16
CGA CLA ZD . -23.00 69.70 13.32
O1A CLA ZD . -23.68 69.75 14.34
O2A CLA ZD . -21.95 70.55 13.15
NB CLA ZD . -25.19 67.98 6.99
C1B CLA ZD . -26.20 67.95 7.91
C2B CLA ZD . -27.30 68.87 7.47
C3B CLA ZD . -27.04 69.15 6.15
C4B CLA ZD . -25.62 68.78 5.91
CMB CLA ZD . -28.07 69.63 8.45
CAB CLA ZD . -27.93 69.42 5.05
CBB CLA ZD . -29.25 69.29 5.06
NC CLA ZD . -22.72 68.05 5.39
C1C CLA ZD . -23.57 68.70 4.54
C2C CLA ZD . -22.80 69.47 3.56
C3C CLA ZD . -21.47 69.07 3.72
C4C CLA ZD . -21.42 68.24 4.92
CMC CLA ZD . -23.38 70.30 2.50
CAC CLA ZD . -20.31 69.58 2.97
CBC CLA ZD . -19.78 70.88 3.51
ND CLA ZD . -21.33 67.01 7.60
C1D CLA ZD . -20.16 67.39 6.88
C2D CLA ZD . -18.97 66.96 7.63
C3D CLA ZD . -19.43 66.45 8.82
C4D CLA ZD . -20.89 66.59 8.79
CMD CLA ZD . -17.61 66.89 7.07
CAD CLA ZD . -19.06 66.01 10.16
OBD CLA ZD . -17.97 66.09 10.70
CBD CLA ZD . -20.39 65.79 10.94
CGD CLA ZD . -20.62 64.34 11.29
O1D CLA ZD . -21.06 63.45 10.56
O2D CLA ZD . -20.29 64.02 12.57
CED CLA ZD . -21.35 63.78 13.49
C1 CLA ZD . -21.87 71.77 13.94
C2 CLA ZD . -22.93 72.71 13.50
C3 CLA ZD . -23.73 73.36 14.37
C4 CLA ZD . -23.61 73.20 15.84
C5 CLA ZD . -24.77 74.30 13.88
MG CLA AE . -22.75 56.62 7.22
CHA CLA AE . -19.29 56.66 7.01
CHB CLA AE . -22.95 57.18 3.91
CHC CLA AE . -26.13 56.88 7.42
CHD CLA AE . -22.53 56.38 10.72
NA CLA AE . -21.33 56.73 5.70
C1A CLA AE . -19.95 56.54 5.81
C2A CLA AE . -19.32 56.57 4.41
C3A CLA AE . -20.46 57.16 3.53
C4A CLA AE . -21.67 57.17 4.45
CMA CLA AE . -20.13 58.54 3.06
CAA CLA AE . -18.86 55.19 3.97
CBA CLA AE . -19.98 54.19 3.79
CGA CLA AE . -19.47 52.85 3.37
O1A CLA AE . -18.51 52.58 2.62
O2A CLA AE . -20.19 51.84 3.92
NB CLA AE . -24.24 56.50 5.89
C1B CLA AE . -24.13 56.82 4.58
C2B CLA AE . -25.50 56.95 4.00
C3B CLA AE . -26.35 56.39 4.92
C4B CLA AE . -25.62 56.47 6.22
CMB CLA AE . -25.79 57.72 2.79
CAB CLA AE . -27.76 56.08 4.80
CBB CLA AE . -28.41 55.13 5.47
NC CLA AE . -24.09 56.69 8.81
C1C CLA AE . -25.45 56.80 8.66
C2C CLA AE . -26.09 56.45 9.92
C3C CLA AE . -25.08 56.31 10.87
C4C CLA AE . -23.81 56.53 10.17
CMC CLA AE . -27.54 56.32 10.12
CAC CLA AE . -25.28 56.24 12.32
CBC CLA AE . -25.14 57.59 12.99
ND CLA AE . -21.29 56.70 8.62
C1D CLA AE . -21.33 56.56 10.03
C2D CLA AE . -19.95 56.44 10.53
C3D CLA AE . -19.12 56.66 9.44
C4D CLA AE . -20.01 56.74 8.26
CMD CLA AE . -19.59 56.30 11.94
CAD CLA AE . -17.76 56.59 8.94
OBD CLA AE . -16.71 56.95 9.46
CBD CLA AE . -17.90 56.22 7.42
CGD CLA AE . -16.78 56.81 6.61
O1D CLA AE . -15.84 56.22 6.08
O2D CLA AE . -16.85 58.17 6.46
CED CLA AE . -15.81 58.82 5.73
C1 CLA AE . -19.54 50.56 4.15
C2 CLA AE . -20.01 50.02 5.44
C3 CLA AE . -21.24 49.53 5.69
C4 CLA AE . -22.30 49.42 4.66
C5 CLA AE . -21.61 49.01 7.04
C6 CLA AE . -20.50 48.90 8.06
C7 CLA AE . -21.08 48.99 9.45
C8 CLA AE . -20.40 48.11 10.50
C9 CLA AE . -20.88 48.54 11.87
C10 CLA AE . -18.87 48.12 10.41
C11 CLA AE . -18.19 47.47 11.61
C12 CLA AE . -16.94 46.69 11.29
C13 CLA AE . -16.22 46.27 12.57
C14 CLA AE . -15.00 45.42 12.27
C15 CLA AE . -17.14 45.55 13.55
MG CLA BE . -15.88 70.13 16.35
CHA CLA BE . -14.95 72.17 13.70
CHB CLA BE . -13.24 71.29 18.06
CHC CLA BE . -16.80 68.15 18.93
CHD CLA BE . -18.19 68.53 14.25
NA CLA BE . -14.50 71.65 16.01
C1A CLA BE . -14.45 72.53 14.93
C2A CLA BE . -13.29 73.50 15.15
C3A CLA BE . -12.40 72.73 16.16
C4A CLA BE . -13.37 71.72 16.75
CMA CLA BE . -11.25 72.06 15.47
CAA CLA BE . -13.75 74.88 15.62
CBA CLA BE . -14.81 74.95 16.72
CGA CLA BE . -14.21 74.80 18.08
O1A CLA BE . -13.25 75.39 18.58
O2A CLA BE . -14.86 73.90 18.87
NB CLA BE . -15.37 70.06 18.29
C1B CLA BE . -14.23 70.61 18.81
C2B CLA BE . -13.84 69.90 20.07
C3B CLA BE . -14.77 68.90 20.26
C4B CLA BE . -15.72 68.96 19.12
CMB CLA BE . -12.45 69.98 20.53
CAB CLA BE . -15.13 68.16 21.45
CBB CLA BE . -14.74 68.36 22.71
NC CLA BE . -17.17 68.50 16.51
C1C CLA BE . -17.40 67.82 17.67
C2C CLA BE . -18.60 67.01 17.53
C3C CLA BE . -19.12 67.29 16.26
C4C CLA BE . -18.15 68.13 15.59
CMC CLA BE . -19.28 66.32 18.63
CAC CLA BE . -20.41 66.83 15.71
CBC CLA BE . -21.54 67.78 16.02
ND CLA BE . -16.32 70.10 14.38
C1D CLA BE . -17.26 69.35 13.63
C2D CLA BE . -17.28 69.85 12.24
C3D CLA BE . -16.51 71.00 12.26
C4D CLA BE . -15.80 71.01 13.55
CMD CLA BE . -18.28 69.44 11.26
CAD CLA BE . -16.34 72.31 11.68
OBD CLA BE . -16.82 72.77 10.64
CBD CLA BE . -15.15 72.98 12.44
CGD CLA BE . -13.92 73.05 11.57
O1D CLA BE . -13.87 73.39 10.38
O2D CLA BE . -12.76 72.70 12.17
CED CLA BE . -11.62 73.55 11.97
C1 CLA BE . -15.04 74.26 20.25
C2 CLA BE . -15.69 73.11 20.93
C3 CLA BE . -16.04 73.10 22.23
C4 CLA BE . -15.82 74.28 23.10
C5 CLA BE . -16.65 71.86 22.80
C6 CLA BE . -17.87 71.95 23.71
C7 CLA BE . -19.07 72.64 23.08
C8 CLA BE . -20.37 72.41 23.85
C9 CLA BE . -20.36 73.18 25.15
C10 CLA BE . -20.63 70.94 24.10
MG CLA CE . -4.61 65.20 29.49
CHA CLA CE . -5.26 67.46 26.96
CHB CLA CE . -1.58 66.67 29.78
CHC CLA CE . -3.33 62.59 31.28
CHD CLA CE . -6.90 62.98 28.02
NA CLA CE . -3.84 67.04 28.87
C1A CLA CE . -4.37 67.90 27.90
C2A CLA CE . -3.52 69.15 27.80
C3A CLA CE . -2.16 68.66 28.33
C4A CLA CE . -2.50 67.33 28.99
CMA CLA CE . -1.15 68.49 27.22
CAA CLA CE . -4.11 70.24 28.69
CBA CLA CE . -3.58 71.60 28.32
CGA CLA CE . -4.07 71.99 26.96
O1A CLA CE . -5.24 72.17 26.58
O2A CLA CE . -3.06 72.16 26.05
NB CLA CE . -3.09 65.00 30.81
C1B CLA CE . -1.92 65.68 30.73
C2B CLA CE . -0.95 65.12 31.72
C3B CLA CE . -1.61 64.09 32.36
C4B CLA CE . -2.82 63.82 31.55
CMB CLA CE . 0.31 65.79 32.06
CAB CLA CE . -1.42 63.59 33.69
CBB CLA CE . -2.41 63.38 34.58
NC CLA CE . -5.27 63.26 29.90
C1C CLA CE . -4.53 62.33 30.56
C2C CLA CE . -5.34 61.13 30.74
C3C CLA CE . -6.32 61.21 29.76
C4C CLA CE . -6.26 62.56 29.21
CMC CLA CE . -5.36 60.34 31.98
CAC CLA CE . -7.21 60.12 29.31
CBC CLA CE . -8.56 60.17 29.97
ND CLA CE . -6.01 65.26 28.05
C1D CLA CE . -6.81 64.24 27.48
C2D CLA CE . -7.65 64.85 26.41
C3D CLA CE . -7.01 66.03 26.09
C4D CLA CE . -6.02 66.25 27.15
CMD CLA CE . -9.02 64.44 26.15
CAD CLA CE . -7.03 67.22 25.26
OBD CLA CE . -7.89 67.60 24.48
CBD CLA CE . -5.86 68.14 25.75
CGD CLA CE . -4.83 68.38 24.69
O1D CLA CE . -3.68 67.92 24.62
O2D CLA CE . -5.24 69.22 23.69
CED CLA CE . -4.32 70.23 23.27
C1 CLA CE . -2.82 73.51 25.60
MG CLA DE . -13.30 67.11 28.02
CHA CLA DE . -10.95 69.44 26.97
CHB CLA DE . -15.64 68.69 26.14
CHC CLA DE . -15.57 64.77 29.01
CHD CLA DE . -10.68 65.17 29.37
NA CLA DE . -13.32 68.91 26.95
C1A CLA DE . -12.22 69.64 26.47
C2A CLA DE . -12.71 70.90 25.74
C3A CLA DE . -14.25 70.77 25.78
C4A CLA DE . -14.45 69.36 26.32
CMA CLA DE . -14.88 71.81 26.66
CAA CLA DE . -12.18 70.97 24.32
CBA CLA DE . -12.67 72.22 23.61
CGA CLA DE . -12.11 73.46 24.24
O1A CLA DE . -12.42 73.99 25.32
O2A CLA DE . -11.11 74.04 23.51
NB CLA DE . -15.26 66.83 27.71
C1B CLA DE . -16.03 67.53 26.83
C2B CLA DE . -17.45 67.14 27.05
C3B CLA DE . -17.43 65.94 27.73
C4B CLA DE . -16.01 65.73 28.15
CMB CLA DE . -18.57 67.97 26.64
CAB CLA DE . -18.53 65.26 28.35
CBB CLA DE . -18.87 63.99 28.15
NC CLA DE . -13.13 65.26 28.96
C1C CLA DE . -14.20 64.47 29.29
C2C CLA DE . -13.78 63.51 30.31
C3C CLA DE . -12.39 63.65 30.44
C4C CLA DE . -11.98 64.67 29.48
CMC CLA DE . -14.70 62.81 31.20
CAC CLA DE . -11.50 62.86 31.31
CBC CLA DE . -11.24 63.52 32.64
ND CLA DE . -11.30 67.27 28.26
C1D CLA DE . -10.34 66.42 28.86
C2D CLA DE . -9.10 67.20 29.06
C3D CLA DE . -9.23 68.32 28.25
C4D CLA DE . -10.62 68.28 27.73
CMD CLA DE . -8.16 66.97 30.15
CAD CLA DE . -8.64 69.57 27.81
OBD CLA DE . -7.53 70.02 28.05
CBD CLA DE . -9.77 70.37 27.09
CGD CLA DE . -10.11 71.64 27.82
O1D CLA DE . -11.05 71.83 28.61
O2D CLA DE . -9.27 72.68 27.55
CED CLA DE . -9.78 74.01 27.69
C1 CLA DE . -11.03 75.47 23.57
MG CLA EE . -15.22 50.35 31.51
CHA CLA EE . -16.14 48.57 34.32
CHB CLA EE . -15.04 53.17 33.41
CHC CLA EE . -13.50 51.85 28.96
CHD CLA EE . -15.09 47.28 29.84
NA CLA EE . -15.73 50.81 33.48
C1A CLA EE . -15.81 49.88 34.52
C2A CLA EE . -15.38 50.54 35.83
C3A CLA EE . -15.75 52.01 35.54
C4A CLA EE . -15.63 52.07 34.01
CMA CLA EE . -17.13 52.33 36.05
CAA CLA EE . -13.88 50.43 36.05
CBA CLA EE . -13.47 49.09 36.62
CGA CLA EE . -12.90 48.22 35.56
O1A CLA EE . -12.81 46.99 35.56
O2A CLA EE . -12.41 48.91 34.48
NB CLA EE . -14.37 52.15 31.26
C1B CLA EE . -14.43 53.19 32.13
C2B CLA EE . -13.69 54.35 31.56
C3B CLA EE . -13.49 54.06 30.23
C4B CLA EE . -13.74 52.60 30.07
CMB CLA EE . -13.32 55.52 32.36
CAB CLA EE . -13.26 54.92 29.10
CBB CLA EE . -12.20 55.72 28.93
NC CLA EE . -14.62 49.72 29.62
C1C CLA EE . -13.82 50.47 28.78
C2C CLA EE . -13.48 49.68 27.61
C3C CLA EE . -13.80 48.36 27.92
C4C CLA EE . -14.59 48.40 29.14
CMC CLA EE . -13.05 50.23 26.32
CAC CLA EE . -13.46 47.16 27.13
CBC CLA EE . -12.20 46.50 27.61
ND CLA EE . -15.95 48.48 31.77
C1D CLA EE . -15.92 47.34 30.94
C2D CLA EE . -16.64 46.25 31.63
C3D CLA EE . -16.64 46.63 32.96
C4D CLA EE . -16.23 48.04 32.98
CMD CLA EE . -17.47 45.25 30.97
CAD CLA EE . -16.89 46.23 34.34
OBD CLA EE . -16.95 45.10 34.79
CBD CLA EE . -16.64 47.49 35.24
CGD CLA EE . -17.88 47.91 35.98
O1D CLA EE . -18.07 48.96 36.59
O2D CLA EE . -18.88 46.99 35.97
CED CLA EE . -19.17 46.30 37.19
C1 CLA EE . -12.13 48.14 33.29
C2 CLA EE . -11.47 49.07 32.32
C3 CLA EE . -10.74 48.64 31.26
C4 CLA EE . -10.54 47.21 30.97
C5 CLA EE . -10.10 49.60 30.32
C6 CLA EE . -10.05 51.03 30.83
C7 CLA EE . -9.29 51.94 29.91
C8 CLA EE . -9.31 53.39 30.41
C9 CLA EE . -8.81 54.34 29.34
C10 CLA EE . -8.48 53.54 31.68
MG CLA FE . -11.45 53.24 39.65
CHA CLA FE . -9.49 50.80 38.18
CHB CLA FE . -10.71 51.92 42.69
CHC CLA FE . -13.51 55.57 41.10
CHD CLA FE . -12.79 53.98 36.49
NA CLA FE . -10.11 51.78 40.31
C1A CLA FE . -9.27 50.98 39.51
C2A CLA FE . -8.46 50.04 40.40
C3A CLA FE . -9.18 50.13 41.76
C4A CLA FE . -10.16 51.29 41.58
CMA CLA FE . -9.91 48.85 42.07
CAA CLA FE . -6.98 50.42 40.45
CBA CLA FE . -6.67 51.63 41.31
CGA CLA FE . -5.22 51.67 41.64
O1A CLA FE . -4.59 51.00 42.46
O2A CLA FE . -4.53 52.60 40.90
NB CLA FE . -11.94 53.71 41.53
C1B CLA FE . -11.55 53.04 42.65
C2B CLA FE . -11.96 53.81 43.86
C3B CLA FE . -12.61 54.95 43.41
C4B CLA FE . -12.72 54.82 41.92
CMB CLA FE . -11.50 53.48 45.20
CAB CLA FE . -13.38 55.89 44.17
CBB CLA FE . -13.20 57.21 44.18
NC CLA FE . -12.89 54.55 38.91
C1C CLA FE . -13.59 55.44 39.68
C2C CLA FE . -14.29 56.37 38.81
C3C CLA FE . -14.02 55.98 37.50
C4C CLA FE . -13.29 54.72 37.59
CMC CLA FE . -14.96 57.59 39.26
CAC CLA FE . -14.25 56.75 36.27
CBC CLA FE . -13.06 57.61 35.90
ND CLA FE . -11.08 52.75 37.72
C1D CLA FE . -11.66 53.20 36.51
C2D CLA FE . -11.04 52.44 35.40
C3D CLA FE . -10.38 51.37 35.99
C4D CLA FE . -10.38 51.66 37.45
CMD CLA FE . -11.36 52.64 33.99
CAD CLA FE . -9.54 50.21 35.78
OBD CLA FE . -9.23 49.65 34.74
CBD CLA FE . -8.95 49.81 37.18
CGD CLA FE . -9.31 48.40 37.55
O1D CLA FE . -9.99 48.03 38.52
O2D CLA FE . -8.80 47.45 36.71
CED CLA FE . -9.26 46.11 36.86
C1 CLA FE . -4.40 53.91 41.45
MG CLA GE . -10.18 35.19 30.32
CHA CLA GE . -13.29 34.06 29.28
CHB CLA GE . -10.48 37.86 28.23
CHC CLA GE . -7.12 36.28 31.40
CHD CLA GE . -10.17 32.67 32.80
NA CLA GE . -11.64 35.81 28.95
C1A CLA GE . -12.94 35.30 28.82
C2A CLA GE . -13.77 36.19 27.89
C3A CLA GE . -12.71 37.13 27.27
C4A CLA GE . -11.50 36.93 28.18
CMA CLA GE . -12.40 36.79 25.83
CAA CLA GE . -14.83 36.96 28.67
CBA CLA GE . -16.18 36.89 27.98
CGA CLA GE . -17.25 37.27 28.94
O1A CLA GE . -17.51 36.78 30.05
O2A CLA GE . -18.03 38.30 28.50
NB CLA GE . -8.97 36.71 29.81
C1B CLA GE . -9.35 37.79 29.06
C2B CLA GE . -8.23 38.78 29.04
C3B CLA GE . -7.38 38.41 30.06
C4B CLA GE . -7.72 37.00 30.41
CMB CLA GE . -7.99 39.64 27.89
CAB CLA GE . -6.50 39.20 30.88
CBB CLA GE . -6.65 40.50 31.15
NC CLA GE . -8.87 34.57 31.81
C1C CLA GE . -7.71 35.21 32.13
C2C CLA GE . -6.99 34.42 33.13
C3C CLA GE . -7.91 33.49 33.64
C4C CLA GE . -9.10 33.59 32.78
CMC CLA GE . -5.54 34.36 33.24
CAC CLA GE . -7.63 32.40 34.57
CBC CLA GE . -8.22 32.64 35.94
ND CLA GE . -11.31 33.59 30.82
C1D CLA GE . -11.16 32.60 31.83
C2D CLA GE . -12.27 31.63 31.72
C3D CLA GE . -13.12 32.13 30.74
C4D CLA GE . -12.48 33.36 30.23
CMD CLA GE . -12.49 30.52 32.64
CAD CLA GE . -14.44 32.06 30.15
OBD CLA GE . -15.40 31.36 30.48
CBD CLA GE . -14.56 33.24 29.13
CGD CLA GE . -14.76 32.75 27.72
O1D CLA GE . -15.83 32.44 27.18
O2D CLA GE . -13.61 32.67 26.99
CED CLA GE . -13.70 32.88 25.58
C1 CLA GE . -19.44 38.24 28.82
C1 LUT HE . -18.25 56.32 32.82
C2 LUT HE . -19.22 55.24 33.22
C3 LUT HE . -18.66 53.84 32.99
C4 LUT HE . -18.34 53.65 31.53
C5 LUT HE . -17.67 54.84 30.88
C6 LUT HE . -17.55 56.03 31.50
C7 LUT HE . -16.71 57.14 30.93
C8 LUT HE . -16.95 57.97 29.91
C9 LUT HE . -16.03 59.02 29.44
C10 LUT HE . -16.44 59.80 28.44
C11 LUT HE . -15.81 60.91 27.73
C12 LUT HE . -16.48 61.54 26.77
C13 LUT HE . -15.97 62.68 25.99
C14 LUT HE . -16.87 63.37 25.27
C15 LUT HE . -16.72 64.54 24.40
C16 LUT HE . -17.19 56.50 33.90
C17 LUT HE . -19.08 57.60 32.71
C18 LUT HE . -17.06 54.46 29.56
C19 LUT HE . -14.67 59.19 30.06
C20 LUT HE . -14.52 63.03 25.97
O3 LUT HE . -19.64 52.87 33.38
C21 LUT HE . -19.18 74.94 18.61
C22 LUT HE . -18.54 76.14 17.91
C23 LUT HE . -18.71 76.10 16.39
C24 LUT HE . -18.64 74.69 15.79
C25 LUT HE . -18.74 73.48 16.73
C26 LUT HE . -18.81 73.57 18.09
C27 LUT HE . -19.29 72.38 18.88
C28 LUT HE . -20.46 71.74 18.97
C29 LUT HE . -20.67 70.56 19.82
C30 LUT HE . -19.62 69.96 20.40
C31 LUT HE . -19.67 68.80 21.29
C32 LUT HE . -18.61 68.37 21.95
C33 LUT HE . -18.77 67.19 22.84
C34 LUT HE . -17.72 66.48 23.26
C35 LUT HE . -17.79 65.30 24.13
C36 LUT HE . -20.68 75.24 18.73
C37 LUT HE . -18.68 74.98 20.05
C38 LUT HE . -18.70 72.20 15.96
C39 LUT HE . -22.06 70.03 20.05
C40 LUT HE . -20.15 66.86 23.34
O23 LUT HE . -18.40 77.22 15.54
C1 LUT IE . -5.72 48.38 16.01
C2 LUT IE . -4.63 48.16 14.98
C3 LUT IE . -3.69 49.33 14.83
C4 LUT IE . -4.46 50.57 14.47
C5 LUT IE . -5.51 50.83 15.53
C6 LUT IE . -6.18 49.83 16.12
C7 LUT IE . -7.36 50.13 16.97
C8 LUT IE . -8.60 50.44 16.58
C9 LUT IE . -9.69 50.68 17.54
C10 LUT IE . -10.92 50.90 17.07
C11 LUT IE . -12.16 51.16 17.81
C12 LUT IE . -13.15 51.86 17.28
C13 LUT IE . -14.40 52.09 18.04
C14 LUT IE . -15.39 52.81 17.51
C15 LUT IE . -16.69 53.12 18.11
C16 LUT IE . -5.20 47.96 17.37
C17 LUT IE . -6.86 47.46 15.61
C18 LUT IE . -5.66 52.28 15.88
C19 LUT IE . -9.42 50.65 19.02
C20 LUT IE . -14.55 51.52 19.42
O3 LUT IE . -2.73 49.03 13.80
C21 LUT IE . -28.08 54.73 20.55
C22 LUT IE . -29.16 54.36 21.56
C23 LUT IE . -29.70 55.57 22.31
C24 LUT IE . -28.59 56.57 22.67
C25 LUT IE . -27.27 56.55 21.91
C26 LUT IE . -26.93 55.59 21.00
C27 LUT IE . -25.80 55.85 20.06
C28 LUT IE . -25.63 56.66 18.99
C29 LUT IE . -24.41 56.69 18.16
C30 LUT IE . -23.38 55.90 18.45
C31 LUT IE . -22.13 55.78 17.72
C32 LUT IE . -21.12 55.10 18.25
C33 LUT IE . -19.85 54.92 17.53
C34 LUT IE . -18.85 54.25 18.12
C35 LUT IE . -17.55 53.96 17.53
C36 LUT IE . -28.83 55.22 19.29
C37 LUT IE . -27.42 53.42 20.15
C38 LUT IE . -26.39 57.69 22.30
C39 LUT IE . -24.30 57.61 16.98
C40 LUT IE . -19.65 55.49 16.16
O23 LUT IE . -30.85 55.51 23.20
C12 BCR JE . -32.82 69.54 4.62
C13 BCR JE . -32.84 69.29 6.04
C14 BCR JE . -32.25 68.18 6.52
C15 BCR JE . -32.23 67.82 7.90
C16 BCR JE . -31.42 66.84 8.32
C17 BCR JE . -31.39 66.54 9.73
C18 BCR JE . -30.48 65.78 10.36
C19 BCR JE . -30.59 65.64 11.80
C20 BCR JE . -29.77 64.85 12.51
C21 BCR JE . -29.84 64.90 13.95
C22 BCR JE . -29.19 64.07 14.78
C23 BCR JE . -29.41 64.24 16.22
C24 BCR JE . -30.62 64.52 16.73
C25 BCR JE . -31.02 64.40 18.13
C26 BCR JE . -31.62 63.30 18.60
C27 BCR JE . -32.08 63.08 19.98
C28 BCR JE . -31.70 64.18 20.94
C29 BCR JE . -31.69 65.52 20.24
C30 BCR JE . -30.75 65.55 19.05
C35 BCR JE . -33.51 70.25 6.95
C36 BCR JE . -29.26 65.31 9.68
C37 BCR JE . -28.66 62.79 14.30
C38 BCR JE . -31.93 62.14 17.74
C39 BCR JE . -29.31 65.59 19.52
C40 BCR JE . -31.02 66.89 18.37
O1 LHG KE . 1.60 63.67 29.59
C1 LHG KE . 2.15 62.40 29.27
C2 LHG KE . 1.96 62.13 27.78
O2 LHG KE . 3.18 62.25 27.09
C3 LHG KE . 1.00 63.07 27.11
O3 LHG KE . -0.22 62.66 27.70
P LHG KE . -1.65 63.13 27.10
O4 LHG KE . -2.51 63.37 28.28
O5 LHG KE . -1.28 63.95 25.91
O6 LHG KE . -2.26 61.67 26.59
C4 LHG KE . -3.64 61.60 26.30
C5 LHG KE . -3.90 60.15 25.85
C6 LHG KE . -3.57 59.20 26.97
O7 LHG KE . -5.32 60.03 25.58
C7 LHG KE . -5.73 60.26 24.29
O9 LHG KE . -5.09 60.92 23.48
C8 LHG KE . -7.05 59.62 23.98
C9 LHG KE . -6.98 58.11 23.88
C10 LHG KE . -7.31 57.42 25.18
O8 LHG KE . -3.59 57.90 26.39
C23 LHG KE . -3.78 56.88 27.26
O10 LHG KE . -4.52 57.06 28.21
C24 LHG KE . -2.75 55.78 27.36
C11 LHG KE . -6.76 56.04 24.90
C12 LHG KE . -7.23 55.08 25.94
C13 LHG KE . -6.61 53.71 25.67
C14 LHG KE . -7.42 52.59 26.32
C15 LHG KE . -7.93 51.62 25.25
C16 LHG KE . -6.82 51.14 24.35
C17 LHG KE . -7.39 50.18 23.30
C18 LHG KE . -6.16 49.72 22.56
C25 LHG KE . -3.29 54.37 27.23
C26 LHG KE . -2.57 53.34 28.06
C27 LHG KE . -3.39 52.08 27.92
C28 LHG KE . -3.42 51.45 26.57
C29 LHG KE . -4.13 50.11 26.72
C30 LHG KE . -3.63 49.17 27.80
C1B LMT LE . -19.55 62.67 -6.38
C2B LMT LE . -18.17 63.38 -6.48
C3B LMT LE . -18.28 64.65 -7.35
C4B LMT LE . -19.48 65.54 -6.93
C5B LMT LE . -20.77 64.67 -6.88
C6B LMT LE . -21.80 65.23 -7.85
O1B LMT LE . -19.92 62.57 -5.05
O2B LMT LE . -17.81 63.71 -5.20
O3B LMT LE . -18.30 64.34 -8.68
O4' LMT LE . -19.28 66.10 -5.70
O5B LMT LE . -20.53 63.31 -7.17
O6B LMT LE . -21.62 64.70 -9.10
C1' LMT LE . -21.72 59.85 -2.41
C2' LMT LE . -20.54 59.28 -3.25
C3' LMT LE . -19.74 60.42 -3.93
C4' LMT LE . -20.66 61.44 -4.65
C5' LMT LE . -21.69 61.88 -3.57
C6' LMT LE . -22.57 63.04 -3.96
O1' LMT LE . -22.55 58.83 -2.05
O2' LMT LE . -19.70 58.59 -2.41
O3' LMT LE . -18.83 59.88 -4.79
O5' LMT LE . -22.48 60.77 -3.19
O6' LMT LE . -22.74 63.77 -2.81
C1 LMT LE . -23.09 58.92 -0.75
C2 LMT LE . -23.20 57.48 -0.30
C3 LMT LE . -21.90 56.80 -0.03
C4 LMT LE . -22.11 55.31 0.13
C5 LMT LE . -23.20 54.92 1.07
C6 LMT LE . -23.35 53.43 1.10
C7 LMT LE . -24.42 52.99 2.05
C8 LMT LE . -23.94 53.14 3.44
C9 LMT LE . -24.96 52.75 4.46
C10 LMT LE . -24.40 53.04 5.83
C11 LMT LE . -25.43 52.81 6.89
C12 LMT LE . -24.89 53.05 8.26
MG CHL ME . 0.67 54.98 25.44
CHA CHL ME . 3.16 54.02 27.62
CHB CHL ME . -0.18 51.75 24.92
CHC CHL ME . -1.78 56.02 23.28
CHD CHL ME . 1.61 58.38 25.95
NA CHL ME . 1.33 53.21 26.13
C1A CHL ME . 2.28 52.97 26.99
C2A CHL ME . 2.48 51.50 27.30
C3A CHL ME . 1.47 50.86 26.39
C4A CHL ME . 0.80 52.02 25.76
CMA CHL ME . 2.14 49.99 25.33
CAA CHL ME . 2.05 51.14 28.75
CBA CHL ME . 0.75 51.86 29.16
CGA CHL ME . -0.31 50.89 29.60
O1A CHL ME . -0.28 49.73 29.23
O2A CHL ME . -1.39 51.34 30.46
NB CHL ME . -0.75 54.03 24.28
C1B CHL ME . -0.98 52.71 24.18
C2B CHL ME . -2.09 52.28 23.29
C3B CHL ME . -2.55 53.57 22.80
C4B CHL ME . -1.68 54.57 23.46
CMB CHL ME . -2.58 50.89 22.97
CAB CHL ME . -3.68 53.75 21.83
CBB CHL ME . -4.58 54.70 21.93
NC CHL ME . 0.03 56.83 24.76
C1C CHL ME . -0.97 57.08 23.89
C2C CHL ME . -1.19 58.52 23.59
C3C CHL ME . -0.19 59.23 24.38
C4C CHL ME . 0.49 58.10 25.05
CMC CHL ME . -2.17 59.21 22.72
OMC CHL ME . -3.08 58.65 22.16
CAC CHL ME . 0.00 60.72 24.43
CBC CHL ME . 1.29 61.16 23.74
ND CHL ME . 2.02 56.05 26.51
C1D CHL ME . 2.34 57.35 26.67
C2D CHL ME . 3.47 57.58 27.62
C3D CHL ME . 3.76 56.20 27.97
C4D CHL ME . 2.91 55.40 27.31
CMD CHL ME . 4.26 58.73 28.20
CAD CHL ME . 4.67 55.41 28.80
OBD CHL ME . 5.58 55.89 29.55
CBD CHL ME . 4.31 53.97 28.61
CGD CHL ME . 5.48 53.14 28.18
O1D CHL ME . 5.57 51.97 28.52
O2D CHL ME . 6.53 53.71 27.38
CED CHL ME . 7.68 52.93 27.09
C1 CHL ME . -2.07 50.52 31.40
C2 CHL ME . -1.99 50.99 32.83
C3 CHL ME . -2.44 52.17 33.33
C4 CHL ME . -3.16 53.15 32.45
C5 CHL ME . -2.24 52.45 34.81
C6 CHL ME . -3.41 52.02 35.69
C7 CHL ME . -4.55 53.03 35.79
C8 CHL ME . -5.81 52.44 36.43
C9 CHL ME . -7.05 52.85 35.64
C10 CHL ME . -5.89 52.91 37.88
MG CHL NE . 40.90 -7.32 28.86
CHA CHL NE . 43.66 -6.81 26.86
CHB CHL NE . 39.65 -4.32 27.91
CHC CHL NE . 38.16 -7.87 30.86
CHD CHL NE . 42.24 -10.47 29.85
NA CHL NE . 41.51 -5.84 27.64
C1A CHL NE . 42.58 -5.76 26.91
C2A CHL NE . 42.66 -4.50 26.09
C3A CHL NE . 41.45 -3.75 26.52
C4A CHL NE . 40.81 -4.71 27.42
CMA CHL NE . 41.90 -2.54 27.32
CAA CHL NE . 42.38 -4.87 24.60
CBA CHL NE . 41.63 -3.89 23.68
CGA CHL NE . 40.25 -4.38 23.32
O1A CHL NE . 40.04 -4.96 22.27
O2A CHL NE . 39.12 -4.16 24.24
NB CHL NE . 39.19 -6.26 29.31
C1B CHL NE . 38.82 -5.05 28.85
C2B CHL NE . 37.53 -4.50 29.33
C3B CHL NE . 37.11 -5.58 30.22
C4B CHL NE . 38.18 -6.60 30.13
CMB CHL NE . 36.86 -3.20 29.01
CAB CHL NE . 35.85 -5.61 31.01
CBB CHL NE . 34.71 -5.83 30.39
NC CHL NE . 40.31 -8.85 30.11
C1C CHL NE . 39.18 -8.92 30.85
C2C CHL NE . 39.05 -10.17 31.65
C3C CHL NE . 40.25 -10.94 31.36
C4C CHL NE . 40.94 -10.04 30.40
CMC CHL NE . 37.96 -10.58 32.57
OMC CHL NE . 37.20 -11.48 32.29
CAC CHL NE . 40.67 -12.29 31.87
CBC CHL NE . 39.92 -13.36 31.11
ND CHL NE . 42.54 -8.47 28.50
C1D CHL NE . 43.01 -9.67 28.91
C2D CHL NE . 44.33 -10.04 28.30
C3D CHL NE . 44.54 -8.84 27.48
C4D CHL NE . 43.51 -8.02 27.65
CMD CHL NE . 45.31 -11.18 28.35
CAD CHL NE . 45.50 -8.23 26.54
OBD CHL NE . 46.61 -8.75 26.15
CBD CHL NE . 44.97 -6.91 26.11
CGD CHL NE . 45.90 -5.80 26.45
O1D CHL NE . 46.79 -5.48 25.69
O2D CHL NE . 45.71 -5.04 27.67
CED CHL NE . 46.54 -3.92 27.95
C1 CHL NE . 37.84 -4.71 23.93
C2 CHL NE . 37.16 -5.40 25.10
C3 CHL NE . 35.97 -5.00 25.56
C4 CHL NE . 35.24 -3.83 24.95
C5 CHL NE . 35.33 -5.73 26.73
C6 CHL NE . 34.68 -7.03 26.27
C7 CHL NE . 33.22 -6.84 25.87
C8 CHL NE . 32.28 -7.92 26.41
C9 CHL NE . 32.88 -9.32 26.37
C10 CHL NE . 30.99 -7.88 25.62
MG CLA OE . 30.34 -3.71 32.74
CHA CLA OE . 30.85 -0.82 30.91
CHB CLA OE . 31.23 -5.55 30.04
CHC CLA OE . 30.76 -6.41 34.79
CHD CLA OE . 29.65 -1.71 35.57
NA CLA OE . 30.94 -3.23 30.80
C1A CLA OE . 31.27 -1.97 30.29
C2A CLA OE . 31.87 -2.07 28.90
C3A CLA OE . 31.66 -3.57 28.54
C4A CLA OE . 31.30 -4.19 29.88
CMA CLA OE . 30.57 -3.76 27.52
CAA CLA OE . 33.34 -1.70 28.91
CBA CLA OE . 33.83 -1.39 27.52
CGA CLA OE . 33.15 -0.16 26.99
O1A CLA OE . 33.41 1.02 27.23
O2A CLA OE . 32.11 -0.45 26.14
NB CLA OE . 30.74 -5.66 32.44
C1B CLA OE . 31.17 -6.22 31.28
C2B CLA OE . 31.22 -7.69 31.45
C3B CLA OE . 31.06 -7.94 32.79
C4B CLA OE . 30.96 -6.61 33.46
CMB CLA OE . 31.50 -8.60 30.34
CAB CLA OE . 30.66 -9.15 33.46
CBB CLA OE . 29.60 -9.90 33.14
NC CLA OE . 29.92 -4.06 34.76
C1C CLA OE . 30.14 -5.26 35.38
C2C CLA OE . 29.89 -5.12 36.81
C3C CLA OE . 29.85 -3.75 37.06
C4C CLA OE . 29.77 -3.09 35.76
CMC CLA OE . 29.57 -6.22 37.72
CAC CLA OE . 29.72 -3.09 38.37
CBC CLA OE . 31.04 -2.56 38.88
ND CLA OE . 30.07 -1.76 33.15
C1D CLA OE . 29.85 -1.05 34.37
C2D CLA OE . 29.61 0.37 34.03
C3D CLA OE . 30.03 0.53 32.73
C4D CLA OE . 30.31 -0.83 32.23
CMD CLA OE . 28.80 1.27 34.85
CAD CLA OE . 30.16 1.43 31.60
OBD CLA OE . 30.00 2.64 31.57
CBD CLA OE . 30.77 0.62 30.43
CGD CLA OE . 29.95 0.76 29.17
O1D CLA OE . 28.80 0.37 28.97
O2D CLA OE . 30.60 1.41 28.17
CED CLA OE . 30.74 2.83 28.26
C1 CLA OE . 31.88 0.49 25.08
MG CLA PE . 31.74 -4.71 51.79
CHA CLA PE . 29.31 -5.04 54.24
CHB CLA PE . 29.38 -3.46 49.68
CHC CLA PE . 34.23 -3.93 49.56
CHD CLA PE . 34.15 -5.85 54.09
NA CLA PE . 29.70 -4.31 51.97
C1A CLA PE . 28.94 -4.31 53.15
C2A CLA PE . 27.52 -3.81 52.86
C3A CLA PE . 27.48 -3.71 51.33
C4A CLA PE . 28.95 -3.80 50.94
CMA CLA PE . 26.67 -4.83 50.72
CAA CLA PE . 27.23 -2.47 53.53
CBA CLA PE . 28.47 -1.62 53.75
CGA CLA PE . 28.20 -0.66 54.87
O1A CLA PE . 27.49 -0.83 55.86
O2A CLA PE . 28.88 0.52 54.72
NB CLA PE . 31.80 -3.90 49.95
C1B CLA PE . 30.73 -3.41 49.27
C2B CLA PE . 31.20 -2.60 48.11
C3B CLA PE . 32.57 -2.75 48.05
C4B CLA PE . 32.98 -3.50 49.28
CMB CLA PE . 30.37 -1.56 47.52
CAB CLA PE . 33.47 -2.59 46.94
CBB CLA PE . 33.17 -2.86 45.65
NC CLA PE . 33.80 -5.03 51.75
C1C CLA PE . 34.63 -4.56 50.78
C2C CLA PE . 36.02 -4.59 51.25
C3C CLA PE . 36.01 -5.21 52.49
C4C CLA PE . 34.61 -5.47 52.82
CMC CLA PE . 37.09 -3.78 50.66
CAC CLA PE . 37.12 -5.24 53.46
CBC CLA PE . 38.07 -6.38 53.22
ND CLA PE . 31.77 -5.47 53.66
C1D CLA PE . 32.82 -5.92 54.49
C2D CLA PE . 32.28 -6.23 55.83
C3D CLA PE . 30.92 -6.04 55.75
C4D CLA PE . 30.65 -5.52 54.39
CMD CLA PE . 33.11 -6.42 57.02
CAD CLA PE . 29.67 -5.97 56.50
OBD CLA PE . 29.50 -6.07 57.70
CBD CLA PE . 28.60 -5.35 55.53
CGD CLA PE . 27.42 -6.27 55.32
O1D CLA PE . 27.37 -7.31 54.65
O2D CLA PE . 26.29 -5.87 55.95
CED CLA PE . 26.12 -6.23 57.33
C1 CLA PE . 28.80 1.46 55.82
C2 CLA PE . 29.60 2.65 55.42
C3 CLA PE . 30.93 2.75 55.60
C4 CLA PE . 31.68 3.95 55.19
C5 CLA PE . 31.72 1.64 56.21
MG CHL QE . 26.89 1.52 49.57
CHA CHL QE . 27.34 4.02 51.90
CHB CHL QE . 28.90 3.13 47.43
CHC CHL QE . 26.39 -1.03 47.28
CHD CHL QE . 24.76 -0.17 51.87
NA CHL QE . 27.93 3.24 49.62
C1A CHL QE . 28.03 4.12 50.58
C2A CHL QE . 28.94 5.28 50.25
C3A CHL QE . 29.37 4.98 48.85
C4A CHL QE . 28.69 3.68 48.60
CMA CHL QE . 28.86 6.03 47.87
CAA CHL QE . 30.27 5.28 51.00
CBA CHL QE . 30.44 6.48 51.93
CGA CHL QE . 31.32 7.53 51.30
O1A CHL QE . 30.88 8.26 50.44
O2A CHL QE . 32.70 7.69 51.73
NB CHL QE . 27.54 1.13 47.66
C1B CHL QE . 28.36 1.88 46.91
C2B CHL QE . 28.69 1.38 45.55
C3B CHL QE . 27.93 0.13 45.54
C4B CHL QE . 27.26 0.08 46.86
CMB CHL QE . 29.57 1.97 44.48
CAB CHL QE . 27.87 -0.82 44.40
CBB CHL QE . 28.34 -2.04 44.52
NC CHL QE . 25.80 -0.24 49.56
C1C CHL QE . 25.69 -1.17 48.56
C2C CHL QE . 24.82 -2.32 48.89
C3C CHL QE . 24.34 -2.07 50.23
C4C CHL QE . 25.00 -0.78 50.55
CMC CHL QE . 24.44 -3.53 48.11
OMC CHL QE . 24.62 -3.63 46.92
CAC CHL QE . 23.42 -2.91 51.07
CBC CHL QE . 21.99 -2.47 50.83
ND CHL QE . 26.15 1.76 51.46
C1D CHL QE . 25.34 1.09 52.30
C2D CHL QE . 25.14 1.78 53.63
C3D CHL QE . 25.98 2.96 53.40
C4D CHL QE . 26.51 2.88 52.18
CMD CHL QE . 24.40 1.58 54.92
CAD CHL QE . 26.44 4.19 54.07
OBD CHL QE . 26.11 4.57 55.26
CBD CHL QE . 27.32 4.91 53.13
CGD CHL QE . 26.70 6.25 52.82
O1D CHL QE . 25.78 6.33 52.02
O2D CHL QE . 27.19 7.45 53.48
CED CHL QE . 26.96 8.72 52.87
MG CHL RE . 22.31 -5.45 44.24
CHA CHL RE . 19.89 -7.73 45.16
CHB CHL RE . 23.96 -7.86 42.54
CHC CHL RE . 24.71 -3.13 43.35
CHD CHL RE . 20.56 -2.92 46.04
NA CHL RE . 22.00 -7.42 43.89
C1A CHL RE . 21.03 -8.18 44.31
C2A CHL RE . 21.15 -9.61 43.82
C3A CHL RE . 22.43 -9.61 43.05
C4A CHL RE . 22.84 -8.18 43.16
CMA CHL RE . 23.48 -10.50 43.68
CAA CHL RE . 20.08 -10.08 42.82
CBA CHL RE . 19.65 -8.98 41.86
CGA CHL RE . 19.74 -9.47 40.43
O1A CHL RE . 19.39 -10.60 40.13
O2A CHL RE . 20.26 -8.60 39.39
NB CHL RE . 24.05 -5.49 43.13
C1B CHL RE . 24.60 -6.54 42.49
C2B CHL RE . 25.86 -6.31 41.74
C3B CHL RE . 26.06 -4.88 42.01
C4B CHL RE . 24.90 -4.49 42.85
CMB CHL RE . 26.71 -7.26 40.95
CAB CHL RE . 27.19 -4.04 41.53
CBB CHL RE . 26.98 -3.01 40.72
NC CHL RE . 22.59 -3.44 44.61
C1C CHL RE . 23.59 -2.64 44.17
C2C CHL RE . 23.51 -1.23 44.63
C3C CHL RE . 22.29 -1.16 45.41
C4C CHL RE . 21.81 -2.56 45.34
CMC CHL RE . 24.43 -0.11 44.35
OMC CHL RE . 24.95 0.05 43.25
CAC CHL RE . 21.69 0.02 46.12
CBC CHL RE . 22.38 0.21 47.46
ND CHL RE . 20.63 -5.25 45.36
C1D CHL RE . 19.99 -4.27 46.04
C2D CHL RE . 18.72 -4.72 46.71
C3D CHL RE . 18.74 -6.13 46.33
C4D CHL RE . 19.82 -6.35 45.58
CMD CHL RE . 17.62 -4.17 47.56
CAD CHL RE . 17.96 -7.37 46.47
OBD CHL RE . 16.87 -7.50 47.14
CBD CHL RE . 18.69 -8.44 45.73
CGD CHL RE . 19.03 -9.55 46.69
O1D CHL RE . 19.86 -9.37 47.56
O2D CHL RE . 18.35 -10.82 46.57
CED CHL RE . 18.98 -12.02 47.05
C1 CHL RE . 19.84 -8.76 38.04
MG CHL SE . 38.44 9.33 41.86
CHA CHL SE . 38.80 5.93 41.43
CHB CHL SE . 36.78 8.82 44.74
CHC CHL SE . 38.10 12.75 42.19
CHD CHL SE . 40.20 9.84 38.79
NA CHL SE . 37.88 7.71 42.90
C1A CHL SE . 38.09 6.46 42.65
C2A CHL SE . 37.52 5.51 43.70
C3A CHL SE . 36.89 6.45 44.67
C4A CHL SE . 37.20 7.77 44.07
CMA CHL SE . 35.38 6.24 44.70
CAA CHL SE . 38.56 4.75 44.53
CBA CHL SE . 39.86 5.53 44.77
CGA CHL SE . 40.10 5.70 46.25
O1A CHL SE . 41.22 5.92 46.66
O2A CHL SE . 39.00 5.60 47.20
NB CHL SE . 37.57 10.57 43.24
C1B CHL SE . 36.93 10.23 44.37
C2B CHL SE . 36.41 11.32 45.20
C3B CHL SE . 36.81 12.48 44.42
C4B CHL SE . 37.52 11.93 43.25
CMB CHL SE . 35.65 11.27 46.51
CAB CHL SE . 36.56 13.90 44.76
CBB CHL SE . 37.36 14.48 45.64
NC CHL SE . 39.03 10.96 40.73
C1C CHL SE . 38.82 12.28 40.99
C2C CHL SE . 39.39 13.19 39.96
C3C CHL SE . 40.00 12.34 38.96
C4C CHL SE . 39.71 11.00 39.55
CMC CHL SE . 39.38 14.67 39.88
OMC CHL SE . 39.29 15.38 40.85
CAC CHL SE . 40.72 12.67 37.69
CBC CHL SE . 42.17 13.03 37.95
ND CHL SE . 39.33 8.24 40.38
C1D CHL SE . 40.00 8.47 39.24
C2D CHL SE . 40.46 7.23 38.54
C3D CHL SE . 39.94 6.25 39.48
C4D CHL SE . 39.33 6.88 40.48
CMD CHL SE . 41.19 6.82 37.30
CAD CHL SE . 39.88 4.81 39.68
OBD CHL SE . 40.38 3.96 38.87
CBD CHL SE . 39.15 4.54 40.95
CGD CHL SE . 37.95 3.67 40.69
O1D CHL SE . 36.89 4.16 40.32
O2D CHL SE . 38.05 2.25 40.90
CED CHL SE . 37.38 1.64 42.00
C1 CHL SE . 39.03 6.35 48.41
C2 CHL SE . 38.04 7.48 48.32
MG CLA TE . 30.43 4.83 35.99
CHA CLA TE . 32.39 3.93 33.29
CHB CLA TE . 30.14 7.94 34.65
CHC CLA TE . 28.49 5.74 38.65
CHD CLA TE . 31.36 1.87 37.64
NA CLA TE . 31.13 5.75 34.26
C1A CLA TE . 31.72 5.12 33.16
C2A CLA TE . 31.98 6.15 32.05
C3A CLA TE . 31.82 7.49 32.81
C4A CLA TE . 31.08 7.09 34.09
CMA CLA TE . 33.16 8.10 33.13
CAA CLA TE . 31.06 5.99 30.85
CBA CLA TE . 29.58 5.90 31.18
CGA CLA TE . 28.81 5.45 29.98
O1A CLA TE . 28.81 5.93 28.84
O2A CLA TE . 28.01 4.36 30.22
NB CLA TE . 29.31 6.45 36.42
C1B CLA TE . 29.27 7.61 35.71
C2B CLA TE . 28.41 8.60 36.42
C3B CLA TE . 27.94 7.97 37.55
C4B CLA TE . 28.63 6.66 37.65
CMB CLA TE . 28.45 10.02 36.08
CAB CLA TE . 26.82 8.30 38.40
CBB CLA TE . 25.64 8.76 37.98
NC CLA TE . 29.87 3.88 37.75
C1C CLA TE . 29.13 4.47 38.73
C2C CLA TE . 29.17 3.66 39.94
C3C CLA TE . 29.89 2.50 39.62
C4C CLA TE . 30.40 2.69 38.27
CMC CLA TE . 28.38 3.93 41.14
CAC CLA TE . 30.00 1.28 40.42
CBC CLA TE . 28.90 0.30 40.13
ND CLA TE . 31.63 3.26 35.64
C1D CLA TE . 31.95 2.12 36.42
C2D CLA TE . 32.76 1.20 35.59
C3D CLA TE . 33.00 1.87 34.39
C4D CLA TE . 32.34 3.18 34.52
CMD CLA TE . 33.30 -0.07 36.04
CAD CLA TE . 33.55 1.78 33.05
OBD CLA TE . 34.43 1.03 32.64
CBD CLA TE . 33.29 3.15 32.36
CGD CLA TE . 34.58 3.86 32.09
O1D CLA TE . 35.32 4.40 32.91
O2D CLA TE . 34.95 3.88 30.78
CED CLA TE . 36.15 4.58 30.44
C1 CLA TE . 26.85 4.58 31.06
C2 CLA TE . 26.59 3.31 31.78
C3 CLA TE . 25.91 2.28 31.27
C4 CLA TE . 25.35 2.30 29.89
C5 CLA TE . 25.69 1.03 32.07
C6 CLA TE . 26.38 -0.17 31.48
C7 CLA TE . 26.13 -1.41 32.32
C8 CLA TE . 26.98 -2.60 31.88
C9 CLA TE . 26.70 -2.97 30.44
C10 CLA TE . 26.74 -3.80 32.78
MG CLA UE . 46.03 0.97 42.27
CHA CLA UE . 47.59 3.96 41.59
CHB CLA UE . 49.03 -0.60 41.97
CHC CLA UE . 44.56 -1.89 43.39
CHD CLA UE . 42.99 2.71 42.73
NA CLA UE . 47.90 1.57 41.55
C1A CLA UE . 48.40 2.86 41.58
C2A CLA UE . 49.82 2.81 42.11
C3A CLA UE . 50.27 1.52 41.41
C4A CLA UE . 48.97 0.70 41.50
CMA CLA UE . 50.67 1.76 39.99
CAA CLA UE . 49.75 2.62 43.62
CBA CLA UE . 51.04 2.15 44.24
CGA CLA UE . 50.98 0.69 44.58
O1A CLA UE . 51.52 -0.25 44.00
O2A CLA UE . 50.21 0.43 45.69
NB CLA UE . 46.69 -0.87 42.69
C1B CLA UE . 47.97 -1.31 42.57
C2B CLA UE . 48.00 -2.79 42.75
C3B CLA UE . 46.77 -3.14 43.26
C4B CLA UE . 45.87 -1.98 43.01
CMB CLA UE . 49.23 -3.56 42.61
CAB CLA UE . 46.37 -4.24 44.10
CBB CLA UE . 46.47 -5.53 43.82
NC CLA UE . 44.09 0.48 42.84
C1C CLA UE . 43.69 -0.78 43.21
C2C CLA UE . 42.31 -0.75 43.66
C3C CLA UE . 41.93 0.59 43.68
C4C CLA UE . 43.02 1.35 43.08
CMC CLA UE . 41.56 -1.92 44.12
CAC CLA UE . 40.63 1.13 44.10
CBC CLA UE . 40.68 1.75 45.47
ND CLA UE . 45.33 2.84 41.98
C1D CLA UE . 44.08 3.45 42.30
C2D CLA UE . 44.14 4.86 41.88
C3D CLA UE . 45.49 5.15 41.72
C4D CLA UE . 46.16 3.85 41.74
CMD CLA UE . 43.00 5.78 41.93
CAD CLA UE . 46.52 6.17 41.78
OBD CLA UE . 46.39 7.36 42.06
CBD CLA UE . 47.89 5.44 41.80
CGD CLA UE . 48.84 5.97 40.77
O1D CLA UE . 49.41 5.34 39.86
O2D CLA UE . 49.09 7.31 40.87
CED CLA UE . 50.38 7.78 40.49
C1 CLA UE . 49.72 -0.92 45.86
C2 CLA UE . 50.68 -1.62 46.76
C3 CLA UE . 50.39 -2.74 47.45
C4 CLA UE . 51.40 -3.36 48.33
C5 CLA UE . 49.04 -3.38 47.36
C6 CLA UE . 48.57 -4.02 48.66
C7 CLA UE . 47.13 -3.68 48.98
C8 CLA UE . 46.88 -2.81 50.22
C9 CLA UE . 48.12 -2.30 50.92
C10 CLA UE . 46.02 -3.57 51.23
C11 CLA UE . 44.63 -3.83 50.71
C12 CLA UE . 43.85 -4.75 51.63
C13 CLA UE . 42.43 -4.95 51.14
C14 CLA UE . 41.64 -3.66 51.20
C15 CLA UE . 41.72 -6.03 51.95
MG CHL VE . 52.28 -15.37 37.37
CHA CHL VE . 53.05 -12.12 38.30
CHB CHL VE . 55.51 -15.96 36.65
CHC CHL VE . 51.44 -18.59 36.44
CHD CHL VE . 48.86 -14.74 38.12
NA CHL VE . 53.97 -14.28 37.45
C1A CHL VE . 54.15 -13.04 37.84
C2A CHL VE . 55.59 -12.58 37.77
C3A CHL VE . 56.29 -13.78 37.23
C4A CHL VE . 55.19 -14.75 37.10
CMA CHL VE . 56.90 -13.50 35.86
CAA CHL VE . 56.26 -12.25 39.12
CBA CHL VE . 56.29 -13.39 40.14
CGA CHL VE . 56.07 -12.88 41.55
O1A CHL VE . 56.35 -11.72 41.84
O2A CHL VE . 55.52 -13.77 42.56
NB CHL VE . 53.32 -17.00 36.66
C1B CHL VE . 54.63 -17.10 36.43
C2B CHL VE . 55.13 -18.41 35.92
C3B CHL VE . 53.89 -19.17 35.86
C4B CHL VE . 52.84 -18.23 36.34
CMB CHL VE . 56.53 -18.81 35.55
CAB CHL VE . 53.73 -20.58 35.43
CBB CHL VE . 53.31 -21.51 36.26
NC CHL VE . 50.51 -16.45 37.29
C1C CHL VE . 50.33 -17.74 36.90
C2C CHL VE . 48.93 -18.22 36.97
C3C CHL VE . 48.16 -17.07 37.46
C4C CHL VE . 49.24 -16.07 37.63
CMC CHL VE . 48.37 -19.55 36.62
OMC CHL VE . 48.96 -20.58 36.89
CAC CHL VE . 46.69 -16.94 37.74
CBC CHL VE . 46.42 -17.24 39.20
ND CHL VE . 51.12 -13.84 38.05
C1D CHL VE . 49.82 -13.65 38.32
C2D CHL VE . 49.52 -12.28 38.82
C3D CHL VE . 50.85 -11.70 38.80
C4D CHL VE . 51.70 -12.63 38.35
CMD CHL VE . 48.32 -11.50 39.27
CAD CHL VE . 51.59 -10.46 39.09
OBD CHL VE . 51.06 -9.37 39.52
CBD CHL VE . 53.03 -10.68 38.78
CGD CHL VE . 53.45 -9.71 37.71
O1D CHL VE . 52.73 -9.48 36.77
O2D CHL VE . 54.74 -9.05 37.74
CED CHL VE . 55.21 -8.43 36.54
C1 CHL VE . 55.29 -13.29 43.89
C2 CHL VE . 53.85 -13.55 44.28
C3 CHL VE . 53.44 -14.73 44.79
C4 CHL VE . 54.40 -15.86 44.99
C5 CHL VE . 51.99 -14.92 45.16
C6 CHL VE . 51.66 -14.10 46.40
C7 CHL VE . 50.15 -13.93 46.56
C8 CHL VE . 49.76 -12.66 47.31
C9 CHL VE . 50.61 -12.40 48.54
C10 CHL VE . 48.29 -12.75 47.69
MG CLA WE . 47.58 -10.71 44.78
CHA CLA WE . 50.80 -9.62 44.14
CHB CLA WE . 46.94 -7.86 46.50
CHC CLA WE . 44.64 -12.10 45.84
CHD CLA WE . 48.09 -13.43 42.60
NA CLA WE . 48.70 -8.99 45.18
C1A CLA WE . 50.05 -8.77 44.90
C2A CLA WE . 50.55 -7.53 45.64
C3A CLA WE . 49.38 -7.16 46.57
C4A CLA WE . 48.22 -7.97 45.98
CMA CLA WE . 49.66 -7.56 47.99
CAA CLA WE . 50.89 -6.43 44.65
CBA CLA WE . 51.82 -5.37 45.21
CGA CLA WE . 53.20 -5.93 45.42
O1A CLA WE . 53.74 -6.86 44.83
O2A CLA WE . 53.92 -5.26 46.35
NB CLA WE . 46.02 -10.05 45.87
C1B CLA WE . 45.98 -8.89 46.57
C2B CLA WE . 44.95 -8.97 47.63
C3B CLA WE . 44.45 -10.27 47.58
C4B CLA WE . 44.94 -10.86 46.30
CMB CLA WE . 44.82 -7.98 48.70
CAB CLA WE . 43.46 -10.93 48.40
CBB CLA WE . 42.21 -10.51 48.58
NC CLA WE . 46.50 -12.41 44.22
C1C CLA WE . 45.38 -12.83 44.86
C2C CLA WE . 45.10 -14.22 44.48
C3C CLA WE . 46.26 -14.68 43.87
C4C CLA WE . 46.94 -13.46 43.41
CMC CLA WE . 43.97 -15.00 44.97
CAC CLA WE . 46.93 -15.95 44.16
CBC CLA WE . 47.00 -16.88 42.96
ND CLA WE . 49.09 -11.47 43.69
C1D CLA WE . 49.15 -12.56 42.77
C2D CLA WE . 50.54 -12.68 42.28
C3D CLA WE . 51.18 -11.50 42.66
C4D CLA WE . 50.21 -10.77 43.51
CMD CLA WE . 51.10 -13.88 41.67
CAD CLA WE . 52.44 -10.79 42.74
OBD CLA WE . 53.48 -10.99 42.14
CBD CLA WE . 52.29 -9.77 43.91
CGD CLA WE . 53.00 -10.21 45.15
O1D CLA WE . 52.57 -10.89 46.09
O2D CLA WE . 54.31 -9.77 45.22
CED CLA WE . 54.87 -9.56 46.52
C1 CLA WE . 55.35 -5.31 46.19
C2 CLA WE . 55.69 -4.33 45.12
C3 CLA WE . 56.91 -4.21 44.56
C4 CLA WE . 57.17 -3.21 43.51
C5 CLA WE . 58.05 -5.09 44.96
C6 CLA WE . 59.22 -4.31 45.53
C7 CLA WE . 58.86 -3.68 46.85
MG CLA XE . 34.49 -21.36 38.96
CHA CLA XE . 32.82 -23.98 40.48
CHB CLA XE . 37.06 -21.71 41.16
CHC CLA XE . 35.85 -18.44 37.77
CHD CLA XE . 31.57 -20.62 37.14
NA CLA XE . 34.90 -22.72 40.49
C1A CLA XE . 34.12 -23.80 40.90
C2A CLA XE . 34.94 -24.72 41.82
C3A CLA XE . 36.23 -23.91 42.08
C4A CLA XE . 36.03 -22.64 41.25
CMA CLA XE . 36.42 -23.60 43.54
CAA CLA XE . 35.27 -26.08 41.20
CBA CLA XE . 36.11 -26.00 39.95
CGA CLA XE . 35.26 -26.02 38.71
O1A CLA XE . 34.41 -26.84 38.37
O2A CLA XE . 35.53 -24.95 37.90
NB CLA XE . 36.21 -20.35 39.29
C1B CLA XE . 37.08 -20.61 40.29
C2B CLA XE . 38.25 -19.68 40.17
C3B CLA XE . 37.93 -18.78 39.19
C4B CLA XE . 36.54 -19.09 38.74
CMB CLA XE . 39.55 -20.00 40.76
CAB CLA XE . 38.67 -17.66 38.65
CBB CLA XE . 39.20 -16.67 39.37
NC CLA XE . 33.95 -19.99 37.47
C1C CLA XE . 34.76 -18.97 37.04
C2C CLA XE . 34.10 -18.28 35.94
C3C CLA XE . 32.83 -18.86 35.79
C4C CLA XE . 32.70 -19.83 36.88
CMC CLA XE . 34.66 -17.13 35.22
CAC CLA XE . 31.83 -18.56 34.76
CBC CLA XE . 31.85 -19.53 33.61
ND CLA XE . 32.70 -22.22 38.62
C1D CLA XE . 31.58 -21.80 37.85
C2D CLA XE . 30.44 -22.70 38.15
C3D CLA XE . 30.85 -23.52 39.18
C4D CLA XE . 32.27 -23.22 39.40
CMD CLA XE . 29.08 -22.50 37.64
CAD CLA XE . 30.48 -24.61 40.05
OBD CLA XE . 29.48 -25.32 40.01
CBD CLA XE . 31.78 -25.04 40.79
CGD CLA XE . 31.57 -25.22 42.26
O1D CLA XE . 30.82 -24.58 43.00
O2D CLA XE . 32.31 -26.23 42.81
CED CLA XE . 31.78 -26.92 43.94
C1 CLA XE . 34.61 -24.63 36.84
C2 CLA XE . 35.26 -23.54 36.10
C3 CLA XE . 34.65 -22.77 35.17
C4 CLA XE . 33.23 -22.97 34.79
C5 CLA XE . 35.38 -21.69 34.45
C6 CLA XE . 36.90 -21.77 34.54
C7 CLA XE . 37.47 -20.75 35.50
C8 CLA XE . 38.46 -19.78 34.85
C9 CLA XE . 37.78 -18.90 33.82
C10 CLA XE . 39.62 -20.53 34.22
C11 CLA XE . 40.84 -20.52 35.12
C12 CLA XE . 41.37 -19.12 35.33
C13 CLA XE . 42.61 -19.11 36.21
C14 CLA XE . 43.76 -19.84 35.53
C15 CLA XE . 42.33 -19.74 37.58
C16 CLA XE . 43.50 -19.52 38.52
C17 CLA XE . 43.39 -20.41 39.75
C18 CLA XE . 44.55 -20.18 40.70
C19 CLA XE . 44.22 -19.12 41.72
C20 CLA XE . 44.94 -21.46 41.40
MG CLA YE . 41.18 -27.50 41.03
CHA CLA YE . 39.41 -27.93 38.08
CHB CLA YE . 41.75 -30.86 41.13
CHC CLA YE . 42.41 -27.18 44.21
CHD CLA YE . 40.09 -24.15 41.14
NA CLA YE . 40.72 -29.09 39.76
C1A CLA YE . 40.16 -29.02 38.48
C2A CLA YE . 40.26 -30.36 37.76
C3A CLA YE . 40.80 -31.31 38.86
C4A CLA YE . 41.04 -30.40 40.05
CMA CLA YE . 39.82 -32.41 39.17
CAA CLA YE . 41.20 -30.30 36.56
CBA CLA YE . 42.41 -29.42 36.81
CGA CLA YE . 42.95 -28.96 35.49
O1A CLA YE . 42.34 -28.47 34.54
O2A CLA YE . 44.30 -29.13 35.38
NB CLA YE . 42.13 -28.73 42.31
C1B CLA YE . 42.23 -30.07 42.20
C2B CLA YE . 43.21 -30.56 43.22
C3B CLA YE . 43.22 -29.59 44.20
C4B CLA YE . 42.61 -28.37 43.59
CMB CLA YE . 44.19 -31.59 42.93
CAB CLA YE . 43.41 -29.71 45.62
CBB CLA YE . 43.21 -30.82 46.34
NC CLA YE . 41.46 -25.88 42.31
C1C CLA YE . 41.90 -25.99 43.60
C2C CLA YE . 41.88 -24.69 44.25
C3C CLA YE . 41.30 -23.80 43.34
C4C CLA YE . 40.97 -24.58 42.14
CMC CLA YE . 42.24 -24.46 45.65
CAC CLA YE . 40.74 -22.47 43.65
CBC CLA YE . 41.76 -21.37 43.51
ND CLA YE . 40.14 -26.23 39.85
C1D CLA YE . 39.74 -24.89 40.02
C2D CLA YE . 39.18 -24.42 38.73
C3D CLA YE . 38.99 -25.56 37.96
C4D CLA YE . 39.49 -26.68 38.77
CMD CLA YE . 39.07 -23.01 38.34
CAD CLA YE . 38.27 -26.12 36.83
OBD CLA YE . 37.84 -25.54 35.85
CBD CLA YE . 38.60 -27.65 36.84
CGD CLA YE . 37.37 -28.53 36.78
O1D CLA YE . 37.26 -29.67 37.26
O2D CLA YE . 36.31 -28.00 36.12
CED CLA YE . 35.23 -28.87 35.78
C1 CLA YE . 45.01 -28.17 34.58
C2 CLA YE . 46.46 -28.42 34.81
C3 CLA YE . 47.43 -27.71 34.21
C4 CLA YE . 48.86 -28.01 34.46
C5 CLA YE . 47.13 -26.60 33.27
MG CHL ZE . 40.33 18.10 48.63
CHA CHL ZE . 43.01 18.19 50.79
CHB CHL ZE . 38.29 19.21 51.07
CHC CHL ZE . 37.69 17.99 46.41
CHD CHL ZE . 42.50 16.94 46.05
NA CHL ZE . 40.57 18.61 50.56
C1A CHL ZE . 41.66 18.60 51.29
C2A CHL ZE . 41.44 19.08 52.71
C3A CHL ZE . 39.97 19.34 52.75
C4A CHL ZE . 39.57 19.04 51.36
CMA CHL ZE . 39.27 18.39 53.71
CAA CHL ZE . 42.04 20.45 52.99
CBA CHL ZE . 43.08 20.42 54.09
CGA CHL ZE . 44.24 21.30 53.71
O1A CHL ZE . 44.05 22.43 53.28
O2A CHL ZE . 45.60 20.81 53.83
NB CHL ZE . 38.32 18.54 48.74
C1B CHL ZE . 37.63 18.97 49.80
C2B CHL ZE . 36.18 19.21 49.61
C3B CHL ZE . 36.02 18.84 48.21
C4B CHL ZE . 37.39 18.44 47.77
CMB CHL ZE . 35.14 19.69 50.59
CAB CHL ZE . 34.75 18.86 47.43
CBB CHL ZE . 34.29 17.81 46.78
NC CHL ZE . 40.12 17.58 46.64
C1C CHL ZE . 38.99 17.59 45.88
C2C CHL ZE . 39.18 17.15 44.48
C3C CHL ZE . 40.60 16.85 44.38
C4C CHL ZE . 41.07 17.14 45.76
CMC CHL ZE . 38.19 17.03 43.37
OMC CHL ZE . 36.99 16.90 43.54
CAC CHL ZE . 41.40 16.34 43.21
CBC CHL ZE . 41.64 17.48 42.23
ND CHL ZE . 42.30 17.65 48.36
C1D CHL ZE . 43.09 17.20 47.36
C2D CHL ZE . 44.53 17.03 47.76
C3D CHL ZE . 44.44 17.45 49.16
C4D CHL ZE . 43.16 17.77 49.42
CMD CHL ZE . 45.84 16.61 47.16
CAD CHL ZE . 45.26 17.64 50.36
OBD CHL ZE . 46.52 17.41 50.47
CBD CHL ZE . 44.37 18.12 51.46
CGD CHL ZE . 44.39 17.09 52.55
O1D CHL ZE . 45.37 16.95 53.26
O2D CHL ZE . 43.23 16.23 52.77
CED CHL ZE . 43.41 14.93 53.35
C1 CHL ZE . 46.69 21.73 53.96
C1 LUT AF . 46.69 2.29 49.04
C2 LUT AF . 48.06 2.73 48.53
C3 LUT AF . 48.00 3.69 47.35
C4 LUT AF . 47.16 3.10 46.22
C5 LUT AF . 45.84 2.61 46.76
C6 LUT AF . 45.83 1.87 47.86
C7 LUT AF . 44.99 0.66 47.90
C8 LUT AF . 45.16 -0.48 47.23
C9 LUT AF . 44.19 -1.58 47.40
C10 LUT AF . 44.35 -2.75 46.77
C11 LUT AF . 43.46 -3.90 46.84
C12 LUT AF . 43.66 -5.10 46.29
C13 LUT AF . 42.61 -6.13 46.50
C14 LUT AF . 42.54 -7.25 45.76
C15 LUT AF . 41.51 -8.27 45.95
C16 LUT AF . 46.00 3.45 49.74
C17 LUT AF . 46.86 1.14 50.01
C18 LUT AF . 44.58 2.99 46.03
C19 LUT AF . 42.99 -1.39 48.30
C20 LUT AF . 41.58 -5.90 47.57
O3 LUT AF . 49.32 3.90 46.86
C21 LUT AF . 38.10 -18.34 45.73
C22 LUT AF . 37.01 -19.33 46.15
C23 LUT AF . 36.36 -20.02 44.97
C24 LUT AF . 35.67 -18.95 44.16
C25 LUT AF . 36.68 -17.94 43.68
C26 LUT AF . 37.83 -17.70 44.36
C27 LUT AF . 38.97 -17.17 43.56
C28 LUT AF . 39.57 -16.00 43.77
C29 LUT AF . 40.71 -15.49 42.98
C30 LUT AF . 41.01 -14.18 42.93
C31 LUT AF . 40.34 -13.05 43.57
C32 LUT AF . 40.79 -11.79 43.80
C33 LUT AF . 42.04 -11.03 43.53
C34 LUT AF . 42.25 -9.93 44.27
C35 LUT AF . 41.36 -9.44 45.32
C36 LUT AF . 39.42 -19.10 45.66
C37 LUT AF . 38.19 -17.27 46.82
C38 LUT AF . 36.33 -17.24 42.41
C39 LUT AF . 41.55 -16.46 42.22
C40 LUT AF . 43.07 -11.36 42.50
O23 LUT AF . 35.39 -20.97 45.42
C1 LUT BF . 28.06 -6.56 45.97
C2 LUT BF . 27.59 -7.37 47.17
C3 LUT BF . 28.50 -7.25 48.39
C4 LUT BF . 29.89 -7.66 47.95
C5 LUT BF . 30.35 -6.68 46.91
C6 LUT BF . 29.56 -6.36 45.89
C7 LUT BF . 30.12 -5.74 44.67
C8 LUT BF . 30.85 -6.28 43.69
C9 LUT BF . 31.31 -5.48 42.54
C10 LUT BF . 31.96 -6.12 41.56
C11 LUT BF . 32.52 -5.64 40.31
C12 LUT BF . 32.89 -6.55 39.41
C13 LUT BF . 33.45 -6.22 38.09
C14 LUT BF . 33.59 -7.22 37.21
C15 LUT BF . 34.09 -7.19 35.85
C16 LUT BF . 27.42 -5.18 46.05
C17 LUT BF . 27.55 -7.28 44.72
C18 LUT BF . 31.71 -6.09 47.14
C19 LUT BF . 31.07 -4.00 42.47
C20 LUT BF . 33.85 -4.82 37.73
O3 LUT BF . 28.05 -8.14 49.41
C21 LUT BF . 36.92 -10.45 23.82
C22 LUT BF . 37.63 -10.31 22.48
C23 LUT BF . 38.66 -9.20 22.37
C24 LUT BF . 39.63 -9.32 23.53
C25 LUT BF . 38.85 -9.17 24.80
C26 LUT BF . 37.72 -9.87 24.99
C27 LUT BF . 37.53 -10.42 26.37
C28 LUT BF . 36.50 -10.06 27.13
C29 LUT BF . 36.20 -10.54 28.49
C30 LUT BF . 35.35 -9.83 29.23
C31 LUT BF . 34.87 -10.08 30.59
C32 LUT BF . 34.95 -9.11 31.49
C33 LUT BF . 34.48 -9.30 32.87
C34 LUT BF . 34.40 -8.23 33.68
C35 LUT BF . 33.93 -8.24 35.05
C36 LUT BF . 36.71 -11.95 24.06
C37 LUT BF . 35.56 -9.77 23.70
C38 LUT BF . 39.38 -8.21 25.82
C39 LUT BF . 36.82 -11.80 29.00
C40 LUT BF . 34.09 -10.65 33.36
O23 LUT BF . 38.03 -7.92 22.43
C1 LUT CF . 31.42 22.49 46.34
C2 LUT CF . 32.26 23.36 45.40
C3 LUT CF . 31.71 23.52 44.00
C4 LUT CF . 31.43 22.13 43.45
C5 LUT CF . 30.41 21.43 44.32
C6 LUT CF . 30.33 21.72 45.63
C7 LUT CF . 29.11 21.27 46.35
C8 LUT CF . 28.80 20.27 47.18
C9 LUT CF . 29.66 19.21 47.74
C10 LUT CF . 29.86 18.07 47.04
C11 LUT CF . 30.62 16.90 47.47
C12 LUT CF . 31.23 16.00 46.71
C13 LUT CF . 31.86 14.88 47.43
C14 LUT CF . 31.75 13.63 46.97
C15 LUT CF . 32.25 12.40 47.56
C16 LUT CF . 30.78 23.38 47.40
C17 LUT CF . 32.36 21.51 47.01
C18 LUT CF . 29.52 20.42 43.64
C19 LUT CF . 30.23 19.34 49.12
C20 LUT CF . 32.62 15.14 48.70
O3 LUT CF . 32.70 24.15 43.18
C21 LUT CF . 32.61 0.37 51.48
C22 LUT CF . 33.29 -0.55 52.50
C23 LUT CF . 34.73 -0.09 52.66
C24 LUT CF . 35.45 -0.50 51.37
C25 LUT CF . 34.73 0.06 50.16
C26 LUT CF . 33.51 0.64 50.26
C27 LUT CF . 33.17 1.77 49.35
C28 LUT CF . 33.74 2.98 49.30
C29 LUT CF . 33.31 4.02 48.35
C30 LUT CF . 33.60 5.33 48.52
C31 LUT CF . 33.18 6.40 47.64
C32 LUT CF . 33.04 7.64 48.10
C33 LUT CF . 32.57 8.73 47.23
C34 LUT CF . 32.50 9.98 47.72
C35 LUT CF . 32.01 11.19 47.05
C36 LUT CF . 32.23 1.64 52.22
C37 LUT CF . 31.34 -0.31 50.98
C38 LUT CF . 35.45 -0.13 48.85
C39 LUT CF . 32.51 3.60 47.16
C40 LUT CF . 32.15 8.45 45.82
O23 LUT CF . 35.39 -0.65 53.81
O1 LHG DF . 56.93 -14.76 31.52
C1 LHG DF . 56.38 -16.05 31.77
C2 LHG DF . 54.88 -15.95 31.81
O2 LHG DF . 54.43 -14.93 30.93
C3 LHG DF . 54.32 -15.61 33.16
O3 LHG DF . 53.00 -15.28 32.81
P LHG DF . 52.34 -13.88 33.29
O4 LHG DF . 52.64 -13.72 34.73
O5 LHG DF . 52.52 -12.98 32.12
O6 LHG DF . 50.76 -14.42 33.31
C4 LHG DF . 50.42 -15.62 33.95
C5 LHG DF . 48.88 -15.58 34.03
C6 LHG DF . 48.34 -14.16 34.28
O7 LHG DF . 48.39 -16.02 32.78
C7 LHG DF . 47.50 -17.03 32.87
O9 LHG DF . 46.82 -17.25 33.86
C8 LHG DF . 47.58 -17.91 31.68
C9 LHG DF . 46.27 -18.64 31.49
C10 LHG DF . 46.46 -19.76 30.49
O8 LHG DF . 46.94 -14.37 34.53
C23 LHG DF . 46.21 -13.28 34.92
O10 LHG DF . 46.75 -12.18 35.02
C24 LHG DF . 44.70 -13.35 34.87
C11 LHG DF . 45.17 -20.52 30.61
C12 LHG DF . 44.14 -19.91 29.72
C25 LHG DF . 44.10 -13.86 33.58
C26 LHG DF . 43.86 -15.37 33.52
C27 LHG DF . 43.13 -15.54 32.21
C28 LHG DF . 42.95 -16.94 31.71
C29 LHG DF . 41.46 -17.23 31.79
C30 LHG DF . 40.71 -17.22 30.48
C31 LHG DF . 39.40 -17.97 30.46
C1 LMG EF . 13.42 -2.08 46.62
O1 LMG EF . 14.57 -1.62 45.97
C2 LMG EF . 13.92 -3.14 47.66
O2 LMG EF . 14.24 -4.27 46.89
C3 LMG EF . 12.70 -3.50 48.56
O3 LMG EF . 13.22 -4.35 49.55
C4 LMG EF . 12.12 -2.22 49.23
O4 LMG EF . 13.09 -1.65 50.04
C5 LMG EF . 11.78 -1.20 48.09
O5 LMG EF . 11.41 1.08 47.72
C6 LMG EF . 11.28 0.11 48.71
O6 LMG EF . 12.93 -0.92 47.31
C7 LMG EF . 14.32 -1.07 44.69
C8 LMG EF . 15.54 -1.47 43.83
C9 LMG EF . 16.79 -0.79 44.41
O7 LMG EF . 15.74 -2.86 44.00
C10 LMG EF . 15.34 -3.70 42.99
O9 LMG EF . 14.58 -3.28 42.13
C11 LMG EF . 15.76 -5.11 43.23
C12 LMG EF . 17.27 -5.23 43.22
C13 LMG EF . 17.89 -4.71 41.93
C14 LMG EF . 19.39 -4.93 42.03
C15 LMG EF . 19.98 -4.88 40.65
C16 LMG EF . 21.45 -5.21 40.72
C17 LMG EF . 22.07 -4.75 39.41
C18 LMG EF . 23.40 -5.47 39.27
C19 LMG EF . 23.83 -5.32 37.83
C20 LMG EF . 25.23 -4.77 37.86
O8 LMG EF . 17.90 -1.45 43.82
C28 LMG EF . 18.94 -0.68 43.42
O10 LMG EF . 19.12 0.41 43.94
C29 LMG EF . 19.57 -1.15 42.15
C30 LMG EF . 20.93 -0.49 41.94
C31 LMG EF . 21.82 -1.48 41.25
C32 LMG EF . 23.00 -0.73 40.66
C33 LMG EF . 22.91 -0.87 39.16
MG CHL FF . 47.02 -18.35 27.25
CHA CHL FF . 48.18 -21.41 26.14
CHB CHL FF . 43.98 -19.02 25.98
CHC CHL FF . 45.93 -15.28 28.39
CHD CHL FF . 50.25 -17.66 28.58
NA CHL FF . 46.21 -19.90 26.26
C1A CHL FF . 46.76 -21.03 25.88
C2A CHL FF . 45.81 -21.96 25.15
C3A CHL FF . 44.54 -21.15 25.11
C4A CHL FF . 44.93 -19.93 25.84
CMA CHL FF . 44.20 -20.81 23.67
CAA CHL FF . 45.46 -23.28 25.84
CBA CHL FF . 44.84 -23.18 27.23
CGA CHL FF . 44.03 -24.42 27.48
O1A CHL FF . 44.57 -25.49 27.72
O2A CHL FF . 42.57 -24.37 27.45
NB CHL FF . 45.24 -17.32 27.19
C1B CHL FF . 44.08 -17.73 26.64
C2B CHL FF . 42.93 -16.79 26.72
C3B CHL FF . 43.53 -15.68 27.45
C4B CHL FF . 44.93 -16.10 27.69
CMB CHL FF . 41.52 -16.95 26.21
CAB CHL FF . 42.83 -14.42 27.83
CBB CHL FF . 42.85 -13.90 29.04
NC CHL FF . 47.90 -16.79 28.28
C1C CHL FF . 47.33 -15.62 28.66
C2C CHL FF . 48.22 -14.70 29.39
C3C CHL FF . 49.51 -15.39 29.44
C4C CHL FF . 49.18 -16.66 28.74
CMC CHL FF . 47.93 -13.36 29.94
OMC CHL FF . 46.91 -13.15 30.58
CAC CHL FF . 50.82 -14.97 30.06
CBC CHL FF . 51.72 -14.38 28.99
ND CHL FF . 48.85 -19.24 27.40
C1D CHL FF . 50.06 -18.94 27.91
C2D CHL FF . 51.09 -20.01 27.72
C3D CHL FF . 50.27 -20.98 26.99
C4D CHL FF . 49.04 -20.48 26.85
CMD CHL FF . 52.53 -20.29 28.02
CAD CHL FF . 50.35 -22.31 26.37
OBD CHL FF . 51.40 -23.07 26.33
CBD CHL FF . 49.01 -22.63 25.80
CGD CHL FF . 49.13 -22.88 24.34
O1D CHL FF . 49.42 -24.00 23.95
O2D CHL FF . 48.96 -21.83 23.35
CED CHL FF . 49.44 -22.05 22.03
C1 CHL FF . 41.83 -25.40 28.09
C2 CHL FF . 41.20 -24.87 29.36
C3 CHL FF . 39.90 -25.01 29.64
C4 CHL FF . 38.97 -25.74 28.72
C5 CHL FF . 39.36 -24.44 30.93
C6 CHL FF . 39.96 -25.22 32.09
C7 CHL FF . 40.08 -24.35 33.34
C8 CHL FF . 41.47 -24.24 33.98
C9 CHL FF . 42.49 -25.27 33.47
C10 CHL FF . 41.28 -24.31 35.49
C11 CHL FF . 42.59 -24.43 36.28
C12 CHL FF . 42.53 -25.62 37.23
C13 CHL FF . 43.30 -25.47 38.56
C14 CHL FF . 43.80 -24.06 38.88
C15 CHL FF . 44.46 -26.47 38.56
C16 CHL FF . 44.62 -27.12 39.93
C17 CHL FF . 44.53 -28.64 39.82
C18 CHL FF . 45.84 -29.37 40.14
C19 CHL FF . 46.71 -29.50 38.89
C20 CHL FF . 46.63 -28.74 41.29
MG CLA GF . 46.26 -43.04 4.10
CHA CLA GF . 47.80 -42.46 1.08
CHB CLA GF . 46.00 -39.66 4.50
CHC CLA GF . 44.04 -43.61 6.61
CHD CLA GF . 46.25 -46.45 3.31
NA CLA GF . 46.89 -41.38 3.00
C1A CLA GF . 47.21 -41.37 1.64
C2A CLA GF . 47.41 -39.93 1.16
C3A CLA GF . 47.43 -39.13 2.49
C4A CLA GF . 46.85 -40.12 3.50
CMA CLA GF . 48.84 -38.74 2.84
CAA CLA GF . 46.31 -39.50 0.20
CBA CLA GF . 44.92 -39.96 0.56
CGA CLA GF . 44.28 -38.96 1.48
O1A CLA GF . 44.48 -37.75 1.49
O2A CLA GF . 43.38 -39.49 2.37
NB CLA GF . 45.23 -41.85 5.35
C1B CLA GF . 45.21 -40.50 5.32
C2B CLA GF . 44.55 -40.00 6.56
C3B CLA GF . 43.95 -41.09 7.17
C4B CLA GF . 44.38 -42.30 6.39
CMB CLA GF . 44.57 -38.58 6.91
CAB CLA GF . 43.24 -41.19 8.41
CBB CLA GF . 42.22 -40.44 8.83
NC CLA GF . 45.56 -44.77 5.03
C1C CLA GF . 44.70 -44.77 6.09
C2C CLA GF . 44.31 -46.15 6.38
C3C CLA GF . 44.80 -46.94 5.35
C4C CLA GF . 45.53 -46.05 4.45
CMC CLA GF . 43.72 -46.64 7.63
CAC CLA GF . 44.88 -48.40 5.34
CBC CLA GF . 43.68 -49.04 4.70
ND CLA GF . 47.17 -44.26 2.78
C1D CLA GF . 47.12 -45.66 2.60
C2D CLA GF . 48.01 -46.01 1.46
C3D CLA GF . 48.36 -44.80 0.87
C4D CLA GF . 47.63 -43.77 1.64
CMD CLA GF . 48.61 -47.33 1.27
CAD CLA GF . 49.18 -44.11 -0.10
OBD CLA GF . 49.67 -44.56 -1.13
CBD CLA GF . 48.97 -42.58 0.12
CGD CLA GF . 50.21 -41.90 0.61
O1D CLA GF . 51.11 -41.41 -0.08
O2D CLA GF . 50.32 -41.82 1.96
CED CLA GF . 51.54 -41.33 2.53
C1 CLA GF . 42.73 -38.55 3.25
C2 CLA GF . 42.04 -39.29 4.33
C3 CLA GF . 40.78 -39.02 4.71
C4 CLA GF . 39.95 -37.96 4.09
C5 CLA GF . 40.16 -39.79 5.82
C6 CLA GF . 39.10 -40.78 5.36
C7 CLA GF . 37.72 -40.39 5.85
C8 CLA GF . 36.66 -41.34 5.35
C9 CLA GF . 35.28 -40.85 5.77
C10 CLA GF . 36.90 -42.74 5.88
C11 CLA GF . 36.24 -43.80 5.04
C12 CLA GF . 36.37 -45.18 5.66
C13 CLA GF . 35.39 -45.37 6.81
C14 CLA GF . 36.14 -45.67 8.09
C15 CLA GF . 34.38 -46.46 6.52
MG CLA HF . 39.61 -39.03 13.32
CHA CLA HF . 40.56 -35.88 12.26
CHB CLA HF . 38.97 -39.91 10.12
CHC CLA HF . 37.83 -41.69 14.45
CHD CLA HF . 40.10 -38.00 16.67
NA CLA HF . 40.01 -38.13 11.48
C1A CLA HF . 40.47 -36.82 11.25
C2A CLA HF . 40.44 -36.50 9.75
C3A CLA HF . 39.76 -37.74 9.12
C4A CLA HF . 39.59 -38.69 10.30
CMA CLA HF . 38.44 -37.39 8.48
CAA CLA HF . 41.84 -36.29 9.19
CBA CLA HF . 41.92 -34.94 8.51
CGA CLA HF . 41.38 -35.07 7.11
O1A CLA HF . 41.41 -36.05 6.39
O2A CLA HF . 40.82 -33.92 6.64
NB CLA HF . 38.87 -40.69 12.45
C1B CLA HF . 38.61 -40.81 11.13
C2B CLA HF . 37.67 -41.95 10.91
C3B CLA HF . 37.61 -42.63 12.10
C4B CLA HF . 38.19 -41.73 13.13
CMB CLA HF . 37.08 -42.28 9.62
CAB CLA HF . 36.88 -43.83 12.43
CBB CLA HF . 37.39 -44.88 13.09
NC CLA HF . 39.30 -39.84 15.22
C1C CLA HF . 38.42 -40.86 15.45
C2C CLA HF . 38.47 -41.21 16.85
C3C CLA HF . 39.00 -40.10 17.52
C4C CLA HF . 39.63 -39.31 16.47
CMC CLA HF . 38.27 -42.56 17.36
CAC CLA HF . 38.53 -39.56 18.79
CBC CLA HF . 39.24 -40.11 19.99
ND CLA HF . 40.28 -37.40 14.30
C1D CLA HF . 40.26 -37.06 15.68
C2D CLA HF . 40.48 -35.60 15.83
C3D CLA HF . 40.71 -35.12 14.56
C4D CLA HF . 40.51 -36.26 13.64
CMD CLA HF . 40.19 -34.85 17.05
CAD CLA HF . 40.80 -33.94 13.74
OBD CLA HF . 40.40 -32.81 14.00
CBD CLA HF . 40.98 -34.43 12.27
CGD CLA HF . 40.15 -33.58 11.34
O1D CLA HF . 38.94 -33.66 11.09
O2D CLA HF . 40.87 -32.62 10.71
CED CLA HF . 40.36 -31.28 10.79
C1 CLA HF . 39.67 -33.41 7.35
C2 CLA HF . 38.68 -33.00 6.32
C3 CLA HF . 37.73 -32.06 6.53
C4 CLA HF . 36.77 -31.69 5.47
C5 CLA HF . 37.61 -31.34 7.83
C6 CLA HF . 36.23 -31.40 8.42
C7 CLA HF . 36.27 -31.07 9.90
C8 CLA HF . 35.03 -30.32 10.35
C9 CLA HF . 35.41 -29.05 11.08
C10 CLA HF . 34.15 -31.19 11.25
MG CLA IF . 44.74 -47.34 28.83
CHA CLA IF . 43.23 -48.03 31.88
CHB CLA IF . 42.52 -44.81 28.35
CHC CLA IF . 46.68 -46.23 26.25
CHD CLA IF . 47.00 -49.99 29.38
NA CLA IF . 43.14 -46.58 29.95
C1A CLA IF . 42.82 -46.87 31.29
C2A CLA IF . 41.68 -45.98 31.78
C3A CLA IF . 41.24 -45.22 30.50
C4A CLA IF . 42.35 -45.55 29.50
CMA CLA IF . 39.90 -45.68 30.00
CAA CLA IF . 42.11 -45.04 32.88
CBA CLA IF . 43.56 -44.58 32.75
CGA CLA IF . 43.98 -43.94 34.03
O1A CLA IF . 43.74 -44.29 35.19
O2A CLA IF . 44.75 -42.82 33.85
NB CLA IF . 44.59 -45.85 27.50
C1B CLA IF . 43.64 -44.88 27.51
C2B CLA IF . 44.11 -43.73 26.69
C3B CLA IF . 45.26 -44.12 26.06
C4B CLA IF . 45.63 -45.44 26.63
CMB CLA IF . 43.60 -42.38 26.93
CAB CLA IF . 45.84 -43.62 24.83
CBB CLA IF . 45.15 -43.23 23.77
NC CLA IF . 46.43 -48.08 27.88
C1C CLA IF . 47.15 -47.37 26.95
C2C CLA IF . 48.23 -48.21 26.45
C3C CLA IF . 48.35 -49.27 27.35
C4C CLA IF . 47.19 -49.20 28.23
CMC CLA IF . 48.92 -48.01 25.17
CAC CLA IF . 49.46 -50.22 27.44
CBC CLA IF . 50.56 -49.73 28.36
ND CLA IF . 45.00 -48.81 30.19
C1D CLA IF . 46.01 -49.80 30.33
C2D CLA IF . 45.65 -50.65 31.49
C3D CLA IF . 44.65 -49.98 32.17
C4D CLA IF . 44.32 -48.80 31.34
CMD CLA IF . 46.11 -52.02 31.68
CAD CLA IF . 43.65 -50.05 33.22
OBD CLA IF . 43.41 -50.98 33.98
CBD CLA IF . 42.77 -48.77 33.11
CGD CLA IF . 41.30 -49.11 33.05
O1D CLA IF . 40.39 -48.64 33.73
O2D CLA IF . 41.00 -50.05 32.12
CED CLA IF . 40.01 -49.73 31.14
C1 CLA IF . 46.19 -43.01 33.94
C2 CLA IF . 46.74 -41.78 34.56
C3 CLA IF . 48.05 -41.48 34.58
C4 CLA IF . 48.56 -40.24 35.22
C5 CLA IF . 49.07 -42.37 33.95
MG CLA JF . 46.43 -50.40 37.02
CHA CLA JF . 44.34 -50.09 39.78
CHB CLA JF . 45.12 -47.53 35.73
CHC CLA JF . 48.48 -50.77 34.31
CHD CLA JF . 48.11 -53.04 38.65
NA CLA JF . 44.96 -49.05 37.67
C1A CLA JF . 44.24 -49.08 38.87
C2A CLA JF . 43.27 -47.90 38.93
C3A CLA JF . 43.33 -47.30 37.51
C4A CLA JF . 44.56 -47.98 36.91
NB CLA JF . 46.72 -49.36 35.33
C1B CLA JF . 46.16 -48.16 35.02
C2B CLA JF . 46.88 -47.55 33.88
C3B CLA JF . 47.76 -48.50 33.41
C4B CLA JF . 47.69 -49.66 34.34
NC CLA JF . 47.96 -51.73 36.54
C1C CLA JF . 48.63 -51.73 35.34
C2C CLA JF . 49.69 -52.73 35.39
C3C CLA JF . 49.75 -53.19 36.71
C4C CLA JF . 48.61 -52.63 37.40
ND CLA JF . 46.25 -51.45 38.75
C1D CLA JF . 47.08 -52.43 39.34
C2D CLA JF . 46.78 -52.50 40.79
C3D CLA JF . 45.64 -51.74 40.97
C4D CLA JF . 45.36 -51.08 39.68
CAD CLA JF . 44.66 -51.22 41.92
CBD CLA JF . 43.70 -50.29 41.13
MG CLA KF . 42.21 -39.67 30.12
CHA CLA KF . 44.24 -38.81 32.79
CHB CLA KF . 44.26 -37.98 28.03
CHC CLA KF . 40.13 -40.48 27.52
CHD CLA KF . 40.20 -41.58 32.31
NA CLA KF . 44.08 -38.78 30.36
C1A CLA KF . 44.78 -38.54 31.56
C2A CLA KF . 45.93 -37.58 31.31
C3A CLA KF . 45.64 -37.05 29.90
C4A CLA KF . 44.71 -38.12 29.33
CMA CLA KF . 44.94 -35.72 29.91
CAA CLA KF . 47.27 -38.30 31.40
CBA CLA KF . 48.25 -37.52 32.24
CGA CLA KF . 49.58 -38.23 32.33
O1A CLA KF . 50.45 -38.10 33.18
O2A CLA KF . 49.79 -39.12 31.31
NB CLA KF . 42.18 -39.27 28.15
C1B CLA KF . 43.17 -38.65 27.47
C2B CLA KF . 42.96 -38.84 26.01
C3B CLA KF . 41.81 -39.58 25.85
C4B CLA KF . 41.22 -39.73 27.22
CMB CLA KF . 43.80 -38.21 24.99
CAB CLA KF . 41.02 -39.78 24.66
CBB CLA KF . 40.79 -40.97 24.09
NC CLA KF . 40.40 -40.69 29.98
C1C CLA KF . 39.83 -41.05 28.79
C2C CLA KF . 38.60 -41.77 29.04
C3C CLA KF . 38.62 -42.14 30.39
C4C CLA KF . 39.75 -41.44 30.99
CMC CLA KF . 37.46 -41.77 28.12
CAC CLA KF . 37.61 -42.92 31.12
CBC CLA KF . 36.57 -42.05 31.77
ND CLA KF . 42.12 -40.07 32.10
C1D CLA KF . 41.27 -40.90 32.87
C2D CLA KF . 41.71 -40.87 34.28
C3D CLA KF . 42.80 -40.03 34.32
C4D CLA KF . 43.05 -39.60 32.93
CMD CLA KF . 41.24 -41.78 35.31
CAD CLA KF . 43.95 -39.59 35.11
OBD CLA KF . 44.36 -40.03 36.18
CBD CLA KF . 44.80 -38.66 34.19
CGD CLA KF . 44.79 -37.23 34.66
O1D CLA KF . 44.87 -36.21 33.97
O2D CLA KF . 44.68 -37.09 36.00
CED CLA KF . 45.79 -36.55 36.71
C1 CLA KF . 51.16 -39.46 31.02
MG CLA LF . 31.53 -40.38 24.80
CHA CLA LF . 34.07 -38.96 26.68
CHB CLA LF . 29.34 -39.63 27.30
CHC CLA LF . 29.09 -42.07 23.09
CHD CLA LF . 33.95 -41.63 22.56
NA CLA LF . 31.66 -39.25 26.55
C1A CLA LF . 32.80 -38.60 27.06
C2A CLA LF . 32.43 -37.83 28.33
C3A CLA LF . 31.05 -38.41 28.71
C4A CLA LF . 30.65 -39.23 27.48
CMA CLA LF . 31.10 -39.25 29.95
CAA CLA LF . 32.39 -36.33 28.13
CBA CLA LF . 32.36 -35.87 26.68
CGA CLA LF . 30.98 -35.45 26.27
O1A CLA LF . 30.53 -34.30 26.19
O2A CLA LF . 30.17 -36.49 25.95
NB CLA LF . 29.55 -40.65 25.06
C1B CLA LF . 28.84 -40.28 26.15
C2B CLA LF . 27.42 -40.71 26.00
C3B CLA LF . 27.35 -41.43 24.83
C4B CLA LF . 28.73 -41.50 24.28
CMB CLA LF . 26.44 -40.55 27.07
CAB CLA LF . 26.21 -41.75 24.02
CBB CLA LF . 25.26 -40.88 23.65
NC CLA LF . 31.53 -41.62 23.12
C1C CLA LF . 30.40 -42.13 22.53
C2C CLA LF . 30.77 -42.98 21.42
C3C CLA LF . 32.15 -42.84 21.26
C4C CLA LF . 32.63 -42.05 22.38
CMC CLA LF . 29.81 -43.70 20.57
CAC CLA LF . 32.99 -43.49 20.23
CBC CLA LF . 33.54 -44.82 20.71
ND CLA LF . 33.53 -40.25 24.54
C1D CLA LF . 34.40 -40.80 23.57
C2D CLA LF . 35.80 -40.47 23.93
C3D CLA LF . 35.73 -39.79 25.13
C4D CLA LF . 34.30 -39.72 25.49
CMD CLA LF . 36.96 -40.70 23.06
CAD CLA LF . 36.45 -38.98 26.09
OBD CLA LF . 37.65 -38.67 26.10
CBD CLA LF . 35.40 -38.38 27.08
CGD CLA LF . 35.72 -38.68 28.52
O1D CLA LF . 35.15 -39.47 29.26
O2D CLA LF . 36.76 -37.95 29.02
CED CLA LF . 37.44 -38.45 30.17
C1 CLA LF . 29.57 -36.51 24.64
C2 CLA LF . 30.63 -36.92 23.69
C3 CLA LF . 30.41 -37.63 22.56
C4 CLA LF . 29.05 -38.08 22.16
C5 CLA LF . 31.54 -38.00 21.67
C6 CLA LF . 32.65 -36.96 21.63
C7 CLA LF . 33.97 -37.57 22.02
C8 CLA LF . 35.15 -36.94 21.28
C9 CLA LF . 35.43 -37.70 20.01
C10 CLA LF . 36.39 -36.92 22.17
C11 CLA LF . 37.56 -36.22 21.52
C12 CLA LF . 37.32 -34.73 21.38
C13 CLA LF . 37.97 -34.17 20.13
C14 CLA LF . 38.69 -32.88 20.42
C15 CLA LF . 36.95 -33.97 19.01
MG CHL MF . 53.44 -32.74 22.05
CHA CHL MF . 52.55 -35.77 20.64
CHB CHL MF . 52.31 -33.79 25.05
CHC CHL MF . 54.35 -29.70 23.39
CHD CHL MF . 54.63 -31.65 18.88
NA CHL MF . 52.59 -34.44 22.74
C1A CHL MF . 52.30 -35.53 22.10
C2A CHL MF . 51.69 -36.61 22.97
C3A CHL MF . 51.60 -35.94 24.30
C4A CHL MF . 52.21 -34.61 24.02
CMA CHL MF . 50.15 -35.76 24.74
CAA CHL MF . 52.55 -37.86 23.19
CBA CHL MF . 54.02 -37.55 23.45
CGA CHL MF . 54.91 -38.44 22.62
O1A CHL MF . 54.80 -38.47 21.41
O2A CHL MF . 55.91 -39.27 23.27
NB CHL MF . 53.33 -31.89 23.92
C1B CHL MF . 52.86 -32.44 25.05
C2B CHL MF . 52.90 -31.61 26.28
C3B CHL MF . 53.52 -30.38 25.76
C4B CHL MF . 53.75 -30.66 24.32
CMB CHL MF . 52.44 -31.93 27.67
CAB CHL MF . 53.81 -29.17 26.59
CBB CHL MF . 53.59 -27.94 26.19
NC CHL MF . 54.31 -31.02 21.30
C1C CHL MF . 54.61 -29.88 21.96
C2C CHL MF . 55.24 -28.82 21.12
C3C CHL MF . 55.31 -29.41 19.80
C4C CHL MF . 54.72 -30.74 20.02
CMC CHL MF . 55.71 -27.45 21.45
OMC CHL MF . 55.56 -26.91 22.54
CAC CHL MF . 55.86 -28.82 18.52
CBC CHL MF . 57.33 -29.15 18.41
ND CHL MF . 53.61 -33.44 20.15
C1D CHL MF . 54.07 -32.99 18.96
C2D CHL MF . 53.93 -33.98 17.85
C3D CHL MF . 53.32 -35.07 18.60
C4D CHL MF . 53.16 -34.71 19.87
CMD CHL MF . 54.22 -34.12 16.38
CAD CHL MF . 52.81 -36.44 18.40
OBD CHL MF . 52.82 -37.07 17.30
CBD CHL MF . 52.30 -36.93 19.71
CGD CHL MF . 50.85 -37.28 19.58
O1D CHL MF . 49.99 -36.43 19.68
O2D CHL MF . 50.46 -38.65 19.34
CED CHL MF . 49.46 -39.26 20.14
C1 CHL MF . 57.07 -39.69 22.55
MG CLA NF . 43.57 -32.82 18.62
CHA CLA NF . 43.92 -33.11 15.21
CHB CLA NF . 43.60 -29.43 18.24
CHC CLA NF . 42.28 -32.53 21.78
CHD CLA NF . 43.13 -36.29 18.76
NA CLA NF . 43.96 -31.54 17.03
C1A CLA NF . 43.80 -31.83 15.68
C2A CLA NF . 43.81 -30.56 14.85
C3A CLA NF . 44.39 -29.53 15.85
C4A CLA NF . 44.09 -30.19 17.19
CMA CLA NF . 45.88 -29.35 15.64
CAA CLA NF . 42.39 -30.20 14.43
CBA CLA NF . 42.26 -28.75 14.02
CGA CLA NF . 40.82 -28.36 13.84
O1A CLA NF . 40.32 -27.24 13.89
O2A CLA NF . 40.01 -29.43 13.57
NB CLA NF . 43.09 -31.27 19.81
C1B CLA NF . 43.10 -29.96 19.45
C2B CLA NF . 43.02 -29.15 20.70
C3B CLA NF . 42.56 -30.00 21.70
C4B CLA NF . 42.59 -31.37 21.12
CMB CLA NF . 43.70 -27.87 20.80
CAB CLA NF . 42.33 -29.76 23.09
CBB CLA NF . 41.63 -28.75 23.62
NC CLA NF . 43.06 -34.19 20.11
C1C CLA NF . 42.51 -33.85 21.31
C2C CLA NF . 41.99 -35.05 21.97
C3C CLA NF . 42.23 -36.11 21.11
C4C CLA NF . 42.94 -35.58 19.95
CMC CLA NF . 41.03 -35.00 23.07
CAC CLA NF . 41.52 -37.40 21.13
CBC CLA NF . 42.39 -38.56 21.50
ND CLA NF . 43.92 -34.41 17.42
C1D CLA NF . 43.73 -35.80 17.61
C2D CLA NF . 43.93 -36.49 16.32
C3D CLA NF . 44.05 -35.50 15.37
C4D CLA NF . 44.03 -34.21 16.10
CMD CLA NF . 43.72 -37.92 16.11
CAD CLA NF . 44.23 -35.18 13.96
OBD CLA NF . 44.48 -35.93 13.03
CBD CLA NF . 44.39 -33.64 13.88
CGD CLA NF . 45.82 -33.25 13.63
O1D CLA NF . 46.57 -32.61 14.37
O2D CLA NF . 46.30 -33.66 12.43
CED CLA NF . 46.92 -32.64 11.66
C1 CLA NF . 38.73 -29.47 14.25
C2 CLA NF . 38.01 -30.64 13.68
C3 CLA NF . 37.28 -31.49 14.40
C4 CLA NF . 37.09 -31.35 15.87
C5 CLA NF . 36.59 -32.63 13.74
C6 CLA NF . 36.92 -33.97 14.38
C7 CLA NF . 35.66 -34.83 14.44
C8 CLA NF . 35.96 -36.29 14.76
C9 CLA NF . 36.70 -36.43 16.08
C10 CLA NF . 36.75 -36.94 13.62
C11 CLA NF . 35.95 -37.01 12.34
C12 CLA NF . 36.00 -38.38 11.72
C13 CLA NF . 34.68 -39.14 11.92
C14 CLA NF . 34.78 -40.09 13.10
C15 CLA NF . 34.29 -39.90 10.67
MG CLA OF . 56.81 -42.45 16.42
CHA CLA OF . 59.29 -40.09 15.93
CHB CLA OF . 58.63 -44.67 14.60
CHC CLA OF . 54.69 -44.94 17.39
CHD CLA OF . 55.18 -40.20 18.60
NA CLA OF . 58.57 -42.32 15.32
C1A CLA OF . 59.55 -41.33 15.42
C2A CLA OF . 60.92 -41.89 15.08
C3A CLA OF . 60.52 -43.06 14.15
C4A CLA OF . 59.10 -43.37 14.62
CMA CLA OF . 60.50 -42.67 12.70
CAA CLA OF . 61.61 -42.28 16.37
CBA CLA OF . 62.11 -43.71 16.46
CGA CLA OF . 61.08 -44.59 17.08
O1A CLA OF . 60.05 -44.27 17.68
O2A CLA OF . 61.39 -45.91 16.96
NB CLA OF . 56.57 -44.38 15.90
C1B CLA OF . 57.50 -45.15 15.27
C2B CLA OF . 56.95 -46.51 15.05
C3B CLA OF . 55.85 -46.61 15.88
C4B CLA OF . 55.57 -45.25 16.40
CMB CLA OF . 57.69 -47.51 14.28
CAB CLA OF . 55.20 -47.78 16.43
CBB CLA OF . 54.70 -48.81 15.74
NC CLA OF . 55.10 -42.50 17.62
C1C CLA OF . 54.35 -43.62 17.83
C2C CLA OF . 53.29 -43.31 18.77
C3C CLA OF . 53.53 -42.03 19.26
C4C CLA OF . 54.66 -41.51 18.49
CMC CLA OF . 52.19 -44.22 19.12
CAC CLA OF . 52.63 -41.24 20.10
CBC CLA OF . 52.98 -41.31 21.57
ND CLA OF . 57.04 -40.55 17.05
C1D CLA OF . 56.33 -39.75 17.97
C2D CLA OF . 56.88 -38.38 17.93
C3D CLA OF . 58.02 -38.43 17.13
C4D CLA OF . 58.13 -39.85 16.73
CMD CLA OF . 56.31 -37.22 18.63
CAD CLA OF . 59.24 -37.76 16.72
OBD CLA OF . 59.71 -36.72 17.14
CBD CLA OF . 60.15 -38.86 16.06
CGD CLA OF . 60.72 -38.44 14.73
O1D CLA OF . 60.57 -38.98 13.63
O2D CLA OF . 61.52 -37.33 14.78
CED CLA OF . 62.62 -37.27 13.88
C1 CLA OF . 60.29 -46.85 17.06
C2 CLA OF . 60.89 -48.13 17.50
C3 CLA OF . 60.20 -49.10 18.16
C4 CLA OF . 60.87 -50.36 18.56
C5 CLA OF . 58.77 -48.95 18.49
C6 CLA OF . 58.53 -48.47 19.92
C7 CLA OF . 57.96 -49.57 20.79
C8 CLA OF . 57.49 -49.03 22.14
C9 CLA OF . 58.62 -48.40 22.91
C10 CLA OF . 56.84 -50.14 22.97
MG CLA PF . 53.95 -56.47 4.98
CHA CLA PF . 56.26 -54.49 6.65
CHB CLA PF . 56.48 -57.76 3.11
CHC CLA PF . 51.67 -58.52 3.46
CHD CLA PF . 51.39 -55.13 7.01
NA CLA PF . 55.99 -56.03 4.80
C1A CLA PF . 56.78 -55.31 5.69
C2A CLA PF . 58.27 -55.59 5.45
C3A CLA PF . 58.26 -56.24 4.05
C4A CLA PF . 56.80 -56.67 3.88
CMA CLA PF . 58.69 -55.27 2.98
CAA CLA PF . 58.79 -56.54 6.51
NB CLA PF . 54.04 -57.83 3.50
C1B CLA PF . 55.18 -58.27 2.91
C2B CLA PF . 54.88 -59.51 2.12
C3B CLA PF . 53.55 -59.83 2.35
C4B CLA PF . 52.97 -58.66 3.08
CMB CLA PF . 55.91 -60.27 1.41
CAB CLA PF . 52.94 -61.12 2.35
CBB CLA PF . 51.89 -61.48 1.58
NC CLA PF . 51.89 -56.74 5.18
C1C CLA PF . 51.18 -57.71 4.52
C2C CLA PF . 49.88 -57.88 5.17
C3C CLA PF . 49.75 -56.83 6.08
C4C CLA PF . 51.06 -56.19 6.16
CMC CLA PF . 49.04 -59.08 5.03
CAC CLA PF . 48.50 -56.34 6.69
CBC CLA PF . 48.33 -56.82 8.11
ND CLA PF . 53.78 -55.06 6.41
C1D CLA PF . 52.66 -54.61 7.18
C2D CLA PF . 53.14 -53.69 8.23
C3D CLA PF . 54.51 -53.57 8.05
C4D CLA PF . 54.86 -54.52 6.98
CMD CLA PF . 52.31 -53.21 9.34
CAD CLA PF . 55.70 -52.80 8.35
OBD CLA PF . 55.87 -51.93 9.20
CBD CLA PF . 56.88 -53.46 7.56
CGD CLA PF . 57.68 -52.45 6.79
O1D CLA PF . 57.27 -51.41 6.24
O2D CLA PF . 59.01 -52.73 6.70
CED CLA PF . 59.72 -52.28 5.54
MG CLA QF . 54.42 -53.88 14.81
CHA CLA QF . 57.35 -53.63 12.98
CHB CLA QF . 55.73 -51.85 17.19
CHC CLA QF . 51.63 -54.43 16.71
CHD CLA QF . 52.98 -55.74 12.17
NA CLA QF . 56.21 -52.82 14.98
C1A CLA QF . 57.33 -52.89 14.14
C2A CLA QF . 58.56 -52.31 14.82
C3A CLA QF . 58.07 -52.07 16.28
C4A CLA QF . 56.55 -52.15 16.12
CMA CLA QF . 58.60 -53.12 17.23
CAA CLA QF . 58.99 -51.02 14.16
CBA CLA QF . 60.29 -50.49 14.74
CGA CLA QF . 61.41 -51.42 14.43
O1A CLA QF . 61.88 -51.73 13.33
O2A CLA QF . 61.96 -51.99 15.54
NB CLA QF . 53.73 -53.13 16.55
C1B CLA QF . 54.43 -52.35 17.41
C2B CLA QF . 53.78 -52.36 18.75
C3B CLA QF . 52.64 -53.14 18.63
C4B CLA QF . 52.54 -53.54 17.20
CMB CLA QF . 54.50 -51.93 19.95
CAB CLA QF . 51.73 -53.62 19.63
CBB CLA QF . 51.05 -52.88 20.51
NC CLA QF . 52.62 -54.88 14.48
C1C CLA QF . 51.60 -54.96 15.39
C2C CLA QF . 50.58 -55.90 14.92
C3C CLA QF . 51.03 -56.35 13.67
C4C CLA QF . 52.22 -55.60 13.35
CMC CLA QF . 49.48 -56.40 15.73
CAC CLA QF . 50.46 -57.47 12.89
CBC CLA QF . 51.11 -58.79 13.22
ND CLA QF . 55.00 -54.65 13.04
C1D CLA QF . 54.29 -55.33 12.01
C2D CLA QF . 55.24 -55.66 10.92
C3D CLA QF . 56.43 -55.03 11.24
C4D CLA QF . 56.18 -54.32 12.51
CMD CLA QF . 54.99 -56.68 9.90
CAD CLA QF . 57.85 -54.92 10.95
OBD CLA QF . 58.51 -55.50 10.08
CBD CLA QF . 58.49 -54.13 12.13
CGD CLA QF . 59.45 -54.98 12.93
O1D CLA QF . 59.20 -56.01 13.57
O2D CLA QF . 60.73 -54.53 12.90
CED CLA QF . 61.48 -54.70 11.70
MG CLA RF . 37.12 -57.69 12.29
CHA CLA RF . 35.00 -60.05 13.70
CHB CLA RF . 39.80 -59.42 13.43
CHC CLA RF . 39.18 -55.15 11.30
CHD CLA RF . 34.38 -55.52 11.91
NA CLA RF . 37.34 -59.48 13.35
C1A CLA RF . 36.33 -60.37 13.75
C2A CLA RF . 36.94 -61.72 14.13
C3A CLA RF . 38.47 -61.46 14.05
C4A CLA RF . 38.56 -59.98 13.70
CMA CLA RF . 39.17 -61.80 15.35
CAA CLA RF . 36.53 -62.83 13.19
CBA CLA RF . 37.02 -62.58 11.78
CGA CLA RF . 35.91 -62.11 10.91
O1A CLA RF . 34.72 -62.44 10.92
O2A CLA RF . 36.32 -61.17 9.99
NB CLA RF . 39.11 -57.48 12.09
C1B CLA RF . 40.04 -58.36 12.53
C2B CLA RF . 41.38 -57.91 12.09
C3B CLA RF . 41.25 -56.59 11.71
C4B CLA RF . 39.78 -56.29 11.73
CMB CLA RF . 42.60 -58.71 12.27
CAB CLA RF . 42.23 -55.71 11.13
CBB CLA RF . 42.62 -54.55 11.65
NC CLA RF . 36.80 -55.85 11.37
C1C CLA RF . 37.80 -55.01 10.96
C2C CLA RF . 37.22 -53.81 10.38
C3C CLA RF . 35.86 -53.85 10.68
C4C CLA RF . 35.61 -55.12 11.33
CMC CLA RF . 37.99 -52.74 9.74
CAC CLA RF . 34.85 -52.83 10.32
CBC CLA RF . 34.10 -53.17 9.06
ND CLA RF . 35.12 -57.78 12.53
C1D CLA RF . 34.11 -56.79 12.39
C2D CLA RF . 32.79 -57.41 12.69
C3D CLA RF . 33.09 -58.63 13.28
C4D CLA RF . 34.54 -58.84 13.09
CMD CLA RF . 31.53 -56.70 12.68
CAD CLA RF . 32.62 -59.64 14.19
OBD CLA RF . 31.47 -59.86 14.58
CBD CLA RF . 33.77 -60.68 14.33
CGD CLA RF . 34.02 -61.08 15.75
O1D CLA RF . 34.15 -60.32 16.71
O2D CLA RF . 34.10 -62.42 15.96
CED CLA RF . 33.74 -62.91 17.26
C1 CLA RF . 35.51 -60.00 9.83
C2 CLA RF . 36.33 -59.03 9.06
C3 CLA RF . 35.86 -57.87 8.57
C4 CLA RF . 34.46 -57.44 8.74
C5 CLA RF . 36.74 -56.95 7.79
C6 CLA RF . 38.23 -57.14 8.05
C7 CLA RF . 39.03 -56.85 6.80
C8 CLA RF . 40.49 -56.51 7.09
C9 CLA RF . 41.17 -57.63 7.82
C10 CLA RF . 40.58 -55.21 7.89
MG CLA SF . 40.48 -66.22 10.63
CHA CLA SF . 38.04 -65.08 8.45
CHB CLA SF . 39.61 -69.41 9.85
CHC CLA SF . 42.73 -67.33 12.96
CHD CLA SF . 41.29 -62.87 11.42
NA CLA SF . 39.04 -67.07 9.38
C1A CLA SF . 38.28 -66.43 8.40
C2A CLA SF . 37.48 -67.45 7.59
C3A CLA SF . 37.66 -68.76 8.40
C4A CLA SF . 38.79 -68.42 9.38
CMA CLA SF . 36.39 -69.16 9.11
CAA CLA SF . 37.99 -67.60 6.16
CBA CLA SF . 39.43 -67.18 5.95
CGA CLA SF . 40.38 -68.26 6.36
O1A CLA SF . 40.49 -69.41 5.91
O2A CLA SF . 41.21 -67.88 7.38
NB CLA SF . 41.14 -68.03 11.21
C1B CLA SF . 40.62 -69.22 10.82
C2B CLA SF . 41.56 -70.30 11.27
C3B CLA SF . 42.33 -69.74 12.26
C4B CLA SF . 42.16 -68.26 12.15
CMB CLA SF . 41.78 -71.49 10.47
CAB CLA SF . 42.95 -70.35 13.40
CBB CLA SF . 42.50 -71.44 14.04
NC CLA SF . 41.79 -65.26 11.93
C1C CLA SF . 42.56 -65.91 12.86
C2C CLA SF . 43.36 -64.94 13.60
C3C CLA SF . 43.04 -63.68 13.08
C4C CLA SF . 41.94 -63.89 12.13
CMC CLA SF . 44.41 -65.29 14.56
CAC CLA SF . 43.59 -62.39 13.49
CBC CLA SF . 44.69 -61.92 12.55
ND CLA SF . 39.80 -64.37 10.16
C1D CLA SF . 40.31 -63.08 10.46
C2D CLA SF . 39.71 -62.10 9.53
C3D CLA SF . 38.85 -62.82 8.71
C4D CLA SF . 38.89 -64.21 9.20
CMD CLA SF . 39.77 -60.65 9.70
CAD CLA SF . 37.84 -62.76 7.67
OBD CLA SF . 37.67 -61.89 6.81
CBD CLA SF . 37.20 -64.18 7.57
CGD CLA SF . 35.75 -64.18 8.00
O1D CLA SF . 35.13 -65.10 8.54
O2D CLA SF . 35.08 -63.03 7.74
CED CLA SF . 34.42 -62.91 6.48
C1 CLA SF . 42.57 -67.57 7.02
C2 CLA SF . 43.06 -66.59 8.03
C3 CLA SF . 42.61 -65.33 8.09
MG CLA TF . 40.61 -24.34 20.25
CHA CLA TF . 40.07 -22.18 22.89
CHB CLA TF . 39.14 -26.84 22.03
CHC CLA TF . 41.44 -26.58 17.78
CHD CLA TF . 42.90 -22.01 18.91
NA CLA TF . 39.54 -24.39 22.04
C1A CLA TF . 39.40 -23.37 22.99
C2A CLA TF . 38.62 -23.85 24.20
C3A CLA TF . 38.72 -25.39 24.07
C4A CLA TF . 39.14 -25.58 22.60
CMA CLA TF . 39.73 -25.97 25.01
CAA CLA TF . 37.18 -23.37 24.13
CBA CLA TF . 36.87 -22.42 25.26
CGA CLA TF . 36.97 -23.11 26.59
O1A CLA TF . 36.45 -24.17 26.94
O2A CLA TF . 37.74 -22.43 27.49
NB CLA TF . 40.20 -26.28 19.89
C1B CLA TF . 39.65 -27.16 20.75
C2B CLA TF . 39.24 -28.38 20.01
C3B CLA TF . 39.92 -28.34 18.81
C4B CLA TF . 40.54 -26.99 18.71
CMB CLA TF . 38.01 -29.09 20.36
CAB CLA TF . 40.02 -29.30 17.75
CBB CLA TF . 40.10 -30.63 17.88
NC CLA TF . 41.87 -24.26 18.58
C1C CLA TF . 42.16 -25.34 17.80
C2C CLA TF . 43.23 -25.00 16.87
C3C CLA TF . 43.53 -23.67 17.09
C4C CLA TF . 42.78 -23.26 18.26
CMC CLA TF . 43.83 -25.94 15.92
CAC CLA TF . 44.29 -22.76 16.20
CBC CLA TF . 45.77 -22.75 16.51
ND CLA TF . 41.17 -22.43 20.59
C1D CLA TF . 42.19 -21.63 20.03
C2D CLA TF . 42.18 -20.31 20.71
C3D CLA TF . 41.26 -20.41 21.74
C4D CLA TF . 40.77 -21.80 21.70
CMD CLA TF . 43.00 -19.17 20.30
CAD CLA TF . 40.81 -19.83 22.99
OBD CLA TF . 40.79 -18.66 23.34
CBD CLA TF . 40.11 -20.97 23.81
CGD CLA TF . 40.83 -21.30 25.09
O1D CLA TF . 41.37 -22.36 25.41
O2D CLA TF . 40.86 -20.27 25.98
CED CLA TF . 40.83 -20.60 27.37
C1 CLA TF . 37.06 -21.96 28.68
C1 LUT UF . 42.52 -58.67 17.02
C2 LUT UF . 41.37 -58.93 17.98
C3 LUT UF . 40.02 -58.66 17.33
C4 LUT UF . 39.96 -57.20 16.96
C5 LUT UF . 41.16 -56.76 16.16
C6 LUT UF . 42.37 -57.31 16.36
C7 LUT UF . 43.60 -56.62 15.89
C8 LUT UF . 44.22 -55.54 16.37
C9 LUT UF . 45.45 -55.03 15.75
C10 LUT UF . 46.09 -54.04 16.36
C11 LUT UF . 47.32 -53.35 16.00
C12 LUT UF . 47.81 -52.46 16.84
C13 LUT UF . 49.06 -51.71 16.58
C14 LUT UF . 49.61 -51.07 17.61
C15 LUT UF . 50.82 -50.28 17.66
C16 LUT UF . 42.54 -59.73 15.93
C17 LUT UF . 43.81 -58.76 17.83
C18 LUT UF . 40.87 -55.70 15.13
C19 LUT UF . 45.96 -55.61 14.46
C20 LUT UF . 49.67 -51.69 15.21
O3 LUT UF . 38.99 -58.96 18.27
C21 LUT UF . 60.99 -44.31 21.58
C22 LUT UF . 62.35 -43.61 21.69
C23 LUT UF . 62.51 -42.29 20.96
C24 LUT UF . 61.31 -41.41 21.24
C25 LUT UF . 60.09 -42.12 20.74
C26 LUT UF . 59.86 -43.39 21.11
C27 LUT UF . 58.45 -43.68 21.50
C28 LUT UF . 57.71 -44.59 20.86
C29 LUT UF . 56.32 -44.95 21.15
C30 LUT UF . 55.86 -46.10 20.63
C31 LUT UF . 54.55 -46.70 20.77
C32 LUT UF . 54.12 -47.48 19.78
C33 LUT UF . 52.82 -48.15 19.86
C34 LUT UF . 52.48 -49.02 18.91
C35 LUT UF . 51.25 -49.79 18.82
C36 LUT UF . 60.64 -44.86 22.95
C37 LUT UF . 61.17 -45.47 20.60
C38 LUT UF . 59.17 -41.38 19.81
C39 LUT UF . 55.46 -44.11 22.04
C40 LUT UF . 51.89 -47.87 21.01
O23 LUT UF . 62.62 -42.53 19.55
C1 LUT VF . 39.40 -45.15 24.74
C2 LUT VF . 38.98 -46.38 25.54
C3 LUT VF . 40.12 -46.87 26.40
C4 LUT VF . 41.15 -47.39 25.43
C5 LUT VF . 41.61 -46.27 24.54
C6 LUT VF . 40.74 -45.37 24.06
C7 LUT VF . 41.11 -44.54 22.88
C8 LUT VF . 41.17 -44.85 21.59
C9 LUT VF . 41.57 -43.84 20.59
C10 LUT VF . 41.51 -44.15 19.29
C11 LUT VF . 41.84 -43.33 18.12
C12 LUT VF . 41.64 -43.84 16.92
C13 LUT VF . 41.90 -43.14 15.66
C14 LUT VF . 41.46 -43.70 14.53
C15 LUT VF . 41.54 -43.27 13.15
C16 LUT VF . 39.53 -43.97 25.69
C17 LUT VF . 38.30 -44.86 23.72
C18 LUT VF . 43.08 -46.25 24.26
C19 LUT VF . 42.04 -42.49 21.02
C20 LUT VF . 42.62 -41.82 15.64
O3 LUT VF . 39.67 -47.95 27.23
C21 LUT VF . 39.36 -43.34 1.36
C22 LUT VF . 39.55 -42.60 0.04
C23 LUT VF . 40.96 -42.72 -0.52
C24 LUT VF . 41.89 -42.12 0.51
C25 LUT VF . 41.79 -42.87 1.81
C26 LUT VF . 40.64 -43.48 2.17
C27 LUT VF . 40.80 -44.62 3.14
C28 LUT VF . 40.28 -44.58 4.37
C29 LUT VF . 40.36 -45.63 5.39
C30 LUT VF . 40.47 -45.28 6.68
C31 LUT VF . 40.52 -43.90 7.18
C32 LUT VF . 40.44 -43.44 8.43
C33 LUT VF . 40.27 -44.07 9.77
C34 LUT VF . 40.84 -43.46 10.81
C35 LUT VF . 40.80 -43.87 12.22
C36 LUT VF . 38.81 -44.72 1.04
C37 LUT VF . 38.32 -42.55 2.14
C38 LUT VF . 43.02 -42.89 2.66
C39 LUT VF . 40.33 -47.07 5.00
C40 LUT VF . 39.44 -45.29 10.05
O23 LUT VF . 41.09 -41.97 -1.72
C1 BCR WF . 50.90 -20.54 32.42
C2 BCR WF . 51.21 -19.06 32.49
C3 BCR WF . 52.23 -18.66 31.46
C4 BCR WF . 53.50 -19.48 31.54
C5 BCR WF . 53.30 -20.87 32.00
C6 BCR WF . 52.13 -21.40 32.39
C7 BCR WF . 52.02 -22.78 32.86
C8 BCR WF . 51.64 -23.80 32.09
C9 BCR WF . 51.42 -25.14 32.61
C10 BCR WF . 51.10 -26.12 31.77
C11 BCR WF . 51.51 -27.49 31.93
C33 BCR WF . 54.54 -21.67 31.98
C31 BCR WF . 50.03 -20.74 31.19
C32 BCR WF . 50.08 -20.86 33.65
C34 BCR WF . 51.78 -25.41 34.01
C12 BCR WF . 51.06 -28.42 31.09
C13 BCR WF . 51.53 -29.78 31.04
C14 BCR WF . 50.65 -30.75 30.71
C15 BCR WF . 50.87 -32.15 30.94
C16 BCR WF . 49.90 -33.03 30.69
C17 BCR WF . 50.23 -34.33 30.17
C18 BCR WF . 49.64 -34.89 29.11
C19 BCR WF . 49.59 -36.34 29.03
C20 BCR WF . 48.91 -37.00 28.09
C21 BCR WF . 48.89 -38.44 28.14
C22 BCR WF . 48.25 -39.25 27.27
C23 BCR WF . 48.15 -40.67 27.61
C24 BCR WF . 48.27 -41.14 28.85
C25 BCR WF . 48.01 -42.51 29.29
C26 BCR WF . 46.83 -42.86 29.82
C27 BCR WF . 46.45 -44.21 30.32
C28 BCR WF . 47.51 -45.25 30.08
C29 BCR WF . 48.89 -44.66 30.16
C30 BCR WF . 49.11 -43.52 29.18
C35 BCR WF . 52.91 -30.11 31.43
C36 BCR WF . 49.15 -34.08 27.98
C37 BCR WF . 47.36 -38.69 26.25
C38 BCR WF . 45.71 -41.91 29.98
C39 BCR WF . 49.24 -44.07 27.77
C40 BCR WF . 50.46 -42.92 29.54
C1 BCR XF . 55.82 -33.64 29.84
C2 BCR XF . 56.35 -32.31 30.36
C3 BCR XF . 56.74 -31.30 29.32
C4 BCR XF . 57.29 -31.91 28.06
C5 BCR XF . 56.38 -32.95 27.55
C6 BCR XF . 55.68 -33.76 28.36
C7 BCR XF . 54.74 -34.75 27.82
C8 BCR XF . 55.07 -36.02 27.54
C9 BCR XF . 54.17 -37.13 27.75
C10 BCR XF . 54.30 -38.25 27.03
C11 BCR XF . 53.31 -39.29 26.96
C33 BCR XF . 56.28 -32.99 26.08
C31 BCR XF . 54.47 -33.83 30.51
C32 BCR XF . 56.74 -34.70 30.39
C34 BCR XF . 53.17 -37.02 28.84
C12 BCR XF . 53.60 -40.40 26.28
C13 BCR XF . 52.61 -41.32 25.75
C14 BCR XF . 52.95 -42.59 25.55
C15 BCR XF . 54.26 -43.11 25.83
C16 BCR XF . 54.48 -44.43 25.94
C17 BCR XF . 53.56 -45.35 25.32
C18 BCR XF . 53.87 -46.56 24.86
C19 BCR XF . 52.84 -47.57 24.79
C20 BCR XF . 53.07 -48.81 24.35
C21 BCR XF . 52.05 -49.82 24.54
C22 BCR XF . 52.19 -51.12 24.22
C23 BCR XF . 51.20 -52.06 24.71
C24 BCR XF . 51.35 -53.38 24.60
C25 BCR XF . 50.50 -54.43 25.18
C26 BCR XF . 49.45 -54.92 24.51
C27 BCR XF . 48.56 -55.99 24.99
C28 BCR XF . 49.36 -56.95 25.84
C29 BCR XF . 50.03 -56.19 26.95
C30 BCR XF . 50.86 -54.98 26.53
C35 BCR XF . 51.21 -40.88 25.59
C36 BCR XF . 55.26 -46.94 24.56
C37 BCR XF . 53.43 -51.62 23.59
C38 BCR XF . 49.05 -54.47 23.16
C39 BCR XF . 52.34 -55.29 26.57
C40 BCR XF . 50.61 -53.96 27.65
O1 LHG YF . 47.11 -54.62 0.55
C1 LHG YF . 48.29 -55.32 0.16
C2 LHG YF . 48.85 -56.03 1.37
O2 LHG YF . 47.84 -56.69 2.10
C3 LHG YF . 49.52 -55.10 2.35
O3 LHG YF . 50.42 -54.45 1.49
P LHG YF . 51.70 -53.61 2.05
O4 LHG YF . 52.37 -54.46 3.07
O5 LHG YF . 52.19 -52.87 0.87
O6 LHG YF . 50.80 -52.57 2.99
C4 LHG YF . 50.22 -51.42 2.42
C5 LHG YF . 49.36 -50.84 3.55
C6 LHG YF . 47.93 -50.56 3.09
O7 LHG YF . 49.30 -51.82 4.57
C7 LHG YF . 48.90 -51.33 5.77
O9 LHG YF . 49.18 -50.21 6.16
C8 LHG YF . 48.25 -52.38 6.57
C9 LHG YF . 46.76 -52.22 6.51
C10 LHG YF . 46.10 -53.32 7.31
O8 LHG YF . 47.56 -51.71 2.31
C23 LHG YF . 46.22 -51.95 2.16
O10 LHG YF . 45.76 -53.02 2.51
C24 LHG YF . 45.28 -50.83 1.77
C11 LHG YF . 44.64 -52.98 7.17
C12 LHG YF . 44.14 -53.56 5.89
C13 LHG YF . 42.74 -53.04 5.67
C14 LHG YF . 42.22 -53.40 4.29
C25 LHG YF . 43.84 -51.23 1.55
C26 LHG YF . 43.02 -50.36 0.61
C27 LHG YF . 41.88 -49.89 1.47
C28 LHG YF . 40.84 -50.91 1.83
C29 LHG YF . 39.77 -50.18 2.65
C30 LHG YF . 39.09 -49.01 1.98
C31 LHG YF . 37.70 -48.68 2.47
MG CLA ZF . 29.00 22.16 38.07
CHA CLA ZF . 30.98 19.34 37.99
CHB CLA ZF . 26.64 20.51 36.27
CHC CLA ZF . 27.46 25.07 37.39
CHD CLA ZF . 31.64 23.94 39.61
NA CLA ZF . 28.82 20.20 37.37
C1A CLA ZF . 29.68 19.13 37.59
C2A CLA ZF . 29.08 17.82 37.06
C3A CLA ZF . 27.77 18.28 36.38
C4A CLA ZF . 27.78 19.80 36.58
CMA CLA ZF . 27.71 17.90 34.92
CAA CLA ZF . 28.78 16.81 38.16
CBA CLA ZF . 28.30 17.52 39.40
CGA CLA ZF . 27.27 16.72 40.15
O1A CLA ZF . 26.37 16.01 39.70
O2A CLA ZF . 27.38 16.89 41.50
NB CLA ZF . 27.16 22.63 37.39
C1B CLA ZF . 26.36 21.82 36.67
C2B CLA ZF . 25.24 22.61 36.10
C3B CLA ZF . 25.32 23.87 36.63
C4B CLA ZF . 26.68 23.96 37.24
CMB CLA ZF . 24.12 21.98 35.40
CAB CLA ZF . 24.56 25.02 36.19
CBB CLA ZF . 24.29 26.12 36.89
NC CLA ZF . 29.35 24.13 38.67
C1C CLA ZF . 28.57 25.18 38.28
C2C CLA ZF . 29.17 26.45 38.66
C3C CLA ZF . 30.41 26.12 39.23
C4C CLA ZF . 30.54 24.67 39.15
CMC CLA ZF . 28.44 27.70 38.79
CAC CLA ZF . 31.38 27.03 39.84
CBC CLA ZF . 32.45 27.50 38.90
ND CLA ZF . 30.87 21.80 38.70
C1D CLA ZF . 31.86 22.60 39.33
C2D CLA ZF . 33.15 21.87 39.31
C3D CLA ZF . 32.88 20.64 38.75
C4D CLA ZF . 31.43 20.60 38.51
CMD CLA ZF . 34.44 22.50 39.60
CAD CLA ZF . 33.41 19.33 38.45
OBD CLA ZF . 34.56 18.99 38.23
CBD CLA ZF . 32.17 18.42 38.17
CGD CLA ZF . 32.37 17.54 36.96
O1D CLA ZF . 32.06 16.36 36.84
O2D CLA ZF . 32.95 18.18 35.92
CED CLA ZF . 33.74 17.39 35.04
C1 CLA ZF . 26.81 15.86 42.33
C2 CLA ZF . 26.86 16.25 43.76
C3 CLA ZF . 26.30 17.33 44.37
C4 CLA ZF . 26.46 17.53 45.83
C5 CLA ZF . 25.46 18.34 43.67
MG CLA AG . 20.72 16.90 52.81
CHA CLA AG . 20.26 15.12 49.89
CHB CLA AG . 21.41 13.98 54.39
CHC CLA AG . 21.21 18.66 55.68
CHD CLA AG . 19.43 19.78 51.23
NA CLA AG . 21.07 14.96 52.16
C1A CLA AG . 20.98 14.48 50.85
C2A CLA AG . 21.45 13.02 50.85
C3A CLA AG . 21.08 12.57 52.28
C4A CLA AG . 21.11 13.91 53.03
CMA CLA AG . 19.73 11.91 52.34
CAA CLA AG . 22.95 12.96 50.62
CBA CLA AG . 23.34 13.29 49.20
CGA CLA AG . 24.83 13.40 49.12
O1A CLA AG . 25.68 12.63 49.56
O2A CLA AG . 25.24 14.53 48.45
NB CLA AG . 21.36 16.43 54.65
C1B CLA AG . 21.48 15.16 55.14
C2B CLA AG . 21.90 15.23 56.57
C3B CLA AG . 21.68 16.53 56.97
C4B CLA AG . 21.49 17.34 55.73
CMB CLA AG . 22.73 14.19 57.19
CAB CLA AG . 21.35 17.05 58.27
CBB CLA AG . 20.66 16.40 59.22
NC CLA AG . 20.19 18.83 53.41
C1C CLA AG . 20.50 19.35 54.65
C2C CLA AG . 20.22 20.77 54.66
C3C CLA AG . 19.94 21.13 53.33
C4C CLA AG . 19.77 19.88 52.60
CMC CLA AG . 20.14 21.60 55.86
CAC CLA AG . 19.60 22.48 52.84
CBC CLA AG . 20.82 23.25 52.42
ND CLA AG . 19.93 17.38 51.02
C1D CLA AG . 19.46 18.62 50.48
C2D CLA AG . 19.31 18.45 49.02
C3D CLA AG . 19.61 17.13 48.73
C4D CLA AG . 19.87 16.48 50.04
CMD CLA AG . 19.03 19.55 48.09
CAD CLA AG . 19.51 16.07 47.74
OBD CLA AG . 19.47 16.18 46.52
CBD CLA AG . 19.95 14.75 48.45
CGD CLA AG . 18.90 13.67 48.39
O1D CLA AG . 18.88 12.61 49.01
O2D CLA AG . 17.89 13.92 47.51
CED CLA AG . 17.76 13.07 46.38
C1 CLA AG . 26.44 15.16 48.94
MG CLA BG . 21.09 30.89 33.30
CHA CLA BG . 24.10 31.61 31.78
CHB CLA BG . 19.59 33.03 31.12
CHC CLA BG . 18.15 30.14 34.75
CHD CLA BG . 22.77 29.01 35.72
NA CLA BG . 21.72 31.90 31.57
C1A CLA BG . 23.01 31.91 31.02
C2A CLA BG . 23.04 32.83 29.80
C3A CLA BG . 21.78 33.71 30.00
C4A CLA BG . 20.97 32.90 31.01
CMA CLA BG . 22.14 35.07 30.52
CAA CLA BG . 23.11 32.03 28.50
CBA CLA BG . 22.20 30.81 28.39
CGA CLA BG . 20.78 31.20 28.09
O1A CLA BG . 20.39 32.06 27.30
O2A CLA BG . 19.86 30.49 28.80
NB CLA BG . 19.20 31.53 33.02
C1B CLA BG . 18.77 32.27 31.98
C2B CLA BG . 17.29 32.47 32.09
C3B CLA BG . 16.86 31.62 33.10
C4B CLA BG . 18.09 31.08 33.76
CMB CLA BG . 16.65 33.63 31.47
CAB CLA BG . 15.55 31.11 33.45
CBB CLA BG . 14.41 31.21 32.78
NC CLA BG . 20.58 29.99 35.10
C1C CLA BG . 19.30 29.85 35.54
C2C CLA BG . 19.30 29.06 36.78
C3C CLA BG . 20.57 28.48 36.86
C4C CLA BG . 21.41 29.21 35.92
CMC CLA BG . 18.15 28.74 37.63
CAC CLA BG . 21.05 27.65 37.97
CBC CLA BG . 20.81 26.19 37.70
ND CLA BG . 22.98 30.30 33.66
C1D CLA BG . 23.55 29.65 34.78
C2D CLA BG . 25.03 29.68 34.65
C3D CLA BG . 25.30 30.50 33.56
C4D CLA BG . 23.99 30.75 32.92
CMD CLA BG . 25.96 29.10 35.62
CAD CLA BG . 26.31 31.01 32.67
OBD CLA BG . 27.45 30.61 32.50
CBD CLA BG . 25.57 31.86 31.58
CGD CLA BG . 25.93 33.32 31.67
O1D CLA BG . 26.86 33.89 31.09
O2D CLA BG . 25.12 34.06 32.47
CED CLA BG . 25.34 35.47 32.55
C1 CLA BG . 18.48 30.70 28.45
C2 CLA BG . 17.65 29.87 29.36
C3 CLA BG . 16.31 29.80 29.27
C4 CLA BG . 15.54 30.55 28.26
C5 CLA BG . 15.52 28.96 30.20
C6 CLA BG . 14.93 27.76 29.50
C7 CLA BG . 14.40 26.74 30.50
C8 CLA BG . 13.82 25.52 29.78
C9 CLA BG . 12.70 25.91 28.86
C10 CLA BG . 13.33 24.48 30.77
C11 CLA BG . 14.39 24.07 31.77
C12 CLA BG . 13.77 23.25 32.89
C13 CLA BG . 14.43 23.53 34.22
C14 CLA BG . 15.72 22.73 34.38
C15 CLA BG . 13.48 23.23 35.37
MG CLA CG . 8.77 31.87 33.09
CHA CLA CG . 9.03 33.93 30.30
CHB CLA CG . 11.25 29.91 31.85
CHC CLA CG . 9.37 30.54 36.16
CHD CLA CG . 7.06 34.49 34.68
NA CLA CG . 9.78 31.81 31.26
C1A CLA CG . 9.87 32.84 30.31
C2A CLA CG . 11.09 32.65 29.42
C3A CLA CG . 11.48 31.18 29.68
C4A CLA CG . 10.78 30.91 31.01
CMA CLA CG . 11.01 30.25 28.60
CAA CLA CG . 12.20 33.59 29.83
CBA CLA CG . 12.47 34.60 28.74
CGA CLA CG . 13.66 34.16 27.94
O1A CLA CG . 14.76 33.83 28.37
O2A CLA CG . 13.43 34.16 26.59
NB CLA CG . 9.74 30.23 33.75
C1B CLA CG . 10.61 29.49 33.02
C2B CLA CG . 11.04 28.32 33.84
C3B CLA CG . 10.61 28.57 35.13
C4B CLA CG . 9.98 29.92 35.11
CMB CLA CG . 12.00 27.35 33.35
CAB CLA CG . 10.34 27.67 36.22
CBB CLA CG . 9.95 26.39 36.13
NC CLA CG . 7.93 32.17 34.97
C1C CLA CG . 8.28 31.44 36.08
C2C CLA CG . 7.54 31.93 37.23
C3C CLA CG . 7.08 33.20 36.88
C4C CLA CG . 7.38 33.36 35.45
CMC CLA CG . 7.05 31.08 38.30
CAC CLA CG . 6.15 34.04 37.63
CBC CLA CG . 6.81 35.27 38.23
ND CLA CG . 7.88 33.62 32.57
C1D CLA CG . 7.10 34.53 33.31
C2D CLA CG . 6.65 35.61 32.40
C3D CLA CG . 7.42 35.47 31.26
C4D CLA CG . 8.25 34.26 31.46
CMD CLA CG . 5.42 36.36 32.58
CAD CLA CG . 7.60 35.88 29.89
OBD CLA CG . 7.08 36.81 29.28
CBD CLA CG . 8.84 35.09 29.36
CGD CLA CG . 8.66 34.66 27.93
O1D CLA CG . 9.51 34.66 27.03
O2D CLA CG . 7.40 34.22 27.64
CED CLA CG . 7.25 32.87 27.22
C1 CLA CG . 12.41 33.25 26.14
C2 CLA CG . 12.51 33.02 24.67
C3 CLA CG . 11.55 32.39 23.98
C4 CLA CG . 11.63 32.17 22.52
C5 CLA CG . 10.31 31.91 24.69
C6 CLA CG . 9.92 30.48 24.36
C7 CLA CG . 8.84 30.05 25.33
C8 CLA CG . 8.27 28.67 25.00
C9 CLA CG . 7.11 28.79 24.02
C10 CLA CG . 7.82 27.95 26.27
MG CLA DG . 4.35 38.50 50.54
CHA CLA DG . 1.48 38.45 52.48
CHB CLA DG . 2.38 38.40 47.78
CHC CLA DG . 7.11 39.00 48.58
CHD CLA DG . 6.14 39.56 53.36
NA CLA DG . 2.30 38.21 50.23
C1A CLA DG . 1.27 38.50 51.13
C2A CLA DG . -0.08 38.46 50.43
C3A CLA DG . 0.27 37.86 49.05
C4A CLA DG . 1.78 38.06 48.98
CMA CLA DG . -0.09 36.41 48.98
CAA CLA DG . -0.73 39.84 50.32
CBA CLA DG . 0.27 40.98 50.30
CGA CLA DG . -0.26 42.12 51.12
O1A CLA DG . -0.58 42.11 52.31
O2A CLA DG . -0.37 43.29 50.42
NB CLA DG . 4.70 38.48 48.56
C1B CLA DG . 3.77 38.54 47.59
C2B CLA DG . 4.42 38.26 46.29
C3B CLA DG . 5.77 38.47 46.48
C4B CLA DG . 5.98 38.58 47.96
CMB CLA DG . 3.73 37.44 45.29
CAB CLA DG . 6.80 38.92 45.57
CBB CLA DG . 6.63 39.28 44.30
NC CLA DG . 6.34 38.96 50.95
C1C CLA DG . 7.26 39.24 49.97
C2C CLA DG . 8.43 39.89 50.56
C3C CLA DG . 8.21 39.92 51.94
C4C CLA DG . 6.86 39.40 52.17
CMC CLA DG . 9.44 40.61 49.79
CAC CLA DG . 9.03 40.63 52.94
CBC CLA DG . 10.18 39.81 53.45
ND CLA DG . 4.03 38.64 52.54
C1D CLA DG . 4.85 39.10 53.59
C2D CLA DG . 4.06 39.15 54.84
C3D CLA DG . 2.78 38.74 54.49
C4D CLA DG . 2.80 38.52 53.03
CMD CLA DG . 4.54 39.72 56.10
CAD CLA DG . 1.39 38.65 54.93
OBD CLA DG . 0.91 38.93 56.02
CBD CLA DG . 0.52 38.44 53.64
CGD CLA DG . -0.28 37.17 53.69
O1D CLA DG . 0.13 36.01 53.52
O2D CLA DG . -1.60 37.35 53.94
CED CLA DG . -2.03 37.35 55.31
C1 CLA DG . 0.63 44.29 50.72
C2 CLA DG . 0.26 45.52 49.96
C3 CLA DG . 1.05 46.60 49.86
C4 CLA DG . 0.64 47.80 49.10
C5 CLA DG . 2.39 46.65 50.52
MG CHL EG . -0.42 41.66 44.72
CHA CHL EG . -1.16 44.81 45.93
CHB CHL EG . 1.77 43.00 42.55
CHC CHL EG . 0.28 38.48 43.55
CHD CHL EG . -2.75 40.27 47.03
NA CHL EG . 0.21 43.54 44.29
C1A CHL EG . -0.15 44.67 44.83
C2A CHL EG . 0.56 45.86 44.24
C3A CHL EG . 1.43 45.26 43.19
C4A CHL EG . 1.13 43.82 43.34
CMA CHL EG . 1.05 45.72 41.79
CAA CHL EG . 1.53 46.59 45.18
CBA CHL EG . 1.73 48.04 44.74
CGA CHL EG . 3.04 48.57 45.27
O1A CHL EG . 3.49 49.62 44.87
O2A CHL EG . 3.77 47.81 46.28
NB CHL EG . 0.83 40.88 43.28
C1B CHL EG . 1.66 41.55 42.47
C2B CHL EG . 2.47 40.74 41.50
C3B CHL EG . 2.00 39.40 41.82
C4B CHL EG . 1.01 39.58 42.91
CMB CHL EG . 3.47 41.21 40.49
CAB CHL EG . 2.48 38.16 41.15
CBB CHL EG . 2.93 37.10 41.79
NC CHL EG . -1.09 39.76 45.18
C1C CHL EG . -0.72 38.58 44.63
C2C CHL EG . -1.39 37.39 45.19
C3C CHL EG . -2.29 37.91 46.21
C4C CHL EG . -2.01 39.37 46.12
CMC CHL EG . -1.26 35.96 44.86
OMC CHL EG . -0.21 35.48 44.49
CAC CHL EG . -3.22 37.16 47.12
CBC CHL EG . -4.60 37.09 46.50
ND CHL EG . -1.70 42.29 46.17
C1D CHL EG . -2.57 41.73 47.04
C2D CHL EG . -3.27 42.71 47.91
C3D CHL EG . -2.66 43.94 47.42
C4D CHL EG . -1.80 43.63 46.45
CMD CHL EG . -4.30 42.74 49.02
CAD CHL EG . -2.68 45.40 47.63
OBD CHL EG . -3.39 46.04 48.48
CBD CHL EG . -1.71 46.01 46.66
CGD CHL EG . -2.47 46.91 45.75
O1D CHL EG . -3.18 46.45 44.86
O2D CHL EG . -2.36 48.36 45.89
CED CHL EG . -2.60 49.20 44.76
C1 CHL EG . 4.67 48.49 47.15
MG CHL FG . -2.31 31.45 42.25
CHA CHL FG . -4.63 29.17 43.40
CHB CHL FG . 0.03 29.02 42.12
CHC CHL FG . -0.01 33.77 41.09
CHD CHL FG . -4.78 34.01 42.37
NA CHL FG . -2.27 29.47 42.67
C1A CHL FG . -3.23 28.71 43.10
C2A CHL FG . -2.81 27.26 43.29
C3A CHL FG . -1.37 27.28 42.91
C4A CHL FG . -1.18 28.70 42.54
CMA CHL FG . -0.48 26.92 44.10
CAA CHL FG . -3.47 26.23 42.37
CBA CHL FG . -3.55 26.69 40.91
CGA CHL FG . -2.83 25.70 40.02
O1A CHL FG . -3.22 24.54 39.93
O2A CHL FG . -1.66 26.12 39.26
NB CHL FG . -0.33 31.40 41.71
C1B CHL FG . 0.50 30.33 41.70
C2B CHL FG . 1.89 30.55 41.27
C3B CHL FG . 1.87 31.98 40.96
C4B CHL FG . 0.47 32.40 41.26
CMB CHL FG . 3.01 29.55 41.17
CAB CHL FG . 3.00 32.79 40.47
CBB CHL FG . 2.94 33.41 39.30
NC CHL FG . -2.37 33.47 41.83
C1C CHL FG . -1.36 34.25 41.37
C2C CHL FG . -1.73 35.66 41.16
C3C CHL FG . -3.14 35.76 41.54
C4C CHL FG . -3.42 34.35 41.93
CMC CHL FG . -0.88 36.78 40.68
OMC CHL FG . -0.13 36.64 39.71
CAC CHL FG . -4.06 36.96 41.53
CBC CHL FG . -4.01 37.71 42.83
ND CHL FG . -4.27 31.66 42.75
C1D CHL FG . -5.18 32.65 42.79
C2D CHL FG . -6.53 32.21 43.26
C3D CHL FG . -6.25 30.79 43.49
C4D CHL FG . -4.97 30.56 43.18
CMD CHL FG . -7.90 32.79 43.52
CAD CHL FG . -6.89 29.55 43.95
OBD CHL FG . -8.12 29.43 44.31
CBD CHL FG . -5.87 28.47 43.91
CGD CHL FG . -5.66 27.91 45.28
O1D CHL FG . -5.05 28.55 46.12
O2D CHL FG . -6.19 26.60 45.63
CED CHL FG . -5.44 25.73 46.46
C1 CHL FG . -1.24 25.36 38.13
MG CHL GG . 10.85 49.04 36.74
CHA CHL GG . 11.99 46.00 37.93
CHB CHL GG . 8.32 48.98 38.98
CHC CHL GG . 9.74 52.08 35.52
CHD CHL GG . 13.51 49.10 34.37
NA CHL GG . 10.25 47.76 38.19
C1A CHL GG . 10.78 46.62 38.55
C2A CHL GG . 10.03 45.96 39.70
C3A CHL GG . 8.89 46.90 39.95
C4A CHL GG . 9.18 47.97 38.97
CMA CHL GG . 7.56 46.24 39.63
CAA CHL GG . 10.82 45.82 41.03
CBA CHL GG . 10.94 47.05 41.93
CGA CHL GG . 12.37 47.50 42.09
O1A CHL GG . 13.08 47.68 41.13
O2A CHL GG . 12.91 47.69 43.43
NB CHL GG . 9.29 50.31 37.18
C1B CHL GG . 8.34 50.15 38.12
C2B CHL GG . 7.32 51.21 38.25
C3B CHL GG . 7.77 52.12 37.20
C4B CHL GG . 8.97 51.49 36.61
CMB CHL GG . 6.16 51.32 39.19
CAB CHL GG . 7.12 53.41 36.85
CBB CHL GG . 7.28 54.42 37.68
NC CHL GG . 11.49 50.33 35.24
C1C CHL GG . 10.94 51.52 34.87
C2C CHL GG . 11.65 52.20 33.76
C3C CHL GG . 12.76 51.32 33.43
C4C CHL GG . 12.55 50.22 34.40
CMC CHL GG . 11.38 53.49 33.08
OMC CHL GG . 10.30 54.06 33.12
CAC CHL GG . 13.82 51.49 32.37
CBC CHL GG . 14.90 52.44 32.85
ND CHL GG . 12.43 47.88 36.18
C1D CHL GG . 13.43 47.95 35.28
C2D CHL GG . 14.34 46.76 35.33
C3D CHL GG . 13.72 46.02 36.42
C4D CHL GG . 12.66 46.70 36.84
CMD CHL GG . 15.57 46.23 34.64
CAD CHL GG . 13.87 44.78 37.18
OBD CHL GG . 14.79 43.90 37.01
CBD CHL GG . 12.76 44.73 38.17
CGD CHL GG . 11.95 43.48 38.05
O1D CHL GG . 11.05 43.39 37.22
O2D CHL GG . 12.22 42.37 38.93
CED CHL GG . 11.44 42.21 40.11
C1 CHL GG . 14.00 48.58 43.64
C2 CHL GG . 13.62 49.64 44.65
C3 CHL GG . 13.62 49.44 45.97
C4 CHL GG . 14.01 48.12 46.57
C5 CHL GG . 13.21 50.57 46.90
MG CLA HG . 6.35 40.39 31.88
CHA CLA HG . 9.17 39.08 30.40
CHB CLA HG . 5.92 42.39 29.16
CHC CLA HG . 3.24 41.03 33.00
CHD CLA HG . 7.13 38.69 34.84
NA CLA HG . 7.40 40.68 30.11
C1A CLA HG . 8.41 39.87 29.59
C2A CLA HG . 8.87 40.40 28.23
C3A CLA HG . 8.18 41.79 28.16
C4A CLA HG . 7.14 41.73 29.27
CMA CLA HG . 9.19 42.87 28.45
CAA CLA HG . 8.53 39.42 27.11
CBA CLA HG . 7.08 39.41 26.68
CGA CLA HG . 6.68 38.02 26.25
O1A CLA HG . 7.39 37.14 25.76
O2A CLA HG . 5.35 37.77 26.46
NB CLA HG . 4.87 41.56 31.22
C1B CLA HG . 4.83 42.23 30.05
C2B CLA HG . 3.62 43.11 30.05
C3B CLA HG . 2.82 42.69 31.09
C4B CLA HG . 3.63 41.71 31.87
CMB CLA HG . 3.56 44.35 29.27
CAB CLA HG . 1.40 42.78 31.26
CBB CLA HG . 0.50 42.66 30.28
NC CLA HG . 5.44 40.14 33.73
C1C CLA HG . 4.13 40.47 33.96
C2C CLA HG . 3.69 39.80 35.19
C3C CLA HG . 4.87 39.38 35.82
C4C CLA HG . 5.86 39.29 34.76
CMC CLA HG . 2.31 39.39 35.44
CAC CLA HG . 5.20 39.58 37.24
CBC CLA HG . 4.77 38.43 38.12
ND CLA HG . 7.90 39.31 32.60
C1D CLA HG . 8.02 38.56 33.79
C2D CLA HG . 9.33 37.86 33.76
C3D CLA HG . 9.83 38.03 32.47
C4D CLA HG . 8.89 38.95 31.80
CMD CLA HG . 9.94 37.28 34.94
CAD CLA HG . 10.82 37.63 31.47
OBD CLA HG . 11.96 37.21 31.64
CBD CLA HG . 10.53 38.44 30.19
CGD CLA HG . 11.61 39.47 30.01
O1D CLA HG . 11.86 40.41 30.75
O2D CLA HG . 12.37 39.30 28.90
CED CLA HG . 13.55 40.13 28.78
C1 CLA HG . 4.87 36.44 26.19
C2 CLA HG . 4.52 35.82 27.49
C3 CLA HG . 3.37 35.14 27.70
C4 CLA HG . 2.35 34.96 26.64
C5 CLA HG . 3.05 34.53 29.03
C6 CLA HG . 4.27 34.06 29.81
C7 CLA HG . 4.42 32.56 29.72
C8 CLA HG . 5.42 32.03 30.75
C9 CLA HG . 6.15 30.81 30.23
C10 CLA HG . 4.72 31.70 32.06
MG CLA IG . 19.34 44.38 42.84
CHA CLA IG . 20.35 47.40 41.45
CHB CLA IG . 22.53 43.83 43.83
CHC CLA IG . 18.18 42.01 44.95
CHD CLA IG . 16.05 45.19 41.95
NA CLA IG . 21.11 45.44 42.65
C1A CLA IG . 21.29 46.77 42.24
C2A CLA IG . 22.78 47.13 42.28
C3A CLA IG . 23.47 45.76 42.50
C4A CLA IG . 22.33 44.88 42.97
CMA CLA IG . 24.06 45.23 41.22
CAA CLA IG . 23.11 48.14 43.36
CBA CLA IG . 22.33 48.00 44.65
CGA CLA IG . 23.00 47.04 45.58
O1A CLA IG . 24.19 47.00 45.91
O2A CLA IG . 22.14 46.12 46.14
NB CLA IG . 20.20 43.10 44.12
C1B CLA IG . 21.51 43.08 44.46
C2B CLA IG . 21.77 41.88 45.30
C3B CLA IG . 20.54 41.37 45.66
C4B CLA IG . 19.52 42.09 44.83
CMB CLA IG . 23.13 41.42 45.57
CAB CLA IG . 20.13 40.53 46.75
CBB CLA IG . 20.62 39.33 47.07
NC CLA IG . 17.46 43.51 43.11
C1C CLA IG . 17.22 42.52 44.02
C2C CLA IG . 15.80 42.24 44.07
C3C CLA IG . 15.17 43.24 43.33
C4C CLA IG . 16.24 44.11 42.82
CMC CLA IG . 15.18 41.28 44.98
CAC CLA IG . 13.73 43.45 43.14
CBC CLA IG . 13.14 44.35 44.19
ND CLA IG . 18.42 45.72 41.63
C1D CLA IG . 17.06 45.89 41.30
C2D CLA IG . 16.95 47.01 40.35
C3D CLA IG . 18.16 47.70 40.46
C4D CLA IG . 19.06 46.81 41.22
CMD CLA IG . 15.89 47.17 39.38
CAD CLA IG . 18.81 49.00 40.41
OBD CLA IG . 18.28 50.10 40.27
CBD CLA IG . 20.26 48.82 40.96
CGD CLA IG . 21.29 49.14 39.92
O1D CLA IG . 22.16 48.40 39.47
O2D CLA IG . 21.20 50.41 39.43
CED CLA IG . 22.38 51.01 38.90
C1 CLA IG . 22.58 45.54 47.38
C2 CLA IG . 21.56 44.54 47.81
C3 CLA IG . 21.43 44.13 49.09
C4 CLA IG . 22.29 44.64 50.19
C5 CLA IG . 20.39 43.12 49.47
C6 CLA IG . 19.50 43.63 50.58
C7 CLA IG . 18.69 42.49 51.19
C8 CLA IG . 17.63 43.01 52.16
C9 CLA IG . 18.21 43.16 53.55
C10 CLA IG . 16.42 42.09 52.20
MG CLA JG . 29.92 30.38 47.22
CHA CLA JG . 29.71 33.78 46.61
CHB CLA JG . 33.28 30.60 46.79
CHC CLA JG . 30.19 27.00 47.07
CHD CLA JG . 26.61 30.05 46.16
NA CLA JG . 31.25 31.97 47.02
C1A CLA JG . 30.94 33.33 47.00
C2A CLA JG . 32.22 34.18 47.08
C3A CLA JG . 33.34 33.13 46.84
C4A CLA JG . 32.59 31.80 46.80
CMA CLA JG . 34.06 33.40 45.54
CAA CLA JG . 32.35 34.88 48.43
CBA CLA JG . 31.74 34.11 49.59
CGA CLA JG . 31.92 34.85 50.88
O1A CLA JG . 32.97 35.23 51.40
O2A CLA JG . 30.74 35.10 51.51
NB CLA JG . 31.44 29.09 47.46
C1B CLA JG . 32.73 29.34 47.11
C2B CLA JG . 33.53 28.09 47.22
C3B CLA JG . 32.66 27.14 47.70
C4B CLA JG . 31.30 27.69 47.48
CMB CLA JG . 34.99 28.11 47.28
CAB CLA JG . 32.93 26.07 48.64
CBB CLA JG . 32.19 25.79 49.71
NC CLA JG . 28.51 28.83 47.20
C1C CLA JG . 28.86 27.52 47.04
C2C CLA JG . 27.64 26.71 47.02
C3C CLA JG . 26.59 27.61 46.84
C4C CLA JG . 27.18 28.94 46.82
CMC CLA JG . 27.56 25.32 47.45
CAC CLA JG . 25.16 27.29 46.70
CBC CLA JG . 24.36 27.72 47.91
ND CLA JG . 28.38 31.60 46.78
C1D CLA JG . 27.13 31.32 46.18
C2D CLA JG . 26.39 32.59 46.07
C3D CLA JG . 27.35 33.58 46.12
C4D CLA JG . 28.59 32.91 46.58
CMD CLA JG . 24.95 32.67 46.34
CAD CLA JG . 27.71 34.95 45.76
OBD CLA JG . 26.99 35.89 45.49
CBD CLA JG . 29.24 35.11 46.07
CGD CLA JG . 30.03 35.52 44.84
O1D CLA JG . 30.84 34.85 44.21
O2D CLA JG . 29.78 36.78 44.43
CED CLA JG . 30.87 37.52 43.87
C1 CLA JG . 30.79 35.27 52.94
C2 CLA JG . 29.43 35.68 53.38
C3 CLA JG . 28.44 34.81 53.63
C4 CLA JG . 28.59 33.34 53.49
C5 CLA JG . 27.10 35.30 54.08
C6 CLA JG . 25.96 34.75 53.25
C7 CLA JG . 24.69 35.55 53.47
C8 CLA JG . 23.70 34.86 54.39
C9 CLA JG . 23.33 33.49 53.87
C10 CLA JG . 22.44 35.70 54.55
MG CLA KG . 22.32 35.44 50.50
CHA CLA KG . 25.29 37.09 49.84
CHB CLA KG . 20.72 38.43 50.78
CHC CLA KG . 19.44 33.77 51.33
CHD CLA KG . 23.95 32.36 50.00
NA CLA KG . 22.89 37.43 50.19
C1A CLA KG . 24.19 37.91 49.93
C2A CLA KG . 24.25 39.43 50.16
C3A CLA KG . 22.90 39.73 50.85
C4A CLA KG . 22.08 38.48 50.49
CMA CLA KG . 23.04 39.92 52.33
CAA CLA KG . 24.36 40.18 48.85
CBA CLA KG . 24.39 41.68 49.08
CGA CLA KG . 25.73 42.12 49.57
O1A CLA KG . 26.74 42.38 48.92
O2A CLA KG . 25.79 42.24 50.93
NB CLA KG . 20.41 36.00 50.91
C1B CLA KG . 19.97 37.27 51.00
C2B CLA KG . 18.60 37.28 51.59
C3B CLA KG . 18.21 35.97 51.74
C4B CLA KG . 19.38 35.13 51.32
CMB CLA KG . 17.93 38.51 52.01
CAB CLA KG . 16.88 35.43 51.86
CBB CLA KG . 16.43 34.65 52.84
NC CLA KG . 21.80 33.43 50.68
C1C CLA KG . 20.57 32.96 51.03
C2C CLA KG . 20.67 31.54 51.37
C3C CLA KG . 21.96 31.15 51.03
C4C CLA KG . 22.63 32.32 50.49
CMC CLA KG . 19.69 30.83 52.19
CAC CLA KG . 22.53 29.80 51.15
CBC CLA KG . 23.30 29.60 52.44
ND CLA KG . 24.20 34.79 50.17
C1D CLA KG . 24.71 33.51 49.86
C2D CLA KG . 26.17 33.62 49.66
C3D CLA KG . 26.43 34.97 49.52
C4D CLA KG . 25.18 35.67 49.90
CMD CLA KG . 27.11 32.53 49.89
CAD CLA KG . 27.45 35.99 49.35
OBD CLA KG . 28.67 35.86 49.34
CBD CLA KG . 26.73 37.37 49.47
CGD CLA KG . 27.41 38.27 50.46
O1D CLA KG . 28.36 39.04 50.27
O2D CLA KG . 26.89 38.20 51.72
CED CLA KG . 26.99 39.35 52.57
C1 CLA KG . 25.85 43.57 51.46
MG CLA LG . 14.18 20.30 47.15
CHA CLA LG . 12.76 17.88 49.18
CHB CLA LG . 16.19 21.26 49.73
CHC CLA LG . 15.60 22.65 45.09
CHD CLA LG . 12.10 19.24 44.50
NA CLA LG . 14.47 19.61 49.10
C1A CLA LG . 13.88 18.49 49.69
C2A CLA LG . 14.69 18.05 50.92
C3A CLA LG . 15.65 19.24 51.14
C4A CLA LG . 15.36 20.18 49.96
CMA CLA LG . 15.43 19.91 52.48
CAA CLA LG . 15.46 16.77 50.68
CBA CLA LG . 16.16 16.67 49.34
CGA CLA LG . 15.40 15.79 48.39
O1A CLA LG . 15.13 14.60 48.51
O2A CLA LG . 15.01 16.42 47.24
NB CLA LG . 15.59 21.72 47.38
C1B CLA LG . 16.26 21.99 48.53
C2B CLA LG . 17.25 23.09 48.29
C3B CLA LG . 17.17 23.40 46.94
C4B CLA LG . 16.01 22.64 46.39
CMB CLA LG . 18.30 23.40 49.26
CAB CLA LG . 17.85 24.41 46.17
CBB CLA LG . 17.94 25.70 46.49
NC CLA LG . 13.92 20.83 45.16
C1C CLA LG . 14.77 21.67 44.48
C2C CLA LG . 14.41 21.67 43.07
C3C CLA LG . 13.35 20.79 42.90
C4C CLA LG . 13.08 20.23 44.22
CMC CLA LG . 15.03 22.55 42.07
CAC CLA LG . 12.46 20.71 41.73
CBC CLA LG . 12.80 19.57 40.80
ND CLA LG . 12.71 18.95 46.86
C1D CLA LG . 11.98 18.57 45.70
C2D CLA LG . 11.12 17.41 46.03
C3D CLA LG . 11.40 17.08 47.35
C4D CLA LG . 12.38 18.08 47.82
CMD CLA LG . 10.01 16.95 45.21
CAD CLA LG . 10.97 16.33 48.50
OBD CLA LG . 9.98 15.60 48.63
CBD CLA LG . 11.90 16.75 49.69
CGD CLA LG . 11.10 17.13 50.91
O1D CLA LG . 9.91 17.44 50.97
O2D CLA LG . 11.83 17.10 52.06
CED CLA LG . 11.20 16.51 53.21
C1 CLA LG . 16.06 16.94 46.39
C2 CLA LG . 15.49 17.04 45.03
C3 CLA LG . 16.14 17.61 43.99
C4 CLA LG . 15.52 17.69 42.65
C5 CLA LG . 17.49 18.21 44.16
C6 CLA LG . 17.64 19.58 43.55
C7 CLA LG . 18.62 20.42 44.33
C8 CLA LG . 19.55 21.23 43.44
C9 CLA LG . 20.53 22.02 44.28
C10 CLA LG . 18.76 22.16 42.54
MG CHL MG . 8.08 59.58 39.14
CHA CHL MG . 9.78 61.39 41.54
CHB CHL MG . 5.14 60.72 40.33
CHC CHL MG . 6.46 57.75 36.71
CHD CHL MG . 11.21 58.38 37.90
NA CHL MG . 7.54 60.81 40.64
C1A CHL MG . 8.28 61.45 41.49
C2A CHL MG . 7.50 62.31 42.46
C3A CHL MG . 6.08 62.03 42.07
C4A CHL MG . 6.26 61.12 40.92
CMA CHL MG . 5.31 61.32 43.17
CAA CHL MG . 7.66 63.80 42.24
CBA CHL MG . 7.06 64.62 43.37
NB CHL MG . 6.12 59.29 38.62
C1B CHL MG . 5.03 59.82 39.18
C2B CHL MG . 3.70 59.45 38.61
C3B CHL MG . 4.14 58.55 37.53
C4B CHL MG . 5.61 58.53 37.62
CMB CHL MG . 2.32 59.87 39.02
CAB CHL MG . 3.26 57.84 36.57
CBB CHL MG . 3.33 58.04 35.27
NC CHL MG . 8.70 58.32 37.62
C1C CHL MG . 7.92 57.65 36.72
C2C CHL MG . 8.67 56.82 35.74
C3C CHL MG . 10.08 57.01 36.09
C4C CHL MG . 9.96 57.93 37.24
CMC CHL MG . 8.20 55.96 34.62
OMC CHL MG . 7.07 56.02 34.15
CAC CHL MG . 11.31 56.42 35.46
CBC CHL MG . 11.76 57.30 34.31
ND CHL MG . 10.08 59.76 39.54
C1D CHL MG . 11.24 59.29 39.03
C2D CHL MG . 12.45 59.79 39.77
C3D CHL MG . 11.80 60.64 40.76
C4D CHL MG . 10.48 60.57 40.57
CMD CHL MG . 13.95 59.65 39.72
CAD CHL MG . 12.11 61.52 41.90
OBD CHL MG . 13.28 61.80 42.35
CBD CHL MG . 10.82 62.03 42.44
CGD CHL MG . 10.67 61.59 43.86
O1D CHL MG . 10.29 60.46 44.13
O2D CHL MG . 11.00 62.51 44.95
CED CHL MG . 10.36 62.36 46.21
C1 LUT NG . 14.97 25.00 52.28
C2 LUT NG . 13.81 24.08 52.61
C3 LUT NG . 13.54 23.04 51.54
C4 LUT NG . 13.20 23.72 50.24
C5 LUT NG . 14.05 24.93 49.95
C6 LUT NG . 14.93 25.46 50.83
C7 LUT NG . 15.92 26.48 50.39
C8 LUT NG . 15.82 27.82 50.35
C9 LUT NG . 16.90 28.70 49.90
C10 LUT NG . 16.57 29.95 49.55
C11 LUT NG . 17.41 31.05 49.10
C12 LUT NG . 16.83 32.17 48.72
C13 LUT NG . 17.59 33.36 48.29
C14 LUT NG . 17.01 34.55 48.43
C15 LUT NG . 17.48 35.89 48.13
C16 LUT NG . 16.29 24.29 52.50
C17 LUT NG . 14.81 26.15 53.27
C18 LUT NG . 13.85 25.43 48.56
C19 LUT NG . 18.32 28.22 49.83
C20 LUT NG . 18.98 33.22 47.75
O3 LUT NG . 12.44 22.21 51.93
C21 LUT NG . 18.52 48.02 48.44
C22 LUT NG . 19.36 49.27 48.18
C23 LUT NG . 19.00 50.07 46.93
C24 LUT NG . 18.95 48.99 45.85
C25 LUT NG . 18.27 47.66 46.07
C26 LUT NG . 18.34 47.04 47.29
C27 LUT NG . 17.60 45.77 47.55
C28 LUT NG . 16.29 45.48 47.65
C29 LUT NG . 15.73 44.15 47.93
C30 LUT NG . 16.55 43.14 48.23
C31 LUT NG . 16.16 41.78 48.54
C32 LUT NG . 16.97 40.75 48.33
C33 LUT NG . 16.50 39.39 48.66
C34 LUT NG . 17.22 38.32 48.33
C35 LUT NG . 16.83 36.94 48.61
C36 LUT NG . 17.21 48.57 49.04
C37 LUT NG . 19.21 47.25 49.55
C38 LUT NG . 17.61 47.13 44.83
C39 LUT NG . 14.26 43.93 47.87
C40 LUT NG . 15.19 39.22 49.38
O23 LUT NG . 19.96 51.08 46.61
C1 LUT OG . 3.36 33.04 45.08
C2 LUT OG . 2.54 32.78 46.34
C3 LUT OG . 2.48 33.97 47.27
C4 LUT OG . 3.89 34.36 47.71
C5 LUT OG . 4.90 34.31 46.58
C6 LUT OG . 4.60 33.89 45.36
C7 LUT OG . 5.52 34.29 44.24
C8 LUT OG . 6.33 33.58 43.44
C9 LUT OG . 7.18 34.15 42.37
C10 LUT OG . 8.04 33.33 41.74
C11 LUT OG . 8.97 33.61 40.64
C12 LUT OG . 9.79 32.68 40.16
C13 LUT OG . 10.69 32.98 39.01
C14 LUT OG . 11.54 32.04 38.57
C15 LUT OG . 11.76 30.74 39.18
C16 LUT OG . 2.54 33.74 44.01
C17 LUT OG . 3.68 31.61 44.62
C18 LUT OG . 6.23 34.87 46.96
C19 LUT OG . 7.07 35.59 42.01
C20 LUT OG . 10.58 34.28 38.29
O3 LUT OG . 1.71 33.63 48.43
C21 LUT OG . 19.48 24.61 30.32
C22 LUT OG . 20.82 24.46 29.50
C23 LUT OG . 21.13 25.56 28.45
C24 LUT OG . 20.92 26.93 29.06
C25 LUT OG . 20.19 26.95 30.36
C26 LUT OG . 19.27 26.06 30.80
C27 LUT OG . 18.99 26.20 32.24
C28 LUT OG . 17.77 26.60 32.58
C29 LUT OG . 17.28 26.76 33.94
C30 LUT OG . 16.10 27.34 34.18
C31 LUT OG . 15.47 27.56 35.48
C32 LUT OG . 14.54 28.50 35.69
C33 LUT OG . 13.96 28.64 37.04
C34 LUT OG . 13.09 29.60 37.39
C35 LUT OG . 12.48 29.73 38.72
C36 LUT OG . 19.90 23.72 31.49
C37 LUT OG . 18.12 23.93 29.99
C38 LUT OG . 20.66 28.14 31.15
C39 LUT OG . 18.09 26.14 35.04
C40 LUT OG . 14.37 27.66 38.08
O23 LUT OG . 19.91 25.29 27.83
C1 LUT PG . 3.76 42.87 47.51
C2 LUT PG . 4.01 42.27 48.89
C3 LUT PG . 5.06 43.11 49.64
C4 LUT PG . 6.38 43.09 48.90
C5 LUT PG . 6.24 42.90 47.40
C6 LUT PG . 5.06 43.17 46.81
C7 LUT PG . 4.94 43.78 45.47
C8 LUT PG . 5.58 44.82 44.92
C9 LUT PG . 5.25 45.22 43.54
C10 LUT PG . 4.95 46.50 43.28
C11 LUT PG . 4.59 47.10 42.00
C12 LUT PG . 4.06 48.31 41.92
C13 LUT PG . 3.70 48.90 40.62
C14 LUT PG . 3.00 50.05 40.56
C15 LUT PG . 2.59 50.73 39.34
C16 LUT PG . 2.98 44.17 47.67
C17 LUT PG . 2.97 41.89 46.66
C18 LUT PG . 7.45 42.36 46.69
C19 LUT PG . 5.24 44.21 42.44
C20 LUT PG . 4.10 48.22 39.35
O3 LUT PG . 5.25 42.57 50.95
C21 LUT PG . -1.18 57.62 31.00
C22 LUT PG . -0.34 57.64 29.72
C23 LUT PG . 0.59 58.82 29.55
C24 LUT PG . 1.38 59.06 30.83
C25 LUT PG . 0.37 59.35 31.91
C26 LUT PG . -0.63 58.47 32.14
C27 LUT PG . -0.95 58.13 33.56
C28 LUT PG . -0.11 57.56 34.44
C29 LUT PG . -0.42 57.23 35.85
C30 LUT PG . 0.02 56.09 36.37
C31 LUT PG . 0.80 55.09 35.67
C32 LUT PG . 1.64 54.18 36.18
C33 LUT PG . 2.05 53.86 37.57
C34 LUT PG . 1.99 52.58 37.96
C35 LUT PG . 2.38 52.03 39.25
C36 LUT PG . -1.30 56.15 31.39
C37 LUT PG . -2.57 58.15 30.70
C38 LUT PG . 0.50 60.64 32.65
C39 LUT PG . -1.22 58.20 36.68
C40 LUT PG . 2.58 54.88 38.54
O23 LUT PG . -0.17 59.99 29.24
O1 LHG QG . 34.60 25.54 43.34
C1 LHG QG . 34.48 26.89 43.75
C2 LHG QG . 33.96 27.69 42.59
O2 LHG QG . 35.03 28.22 41.82
C3 LHG QG . 33.15 28.89 43.00
O3 LHG QG . 31.83 28.39 42.81
P LHG QG . 30.58 29.41 42.87
O4 LHG QG . 30.36 29.76 44.28
O5 LHG QG . 30.74 30.23 41.63
O6 LHG QG . 29.35 28.30 42.60
C4 LHG QG . 28.02 28.70 42.87
C5 LHG QG . 27.15 27.51 42.42
C6 LHG QG . 27.62 26.24 43.10
O7 LHG QG . 25.72 27.72 42.79
C7 LHG QG . 24.93 28.61 42.04
O9 LHG QG . 25.18 29.80 41.92
C8 LHG QG . 23.70 27.98 41.38
C9 LHG QG . 24.01 26.86 40.41
C10 LHG QG . 24.06 25.49 41.07
O8 LHG QG . 27.01 25.23 42.35
C23 LHG QG . 27.43 23.96 42.52
O10 LHG QG . 28.51 23.74 43.04
C24 LHG QG . 26.58 22.80 42.06
C11 LHG QG . 23.28 24.63 40.10
C12 LHG QG . 22.91 23.33 40.76
C13 LHG QG . 21.63 22.77 40.15
C14 LHG QG . 21.65 22.73 38.63
C15 LHG QG . 20.30 22.25 38.18
C16 LHG QG . 20.32 22.20 36.67
C17 LHG QG . 18.99 21.68 36.13
C18 LHG QG . 19.32 21.38 34.69
C25 LHG QG . 27.28 21.92 41.09
C26 LHG QG . 26.80 20.48 40.92
C27 LHG QG . 25.38 20.57 40.41
C28 LHG QG . 24.95 19.37 39.62
C29 LHG QG . 23.50 19.59 39.22
C30 LHG QG . 23.02 18.86 38.00
C31 LHG QG . 23.35 17.37 37.93
C1B LMT RG . 15.09 40.60 20.34
C2B LMT RG . 16.63 40.65 20.48
C3B LMT RG . 17.05 41.59 21.64
C4B LMT RG . 16.33 42.96 21.56
C5B LMT RG . 14.81 42.69 21.44
C6B LMT RG . 14.05 44.00 21.39
O1B LMT RG . 14.56 39.88 21.41
O2B LMT RG . 17.04 39.36 20.74
O3B LMT RG . 18.41 41.72 21.71
O4' LMT RG . 16.58 43.71 22.69
O5B LMT RG . 14.54 41.89 20.31
O6B LMT RG . 12.87 43.89 22.06
C1' LMT RG . 11.91 36.90 22.44
C2' LMT RG . 13.14 36.38 21.66
C3' LMT RG . 14.20 37.52 21.56
C4' LMT RG . 13.62 38.88 21.11
C5' LMT RG . 12.35 39.13 21.98
C6' LMT RG . 11.65 40.45 21.75
O1' LMT RG . 10.88 36.00 22.40
O2' LMT RG . 13.69 35.33 22.35
O3' LMT RG . 15.21 37.16 20.72
O5' LMT RG . 11.44 38.07 21.81
O6' LMT RG . 11.69 40.66 20.40
C1 LMT RG . 9.71 36.46 23.02
C2 LMT RG . 8.80 35.27 23.15
C3 LMT RG . 8.26 34.73 21.88
C4 LMT RG . 7.51 33.46 22.16
C5 LMT RG . 6.22 33.77 22.84
C6 LMT RG . 5.44 32.54 23.19
C7 LMT RG . 4.16 32.93 23.85
C8 LMT RG . 3.55 31.74 24.54
C9 LMT RG . 4.45 31.03 25.50
C10 LMT RG . 3.60 30.10 26.30
C11 LMT RG . 4.43 29.28 27.23
C12 LMT RG . 3.59 28.48 28.18
FE1 SF4 SG . 13.28 7.47 -31.65
FE2 SF4 SG . 12.36 9.08 -29.64
FE3 SF4 SG . 11.54 6.47 -29.78
FE4 SF4 SG . 10.66 8.28 -31.63
S1 SF4 SG . 10.24 8.29 -29.40
S2 SF4 SG . 11.44 6.17 -32.04
S3 SF4 SG . 12.51 9.60 -31.85
S4 SF4 SG . 13.66 7.22 -29.42
FE1 SF4 TG . 19.44 15.40 -26.09
FE2 SF4 TG . 22.01 14.72 -26.74
FE3 SF4 TG . 20.80 16.82 -27.99
FE4 SF4 TG . 19.98 14.26 -28.53
S1 SF4 TG . 22.03 15.18 -28.96
S2 SF4 TG . 18.65 16.06 -28.12
S3 SF4 TG . 20.24 13.31 -26.47
S4 SF4 TG . 21.30 16.67 -25.77
MG CLA UG . 11.39 9.53 19.81
CHA CLA UG . 13.60 11.65 21.39
CHB CLA UG . 9.64 9.21 22.68
CHC CLA UG . 8.87 8.04 18.04
CHD CLA UG . 13.21 9.91 16.82
NA CLA UG . 11.56 10.38 21.71
C1A CLA UG . 12.54 11.26 22.18
C2A CLA UG . 12.47 11.39 23.70
C3A CLA UG . 11.44 10.30 24.10
C4A CLA UG . 10.82 9.92 22.76
CMA CLA UG . 12.08 9.12 24.77
CAA CLA UG . 12.00 12.78 24.11
CBA CLA UG . 11.45 12.79 25.52
CGA CLA UG . 12.57 12.88 26.51
O1A CLA UG . 13.67 12.32 26.49
O2A CLA UG . 12.27 13.68 27.57
NB CLA UG . 9.59 8.78 20.28
C1B CLA UG . 8.97 8.90 21.48
C2B CLA UG . 7.70 8.13 21.44
C3B CLA UG . 7.60 7.54 20.21
C4B CLA UG . 8.71 8.12 19.40
CMB CLA UG . 6.90 7.92 22.65
CAB CLA UG . 6.48 6.86 19.63
CBB CLA UG . 6.50 5.66 19.03
NC CLA UG . 11.21 8.84 17.85
C1C CLA UG . 10.05 8.36 17.31
C2C CLA UG . 10.27 8.00 15.92
C3C CLA UG . 11.50 8.56 15.56
C4C CLA UG . 12.11 9.05 16.79
CMC CLA UG . 9.28 7.35 15.06
CAC CLA UG . 11.97 8.87 14.21
CBC CLA UG . 13.08 7.96 13.73
ND CLA UG . 13.12 10.39 19.23
C1D CLA UG . 13.64 10.62 17.93
C2D CLA UG . 14.86 11.45 18.05
C3D CLA UG . 14.83 11.95 19.34
C4D CLA UG . 13.73 11.27 20.02
CMD CLA UG . 15.96 11.37 17.09
CAD CLA UG . 15.44 12.85 20.31
OBD CLA UG . 16.33 13.68 20.16
CBD CLA UG . 14.83 12.49 21.70
CGD CLA UG . 15.79 11.76 22.60
O1D CLA UG . 15.57 10.75 23.27
O2D CLA UG . 17.03 12.31 22.66
CED CLA UG . 17.51 12.69 23.95
MG CLA VG . -12.61 25.73 24.43
CHA CLA VG . -11.37 26.55 27.53
CHB CLA VG . -9.67 26.66 23.00
CHC CLA VG . -14.09 25.49 21.39
CHD CLA VG . -15.59 24.64 25.98
NA CLA VG . -10.77 26.35 25.19
C1A CLA VG . -10.45 26.62 26.53
C2A CLA VG . -9.01 27.12 26.63
C3A CLA VG . -8.68 27.51 25.18
C4A CLA VG . -9.73 26.73 24.38
CMA CLA VG . -8.79 28.99 24.93
CAA CLA VG . -8.10 26.02 27.15
CBA CLA VG . -6.66 26.31 26.80
CGA CLA VG . -5.76 25.33 27.49
O1A CLA VG . -5.72 25.02 28.67
O2A CLA VG . -4.86 24.75 26.64
NB CLA VG . -11.95 25.81 22.54
C1B CLA VG . -10.71 26.25 22.15
C2B CLA VG . -10.72 26.45 20.67
C3B CLA VG . -11.87 25.87 20.19
C4B CLA VG . -12.74 25.65 21.38
CMB CLA VG . -9.76 27.32 19.99
CAB CLA VG . -12.40 25.90 18.86
CBB CLA VG . -12.85 24.84 18.17
NC CLA VG . -14.45 24.96 23.79
C1C CLA VG . -14.85 24.98 22.48
C2C CLA VG . -16.27 24.61 22.40
C3C CLA VG . -16.64 24.24 23.69
C4C CLA VG . -15.55 24.61 24.58
CMC CLA VG . -17.13 24.89 21.26
CAC CLA VG . -17.96 23.75 24.12
CBC CLA VG . -18.05 22.24 24.07
ND CLA VG . -13.32 25.50 26.30
C1D CLA VG . -14.51 24.90 26.80
C2D CLA VG . -14.43 24.85 28.28
C3D CLA VG . -13.26 25.52 28.63
C4D CLA VG . -12.58 25.82 27.36
CMD CLA VG . -15.51 24.37 29.15
CAD CLA VG . -12.57 26.28 29.66
OBD CLA VG . -12.96 26.59 30.78
CBD CLA VG . -11.31 26.91 29.00
CGD CLA VG . -11.22 28.40 29.21
O1D CLA VG . -10.72 29.00 30.18
O2D CLA VG . -11.78 29.15 28.22
CED CLA VG . -11.06 30.31 27.78
C1 CLA VG . -3.51 25.25 26.67
MG CLA WG . 23.71 15.10 28.43
CHA CLA WG . 20.44 14.06 28.86
CHB CLA WG . 23.74 16.31 31.61
CHC CLA WG . 27.00 15.97 28.01
CHD CLA WG . 23.76 13.47 25.29
NA CLA WG . 22.28 15.22 29.94
C1A CLA WG . 20.98 14.69 29.95
C2A CLA WG . 20.22 15.11 31.20
C3A CLA WG . 21.24 15.98 31.97
C4A CLA WG . 22.52 15.84 31.14
NB CLA WG . 25.08 16.04 29.56
C1B CLA WG . 24.94 16.36 30.88
C2B CLA WG . 26.19 16.97 31.39
C3B CLA WG . 27.13 16.85 30.40
C4B CLA WG . 26.43 16.30 29.20
NC CLA WG . 25.09 14.86 26.87
C1C CLA WG . 26.40 15.24 26.94
C2C CLA WG . 27.03 15.04 25.63
C3C CLA WG . 26.08 14.42 24.82
C4C CLA WG . 24.88 14.24 25.64
ND CLA WG . 22.43 14.07 27.26
C1D CLA WG . 22.60 13.36 26.05
C2D CLA WG . 21.32 12.74 25.65
C3D CLA WG . 20.45 12.97 26.71
C4D CLA WG . 21.23 13.73 27.72
CAD CLA WG . 19.07 12.93 27.18
CBD CLA WG . 19.00 13.79 28.47
C1 BCR XG . 9.82 22.70 12.63
C2 BCR XG . 10.91 22.02 13.44
C3 BCR XG . 10.35 21.34 14.66
C4 BCR XG . 9.56 22.29 15.54
C5 BCR XG . 8.81 23.32 14.79
C6 BCR XG . 8.89 23.51 13.47
C7 BCR XG . 8.12 24.57 12.80
C8 BCR XG . 6.91 24.37 12.27
C9 BCR XG . 6.12 25.45 11.72
C10 BCR XG . 4.80 25.48 11.93
C11 BCR XG . 3.91 26.42 11.28
C33 BCR XG . 7.92 24.10 15.67
C31 BCR XG . 9.12 21.60 11.85
C32 BCR XG . 10.55 23.60 11.65
C34 BCR XG . 6.82 26.58 11.08
C12 BCR XG . 2.71 26.65 11.80
C13 BCR XG . 1.89 27.78 11.43
C14 BCR XG . 0.70 27.95 12.04
C15 BCR XG . 0.06 26.96 12.85
C16 BCR XG . -1.27 26.97 12.95
C17 BCR XG . -1.88 26.35 14.09
C18 BCR XG . -3.20 26.32 14.33
C19 BCR XG . -3.65 25.79 15.60
C20 BCR XG . -4.91 25.91 16.03
C21 BCR XG . -5.46 24.87 16.85
C22 BCR XG . -6.60 24.95 17.54
C23 BCR XG . -6.81 24.01 18.63
C24 BCR XG . -7.57 24.30 19.69
C25 BCR XG . -7.45 23.75 21.04
C26 BCR XG . -6.64 24.30 21.95
C27 BCR XG . -6.46 23.84 23.35
C28 BCR XG . -7.70 23.16 23.84
C29 BCR XG . -8.10 22.09 22.84
C30 BCR XG . -8.31 22.57 21.41
C35 BCR XG . 2.41 28.82 10.53
C36 BCR XG . -4.19 26.69 13.32
C37 BCR XG . -7.69 25.85 17.12
C38 BCR XG . -5.77 25.48 21.69
C39 BCR XG . -9.76 22.92 21.17
C40 BCR XG . -8.03 21.32 20.57
MG CLA YG . -26.02 47.37 -5.68
CHA CLA YG . -25.91 50.10 -7.80
CHB CLA YG . -23.06 48.39 -4.35
CHC CLA YG . -25.72 44.38 -4.05
CHD CLA YG . -28.56 45.99 -7.68
NA CLA YG . -24.84 49.08 -5.89
C1A CLA YG . -25.11 50.19 -6.70
C2A CLA YG . -24.17 51.34 -6.36
C3A CLA YG . -23.16 50.70 -5.38
C4A CLA YG . -23.65 49.26 -5.24
CMA CLA YG . -21.75 50.74 -5.91
CAA CLA YG . -24.95 52.48 -5.73
CBA CLA YG . -25.75 52.03 -4.52
CGA CLA YG . -26.76 53.07 -4.13
O1A CLA YG . -27.08 54.10 -4.74
O2A CLA YG . -27.36 52.78 -2.95
NB CLA YG . -24.82 46.66 -4.22
C1B CLA YG . -23.67 47.25 -3.80
C2B CLA YG . -23.07 46.43 -2.71
C3B CLA YG . -23.85 45.31 -2.58
C4B CLA YG . -24.91 45.39 -3.62
CMB CLA YG . -21.85 46.81 -2.01
CAB CLA YG . -23.55 44.09 -1.86
CBB CLA YG . -24.33 43.51 -0.96
NC CLA YG . -27.15 45.62 -5.66
C1C CLA YG . -26.78 44.48 -4.99
C2C CLA YG . -27.74 43.42 -5.27
C3C CLA YG . -28.66 43.95 -6.17
C4C CLA YG . -28.15 45.25 -6.55
CMC CLA YG . -27.84 42.18 -4.50
CAC CLA YG . -30.01 43.44 -6.44
CBC CLA YG . -31.07 44.21 -5.70
ND CLA YG . -27.19 47.97 -7.22
C1D CLA YG . -28.19 47.28 -7.96
C2D CLA YG . -28.45 48.03 -9.21
C3D CLA YG . -27.68 49.18 -9.14
C4D CLA YG . -26.78 48.98 -7.99
CMD CLA YG . -29.42 47.66 -10.22
CAD CLA YG . -27.49 50.53 -9.62
OBD CLA YG . -28.00 51.10 -10.57
CBD CLA YG . -26.17 51.04 -8.96
CGD CLA YG . -25.03 51.03 -9.93
O1D CLA YG . -24.67 51.92 -10.69
O2D CLA YG . -24.31 49.87 -9.93
CED CLA YG . -22.89 49.98 -10.09
C1 CLA YG . -27.13 53.70 -1.86
C2 CLA YG . -27.31 52.93 -0.59
C3 CLA YG . -28.50 52.63 -0.05
C4 CLA YG . -29.79 53.04 -0.65
C5 CLA YG . -28.57 51.86 1.23
C6 CLA YG . -28.92 50.39 1.02
C7 CLA YG . -30.29 50.07 1.56
C8 CLA YG . -31.02 49.03 0.72
C9 CLA YG . -31.22 49.52 -0.69
C10 CLA YG . -32.36 48.66 1.35
MG CLA ZG . -48.25 50.11 -7.43
CHA CLA ZG . -49.68 52.25 -5.12
CHB CLA ZG . -47.49 52.79 -9.37
CHC CLA ZG . -46.51 48.01 -9.49
CHD CLA ZG . -49.09 47.38 -5.35
NA CLA ZG . -48.47 52.17 -7.20
C1A CLA ZG . -48.95 52.87 -6.08
C2A CLA ZG . -48.87 54.37 -6.33
C3A CLA ZG . -48.69 54.45 -7.86
C4A CLA ZG . -48.15 53.06 -8.19
CMA CLA ZG . -49.99 54.73 -8.58
CAA CLA ZG . -47.68 54.97 -5.60
CBA CLA ZG . -47.61 56.47 -5.79
CGA CLA ZG . -46.25 56.98 -5.45
O1A CLA ZG . -45.16 56.55 -5.80
O2A CLA ZG . -46.28 58.09 -4.64
NB CLA ZG . -47.25 50.34 -9.15
C1B CLA ZG . -46.98 51.53 -9.75
C2B CLA ZG . -46.29 51.26 -11.05
C3B CLA ZG . -45.93 49.93 -11.06
C4B CLA ZG . -46.63 49.31 -9.89
CMB CLA ZG . -45.97 52.32 -12.01
CAB CLA ZG . -44.81 49.32 -11.71
CBB CLA ZG . -44.86 48.30 -12.57
NC CLA ZG . -47.95 48.05 -7.46
C1C CLA ZG . -47.06 47.43 -8.31
C2C CLA ZG . -46.94 46.03 -7.96
C3C CLA ZG . -47.73 45.82 -6.84
C4C CLA ZG . -48.25 47.14 -6.45
CMC CLA ZG . -46.35 45.02 -8.84
CAC CLA ZG . -48.27 44.53 -6.37
CBC CLA ZG . -47.58 44.03 -5.11
ND CLA ZG . -49.31 49.80 -5.73
C1D CLA ZG . -49.56 48.63 -4.97
C2D CLA ZG . -50.38 49.00 -3.79
C3D CLA ZG . -50.56 50.37 -3.87
C4D CLA ZG . -49.75 50.83 -5.01
CMD CLA ZG . -50.72 48.09 -2.71
CAD CLA ZG . -51.03 51.57 -3.18
OBD CLA ZG . -51.73 51.65 -2.17
CBD CLA ZG . -50.54 52.80 -4.00
CGD CLA ZG . -51.69 53.62 -4.51
O1D CLA ZG . -52.64 53.24 -5.19
O2D CLA ZG . -51.63 54.94 -4.16
CED CLA ZG . -52.73 55.47 -3.41
C1 CLA ZG . -46.02 59.36 -5.26
C2 CLA ZG . -44.59 59.68 -5.03
C3 CLA ZG . -43.99 60.80 -5.46
C4 CLA ZG . -44.71 61.85 -6.22
C5 CLA ZG . -42.55 61.04 -5.19
MG CLA AH . -39.17 64.42 -12.96
CHA CLA AH . -40.18 63.71 -16.20
CHB CLA AH . -39.73 61.17 -12.15
CHC CLA AH . -38.52 65.20 -9.69
CHD CLA AH . -38.84 67.82 -13.86
NA CLA AH . -39.58 62.70 -14.08
C1A CLA AH . -39.93 62.61 -15.43
C2A CLA AH . -39.99 61.15 -15.87
C3A CLA AH . -40.15 60.41 -14.52
C4A CLA AH . -39.70 61.46 -13.50
CMA CLA AH . -41.57 59.96 -14.28
CAA CLA AH . -38.69 60.76 -16.56
CBA CLA AH . -38.88 60.58 -18.06
CGA CLA AH . -39.34 59.20 -18.37
O1A CLA AH . -40.44 58.68 -18.15
O2A CLA AH . -38.38 58.44 -18.96
NB CLA AH . -39.02 63.36 -11.26
C1B CLA AH . -39.32 62.04 -11.11
C2B CLA AH . -39.50 61.72 -9.68
C3B CLA AH . -39.30 62.90 -8.98
C4B CLA AH . -38.86 63.91 -9.97
CMB CLA AH . -40.16 60.49 -9.24
CAB CLA AH . -39.32 63.17 -7.57
CBB CLA AH . -38.68 62.48 -6.62
NC CLA AH . -38.66 66.18 -11.98
C1C CLA AH . -38.46 66.28 -10.63
C2C CLA AH . -38.41 67.69 -10.24
C3C CLA AH . -38.37 68.42 -11.43
C4C CLA AH . -38.59 67.47 -12.51
CMC CLA AH . -38.25 68.17 -8.87
CAC CLA AH . -38.14 69.87 -11.58
CBC CLA AH . -39.43 70.67 -11.54
ND CLA AH . -39.36 65.55 -14.63
C1D CLA AH . -39.27 66.95 -14.84
C2D CLA AH . -39.68 67.26 -16.22
C3D CLA AH . -40.13 66.06 -16.76
C4D CLA AH . -39.82 65.03 -15.76
CMD CLA AH . -39.46 68.54 -16.89
CAD CLA AH . -40.83 65.41 -17.85
OBD CLA AH . -41.24 65.89 -18.90
CBD CLA AH . -40.66 63.87 -17.63
CGD CLA AH . -41.95 63.13 -17.88
O1D CLA AH . -42.94 63.07 -17.16
O2D CLA AH . -41.95 62.45 -19.06
CED CLA AH . -42.58 61.16 -19.08
C1 CLA AH . -38.66 57.97 -20.30
C1 BCR BH . -43.17 65.22 -12.59
C2 BCR BH . -42.21 66.37 -12.80
C3 BCR BH . -42.36 67.41 -11.73
C4 BCR BH . -42.00 66.78 -10.40
C5 BCR BH . -42.78 65.55 -10.17
C6 BCR BH . -43.32 64.79 -11.15
C7 BCR BH . -44.13 63.59 -10.87
C8 BCR BH . -43.62 62.36 -10.64
C9 BCR BH . -44.42 61.25 -10.14
C10 BCR BH . -43.82 60.08 -9.93
C11 BCR BH . -44.49 58.90 -9.41
C33 BCR BH . -42.90 65.23 -8.73
C31 BCR BH . -42.71 64.13 -13.53
C32 BCR BH . -44.52 65.70 -13.07
C34 BCR BH . -45.85 61.47 -9.86
C12 BCR BH . -43.81 57.76 -9.39
C13 BCR BH . -44.37 56.46 -9.13
C14 BCR BH . -43.56 55.40 -9.16
C15 BCR BH . -43.97 54.05 -8.84
C16 BCR BH . -43.17 53.02 -9.12
C17 BCR BH . -43.63 51.71 -8.77
C18 BCR BH . -42.97 50.56 -8.97
C19 BCR BH . -43.45 49.37 -8.30
C20 BCR BH . -42.83 48.19 -8.38
C21 BCR BH . -43.22 47.16 -7.46
C22 BCR BH . -42.47 46.09 -7.14
C23 BCR BH . -42.85 45.32 -5.97
C24 BCR BH . -42.46 44.04 -5.79
C25 BCR BH . -43.11 43.04 -4.94
C26 BCR BH . -44.08 42.26 -5.41
C27 BCR BH . -44.77 41.21 -4.62
C28 BCR BH . -43.78 40.60 -3.67
C29 BCR BH . -43.19 41.67 -2.80
C30 BCR BH . -42.60 42.88 -3.54
C35 BCR BH . -45.85 56.29 -9.15
C36 BCR BH . -41.74 50.49 -9.77
C37 BCR BH . -41.50 45.53 -8.09
C38 BCR BH . -44.63 42.33 -6.78
C39 BCR BH . -41.08 42.81 -3.56
C40 BCR BH . -42.96 44.05 -2.64
C1B LMT CH . -35.47 39.61 -35.13
C2B LMT CH . -34.31 39.48 -36.15
C3B LMT CH . -33.05 40.22 -35.67
C4B LMT CH . -33.37 41.66 -35.20
C5B LMT CH . -34.46 41.55 -34.12
C6B LMT CH . -34.80 42.92 -33.57
O1B LMT CH . -35.34 38.64 -34.12
O2B LMT CH . -34.05 38.13 -36.31
O3B LMT CH . -32.05 40.19 -36.61
O4' LMT CH . -32.26 42.28 -34.67
O5B LMT CH . -35.63 40.90 -34.61
O6B LMT CH . -35.88 42.85 -32.74
C1' LMT CH . -37.60 36.71 -31.18
C2' LMT CH . -38.27 36.74 -32.57
C3' LMT CH . -37.23 37.17 -33.65
C4' LMT CH . -36.42 38.44 -33.24
C5' LMT CH . -35.86 38.11 -31.84
C6' LMT CH . -34.88 39.11 -31.29
O1' LMT CH . -38.53 36.56 -30.19
O2' LMT CH . -38.72 35.47 -32.86
O3' LMT CH . -37.88 37.36 -34.84
O5' LMT CH . -36.92 37.94 -30.93
O6' LMT CH . -35.05 39.11 -29.93
C1 LMT CH . -38.08 35.82 -29.08
C2 LMT CH . -39.03 34.67 -28.95
C3 LMT CH . -39.04 33.95 -27.65
C4 LMT CH . -37.67 33.32 -27.49
C5 LMT CH . -37.44 32.96 -26.06
C6 LMT CH . -38.06 31.65 -25.72
C7 LMT CH . -37.97 31.41 -24.24
C8 LMT CH . -36.56 31.07 -23.88
C9 LMT CH . -36.37 30.63 -22.48
C10 LMT CH . -37.09 29.33 -22.32
C11 LMT CH . -36.84 28.71 -20.97
C12 LMT CH . -37.27 27.29 -20.93
C1B LMT DH . -57.86 50.05 0.59
C2B LMT DH . -57.40 49.74 2.04
C3B LMT DH . -57.29 48.21 2.24
C4B LMT DH . -58.56 47.45 1.77
C5B LMT DH . -58.89 47.91 0.33
C6B LMT DH . -60.14 47.22 -0.18
O1B LMT DH . -56.82 49.72 -0.28
O2B LMT DH . -56.20 50.35 2.24
O3B LMT DH . -56.95 47.90 3.54
O4' LMT DH . -58.36 46.10 1.78
O5B LMT DH . -59.00 49.33 0.26
O6B LMT DH . -61.04 47.05 0.84
C1' LMT DH . -55.51 49.12 -3.41
C2' LMT DH . -54.56 49.15 -2.18
C3' LMT DH . -54.81 50.45 -1.34
C4' LMT DH . -56.32 50.73 -1.11
C5' LMT DH . -57.05 50.61 -2.49
C6' LMT DH . -57.93 51.78 -2.83
O1' LMT DH . -54.79 48.88 -4.56
O2' LMT DH . -54.85 48.06 -1.40
O3' LMT DH . -54.24 51.52 -1.95
O5' LMT DH . -56.14 50.39 -3.56
O6' LMT DH . -57.29 52.48 -3.82
C1 LMT DH . -54.01 49.96 -5.03
C2 LMT DH . -53.67 49.59 -6.44
C3 LMT DH . -52.69 50.47 -7.14
C4 LMT DH . -52.31 49.77 -8.42
C5 LMT DH . -51.33 50.59 -9.19
C6 LMT DH . -50.74 49.81 -10.32
C7 LMT DH . -50.12 50.75 -11.31
C8 LMT DH . -49.55 49.95 -12.44
MG CLA EH . -28.31 -34.04 -54.12
CHA CLA EH . -26.07 -36.41 -55.30
CHB CLA EH . -26.93 -34.32 -51.03
CHC CLA EH . -30.50 -31.66 -53.00
CHD CLA EH . -29.79 -33.91 -57.33
NA CLA EH . -26.64 -35.04 -53.37
C1A CLA EH . -25.81 -35.97 -54.02
C2A CLA EH . -24.91 -36.69 -53.02
C3A CLA EH . -25.61 -36.37 -51.68
C4A CLA EH . -26.38 -35.10 -52.02
CMA CLA EH . -26.53 -37.49 -51.23
CAA CLA EH . -23.50 -36.11 -53.06
CBA CLA EH . -22.53 -37.02 -52.34
CGA CLA EH . -21.31 -36.26 -51.92
O1A CLA EH . -21.18 -35.51 -50.95
O2A CLA EH . -20.24 -36.45 -52.75
NB CLA EH . -28.60 -33.10 -52.37
C1B CLA EH . -27.91 -33.33 -51.22
C2B CLA EH . -28.52 -32.55 -50.11
C3B CLA EH . -29.59 -31.86 -50.64
C4B CLA EH . -29.67 -32.22 -52.09
CMB CLA EH . -28.15 -32.79 -48.71
CAB CLA EH . -30.43 -30.85 -50.07
CBB CLA EH . -29.99 -29.77 -49.42
NC CLA EH . -29.89 -33.00 -55.00
C1C CLA EH . -30.63 -32.04 -54.37
C2C CLA EH . -31.74 -31.65 -55.23
C3C CLA EH . -31.59 -32.35 -56.43
C4C CLA EH . -30.34 -33.08 -56.32
CMC CLA EH . -32.90 -30.88 -54.77
CAC CLA EH . -32.60 -32.52 -57.48
CBC CLA EH . -33.48 -33.73 -57.24
ND CLA EH . -28.03 -34.89 -55.93
C1D CLA EH . -28.77 -34.82 -57.14
C2D CLA EH . -28.44 -36.02 -57.96
C3D CLA EH . -27.29 -36.55 -57.39
C4D CLA EH . -27.17 -35.90 -56.07
CMD CLA EH . -29.16 -36.44 -59.15
CAD CLA EH . -26.05 -37.26 -57.60
OBD CLA EH . -25.51 -37.55 -58.67
CBD CLA EH . -25.32 -37.35 -56.22
CGD CLA EH . -25.31 -38.75 -55.69
O1D CLA EH . -26.19 -39.61 -55.78
O2D CLA EH . -24.16 -39.08 -55.02
CED CLA EH . -22.96 -39.22 -55.79
C1 BCR FH . -33.94 2.15 -22.72
C2 BCR FH . -35.44 2.29 -22.46
C3 BCR FH . -36.07 3.30 -23.35
C4 BCR FH . -35.88 2.88 -24.78
C5 BCR FH . -34.43 2.73 -25.07
C6 BCR FH . -33.52 2.38 -24.15
C7 BCR FH . -32.08 2.27 -24.43
C8 BCR FH . -31.50 1.21 -24.99
C9 BCR FH . -30.49 0.40 -24.35
C10 BCR FH . -30.41 -0.89 -24.68
C11 BCR FH . -29.23 -1.70 -24.55
C33 BCR FH . -34.11 3.02 -26.48
C31 BCR FH . -33.59 0.78 -22.20
C32 BCR FH . -33.27 3.19 -21.86
C34 BCR FH . -29.43 1.08 -23.59
C12 BCR FH . -29.32 -3.00 -24.90
C13 BCR FH . -28.22 -3.91 -25.03
C14 BCR FH . -28.50 -5.21 -25.19
C15 BCR FH . -27.54 -6.22 -25.55
C16 BCR FH . -27.99 -7.44 -25.83
C17 BCR FH . -27.03 -8.47 -26.14
C18 BCR FH . -27.33 -9.74 -26.46
C19 BCR FH . -26.27 -10.72 -26.39
C20 BCR FH . -26.49 -12.03 -26.25
C21 BCR FH . -25.37 -12.86 -25.89
C22 BCR FH . -25.37 -14.17 -25.64
C23 BCR FH . -24.28 -14.70 -24.83
C24 BCR FH . -23.66 -15.86 -25.02
C25 BCR FH . -22.71 -16.46 -24.07
C26 BCR FH . -21.41 -16.15 -24.07
C27 BCR FH . -20.38 -16.71 -23.15
C28 BCR FH . -20.96 -17.55 -22.05
C29 BCR FH . -22.12 -18.35 -22.57
C30 BCR FH . -23.24 -17.48 -23.11
C35 BCR FH . -26.85 -3.40 -25.25
C36 BCR FH . -28.73 -10.19 -26.56
C37 BCR FH . -26.58 -14.99 -25.85
C38 BCR FH . -20.76 -15.18 -24.98
C39 BCR FH . -24.03 -16.86 -21.98
C40 BCR FH . -24.16 -18.47 -23.81
C1 BCR GH . -31.42 -15.32 -28.23
C2 BCR GH . -32.64 -14.77 -28.94
C3 BCR GH . -32.38 -14.62 -30.41
C4 BCR GH . -31.98 -15.94 -31.04
C5 BCR GH . -31.16 -16.80 -30.15
C6 BCR GH . -30.90 -16.55 -28.87
C7 BCR GH . -30.09 -17.49 -28.07
C8 BCR GH . -28.82 -17.35 -27.70
C9 BCR GH . -27.98 -18.51 -27.50
C10 BCR GH . -26.95 -18.76 -28.31
C11 BCR GH . -25.80 -19.54 -27.92
C33 BCR GH . -30.66 -18.01 -30.82
C31 BCR GH . -31.84 -15.60 -26.81
C32 BCR GH . -30.39 -14.20 -28.21
C34 BCR GH . -28.32 -19.41 -26.38
C12 BCR GH . -24.73 -19.57 -28.71
C13 BCR GH . -23.43 -20.03 -28.28
C14 BCR GH . -22.43 -20.14 -29.17
C15 BCR GH . -21.28 -20.99 -29.02
C16 BCR GH . -20.30 -21.00 -29.93
C17 BCR GH . -19.33 -22.07 -29.93
C18 BCR GH . -18.27 -22.11 -30.74
C19 BCR GH . -17.33 -23.21 -30.63
C20 BCR GH . -16.21 -23.24 -31.33
C21 BCR GH . -15.15 -24.12 -30.87
C22 BCR GH . -13.97 -24.38 -31.43
C23 BCR GH . -13.60 -23.75 -32.70
C24 BCR GH . -13.99 -24.14 -33.92
C25 BCR GH . -13.56 -23.80 -35.31
C26 BCR GH . -13.87 -24.75 -36.22
C27 BCR GH . -13.62 -24.67 -37.68
C28 BCR GH . -13.03 -23.34 -38.03
C29 BCR GH . -12.02 -22.88 -37.06
C30 BCR GH . -12.56 -22.69 -35.64
C35 BCR GH . -23.19 -20.36 -26.87
C36 BCR GH . -18.02 -21.05 -31.73
C37 BCR GH . -13.01 -25.29 -30.79
C38 BCR GH . -14.61 -25.99 -35.92
C39 BCR GH . -13.23 -21.34 -35.49
C40 BCR GH . -11.22 -22.65 -34.90
MG CLA HH . -31.59 -14.45 -23.56
CHA CLA HH . -32.47 -17.77 -23.65
CHB CLA HH . -34.80 -13.62 -24.36
CHC CLA HH . -30.69 -11.17 -23.64
CHD CLA HH . -28.34 -15.32 -22.54
NA CLA HH . -33.38 -15.53 -23.72
C1A CLA HH . -33.53 -16.91 -23.69
C2A CLA HH . -34.98 -17.31 -23.92
C3A CLA HH . -35.56 -16.03 -24.56
C4A CLA HH . -34.53 -14.97 -24.21
CMA CLA HH . -35.75 -16.17 -26.06
CAA CLA HH . -35.66 -17.65 -22.61
CBA CLA HH . -37.14 -17.90 -22.79
CGA CLA HH . -37.41 -19.33 -23.15
O1A CLA HH . -37.56 -20.29 -22.40
O2A CLA HH . -37.50 -19.52 -24.50
NB CLA HH . -32.55 -12.73 -23.98
C1B CLA HH . -33.89 -12.59 -24.09
C2B CLA HH . -34.25 -11.14 -24.05
C3B CLA HH . -33.05 -10.43 -24.06
C4B CLA HH . -31.96 -11.45 -24.01
CMB CLA HH . -35.60 -10.71 -24.45
CAB CLA HH . -32.71 -9.13 -23.60
CBB CLA HH . -33.50 -8.25 -22.98
NC CLA HH . -29.81 -13.44 -23.23
C1C CLA HH . -29.64 -12.11 -23.43
C2C CLA HH . -28.28 -11.74 -23.09
C3C CLA HH . -27.70 -12.84 -22.46
C4C CLA HH . -28.64 -13.95 -22.65
CMC CLA HH . -27.78 -10.37 -22.97
CAC CLA HH . -26.25 -12.97 -22.33
CBC CLA HH . -25.84 -13.02 -20.89
ND CLA HH . -30.60 -16.13 -23.05
C1D CLA HH . -29.22 -16.36 -22.81
C2D CLA HH . -28.94 -17.77 -23.10
C3D CLA HH . -30.15 -18.36 -23.41
C4D CLA HH . -31.16 -17.31 -23.25
CMD CLA HH . -27.69 -18.45 -22.75
CAD CLA HH . -30.85 -19.61 -23.65
OBD CLA HH . -30.39 -20.72 -23.94
CBD CLA HH . -32.36 -19.26 -23.81
CGD CLA HH . -32.90 -19.73 -25.12
O1D CLA HH . -33.64 -20.71 -25.33
O2D CLA HH . -32.53 -18.97 -26.20
CED CLA HH . -33.34 -19.04 -27.37
C1 CLA HH . -37.11 -20.82 -25.00
C2 CLA HH . -36.68 -20.68 -26.41
C3 CLA HH . -37.44 -20.34 -27.47
C4 CLA HH . -38.90 -20.04 -27.41
C5 CLA HH . -36.80 -20.24 -28.81
C6 CLA HH . -37.14 -18.95 -29.53
C7 CLA HH . -36.07 -18.55 -30.51
C8 CLA HH . -36.63 -17.57 -31.53
C9 CLA HH . -37.71 -18.30 -32.34
C10 CLA HH . -35.56 -16.92 -32.41
C11 CLA HH . -36.13 -16.37 -33.72
C12 CLA HH . -35.24 -15.46 -34.55
C13 CLA HH . -34.77 -14.22 -33.81
C14 CLA HH . -35.94 -13.43 -33.29
C15 CLA HH . -33.97 -13.32 -34.74
C16 CLA HH . -33.54 -12.08 -34.00
C17 CLA HH . -33.19 -10.95 -34.94
C18 CLA HH . -32.60 -9.70 -34.31
C19 CLA HH . -33.22 -8.46 -34.93
C20 CLA HH . -32.71 -9.63 -32.79
MG CLA IH . 13.99 -3.94 31.33
CHA CLA IH . 13.65 -4.72 34.69
CHB CLA IH . 13.86 -0.64 32.10
CHC CLA IH . 14.18 -3.22 28.00
CHD CLA IH . 13.92 -7.39 30.57
NA CLA IH . 13.82 -2.88 33.12
C1A CLA IH . 13.91 -3.41 34.41
C2A CLA IH . 14.19 -2.30 35.43
C3A CLA IH . 14.07 -1.01 34.59
C4A CLA IH . 13.81 -1.51 33.17
CMA CLA IH . 12.95 -0.11 35.08
CAA CLA IH . 15.58 -2.44 36.02
CBA CLA IH . 15.54 -2.41 37.54
CGA CLA IH . 16.87 -2.79 38.12
O1A CLA IH . 17.47 -3.86 38.01
O2A CLA IH . 17.43 -1.80 38.87
NB CLA IH . 14.21 -2.25 30.27
C1B CLA IH . 14.14 -0.99 30.76
C2B CLA IH . 14.20 -0.01 29.64
C3B CLA IH . 14.54 -0.74 28.51
C4B CLA IH . 14.30 -2.17 28.86
CMB CLA IH . 14.17 1.43 29.84
CAB CLA IH . 14.71 -0.28 27.16
CBB CLA IH . 15.75 -0.58 26.36
NC CLA IH . 14.06 -5.10 29.60
C1C CLA IH . 14.31 -4.59 28.35
C2C CLA IH . 14.46 -5.68 27.39
C3C CLA IH . 14.27 -6.86 28.10
C4C CLA IH . 14.02 -6.49 29.50
CMC CLA IH . 14.73 -5.49 25.96
CAC CLA IH . 14.51 -8.23 27.61
CBC CLA IH . 13.29 -8.84 26.97
ND CLA IH . 13.70 -5.69 32.31
C1D CLA IH . 13.69 -7.04 31.88
C2D CLA IH . 13.70 -7.91 33.08
C3D CLA IH . 13.38 -7.06 34.14
C4D CLA IH . 13.61 -5.70 33.64
CMD CLA IH . 14.33 -9.22 33.13
CAD CLA IH . 13.09 -6.96 35.57
OBD CLA IH . 12.90 -7.85 36.38
CBD CLA IH . 13.42 -5.48 35.97
CGD CLA IH . 12.34 -4.87 36.82
O1D CLA IH . 12.43 -3.89 37.56
O2D CLA IH . 11.13 -5.49 36.73
CED CLA IH . 10.32 -5.53 37.90
C1 BCR JH . 2.05 3.27 19.76
C2 BCR JH . 0.80 4.04 20.13
C3 BCR JH . 0.85 4.53 21.54
C4 BCR JH . 1.03 3.39 22.52
C5 BCR JH . 1.94 2.33 22.03
C6 BCR JH . 2.44 2.25 20.79
C7 BCR JH . 3.32 1.16 20.35
C8 BCR JH . 4.66 1.21 20.44
C9 BCR JH . 5.47 0.05 20.72
C10 BCR JH . 5.46 -0.98 19.87
C11 BCR JH . 6.14 -2.22 20.13
C33 BCR JH . 2.28 1.34 23.08
C31 BCR JH . 3.13 4.30 19.52
C32 BCR JH . 1.74 2.57 18.45
C34 BCR JH . 5.91 -0.14 22.11
C12 BCR JH . 6.19 -3.14 19.16
C13 BCR JH . 7.02 -4.33 19.20
C14 BCR JH . 6.87 -5.24 18.24
C15 BCR JH . 7.86 -6.21 17.86
C16 BCR JH . 7.50 -7.21 17.05
C17 BCR JH . 8.51 -7.90 16.32
C18 BCR JH . 8.32 -8.94 15.50
C19 BCR JH . 9.43 -9.84 15.28
C20 BCR JH . 9.30 -11.02 14.67
C21 BCR JH . 10.47 -11.61 14.08
C22 BCR JH . 10.53 -12.84 13.56
C23 BCR JH . 11.81 -13.31 13.06
C24 BCR JH . 12.29 -14.53 13.32
C25 BCR JH . 13.63 -15.01 13.00
C26 BCR JH . 14.62 -14.94 13.88
C27 BCR JH . 16.02 -15.41 13.69
C28 BCR JH . 16.32 -15.90 12.29
C29 BCR JH . 15.10 -16.47 11.59
C30 BCR JH . 13.85 -15.62 11.64
C35 BCR JH . 8.10 -4.45 20.20
C36 BCR JH . 7.06 -9.14 14.76
C37 BCR JH . 9.32 -13.69 13.42
C38 BCR JH . 14.47 -14.36 15.23
C39 BCR JH . 12.63 -16.43 11.23
C40 BCR JH . 14.06 -14.57 10.58
C1 BCR KH . 7.72 -7.38 29.91
C2 BCR KH . 6.97 -8.05 31.05
C3 BCR KH . 7.71 -9.14 31.77
C4 BCR KH . 8.51 -10.01 30.83
C5 BCR KH . 9.40 -9.17 30.00
C6 BCR KH . 9.05 -7.97 29.55
C7 BCR KH . 9.96 -7.13 28.75
C8 BCR KH . 10.04 -7.20 27.41
C9 BCR KH . 10.32 -6.07 26.55
C10 BCR KH . 10.25 -6.26 25.23
C11 BCR KH . 10.96 -5.47 24.25
C33 BCR KH . 10.70 -9.80 29.72
C31 BCR KH . 7.88 -5.93 30.31
C32 BCR KH . 6.76 -7.43 28.73
C34 BCR KH . 10.96 -4.87 27.13
C12 BCR KH . 10.79 -5.78 22.96
C13 BCR KH . 11.64 -5.32 21.90
C14 BCR KH . 11.47 -5.84 20.68
C15 BCR KH . 12.29 -5.54 19.54
C16 BCR KH . 12.18 -6.27 18.42
C17 BCR KH . 13.27 -6.18 17.49
C18 BCR KH . 13.30 -6.67 16.24
C19 BCR KH . 14.54 -6.54 15.49
C20 BCR KH . 14.65 -6.84 14.21
C21 BCR KH . 15.98 -6.98 13.66
C22 BCR KH . 16.28 -6.88 12.36
C23 BCR KH . 17.63 -7.23 11.94
C24 BCR KH . 18.09 -7.01 10.70
C25 BCR KH . 19.41 -6.50 10.32
C26 BCR KH . 20.42 -7.33 10.06
C27 BCR KH . 21.77 -6.90 9.65
C28 BCR KH . 21.67 -5.67 8.80
C29 BCR KH . 20.89 -4.59 9.51
C30 BCR KH . 19.59 -5.02 10.19
C35 BCR KH . 12.82 -4.48 22.19
C36 BCR KH . 12.08 -7.12 15.54
C37 BCR KH . 15.41 -6.14 11.43
C38 BCR KH . 20.32 -8.80 10.14
C39 BCR KH . 18.38 -4.43 9.48
C40 BCR KH . 19.65 -4.32 11.54
C1 LMG LH . -0.88 6.54 35.05
O1 LMG LH . 0.08 6.73 34.04
C2 LMG LH . -0.95 5.00 35.28
O2 LMG LH . -1.68 4.51 34.19
C3 LMG LH . -1.79 4.73 36.56
O3 LMG LH . -1.66 3.36 36.81
C4 LMG LH . -1.25 5.54 37.78
O4 LMG LH . 0.02 5.09 38.09
C5 LMG LH . -1.15 7.03 37.36
O5 LMG LH . -1.63 8.43 39.17
C6 LMG LH . -0.54 7.85 38.50
O6 LMG LH . -0.32 7.17 36.22
C7 LMG LH . 0.58 8.05 33.93
C8 LMG LH . 1.04 8.23 32.47
C9 LMG LH . 1.82 6.96 32.04
O7 LMG LH . -0.11 8.28 31.66
C10 LMG LH . -0.07 8.88 30.44
O9 LMG LH . 0.91 9.56 30.13
C11 LMG LH . -1.41 8.89 29.78
C12 LMG LH . -1.32 9.31 28.33
C13 LMG LH . -2.65 9.12 27.61
C14 LMG LH . -2.65 10.03 26.39
C15 LMG LH . -4.01 9.94 25.75
C16 LMG LH . -4.03 10.81 24.51
C17 LMG LH . -5.43 10.76 23.94
C18 LMG LH . -5.49 11.82 22.86
C19 LMG LH . -5.97 11.16 21.59
C20 LMG LH . -6.41 12.28 20.68
C21 LMG LH . -5.51 12.26 19.47
C22 LMG LH . -6.08 13.29 18.55
C23 LMG LH . -7.05 12.60 17.66
C24 LMG LH . -7.40 13.60 16.60
C25 LMG LH . -8.48 13.00 15.73
O8 LMG LH . 3.09 7.41 31.62
C28 LMG LH . 4.02 7.65 32.58
O10 LMG LH . 3.94 7.11 33.67
C29 LMG LH . 5.18 8.47 32.11
C30 LMG LH . 6.47 8.02 32.77
C31 LMG LH . 7.62 8.53 31.94
C32 LMG LH . 8.90 7.98 32.53
C33 LMG LH . 9.87 7.79 31.39
C34 LMG LH . 10.53 9.12 31.11
C35 LMG LH . 12.02 8.85 31.02
C36 LMG LH . 12.33 8.55 29.59
C37 LMG LH . 13.45 9.47 29.15
C38 LMG LH . 14.03 8.74 27.97
C39 LMG LH . 15.33 9.38 27.59
C40 LMG LH . 15.58 8.82 26.23
C41 LMG LH . 17.05 8.60 26.04
C1 LMG MH . 30.59 6.36 14.42
O1 LMG MH . 30.35 6.75 15.74
C2 LMG MH . 30.10 7.52 13.52
O2 LMG MH . 28.72 7.52 13.66
C3 LMG MH . 30.45 7.10 12.06
O3 LMG MH . 30.05 8.18 11.26
C4 LMG MH . 31.99 6.88 11.92
O4 LMG MH . 32.64 8.08 12.14
C5 LMG MH . 32.43 5.86 13.02
O5 LMG MH . 34.33 5.54 11.69
C6 LMG MH . 33.96 5.73 13.02
O6 LMG MH . 32.02 6.28 14.32
C7 LMG MH . 30.97 5.94 16.71
C8 LMG MH . 29.86 5.56 17.74
C9 LMG MH . 29.48 6.81 18.55
O7 LMG MH . 28.70 5.19 17.01
C10 LMG MH . 28.25 3.91 17.12
O9 LMG MH . 29.04 3.01 17.37
C11 LMG MH . 26.76 3.84 17.17
C12 LMG MH . 26.30 2.41 17.40
C13 LMG MH . 26.19 2.07 18.88
O8 LMG MH . 28.47 6.40 19.44
C28 LMG MH . 28.40 7.03 20.64
O10 LMG MH . 29.04 8.07 20.82
C29 LMG MH . 27.51 6.37 21.62
C30 LMG MH . 28.13 5.10 22.14
MG CLA NH . 11.74 -59.11 -8.98
CHA CLA NH . 9.16 -57.35 -7.48
CHB CLA NH . 9.57 -61.66 -9.57
CHC CLA NH . 14.12 -60.63 -10.92
CHD CLA NH . 13.83 -56.31 -8.60
NA CLA NH . 9.78 -59.51 -8.38
C1A CLA NH . 8.83 -58.59 -7.95
C2A CLA NH . 7.42 -59.15 -8.11
C3A CLA NH . 7.70 -60.67 -8.18
C4A CLA NH . 9.15 -60.70 -8.68
CMA CLA NH . 7.53 -61.35 -6.85
CAA CLA NH . 6.78 -58.64 -9.38
CBA CLA NH . 5.63 -57.70 -9.09
CGA CLA NH . 4.98 -57.25 -10.35
O1A CLA NH . 4.52 -57.94 -11.26
O2A CLA NH . 4.88 -55.89 -10.44
NB CLA NH . 11.89 -60.90 -9.90
C1B CLA NH . 10.88 -61.79 -10.05
C2B CLA NH . 11.40 -63.00 -10.75
C3B CLA NH . 12.74 -62.75 -11.01
C4B CLA NH . 12.96 -61.30 -10.73
CMB CLA NH . 10.49 -63.94 -11.40
CAB CLA NH . 13.86 -63.65 -11.12
CBB CLA NH . 13.88 -64.94 -10.76
NC CLA NH . 13.64 -58.55 -9.63
C1C CLA NH . 14.47 -59.38 -10.34
C2C CLA NH . 15.70 -58.65 -10.67
C3C CLA NH . 15.54 -57.34 -10.20
C4C CLA NH . 14.27 -57.32 -9.47
CMC CLA NH . 16.68 -59.14 -11.62
CAC CLA NH . 16.65 -56.40 -9.97
CBC CLA NH . 16.50 -55.08 -10.69
ND CLA NH . 11.63 -57.28 -8.15
C1D CLA NH . 12.53 -56.17 -8.14
C2D CLA NH . 11.77 -54.93 -7.89
C3D CLA NH . 10.48 -55.33 -7.55
C4D CLA NH . 10.47 -56.80 -7.73
CMD CLA NH . 12.40 -53.63 -7.65
CAD CLA NH . 9.31 -55.01 -6.76
OBD CLA NH . 9.18 -54.14 -5.91
CBD CLA NH . 8.36 -56.25 -6.84
CGD CLA NH . 7.85 -56.65 -5.48
O1D CLA NH . 6.90 -56.16 -4.86
O2D CLA NH . 8.52 -57.67 -4.91
CED CLA NH . 7.79 -58.58 -4.08
C1 CLA NH . 3.97 -55.37 -11.44
C2 CLA NH . 4.13 -53.90 -11.47
C3 CLA NH . 3.53 -53.10 -12.38
C4 CLA NH . 2.67 -53.65 -13.46
C5 CLA NH . 3.70 -51.62 -12.37
C6 CLA NH . 4.56 -51.10 -11.24
C7 CLA NH . 4.74 -49.59 -11.36
C8 CLA NH . 5.55 -49.01 -10.20
C9 CLA NH . 4.89 -49.33 -8.87
C10 CLA NH . 5.71 -47.51 -10.36
MG CLA OH . 25.81 -59.01 -21.03
CHA CLA OH . 26.69 -58.84 -24.38
CHB CLA OH . 24.96 -55.71 -21.12
CHC CLA OH . 25.59 -59.00 -17.61
CHD CLA OH . 27.09 -62.26 -20.93
NA CLA OH . 25.75 -57.56 -22.54
C1A CLA OH . 26.10 -57.71 -23.89
C2A CLA OH . 25.49 -56.58 -24.71
C3A CLA OH . 25.28 -55.48 -23.63
C4A CLA OH . 25.42 -56.26 -22.31
CMA CLA OH . 26.31 -54.39 -23.74
CAA CLA OH . 24.17 -57.02 -25.32
CBA CLA OH . 24.34 -57.40 -26.77
CGA CLA OH . 23.88 -58.81 -26.98
O1A CLA OH . 23.85 -59.75 -26.18
O2A CLA OH . 23.46 -59.05 -28.26
NB CLA OH . 25.27 -57.66 -19.65
C1B CLA OH . 24.80 -56.41 -19.92
C2B CLA OH . 24.35 -55.77 -18.64
C3B CLA OH . 24.52 -56.71 -17.64
C4B CLA OH . 25.29 -57.83 -18.25
CMB CLA OH . 24.21 -54.32 -18.54
CAB CLA OH . 23.80 -56.91 -16.41
CBB CLA OH . 22.63 -56.36 -16.05
NC CLA OH . 26.04 -60.48 -19.57
C1C CLA OH . 26.01 -60.22 -18.22
C2C CLA OH . 26.18 -61.47 -17.49
C3C CLA OH . 26.62 -62.43 -18.41
C4C CLA OH . 26.53 -61.78 -19.72
CMC CLA OH . 25.76 -61.67 -16.11
CAC CLA OH . 27.56 -63.51 -18.06
CBC CLA OH . 27.12 -64.89 -18.49
ND CLA OH . 26.46 -60.39 -22.35
C1D CLA OH . 26.91 -61.72 -22.18
C2D CLA OH . 27.39 -62.24 -23.48
C3D CLA OH . 27.39 -61.15 -24.35
C4D CLA OH . 26.79 -60.03 -23.59
CMD CLA OH . 27.76 -63.62 -23.75
CAD CLA OH . 27.77 -60.65 -25.65
OBD CLA OH . 28.03 -61.26 -26.68
CBD CLA OH . 27.50 -59.10 -25.63
CGD CLA OH . 28.77 -58.30 -25.67
O1D CLA OH . 29.93 -58.72 -25.58
O2D CLA OH . 28.57 -56.96 -25.80
CED CLA OH . 29.52 -56.22 -26.58
C1 CLA OH . 24.48 -59.41 -29.21
MG CLA PH . 41.55 -61.16 -11.71
CHA CLA PH . 43.15 -58.82 -9.73
CHB CLA PH . 38.55 -59.99 -10.62
CHC CLA PH . 39.99 -63.42 -13.79
CHD CLA PH . 44.68 -62.24 -12.88
NA CLA PH . 40.97 -59.54 -10.53
C1A CLA PH . 41.79 -58.69 -9.77
C2A CLA PH . 40.98 -57.54 -9.19
C3A CLA PH . 39.52 -58.03 -9.35
C4A CLA PH . 39.66 -59.24 -10.29
NB CLA PH . 39.63 -61.56 -12.19
C1B CLA PH . 38.55 -61.04 -11.56
C2B CLA PH . 37.30 -61.61 -12.17
C3B CLA PH . 37.70 -62.61 -13.01
C4B CLA PH . 39.19 -62.56 -13.08
NC CLA PH . 42.23 -62.67 -12.98
C1C CLA PH . 41.42 -63.49 -13.72
C2C CLA PH . 42.23 -64.43 -14.47
C3C CLA PH . 43.56 -64.05 -14.28
C4C CLA PH . 43.54 -62.90 -13.39
ND CLA PH . 43.49 -60.88 -11.21
C1D CLA PH . 44.69 -61.38 -11.81
C2D CLA PH . 45.84 -60.67 -11.20
C3D CLA PH . 45.30 -59.61 -10.48
C4D CLA PH . 43.84 -59.84 -10.46
CAD CLA PH . 45.57 -58.45 -9.67
CBD CLA PH . 44.21 -57.99 -9.05
MG CLA QH . 28.28 -60.50 0.14
CHA CLA QH . 28.38 -63.68 -1.18
CHB CLA QH . 31.49 -59.99 -0.86
CHC CLA QH . 27.80 -57.16 0.44
CHD CLA QH . 24.94 -61.05 1.10
NA CLA QH . 29.73 -61.71 -0.75
C1A CLA QH . 29.53 -62.97 -1.35
C2A CLA QH . 30.81 -63.49 -1.98
C3A CLA QH . 31.84 -62.37 -1.67
C4A CLA QH . 30.96 -61.24 -1.10
CMA CLA QH . 32.89 -62.82 -0.68
CAA CLA QH . 30.63 -63.69 -3.47
CBA CLA QH . 31.34 -64.94 -3.96
CGA CLA QH . 31.48 -64.89 -5.45
O1A CLA QH . 30.62 -64.73 -6.31
O2A CLA QH . 32.77 -65.06 -5.86
NB CLA QH . 29.51 -58.91 0.15
C1B CLA QH . 30.77 -58.89 -0.34
C2B CLA QH . 31.33 -57.51 -0.22
C3B CLA QH . 30.30 -56.70 0.23
C4B CLA QH . 29.10 -57.57 0.30
CMB CLA QH . 32.73 -57.19 -0.44
CAB CLA QH . 30.41 -55.47 0.98
CBB CLA QH . 29.85 -54.31 0.64
NC CLA QH . 26.73 -59.34 0.87
C1C CLA QH . 26.69 -57.98 0.78
C2C CLA QH . 25.58 -57.51 1.61
C3C CLA QH . 24.68 -58.58 1.60
C4C CLA QH . 25.47 -59.77 1.29
CMC CLA QH . 25.80 -56.55 2.68
CAC CLA QH . 23.22 -58.57 1.82
CBC CLA QH . 22.44 -58.46 0.53
ND CLA QH . 26.93 -61.99 0.04
C1D CLA QH . 25.54 -62.02 0.33
C2D CLA QH . 25.01 -63.36 -0.03
C3D CLA QH . 26.06 -64.02 -0.64
C4D CLA QH . 27.18 -63.07 -0.69
CMD CLA QH . 23.75 -63.90 0.48
CAD CLA QH . 26.59 -65.32 -1.02
OBD CLA QH . 26.02 -66.26 -1.56
CBD CLA QH . 28.15 -65.17 -0.99
CGD CLA QH . 28.73 -65.67 0.31
O1D CLA QH . 28.92 -65.04 1.35
O2D CLA QH . 29.08 -66.98 0.28
CED CLA QH . 30.47 -67.30 0.28
C1 BCR RH . 21.80 -54.22 0.65
C2 BCR RH . 20.37 -54.69 0.81
C3 BCR RH . 19.53 -54.15 -0.30
C4 BCR RH . 19.99 -54.67 -1.63
C5 BCR RH . 21.47 -54.68 -1.76
C6 BCR RH . 22.32 -54.45 -0.75
C7 BCR RH . 23.77 -54.53 -0.90
C8 BCR RH . 24.56 -53.49 -1.20
C9 BCR RH . 25.63 -53.57 -2.16
C10 BCR RH . 26.55 -54.52 -2.04
C11 BCR RH . 27.81 -54.55 -2.73
C33 BCR RH . 21.93 -54.95 -3.13
C31 BCR RH . 22.62 -54.91 1.70
C32 BCR RH . 21.80 -52.74 0.96
C34 BCR RH . 25.57 -52.69 -3.34
C12 BCR RH . 28.49 -55.70 -2.78
C13 BCR RH . 29.73 -55.89 -3.50
C14 BCR RH . 30.29 -57.10 -3.53
C15 BCR RH . 31.59 -57.36 -4.11
C16 BCR RH . 31.98 -58.62 -4.34
C17 BCR RH . 33.29 -58.82 -4.90
C18 BCR RH . 33.89 -59.99 -5.11
C19 BCR RH . 35.22 -60.01 -5.69
C20 BCR RH . 35.99 -61.10 -5.67
C21 BCR RH . 37.06 -61.23 -6.62
C22 BCR RH . 37.76 -62.36 -6.84
C23 BCR RH . 39.08 -62.26 -7.45
C24 BCR RH . 40.03 -63.18 -7.21
C25 BCR RH . 41.22 -63.48 -8.01
C26 BCR RH . 42.37 -62.80 -7.86
C27 BCR RH . 43.63 -63.05 -8.59
C28 BCR RH . 43.70 -64.50 -9.02
C29 BCR RH . 42.44 -64.87 -9.75
C30 BCR RH . 41.14 -64.63 -8.99
C35 BCR RH . 30.33 -54.76 -4.23
C36 BCR RH . 33.23 -61.27 -4.78
C37 BCR RH . 37.26 -63.66 -6.39
C38 BCR RH . 42.54 -61.69 -6.90
C39 BCR RH . 40.72 -65.88 -8.24
C40 BCR RH . 40.11 -64.41 -10.09
MG CLA SH . -19.49 -32.81 -47.83
CHA CLA SH . -22.46 -32.16 -49.46
CHB CLA SH . -21.00 -32.15 -44.87
CHC CLA SH . -16.50 -31.99 -46.46
CHD CLA SH . -17.85 -33.04 -50.93
NA CLA SH . -21.46 -32.41 -47.28
C1A CLA SH . -22.58 -32.35 -48.11
C2A CLA SH . -23.86 -32.17 -47.28
C3A CLA SH . -23.31 -31.85 -45.86
C4A CLA SH . -21.82 -32.19 -45.98
CMA CLA SH . -23.52 -30.41 -45.50
CAA CLA SH . -24.73 -33.43 -47.30
CBA CLA SH . -23.94 -34.71 -47.39
CGA CLA SH . -24.85 -35.89 -47.23
O1A CLA SH . -25.69 -36.10 -46.35
O2A CLA SH . -24.69 -36.84 -48.21
NB CLA SH . -18.84 -32.59 -45.94
C1B CLA SH . -19.63 -32.45 -44.86
C2B CLA SH . -18.76 -32.26 -43.67
C3B CLA SH . -17.46 -32.16 -44.12
C4B CLA SH . -17.56 -32.09 -45.61
CMB CLA SH . -19.35 -31.80 -42.42
CAB CLA SH . -16.23 -32.55 -43.49
CBB CLA SH . -16.10 -33.32 -42.41
NC CLA SH . -17.52 -33.02 -48.47
C1C CLA SH . -16.45 -32.51 -47.79
C2C CLA SH . -15.25 -33.05 -48.41
C3C CLA SH . -15.62 -33.42 -49.70
C4C CLA SH . -17.08 -33.25 -49.77
CMC CLA SH . -14.11 -33.54 -47.63
CAC CLA SH . -14.81 -34.21 -50.64
CBC CLA SH . -15.27 -35.65 -50.73
ND CLA SH . -20.02 -32.87 -49.78
C1D CLA SH . -19.21 -32.85 -50.96
C2D CLA SH . -20.10 -32.62 -52.12
C3D CLA SH . -21.32 -32.21 -51.60
C4D CLA SH . -21.22 -32.41 -50.14
CMD CLA SH . -19.80 -33.10 -53.47
CAD CLA SH . -22.71 -31.88 -51.89
OBD CLA SH . -23.26 -31.81 -52.98
CBD CLA SH . -23.49 -31.97 -50.55
CGD CLA SH . -24.36 -30.75 -50.31
O1D CLA SH . -25.41 -30.71 -49.67
O2D CLA SH . -23.87 -29.62 -50.87
CED CLA SH . -24.67 -28.43 -50.79
C1 CLA SH . -23.49 -37.63 -48.20
C2 CLA SH . -23.38 -38.28 -46.87
C3 CLA SH . -22.53 -39.28 -46.60
C4 CLA SH . -22.46 -39.90 -45.26
C5 CLA SH . -21.61 -39.83 -47.64
MG CLA TH . -16.97 -24.72 -38.64
CHA CLA TH . -16.87 -26.25 -41.74
CHB CLA TH . -18.26 -27.54 -37.33
CHC CLA TH . -17.67 -23.02 -35.71
CHD CLA TH . -16.75 -21.69 -40.24
NA CLA TH . -17.36 -26.63 -39.39
C1A CLA TH . -17.21 -27.08 -40.70
C2A CLA TH . -17.44 -28.58 -40.78
C3A CLA TH . -18.17 -28.86 -39.45
C4A CLA TH . -18.12 -27.52 -38.70
CMA CLA TH . -19.58 -29.29 -39.69
CAA CLA TH . -16.10 -29.29 -40.90
CBA CLA TH . -15.47 -29.58 -39.56
CGA CLA TH . -14.29 -28.68 -39.42
O1A CLA TH . -14.34 -27.45 -39.42
O2A CLA TH . -13.11 -29.37 -39.25
NB CLA TH . -17.77 -25.20 -36.85
C1B CLA TH . -18.34 -26.38 -36.53
C2B CLA TH . -18.65 -26.42 -35.07
C3B CLA TH . -18.56 -25.11 -34.63
C4B CLA TH . -17.87 -24.36 -35.72
CMB CLA TH . -18.61 -27.65 -34.30
CAB CLA TH . -19.03 -24.46 -33.44
CBB CLA TH . -20.09 -24.81 -32.70
NC CLA TH . -16.78 -22.73 -38.01
C1C CLA TH . -17.35 -22.24 -36.87
C2C CLA TH . -17.31 -20.79 -36.85
C3C CLA TH . -16.64 -20.43 -38.03
C4C CLA TH . -16.60 -21.63 -38.85
CMC CLA TH . -17.47 -19.98 -35.65
CAC CLA TH . -15.89 -19.19 -38.26
CBC CLA TH . -14.45 -19.47 -38.60
ND CLA TH . -16.40 -24.08 -40.47
C1D CLA TH . -16.38 -22.76 -41.00
C2D CLA TH . -16.26 -22.82 -42.47
C3D CLA TH . -16.50 -24.13 -42.81
C4D CLA TH . -16.55 -24.88 -41.54
CMD CLA TH . -16.33 -21.62 -43.32
CAD CLA TH . -16.53 -25.10 -43.88
OBD CLA TH . -16.13 -24.98 -45.04
CBD CLA TH . -16.89 -26.47 -43.24
CGD CLA TH . -18.22 -26.98 -43.71
O1D CLA TH . -19.33 -26.45 -43.57
O2D CLA TH . -18.16 -28.18 -44.35
CED CLA TH . -19.38 -28.83 -44.70
C1 CLA TH . -11.82 -28.75 -39.41
C2 CLA TH . -11.49 -27.90 -38.24
C3 CLA TH . -10.51 -26.99 -38.23
C4 CLA TH . -9.64 -26.73 -39.40
C5 CLA TH . -10.23 -26.16 -37.03
C6 CLA TH . -9.90 -26.98 -35.79
C7 CLA TH . -8.92 -26.35 -34.82
C8 CLA TH . -7.44 -26.74 -34.98
C9 CLA TH . -6.69 -26.18 -36.20
C10 CLA TH . -7.31 -28.25 -34.80
C11 CLA TH . -5.94 -28.82 -35.15
C12 CLA TH . -5.81 -30.29 -34.83
C13 CLA TH . -5.73 -30.56 -33.33
C14 CLA TH . -4.42 -31.25 -33.01
C15 CLA TH . -6.88 -31.40 -32.81
MG CLA UH . -24.78 -33.22 -32.49
CHA CLA UH . -26.74 -35.46 -34.26
CHB CLA UH . -26.60 -33.78 -29.69
CHC CLA UH . -22.96 -30.81 -30.90
CHD CLA UH . -22.42 -33.33 -35.08
NA CLA UH . -26.39 -34.50 -32.06
C1A CLA UH . -27.07 -35.37 -32.92
C2A CLA UH . -28.39 -35.80 -32.27
C3A CLA UH . -28.33 -35.19 -30.85
C4A CLA UH . -26.97 -34.52 -30.81
CMA CLA UH . -29.44 -34.21 -30.61
CAA CLA UH . -28.56 -37.31 -32.20
CBA CLA UH . -30.00 -37.71 -32.46
CGA CLA UH . -30.10 -38.78 -33.50
O1A CLA UH . -31.11 -39.36 -33.91
O2A CLA UH . -28.90 -39.10 -34.07
NB CLA UH . -24.81 -32.42 -30.66
C1B CLA UH . -25.62 -32.77 -29.63
C2B CLA UH . -25.07 -32.25 -28.34
C3B CLA UH . -23.93 -31.53 -28.67
C4B CLA UH . -23.87 -31.50 -30.16
CMB CLA UH . -25.41 -32.91 -27.09
CAB CLA UH . -23.12 -30.61 -27.90
CBB CLA UH . -23.45 -29.95 -26.79
NC CLA UH . -23.10 -32.11 -33.02
C1C CLA UH . -22.50 -31.19 -32.19
C2C CLA UH . -21.14 -30.93 -32.65
C3C CLA UH . -20.90 -31.85 -33.68
C4C CLA UH . -22.20 -32.40 -34.04
CMC CLA UH . -20.16 -30.18 -31.89
CAC CLA UH . -19.69 -31.92 -34.52
CBC CLA UH . -19.73 -30.95 -35.68
ND CLA UH . -24.65 -34.01 -34.35
C1D CLA UH . -23.62 -33.95 -35.33
C2D CLA UH . -23.90 -34.95 -36.39
C3D CLA UH . -25.14 -35.47 -36.07
C4D CLA UH . -25.49 -34.95 -34.74
CMD CLA UH . -22.90 -35.47 -37.31
CAD CLA UH . -26.26 -36.26 -36.55
OBD CLA UH . -26.37 -36.93 -37.57
CBD CLA UH . -27.37 -36.17 -35.45
CGD CLA UH . -28.61 -35.49 -35.94
O1D CLA UH . -29.13 -34.45 -35.50
O2D CLA UH . -29.21 -36.10 -37.01
CED CLA UH . -29.65 -37.45 -36.89
C1 BCR VH . -21.98 3.24 -28.68
C2 BCR VH . -22.39 4.65 -29.04
C3 BCR VH . -21.25 5.42 -29.64
C4 BCR VH . -20.70 4.72 -30.85
C5 BCR VH . -20.53 3.26 -30.66
C6 BCR VH . -21.17 2.54 -29.72
C7 BCR VH . -20.99 1.09 -29.52
C8 BCR VH . -21.57 0.14 -30.27
C9 BCR VH . -21.29 -1.27 -30.21
C10 BCR VH . -21.41 -1.99 -31.32
C11 BCR VH . -21.08 -3.40 -31.42
C33 BCR VH . -19.66 2.68 -31.72
C31 BCR VH . -23.30 2.55 -28.37
C32 BCR VH . -21.19 3.32 -27.40
C34 BCR VH . -20.91 -1.86 -28.91
C12 BCR VH . -21.05 -3.97 -32.62
C13 BCR VH . -20.82 -5.37 -32.84
C14 BCR VH . -20.76 -5.85 -34.09
C15 BCR VH . -20.79 -7.25 -34.40
C16 BCR VH . -20.65 -7.66 -35.66
C17 BCR VH . -20.39 -9.06 -35.88
C18 BCR VH . -19.73 -9.55 -36.94
C19 BCR VH . -19.44 -10.96 -37.00
C20 BCR VH . -19.08 -11.54 -38.15
C21 BCR VH . -19.02 -12.98 -38.22
C22 BCR VH . -18.64 -13.67 -39.29
C23 BCR VH . -18.57 -15.12 -39.16
C24 BCR VH . -18.46 -15.94 -40.21
C25 BCR VH . -18.99 -17.29 -40.51
C26 BCR VH . -18.59 -17.84 -41.67
C27 BCR VH . -18.98 -19.15 -42.21
C28 BCR VH . -19.75 -19.95 -41.19
C29 BCR VH . -20.75 -19.10 -40.48
C30 BCR VH . -20.13 -17.93 -39.72
C35 BCR VH . -20.66 -6.27 -31.69
C36 BCR VH . -19.27 -8.69 -38.04
C37 BCR VH . -18.33 -13.03 -40.57
C38 BCR VH . -17.61 -17.19 -42.57
C39 BCR VH . -19.62 -18.40 -38.37
C40 BCR VH . -21.38 -17.08 -39.48
C1 BCR WH . -34.05 -28.47 -48.99
C2 BCR WH . -35.24 -27.63 -49.44
C3 BCR WH . -35.81 -26.81 -48.34
C4 BCR WH . -36.26 -27.68 -47.19
C5 BCR WH . -35.33 -28.80 -46.90
C6 BCR WH . -34.18 -29.04 -47.61
C7 BCR WH . -33.20 -30.14 -47.39
C8 BCR WH . -32.43 -30.34 -46.30
C9 BCR WH . -31.42 -31.36 -46.18
C10 BCR WH . -30.44 -31.19 -45.28
C11 BCR WH . -29.37 -32.11 -44.99
C33 BCR WH . -35.64 -29.32 -45.55
C31 BCR WH . -32.83 -27.59 -49.11
C32 BCR WH . -33.95 -29.58 -50.02
C34 BCR WH . -31.51 -32.56 -47.03
C12 BCR WH . -28.45 -31.74 -44.10
C13 BCR WH . -27.27 -32.50 -43.73
C14 BCR WH . -26.38 -31.96 -42.90
C15 BCR WH . -25.21 -32.65 -42.41
C16 BCR WH . -24.51 -32.15 -41.40
C17 BCR WH . -23.33 -32.86 -40.95
C18 BCR WH . -22.53 -32.50 -39.94
C19 BCR WH . -21.30 -33.23 -39.72
C20 BCR WH . -20.44 -32.94 -38.74
C21 BCR WH . -19.03 -32.97 -38.99
C22 BCR WH . -18.10 -33.54 -38.20
C23 BCR WH . -16.70 -33.35 -38.51
C24 BCR WH . -15.71 -33.92 -37.80
C25 BCR WH . -14.63 -34.85 -38.19
C26 BCR WH . -13.46 -34.33 -38.58
C27 BCR WH . -12.24 -35.08 -38.99
C28 BCR WH . -12.43 -36.56 -38.79
C29 BCR WH . -13.80 -37.01 -39.18
C30 BCR WH . -14.92 -36.34 -38.40
C35 BCR WH . -27.08 -33.86 -44.28
C36 BCR WH . -22.89 -31.40 -39.02
C37 BCR WH . -18.49 -34.38 -37.06
C38 BCR WH . -13.16 -32.88 -38.59
C39 BCR WH . -15.09 -36.99 -37.03
C40 BCR WH . -16.16 -36.71 -39.21
C1 BCR XH . -29.84 13.15 -28.86
C2 BCR XH . -28.88 13.40 -30.00
C3 BCR XH . -27.48 13.08 -29.57
C4 BCR XH . -27.38 11.61 -29.24
C5 BCR XH . -28.48 11.17 -28.36
C6 BCR XH . -29.64 11.83 -28.18
C7 BCR XH . -30.71 11.38 -27.27
C8 BCR XH . -31.62 10.43 -27.56
C9 BCR XH . -33.06 10.60 -27.42
C10 BCR XH . -33.85 9.63 -27.87
C11 BCR XH . -35.28 9.59 -27.74
C33 BCR XH . -28.16 9.87 -27.70
C31 BCR XH . -31.22 13.37 -29.45
C32 BCR XH . -29.63 14.26 -27.85
C34 BCR XH . -33.56 11.79 -26.71
C12 BCR XH . -35.89 8.48 -28.16
C13 BCR XH . -37.32 8.26 -28.24
C14 BCR XH . -37.74 7.12 -28.79
C15 BCR XH . -39.11 6.72 -28.92
C16 BCR XH . -39.41 5.52 -29.43
C17 BCR XH . -40.76 5.06 -29.35
C18 BCR XH . -41.22 3.88 -29.78
C19 BCR XH . -42.65 3.64 -29.79
C20 BCR XH . -43.21 2.62 -30.45
C21 BCR XH . -44.65 2.57 -30.55
C22 BCR XH . -45.33 1.92 -31.49
C23 BCR XH . -46.78 2.12 -31.56
C24 BCR XH . -47.49 1.85 -32.67
C25 BCR XH . -48.82 2.33 -33.01
C26 BCR XH . -49.01 3.48 -33.66
C27 BCR XH . -50.32 4.03 -34.07
C28 BCR XH . -51.28 2.92 -34.35
C29 BCR XH . -51.34 2.00 -33.16
C30 BCR XH . -50.00 1.45 -32.66
C35 BCR XH . -38.25 9.18 -27.57
C36 BCR XH . -40.31 2.82 -30.26
C37 BCR XH . -44.64 1.17 -32.57
C38 BCR XH . -47.91 4.39 -34.06
C39 BCR XH . -49.75 0.05 -33.19
C40 BCR XH . -50.21 1.31 -31.16
#